data_6M6I
#
_entry.id   6M6I
#
loop_
_entity.id
_entity.type
_entity.pdbx_description
1 polymer 'Major capsid protein'
2 polymer 'Coiled coils chain 1'
3 polymer 'Coiled coils chain 2'
4 polymer 'Triplex capsid protein 2'
5 polymer 'Triplex capsid protein 1'
6 polymer 'Small capsomere-interacting protein'
#
loop_
_entity_poly.entity_id
_entity_poly.type
_entity_poly.pdbx_seq_one_letter_code
_entity_poly.pdbx_strand_id
1 'polypeptide(L)'
;MAAPARDPPGYRYAAAILPTGSILSTIEVASHRRLFDFFAAVRSDENSLYDVEFDALLGSYCNTLSLVRFLELGLSVACV
CTKFPELAYMNEGRVQFEVHQPLIARDGPHPVEQPVHNYMTKVIDRRALNAAFSLATEAIALLTGEALDGTGISLHRQLR
AIQQLARNVQAVLGAFERGTADQMLHVLLEKAPPLALLLPMQRYLDNGRLATRVARATLVAELKRSFCDTSFFLGKAGHR
REAIEAWLVDLTTATQPSVAVPRLTHADTRGRPVDGVLVTTAAIKQRLLQSFLKVEDTEADVPVTYGEMVLNGANLVTAL
VMGKAVRSLDDVGRHLLDMQEEQLEANRETLDELESAPQTTRVRADLVAIGDRLVFLEALERRIYAATNVPYPLVGAMDL
TFVLPLGLFNPAMERFAAHAGDLVPAPGHPEPRAFPPRQLFFWGKDHQVLRLSMENAVGTVCHPSLMNIDAAVGGVNHDP
VEAANPYGAYVAAPAGPGADMQQRFLNAWRQRLAHGRVRWVAECQMTAEQFMQPDNANLALELHPAFDFFAGVADVELPG
GEVPPAGPGAIQATWRVVNGNLPLALCPVAFRDARGLELGVGRHAMAPATIAAVRGAFEDRSYPAVFYLLQAAIHGNEHV
FCALARLVTQCITSYWNNTRCAAFVNDYSLVSYIVTYLGGDLPEECMAVYRDLVAHVEALAQLVDDFTLPGPELGGQAQA
ELNHLMRDPALLPPLVWDCDGLMRHAALDRHRDCRIDAGGHEPVYAAACNVATADFNRNDGRLLHNTQARAADAADDRPH
RPADWTVHHKIYYYVLVPAFSRGRCCTAGVRFDRVYATLQNMVVPEIAPGEECPSDPVTDPAHPLHPANLVANTVKRMFH
NGRVVVDGPAMLTLQVLAHNMAERTTALLCSAAPDAGANTASTANMRIFDGALHAGVLLMAPQHLDHTIQNGEYFYVLPV
HALFAGADHVANAPNFPPALRDLARDVPLVPPALGANYFSSIRQPVVQHARESAAGENALTYALMAGYFKMSPVALYHQL
KTGLHPGFGFTVVRQDRFVTENVLFSERASEAYFLGQLQVARHETGGGVNFTLTQPRGNVDLGVGYTAVAATGTVRNPVT
DMGNLPQNFYLGRGAPPLLDNAAAVYLRNAVVAGNRLGPAQPLPVFGCAQVPRRAGMDHGQDAVCEFIATPVATDINYFR
RPCNPRGRAAGGVYAGDKEGDVIALMYDHGQSDPARPFAATANPWASQRFSYGDLLYNGAYHLNGASPVLSPCFKFFTAA
DITAKHRCLERLIVETGSAVSTATAASDVQFKRPPGCRELVEDPCGLFQEAYPITCASDPALLRSARDGEAHARETHFTQ
YLIYDASPLKGLSL
;
A,B,C,D,E,F
2 'polypeptide(L)'
;(UNK)(UNK)(UNK)(UNK)(UNK)(UNK)(UNK)(UNK)(UNK)(UNK)(UNK)(UNK)(UNK)(UNK)(UNK)(UNK)
(UNK)(UNK)(UNK)(UNK)(UNK)(UNK)(UNK)(UNK)(UNK)(UNK)(UNK)(UNK)(UNK)(UNK)(UNK)(UNK)
(UNK)(UNK)(UNK)(UNK)(UNK)(UNK)(UNK)(UNK)(UNK)(UNK)(UNK)(UNK)(UNK)(UNK)(UNK)(UNK)
(UNK)(UNK)(UNK)(UNK)(UNK)(UNK)(UNK)(UNK)(UNK)(UNK)(UNK)(UNK)(UNK)(UNK)(UNK)(UNK)
(UNK)(UNK)(UNK)(UNK)(UNK)(UNK)(UNK)(UNK)(UNK)(UNK)(UNK)(UNK)(UNK)(UNK)(UNK)(UNK)
(UNK)
;
G
3 'polypeptide(L)'
;(UNK)(UNK)(UNK)(UNK)(UNK)(UNK)(UNK)(UNK)(UNK)(UNK)(UNK)(UNK)(UNK)(UNK)(UNK)(UNK)
(UNK)(UNK)(UNK)(UNK)(UNK)(UNK)(UNK)(UNK)(UNK)(UNK)(UNK)(UNK)(UNK)(UNK)(UNK)(UNK)
(UNK)(UNK)(UNK)(UNK)(UNK)(UNK)(UNK)(UNK)(UNK)(UNK)(UNK)(UNK)(UNK)(UNK)(UNK)(UNK)
(UNK)(UNK)(UNK)(UNK)(UNK)(UNK)(UNK)(UNK)(UNK)(UNK)(UNK)(UNK)(UNK)(UNK)(UNK)(UNK)
(UNK)(UNK)(UNK)(UNK)(UNK)(UNK)(UNK)(UNK)(UNK)(UNK)(UNK)(UNK)(UNK)(UNK)(UNK)(UNK)
(UNK)(UNK)(UNK)
;
H
4 'polypeptide(L)'
;MITDCFEADIAIPSGISRPDAAALQRCEGRVVFLPTIRRQLALADVAHESFVSGGVSPDTLGLLLAYRRRFPAVITRVLP
TRIVACPVDLGLTHAGTVNLRNTSPVDLCNGDPVSLVPPVFEGQATDVRLESLDLTLRFPVPLPTPLAREIVARLVARGI
RDLNPDPRTPGELPDLNVLYYNGARLSLVADVQQLASVNTELRSLVLNMVYSITEGTTLILTLIPRLLALSAQDGYVNAL
LQMQSVTREAAQLIHPEAPMLMQDGERRLPLYEALVAWLAHAGQLGDILALAPAVRVCTFDGAAVVQSGDMAPVIRYP
;
I,J
5 'polypeptide(L)'
;MKTKPLPTAPMAWAESAVETTTSPRELAGHAPLRRVLRPPIARRDGPVLLGDRAPRRTASTMWLLGIDPAESSPGTRATR
DDTEQAVDKILRGARRAGGLTVPGAPRYHLTRQVTLTDLCQPNAERAGALLLALRHPTDLPHLARHRAPPGRQTERLAEA
WGQLLEASALGSGRAESGCARAGLVSFNFLVAACAAAYDARDAAEAVRAHITTNYGGTRAGARLDRFSECLRAMVHTHVF
PHEVMRFFGGLVSWVTQDELASVTAVCSGPQEATHTGHPGRPRSAVTIPACAFVDLDAELCLGGPGAAFLYLVFTYRQCR
DQELCCVYVVKSQLPPRGLEAALERLFGRLRITNTIHGAEDMTPPPPNRNVDFPLAVLAASSQSPRCSASQVTNPQFVDR
LYRWQPDLRGRPTARTCTYAAFAELGVMPDDSPRCLHRTERFGAVGVPVVILEGVVWRPGGWRACA
;
K
6 'polypeptide(L)'
;MAAPQFHRPSTITADNVRALGMRGLVLATNNAQFIMDNSYPHPHGTQGAVREFLRGQAAALTDLGVTHANNTFAPQPMFA
GDAAAEWLRPSFGLKRTYSPFVVRDPKTPSTP
;
L,M,N,O,P,Q
#
# COMPACT_ATOMS: atom_id res chain seq x y z
N SER A 22 38.55 -62.86 -31.13
CA SER A 22 38.09 -62.92 -29.75
C SER A 22 39.00 -62.11 -28.84
N ILE A 23 38.99 -60.78 -29.01
CA ILE A 23 39.85 -59.92 -28.21
C ILE A 23 39.34 -59.80 -26.79
N LEU A 24 38.02 -59.77 -26.63
CA LEU A 24 37.45 -59.64 -25.29
C LEU A 24 37.60 -60.94 -24.49
N SER A 25 37.33 -62.07 -25.14
CA SER A 25 37.37 -63.35 -24.45
C SER A 25 38.80 -63.76 -24.10
N THR A 26 39.77 -63.29 -24.90
CA THR A 26 41.17 -63.51 -24.55
C THR A 26 41.61 -62.55 -23.45
N ILE A 27 40.90 -61.44 -23.30
CA ILE A 27 41.25 -60.48 -22.26
C ILE A 27 40.83 -60.97 -20.89
N GLU A 28 39.58 -61.41 -20.77
CA GLU A 28 39.03 -61.77 -19.46
C GLU A 28 39.64 -63.05 -18.92
N VAL A 29 39.93 -64.00 -19.82
CA VAL A 29 40.48 -65.28 -19.38
C VAL A 29 41.92 -65.12 -18.92
N ALA A 30 42.65 -64.18 -19.52
CA ALA A 30 44.03 -63.93 -19.13
C ALA A 30 44.09 -63.32 -17.74
N SER A 31 43.07 -62.55 -17.38
CA SER A 31 42.97 -62.00 -16.03
C SER A 31 42.58 -63.09 -15.04
N HIS A 32 41.66 -63.97 -15.44
CA HIS A 32 41.19 -65.03 -14.55
C HIS A 32 42.27 -66.06 -14.29
N ARG A 33 43.25 -66.16 -15.18
CA ARG A 33 44.36 -67.09 -14.98
C ARG A 33 45.28 -66.60 -13.88
N ARG A 34 45.85 -65.41 -14.06
CA ARG A 34 46.88 -64.92 -13.15
C ARG A 34 46.28 -64.38 -11.85
N LEU A 35 44.95 -64.33 -11.76
CA LEU A 35 44.32 -64.05 -10.48
C LEU A 35 44.50 -65.25 -9.56
N PHE A 36 44.17 -66.44 -10.07
CA PHE A 36 44.29 -67.65 -9.28
C PHE A 36 45.72 -68.17 -9.28
N ASP A 37 46.41 -68.09 -10.42
CA ASP A 37 47.78 -68.60 -10.51
C ASP A 37 48.75 -67.68 -9.78
N PHE A 38 48.34 -66.44 -9.53
CA PHE A 38 49.16 -65.52 -8.77
C PHE A 38 49.01 -65.66 -7.27
N PHE A 39 47.88 -66.18 -6.80
CA PHE A 39 47.67 -66.30 -5.37
C PHE A 39 48.36 -67.54 -4.80
N ALA A 40 47.91 -68.72 -5.20
CA ALA A 40 48.59 -69.96 -4.82
C ALA A 40 48.29 -71.07 -5.82
N ALA A 41 49.16 -71.22 -6.82
CA ALA A 41 48.99 -72.27 -7.86
C ALA A 41 50.33 -72.49 -8.59
N VAL A 42 51.32 -71.63 -8.31
CA VAL A 42 52.65 -71.74 -8.96
C VAL A 42 53.30 -73.08 -8.58
N ARG A 43 53.18 -73.47 -7.30
CA ARG A 43 53.64 -74.81 -6.86
C ARG A 43 52.74 -75.90 -7.49
N SER A 44 53.34 -77.01 -7.91
CA SER A 44 52.56 -78.17 -8.39
C SER A 44 51.76 -78.77 -7.21
N ASP A 45 50.52 -79.18 -7.47
CA ASP A 45 49.63 -79.74 -6.42
C ASP A 45 49.76 -81.26 -6.33
N GLU A 46 48.71 -81.93 -5.85
CA GLU A 46 48.71 -83.40 -5.67
C GLU A 46 48.90 -84.10 -7.03
N ASN A 47 48.21 -83.63 -8.07
CA ASN A 47 48.03 -84.45 -9.29
C ASN A 47 47.45 -83.63 -10.45
N SER A 48 46.26 -83.06 -10.28
CA SER A 48 45.60 -82.31 -11.37
C SER A 48 45.04 -80.99 -10.83
N LEU A 49 45.31 -79.88 -11.52
CA LEU A 49 44.82 -78.55 -11.09
C LEU A 49 44.17 -77.81 -12.26
N TYR A 50 43.01 -77.20 -12.02
CA TYR A 50 42.26 -76.45 -13.06
C TYR A 50 41.19 -75.61 -12.37
N ASP A 51 41.58 -74.79 -11.39
CA ASP A 51 40.59 -74.00 -10.68
C ASP A 51 39.98 -72.98 -11.64
N VAL A 52 40.82 -72.45 -12.54
CA VAL A 52 40.35 -71.49 -13.53
C VAL A 52 39.62 -72.18 -14.66
N GLU A 53 39.77 -73.50 -14.76
CA GLU A 53 38.99 -74.27 -15.73
C GLU A 53 37.52 -74.35 -15.31
N PHE A 54 37.26 -74.21 -14.01
CA PHE A 54 35.88 -74.05 -13.54
C PHE A 54 35.46 -72.59 -13.61
N ASP A 55 36.42 -71.68 -13.41
CA ASP A 55 36.11 -70.26 -13.42
C ASP A 55 35.88 -69.76 -14.85
N ALA A 56 36.48 -70.42 -15.84
CA ALA A 56 36.13 -70.12 -17.22
C ALA A 56 34.73 -70.61 -17.55
N LEU A 57 34.24 -71.61 -16.82
CA LEU A 57 32.88 -72.09 -17.02
C LEU A 57 31.87 -71.32 -16.19
N LEU A 58 32.18 -71.08 -14.91
CA LEU A 58 31.25 -70.47 -13.97
C LEU A 58 31.51 -68.99 -13.72
N GLY A 59 32.77 -68.63 -13.45
CA GLY A 59 33.05 -67.25 -13.06
C GLY A 59 33.40 -66.38 -14.26
N SER A 60 33.17 -66.87 -15.48
CA SER A 60 33.42 -66.08 -16.68
C SER A 60 32.13 -65.65 -17.38
N TYR A 61 31.06 -66.43 -17.24
CA TYR A 61 29.78 -66.10 -17.85
C TYR A 61 28.67 -66.80 -17.09
N CYS A 62 27.51 -66.87 -17.74
CA CYS A 62 26.33 -67.62 -17.29
C CYS A 62 25.79 -67.16 -15.94
N ASN A 63 25.96 -65.88 -15.62
CA ASN A 63 25.40 -65.28 -14.41
C ASN A 63 25.41 -63.76 -14.55
N THR A 64 24.34 -63.09 -14.09
CA THR A 64 24.40 -61.64 -13.98
C THR A 64 24.27 -61.16 -12.54
N LEU A 65 23.07 -61.32 -11.93
CA LEU A 65 22.66 -60.96 -10.56
C LEU A 65 22.71 -59.46 -10.26
N SER A 66 23.64 -58.74 -10.88
CA SER A 66 23.58 -57.35 -11.32
C SER A 66 24.74 -57.17 -12.28
N LEU A 67 24.50 -57.30 -13.58
CA LEU A 67 25.54 -57.12 -14.58
C LEU A 67 25.08 -56.17 -15.66
N VAL A 68 26.03 -55.33 -16.09
CA VAL A 68 25.87 -54.39 -17.18
C VAL A 68 26.96 -54.73 -18.19
N ARG A 69 26.60 -54.69 -19.47
CA ARG A 69 27.58 -54.60 -20.54
C ARG A 69 27.56 -53.16 -21.01
N PHE A 70 28.71 -52.65 -21.46
CA PHE A 70 28.73 -51.25 -21.86
C PHE A 70 27.96 -51.03 -23.15
N LEU A 71 28.18 -51.89 -24.15
CA LEU A 71 27.54 -51.64 -25.43
C LEU A 71 26.10 -52.13 -25.44
N GLU A 72 25.72 -52.90 -24.42
CA GLU A 72 24.32 -53.01 -24.05
C GLU A 72 23.72 -51.64 -23.76
N LEU A 73 24.42 -50.84 -22.97
CA LEU A 73 23.91 -49.53 -22.58
C LEU A 73 24.00 -48.59 -23.78
N GLY A 74 23.15 -47.56 -23.78
CA GLY A 74 23.04 -46.73 -24.97
C GLY A 74 23.83 -45.44 -24.92
N LEU A 75 24.86 -45.39 -24.10
CA LEU A 75 25.87 -44.34 -24.25
C LEU A 75 26.80 -44.63 -25.40
N SER A 76 26.86 -45.89 -25.83
CA SER A 76 27.92 -46.35 -26.72
C SER A 76 27.81 -45.77 -28.12
N VAL A 77 26.72 -45.06 -28.41
CA VAL A 77 26.66 -44.33 -29.68
C VAL A 77 27.48 -43.05 -29.58
N ALA A 78 27.84 -42.64 -28.36
CA ALA A 78 28.83 -41.56 -28.24
C ALA A 78 30.23 -42.08 -28.37
N CYS A 79 30.43 -43.37 -28.10
CA CYS A 79 31.73 -43.91 -27.78
C CYS A 79 32.18 -44.85 -28.87
N VAL A 80 33.22 -44.46 -29.61
CA VAL A 80 34.00 -45.48 -30.26
C VAL A 80 34.70 -46.26 -29.15
N CYS A 81 34.73 -47.58 -29.27
CA CYS A 81 35.40 -48.40 -28.29
C CYS A 81 36.22 -49.43 -29.03
N THR A 82 37.52 -49.45 -28.75
CA THR A 82 38.41 -50.36 -29.44
C THR A 82 39.50 -50.84 -28.47
N LYS A 83 39.52 -52.15 -28.29
CA LYS A 83 40.47 -52.78 -27.37
C LYS A 83 41.84 -52.77 -28.03
N PHE A 84 42.67 -51.82 -27.61
CA PHE A 84 44.06 -51.73 -28.04
C PHE A 84 44.91 -52.21 -26.87
N PRO A 85 45.34 -53.47 -26.90
CA PRO A 85 45.88 -54.08 -25.67
C PRO A 85 47.24 -53.57 -25.26
N GLU A 86 48.03 -53.03 -26.18
CA GLU A 86 49.36 -52.55 -25.83
C GLU A 86 49.37 -51.08 -25.47
N LEU A 87 48.29 -50.60 -24.86
CA LEU A 87 48.17 -49.16 -24.62
C LEU A 87 49.08 -48.74 -23.47
N ALA A 88 49.55 -49.70 -22.67
CA ALA A 88 50.50 -49.36 -21.62
C ALA A 88 51.85 -48.96 -22.19
N TYR A 89 52.19 -49.46 -23.39
CA TYR A 89 53.56 -49.35 -23.85
C TYR A 89 53.80 -48.08 -24.65
N MET A 90 52.74 -47.30 -24.92
CA MET A 90 52.89 -46.15 -25.82
C MET A 90 53.46 -44.93 -25.11
N ASN A 91 54.31 -44.20 -25.81
CA ASN A 91 54.72 -42.89 -25.30
C ASN A 91 53.63 -41.86 -25.56
N GLU A 92 53.25 -41.66 -26.81
CA GLU A 92 52.19 -40.76 -27.20
C GLU A 92 51.22 -41.48 -28.10
N GLY A 93 50.05 -40.90 -28.29
CA GLY A 93 49.16 -41.44 -29.30
C GLY A 93 48.57 -40.35 -30.17
N ARG A 94 48.90 -40.33 -31.45
CA ARG A 94 48.60 -39.21 -32.31
C ARG A 94 47.49 -39.57 -33.28
N VAL A 95 46.64 -38.60 -33.57
CA VAL A 95 45.68 -38.66 -34.66
C VAL A 95 45.84 -37.38 -35.45
N GLN A 96 46.03 -37.49 -36.77
CA GLN A 96 46.14 -36.32 -37.62
C GLN A 96 44.76 -36.00 -38.19
N PHE A 97 44.38 -34.74 -38.15
CA PHE A 97 43.21 -34.25 -38.88
C PHE A 97 43.69 -33.39 -40.02
N GLU A 98 43.04 -33.51 -41.17
CA GLU A 98 43.26 -32.59 -42.28
C GLU A 98 41.90 -32.16 -42.79
N VAL A 99 41.63 -30.86 -42.78
CA VAL A 99 40.43 -30.35 -43.40
C VAL A 99 40.83 -29.51 -44.60
N HIS A 100 39.98 -29.50 -45.61
CA HIS A 100 40.24 -28.80 -46.85
C HIS A 100 39.13 -27.78 -47.06
N GLN A 101 39.40 -26.53 -46.70
CA GLN A 101 38.38 -25.51 -46.67
C GLN A 101 38.10 -25.01 -48.08
N PRO A 102 36.86 -25.10 -48.53
CA PRO A 102 36.52 -24.61 -49.88
C PRO A 102 36.47 -23.10 -49.91
N LEU A 103 36.32 -22.55 -51.12
CA LEU A 103 36.25 -21.12 -51.30
C LEU A 103 35.11 -20.80 -52.27
N ILE A 104 34.85 -19.52 -52.45
CA ILE A 104 33.84 -19.01 -53.40
C ILE A 104 34.47 -17.88 -54.19
N ALA A 105 34.31 -17.94 -55.52
CA ALA A 105 34.72 -16.84 -56.37
C ALA A 105 33.95 -15.57 -56.04
N ARG A 106 34.67 -14.46 -55.93
CA ARG A 106 34.09 -13.17 -55.61
C ARG A 106 34.39 -12.20 -56.74
N ASP A 107 33.40 -11.39 -57.09
CA ASP A 107 33.45 -10.54 -58.26
C ASP A 107 33.98 -9.16 -57.90
N GLY A 108 34.52 -8.47 -58.89
CA GLY A 108 34.76 -7.05 -58.78
C GLY A 108 35.99 -6.69 -57.98
N PRO A 109 36.04 -5.44 -57.49
CA PRO A 109 37.19 -4.99 -56.68
C PRO A 109 37.19 -5.63 -55.30
N HIS A 110 37.70 -6.86 -55.25
CA HIS A 110 37.76 -7.65 -54.04
C HIS A 110 39.06 -8.44 -54.03
N PRO A 111 39.54 -8.85 -52.86
CA PRO A 111 40.67 -9.78 -52.82
C PRO A 111 40.25 -11.15 -53.34
N VAL A 112 41.24 -11.90 -53.83
CA VAL A 112 40.95 -13.15 -54.51
C VAL A 112 41.09 -14.32 -53.55
N GLU A 113 40.10 -15.20 -53.55
CA GLU A 113 40.02 -16.31 -52.61
C GLU A 113 40.94 -17.44 -53.03
N GLN A 114 41.83 -17.84 -52.14
CA GLN A 114 42.90 -18.80 -52.31
C GLN A 114 42.53 -20.10 -51.60
N PRO A 115 42.80 -21.26 -52.20
CA PRO A 115 42.41 -22.51 -51.54
C PRO A 115 43.30 -22.78 -50.34
N VAL A 116 42.69 -22.88 -49.17
CA VAL A 116 43.43 -23.09 -47.93
C VAL A 116 43.20 -24.51 -47.46
N HIS A 117 44.21 -25.08 -46.82
CA HIS A 117 44.12 -26.38 -46.21
C HIS A 117 44.62 -26.24 -44.79
N ASN A 118 44.15 -27.10 -43.90
CA ASN A 118 44.58 -27.07 -42.50
C ASN A 118 44.97 -28.46 -42.04
N TYR A 119 46.20 -28.59 -41.58
CA TYR A 119 46.75 -29.87 -41.14
C TYR A 119 46.99 -29.75 -39.65
N MET A 120 46.51 -30.72 -38.87
CA MET A 120 46.63 -30.63 -37.42
C MET A 120 46.66 -32.01 -36.79
N THR A 121 47.20 -32.08 -35.57
CA THR A 121 47.37 -33.33 -34.85
C THR A 121 46.96 -33.15 -33.40
N LYS A 122 46.57 -34.25 -32.76
CA LYS A 122 46.32 -34.25 -31.34
C LYS A 122 47.15 -35.35 -30.68
N VAL A 123 47.08 -35.42 -29.36
CA VAL A 123 47.68 -36.50 -28.60
C VAL A 123 46.59 -37.13 -27.73
N ILE A 124 46.79 -38.38 -27.33
CA ILE A 124 45.84 -39.02 -26.41
C ILE A 124 46.08 -38.50 -25.00
N ASP A 125 45.22 -38.93 -24.08
CA ASP A 125 45.43 -38.72 -22.64
C ASP A 125 45.22 -40.02 -21.90
N ARG A 126 46.10 -40.31 -20.94
CA ARG A 126 46.06 -41.62 -20.30
C ARG A 126 45.03 -41.70 -19.18
N ARG A 127 45.29 -41.01 -18.06
CA ARG A 127 44.49 -41.11 -16.83
C ARG A 127 44.34 -42.57 -16.39
N ALA A 128 45.45 -43.14 -15.93
CA ALA A 128 45.57 -44.56 -15.64
C ALA A 128 44.59 -45.00 -14.56
N LEU A 129 43.65 -45.85 -14.96
CA LEU A 129 42.53 -46.25 -14.12
C LEU A 129 42.91 -47.41 -13.21
N ASN A 130 42.31 -47.43 -12.02
CA ASN A 130 42.54 -48.44 -11.01
C ASN A 130 41.25 -49.16 -10.73
N ALA A 131 41.32 -50.22 -9.94
CA ALA A 131 40.15 -50.82 -9.32
C ALA A 131 40.53 -51.22 -7.91
N ALA A 132 39.66 -51.96 -7.25
CA ALA A 132 39.90 -52.41 -5.88
C ALA A 132 39.34 -53.80 -5.70
N PHE A 133 40.10 -54.69 -5.09
CA PHE A 133 39.75 -56.08 -4.93
C PHE A 133 40.17 -56.55 -3.55
N SER A 134 39.41 -57.47 -2.99
CA SER A 134 39.75 -58.04 -1.69
C SER A 134 39.23 -59.47 -1.65
N LEU A 135 40.16 -60.41 -1.78
CA LEU A 135 39.94 -61.79 -1.40
C LEU A 135 40.28 -61.89 0.08
N ALA A 136 39.92 -63.00 0.72
CA ALA A 136 40.06 -63.12 2.17
C ALA A 136 40.99 -64.26 2.52
N THR A 137 41.70 -64.10 3.64
CA THR A 137 42.50 -65.17 4.21
C THR A 137 41.59 -66.33 4.63
N GLU A 138 42.10 -67.56 4.41
CA GLU A 138 41.43 -68.86 4.54
C GLU A 138 40.38 -69.01 3.45
N ALA A 139 40.48 -68.19 2.40
CA ALA A 139 39.45 -68.22 1.33
C ALA A 139 40.06 -68.64 -0.02
N ILE A 140 40.85 -67.77 -0.64
CA ILE A 140 41.41 -68.08 -1.98
C ILE A 140 42.30 -69.33 -1.91
N ALA A 141 43.16 -69.43 -0.90
CA ALA A 141 44.02 -70.63 -0.85
C ALA A 141 43.14 -71.87 -0.69
N LEU A 142 42.15 -71.79 0.19
CA LEU A 142 41.27 -72.96 0.49
C LEU A 142 40.54 -73.39 -0.79
N LEU A 143 40.06 -72.45 -1.60
CA LEU A 143 39.18 -72.85 -2.73
C LEU A 143 39.96 -72.90 -4.05
N THR A 144 41.29 -72.71 -4.01
CA THR A 144 42.07 -72.76 -5.27
C THR A 144 43.22 -73.78 -5.18
N GLY A 145 43.06 -74.85 -4.40
CA GLY A 145 44.16 -75.86 -4.36
C GLY A 145 45.33 -75.66 -3.39
N GLU A 146 45.10 -75.58 -2.08
CA GLU A 146 46.19 -75.46 -1.06
C GLU A 146 46.05 -76.60 -0.04
N ALA A 147 45.01 -77.41 -0.19
CA ALA A 147 44.64 -78.54 0.70
C ALA A 147 43.46 -79.29 0.08
N LEU A 148 42.47 -79.65 0.91
CA LEU A 148 41.26 -80.40 0.46
C LEU A 148 41.71 -81.64 -0.33
N ASP A 149 42.99 -82.01 -0.19
CA ASP A 149 43.56 -83.20 -0.87
C ASP A 149 42.86 -84.47 -0.35
N GLY A 150 42.52 -84.48 0.94
CA GLY A 150 41.86 -85.64 1.58
C GLY A 150 40.47 -85.91 1.02
N THR A 151 39.78 -84.87 0.53
CA THR A 151 38.41 -85.03 -0.04
C THR A 151 37.48 -85.69 0.99
N GLY A 152 37.54 -85.23 2.25
CA GLY A 152 36.72 -85.79 3.35
C GLY A 152 35.23 -85.52 3.17
N ILE A 153 34.38 -86.39 3.73
CA ILE A 153 32.90 -86.28 3.66
C ILE A 153 32.49 -86.23 2.17
N SER A 154 31.65 -85.27 1.77
CA SER A 154 31.22 -85.14 0.35
C SER A 154 32.07 -84.06 -0.33
N LEU A 155 32.63 -83.15 0.47
CA LEU A 155 33.49 -82.05 -0.02
C LEU A 155 32.78 -81.31 -1.15
N HIS A 156 31.48 -81.59 -1.33
CA HIS A 156 30.67 -80.97 -2.38
C HIS A 156 30.27 -79.54 -2.01
N ARG A 157 30.23 -79.22 -0.72
CA ARG A 157 29.67 -77.94 -0.32
C ARG A 157 30.71 -76.83 -0.29
N GLN A 158 31.85 -77.06 0.38
CA GLN A 158 32.77 -75.97 0.64
C GLN A 158 33.56 -75.58 -0.61
N LEU A 159 33.66 -76.48 -1.60
CA LEU A 159 34.28 -76.07 -2.86
C LEU A 159 33.33 -75.18 -3.64
N ARG A 160 32.04 -75.52 -3.63
CA ARG A 160 31.05 -74.64 -4.25
C ARG A 160 30.90 -73.35 -3.46
N ALA A 161 31.19 -73.39 -2.16
CA ALA A 161 31.09 -72.18 -1.34
C ALA A 161 32.16 -71.16 -1.70
N ILE A 162 33.35 -71.63 -2.12
CA ILE A 162 34.44 -70.70 -2.39
C ILE A 162 34.59 -70.49 -3.89
N GLN A 163 34.10 -71.43 -4.69
CA GLN A 163 33.86 -71.11 -6.10
C GLN A 163 32.80 -70.02 -6.23
N GLN A 164 31.80 -70.02 -5.33
CA GLN A 164 30.84 -68.91 -5.26
C GLN A 164 31.54 -67.61 -4.92
N LEU A 165 32.57 -67.67 -4.08
CA LEU A 165 33.40 -66.49 -3.86
C LEU A 165 34.21 -66.15 -5.10
N ALA A 166 34.56 -67.16 -5.90
CA ALA A 166 35.26 -66.89 -7.15
C ALA A 166 34.29 -66.39 -8.22
N ARG A 167 33.03 -66.82 -8.15
CA ARG A 167 32.02 -66.35 -9.10
C ARG A 167 31.77 -64.86 -8.93
N ASN A 168 31.76 -64.38 -7.69
CA ASN A 168 31.26 -63.04 -7.46
C ASN A 168 32.41 -62.05 -7.32
N VAL A 169 33.61 -62.48 -7.72
CA VAL A 169 34.68 -61.54 -8.02
C VAL A 169 34.61 -61.13 -9.49
N GLN A 170 33.86 -61.88 -10.32
CA GLN A 170 33.56 -61.39 -11.66
C GLN A 170 32.74 -60.11 -11.64
N ALA A 171 31.94 -59.89 -10.59
CA ALA A 171 31.15 -58.67 -10.51
C ALA A 171 32.02 -57.45 -10.29
N VAL A 172 33.22 -57.64 -9.74
CA VAL A 172 34.13 -56.50 -9.65
C VAL A 172 35.19 -56.58 -10.74
N LEU A 173 35.12 -57.59 -11.61
CA LEU A 173 35.68 -57.43 -12.94
C LEU A 173 34.76 -56.59 -13.80
N GLY A 174 33.50 -56.50 -13.41
CA GLY A 174 32.59 -55.61 -14.10
C GLY A 174 32.65 -54.19 -13.57
N ALA A 175 33.54 -53.94 -12.59
CA ALA A 175 33.77 -52.58 -12.16
C ALA A 175 34.45 -51.76 -13.24
N PHE A 176 35.23 -52.42 -14.11
CA PHE A 176 35.78 -51.71 -15.26
C PHE A 176 34.70 -51.40 -16.28
N GLU A 177 33.68 -52.25 -16.34
CA GLU A 177 32.59 -52.07 -17.28
C GLU A 177 31.73 -50.89 -16.85
N ARG A 178 31.46 -50.80 -15.55
CA ARG A 178 30.79 -49.63 -15.02
C ARG A 178 31.68 -48.41 -15.11
N GLY A 179 32.98 -48.61 -14.93
CA GLY A 179 33.89 -47.48 -14.90
C GLY A 179 34.27 -47.00 -16.29
N THR A 180 33.99 -47.82 -17.30
CA THR A 180 34.12 -47.37 -18.68
C THR A 180 33.15 -46.24 -18.97
N ALA A 181 31.87 -46.45 -18.65
CA ALA A 181 30.86 -45.43 -18.89
C ALA A 181 31.06 -44.24 -17.97
N ASP A 182 31.69 -44.45 -16.83
CA ASP A 182 31.98 -43.35 -15.93
C ASP A 182 33.06 -42.44 -16.50
N GLN A 183 34.03 -43.03 -17.20
CA GLN A 183 35.14 -42.23 -17.71
C GLN A 183 34.73 -41.42 -18.92
N MET A 184 33.64 -41.81 -19.58
CA MET A 184 33.16 -41.00 -20.70
C MET A 184 32.57 -39.71 -20.18
N LEU A 185 31.81 -39.79 -19.09
CA LEU A 185 31.17 -38.61 -18.54
C LEU A 185 32.17 -37.74 -17.80
N HIS A 186 33.38 -38.24 -17.57
CA HIS A 186 34.43 -37.38 -17.08
C HIS A 186 35.05 -36.58 -18.21
N VAL A 187 34.93 -37.06 -19.46
CA VAL A 187 35.54 -36.33 -20.55
C VAL A 187 34.47 -35.70 -21.45
N LEU A 188 33.25 -36.24 -21.45
CA LEU A 188 32.20 -35.60 -22.23
C LEU A 188 31.77 -34.29 -21.58
N LEU A 189 31.83 -34.23 -20.25
CA LEU A 189 31.62 -32.96 -19.58
C LEU A 189 32.84 -32.06 -19.69
N GLU A 190 34.01 -32.65 -19.96
CA GLU A 190 35.21 -31.84 -20.13
C GLU A 190 35.20 -31.12 -21.46
N LYS A 191 34.50 -31.69 -22.45
CA LYS A 191 34.42 -31.05 -23.76
C LYS A 191 33.32 -30.01 -23.80
N ALA A 192 32.43 -30.05 -22.82
CA ALA A 192 31.12 -29.47 -23.00
C ALA A 192 31.10 -28.00 -22.62
N PRO A 193 30.68 -27.13 -23.52
CA PRO A 193 30.33 -25.78 -23.12
C PRO A 193 28.92 -25.76 -22.57
N PRO A 194 28.57 -24.79 -21.75
CA PRO A 194 27.16 -24.64 -21.36
C PRO A 194 26.35 -24.18 -22.55
N LEU A 195 25.07 -24.54 -22.55
CA LEU A 195 24.23 -24.28 -23.72
C LEU A 195 23.87 -22.81 -23.83
N ALA A 196 23.79 -22.12 -22.69
CA ALA A 196 23.52 -20.69 -22.73
C ALA A 196 24.69 -19.92 -23.32
N LEU A 197 25.88 -20.50 -23.25
CA LEU A 197 27.06 -19.85 -23.80
C LEU A 197 27.27 -20.25 -25.25
N LEU A 198 26.68 -21.36 -25.69
CA LEU A 198 27.01 -21.86 -27.01
C LEU A 198 26.21 -21.16 -28.09
N LEU A 199 24.90 -20.98 -27.86
CA LEU A 199 24.03 -20.41 -28.90
C LEU A 199 24.41 -19.00 -29.36
N PRO A 200 24.86 -18.07 -28.51
CA PRO A 200 25.35 -16.82 -29.12
C PRO A 200 26.70 -16.97 -29.78
N MET A 201 27.44 -18.03 -29.51
CA MET A 201 28.70 -18.19 -30.21
C MET A 201 28.50 -18.83 -31.57
N GLN A 202 27.50 -19.71 -31.68
CA GLN A 202 27.25 -20.44 -32.93
C GLN A 202 26.88 -19.51 -34.08
N ARG A 203 26.19 -18.41 -33.79
CA ARG A 203 25.80 -17.54 -34.88
C ARG A 203 26.94 -16.62 -35.29
N TYR A 204 28.06 -16.64 -34.57
CA TYR A 204 29.15 -15.73 -34.90
C TYR A 204 30.40 -16.47 -35.33
N LEU A 205 30.29 -17.75 -35.66
CA LEU A 205 31.36 -18.40 -36.38
C LEU A 205 31.24 -18.17 -37.88
N ASP A 206 30.03 -18.12 -38.40
CA ASP A 206 29.79 -17.73 -39.79
C ASP A 206 29.50 -16.24 -39.90
N ASN A 207 30.51 -15.44 -39.51
CA ASN A 207 30.37 -13.99 -39.60
C ASN A 207 30.49 -13.52 -41.04
N GLY A 208 31.47 -14.03 -41.76
CA GLY A 208 31.81 -13.49 -43.06
C GLY A 208 32.58 -12.18 -42.95
N THR A 212 37.20 -7.31 -36.60
CA THR A 212 35.88 -7.05 -36.04
C THR A 212 35.95 -6.90 -34.54
N ARG A 213 36.04 -5.66 -34.06
CA ARG A 213 36.09 -5.44 -32.62
C ARG A 213 34.68 -5.27 -32.06
N VAL A 214 33.80 -4.63 -32.82
CA VAL A 214 32.41 -4.46 -32.38
C VAL A 214 31.72 -5.82 -32.29
N ALA A 215 31.99 -6.69 -33.26
CA ALA A 215 31.38 -8.01 -33.24
C ALA A 215 31.96 -8.89 -32.15
N ARG A 216 33.15 -8.56 -31.67
CA ARG A 216 33.59 -9.16 -30.42
C ARG A 216 32.77 -8.63 -29.26
N ALA A 217 32.46 -7.34 -29.27
CA ALA A 217 31.76 -6.75 -28.14
C ALA A 217 30.28 -7.13 -28.14
N THR A 218 29.61 -7.03 -29.29
CA THR A 218 28.18 -7.33 -29.35
C THR A 218 27.91 -8.81 -29.18
N LEU A 219 28.93 -9.66 -29.40
CA LEU A 219 28.87 -11.01 -28.89
C LEU A 219 28.65 -11.01 -27.39
N VAL A 220 29.57 -10.40 -26.65
CA VAL A 220 29.71 -10.68 -25.22
C VAL A 220 28.54 -10.12 -24.44
N ALA A 221 28.10 -8.90 -24.78
CA ALA A 221 26.98 -8.30 -24.07
C ALA A 221 25.68 -9.03 -24.39
N GLU A 222 25.63 -9.68 -25.55
CA GLU A 222 24.53 -10.57 -25.86
C GLU A 222 24.80 -11.97 -25.33
N LEU A 223 26.07 -12.32 -25.16
CA LEU A 223 26.41 -13.63 -24.60
C LEU A 223 26.12 -13.67 -23.10
N LYS A 224 26.26 -12.53 -22.42
CA LYS A 224 25.88 -12.48 -21.01
C LYS A 224 24.39 -12.24 -20.87
N ARG A 225 23.71 -11.91 -21.95
CA ARG A 225 22.27 -11.73 -21.86
C ARG A 225 21.56 -13.07 -21.97
N SER A 226 22.12 -14.01 -22.72
CA SER A 226 21.47 -15.31 -22.84
C SER A 226 21.68 -16.12 -21.58
N PHE A 227 22.82 -15.95 -20.91
CA PHE A 227 23.15 -16.81 -19.79
C PHE A 227 22.29 -16.49 -18.58
N CYS A 228 21.97 -15.22 -18.39
CA CYS A 228 21.01 -14.89 -17.34
C CYS A 228 19.62 -15.34 -17.73
N ASP A 229 19.38 -15.51 -19.03
CA ASP A 229 18.09 -16.00 -19.49
C ASP A 229 18.01 -17.53 -19.44
N THR A 230 18.71 -18.21 -20.35
CA THR A 230 18.39 -19.61 -20.61
C THR A 230 19.32 -20.51 -19.83
N SER A 231 19.39 -20.29 -18.52
CA SER A 231 20.12 -21.18 -17.64
C SER A 231 19.19 -21.51 -16.51
N PHE A 232 19.08 -22.80 -16.18
CA PHE A 232 17.96 -23.39 -15.47
C PHE A 232 16.66 -23.06 -16.18
N PHE A 233 16.65 -23.21 -17.51
CA PHE A 233 15.50 -22.85 -18.31
C PHE A 233 14.33 -23.77 -18.02
N LEU A 234 14.61 -25.03 -17.78
CA LEU A 234 13.58 -25.89 -17.23
C LEU A 234 13.40 -25.53 -15.77
N GLY A 235 12.16 -25.58 -15.32
CA GLY A 235 11.90 -25.02 -14.00
C GLY A 235 11.44 -23.57 -14.03
N LYS A 236 12.18 -22.69 -14.70
CA LYS A 236 11.64 -21.35 -14.92
C LYS A 236 10.46 -21.38 -15.85
N ALA A 237 10.68 -21.80 -17.09
CA ALA A 237 9.62 -21.90 -18.08
C ALA A 237 9.20 -23.35 -18.19
N GLY A 238 9.41 -24.11 -17.11
CA GLY A 238 9.22 -25.54 -17.15
C GLY A 238 7.76 -25.95 -17.25
N HIS A 239 6.85 -25.02 -16.95
CA HIS A 239 5.44 -25.30 -17.11
C HIS A 239 4.97 -25.03 -18.54
N ARG A 240 5.58 -24.05 -19.21
CA ARG A 240 5.12 -23.70 -20.55
C ARG A 240 5.67 -24.65 -21.60
N ARG A 241 4.78 -25.38 -22.25
CA ARG A 241 5.07 -26.15 -23.45
C ARG A 241 5.23 -25.14 -24.58
N GLU A 242 5.94 -25.54 -25.64
CA GLU A 242 6.48 -24.68 -26.71
C GLU A 242 7.46 -23.65 -26.17
N ALA A 243 8.10 -23.97 -25.04
CA ALA A 243 9.32 -23.29 -24.68
C ALA A 243 10.44 -24.31 -24.49
N ILE A 244 10.14 -25.40 -23.78
CA ILE A 244 11.02 -26.57 -23.75
C ILE A 244 11.18 -27.15 -25.16
N GLU A 245 10.11 -27.11 -25.95
CA GLU A 245 10.15 -27.59 -27.32
C GLU A 245 11.08 -26.74 -28.19
N ALA A 246 11.25 -25.47 -27.85
CA ALA A 246 12.27 -24.68 -28.51
C ALA A 246 13.63 -24.95 -27.92
N TRP A 247 13.67 -25.53 -26.72
CA TRP A 247 14.93 -25.67 -26.01
C TRP A 247 15.58 -27.00 -26.28
N LEU A 248 14.78 -28.07 -26.39
CA LEU A 248 15.34 -29.36 -26.78
C LEU A 248 15.76 -29.38 -28.23
N VAL A 249 15.21 -28.49 -29.05
CA VAL A 249 15.66 -28.39 -30.44
C VAL A 249 16.86 -27.45 -30.52
N ASP A 250 17.38 -27.02 -29.37
CA ASP A 250 18.69 -26.36 -29.36
C ASP A 250 19.76 -27.25 -28.75
N LEU A 251 19.39 -28.18 -27.86
CA LEU A 251 20.37 -29.19 -27.49
C LEU A 251 20.66 -30.12 -28.65
N THR A 252 19.65 -30.73 -29.21
CA THR A 252 19.71 -31.30 -30.54
C THR A 252 19.96 -30.15 -31.50
N THR A 253 20.88 -30.35 -32.45
CA THR A 253 21.32 -29.42 -33.49
C THR A 253 21.96 -28.16 -32.93
N ALA A 254 22.90 -28.28 -32.00
CA ALA A 254 23.84 -27.18 -31.78
C ALA A 254 25.23 -27.55 -32.27
N THR A 255 25.68 -28.76 -31.96
CA THR A 255 27.03 -29.20 -32.21
C THR A 255 27.15 -29.80 -33.60
N GLN A 256 28.25 -29.48 -34.26
CA GLN A 256 28.50 -30.06 -35.57
C GLN A 256 28.92 -31.52 -35.44
N PRO A 257 28.41 -32.39 -36.33
CA PRO A 257 28.77 -33.81 -36.29
C PRO A 257 30.23 -34.01 -36.65
N SER A 258 30.86 -35.01 -36.04
CA SER A 258 32.31 -35.14 -36.17
C SER A 258 32.71 -35.85 -37.47
N VAL A 259 32.40 -37.14 -37.56
CA VAL A 259 32.91 -37.95 -38.66
C VAL A 259 31.97 -39.13 -38.86
N ALA A 260 31.77 -39.51 -40.11
CA ALA A 260 30.95 -40.66 -40.45
C ALA A 260 31.79 -41.91 -40.22
N VAL A 261 31.58 -42.55 -39.08
CA VAL A 261 32.31 -43.78 -38.76
C VAL A 261 31.45 -44.96 -39.23
N PRO A 262 32.02 -45.89 -40.00
CA PRO A 262 31.19 -46.93 -40.60
C PRO A 262 30.79 -48.04 -39.64
N ARG A 263 31.72 -48.52 -38.83
CA ARG A 263 31.47 -49.75 -38.08
C ARG A 263 30.56 -49.49 -36.89
N LEU A 264 30.44 -48.24 -36.46
CA LEU A 264 29.51 -47.88 -35.39
C LEU A 264 28.17 -47.49 -36.03
N THR A 265 27.23 -48.42 -35.97
CA THR A 265 25.89 -48.17 -36.49
C THR A 265 24.83 -48.59 -35.48
N HIS A 266 24.53 -47.71 -34.54
CA HIS A 266 23.37 -47.85 -33.68
C HIS A 266 22.18 -47.29 -34.43
N ALA A 267 21.17 -48.12 -34.62
CA ALA A 267 20.01 -47.73 -35.41
C ALA A 267 18.75 -48.09 -34.65
N ASP A 268 17.63 -47.59 -35.15
CA ASP A 268 16.34 -47.99 -34.62
C ASP A 268 16.01 -49.40 -35.07
N THR A 269 15.02 -49.99 -34.42
CA THR A 269 14.55 -51.29 -34.88
C THR A 269 13.83 -51.15 -36.22
N ARG A 270 14.51 -51.60 -37.27
CA ARG A 270 14.12 -51.40 -38.67
C ARG A 270 13.88 -49.93 -38.97
N GLY A 271 14.87 -49.10 -38.65
CA GLY A 271 14.72 -47.67 -38.73
C GLY A 271 16.03 -46.98 -39.01
N ARG A 272 16.06 -45.69 -38.72
CA ARG A 272 17.18 -44.85 -39.13
C ARG A 272 18.33 -45.00 -38.15
N PRO A 273 19.56 -44.71 -38.57
CA PRO A 273 20.68 -44.73 -37.63
C PRO A 273 20.58 -43.59 -36.63
N VAL A 274 20.92 -43.89 -35.38
CA VAL A 274 20.81 -42.98 -34.26
C VAL A 274 22.01 -42.06 -34.33
N ASP A 275 21.86 -40.82 -33.83
CA ASP A 275 22.96 -39.88 -33.87
C ASP A 275 23.21 -39.10 -32.57
N GLY A 276 22.21 -38.97 -31.70
CA GLY A 276 22.42 -38.25 -30.45
C GLY A 276 22.53 -39.19 -29.26
N VAL A 277 22.75 -38.62 -28.07
CA VAL A 277 22.86 -39.39 -26.83
C VAL A 277 21.88 -38.91 -25.76
N LEU A 278 22.03 -37.65 -25.32
CA LEU A 278 21.23 -37.05 -24.25
C LEU A 278 21.22 -37.85 -22.95
N VAL A 279 22.37 -37.95 -22.29
CA VAL A 279 22.38 -38.45 -20.92
C VAL A 279 21.86 -37.37 -19.99
N THR A 280 20.79 -37.67 -19.27
CA THR A 280 20.18 -36.73 -18.34
C THR A 280 20.20 -37.38 -16.96
N THR A 281 19.62 -36.68 -16.00
CA THR A 281 19.41 -37.32 -14.71
C THR A 281 18.08 -38.06 -14.70
N ALA A 282 17.85 -38.83 -13.64
CA ALA A 282 16.67 -39.68 -13.60
C ALA A 282 15.41 -38.86 -13.33
N ALA A 283 15.56 -37.71 -12.70
CA ALA A 283 14.39 -36.89 -12.38
C ALA A 283 13.91 -36.12 -13.61
N ILE A 284 14.85 -35.70 -14.46
CA ILE A 284 14.47 -34.97 -15.67
C ILE A 284 13.89 -35.93 -16.72
N LYS A 285 14.33 -37.20 -16.67
CA LYS A 285 13.79 -38.22 -17.57
C LYS A 285 12.30 -38.44 -17.31
N GLN A 286 11.87 -38.25 -16.07
CA GLN A 286 10.47 -38.47 -15.73
C GLN A 286 9.64 -37.21 -15.98
N ARG A 287 10.23 -36.22 -16.63
CA ARG A 287 9.51 -35.00 -16.93
C ARG A 287 9.37 -34.79 -18.43
N LEU A 288 10.47 -34.97 -19.16
CA LEU A 288 10.43 -34.80 -20.61
C LEU A 288 9.66 -35.93 -21.26
N LEU A 289 9.93 -37.16 -20.83
CA LEU A 289 9.29 -38.31 -21.43
C LEU A 289 7.85 -38.43 -20.96
N GLN A 290 7.54 -37.76 -19.84
CA GLN A 290 6.17 -37.76 -19.32
C GLN A 290 5.26 -36.87 -20.14
N SER A 291 5.68 -35.65 -20.42
CA SER A 291 4.79 -34.65 -20.99
C SER A 291 5.39 -33.80 -22.09
N PHE A 292 6.50 -34.20 -22.70
CA PHE A 292 7.06 -33.43 -23.80
C PHE A 292 7.50 -34.27 -24.99
N LEU A 293 7.80 -35.56 -24.81
CA LEU A 293 8.40 -36.30 -25.91
C LEU A 293 7.69 -37.63 -26.12
N LYS A 294 8.01 -38.24 -27.25
CA LYS A 294 7.45 -39.51 -27.66
C LYS A 294 8.51 -40.59 -27.50
N VAL A 295 8.16 -41.81 -27.91
CA VAL A 295 9.04 -42.97 -27.76
C VAL A 295 9.06 -43.72 -29.08
N GLU A 296 10.23 -44.20 -29.51
CA GLU A 296 10.32 -45.26 -30.51
C GLU A 296 11.40 -46.25 -30.10
N ASP A 297 11.07 -47.15 -29.17
CA ASP A 297 12.04 -47.77 -28.28
C ASP A 297 12.72 -49.00 -28.89
N THR A 298 13.51 -49.68 -28.03
CA THR A 298 14.12 -50.99 -28.29
C THR A 298 15.03 -50.96 -29.52
N GLU A 299 16.12 -50.23 -29.42
CA GLU A 299 17.03 -50.10 -30.55
C GLU A 299 17.91 -51.34 -30.68
N ALA A 300 18.46 -51.53 -31.87
CA ALA A 300 19.46 -52.58 -32.10
C ALA A 300 20.86 -51.98 -32.04
N ASP A 301 21.73 -52.65 -31.29
CA ASP A 301 23.05 -52.11 -30.99
C ASP A 301 24.11 -53.13 -31.42
N VAL A 302 25.36 -52.68 -31.40
CA VAL A 302 26.49 -53.55 -31.72
C VAL A 302 27.05 -54.11 -30.42
N PRO A 303 27.25 -55.42 -30.29
CA PRO A 303 27.70 -55.95 -29.00
C PRO A 303 29.20 -55.95 -28.83
N VAL A 304 29.96 -56.08 -29.91
CA VAL A 304 31.40 -56.26 -29.78
C VAL A 304 32.07 -54.91 -29.55
N THR A 305 33.07 -54.91 -28.66
CA THR A 305 33.95 -53.76 -28.56
C THR A 305 34.66 -53.57 -29.89
N TYR A 306 34.33 -52.48 -30.56
CA TYR A 306 34.51 -52.36 -32.00
C TYR A 306 35.98 -52.35 -32.38
N GLY A 307 36.48 -53.50 -32.81
CA GLY A 307 37.83 -53.56 -33.30
C GLY A 307 38.77 -54.23 -32.33
N GLU A 308 39.83 -54.78 -32.90
CA GLU A 308 40.94 -55.33 -32.16
C GLU A 308 42.21 -54.88 -32.85
N MET A 309 42.68 -53.67 -32.52
CA MET A 309 43.91 -53.14 -33.09
C MET A 309 45.06 -53.89 -32.42
N VAL A 310 45.44 -55.02 -33.00
CA VAL A 310 46.53 -55.81 -32.41
C VAL A 310 47.76 -55.70 -33.29
N LEU A 311 48.92 -55.91 -32.69
CA LEU A 311 50.18 -55.80 -33.41
C LEU A 311 50.35 -56.99 -34.32
N ASN A 312 50.12 -56.76 -35.60
CA ASN A 312 50.19 -57.78 -36.64
C ASN A 312 51.63 -57.91 -37.10
N GLY A 313 51.81 -58.61 -38.23
CA GLY A 313 53.15 -58.82 -38.76
C GLY A 313 53.82 -57.54 -39.22
N ALA A 314 53.04 -56.52 -39.53
CA ALA A 314 53.64 -55.23 -39.84
C ALA A 314 53.81 -54.40 -38.58
N ASN A 315 52.83 -54.44 -37.67
CA ASN A 315 52.90 -53.56 -36.52
C ASN A 315 53.75 -54.14 -35.40
N LEU A 316 54.07 -55.44 -35.46
CA LEU A 316 55.07 -55.95 -34.52
C LEU A 316 56.44 -55.42 -34.87
N VAL A 317 56.86 -55.60 -36.12
CA VAL A 317 58.23 -55.33 -36.50
C VAL A 317 58.48 -53.82 -36.55
N THR A 318 57.41 -53.04 -36.74
CA THR A 318 57.57 -51.60 -36.76
C THR A 318 57.68 -51.03 -35.35
N ALA A 319 56.96 -51.63 -34.40
CA ALA A 319 56.87 -51.05 -33.06
C ALA A 319 58.17 -51.21 -32.29
N LEU A 320 58.60 -52.45 -32.09
CA LEU A 320 59.72 -52.69 -31.20
C LEU A 320 61.05 -52.34 -31.86
N VAL A 321 61.13 -52.38 -33.19
CA VAL A 321 62.38 -51.99 -33.86
C VAL A 321 62.39 -50.50 -34.16
N MET A 322 61.47 -50.03 -35.00
CA MET A 322 61.55 -48.64 -35.44
C MET A 322 60.99 -47.66 -34.43
N GLY A 323 60.42 -48.11 -33.32
CA GLY A 323 59.98 -47.21 -32.26
C GLY A 323 58.76 -46.40 -32.61
N LYS A 324 58.08 -46.75 -33.69
CA LYS A 324 56.87 -46.08 -34.14
C LYS A 324 55.86 -47.16 -34.48
N ALA A 325 54.60 -46.77 -34.60
CA ALA A 325 53.56 -47.66 -35.10
C ALA A 325 52.59 -46.81 -35.90
N VAL A 326 51.78 -47.47 -36.72
CA VAL A 326 50.71 -46.84 -37.46
C VAL A 326 49.52 -47.79 -37.39
N ARG A 327 48.35 -47.25 -37.04
CA ARG A 327 47.13 -48.03 -37.14
C ARG A 327 46.89 -48.48 -38.57
N SER A 328 46.77 -49.79 -38.74
CA SER A 328 46.58 -50.47 -40.03
C SER A 328 47.67 -50.10 -41.03
N LEU A 329 48.91 -50.41 -40.67
CA LEU A 329 50.00 -50.26 -41.63
C LEU A 329 49.94 -51.36 -42.68
N ASP A 330 49.22 -52.44 -42.39
CA ASP A 330 48.88 -53.45 -43.39
C ASP A 330 48.13 -52.85 -44.56
N ASP A 331 47.18 -51.95 -44.28
CA ASP A 331 46.43 -51.31 -45.35
C ASP A 331 47.28 -50.27 -46.07
N VAL A 332 47.74 -49.26 -45.32
CA VAL A 332 48.33 -48.08 -45.95
C VAL A 332 49.72 -48.37 -46.47
N GLY A 333 50.32 -49.47 -46.02
CA GLY A 333 51.55 -49.92 -46.65
C GLY A 333 51.30 -50.50 -48.03
N ARG A 334 50.07 -50.92 -48.28
CA ARG A 334 49.72 -51.45 -49.59
C ARG A 334 49.19 -50.34 -50.49
N HIS A 335 48.51 -49.34 -49.91
CA HIS A 335 47.91 -48.30 -50.71
C HIS A 335 48.91 -47.28 -51.22
N LEU A 336 49.96 -47.00 -50.45
CA LEU A 336 51.00 -46.09 -50.95
C LEU A 336 51.90 -46.78 -51.96
N LEU A 337 51.78 -48.10 -52.10
CA LEU A 337 52.53 -48.78 -53.14
C LEU A 337 51.64 -49.12 -54.32
N ASP A 338 50.33 -49.27 -54.10
CA ASP A 338 49.41 -49.50 -55.20
C ASP A 338 49.29 -48.26 -56.09
N MET A 339 49.20 -47.08 -55.48
CA MET A 339 49.16 -45.87 -56.29
C MET A 339 50.57 -45.40 -56.63
N GLN A 340 51.57 -46.21 -56.31
CA GLN A 340 52.94 -45.86 -56.69
C GLN A 340 53.23 -46.30 -58.13
N GLU A 341 52.76 -47.50 -58.48
CA GLU A 341 52.95 -48.04 -59.85
C GLU A 341 52.12 -47.18 -60.82
N GLU A 342 50.81 -47.13 -60.58
CA GLU A 342 49.88 -46.30 -61.41
C GLU A 342 49.37 -45.17 -60.51
N GLN A 343 49.48 -43.92 -60.95
CA GLN A 343 49.05 -42.78 -60.10
C GLN A 343 47.97 -41.96 -60.81
N LEU A 344 48.25 -40.65 -60.99
CA LEU A 344 47.39 -39.60 -61.61
C LEU A 344 46.17 -39.29 -60.73
N GLU A 345 46.27 -39.59 -59.43
CA GLU A 345 45.23 -39.36 -58.37
C GLU A 345 43.96 -40.20 -58.58
N ALA A 346 42.91 -39.84 -57.83
CA ALA A 346 41.58 -40.45 -57.86
C ALA A 346 40.53 -39.55 -57.21
N ASN A 347 40.78 -38.86 -56.06
CA ASN A 347 41.41 -39.38 -54.84
C ASN A 347 40.43 -40.40 -54.31
N ARG A 348 39.22 -39.91 -54.02
CA ARG A 348 37.98 -40.68 -54.01
C ARG A 348 37.93 -41.83 -53.01
N GLU A 349 38.70 -41.75 -51.93
CA GLU A 349 38.74 -42.84 -50.97
C GLU A 349 38.96 -42.38 -49.54
N THR A 350 38.63 -43.23 -48.56
CA THR A 350 38.99 -43.00 -47.17
C THR A 350 40.24 -43.83 -46.85
N LEU A 351 40.94 -44.22 -47.92
CA LEU A 351 42.26 -44.89 -47.99
C LEU A 351 42.15 -46.35 -47.58
N ASP A 352 41.08 -46.81 -46.91
CA ASP A 352 40.54 -48.17 -46.89
C ASP A 352 39.28 -48.21 -46.06
N GLU A 353 38.31 -49.04 -46.46
CA GLU A 353 37.31 -49.69 -45.59
C GLU A 353 36.54 -50.75 -46.35
N LEU A 354 36.61 -52.01 -45.88
CA LEU A 354 35.63 -53.07 -46.13
C LEU A 354 35.91 -54.28 -45.26
N GLU A 355 34.97 -54.65 -44.38
CA GLU A 355 34.86 -56.05 -43.97
C GLU A 355 33.43 -56.41 -43.59
N SER A 356 32.60 -56.63 -44.61
CA SER A 356 31.45 -57.53 -44.70
C SER A 356 30.28 -57.34 -43.72
N ALA A 357 30.51 -56.78 -42.50
CA ALA A 357 29.50 -56.70 -41.44
C ALA A 357 29.99 -56.02 -40.16
N PRO A 358 29.09 -55.37 -39.41
CA PRO A 358 29.18 -55.41 -37.94
C PRO A 358 28.19 -56.42 -37.37
N GLN A 359 28.46 -57.01 -36.22
CA GLN A 359 27.47 -57.85 -35.58
C GLN A 359 26.45 -56.98 -34.85
N THR A 360 25.19 -57.43 -34.79
CA THR A 360 24.11 -56.65 -34.20
C THR A 360 23.33 -57.47 -33.18
N THR A 361 22.88 -56.82 -32.10
CA THR A 361 21.97 -57.40 -31.12
C THR A 361 20.94 -56.36 -30.70
N ARG A 362 19.66 -56.74 -30.75
CA ARG A 362 18.59 -55.86 -30.28
C ARG A 362 18.58 -55.82 -28.76
N VAL A 363 18.42 -54.63 -28.19
CA VAL A 363 18.57 -54.43 -26.75
C VAL A 363 17.44 -53.53 -26.25
N ARG A 364 17.21 -53.58 -24.95
CA ARG A 364 16.28 -52.65 -24.30
C ARG A 364 16.87 -51.25 -24.31
N ALA A 365 16.08 -50.28 -24.75
CA ALA A 365 16.53 -48.90 -24.89
C ALA A 365 15.33 -48.00 -25.03
N ASP A 366 15.60 -46.70 -25.03
CA ASP A 366 14.59 -45.66 -25.26
C ASP A 366 15.12 -44.73 -26.33
N LEU A 367 14.33 -44.53 -27.39
CA LEU A 367 14.65 -43.57 -28.42
C LEU A 367 13.53 -42.54 -28.48
N VAL A 368 13.89 -41.26 -28.43
CA VAL A 368 12.92 -40.18 -28.53
C VAL A 368 13.17 -39.46 -29.83
N ALA A 369 12.17 -38.73 -30.30
CA ALA A 369 12.26 -37.99 -31.55
C ALA A 369 12.26 -36.50 -31.26
N ILE A 370 13.41 -35.87 -31.45
CA ILE A 370 13.56 -34.45 -31.17
C ILE A 370 14.02 -33.77 -32.45
N GLY A 371 13.20 -32.86 -32.96
CA GLY A 371 13.57 -32.12 -34.15
C GLY A 371 13.55 -33.02 -35.37
N ASP A 372 14.68 -33.01 -36.08
CA ASP A 372 14.85 -33.95 -37.18
C ASP A 372 15.48 -35.24 -36.68
N ARG A 373 16.36 -35.15 -35.69
CA ARG A 373 17.20 -36.27 -35.34
C ARG A 373 16.46 -37.28 -34.46
N LEU A 374 16.81 -38.55 -34.64
CA LEU A 374 16.43 -39.61 -33.71
C LEU A 374 17.51 -39.67 -32.64
N VAL A 375 17.29 -38.95 -31.55
CA VAL A 375 18.26 -38.81 -30.47
C VAL A 375 17.91 -39.83 -29.41
N PHE A 376 18.92 -40.52 -28.90
CA PHE A 376 18.75 -41.46 -27.81
C PHE A 376 18.39 -40.69 -26.52
N LEU A 377 17.93 -41.39 -25.49
CA LEU A 377 17.76 -40.76 -24.19
C LEU A 377 18.15 -41.77 -23.12
N GLU A 378 18.92 -41.32 -22.13
CA GLU A 378 19.44 -42.21 -21.09
C GLU A 378 19.57 -41.48 -19.77
N ALA A 379 19.47 -42.25 -18.68
CA ALA A 379 19.74 -41.77 -17.34
C ALA A 379 20.27 -42.96 -16.54
N LEU A 380 21.43 -42.80 -15.92
CA LEU A 380 22.23 -43.95 -15.53
C LEU A 380 22.38 -44.03 -14.02
N GLU A 381 21.47 -43.37 -13.30
CA GLU A 381 21.56 -43.40 -11.86
C GLU A 381 21.07 -44.74 -11.32
N ARG A 382 20.25 -45.44 -12.10
CA ARG A 382 19.73 -46.74 -11.66
C ARG A 382 20.59 -47.87 -12.21
N ARG A 383 21.17 -47.68 -13.38
CA ARG A 383 21.88 -48.78 -14.03
C ARG A 383 23.22 -49.02 -13.39
N ILE A 384 24.11 -48.04 -13.48
CA ILE A 384 25.50 -48.27 -13.13
C ILE A 384 26.00 -47.39 -12.00
N TYR A 385 25.12 -46.85 -11.17
CA TYR A 385 25.47 -45.91 -10.11
C TYR A 385 24.71 -46.15 -8.83
N ALA A 386 23.88 -47.19 -8.78
CA ALA A 386 23.04 -47.45 -7.63
C ALA A 386 23.88 -48.10 -6.55
N ALA A 387 23.77 -47.59 -5.34
CA ALA A 387 24.35 -48.08 -4.09
C ALA A 387 25.87 -48.14 -4.09
N THR A 388 26.54 -47.42 -4.98
CA THR A 388 27.99 -47.35 -4.99
C THR A 388 28.41 -46.09 -4.25
N ASN A 389 29.69 -45.76 -4.32
CA ASN A 389 30.12 -44.53 -3.69
C ASN A 389 30.65 -43.53 -4.69
N VAL A 390 30.40 -43.76 -5.98
CA VAL A 390 30.80 -42.77 -6.97
C VAL A 390 29.74 -41.68 -7.05
N PRO A 391 30.09 -40.41 -6.94
CA PRO A 391 29.10 -39.35 -7.11
C PRO A 391 28.64 -39.29 -8.55
N TYR A 392 27.43 -38.81 -8.75
CA TYR A 392 26.87 -38.79 -10.08
C TYR A 392 27.53 -37.66 -10.86
N PRO A 393 27.98 -37.91 -12.09
CA PRO A 393 28.80 -36.88 -12.75
C PRO A 393 27.99 -35.74 -13.33
N LEU A 394 26.71 -35.96 -13.66
CA LEU A 394 25.96 -34.88 -14.31
C LEU A 394 25.51 -33.83 -13.32
N VAL A 395 25.22 -34.22 -12.08
CA VAL A 395 24.99 -33.20 -11.06
C VAL A 395 26.31 -32.52 -10.76
N GLY A 396 26.41 -31.26 -11.16
CA GLY A 396 27.64 -30.51 -11.08
C GLY A 396 27.39 -29.11 -10.58
N ALA A 397 28.31 -28.58 -9.79
CA ALA A 397 28.07 -27.36 -9.05
C ALA A 397 28.41 -26.14 -9.89
N MET A 398 27.71 -25.05 -9.63
CA MET A 398 28.11 -23.73 -10.09
C MET A 398 28.10 -22.81 -8.88
N ASP A 399 28.65 -21.62 -9.05
CA ASP A 399 28.72 -20.67 -7.96
C ASP A 399 28.68 -19.23 -8.46
N LEU A 400 27.56 -18.58 -8.18
CA LEU A 400 27.34 -17.18 -8.52
C LEU A 400 27.83 -16.32 -7.38
N THR A 401 28.44 -15.18 -7.69
CA THR A 401 28.73 -14.25 -6.62
C THR A 401 27.67 -13.16 -6.60
N PHE A 402 27.03 -12.98 -5.44
CA PHE A 402 25.94 -12.03 -5.32
C PHE A 402 26.44 -10.76 -4.66
N VAL A 403 25.72 -9.67 -4.87
CA VAL A 403 26.11 -8.35 -4.38
C VAL A 403 24.88 -7.67 -3.79
N LEU A 404 25.00 -7.19 -2.56
CA LEU A 404 23.95 -6.46 -1.91
C LEU A 404 24.49 -5.10 -1.47
N PRO A 405 23.74 -4.02 -1.62
CA PRO A 405 24.19 -2.75 -1.05
C PRO A 405 23.62 -2.44 0.33
N LEU A 406 24.50 -2.08 1.26
CA LEU A 406 24.14 -1.63 2.58
C LEU A 406 24.16 -0.12 2.62
N GLY A 407 23.17 0.47 3.26
CA GLY A 407 23.30 1.83 3.71
C GLY A 407 23.27 2.89 2.65
N LEU A 408 23.05 2.54 1.39
CA LEU A 408 23.08 3.53 0.33
C LEU A 408 21.85 4.43 0.40
N PHE A 409 21.87 5.47 -0.43
CA PHE A 409 20.85 6.49 -0.39
C PHE A 409 20.33 6.72 -1.81
N ASN A 410 19.06 7.08 -1.91
CA ASN A 410 18.44 7.22 -3.21
C ASN A 410 18.88 8.51 -3.89
N PRO A 411 18.72 8.61 -5.21
CA PRO A 411 18.90 9.91 -5.87
C PRO A 411 17.75 10.86 -5.58
N ALA A 412 17.78 12.01 -6.25
CA ALA A 412 16.81 13.06 -5.97
C ALA A 412 15.43 12.68 -6.47
N MET A 413 15.35 12.02 -7.62
CA MET A 413 14.07 11.85 -8.29
C MET A 413 13.28 10.68 -7.70
N GLU A 414 13.98 9.71 -7.11
CA GLU A 414 13.30 8.49 -6.71
C GLU A 414 13.06 8.44 -5.21
N ARG A 415 12.60 9.53 -4.61
CA ARG A 415 12.27 9.52 -3.19
C ARG A 415 10.77 9.58 -2.97
N PHE A 416 10.01 9.20 -3.97
CA PHE A 416 8.55 9.21 -3.92
C PHE A 416 8.01 8.06 -3.07
N ALA A 417 6.71 7.84 -3.15
CA ALA A 417 6.08 6.81 -2.34
C ALA A 417 5.13 5.91 -3.11
N ALA A 418 4.88 6.20 -4.39
CA ALA A 418 4.00 5.49 -5.33
C ALA A 418 2.52 5.59 -5.00
N HIS A 419 2.18 6.09 -3.82
CA HIS A 419 0.82 6.42 -3.43
C HIS A 419 0.95 7.39 -2.26
N ALA A 420 -0.13 8.13 -1.98
CA ALA A 420 -0.07 9.14 -0.93
C ALA A 420 0.10 8.49 0.44
N GLY A 421 -0.84 7.66 0.84
CA GLY A 421 -0.66 7.01 2.11
C GLY A 421 -0.66 5.50 2.00
N ASP A 422 0.51 4.91 2.16
CA ASP A 422 0.71 3.48 2.34
C ASP A 422 2.04 3.29 3.03
N LEU A 423 2.18 2.17 3.74
CA LEU A 423 3.27 1.90 4.70
C LEU A 423 3.33 3.00 5.75
N VAL A 424 2.17 3.49 6.14
CA VAL A 424 2.03 4.62 7.06
C VAL A 424 2.11 4.10 8.49
N PRO A 425 2.82 4.77 9.41
CA PRO A 425 2.92 4.27 10.77
C PRO A 425 1.71 4.62 11.60
N ALA A 426 1.77 4.29 12.89
CA ALA A 426 0.75 4.67 13.85
C ALA A 426 0.68 6.21 13.93
N PRO A 427 -0.50 6.77 14.29
CA PRO A 427 -0.68 8.23 14.12
C PRO A 427 0.25 9.12 14.95
N GLY A 428 0.37 8.90 16.25
CA GLY A 428 1.24 9.75 17.05
C GLY A 428 2.67 9.25 17.13
N HIS A 429 3.21 8.82 16.00
CA HIS A 429 4.41 8.00 15.97
C HIS A 429 5.21 8.40 14.74
N PRO A 430 6.53 8.26 14.75
CA PRO A 430 7.32 8.81 13.65
C PRO A 430 7.27 7.93 12.42
N GLU A 431 7.73 8.50 11.29
CA GLU A 431 7.93 7.80 10.03
C GLU A 431 9.27 7.09 10.05
N PRO A 432 9.30 5.77 10.13
CA PRO A 432 10.58 5.08 10.20
C PRO A 432 11.23 4.89 8.85
N ARG A 433 10.66 5.44 7.78
CA ARG A 433 11.18 5.17 6.44
C ARG A 433 11.88 6.38 5.86
N ALA A 434 11.59 7.57 6.38
CA ALA A 434 12.24 8.77 5.86
C ALA A 434 13.69 8.88 6.33
N PHE A 435 14.10 8.00 7.23
CA PHE A 435 15.49 8.00 7.67
C PHE A 435 16.35 7.36 6.59
N PRO A 436 17.65 7.65 6.57
CA PRO A 436 18.55 6.91 5.70
C PRO A 436 18.58 5.45 6.10
N PRO A 437 18.41 4.55 5.16
CA PRO A 437 18.38 3.12 5.50
C PRO A 437 19.72 2.59 5.93
N ARG A 438 19.70 1.68 6.88
CA ARG A 438 20.91 1.14 7.51
C ARG A 438 20.91 -0.36 7.50
N GLN A 439 19.74 -0.97 7.30
CA GLN A 439 19.58 -2.40 7.35
C GLN A 439 19.41 -2.92 5.94
N LEU A 440 19.25 -4.23 5.82
CA LEU A 440 19.11 -4.90 4.54
C LEU A 440 18.61 -6.32 4.79
N PHE A 441 17.50 -6.69 4.17
CA PHE A 441 16.85 -7.97 4.39
C PHE A 441 16.89 -8.77 3.09
N PHE A 442 16.93 -10.09 3.19
CA PHE A 442 16.85 -10.98 2.04
C PHE A 442 16.47 -12.36 2.51
N TRP A 443 15.94 -13.21 1.63
CA TRP A 443 15.58 -14.55 2.04
C TRP A 443 16.77 -15.49 1.96
N GLY A 444 16.70 -16.59 2.70
CA GLY A 444 17.79 -17.53 2.80
C GLY A 444 17.49 -18.83 2.08
N LYS A 445 17.91 -19.92 2.70
CA LYS A 445 17.59 -21.25 2.18
C LYS A 445 16.33 -21.78 2.87
N ASP A 446 15.29 -20.95 2.86
CA ASP A 446 14.02 -21.22 3.53
C ASP A 446 13.01 -20.15 3.14
N HIS A 447 11.90 -20.10 3.86
CA HIS A 447 11.11 -18.88 3.97
C HIS A 447 11.65 -17.94 5.03
N GLN A 448 12.83 -18.24 5.57
CA GLN A 448 13.49 -17.40 6.55
C GLN A 448 13.97 -16.11 5.93
N VAL A 449 13.72 -15.01 6.62
CA VAL A 449 14.31 -13.73 6.26
C VAL A 449 15.47 -13.48 7.21
N LEU A 450 16.56 -12.94 6.68
CA LEU A 450 17.74 -12.60 7.45
C LEU A 450 17.79 -11.09 7.55
N ARG A 451 18.90 -10.57 8.03
CA ARG A 451 19.07 -9.13 8.15
C ARG A 451 20.54 -8.79 8.01
N LEU A 452 20.82 -7.70 7.32
CA LEU A 452 22.17 -7.15 7.25
C LEU A 452 22.10 -5.70 7.68
N SER A 453 22.49 -5.43 8.92
CA SER A 453 22.77 -4.06 9.25
C SER A 453 24.26 -3.81 9.10
N MET A 454 24.65 -2.54 9.22
CA MET A 454 26.07 -2.23 9.20
C MET A 454 26.72 -2.56 10.54
N GLU A 455 25.92 -2.86 11.56
CA GLU A 455 26.44 -3.36 12.82
C GLU A 455 27.10 -4.72 12.67
N ASN A 456 26.76 -5.46 11.62
CA ASN A 456 27.49 -6.67 11.29
C ASN A 456 28.80 -6.37 10.60
N ALA A 457 28.97 -5.15 10.10
CA ALA A 457 30.14 -4.76 9.33
C ALA A 457 31.25 -4.18 10.17
N VAL A 458 31.34 -4.58 11.44
CA VAL A 458 32.40 -4.13 12.31
C VAL A 458 33.67 -4.96 12.08
N GLY A 459 33.52 -6.12 11.44
CA GLY A 459 34.66 -7.02 11.31
C GLY A 459 35.60 -6.60 10.21
N THR A 460 35.23 -5.60 9.42
CA THR A 460 35.98 -5.25 8.23
C THR A 460 36.57 -3.85 8.32
N VAL A 461 35.77 -2.88 8.76
CA VAL A 461 36.21 -1.50 8.70
C VAL A 461 37.02 -1.14 9.94
N CYS A 462 36.87 -1.91 11.02
CA CYS A 462 37.58 -1.55 12.25
C CYS A 462 38.94 -2.23 12.33
N HIS A 463 39.32 -2.95 11.28
CA HIS A 463 40.68 -3.45 11.16
C HIS A 463 41.63 -2.27 10.94
N PRO A 464 42.85 -2.32 11.50
CA PRO A 464 43.72 -1.14 11.42
C PRO A 464 44.36 -0.91 10.07
N SER A 465 44.00 -1.67 9.04
CA SER A 465 44.39 -1.30 7.68
C SER A 465 43.39 -0.35 7.06
N LEU A 466 42.36 0.06 7.82
CA LEU A 466 41.55 1.20 7.40
C LEU A 466 42.40 2.46 7.35
N MET A 467 43.34 2.58 8.27
CA MET A 467 44.03 3.85 8.43
C MET A 467 45.42 3.80 7.80
N ASN A 468 45.88 2.62 7.40
CA ASN A 468 47.18 2.46 6.75
C ASN A 468 47.07 2.72 5.26
N ILE A 469 47.83 3.69 4.76
CA ILE A 469 47.88 3.96 3.33
C ILE A 469 49.31 4.05 2.81
N ASP A 470 50.22 3.30 3.43
CA ASP A 470 51.63 3.37 3.07
C ASP A 470 51.89 2.86 1.67
N ALA A 471 51.10 1.88 1.22
CA ALA A 471 51.28 1.36 -0.13
C ALA A 471 50.78 2.34 -1.17
N ALA A 472 49.78 3.14 -0.82
CA ALA A 472 49.18 4.03 -1.81
C ALA A 472 50.00 5.28 -1.99
N VAL A 473 50.35 5.96 -0.89
CA VAL A 473 50.99 7.26 -0.99
C VAL A 473 52.42 7.12 -1.50
N GLY A 474 53.05 5.97 -1.24
CA GLY A 474 54.30 5.68 -1.90
C GLY A 474 54.10 5.27 -3.34
N GLY A 475 52.98 4.61 -3.62
CA GLY A 475 52.75 4.09 -4.95
C GLY A 475 52.25 5.14 -5.92
N VAL A 476 51.40 6.06 -5.44
CA VAL A 476 50.76 7.01 -6.34
C VAL A 476 51.72 8.13 -6.73
N ASN A 477 52.86 8.22 -6.05
CA ASN A 477 53.72 9.39 -6.24
C ASN A 477 54.77 9.14 -7.32
N HIS A 478 54.44 8.35 -8.35
CA HIS A 478 55.37 8.17 -9.47
C HIS A 478 55.07 9.17 -10.57
N ASP A 479 54.77 10.41 -10.20
CA ASP A 479 54.30 11.33 -11.21
C ASP A 479 54.81 12.73 -10.93
N PRO A 480 55.73 13.24 -11.76
CA PRO A 480 56.15 14.64 -11.61
C PRO A 480 55.03 15.59 -12.02
N VAL A 481 54.42 16.22 -11.02
CA VAL A 481 53.29 17.11 -11.20
C VAL A 481 53.65 18.44 -10.58
N GLU A 482 53.25 19.54 -11.23
CA GLU A 482 53.65 20.86 -10.77
C GLU A 482 52.79 21.33 -9.61
N ALA A 483 53.13 22.51 -9.10
CA ALA A 483 52.34 23.13 -8.05
C ALA A 483 51.07 23.73 -8.63
N ALA A 484 49.94 23.38 -8.02
CA ALA A 484 48.63 23.85 -8.44
C ALA A 484 48.20 25.07 -7.65
N ASN A 485 49.16 25.92 -7.29
CA ASN A 485 49.04 27.09 -6.42
C ASN A 485 48.40 26.67 -5.10
N PRO A 486 49.17 26.00 -4.25
CA PRO A 486 48.62 25.34 -3.05
C PRO A 486 48.20 26.35 -2.00
N TYR A 487 47.00 26.89 -2.18
CA TYR A 487 46.45 27.82 -1.20
C TYR A 487 46.13 27.12 0.11
N GLY A 488 45.23 26.17 0.08
CA GLY A 488 44.86 25.42 1.26
C GLY A 488 45.58 24.12 1.41
N ALA A 489 46.54 23.85 0.54
CA ALA A 489 47.42 22.71 0.70
C ALA A 489 48.71 23.08 1.40
N TYR A 490 48.95 24.36 1.64
CA TYR A 490 50.14 24.82 2.33
C TYR A 490 49.75 25.52 3.62
N VAL A 491 50.56 25.32 4.65
CA VAL A 491 50.39 25.97 5.93
C VAL A 491 51.61 26.86 6.19
N ALA A 492 51.35 28.13 6.50
CA ALA A 492 52.41 29.07 6.83
C ALA A 492 52.55 29.13 8.34
N ALA A 493 53.60 29.81 8.80
CA ALA A 493 53.74 30.07 10.22
C ALA A 493 53.17 31.44 10.56
N PRO A 494 52.67 31.64 11.78
CA PRO A 494 52.15 32.96 12.14
C PRO A 494 53.28 33.98 12.25
N ALA A 495 53.05 35.14 11.63
CA ALA A 495 54.10 36.13 11.43
C ALA A 495 53.63 37.50 11.89
N GLY A 496 54.53 38.24 12.52
CA GLY A 496 54.33 39.62 12.87
C GLY A 496 53.23 39.84 13.88
N PRO A 497 52.70 41.06 13.93
CA PRO A 497 51.56 41.32 14.81
C PRO A 497 50.28 40.76 14.19
N GLY A 498 49.20 40.82 14.96
CA GLY A 498 47.94 40.28 14.48
C GLY A 498 47.29 41.16 13.42
N ALA A 499 47.44 42.48 13.55
CA ALA A 499 46.59 43.41 12.82
C ALA A 499 46.93 43.45 11.33
N ASP A 500 48.18 43.19 10.98
CA ASP A 500 48.60 43.33 9.60
C ASP A 500 48.61 42.02 8.84
N MET A 501 48.21 40.91 9.49
CA MET A 501 48.62 39.59 9.03
C MET A 501 47.90 39.20 7.74
N GLN A 502 46.61 39.51 7.63
CA GLN A 502 45.95 39.28 6.35
C GLN A 502 46.31 40.35 5.34
N GLN A 503 46.58 41.57 5.82
CA GLN A 503 47.13 42.60 4.94
C GLN A 503 48.52 42.19 4.45
N ARG A 504 49.29 41.52 5.30
CA ARG A 504 50.53 40.88 4.86
C ARG A 504 50.23 39.72 3.92
N PHE A 505 49.12 39.02 4.14
CA PHE A 505 48.79 37.85 3.34
C PHE A 505 48.37 38.21 1.92
N LEU A 506 47.50 39.21 1.77
CA LEU A 506 46.85 39.44 0.49
C LEU A 506 47.82 40.02 -0.53
N ASN A 507 48.81 40.79 -0.07
CA ASN A 507 49.77 41.33 -1.00
C ASN A 507 50.79 40.28 -1.41
N ALA A 508 51.17 39.42 -0.48
CA ALA A 508 52.17 38.41 -0.81
C ALA A 508 51.56 37.22 -1.52
N TRP A 509 50.25 37.06 -1.45
CA TRP A 509 49.54 36.00 -2.15
C TRP A 509 48.60 36.54 -3.21
N ARG A 510 48.88 37.71 -3.76
CA ARG A 510 47.98 38.28 -4.75
C ARG A 510 48.03 37.48 -6.04
N GLN A 511 49.19 36.91 -6.35
CA GLN A 511 49.38 36.26 -7.65
C GLN A 511 48.78 34.87 -7.70
N ARG A 512 49.30 33.95 -6.88
CA ARG A 512 49.00 32.55 -7.09
C ARG A 512 47.59 32.19 -6.62
N LEU A 513 47.03 33.00 -5.72
CA LEU A 513 45.67 32.76 -5.29
C LEU A 513 44.68 33.15 -6.37
N ALA A 514 45.09 34.03 -7.29
CA ALA A 514 44.18 34.49 -8.32
C ALA A 514 44.13 33.56 -9.52
N HIS A 515 45.30 33.08 -9.98
CA HIS A 515 45.35 32.39 -11.26
C HIS A 515 44.87 30.95 -11.16
N GLY A 516 45.27 30.24 -10.10
CA GLY A 516 44.96 28.84 -10.01
C GLY A 516 43.65 28.54 -9.32
N ARG A 517 42.68 28.03 -10.07
CA ARG A 517 41.40 27.67 -9.51
C ARG A 517 41.51 26.40 -8.67
N VAL A 518 41.36 26.56 -7.37
CA VAL A 518 41.55 25.49 -6.40
C VAL A 518 40.37 24.53 -6.49
N ARG A 519 40.56 23.32 -5.97
CA ARG A 519 39.60 22.27 -6.26
C ARG A 519 38.47 22.23 -5.25
N TRP A 520 38.75 22.57 -3.99
CA TRP A 520 37.77 22.27 -2.96
C TRP A 520 36.65 23.29 -2.94
N VAL A 521 36.85 24.45 -3.56
CA VAL A 521 35.73 25.35 -3.78
C VAL A 521 34.90 24.87 -4.96
N ALA A 522 35.49 24.00 -5.79
CA ALA A 522 34.74 23.43 -6.90
C ALA A 522 34.20 22.06 -6.53
N GLU A 523 33.67 21.93 -5.31
CA GLU A 523 32.88 20.75 -4.95
C GLU A 523 31.69 20.66 -5.88
N CYS A 524 30.70 21.57 -5.74
CA CYS A 524 29.89 22.10 -6.84
C CYS A 524 29.13 21.12 -7.73
N GLN A 525 29.21 19.82 -7.46
CA GLN A 525 28.81 18.86 -8.47
C GLN A 525 27.80 17.87 -7.93
N MET A 526 26.86 17.50 -8.78
CA MET A 526 25.97 16.40 -8.49
C MET A 526 26.68 15.07 -8.70
N THR A 527 25.96 14.00 -8.40
CA THR A 527 26.44 12.67 -8.75
C THR A 527 26.53 12.50 -10.26
N ALA A 528 27.36 11.55 -10.67
CA ALA A 528 27.68 11.21 -12.06
C ALA A 528 28.36 12.35 -12.82
N GLU A 529 28.75 13.43 -12.12
CA GLU A 529 29.70 14.37 -12.69
C GLU A 529 31.08 14.14 -12.12
N GLN A 530 31.17 13.90 -10.82
CA GLN A 530 32.45 13.52 -10.23
C GLN A 530 32.87 12.13 -10.71
N PHE A 531 31.89 11.25 -10.90
CA PHE A 531 32.23 9.90 -11.33
C PHE A 531 32.71 9.86 -12.78
N MET A 532 32.22 10.76 -13.62
CA MET A 532 32.53 10.66 -15.04
C MET A 532 33.92 11.24 -15.31
N GLN A 533 34.60 10.66 -16.31
CA GLN A 533 35.98 11.03 -16.59
C GLN A 533 36.17 12.49 -17.02
N PRO A 534 35.30 13.12 -17.86
CA PRO A 534 35.45 14.57 -18.04
C PRO A 534 35.05 15.35 -16.79
N ASP A 535 35.60 16.56 -16.70
CA ASP A 535 35.43 17.56 -15.64
C ASP A 535 35.95 17.07 -14.30
N ASN A 536 36.57 15.91 -14.23
CA ASN A 536 37.08 15.37 -13.00
C ASN A 536 38.49 14.85 -13.24
N ALA A 537 39.36 15.75 -13.70
CA ALA A 537 40.80 15.50 -13.63
C ALA A 537 41.26 15.14 -12.21
N ASN A 538 40.57 15.63 -11.18
CA ASN A 538 40.82 15.24 -9.80
C ASN A 538 40.14 13.95 -9.40
N LEU A 539 39.75 13.09 -10.35
CA LEU A 539 39.18 11.80 -9.98
C LEU A 539 40.23 10.89 -9.37
N ALA A 540 41.43 10.86 -9.94
CA ALA A 540 42.43 9.90 -9.49
C ALA A 540 43.16 10.38 -8.24
N LEU A 541 42.71 11.45 -7.62
CA LEU A 541 43.19 11.79 -6.29
C LEU A 541 42.41 11.05 -5.22
N GLU A 542 41.10 10.98 -5.38
CA GLU A 542 40.22 10.41 -4.36
C GLU A 542 40.37 8.89 -4.37
N LEU A 543 41.20 8.36 -3.47
CA LEU A 543 41.37 6.91 -3.36
C LEU A 543 40.76 6.30 -2.11
N HIS A 544 40.83 6.97 -0.97
CA HIS A 544 40.51 6.35 0.30
C HIS A 544 39.29 7.06 0.85
N PRO A 545 38.44 6.40 1.65
CA PRO A 545 37.34 7.15 2.27
C PRO A 545 37.80 8.15 3.31
N ALA A 546 38.85 7.84 4.07
CA ALA A 546 39.16 8.67 5.24
C ALA A 546 40.40 9.53 5.01
N PHE A 547 40.75 9.82 3.76
CA PHE A 547 41.87 10.71 3.51
C PHE A 547 41.56 11.62 2.32
N ASP A 548 42.01 12.86 2.41
CA ASP A 548 42.08 13.75 1.26
C ASP A 548 43.48 13.63 0.70
N PHE A 549 43.59 13.27 -0.58
CA PHE A 549 44.87 13.26 -1.27
C PHE A 549 44.94 14.51 -2.11
N PHE A 550 46.15 15.02 -2.32
CA PHE A 550 46.32 16.29 -3.00
C PHE A 550 47.78 16.54 -3.34
N ALA A 551 47.98 17.29 -4.41
CA ALA A 551 49.30 17.84 -4.68
C ALA A 551 49.66 18.89 -3.64
N GLY A 552 50.88 18.80 -3.13
CA GLY A 552 51.41 19.80 -2.21
C GLY A 552 52.89 19.95 -2.49
N VAL A 553 53.48 20.94 -1.83
CA VAL A 553 54.91 21.20 -2.00
C VAL A 553 55.71 20.04 -1.40
N ALA A 554 56.85 19.72 -2.01
CA ALA A 554 57.48 18.43 -1.74
C ALA A 554 58.33 18.47 -0.47
N ASP A 555 59.38 19.28 -0.46
CA ASP A 555 60.42 19.19 0.55
C ASP A 555 60.31 20.26 1.62
N VAL A 556 59.10 20.61 2.04
CA VAL A 556 58.89 21.65 3.04
C VAL A 556 58.30 20.97 4.27
N GLU A 557 58.79 21.35 5.45
CA GLU A 557 58.11 20.94 6.67
C GLU A 557 56.76 21.63 6.76
N LEU A 558 55.87 21.04 7.55
CA LEU A 558 54.45 21.35 7.37
C LEU A 558 54.05 22.73 7.89
N PRO A 559 54.51 23.23 9.05
CA PRO A 559 54.41 24.67 9.28
C PRO A 559 55.64 25.36 8.73
N GLY A 560 55.70 26.67 8.94
CA GLY A 560 56.89 27.42 8.58
C GLY A 560 56.80 28.00 7.17
N GLY A 561 57.55 29.07 6.97
CA GLY A 561 57.49 29.83 5.72
C GLY A 561 56.32 30.79 5.70
N GLU A 562 56.44 31.81 4.86
CA GLU A 562 55.33 32.70 4.57
C GLU A 562 54.81 32.53 3.15
N VAL A 563 55.73 32.30 2.22
CA VAL A 563 55.43 31.99 0.83
C VAL A 563 56.09 30.65 0.52
N PRO A 564 55.34 29.64 0.12
CA PRO A 564 55.94 28.35 -0.21
C PRO A 564 56.67 28.44 -1.53
N PRO A 565 57.80 27.75 -1.65
CA PRO A 565 58.55 27.80 -2.91
C PRO A 565 57.82 27.07 -4.02
N ALA A 566 57.78 27.70 -5.19
CA ALA A 566 57.17 27.10 -6.35
C ALA A 566 58.12 26.06 -6.95
N GLY A 567 57.70 24.81 -6.95
CA GLY A 567 58.55 23.74 -7.43
C GLY A 567 57.72 22.53 -7.80
N PRO A 568 58.32 21.35 -7.76
CA PRO A 568 57.58 20.13 -8.08
C PRO A 568 56.58 19.78 -6.99
N GLY A 569 55.30 19.78 -7.35
CA GLY A 569 54.28 19.40 -6.41
C GLY A 569 54.33 17.92 -6.14
N ALA A 570 54.02 17.55 -4.90
CA ALA A 570 54.08 16.17 -4.45
C ALA A 570 52.73 15.79 -3.88
N ILE A 571 52.31 14.55 -4.14
CA ILE A 571 51.04 14.09 -3.59
C ILE A 571 51.27 13.58 -2.17
N GLN A 572 50.48 14.11 -1.24
CA GLN A 572 50.65 13.82 0.17
C GLN A 572 49.29 13.70 0.83
N ALA A 573 49.22 12.83 1.81
CA ALA A 573 47.96 12.36 2.38
C ALA A 573 47.72 13.05 3.71
N THR A 574 46.70 13.89 3.77
CA THR A 574 46.22 14.44 5.03
C THR A 574 45.10 13.54 5.52
N TRP A 575 44.75 13.68 6.79
CA TRP A 575 43.73 12.81 7.34
C TRP A 575 42.38 13.50 7.41
N ARG A 576 41.34 12.74 7.13
CA ARG A 576 39.97 13.16 7.35
C ARG A 576 39.59 12.82 8.78
N VAL A 577 39.37 13.85 9.59
CA VAL A 577 38.99 13.60 10.98
C VAL A 577 37.57 13.09 11.06
N VAL A 578 36.61 13.87 10.56
CA VAL A 578 35.21 13.55 10.72
C VAL A 578 34.60 13.19 9.37
N ASN A 579 33.42 12.57 9.41
CA ASN A 579 32.79 12.10 8.18
C ASN A 579 32.01 13.20 7.48
N GLY A 580 31.72 14.29 8.19
CA GLY A 580 31.01 15.41 7.62
C GLY A 580 31.75 16.08 6.49
N ASN A 581 33.07 15.95 6.43
CA ASN A 581 33.83 16.55 5.36
C ASN A 581 34.19 15.55 4.27
N LEU A 582 33.33 14.57 4.02
CA LEU A 582 33.41 13.86 2.75
C LEU A 582 32.87 14.78 1.66
N PRO A 583 33.31 14.63 0.41
CA PRO A 583 32.89 15.58 -0.64
C PRO A 583 31.42 15.45 -1.00
N LEU A 584 30.84 16.59 -1.39
CA LEU A 584 29.38 16.68 -1.44
C LEU A 584 28.78 15.98 -2.64
N ALA A 585 29.61 15.53 -3.59
CA ALA A 585 29.06 14.72 -4.65
C ALA A 585 28.96 13.26 -4.21
N LEU A 586 29.72 12.89 -3.19
CA LEU A 586 29.75 11.48 -2.77
C LEU A 586 28.92 11.27 -1.51
N CYS A 587 28.71 12.32 -0.75
CA CYS A 587 27.87 12.27 0.44
C CYS A 587 27.06 13.55 0.48
N PRO A 588 25.90 13.59 -0.19
CA PRO A 588 25.32 14.88 -0.56
C PRO A 588 24.57 15.55 0.57
N VAL A 589 24.17 16.79 0.31
CA VAL A 589 23.47 17.59 1.31
C VAL A 589 22.12 16.98 1.62
N ALA A 590 21.45 16.46 0.60
CA ALA A 590 20.13 15.87 0.79
C ALA A 590 20.22 14.56 1.55
N PHE A 591 21.39 13.93 1.56
CA PHE A 591 21.59 12.80 2.44
C PHE A 591 21.67 13.22 3.89
N ARG A 592 22.36 14.32 4.18
CA ARG A 592 22.73 14.61 5.56
C ARG A 592 21.52 15.05 6.37
N ASP A 593 20.57 15.74 5.74
CA ASP A 593 19.44 16.25 6.49
C ASP A 593 18.49 15.14 6.88
N ALA A 594 18.47 14.05 6.11
CA ALA A 594 17.67 12.88 6.48
C ALA A 594 18.25 12.21 7.71
N ARG A 595 19.57 12.22 7.83
CA ARG A 595 20.20 11.81 9.08
C ARG A 595 20.00 12.89 10.15
N GLY A 596 19.77 14.13 9.73
CA GLY A 596 19.44 15.16 10.70
C GLY A 596 18.03 15.00 11.23
N LEU A 597 17.12 14.56 10.37
CA LEU A 597 15.79 14.20 10.85
C LEU A 597 15.79 12.86 11.56
N GLU A 598 16.88 12.11 11.44
CA GLU A 598 16.98 10.90 12.25
C GLU A 598 17.18 11.25 13.72
N LEU A 599 17.99 12.25 13.99
CA LEU A 599 18.31 12.52 15.40
C LEU A 599 17.48 13.67 15.93
N GLY A 600 16.81 14.40 15.04
CA GLY A 600 15.94 15.47 15.48
C GLY A 600 14.65 14.94 16.08
N VAL A 601 14.27 13.72 15.73
CA VAL A 601 13.15 13.10 16.40
C VAL A 601 13.62 12.52 17.72
N GLY A 602 12.69 12.40 18.66
CA GLY A 602 12.99 11.76 19.92
C GLY A 602 13.89 12.53 20.86
N ARG A 603 14.21 13.77 20.54
CA ARG A 603 15.09 14.59 21.35
C ARG A 603 14.55 16.00 21.44
N HIS A 604 15.35 16.90 22.00
CA HIS A 604 14.92 18.29 22.13
C HIS A 604 15.07 19.02 20.81
N ALA A 605 14.09 19.85 20.49
CA ALA A 605 14.18 20.80 19.40
C ALA A 605 13.74 22.16 19.91
N MET A 606 14.42 23.21 19.46
CA MET A 606 14.03 24.55 19.84
C MET A 606 12.73 24.94 19.16
N ALA A 607 11.94 25.76 19.85
CA ALA A 607 10.65 26.19 19.36
C ALA A 607 10.84 27.12 18.16
N PRO A 608 9.84 27.23 17.28
CA PRO A 608 10.00 28.18 16.16
C PRO A 608 9.86 29.62 16.57
N ALA A 609 9.46 29.90 17.82
CA ALA A 609 9.51 31.27 18.31
C ALA A 609 10.94 31.72 18.55
N THR A 610 11.75 30.86 19.15
CA THR A 610 13.08 31.30 19.60
C THR A 610 14.07 31.34 18.44
N ILE A 611 13.71 30.77 17.29
CA ILE A 611 14.63 30.72 16.17
C ILE A 611 14.67 32.05 15.44
N ALA A 612 13.50 32.69 15.27
CA ALA A 612 13.43 33.94 14.52
C ALA A 612 14.09 35.08 15.27
N ALA A 613 14.23 34.94 16.59
CA ALA A 613 15.02 35.91 17.34
C ALA A 613 16.50 35.74 17.06
N VAL A 614 16.97 34.49 17.04
CA VAL A 614 18.39 34.23 16.85
C VAL A 614 18.79 34.48 15.41
N ARG A 615 18.01 33.95 14.46
CA ARG A 615 18.30 34.19 13.05
C ARG A 615 18.08 35.65 12.69
N GLY A 616 17.17 36.32 13.41
CA GLY A 616 17.02 37.76 13.23
C GLY A 616 18.22 38.54 13.74
N ALA A 617 18.99 37.95 14.66
CA ALA A 617 20.16 38.64 15.20
C ALA A 617 21.35 38.56 14.24
N PHE A 618 21.55 37.40 13.63
CA PHE A 618 22.72 37.24 12.76
C PHE A 618 22.55 37.95 11.43
N GLU A 619 21.34 38.44 11.14
CA GLU A 619 21.13 39.16 9.89
C GLU A 619 20.95 40.65 10.15
N ASP A 620 21.19 41.10 11.36
CA ASP A 620 20.89 42.48 11.72
C ASP A 620 21.99 43.41 11.22
N ARG A 621 21.81 43.97 10.02
CA ARG A 621 22.73 44.99 9.53
C ARG A 621 22.59 46.27 10.33
N SER A 622 21.43 46.49 10.95
CA SER A 622 21.22 47.59 11.88
C SER A 622 21.62 47.12 13.27
N TYR A 623 22.89 46.76 13.43
CA TYR A 623 23.27 46.23 14.72
C TYR A 623 23.94 47.32 15.55
N PRO A 624 23.45 47.58 16.75
CA PRO A 624 24.09 48.58 17.62
C PRO A 624 25.48 48.14 18.04
N ALA A 625 26.40 49.11 18.02
CA ALA A 625 27.82 48.78 18.15
C ALA A 625 28.21 48.49 19.59
N VAL A 626 27.38 48.89 20.56
CA VAL A 626 27.77 48.80 21.96
C VAL A 626 27.80 47.34 22.41
N PHE A 627 27.10 46.48 21.69
CA PHE A 627 27.08 45.07 22.04
C PHE A 627 28.35 44.38 21.56
N TYR A 628 29.15 45.06 20.73
CA TYR A 628 30.50 44.61 20.45
C TYR A 628 31.46 45.07 21.53
N LEU A 629 31.34 46.32 21.97
CA LEU A 629 32.33 46.90 22.87
C LEU A 629 32.22 46.31 24.27
N LEU A 630 30.99 45.96 24.69
CA LEU A 630 30.84 45.32 26.00
C LEU A 630 31.35 43.89 25.97
N GLN A 631 31.36 43.27 24.79
CA GLN A 631 31.89 41.91 24.69
C GLN A 631 33.39 41.89 24.92
N ALA A 632 34.12 42.80 24.27
CA ALA A 632 35.57 42.86 24.47
C ALA A 632 35.90 43.37 25.87
N ALA A 633 34.99 44.15 26.45
CA ALA A 633 35.19 44.63 27.81
C ALA A 633 35.03 43.50 28.83
N ILE A 634 33.92 42.76 28.75
CA ILE A 634 33.68 41.67 29.68
C ILE A 634 34.65 40.53 29.43
N HIS A 635 34.97 40.29 28.14
CA HIS A 635 35.98 39.34 27.65
C HIS A 635 35.91 37.96 28.30
N GLY A 636 34.69 37.49 28.56
CA GLY A 636 34.53 36.14 29.07
C GLY A 636 34.83 35.99 30.54
N ASN A 637 34.91 37.10 31.27
CA ASN A 637 35.18 37.07 32.70
C ASN A 637 33.86 37.01 33.45
N GLU A 638 33.77 36.12 34.43
CA GLU A 638 32.53 35.98 35.18
C GLU A 638 32.41 37.07 36.23
N HIS A 639 33.55 37.64 36.64
CA HIS A 639 33.52 38.72 37.61
C HIS A 639 33.07 40.03 36.96
N VAL A 640 33.47 40.26 35.71
CA VAL A 640 33.15 41.52 35.06
C VAL A 640 31.68 41.54 34.65
N PHE A 641 31.09 40.36 34.50
CA PHE A 641 29.67 40.28 34.18
C PHE A 641 28.81 40.79 35.33
N CYS A 642 29.05 40.29 36.55
CA CYS A 642 28.26 40.75 37.69
C CYS A 642 28.67 42.16 38.10
N ALA A 643 29.83 42.61 37.64
CA ALA A 643 30.15 44.03 37.73
C ALA A 643 29.21 44.86 36.87
N LEU A 644 28.98 44.41 35.64
CA LEU A 644 28.17 45.14 34.69
C LEU A 644 26.80 44.51 34.54
N ALA A 645 26.29 43.86 35.59
CA ALA A 645 25.01 43.16 35.49
C ALA A 645 23.85 44.12 35.33
N ARG A 646 23.97 45.33 35.86
CA ARG A 646 22.95 46.33 35.60
C ARG A 646 23.02 46.82 34.17
N LEU A 647 24.22 46.93 33.62
CA LEU A 647 24.38 47.53 32.29
C LEU A 647 23.92 46.57 31.21
N VAL A 648 24.10 45.27 31.42
CA VAL A 648 23.73 44.29 30.41
C VAL A 648 22.22 44.13 30.33
N THR A 649 21.54 44.14 31.49
CA THR A 649 20.09 44.00 31.53
C THR A 649 19.40 45.19 30.88
N GLN A 650 19.92 46.41 31.10
CA GLN A 650 19.33 47.58 30.47
C GLN A 650 19.61 47.63 28.98
N CYS A 651 20.71 47.00 28.52
CA CYS A 651 20.98 46.97 27.10
C CYS A 651 20.11 45.95 26.39
N ILE A 652 19.94 44.78 27.00
CA ILE A 652 19.16 43.70 26.36
C ILE A 652 17.70 44.08 26.27
N THR A 653 17.16 44.67 27.34
CA THR A 653 15.76 45.04 27.37
C THR A 653 15.47 46.20 26.42
N SER A 654 16.43 47.12 26.29
CA SER A 654 16.25 48.20 25.32
C SER A 654 16.41 47.69 23.89
N TYR A 655 17.22 46.66 23.69
CA TYR A 655 17.38 46.10 22.35
C TYR A 655 16.19 45.24 21.97
N TRP A 656 15.58 44.57 22.95
CA TRP A 656 14.43 43.73 22.65
C TRP A 656 13.18 44.56 22.34
N ASN A 657 13.09 45.76 22.91
CA ASN A 657 11.89 46.56 22.74
C ASN A 657 11.78 47.13 21.33
N ASN A 658 12.91 47.55 20.77
CA ASN A 658 12.86 48.11 19.43
C ASN A 658 12.89 47.00 18.37
N THR A 659 13.72 45.98 18.59
CA THR A 659 13.85 44.90 17.62
C THR A 659 13.60 43.57 18.29
N ARG A 660 12.95 42.66 17.58
CA ARG A 660 12.68 41.33 18.13
C ARG A 660 13.87 40.44 17.81
N CYS A 661 15.03 40.80 18.36
CA CYS A 661 16.26 40.06 18.13
C CYS A 661 16.96 39.91 19.47
N ALA A 662 17.79 38.88 19.57
CA ALA A 662 18.54 38.58 20.79
C ALA A 662 19.89 39.27 20.72
N ALA A 663 20.35 39.78 21.86
CA ALA A 663 21.47 40.71 21.85
C ALA A 663 22.82 40.01 21.79
N PHE A 664 23.17 39.26 22.82
CA PHE A 664 24.54 38.82 23.05
C PHE A 664 24.81 37.41 22.53
N VAL A 665 24.17 36.99 21.44
CA VAL A 665 24.28 35.60 21.01
C VAL A 665 25.59 35.32 20.27
N ASN A 666 26.48 36.31 20.17
CA ASN A 666 27.74 36.07 19.50
C ASN A 666 28.70 35.24 20.35
N ASP A 667 28.76 35.50 21.65
CA ASP A 667 29.76 34.88 22.50
C ASP A 667 29.08 33.96 23.52
N TYR A 668 29.48 32.69 23.53
CA TYR A 668 28.71 31.67 24.24
C TYR A 668 28.82 31.80 25.75
N SER A 669 30.02 32.12 26.24
CA SER A 669 30.19 32.27 27.68
C SER A 669 29.48 33.52 28.19
N LEU A 670 29.23 34.49 27.30
CA LEU A 670 28.33 35.58 27.66
C LEU A 670 26.90 35.09 27.78
N VAL A 671 26.52 34.08 27.01
CA VAL A 671 25.12 33.65 27.00
C VAL A 671 24.78 32.95 28.30
N SER A 672 25.64 32.03 28.74
CA SER A 672 25.34 31.26 29.95
C SER A 672 25.46 32.11 31.20
N TYR A 673 26.15 33.26 31.10
CA TYR A 673 26.09 34.23 32.18
C TYR A 673 24.70 34.84 32.26
N ILE A 674 24.08 35.08 31.11
CA ILE A 674 22.78 35.75 31.07
C ILE A 674 21.69 34.80 31.53
N VAL A 675 21.82 33.52 31.19
CA VAL A 675 20.86 32.51 31.64
C VAL A 675 20.94 32.34 33.15
N THR A 676 22.16 32.35 33.68
CA THR A 676 22.33 32.06 35.09
C THR A 676 22.05 33.28 35.97
N TYR A 677 22.83 34.35 35.79
CA TYR A 677 22.77 35.47 36.72
C TYR A 677 21.61 36.41 36.51
N LEU A 678 20.93 36.37 35.36
CA LEU A 678 19.93 37.38 35.07
C LEU A 678 18.52 36.82 35.04
N GLY A 679 18.20 35.88 35.93
CA GLY A 679 16.92 35.23 35.86
C GLY A 679 15.76 36.11 36.33
N GLY A 680 16.06 37.17 37.08
CA GLY A 680 15.00 37.95 37.67
C GLY A 680 14.23 38.82 36.69
N ASP A 681 14.83 39.92 36.27
CA ASP A 681 14.05 40.95 35.55
C ASP A 681 14.56 41.14 34.12
N LEU A 682 14.12 40.25 33.26
CA LEU A 682 14.06 40.38 31.81
C LEU A 682 12.73 39.73 31.48
N PRO A 683 11.94 40.31 30.57
CA PRO A 683 10.63 39.70 30.25
C PRO A 683 10.80 38.36 29.56
N GLU A 684 9.81 37.50 29.74
CA GLU A 684 9.99 36.07 29.52
C GLU A 684 10.11 35.74 28.04
N GLU A 685 9.63 36.62 27.17
CA GLU A 685 9.74 36.39 25.73
C GLU A 685 11.20 36.46 25.29
N CYS A 686 11.93 37.48 25.74
CA CYS A 686 13.34 37.58 25.36
C CYS A 686 14.22 36.73 26.27
N MET A 687 13.73 36.37 27.44
CA MET A 687 14.59 35.64 28.38
C MET A 687 14.66 34.17 28.02
N ALA A 688 13.54 33.59 27.56
CA ALA A 688 13.53 32.16 27.29
C ALA A 688 14.22 31.84 25.98
N VAL A 689 14.54 32.86 25.19
CA VAL A 689 15.39 32.68 24.01
C VAL A 689 16.77 32.21 24.44
N TYR A 690 17.35 32.87 25.43
CA TYR A 690 18.66 32.48 25.92
C TYR A 690 18.58 31.18 26.70
N ARG A 691 17.44 30.92 27.33
CA ARG A 691 17.25 29.68 28.07
C ARG A 691 17.22 28.49 27.14
N ASP A 692 16.47 28.58 26.05
CA ASP A 692 16.36 27.46 25.12
C ASP A 692 17.64 27.28 24.34
N LEU A 693 18.37 28.36 24.10
CA LEU A 693 19.56 28.30 23.28
C LEU A 693 20.67 27.53 23.97
N VAL A 694 20.86 27.78 25.27
CA VAL A 694 21.82 26.99 26.04
C VAL A 694 21.30 25.57 26.20
N ALA A 695 19.99 25.42 26.49
CA ALA A 695 19.43 24.10 26.75
C ALA A 695 19.41 23.24 25.50
N HIS A 696 19.53 23.85 24.33
CA HIS A 696 19.71 23.06 23.12
C HIS A 696 21.14 22.56 23.04
N VAL A 697 22.11 23.39 23.44
CA VAL A 697 23.50 22.93 23.52
C VAL A 697 23.64 21.93 24.65
N GLU A 698 22.91 22.14 25.73
CA GLU A 698 22.82 21.15 26.81
C GLU A 698 22.16 19.87 26.32
N ALA A 699 21.30 19.97 25.30
CA ALA A 699 20.74 18.78 24.69
C ALA A 699 21.70 18.15 23.70
N LEU A 700 22.60 18.94 23.13
CA LEU A 700 23.57 18.39 22.20
C LEU A 700 24.75 17.77 22.93
N ALA A 701 24.93 18.11 24.21
CA ALA A 701 26.04 17.55 24.95
C ALA A 701 25.81 16.07 25.24
N GLN A 702 24.58 15.69 25.54
CA GLN A 702 24.30 14.30 25.89
C GLN A 702 24.13 13.44 24.65
N LEU A 703 24.19 14.04 23.47
CA LEU A 703 23.91 13.32 22.24
C LEU A 703 24.99 12.28 21.95
N VAL A 704 26.24 12.63 22.20
CA VAL A 704 27.37 11.75 21.91
C VAL A 704 27.31 10.52 22.79
N ASP A 705 26.94 10.70 24.06
CA ASP A 705 26.99 9.62 25.03
C ASP A 705 25.83 8.66 24.84
N ASP A 706 24.85 9.05 24.02
CA ASP A 706 23.84 8.10 23.57
C ASP A 706 24.44 7.07 22.63
N PHE A 707 25.49 7.44 21.89
CA PHE A 707 25.98 6.56 20.83
C PHE A 707 27.33 5.93 21.18
N THR A 708 28.00 6.44 22.20
CA THR A 708 29.35 5.96 22.47
C THR A 708 29.35 5.00 23.65
N LEU A 709 29.97 3.85 23.45
CA LEU A 709 29.92 2.72 24.35
C LEU A 709 30.84 2.92 25.55
N PRO A 710 30.56 2.27 26.69
CA PRO A 710 31.51 2.32 27.80
C PRO A 710 32.75 1.47 27.50
N GLY A 711 33.90 2.12 27.56
CA GLY A 711 35.15 1.43 27.36
C GLY A 711 36.27 2.11 28.12
N PRO A 712 37.45 1.51 28.12
CA PRO A 712 38.56 2.04 28.91
C PRO A 712 39.11 3.32 28.32
N GLU A 713 40.00 3.95 29.07
CA GLU A 713 40.73 5.10 28.52
C GLU A 713 41.83 4.62 27.61
N LEU A 714 41.98 5.29 26.48
CA LEU A 714 42.93 4.91 25.45
C LEU A 714 43.73 6.14 25.03
N GLY A 715 45.03 6.11 25.26
CA GLY A 715 45.85 7.28 24.98
C GLY A 715 45.53 8.45 25.87
N GLY A 716 45.10 8.20 27.10
CA GLY A 716 44.71 9.26 28.00
C GLY A 716 43.44 9.97 27.59
N GLN A 717 42.48 9.28 26.99
CA GLN A 717 41.27 9.92 26.50
C GLN A 717 40.05 9.05 26.73
N ALA A 718 38.90 9.70 26.76
CA ALA A 718 37.64 9.00 26.89
C ALA A 718 37.29 8.30 25.58
N GLN A 719 36.27 7.45 25.65
CA GLN A 719 35.73 6.84 24.43
C GLN A 719 35.04 7.89 23.58
N ALA A 720 34.27 8.78 24.22
CA ALA A 720 33.56 9.81 23.48
C ALA A 720 34.52 10.86 22.93
N GLU A 721 35.65 11.05 23.60
CA GLU A 721 36.70 11.89 23.05
C GLU A 721 37.36 11.23 21.85
N LEU A 722 37.34 9.90 21.82
CA LEU A 722 37.81 9.17 20.64
C LEU A 722 36.72 9.01 19.61
N ASN A 723 35.49 9.41 19.94
CA ASN A 723 34.39 9.19 19.02
C ASN A 723 34.00 10.47 18.31
N HIS A 724 33.85 11.55 19.04
CA HIS A 724 33.24 12.77 18.52
C HIS A 724 34.22 13.91 18.64
N LEU A 725 34.15 14.85 17.71
CA LEU A 725 35.15 15.89 17.64
C LEU A 725 34.96 16.94 18.74
N MET A 726 33.70 17.27 19.06
CA MET A 726 33.47 18.34 20.02
C MET A 726 33.73 17.87 21.44
N ARG A 727 33.62 16.56 21.68
CA ARG A 727 34.05 16.00 22.94
C ARG A 727 35.57 15.89 22.99
N ASP A 728 36.20 15.66 21.85
CA ASP A 728 37.65 15.54 21.76
C ASP A 728 38.31 16.88 22.11
N PRO A 729 39.20 16.91 23.09
CA PRO A 729 39.93 18.15 23.41
C PRO A 729 41.02 18.52 22.43
N ALA A 730 41.24 17.73 21.38
CA ALA A 730 42.16 18.12 20.31
C ALA A 730 41.69 19.40 19.64
N LEU A 731 40.46 19.40 19.15
CA LEU A 731 39.83 20.63 18.70
C LEU A 731 39.61 21.53 19.90
N LEU A 732 39.92 22.80 19.73
CA LEU A 732 39.70 23.82 20.73
C LEU A 732 39.01 24.99 20.05
N PRO A 733 38.09 25.68 20.74
CA PRO A 733 37.16 26.60 20.07
C PRO A 733 37.88 27.80 19.50
N PRO A 734 37.26 28.56 18.59
CA PRO A 734 38.02 29.63 17.93
C PRO A 734 38.22 30.85 18.81
N LEU A 735 37.36 31.07 19.79
CA LEU A 735 37.48 32.22 20.68
C LEU A 735 37.63 31.71 22.11
N VAL A 736 38.83 31.81 22.66
CA VAL A 736 39.16 31.17 23.91
C VAL A 736 39.52 32.26 24.91
N TRP A 737 38.54 32.75 25.66
CA TRP A 737 38.78 33.79 26.66
C TRP A 737 39.42 33.26 27.94
N ASP A 738 39.00 32.10 28.41
CA ASP A 738 39.59 31.44 29.57
C ASP A 738 40.66 30.46 29.12
N CYS A 739 41.78 30.43 29.82
CA CYS A 739 42.92 29.66 29.32
C CYS A 739 42.79 28.15 29.56
N ASP A 740 41.63 27.64 29.93
CA ASP A 740 41.49 26.22 30.24
C ASP A 740 41.55 25.35 28.99
N GLY A 741 41.41 25.97 27.82
CA GLY A 741 41.42 25.19 26.59
C GLY A 741 42.77 24.60 26.26
N LEU A 742 43.82 25.43 26.29
CA LEU A 742 45.13 24.92 25.89
C LEU A 742 45.80 24.19 27.06
N MET A 743 45.36 24.45 28.29
CA MET A 743 45.81 23.67 29.44
C MET A 743 45.49 22.20 29.27
N ARG A 744 44.24 21.89 28.98
CA ARG A 744 43.85 20.51 28.73
C ARG A 744 44.38 20.03 27.38
N HIS A 745 44.65 20.96 26.47
CA HIS A 745 45.14 20.57 25.15
C HIS A 745 46.59 20.13 25.21
N ALA A 746 47.46 20.96 25.80
CA ALA A 746 48.90 20.77 25.65
C ALA A 746 49.40 19.58 26.45
N ALA A 747 48.64 19.12 27.43
CA ALA A 747 49.06 18.04 28.30
C ALA A 747 48.64 16.71 27.69
N LEU A 748 48.90 16.52 26.41
CA LEU A 748 48.53 15.32 25.70
C LEU A 748 49.71 14.93 24.82
N ASP A 749 49.91 13.63 24.65
CA ASP A 749 51.04 13.16 23.85
C ASP A 749 50.80 13.42 22.36
N ARG A 750 49.53 13.56 21.97
CA ARG A 750 49.22 13.97 20.61
C ARG A 750 49.64 15.40 20.35
N HIS A 751 49.46 16.27 21.34
CA HIS A 751 49.58 17.70 21.13
C HIS A 751 51.03 18.12 21.04
N ARG A 752 51.39 18.69 19.89
CA ARG A 752 52.74 19.15 19.64
C ARG A 752 52.65 20.53 19.03
N ASP A 753 53.73 21.30 19.21
CA ASP A 753 54.12 22.36 18.29
C ASP A 753 53.07 23.48 18.22
N CYS A 754 52.49 23.83 19.36
CA CYS A 754 51.46 24.85 19.33
C CYS A 754 52.08 26.22 19.16
N ARG A 755 52.26 26.60 17.91
CA ARG A 755 53.00 27.81 17.60
C ARG A 755 52.14 29.04 17.91
N ILE A 756 52.79 30.20 17.97
CA ILE A 756 52.25 31.41 18.55
C ILE A 756 52.32 32.49 17.49
N ASP A 757 51.75 33.66 17.76
CA ASP A 757 52.03 34.87 16.99
C ASP A 757 53.24 35.57 17.59
N ALA A 758 54.43 35.12 17.16
CA ALA A 758 55.73 35.81 17.25
C ALA A 758 56.36 35.91 18.63
N GLY A 759 55.69 35.45 19.69
CA GLY A 759 56.35 35.41 20.99
C GLY A 759 56.21 34.13 21.79
N GLY A 760 57.31 33.41 21.97
CA GLY A 760 57.45 32.21 22.78
C GLY A 760 56.85 30.98 22.11
N HIS A 761 57.68 29.95 21.92
CA HIS A 761 57.29 28.84 21.06
C HIS A 761 56.26 27.94 21.75
N GLU A 762 56.31 27.88 23.09
CA GLU A 762 55.23 27.34 23.88
C GLU A 762 54.63 28.48 24.68
N PRO A 763 53.33 28.49 24.93
CA PRO A 763 52.73 29.61 25.64
C PRO A 763 52.99 29.56 27.14
N VAL A 764 53.21 30.73 27.71
CA VAL A 764 53.36 30.90 29.15
C VAL A 764 52.11 31.64 29.60
N TYR A 765 51.75 31.51 30.87
CA TYR A 765 50.44 31.97 31.31
C TYR A 765 50.52 32.92 32.49
N ALA A 766 49.63 33.90 32.48
CA ALA A 766 49.52 34.91 33.52
C ALA A 766 48.24 34.63 34.31
N ALA A 767 48.14 35.24 35.50
CA ALA A 767 46.96 35.03 36.33
C ALA A 767 46.17 36.31 36.55
N ALA A 768 46.74 37.45 36.15
CA ALA A 768 46.08 38.74 36.39
C ALA A 768 46.54 39.76 35.38
N CYS A 769 45.85 40.90 35.37
CA CYS A 769 46.19 42.06 34.55
C CYS A 769 45.55 43.31 35.16
N ASN A 770 46.26 44.43 35.09
CA ASN A 770 45.88 45.65 35.78
C ASN A 770 46.02 46.84 34.84
N VAL A 771 46.01 48.04 35.42
CA VAL A 771 46.34 49.23 34.64
C VAL A 771 47.85 49.38 34.51
N ALA A 772 48.60 48.98 35.54
CA ALA A 772 50.04 49.21 35.55
C ALA A 772 50.79 48.06 34.90
N THR A 773 50.21 46.86 34.94
CA THR A 773 50.87 45.70 34.36
C THR A 773 50.70 45.68 32.84
N ALA A 774 49.63 46.31 32.34
CA ALA A 774 49.18 46.10 30.98
C ALA A 774 50.13 46.71 29.94
N ASP A 775 50.27 46.00 28.82
CA ASP A 775 50.99 46.47 27.65
C ASP A 775 50.16 46.15 26.41
N PHE A 776 49.57 47.20 25.82
CA PHE A 776 48.55 47.01 24.80
C PHE A 776 49.11 46.49 23.49
N ASN A 777 50.43 46.57 23.31
CA ASN A 777 51.15 45.82 22.29
C ASN A 777 52.23 45.01 22.97
N ARG A 778 52.02 43.71 23.11
CA ARG A 778 52.93 42.86 23.85
C ARG A 778 53.79 42.09 22.85
N ASN A 779 54.91 41.55 23.33
CA ASN A 779 55.85 40.83 22.49
C ASN A 779 56.21 39.45 23.06
N ASP A 780 55.42 38.92 23.97
CA ASP A 780 55.85 37.72 24.69
C ASP A 780 54.98 36.50 24.38
N GLY A 781 53.74 36.73 23.93
CA GLY A 781 52.83 35.63 23.69
C GLY A 781 52.19 35.04 24.92
N ARG A 782 52.13 35.79 26.00
CA ARG A 782 51.56 35.26 27.24
C ARG A 782 50.05 35.45 27.24
N LEU A 783 49.35 34.43 27.72
CA LEU A 783 47.90 34.39 27.71
C LEU A 783 47.38 34.73 29.10
N LEU A 784 46.29 35.49 29.14
CA LEU A 784 45.67 35.92 30.40
C LEU A 784 44.57 34.93 30.78
N HIS A 785 44.72 34.32 31.95
CA HIS A 785 43.76 33.37 32.50
C HIS A 785 42.65 34.06 33.26
N ASN A 786 42.78 35.36 33.54
CA ASN A 786 41.97 36.08 34.52
C ASN A 786 40.55 36.34 34.00
N THR A 787 39.78 35.25 33.89
CA THR A 787 38.37 35.32 33.54
C THR A 787 37.49 34.53 34.50
N GLN A 788 38.03 34.16 35.65
CA GLN A 788 37.26 33.42 36.65
C GLN A 788 36.39 34.37 37.46
N ALA A 789 35.47 33.80 38.24
CA ALA A 789 34.56 34.61 39.04
C ALA A 789 35.26 35.22 40.25
N ARG A 790 36.00 34.41 40.99
CA ARG A 790 36.72 34.84 42.18
C ARG A 790 37.86 35.77 41.76
N ALA A 791 37.69 37.07 42.02
CA ALA A 791 38.75 38.02 41.75
C ALA A 791 39.93 37.81 42.69
N ALA A 792 39.66 37.30 43.88
CA ALA A 792 40.74 37.02 44.82
C ALA A 792 41.52 35.78 44.42
N ASP A 793 40.83 34.75 43.93
CA ASP A 793 41.46 33.47 43.64
C ASP A 793 41.81 33.39 42.17
N ALA A 794 43.10 33.55 41.87
CA ALA A 794 43.65 33.32 40.54
C ALA A 794 44.70 32.23 40.67
N ALA A 795 44.95 31.52 39.58
CA ALA A 795 45.92 30.43 39.56
C ALA A 795 46.74 30.50 38.29
N ASP A 796 47.88 29.80 38.28
CA ASP A 796 48.67 29.71 37.06
C ASP A 796 48.10 28.66 36.11
N ASP A 797 47.97 27.43 36.58
CA ASP A 797 47.63 26.32 35.72
C ASP A 797 46.33 25.60 36.08
N ARG A 798 45.73 25.92 37.22
CA ARG A 798 44.54 25.21 37.65
C ARG A 798 43.32 25.66 36.86
N PRO A 799 42.57 24.72 36.30
CA PRO A 799 41.32 25.08 35.62
C PRO A 799 40.16 25.33 36.58
N HIS A 800 39.66 26.57 36.58
CA HIS A 800 38.58 26.92 37.50
C HIS A 800 37.22 26.55 36.92
N ARG A 801 37.07 26.59 35.60
CA ARG A 801 35.86 26.15 34.96
C ARG A 801 35.75 24.62 35.00
N PRO A 802 34.56 24.06 34.81
CA PRO A 802 34.46 22.60 34.67
C PRO A 802 35.04 22.11 33.35
N ALA A 803 35.10 20.78 33.22
CA ALA A 803 35.62 20.19 32.00
C ALA A 803 34.60 20.24 30.88
N ASP A 804 33.32 20.31 31.23
CA ASP A 804 32.28 20.40 30.22
C ASP A 804 32.11 21.84 29.74
N TRP A 805 32.75 22.79 30.42
CA TRP A 805 32.68 24.18 30.01
C TRP A 805 33.35 24.41 28.67
N THR A 806 34.44 23.69 28.42
CA THR A 806 35.14 23.83 27.15
C THR A 806 34.42 23.10 26.04
N VAL A 807 33.76 21.98 26.36
CA VAL A 807 33.08 21.19 25.35
C VAL A 807 31.84 21.91 24.85
N HIS A 808 31.13 22.60 25.74
CA HIS A 808 29.93 23.33 25.34
C HIS A 808 30.25 24.52 24.45
N HIS A 809 31.49 25.02 24.50
CA HIS A 809 31.88 26.11 23.62
C HIS A 809 31.97 25.67 22.17
N LYS A 810 32.65 24.55 21.92
CA LYS A 810 32.86 24.09 20.55
C LYS A 810 31.56 23.61 19.93
N ILE A 811 30.61 23.15 20.74
CA ILE A 811 29.29 22.82 20.24
C ILE A 811 28.55 24.10 19.85
N TYR A 812 28.86 25.21 20.52
CA TYR A 812 28.18 26.43 20.15
C TYR A 812 28.73 27.01 18.85
N TYR A 813 30.04 27.25 18.81
CA TYR A 813 30.59 28.03 17.70
C TYR A 813 30.68 27.19 16.42
N TYR A 814 30.95 25.90 16.53
CA TYR A 814 31.17 25.12 15.32
C TYR A 814 29.88 24.53 14.77
N VAL A 815 28.83 24.43 15.59
CA VAL A 815 27.63 23.73 15.18
C VAL A 815 26.42 24.65 15.08
N LEU A 816 26.08 25.37 16.16
CA LEU A 816 24.93 26.26 16.12
C LEU A 816 25.21 27.49 15.26
N VAL A 817 26.41 28.03 15.35
CA VAL A 817 26.73 29.27 14.63
C VAL A 817 26.71 29.13 13.12
N PRO A 818 27.26 28.07 12.48
CA PRO A 818 27.07 27.96 11.02
C PRO A 818 25.63 27.73 10.61
N ALA A 819 24.80 27.20 11.51
CA ALA A 819 23.40 27.01 11.18
C ALA A 819 22.66 28.35 11.15
N PHE A 820 22.96 29.23 12.09
CA PHE A 820 22.21 30.48 12.14
C PHE A 820 22.85 31.56 11.28
N SER A 821 24.16 31.48 11.04
CA SER A 821 24.77 32.46 10.16
C SER A 821 24.55 32.10 8.70
N ARG A 822 24.47 30.80 8.41
CA ARG A 822 24.45 30.24 7.05
C ARG A 822 25.65 30.73 6.24
N GLY A 823 26.80 30.84 6.89
CA GLY A 823 28.02 31.19 6.21
C GLY A 823 28.27 32.67 6.02
N ARG A 824 27.66 33.53 6.82
CA ARG A 824 27.95 34.96 6.80
C ARG A 824 28.21 35.44 8.22
N CYS A 825 29.46 35.32 8.64
CA CYS A 825 29.92 35.69 9.97
C CYS A 825 31.45 35.69 9.98
N CYS A 826 32.06 36.36 10.94
CA CYS A 826 33.52 36.37 10.98
C CYS A 826 34.00 36.52 12.42
N THR A 827 35.27 36.17 12.64
CA THR A 827 35.92 36.30 13.93
C THR A 827 37.08 37.27 13.81
N ALA A 828 36.95 38.44 14.46
CA ALA A 828 37.87 39.54 14.26
C ALA A 828 38.82 39.71 15.44
N GLY A 829 40.06 40.07 15.14
CA GLY A 829 41.00 40.45 16.18
C GLY A 829 40.63 41.81 16.74
N VAL A 830 40.99 42.04 18.00
CA VAL A 830 40.45 43.15 18.78
C VAL A 830 41.55 44.16 19.03
N ARG A 831 41.26 45.43 18.77
CA ARG A 831 42.11 46.52 19.25
C ARG A 831 41.62 46.99 20.61
N PHE A 832 42.16 46.42 21.68
CA PHE A 832 41.70 46.78 23.03
C PHE A 832 42.13 48.19 23.42
N ASP A 833 43.18 48.71 22.80
CA ASP A 833 43.63 50.05 23.11
C ASP A 833 42.62 51.10 22.63
N ARG A 834 42.02 50.86 21.47
CA ARG A 834 41.06 51.83 20.95
C ARG A 834 39.68 51.59 21.51
N VAL A 835 39.41 50.37 21.99
CA VAL A 835 38.14 50.08 22.63
C VAL A 835 38.06 50.75 23.99
N TYR A 836 39.15 50.68 24.76
CA TYR A 836 39.15 51.26 26.10
C TYR A 836 39.13 52.77 26.06
N ALA A 837 39.69 53.38 25.02
CA ALA A 837 39.75 54.84 24.94
C ALA A 837 38.39 55.45 24.63
N THR A 838 37.42 54.61 24.27
CA THR A 838 36.08 55.11 23.99
C THR A 838 35.06 54.58 24.99
N LEU A 839 35.35 53.43 25.62
CA LEU A 839 34.47 52.95 26.69
C LEU A 839 34.50 53.87 27.89
N GLN A 840 35.67 54.03 28.51
CA GLN A 840 35.83 54.88 29.69
C GLN A 840 35.99 56.34 29.33
N ASN A 841 35.74 56.69 28.07
CA ASN A 841 35.49 58.05 27.63
C ASN A 841 34.02 58.35 27.92
N MET A 842 33.71 58.66 29.17
CA MET A 842 32.30 58.84 29.53
C MET A 842 32.04 60.26 29.97
N VAL A 843 30.83 60.72 29.67
CA VAL A 843 30.29 61.95 30.21
C VAL A 843 29.13 61.58 31.12
N VAL A 844 29.36 61.65 32.43
CA VAL A 844 28.33 61.41 33.42
C VAL A 844 28.13 62.72 34.18
N PRO A 845 27.01 63.41 33.99
CA PRO A 845 26.82 64.72 34.63
C PRO A 845 26.46 64.60 36.09
N GLU A 846 26.60 65.70 36.84
CA GLU A 846 26.35 65.68 38.26
C GLU A 846 24.88 65.97 38.56
N ILE A 847 24.30 65.18 39.48
CA ILE A 847 22.92 65.39 39.90
C ILE A 847 22.90 66.37 41.08
N ALA A 848 21.82 67.16 41.16
CA ALA A 848 21.70 68.18 42.17
C ALA A 848 21.40 67.57 43.54
N PRO A 849 21.70 68.30 44.63
CA PRO A 849 21.22 67.84 45.95
C PRO A 849 19.71 67.93 46.05
N GLY A 850 19.09 66.79 46.34
CA GLY A 850 17.65 66.73 46.38
C GLY A 850 17.00 66.56 45.02
N GLU A 851 17.56 65.69 44.18
CA GLU A 851 17.03 65.41 42.85
C GLU A 851 16.99 63.90 42.65
N GLU A 852 15.98 63.42 41.94
CA GLU A 852 15.86 62.00 41.66
C GLU A 852 16.74 61.60 40.48
N CYS A 853 16.72 60.31 40.17
CA CYS A 853 17.51 59.82 39.05
C CYS A 853 16.79 60.13 37.74
N PRO A 854 17.50 60.52 36.69
CA PRO A 854 16.86 60.73 35.39
C PRO A 854 16.42 59.40 34.79
N SER A 855 15.13 59.33 34.45
CA SER A 855 14.60 58.10 33.85
C SER A 855 14.66 58.16 32.33
N ASP A 856 14.34 59.32 31.74
CA ASP A 856 14.23 59.45 30.30
C ASP A 856 15.30 60.38 29.76
N PRO A 857 15.91 60.04 28.62
CA PRO A 857 16.91 60.95 28.04
C PRO A 857 16.29 62.17 27.39
N VAL A 858 15.07 62.05 26.86
CA VAL A 858 14.51 63.12 26.05
C VAL A 858 14.02 64.26 26.94
N THR A 859 13.29 63.92 28.00
CA THR A 859 12.66 64.95 28.83
C THR A 859 13.66 65.63 29.74
N ASP A 860 14.42 64.86 30.52
CA ASP A 860 15.32 65.40 31.52
C ASP A 860 16.67 65.69 30.90
N PRO A 861 17.21 66.90 31.03
CA PRO A 861 18.59 67.13 30.58
C PRO A 861 19.65 66.56 31.50
N ALA A 862 19.26 66.08 32.69
CA ALA A 862 20.23 65.49 33.60
C ALA A 862 20.63 64.09 33.18
N HIS A 863 19.89 63.48 32.26
CA HIS A 863 20.26 62.17 31.74
C HIS A 863 21.45 62.31 30.80
N PRO A 864 22.42 61.39 30.85
CA PRO A 864 23.64 61.58 30.03
C PRO A 864 23.43 61.38 28.54
N LEU A 865 22.35 60.71 28.12
CA LEU A 865 22.04 60.63 26.70
C LEU A 865 21.11 61.72 26.24
N HIS A 866 20.97 62.81 27.00
CA HIS A 866 20.28 63.98 26.51
C HIS A 866 21.15 64.66 25.44
N PRO A 867 20.55 65.32 24.46
CA PRO A 867 21.37 66.00 23.43
C PRO A 867 22.22 67.17 23.94
N ALA A 868 22.05 67.59 25.20
CA ALA A 868 23.03 68.50 25.79
C ALA A 868 24.29 67.75 26.19
N ASN A 869 24.15 66.60 26.85
CA ASN A 869 25.32 65.87 27.31
C ASN A 869 25.90 65.01 26.20
N LEU A 870 25.22 64.93 25.05
CA LEU A 870 25.83 64.29 23.90
C LEU A 870 27.05 65.08 23.43
N VAL A 871 28.22 64.59 23.80
CA VAL A 871 29.46 65.13 23.29
C VAL A 871 29.90 64.18 22.19
N ALA A 872 30.52 64.73 21.16
CA ALA A 872 31.14 63.90 20.13
C ALA A 872 32.27 63.07 20.75
N ASN A 873 32.36 61.82 20.33
CA ASN A 873 33.42 60.85 20.60
C ASN A 873 33.48 60.35 22.04
N THR A 874 32.43 60.51 22.83
CA THR A 874 32.37 59.85 24.13
C THR A 874 31.32 58.74 24.12
N VAL A 875 31.12 58.10 25.27
CA VAL A 875 30.50 56.78 25.27
C VAL A 875 28.99 56.88 25.10
N LYS A 876 28.45 58.04 25.51
CA LYS A 876 26.99 58.31 25.35
C LYS A 876 26.70 58.35 23.85
N ARG A 877 27.59 59.01 23.10
CA ARG A 877 27.48 59.08 21.65
C ARG A 877 27.59 57.69 21.05
N MET A 878 28.43 56.83 21.63
CA MET A 878 28.42 55.42 21.25
C MET A 878 27.12 54.76 21.70
N PHE A 879 26.56 55.20 22.84
CA PHE A 879 25.23 54.73 23.24
C PHE A 879 24.13 55.34 22.39
N HIS A 880 24.47 56.27 21.48
CA HIS A 880 23.47 56.84 20.61
C HIS A 880 23.64 56.36 19.18
N ASN A 881 24.80 55.80 18.85
CA ASN A 881 24.96 55.12 17.56
C ASN A 881 24.06 53.89 17.50
N GLY A 882 23.88 53.23 18.63
CA GLY A 882 22.81 52.27 18.80
C GLY A 882 21.96 52.67 19.99
N ARG A 883 20.71 53.02 19.70
CA ARG A 883 19.83 53.69 20.66
C ARG A 883 19.47 52.72 21.77
N VAL A 884 20.14 52.88 22.92
CA VAL A 884 19.97 52.02 24.08
C VAL A 884 19.74 52.91 25.29
N VAL A 885 18.63 52.67 25.98
CA VAL A 885 18.20 53.51 27.10
C VAL A 885 18.91 53.04 28.36
N VAL A 886 19.91 53.79 28.79
CA VAL A 886 20.68 53.48 29.99
C VAL A 886 20.76 54.74 30.84
N ASP A 887 20.35 54.63 32.10
CA ASP A 887 20.41 55.75 33.02
C ASP A 887 21.81 55.93 33.61
N GLY A 888 21.90 56.80 34.63
CA GLY A 888 23.15 57.20 35.23
C GLY A 888 23.96 56.13 35.91
N PRO A 889 23.49 55.53 37.01
CA PRO A 889 24.38 54.67 37.81
C PRO A 889 24.74 53.33 37.17
N ALA A 890 24.14 52.99 36.03
CA ALA A 890 24.58 51.80 35.32
C ALA A 890 25.90 52.03 34.61
N MET A 891 25.98 53.07 33.78
CA MET A 891 27.21 53.36 33.06
C MET A 891 28.25 53.99 33.98
N LEU A 892 27.81 54.46 35.15
CA LEU A 892 28.74 54.96 36.16
C LEU A 892 29.66 53.86 36.67
N THR A 893 29.19 52.60 36.68
CA THR A 893 29.97 51.48 37.17
C THR A 893 30.82 50.82 36.11
N LEU A 894 31.21 51.54 35.06
CA LEU A 894 32.06 50.94 34.05
C LEU A 894 33.53 50.88 34.48
N GLN A 895 33.87 51.49 35.62
CA GLN A 895 35.25 51.62 36.06
C GLN A 895 35.86 50.32 36.60
N VAL A 896 35.15 49.20 36.51
CA VAL A 896 35.73 47.91 36.86
C VAL A 896 36.72 47.44 35.79
N LEU A 897 36.65 48.04 34.60
CA LEU A 897 37.53 47.64 33.50
C LEU A 897 38.99 47.99 33.76
N ALA A 898 39.25 48.90 34.70
CA ALA A 898 40.62 49.17 35.10
C ALA A 898 41.23 47.98 35.84
N HIS A 899 40.41 47.27 36.63
CA HIS A 899 40.93 46.23 37.50
C HIS A 899 41.29 44.98 36.71
N ASN A 900 40.59 44.73 35.61
CA ASN A 900 40.89 43.62 34.72
C ASN A 900 40.67 44.05 33.29
N MET A 901 41.67 43.81 32.45
CA MET A 901 41.59 44.23 31.07
C MET A 901 42.41 43.29 30.22
N ALA A 902 42.16 43.34 28.92
CA ALA A 902 42.98 42.67 27.93
C ALA A 902 43.80 43.75 27.25
N GLU A 903 44.76 43.33 26.44
CA GLU A 903 45.66 44.29 25.83
C GLU A 903 45.63 44.21 24.31
N ARG A 904 45.68 42.99 23.77
CA ARG A 904 45.50 42.70 22.36
C ARG A 904 45.27 41.20 22.24
N THR A 905 44.86 40.79 21.06
CA THR A 905 44.63 39.37 20.83
C THR A 905 45.91 38.67 20.41
N THR A 906 45.89 37.35 20.52
CA THR A 906 46.98 36.51 20.04
C THR A 906 46.42 35.50 19.07
N ALA A 907 46.91 35.52 17.83
CA ALA A 907 46.58 34.51 16.85
C ALA A 907 47.35 33.25 17.24
N LEU A 908 46.66 32.12 17.28
CA LEU A 908 47.21 30.94 17.91
C LEU A 908 46.93 29.71 17.05
N LEU A 909 47.93 28.85 16.94
CA LEU A 909 47.89 27.66 16.09
C LEU A 909 48.50 26.48 16.83
N CYS A 910 47.67 25.53 17.22
CA CYS A 910 48.16 24.28 17.78
C CYS A 910 48.15 23.21 16.71
N SER A 911 48.81 22.09 16.99
CA SER A 911 48.81 20.94 16.10
C SER A 911 48.46 19.70 16.91
N ALA A 912 47.94 18.69 16.22
CA ALA A 912 47.54 17.45 16.86
C ALA A 912 47.88 16.28 15.95
N ALA A 913 48.29 15.19 16.56
CA ALA A 913 48.51 13.95 15.83
C ALA A 913 47.21 13.17 15.78
N PRO A 914 47.09 12.20 14.87
CA PRO A 914 45.93 11.32 14.92
C PRO A 914 45.91 10.50 16.20
N ASP A 915 44.72 10.40 16.77
CA ASP A 915 44.51 9.86 18.11
C ASP A 915 44.77 8.36 18.16
N ALA A 916 44.75 7.83 19.39
CA ALA A 916 45.00 6.42 19.62
C ALA A 916 43.92 5.58 18.96
N GLY A 917 44.34 4.68 18.10
CA GLY A 917 43.46 3.93 17.25
C GLY A 917 43.46 4.38 15.81
N ALA A 918 43.71 5.66 15.56
CA ALA A 918 43.91 6.12 14.19
C ALA A 918 45.34 6.43 13.89
N ASN A 919 46.30 5.77 14.53
CA ASN A 919 47.65 6.27 14.51
C ASN A 919 48.64 5.18 14.09
N THR A 920 48.23 4.32 13.14
CA THR A 920 48.81 2.99 13.01
C THR A 920 50.28 2.96 12.59
N ALA A 921 50.58 3.19 11.32
CA ALA A 921 51.94 3.48 10.87
C ALA A 921 52.00 4.70 9.98
N SER A 922 51.18 4.72 8.93
CA SER A 922 51.33 5.72 7.89
C SER A 922 50.69 7.04 8.28
N THR A 923 49.89 7.03 9.33
CA THR A 923 49.34 8.27 9.86
C THR A 923 50.11 8.78 11.06
N ALA A 924 51.18 8.09 11.45
CA ALA A 924 51.97 8.52 12.60
C ALA A 924 52.70 9.84 12.32
N ASN A 925 53.05 10.09 11.06
CA ASN A 925 53.74 11.33 10.74
C ASN A 925 52.75 12.40 10.29
N MET A 926 51.48 12.06 10.20
CA MET A 926 50.48 13.04 9.78
C MET A 926 50.19 14.03 10.89
N ARG A 927 49.75 15.21 10.51
CA ARG A 927 49.41 16.25 11.47
C ARG A 927 48.04 16.80 11.16
N ILE A 928 47.54 17.63 12.08
CA ILE A 928 46.28 18.35 11.93
C ILE A 928 46.52 19.77 12.40
N PHE A 929 46.33 20.73 11.51
CA PHE A 929 46.63 22.12 11.83
C PHE A 929 45.35 22.93 11.90
N ASP A 930 44.95 23.27 13.12
CA ASP A 930 43.75 24.06 13.36
C ASP A 930 44.14 25.22 14.26
N GLY A 931 43.54 26.39 14.01
CA GLY A 931 43.92 27.57 14.76
C GLY A 931 42.80 28.19 15.56
N ALA A 932 43.13 29.15 16.43
CA ALA A 932 42.13 29.87 17.20
C ALA A 932 42.60 31.26 17.55
N LEU A 933 41.87 31.90 18.46
CA LEU A 933 42.20 33.21 18.97
C LEU A 933 42.12 33.19 20.49
N HIS A 934 43.00 33.93 21.16
CA HIS A 934 42.87 34.07 22.60
C HIS A 934 41.94 35.23 22.96
N ALA A 935 41.95 36.26 22.14
CA ALA A 935 40.91 37.28 22.20
C ALA A 935 40.33 37.37 20.79
N GLY A 936 39.04 37.59 20.70
CA GLY A 936 38.42 37.68 19.39
C GLY A 936 36.92 37.81 19.50
N VAL A 937 36.35 38.60 18.62
CA VAL A 937 34.92 38.86 18.61
C VAL A 937 34.33 38.20 17.37
N LEU A 938 33.39 37.28 17.59
CA LEU A 938 32.61 36.70 16.52
C LEU A 938 31.65 37.73 15.96
N LEU A 939 32.01 38.32 14.82
CA LEU A 939 31.18 39.32 14.15
C LEU A 939 30.03 38.61 13.46
N MET A 940 28.82 38.99 13.83
CA MET A 940 27.64 38.33 13.31
C MET A 940 27.22 38.93 11.97
N ALA A 941 27.23 40.25 11.88
CA ALA A 941 26.63 40.92 10.75
C ALA A 941 27.71 41.55 9.89
N PRO A 942 27.81 41.18 8.63
CA PRO A 942 28.74 41.87 7.74
C PRO A 942 28.23 43.24 7.33
N GLN A 943 28.79 44.28 7.94
CA GLN A 943 28.46 45.65 7.57
C GLN A 943 29.74 46.39 7.25
N HIS A 944 29.77 47.04 6.10
CA HIS A 944 30.84 47.94 5.72
C HIS A 944 30.32 49.19 5.02
N LEU A 945 29.03 49.22 4.69
CA LEU A 945 28.39 50.44 4.23
C LEU A 945 27.91 51.24 5.42
N ASP A 946 28.84 51.63 6.28
CA ASP A 946 28.55 52.55 7.37
C ASP A 946 29.77 53.43 7.64
N HIS A 947 29.53 54.73 7.76
CA HIS A 947 30.56 55.64 8.24
C HIS A 947 29.98 56.31 9.47
N THR A 948 30.04 55.59 10.57
CA THR A 948 30.03 56.13 11.92
C THR A 948 31.12 55.48 12.74
N ILE A 949 31.60 54.32 12.32
CA ILE A 949 32.87 53.75 12.74
C ILE A 949 33.74 53.70 11.49
N GLN A 950 34.91 54.31 11.59
CA GLN A 950 35.92 54.14 10.55
C GLN A 950 36.29 52.68 10.43
N ASN A 951 36.37 52.19 9.19
CA ASN A 951 36.40 50.75 8.94
C ASN A 951 37.71 50.14 9.42
N GLY A 952 37.59 49.21 10.35
CA GLY A 952 38.75 48.53 10.86
C GLY A 952 39.44 49.18 12.04
N GLU A 953 38.76 50.05 12.79
CA GLU A 953 39.41 50.68 13.92
C GLU A 953 39.45 49.75 15.13
N TYR A 954 38.29 49.35 15.64
CA TYR A 954 38.21 48.43 16.75
C TYR A 954 38.66 47.04 16.40
N PHE A 955 38.39 46.60 15.17
CA PHE A 955 38.50 45.21 14.78
C PHE A 955 39.35 45.14 13.51
N TYR A 956 39.71 43.93 13.15
CA TYR A 956 40.32 43.63 11.86
C TYR A 956 40.04 42.17 11.58
N VAL A 957 39.94 41.82 10.29
CA VAL A 957 39.03 40.75 9.89
C VAL A 957 39.50 39.37 10.35
N LEU A 958 40.67 38.88 9.87
CA LEU A 958 41.31 37.59 10.16
C LEU A 958 40.38 36.38 10.37
N PRO A 959 39.77 35.86 9.33
CA PRO A 959 39.03 34.61 9.48
C PRO A 959 39.93 33.43 9.78
N VAL A 960 39.76 32.82 10.95
CA VAL A 960 40.60 31.68 11.27
C VAL A 960 40.14 30.45 10.53
N HIS A 961 38.91 30.46 10.02
CA HIS A 961 38.30 29.28 9.45
C HIS A 961 37.23 29.70 8.45
N ALA A 962 36.96 28.80 7.51
CA ALA A 962 36.07 29.12 6.41
C ALA A 962 34.62 29.23 6.86
N LEU A 963 34.29 28.61 8.00
CA LEU A 963 33.00 28.86 8.64
C LEU A 963 32.87 30.30 9.09
N PHE A 964 33.99 30.95 9.39
CA PHE A 964 34.01 32.28 9.94
C PHE A 964 34.69 33.21 8.94
N ALA A 965 34.59 32.86 7.67
CA ALA A 965 35.11 33.67 6.59
C ALA A 965 33.96 34.29 5.84
N GLY A 966 33.50 35.44 6.32
CA GLY A 966 32.37 36.09 5.71
C GLY A 966 32.73 36.73 4.39
N ALA A 967 31.82 36.64 3.42
CA ALA A 967 32.11 37.16 2.09
C ALA A 967 32.14 38.67 2.06
N ASP A 968 31.54 39.32 3.07
CA ASP A 968 31.48 40.77 3.07
C ASP A 968 32.32 41.36 4.20
N HIS A 969 32.84 40.51 5.08
CA HIS A 969 33.89 40.96 5.98
C HIS A 969 35.22 40.99 5.26
N VAL A 970 35.57 39.88 4.61
CA VAL A 970 36.91 39.67 4.09
C VAL A 970 37.15 40.54 2.87
N ALA A 971 36.17 40.64 1.98
CA ALA A 971 36.32 41.45 0.77
C ALA A 971 36.41 42.93 1.09
N ASN A 972 35.95 43.34 2.26
CA ASN A 972 35.88 44.73 2.65
C ASN A 972 36.93 45.11 3.69
N ALA A 973 38.14 44.58 3.56
CA ALA A 973 39.27 45.14 4.27
C ALA A 973 39.50 46.58 3.80
N PRO A 974 39.98 47.45 4.67
CA PRO A 974 40.25 48.84 4.26
C PRO A 974 41.29 48.96 3.17
N ASN A 975 42.25 48.05 3.15
CA ASN A 975 43.14 47.87 2.00
C ASN A 975 42.93 46.45 1.49
N PHE A 976 42.53 46.35 0.23
CA PHE A 976 42.13 45.05 -0.31
C PHE A 976 42.48 45.03 -1.79
N PRO A 977 43.08 43.96 -2.27
CA PRO A 977 43.52 43.91 -3.67
C PRO A 977 42.33 43.78 -4.62
N PRO A 978 42.29 44.59 -5.69
CA PRO A 978 41.07 44.66 -6.49
C PRO A 978 40.91 43.50 -7.45
N ALA A 979 41.96 42.73 -7.69
CA ALA A 979 41.85 41.59 -8.58
C ALA A 979 41.16 40.40 -7.93
N LEU A 980 40.90 40.46 -6.64
CA LEU A 980 40.31 39.38 -5.89
C LEU A 980 38.92 39.72 -5.36
N ARG A 981 38.05 40.28 -6.18
CA ARG A 981 36.72 40.63 -5.67
C ARG A 981 35.73 39.50 -5.89
N ASP A 982 35.74 38.89 -7.08
CA ASP A 982 34.82 37.78 -7.33
C ASP A 982 35.28 36.53 -6.57
N LEU A 983 36.59 36.32 -6.51
CA LEU A 983 37.09 35.14 -5.82
C LEU A 983 36.88 35.25 -4.31
N ALA A 984 36.70 36.48 -3.81
CA ALA A 984 36.44 36.69 -2.39
C ALA A 984 35.06 36.19 -2.01
N ARG A 985 34.14 36.09 -2.96
CA ARG A 985 32.77 35.78 -2.61
C ARG A 985 32.54 34.28 -2.51
N ASP A 986 33.02 33.51 -3.49
CA ASP A 986 32.69 32.09 -3.50
C ASP A 986 33.78 31.26 -2.81
N VAL A 987 35.03 31.70 -2.88
CA VAL A 987 36.14 31.03 -2.22
C VAL A 987 36.35 31.68 -0.87
N PRO A 988 36.57 30.93 0.21
CA PRO A 988 36.99 31.54 1.47
C PRO A 988 38.44 32.00 1.40
N LEU A 989 38.78 32.99 2.22
CA LEU A 989 40.14 33.48 2.29
C LEU A 989 40.66 33.34 3.73
N VAL A 990 41.07 32.13 4.08
CA VAL A 990 41.67 31.83 5.38
C VAL A 990 43.17 31.94 5.20
N PRO A 991 43.89 32.72 6.00
CA PRO A 991 45.35 32.77 5.89
C PRO A 991 45.97 31.46 6.34
N PRO A 992 47.03 31.02 5.68
CA PRO A 992 47.60 29.70 6.02
C PRO A 992 48.41 29.70 7.30
N ALA A 993 48.61 30.87 7.90
CA ALA A 993 49.18 30.93 9.23
C ALA A 993 48.20 30.39 10.26
N LEU A 994 46.92 30.74 10.12
CA LEU A 994 45.92 30.29 11.08
C LEU A 994 45.43 28.89 10.75
N GLY A 995 45.44 28.52 9.48
CA GLY A 995 45.03 27.18 9.08
C GLY A 995 44.85 27.08 7.59
N ALA A 996 44.88 25.86 7.10
CA ALA A 996 44.60 25.59 5.70
C ALA A 996 43.55 24.50 5.61
N ASN A 997 43.08 24.22 4.38
CA ASN A 997 41.93 23.35 4.20
C ASN A 997 42.24 21.91 4.60
N TYR A 998 43.26 21.34 3.98
CA TYR A 998 43.51 19.91 4.11
C TYR A 998 43.96 19.55 5.51
N PHE A 999 44.55 20.51 6.21
CA PHE A 999 45.14 20.21 7.50
C PHE A 999 44.18 20.57 8.63
N SER A 1000 43.11 21.29 8.33
CA SER A 1000 42.12 21.58 9.34
C SER A 1000 41.29 20.34 9.62
N SER A 1001 40.74 20.27 10.83
CA SER A 1001 39.81 19.20 11.14
C SER A 1001 38.53 19.36 10.36
N ILE A 1002 38.07 20.58 10.19
CA ILE A 1002 36.85 20.86 9.46
C ILE A 1002 37.21 21.39 8.07
N ARG A 1003 37.10 20.54 7.07
CA ARG A 1003 37.45 20.89 5.71
C ARG A 1003 36.35 21.74 5.07
N GLN A 1004 36.43 21.85 3.75
CA GLN A 1004 35.44 22.63 3.01
C GLN A 1004 33.99 22.12 3.03
N PRO A 1005 33.65 20.81 2.91
CA PRO A 1005 32.24 20.46 2.68
C PRO A 1005 31.26 20.82 3.80
N VAL A 1006 31.71 20.81 5.06
CA VAL A 1006 30.84 21.25 6.15
C VAL A 1006 30.52 22.73 6.02
N VAL A 1007 31.50 23.51 5.54
CA VAL A 1007 31.28 24.94 5.33
C VAL A 1007 30.24 25.17 4.23
N GLN A 1008 30.28 24.35 3.18
CA GLN A 1008 29.27 24.47 2.13
C GLN A 1008 27.94 23.95 2.61
N HIS A 1009 27.97 22.92 3.47
CA HIS A 1009 26.75 22.37 4.05
C HIS A 1009 26.09 23.35 5.01
N ALA A 1010 26.85 24.34 5.47
CA ALA A 1010 26.27 25.38 6.31
C ALA A 1010 25.32 26.27 5.52
N ARG A 1011 25.54 26.40 4.21
CA ARG A 1011 24.78 27.41 3.48
C ARG A 1011 23.99 26.80 2.32
N GLU A 1012 24.25 25.54 1.98
CA GLU A 1012 23.55 24.94 0.86
C GLU A 1012 22.24 24.30 1.31
N SER A 1013 22.14 23.98 2.61
CA SER A 1013 21.06 23.14 3.08
C SER A 1013 19.71 23.86 3.04
N ALA A 1014 18.65 23.07 2.92
CA ALA A 1014 17.30 23.58 2.88
C ALA A 1014 16.48 23.17 4.10
N ALA A 1015 17.09 22.45 5.04
CA ALA A 1015 16.37 21.95 6.19
C ALA A 1015 16.18 23.06 7.22
N GLY A 1016 15.42 22.74 8.26
CA GLY A 1016 15.19 23.70 9.33
C GLY A 1016 16.41 23.85 10.21
N GLU A 1017 16.39 24.92 11.02
CA GLU A 1017 17.54 25.21 11.87
C GLU A 1017 17.67 24.21 13.01
N ASN A 1018 16.58 23.53 13.37
CA ASN A 1018 16.71 22.36 14.24
C ASN A 1018 17.18 21.16 13.45
N ALA A 1019 16.73 21.05 12.20
CA ALA A 1019 17.08 19.88 11.41
C ALA A 1019 18.51 19.97 10.90
N LEU A 1020 18.99 21.18 10.60
CA LEU A 1020 20.35 21.35 10.15
C LEU A 1020 21.34 21.07 11.27
N THR A 1021 20.92 21.34 12.52
CA THR A 1021 21.81 21.21 13.67
C THR A 1021 22.18 19.76 13.93
N TYR A 1022 21.18 18.89 14.10
CA TYR A 1022 21.44 17.50 14.46
C TYR A 1022 22.15 16.75 13.35
N ALA A 1023 21.96 17.17 12.09
CA ALA A 1023 22.81 16.68 11.02
C ALA A 1023 24.23 17.16 11.22
N LEU A 1024 24.41 18.45 11.42
CA LEU A 1024 25.75 19.01 11.43
C LEU A 1024 26.43 18.74 12.76
N MET A 1025 25.64 18.54 13.82
CA MET A 1025 26.21 18.06 15.08
C MET A 1025 26.71 16.63 14.95
N ALA A 1026 25.92 15.76 14.31
CA ALA A 1026 26.36 14.39 14.12
C ALA A 1026 27.22 14.24 12.87
N GLY A 1027 27.41 15.34 12.14
CA GLY A 1027 28.47 15.36 11.16
C GLY A 1027 29.86 15.29 11.77
N TYR A 1028 29.97 15.59 13.07
CA TYR A 1028 31.27 15.57 13.72
C TYR A 1028 31.53 14.30 14.49
N PHE A 1029 31.14 13.15 13.95
CA PHE A 1029 31.69 11.89 14.43
C PHE A 1029 32.96 11.57 13.66
N LYS A 1030 33.96 11.05 14.38
CA LYS A 1030 35.27 10.80 13.78
C LYS A 1030 35.21 9.66 12.79
N MET A 1031 36.29 9.50 12.04
CA MET A 1031 36.43 8.36 11.14
C MET A 1031 37.58 7.45 11.53
N SER A 1032 38.07 7.56 12.76
CA SER A 1032 39.01 6.59 13.29
C SER A 1032 38.32 5.24 13.42
N PRO A 1033 39.05 4.13 13.26
CA PRO A 1033 38.38 2.84 13.31
C PRO A 1033 37.94 2.44 14.70
N VAL A 1034 38.38 3.16 15.72
CA VAL A 1034 37.78 2.98 17.04
C VAL A 1034 36.46 3.74 17.12
N ALA A 1035 36.37 4.88 16.45
CA ALA A 1035 35.09 5.60 16.41
C ALA A 1035 34.07 4.83 15.61
N LEU A 1036 34.50 4.17 14.53
CA LEU A 1036 33.58 3.37 13.75
C LEU A 1036 33.29 2.03 14.42
N TYR A 1037 33.97 1.72 15.51
CA TYR A 1037 33.43 0.69 16.38
C TYR A 1037 32.18 1.21 17.06
N HIS A 1038 32.18 2.48 17.44
CA HIS A 1038 31.09 2.97 18.28
C HIS A 1038 29.89 3.36 17.43
N GLN A 1039 30.13 3.88 16.23
CA GLN A 1039 29.03 4.38 15.41
C GLN A 1039 28.19 3.22 14.89
N LEU A 1040 28.81 2.07 14.71
CA LEU A 1040 28.12 0.96 14.08
C LEU A 1040 27.51 0.01 15.12
N LYS A 1041 28.24 -0.25 16.22
CA LYS A 1041 27.68 -1.09 17.27
C LYS A 1041 26.50 -0.42 17.95
N THR A 1042 26.49 0.91 18.01
CA THR A 1042 25.27 1.57 18.41
C THR A 1042 24.27 1.57 17.26
N GLY A 1043 24.71 1.86 16.05
CA GLY A 1043 23.89 1.66 14.88
C GLY A 1043 23.76 2.84 13.95
N LEU A 1044 24.27 4.01 14.33
CA LEU A 1044 24.14 5.20 13.51
C LEU A 1044 24.92 5.06 12.20
N HIS A 1045 24.43 5.70 11.16
CA HIS A 1045 25.02 5.53 9.85
C HIS A 1045 26.24 6.44 9.70
N PRO A 1046 27.42 5.88 9.40
CA PRO A 1046 28.66 6.65 9.41
C PRO A 1046 28.86 7.57 8.22
N GLY A 1047 27.90 7.70 7.31
CA GLY A 1047 28.03 8.60 6.20
C GLY A 1047 28.41 7.97 4.89
N PHE A 1048 29.09 6.83 4.88
CA PHE A 1048 29.42 6.14 3.65
C PHE A 1048 28.91 4.72 3.71
N GLY A 1049 28.43 4.22 2.59
CA GLY A 1049 27.75 2.94 2.62
C GLY A 1049 28.60 1.77 2.18
N PHE A 1050 28.10 0.57 2.37
CA PHE A 1050 28.84 -0.63 2.01
C PHE A 1050 28.14 -1.38 0.90
N THR A 1051 28.93 -1.95 0.00
CA THR A 1051 28.42 -3.02 -0.84
C THR A 1051 28.83 -4.34 -0.21
N VAL A 1052 27.91 -5.28 -0.18
CA VAL A 1052 28.18 -6.64 0.26
C VAL A 1052 28.63 -7.37 -0.98
N VAL A 1053 29.64 -8.22 -0.84
CA VAL A 1053 30.00 -9.17 -1.88
C VAL A 1053 30.07 -10.52 -1.23
N ARG A 1054 29.38 -11.48 -1.80
CA ARG A 1054 29.30 -12.82 -1.26
C ARG A 1054 29.14 -13.80 -2.39
N GLN A 1055 29.61 -15.02 -2.17
CA GLN A 1055 29.63 -16.05 -3.20
C GLN A 1055 28.87 -17.26 -2.74
N ASP A 1056 27.70 -17.48 -3.32
CA ASP A 1056 26.91 -18.65 -3.00
C ASP A 1056 27.17 -19.70 -4.07
N ARG A 1057 26.92 -20.96 -3.72
CA ARG A 1057 27.30 -22.11 -4.53
C ARG A 1057 26.13 -23.08 -4.59
N PHE A 1058 25.81 -23.57 -5.77
CA PHE A 1058 24.57 -24.30 -6.00
C PHE A 1058 24.85 -25.67 -6.60
N VAL A 1059 24.30 -26.71 -5.99
CA VAL A 1059 24.17 -27.99 -6.69
C VAL A 1059 23.13 -27.84 -7.79
N THR A 1060 23.49 -28.22 -9.00
CA THR A 1060 22.61 -28.08 -10.15
C THR A 1060 22.36 -29.45 -10.76
N GLU A 1061 21.59 -29.44 -11.85
CA GLU A 1061 21.54 -30.56 -12.77
C GLU A 1061 21.98 -30.12 -14.16
N ASN A 1062 22.66 -31.02 -14.86
CA ASN A 1062 23.17 -30.75 -16.18
C ASN A 1062 22.69 -31.83 -17.13
N VAL A 1063 22.23 -31.42 -18.29
CA VAL A 1063 21.78 -32.35 -19.32
C VAL A 1063 22.83 -32.38 -20.41
N LEU A 1064 23.41 -33.55 -20.65
CA LEU A 1064 24.46 -33.67 -21.63
C LEU A 1064 23.99 -34.45 -22.84
N PHE A 1065 23.87 -33.75 -23.95
CA PHE A 1065 23.70 -34.31 -25.28
C PHE A 1065 25.08 -34.69 -25.81
N SER A 1066 25.13 -35.58 -26.81
CA SER A 1066 26.38 -35.80 -27.54
C SER A 1066 26.09 -36.23 -28.96
N GLU A 1067 27.16 -36.33 -29.76
CA GLU A 1067 27.05 -36.75 -31.14
C GLU A 1067 27.38 -38.23 -31.28
N ARG A 1068 27.55 -38.69 -32.51
CA ARG A 1068 28.11 -40.02 -32.71
C ARG A 1068 29.56 -40.08 -32.27
N ALA A 1069 30.45 -39.40 -32.97
CA ALA A 1069 31.87 -39.50 -32.69
C ALA A 1069 32.25 -38.35 -31.77
N SER A 1070 32.67 -38.67 -30.56
CA SER A 1070 33.22 -37.65 -29.69
C SER A 1070 34.53 -38.09 -29.06
N GLU A 1071 34.72 -39.40 -28.89
CA GLU A 1071 35.98 -39.91 -28.38
C GLU A 1071 36.38 -41.12 -29.19
N ALA A 1072 37.65 -41.51 -29.09
CA ALA A 1072 38.08 -42.77 -29.67
C ALA A 1072 38.12 -43.86 -28.62
N TYR A 1073 38.65 -43.53 -27.44
CA TYR A 1073 38.50 -44.27 -26.20
C TYR A 1073 39.00 -45.72 -26.29
N PHE A 1074 40.32 -45.83 -26.37
CA PHE A 1074 40.99 -47.12 -26.43
C PHE A 1074 40.91 -47.83 -25.09
N LEU A 1075 41.11 -49.15 -25.10
CA LEU A 1075 41.04 -49.98 -23.90
C LEU A 1075 42.19 -50.99 -23.90
N GLY A 1076 42.81 -51.19 -22.73
CA GLY A 1076 44.02 -51.98 -22.67
C GLY A 1076 43.89 -53.28 -21.89
N GLN A 1077 45.00 -53.68 -21.29
CA GLN A 1077 45.11 -54.95 -20.57
C GLN A 1077 45.02 -54.73 -19.06
N LEU A 1078 45.28 -55.80 -18.30
CA LEU A 1078 45.04 -55.79 -16.85
C LEU A 1078 45.87 -56.85 -16.13
N GLN A 1079 46.47 -56.43 -15.00
CA GLN A 1079 47.49 -57.19 -14.28
C GLN A 1079 47.35 -56.97 -12.77
N VAL A 1080 47.90 -57.90 -11.98
CA VAL A 1080 47.60 -58.02 -10.56
C VAL A 1080 48.59 -58.95 -9.86
N ALA A 1081 48.71 -58.79 -8.53
CA ALA A 1081 49.60 -59.58 -7.68
C ALA A 1081 48.86 -60.22 -6.51
N ARG A 1082 49.62 -60.69 -5.52
CA ARG A 1082 49.02 -61.29 -4.32
C ARG A 1082 49.74 -60.80 -3.05
N HIS A 1083 48.95 -60.39 -2.04
CA HIS A 1083 49.51 -59.95 -0.76
C HIS A 1083 49.85 -61.16 0.10
N GLU A 1084 51.09 -61.24 0.54
CA GLU A 1084 51.48 -62.10 1.66
C GLU A 1084 51.54 -61.24 2.92
N THR A 1085 50.40 -60.69 3.34
CA THR A 1085 50.32 -59.86 4.55
C THR A 1085 49.21 -60.34 5.47
N GLY A 1086 48.30 -61.17 4.97
CA GLY A 1086 47.12 -61.55 5.72
C GLY A 1086 45.93 -60.89 5.08
N GLY A 1087 44.75 -61.32 5.50
CA GLY A 1087 43.52 -60.67 5.03
C GLY A 1087 43.18 -60.97 3.58
N GLY A 1088 43.90 -61.90 2.96
CA GLY A 1088 43.64 -62.23 1.57
C GLY A 1088 44.83 -61.89 0.70
N VAL A 1089 44.55 -61.74 -0.60
CA VAL A 1089 45.58 -61.36 -1.55
C VAL A 1089 45.36 -59.94 -2.04
N ASN A 1090 44.10 -59.56 -2.28
CA ASN A 1090 43.62 -58.18 -2.31
C ASN A 1090 44.29 -57.20 -3.28
N PHE A 1091 45.14 -57.65 -4.20
CA PHE A 1091 45.86 -56.73 -5.07
C PHE A 1091 44.98 -56.20 -6.20
N THR A 1092 45.51 -55.16 -6.85
CA THR A 1092 44.74 -54.31 -7.75
C THR A 1092 44.88 -54.75 -9.20
N LEU A 1093 43.75 -55.04 -9.84
CA LEU A 1093 43.69 -55.10 -11.29
C LEU A 1093 43.54 -53.68 -11.80
N THR A 1094 44.32 -53.32 -12.81
CA THR A 1094 44.30 -51.98 -13.36
C THR A 1094 44.23 -52.03 -14.88
N GLN A 1095 43.50 -51.11 -15.46
CA GLN A 1095 43.44 -51.07 -16.90
C GLN A 1095 43.73 -49.67 -17.37
N PRO A 1096 44.59 -49.49 -18.37
CA PRO A 1096 44.81 -48.15 -18.91
C PRO A 1096 43.92 -47.91 -20.12
N ARG A 1097 43.59 -46.65 -20.36
CA ARG A 1097 42.63 -46.33 -21.39
C ARG A 1097 42.80 -44.90 -21.87
N GLY A 1098 43.06 -44.73 -23.15
CA GLY A 1098 43.32 -43.42 -23.70
C GLY A 1098 42.23 -43.01 -24.66
N ASN A 1099 42.06 -41.70 -24.82
CA ASN A 1099 40.98 -41.12 -25.61
C ASN A 1099 41.40 -39.79 -26.20
N VAL A 1100 40.76 -39.38 -27.30
CA VAL A 1100 41.00 -38.09 -27.93
C VAL A 1100 39.68 -37.35 -28.13
N ASP A 1101 39.70 -36.05 -27.84
CA ASP A 1101 38.57 -35.21 -28.15
C ASP A 1101 38.36 -35.14 -29.66
N LEU A 1102 37.33 -35.82 -30.13
CA LEU A 1102 37.19 -36.13 -31.54
C LEU A 1102 36.14 -35.25 -32.19
N GLY A 1103 36.52 -34.56 -33.26
CA GLY A 1103 35.64 -33.61 -33.89
C GLY A 1103 36.19 -32.21 -33.86
N VAL A 1104 36.30 -31.58 -35.03
CA VAL A 1104 36.85 -30.23 -35.09
C VAL A 1104 35.81 -29.22 -34.63
N GLY A 1105 34.55 -29.63 -34.56
CA GLY A 1105 33.49 -28.73 -34.15
C GLY A 1105 33.43 -28.54 -32.63
N TYR A 1106 32.20 -28.50 -32.12
CA TYR A 1106 32.03 -28.33 -30.69
C TYR A 1106 31.76 -29.65 -29.99
N THR A 1107 30.86 -30.48 -30.55
CA THR A 1107 30.71 -31.90 -30.20
C THR A 1107 30.37 -32.17 -28.74
N ALA A 1108 29.07 -32.20 -28.42
CA ALA A 1108 28.46 -32.44 -27.09
C ALA A 1108 28.52 -31.22 -26.16
N VAL A 1109 27.72 -30.22 -26.53
CA VAL A 1109 27.30 -29.21 -25.57
C VAL A 1109 26.46 -29.87 -24.46
N ALA A 1110 26.57 -29.32 -23.25
CA ALA A 1110 25.76 -29.72 -22.12
C ALA A 1110 24.95 -28.52 -21.66
N ALA A 1111 23.79 -28.78 -21.08
CA ALA A 1111 22.86 -27.74 -20.69
C ALA A 1111 22.49 -27.90 -19.23
N THR A 1112 22.49 -26.79 -18.51
CA THR A 1112 22.23 -26.79 -17.08
C THR A 1112 20.79 -26.33 -16.82
N GLY A 1113 19.92 -27.27 -16.47
CA GLY A 1113 18.57 -26.88 -16.11
C GLY A 1113 17.95 -27.74 -15.02
N THR A 1114 18.22 -27.38 -13.76
CA THR A 1114 17.36 -27.29 -12.58
C THR A 1114 18.24 -26.99 -11.38
N VAL A 1115 17.66 -26.60 -10.26
CA VAL A 1115 18.41 -26.38 -9.04
C VAL A 1115 17.93 -27.37 -8.00
N ARG A 1116 18.83 -28.20 -7.51
CA ARG A 1116 18.44 -29.09 -6.43
C ARG A 1116 18.52 -28.38 -5.09
N ASN A 1117 19.71 -27.95 -4.68
CA ASN A 1117 19.84 -27.20 -3.44
C ASN A 1117 21.12 -26.38 -3.39
N PRO A 1118 21.08 -25.17 -2.84
CA PRO A 1118 22.31 -24.44 -2.59
C PRO A 1118 23.17 -25.09 -1.52
N VAL A 1119 24.45 -25.28 -1.81
CA VAL A 1119 25.34 -25.96 -0.87
C VAL A 1119 25.66 -25.05 0.29
N THR A 1120 25.81 -23.77 0.02
CA THR A 1120 25.83 -22.77 1.06
C THR A 1120 24.55 -21.99 0.96
N ASP A 1121 23.99 -21.62 2.11
CA ASP A 1121 22.81 -20.80 2.08
C ASP A 1121 23.19 -19.37 1.74
N MET A 1122 22.19 -18.58 1.37
CA MET A 1122 22.37 -17.15 1.52
C MET A 1122 22.48 -16.88 3.01
N GLY A 1123 23.70 -16.60 3.46
CA GLY A 1123 23.99 -16.57 4.88
C GLY A 1123 24.26 -15.15 5.35
N ASN A 1124 24.61 -15.06 6.63
CA ASN A 1124 24.84 -13.78 7.28
C ASN A 1124 26.26 -13.71 7.84
N LEU A 1125 27.20 -14.42 7.24
CA LEU A 1125 28.53 -14.52 7.79
C LEU A 1125 29.35 -13.28 7.46
N PRO A 1126 29.79 -12.52 8.45
CA PRO A 1126 30.57 -11.31 8.16
C PRO A 1126 32.01 -11.61 7.85
N GLN A 1127 32.67 -10.77 7.05
CA GLN A 1127 34.09 -10.95 6.84
C GLN A 1127 34.86 -10.46 8.05
N ASN A 1128 35.78 -11.30 8.52
CA ASN A 1128 36.55 -11.00 9.71
C ASN A 1128 38.01 -10.82 9.32
N PHE A 1129 38.48 -9.56 9.33
CA PHE A 1129 39.84 -9.30 8.87
C PHE A 1129 40.89 -9.68 9.90
N TYR A 1130 40.48 -9.90 11.14
CA TYR A 1130 41.46 -10.26 12.17
C TYR A 1130 41.88 -11.71 12.07
N LEU A 1131 41.26 -12.48 11.17
CA LEU A 1131 41.75 -13.82 10.88
C LEU A 1131 43.14 -13.77 10.27
N GLY A 1132 43.38 -12.82 9.38
CA GLY A 1132 44.69 -12.68 8.80
C GLY A 1132 45.16 -11.25 8.78
N ARG A 1133 46.25 -10.95 9.48
CA ARG A 1133 46.82 -9.62 9.52
C ARG A 1133 48.17 -9.64 8.81
N GLY A 1134 48.28 -8.85 7.77
CA GLY A 1134 49.54 -8.56 7.13
C GLY A 1134 49.71 -7.05 7.07
N ALA A 1135 49.01 -6.36 7.95
CA ALA A 1135 49.04 -4.91 8.06
C ALA A 1135 49.56 -4.52 9.44
N PRO A 1136 50.26 -3.40 9.54
CA PRO A 1136 50.84 -3.00 10.83
C PRO A 1136 49.76 -2.61 11.83
N PRO A 1137 49.98 -2.88 13.10
CA PRO A 1137 48.94 -2.63 14.10
C PRO A 1137 48.93 -1.19 14.55
N LEU A 1138 48.11 -0.93 15.55
CA LEU A 1138 48.05 0.39 16.16
C LEU A 1138 49.31 0.62 16.98
N LEU A 1139 49.66 1.90 17.16
CA LEU A 1139 50.73 2.21 18.08
C LEU A 1139 50.32 1.94 19.51
N ASP A 1140 49.17 2.48 19.92
CA ASP A 1140 48.69 2.34 21.29
C ASP A 1140 48.30 0.90 21.57
N ASN A 1141 48.99 0.28 22.52
CA ASN A 1141 48.69 -1.10 22.87
C ASN A 1141 47.33 -1.21 23.55
N ALA A 1142 46.90 -0.15 24.22
CA ALA A 1142 45.56 -0.13 24.79
C ALA A 1142 44.50 -0.13 23.69
N ALA A 1143 44.75 0.62 22.61
CA ALA A 1143 43.83 0.59 21.47
C ALA A 1143 44.00 -0.69 20.68
N ALA A 1144 45.19 -1.31 20.75
CA ALA A 1144 45.47 -2.49 19.95
C ALA A 1144 44.74 -3.71 20.51
N VAL A 1145 44.37 -3.69 21.78
CA VAL A 1145 43.63 -4.82 22.33
C VAL A 1145 42.16 -4.49 22.43
N TYR A 1146 41.81 -3.21 22.65
CA TYR A 1146 40.40 -2.85 22.78
C TYR A 1146 39.68 -2.99 21.45
N LEU A 1147 40.38 -2.72 20.37
CA LEU A 1147 39.75 -2.85 19.07
C LEU A 1147 39.89 -4.27 18.55
N ARG A 1148 40.44 -5.18 19.38
CA ARG A 1148 40.44 -6.58 19.01
C ARG A 1148 39.53 -7.41 19.92
N ASN A 1149 39.61 -7.22 21.23
CA ASN A 1149 38.84 -8.07 22.14
C ASN A 1149 37.35 -7.78 22.03
N ALA A 1150 37.01 -6.58 21.55
CA ALA A 1150 35.62 -6.24 21.31
C ALA A 1150 35.15 -6.74 19.96
N VAL A 1151 36.07 -6.93 19.02
CA VAL A 1151 35.71 -7.37 17.68
C VAL A 1151 35.70 -8.89 17.62
N VAL A 1152 36.72 -9.53 18.18
CA VAL A 1152 36.83 -10.99 18.19
C VAL A 1152 36.16 -11.56 19.45
N ALA A 1153 35.28 -10.77 20.08
CA ALA A 1153 34.52 -11.26 21.22
C ALA A 1153 33.65 -12.44 20.84
N GLY A 1154 32.79 -12.26 19.85
CA GLY A 1154 31.85 -13.31 19.54
C GLY A 1154 31.58 -13.57 18.08
N ASN A 1155 32.46 -13.12 17.21
CA ASN A 1155 32.38 -13.59 15.83
C ASN A 1155 32.75 -15.06 15.78
N ARG A 1156 31.93 -15.83 15.07
CA ARG A 1156 32.23 -17.26 14.90
C ARG A 1156 33.35 -17.45 13.89
N LEU A 1157 33.73 -16.39 13.18
CA LEU A 1157 35.05 -16.31 12.58
C LEU A 1157 36.09 -15.73 13.51
N GLY A 1158 35.97 -15.93 14.81
CA GLY A 1158 36.96 -15.44 15.73
C GLY A 1158 37.82 -16.54 16.28
N PRO A 1159 39.13 -16.47 16.03
CA PRO A 1159 40.04 -17.55 16.45
C PRO A 1159 40.11 -17.66 17.96
N ALA A 1160 40.26 -18.90 18.44
CA ALA A 1160 40.14 -19.16 19.85
C ALA A 1160 41.50 -19.26 20.52
N GLN A 1161 42.48 -18.56 19.95
CA GLN A 1161 43.81 -18.41 20.55
C GLN A 1161 44.45 -17.19 19.91
N PRO A 1162 45.50 -16.61 20.51
CA PRO A 1162 46.31 -15.64 19.75
C PRO A 1162 47.00 -16.30 18.57
N LEU A 1163 47.19 -15.55 17.48
CA LEU A 1163 47.53 -16.16 16.20
C LEU A 1163 48.97 -16.66 16.18
N PRO A 1164 49.23 -17.81 15.56
CA PRO A 1164 50.63 -18.19 15.28
C PRO A 1164 51.17 -17.38 14.11
N VAL A 1165 52.49 -17.45 13.92
CA VAL A 1165 53.16 -16.58 12.97
C VAL A 1165 52.90 -17.03 11.54
N PHE A 1166 53.10 -18.32 11.27
CA PHE A 1166 52.80 -18.92 9.98
C PHE A 1166 51.65 -19.89 10.16
N GLY A 1167 50.62 -19.75 9.36
CA GLY A 1167 49.55 -20.72 9.36
C GLY A 1167 48.19 -20.05 9.46
N CYS A 1168 47.17 -20.89 9.49
CA CYS A 1168 45.80 -20.42 9.55
C CYS A 1168 45.45 -19.99 10.98
N ALA A 1169 44.25 -19.43 11.12
CA ALA A 1169 43.84 -18.86 12.39
C ALA A 1169 43.15 -19.88 13.29
N GLN A 1170 42.73 -21.00 12.71
CA GLN A 1170 41.98 -22.07 13.37
C GLN A 1170 40.68 -21.55 13.97
N VAL A 1171 39.79 -21.16 13.05
CA VAL A 1171 38.39 -20.80 13.29
C VAL A 1171 37.71 -21.90 14.09
N PRO A 1172 36.89 -21.58 15.10
CA PRO A 1172 36.27 -22.64 15.90
C PRO A 1172 35.24 -23.40 15.10
N ARG A 1173 34.92 -24.60 15.58
CA ARG A 1173 33.78 -25.33 15.06
C ARG A 1173 32.62 -25.14 16.03
N ARG A 1174 31.47 -24.75 15.49
CA ARG A 1174 30.28 -24.80 16.31
C ARG A 1174 29.81 -26.25 16.39
N ALA A 1175 28.90 -26.52 17.32
CA ALA A 1175 28.56 -27.91 17.62
C ALA A 1175 27.79 -28.54 16.48
N GLY A 1176 27.01 -27.76 15.77
CA GLY A 1176 26.24 -28.27 14.66
C GLY A 1176 25.78 -27.15 13.78
N MET A 1177 25.19 -27.49 12.66
CA MET A 1177 24.85 -26.48 11.67
C MET A 1177 23.67 -26.92 10.82
N ASP A 1178 22.72 -26.02 10.65
CA ASP A 1178 21.48 -26.32 9.96
C ASP A 1178 21.60 -26.21 8.45
N HIS A 1179 21.78 -25.02 7.91
CA HIS A 1179 21.43 -24.79 6.51
C HIS A 1179 22.48 -25.32 5.58
N GLY A 1180 23.65 -25.60 6.09
CA GLY A 1180 24.75 -26.04 5.27
C GLY A 1180 25.89 -25.10 5.45
N GLN A 1181 26.70 -24.97 4.40
CA GLN A 1181 27.88 -24.14 4.48
C GLN A 1181 27.46 -22.68 4.58
N ASP A 1182 28.32 -21.86 5.16
CA ASP A 1182 28.02 -20.44 5.27
C ASP A 1182 28.94 -19.66 4.34
N ALA A 1183 28.34 -18.84 3.49
CA ALA A 1183 29.11 -18.00 2.60
C ALA A 1183 29.40 -16.65 3.24
N VAL A 1184 30.56 -16.11 2.92
CA VAL A 1184 31.17 -15.04 3.67
C VAL A 1184 30.84 -13.70 3.04
N CYS A 1185 30.03 -12.90 3.71
CA CYS A 1185 29.68 -11.59 3.21
C CYS A 1185 30.85 -10.64 3.42
N GLU A 1186 31.63 -10.40 2.37
CA GLU A 1186 32.68 -9.38 2.41
C GLU A 1186 32.07 -8.02 2.10
N PHE A 1187 32.80 -6.96 2.43
CA PHE A 1187 32.26 -5.61 2.47
C PHE A 1187 33.24 -4.65 1.79
N ILE A 1188 32.72 -3.70 1.02
CA ILE A 1188 33.55 -2.64 0.44
C ILE A 1188 32.85 -1.31 0.70
N ALA A 1189 33.60 -0.33 1.17
CA ALA A 1189 33.06 1.02 1.30
C ALA A 1189 32.68 1.59 -0.04
N THR A 1190 31.59 2.34 -0.08
CA THR A 1190 31.07 2.98 -1.27
C THR A 1190 30.70 4.41 -0.90
N PRO A 1191 30.56 5.30 -1.87
CA PRO A 1191 29.80 6.52 -1.63
C PRO A 1191 28.34 6.18 -1.47
N VAL A 1192 27.62 6.97 -0.68
CA VAL A 1192 26.19 6.73 -0.55
C VAL A 1192 25.47 7.18 -1.80
N ALA A 1193 26.04 8.14 -2.53
CA ALA A 1193 25.45 8.57 -3.78
C ALA A 1193 26.11 7.87 -4.98
N THR A 1194 26.12 6.55 -4.93
CA THR A 1194 26.16 5.77 -6.16
C THR A 1194 24.72 5.44 -6.48
N ASP A 1195 24.38 5.53 -7.76
CA ASP A 1195 23.03 5.24 -8.22
C ASP A 1195 22.65 3.80 -7.91
N ILE A 1196 21.46 3.62 -7.34
CA ILE A 1196 21.01 2.30 -6.92
C ILE A 1196 20.61 1.51 -8.15
N ASN A 1197 20.42 2.19 -9.29
CA ASN A 1197 20.15 1.49 -10.54
C ASN A 1197 21.35 0.70 -11.00
N TYR A 1198 22.54 1.19 -10.69
CA TYR A 1198 23.69 0.32 -10.58
C TYR A 1198 23.46 -0.56 -9.36
N PHE A 1199 23.60 -1.88 -9.57
CA PHE A 1199 23.23 -3.05 -8.77
C PHE A 1199 21.77 -3.46 -8.97
N ARG A 1200 21.06 -2.85 -9.92
CA ARG A 1200 19.84 -3.50 -10.39
C ARG A 1200 20.15 -4.45 -11.53
N ARG A 1201 21.34 -4.33 -12.09
CA ARG A 1201 21.82 -5.08 -13.23
C ARG A 1201 23.06 -5.86 -12.81
N PRO A 1202 23.43 -6.93 -13.50
CA PRO A 1202 24.56 -7.74 -13.04
C PRO A 1202 25.92 -7.09 -13.22
N CYS A 1203 26.30 -6.23 -12.28
CA CYS A 1203 27.47 -5.40 -12.48
C CYS A 1203 28.58 -5.75 -11.50
N ASN A 1204 29.79 -5.27 -11.81
CA ASN A 1204 30.91 -5.41 -10.92
C ASN A 1204 30.74 -4.56 -9.67
N PRO A 1205 31.16 -5.04 -8.52
CA PRO A 1205 31.10 -4.20 -7.31
C PRO A 1205 32.17 -3.14 -7.26
N ARG A 1206 33.24 -3.30 -8.04
CA ARG A 1206 34.33 -2.34 -7.98
C ARG A 1206 33.97 -1.04 -8.68
N GLY A 1207 32.91 -1.04 -9.46
CA GLY A 1207 32.44 0.17 -10.08
C GLY A 1207 32.96 0.40 -11.47
N ARG A 1208 33.69 -0.57 -12.02
CA ARG A 1208 34.24 -0.48 -13.35
C ARG A 1208 34.33 -1.89 -13.89
N ALA A 1209 33.97 -2.08 -15.15
CA ALA A 1209 34.14 -3.37 -15.77
C ALA A 1209 35.63 -3.65 -15.90
N ALA A 1210 36.04 -4.90 -15.79
CA ALA A 1210 37.44 -5.17 -15.53
C ALA A 1210 38.04 -6.33 -16.33
N GLY A 1211 37.22 -7.15 -16.96
CA GLY A 1211 37.68 -8.49 -17.33
C GLY A 1211 38.66 -8.48 -18.49
N GLY A 1212 39.26 -9.64 -18.75
CA GLY A 1212 40.12 -9.77 -19.91
C GLY A 1212 39.34 -9.92 -21.19
N VAL A 1213 38.02 -10.14 -21.07
CA VAL A 1213 37.16 -10.29 -22.23
C VAL A 1213 37.04 -8.98 -22.98
N TYR A 1214 37.11 -7.86 -22.26
CA TYR A 1214 36.68 -6.59 -22.83
C TYR A 1214 37.80 -5.94 -23.62
N ALA A 1215 38.97 -6.58 -23.68
CA ALA A 1215 40.12 -5.97 -24.32
C ALA A 1215 40.04 -6.07 -25.83
N GLY A 1216 40.43 -4.99 -26.51
CA GLY A 1216 40.67 -5.06 -27.94
C GLY A 1216 42.10 -5.49 -28.27
N ASP A 1217 42.93 -5.61 -27.24
CA ASP A 1217 44.26 -6.21 -27.25
C ASP A 1217 45.23 -5.55 -28.23
N LYS A 1218 45.37 -4.23 -28.17
CA LYS A 1218 46.40 -3.59 -28.98
C LYS A 1218 47.79 -4.00 -28.51
N GLU A 1219 48.23 -3.47 -27.37
CA GLU A 1219 49.35 -4.09 -26.67
C GLU A 1219 49.06 -4.11 -25.17
N GLY A 1220 48.50 -3.00 -24.68
CA GLY A 1220 48.30 -2.77 -23.28
C GLY A 1220 46.96 -2.22 -22.89
N ASP A 1221 45.87 -2.67 -23.51
CA ASP A 1221 44.55 -2.26 -23.03
C ASP A 1221 44.16 -3.08 -21.81
N VAL A 1222 44.69 -4.30 -21.70
CA VAL A 1222 44.76 -4.99 -20.41
C VAL A 1222 45.77 -4.20 -19.56
N ILE A 1223 45.93 -4.53 -18.30
CA ILE A 1223 45.58 -3.72 -17.13
C ILE A 1223 44.98 -2.34 -17.35
N ALA A 1224 45.48 -1.52 -18.28
CA ALA A 1224 45.04 -0.13 -18.49
C ALA A 1224 43.56 0.04 -18.86
N LEU A 1225 42.77 -1.03 -18.97
CA LEU A 1225 41.33 -0.85 -18.91
C LEU A 1225 40.85 -0.72 -17.47
N MET A 1226 41.57 -1.35 -16.54
CA MET A 1226 40.99 -1.61 -15.24
C MET A 1226 41.32 -0.50 -14.24
N TYR A 1227 42.39 0.25 -14.47
CA TYR A 1227 42.81 1.27 -13.53
C TYR A 1227 42.97 2.65 -14.15
N ASP A 1228 42.87 2.79 -15.46
CA ASP A 1228 43.07 4.07 -16.14
C ASP A 1228 41.72 4.78 -16.20
N HIS A 1229 41.70 6.06 -15.82
CA HIS A 1229 40.46 6.77 -15.64
C HIS A 1229 40.30 7.96 -16.56
N GLY A 1230 41.19 8.15 -17.52
CA GLY A 1230 40.86 9.00 -18.65
C GLY A 1230 39.81 8.37 -19.52
N GLN A 1231 39.96 7.08 -19.80
CA GLN A 1231 38.98 6.35 -20.56
C GLN A 1231 37.89 5.82 -19.63
N SER A 1232 36.69 5.66 -20.17
CA SER A 1232 35.54 5.43 -19.32
C SER A 1232 35.29 3.95 -19.07
N ASP A 1233 34.15 3.66 -18.49
CA ASP A 1233 33.74 2.30 -18.15
C ASP A 1233 33.43 1.54 -19.43
N PRO A 1234 33.71 0.25 -19.52
CA PRO A 1234 33.13 -0.53 -20.62
C PRO A 1234 31.63 -0.68 -20.55
N ALA A 1235 31.12 -1.09 -19.39
CA ALA A 1235 29.69 -1.32 -19.26
C ALA A 1235 28.92 -0.02 -19.24
N ARG A 1236 29.48 1.02 -18.64
CA ARG A 1236 28.77 2.28 -18.42
C ARG A 1236 29.57 3.42 -19.02
N PRO A 1237 29.67 3.55 -20.35
CA PRO A 1237 30.71 4.41 -20.92
C PRO A 1237 30.42 5.90 -20.83
N PHE A 1238 29.44 6.30 -20.03
CA PHE A 1238 29.23 7.72 -19.76
C PHE A 1238 29.95 8.14 -18.49
N ALA A 1239 30.03 7.25 -17.50
CA ALA A 1239 30.71 7.52 -16.24
C ALA A 1239 31.96 6.69 -16.17
N ALA A 1240 33.03 7.24 -15.59
CA ALA A 1240 34.29 6.51 -15.55
C ALA A 1240 34.19 5.33 -14.60
N THR A 1241 33.94 5.59 -13.32
CA THR A 1241 33.78 4.52 -12.34
C THR A 1241 32.57 4.78 -11.46
N ALA A 1242 31.91 3.70 -11.07
CA ALA A 1242 30.73 3.85 -10.22
C ALA A 1242 31.13 3.98 -8.77
N ASN A 1243 32.30 3.45 -8.40
CA ASN A 1243 32.72 3.37 -7.03
C ASN A 1243 34.20 3.72 -6.92
N PRO A 1244 34.55 4.98 -6.63
CA PRO A 1244 35.95 5.40 -6.75
C PRO A 1244 36.82 4.86 -5.64
N TRP A 1245 36.24 4.51 -4.48
CA TRP A 1245 37.08 3.96 -3.43
C TRP A 1245 37.24 2.45 -3.57
N ALA A 1246 36.90 1.89 -4.73
CA ALA A 1246 37.12 0.47 -4.92
C ALA A 1246 37.84 0.20 -6.25
N SER A 1247 37.81 1.16 -7.15
CA SER A 1247 38.22 0.92 -8.53
C SER A 1247 39.63 1.37 -8.83
N GLN A 1248 40.05 2.51 -8.30
CA GLN A 1248 41.30 3.14 -8.71
C GLN A 1248 42.47 2.32 -8.21
N ARG A 1249 43.62 2.49 -8.85
CA ARG A 1249 44.81 1.77 -8.43
C ARG A 1249 45.27 2.32 -7.09
N PHE A 1250 45.66 1.40 -6.21
CA PHE A 1250 46.07 1.63 -4.81
C PHE A 1250 44.94 2.15 -3.93
N SER A 1251 43.69 2.07 -4.35
CA SER A 1251 42.63 2.60 -3.51
C SER A 1251 42.25 1.59 -2.44
N TYR A 1252 41.30 1.99 -1.59
CA TYR A 1252 41.02 1.23 -0.38
C TYR A 1252 40.41 -0.13 -0.68
N GLY A 1253 39.66 -0.22 -1.76
CA GLY A 1253 39.21 -1.53 -2.21
C GLY A 1253 40.35 -2.35 -2.79
N ASP A 1254 41.32 -1.68 -3.39
CA ASP A 1254 42.46 -2.40 -3.97
C ASP A 1254 43.40 -2.87 -2.88
N LEU A 1255 43.59 -2.06 -1.84
CA LEU A 1255 44.64 -2.33 -0.86
C LEU A 1255 44.32 -3.55 -0.02
N LEU A 1256 43.04 -3.88 0.13
CA LEU A 1256 42.69 -5.00 0.98
C LEU A 1256 42.71 -6.31 0.20
N TYR A 1257 41.88 -6.42 -0.82
CA TYR A 1257 41.49 -7.71 -1.35
C TYR A 1257 42.40 -8.22 -2.46
N ASN A 1258 43.34 -7.41 -2.93
CA ASN A 1258 44.12 -7.79 -4.09
C ASN A 1258 45.17 -8.82 -3.71
N GLY A 1259 45.48 -9.70 -4.67
CA GLY A 1259 46.42 -10.77 -4.40
C GLY A 1259 47.85 -10.29 -4.27
N ALA A 1260 48.17 -9.15 -4.88
CA ALA A 1260 49.51 -8.60 -4.75
C ALA A 1260 49.69 -7.89 -3.42
N TYR A 1261 48.61 -7.72 -2.67
CA TYR A 1261 48.72 -7.12 -1.35
C TYR A 1261 48.51 -8.14 -0.25
N HIS A 1262 47.66 -9.14 -0.52
CA HIS A 1262 47.40 -10.33 0.31
C HIS A 1262 47.20 -10.02 1.78
N LEU A 1263 46.31 -9.07 2.07
CA LEU A 1263 45.97 -8.80 3.46
C LEU A 1263 45.03 -9.85 4.02
N ASN A 1264 44.46 -10.68 3.17
CA ASN A 1264 43.86 -11.94 3.59
C ASN A 1264 44.64 -13.08 2.94
N GLY A 1265 45.80 -13.38 3.50
CA GLY A 1265 46.60 -14.46 2.97
C GLY A 1265 46.92 -15.44 4.07
N ALA A 1266 46.82 -14.97 5.31
CA ALA A 1266 46.95 -15.87 6.44
C ALA A 1266 45.61 -16.51 6.77
N SER A 1267 44.52 -15.86 6.38
CA SER A 1267 43.20 -16.40 6.68
C SER A 1267 42.87 -17.52 5.69
N PRO A 1268 42.44 -18.68 6.18
CA PRO A 1268 41.96 -19.73 5.29
C PRO A 1268 40.57 -19.46 4.78
N VAL A 1269 39.84 -18.53 5.42
CA VAL A 1269 38.50 -18.17 5.01
C VAL A 1269 38.54 -17.53 3.64
N LEU A 1270 37.73 -18.08 2.73
CA LEU A 1270 37.61 -17.62 1.36
C LEU A 1270 37.30 -16.14 1.27
N SER A 1271 38.00 -15.46 0.37
CA SER A 1271 37.67 -14.08 0.05
C SER A 1271 36.86 -14.08 -1.23
N PRO A 1272 35.58 -13.71 -1.20
CA PRO A 1272 34.81 -13.69 -2.45
C PRO A 1272 35.26 -12.60 -3.41
N CYS A 1273 35.82 -11.51 -2.92
CA CYS A 1273 36.28 -10.46 -3.84
C CYS A 1273 37.62 -10.79 -4.47
N PHE A 1274 38.27 -11.87 -4.03
CA PHE A 1274 39.63 -12.18 -4.50
C PHE A 1274 39.62 -12.56 -5.97
N LYS A 1275 38.47 -13.01 -6.46
CA LYS A 1275 38.30 -13.20 -7.90
C LYS A 1275 38.35 -11.87 -8.64
N PHE A 1276 37.88 -10.80 -8.01
CA PHE A 1276 37.57 -9.62 -8.79
C PHE A 1276 38.72 -8.63 -8.83
N PHE A 1277 39.28 -8.30 -7.68
CA PHE A 1277 40.11 -7.11 -7.52
C PHE A 1277 41.55 -7.49 -7.79
N THR A 1278 41.83 -8.00 -8.97
CA THR A 1278 43.18 -8.48 -9.19
C THR A 1278 43.63 -8.38 -10.64
N ALA A 1279 44.64 -7.54 -10.88
CA ALA A 1279 45.13 -7.39 -12.24
C ALA A 1279 46.10 -8.51 -12.59
N ALA A 1280 46.44 -9.36 -11.62
CA ALA A 1280 47.41 -10.39 -11.87
C ALA A 1280 46.77 -11.57 -12.58
N ASP A 1281 45.65 -12.08 -12.05
CA ASP A 1281 45.08 -13.30 -12.57
C ASP A 1281 44.31 -13.06 -13.86
N ILE A 1282 43.62 -11.92 -13.96
CA ILE A 1282 42.82 -11.64 -15.13
C ILE A 1282 43.70 -11.37 -16.34
N THR A 1283 44.87 -10.77 -16.12
CA THR A 1283 45.84 -10.58 -17.21
C THR A 1283 46.40 -11.92 -17.70
N ALA A 1284 46.35 -12.95 -16.85
CA ALA A 1284 46.92 -14.24 -17.23
C ALA A 1284 46.05 -14.99 -18.22
N LYS A 1285 44.77 -14.64 -18.34
CA LYS A 1285 43.86 -15.41 -19.19
C LYS A 1285 44.16 -15.19 -20.66
N HIS A 1286 43.95 -16.24 -21.46
CA HIS A 1286 43.95 -16.07 -22.91
C HIS A 1286 42.65 -15.44 -23.36
N ARG A 1287 42.70 -14.74 -24.48
CA ARG A 1287 41.63 -13.80 -24.81
C ARG A 1287 40.55 -14.44 -25.66
N CYS A 1288 40.83 -15.59 -26.28
CA CYS A 1288 39.92 -16.11 -27.31
C CYS A 1288 38.70 -16.75 -26.68
N LEU A 1289 37.53 -16.30 -27.13
CA LEU A 1289 36.27 -16.80 -26.57
C LEU A 1289 36.02 -18.24 -26.96
N GLU A 1290 36.61 -18.69 -28.08
CA GLU A 1290 36.35 -20.02 -28.62
C GLU A 1290 36.84 -21.11 -27.68
N ARG A 1291 37.87 -20.82 -26.90
CA ARG A 1291 38.35 -21.80 -25.95
C ARG A 1291 37.80 -21.51 -24.56
N LEU A 1292 37.45 -20.25 -24.27
CA LEU A 1292 37.08 -19.87 -22.91
C LEU A 1292 35.78 -20.52 -22.45
N ILE A 1293 34.91 -20.92 -23.36
CA ILE A 1293 33.64 -21.46 -22.90
C ILE A 1293 33.73 -22.96 -22.69
N VAL A 1294 34.92 -23.54 -22.77
CA VAL A 1294 35.06 -24.90 -22.29
C VAL A 1294 35.87 -24.93 -21.00
N GLU A 1295 36.49 -23.80 -20.64
CA GLU A 1295 37.00 -23.68 -19.28
C GLU A 1295 35.99 -23.00 -18.38
N THR A 1296 34.90 -22.51 -18.95
CA THR A 1296 33.81 -22.01 -18.12
C THR A 1296 32.80 -23.12 -17.87
N GLY A 1297 32.96 -24.25 -18.55
CA GLY A 1297 32.11 -25.38 -18.26
C GLY A 1297 32.51 -26.09 -16.99
N SER A 1298 33.80 -26.33 -16.80
CA SER A 1298 34.32 -27.13 -15.70
C SER A 1298 35.50 -26.42 -15.06
N ALA A 1299 35.30 -25.16 -14.68
CA ALA A 1299 36.36 -24.37 -14.06
C ALA A 1299 36.73 -24.92 -12.69
N VAL A 1300 37.87 -24.46 -12.18
CA VAL A 1300 38.27 -24.81 -10.83
C VAL A 1300 37.93 -23.67 -9.88
N SER A 1301 37.18 -23.98 -8.83
CA SER A 1301 36.61 -22.99 -7.94
C SER A 1301 37.69 -22.37 -7.06
N THR A 1302 37.26 -21.47 -6.19
CA THR A 1302 38.17 -20.96 -5.17
C THR A 1302 37.81 -21.49 -3.80
N ALA A 1303 36.73 -22.27 -3.71
CA ALA A 1303 36.15 -22.66 -2.44
C ALA A 1303 36.13 -24.18 -2.31
N THR A 1304 35.67 -24.66 -1.16
CA THR A 1304 35.24 -26.03 -1.04
C THR A 1304 33.84 -26.12 -0.47
N ALA A 1305 33.20 -27.25 -0.69
CA ALA A 1305 31.98 -27.55 0.05
C ALA A 1305 32.29 -28.33 1.31
N ALA A 1306 33.57 -28.61 1.56
CA ALA A 1306 33.93 -29.54 2.62
C ALA A 1306 33.88 -28.87 3.99
N SER A 1307 34.55 -27.74 4.14
CA SER A 1307 34.66 -27.13 5.45
C SER A 1307 33.38 -26.39 5.83
N ASP A 1308 33.22 -26.12 7.12
CA ASP A 1308 31.97 -25.59 7.64
C ASP A 1308 31.79 -24.13 7.25
N VAL A 1309 32.78 -23.31 7.54
CA VAL A 1309 32.95 -22.03 6.89
C VAL A 1309 33.65 -22.30 5.58
N GLN A 1310 33.23 -21.61 4.52
CA GLN A 1310 33.84 -21.85 3.22
C GLN A 1310 35.28 -21.34 3.22
N PHE A 1311 36.17 -22.18 2.75
CA PHE A 1311 37.59 -21.89 2.86
C PHE A 1311 38.19 -21.57 1.50
N LYS A 1312 39.35 -20.94 1.56
CA LYS A 1312 40.21 -20.82 0.40
C LYS A 1312 40.65 -22.23 -0.03
N ARG A 1313 40.84 -22.41 -1.32
CA ARG A 1313 40.96 -23.74 -1.89
C ARG A 1313 42.28 -24.40 -1.48
N PRO A 1314 42.26 -25.68 -1.11
CA PRO A 1314 43.52 -26.38 -0.84
C PRO A 1314 44.32 -26.56 -2.12
N PRO A 1315 45.64 -26.70 -2.02
CA PRO A 1315 46.46 -26.73 -3.25
C PRO A 1315 46.24 -27.94 -4.12
N GLY A 1316 46.42 -29.16 -3.59
CA GLY A 1316 46.12 -30.35 -4.36
C GLY A 1316 44.79 -30.94 -3.93
N CYS A 1317 43.76 -30.48 -4.64
CA CYS A 1317 42.38 -30.98 -4.61
C CYS A 1317 41.66 -30.22 -5.71
N ARG A 1318 40.81 -30.90 -6.46
CA ARG A 1318 40.20 -30.30 -7.63
C ARG A 1318 38.69 -30.37 -7.48
N GLU A 1319 38.02 -29.25 -7.76
CA GLU A 1319 36.63 -29.11 -7.36
C GLU A 1319 35.70 -29.30 -8.55
N LEU A 1320 36.07 -28.73 -9.70
CA LEU A 1320 35.30 -28.78 -10.95
C LEU A 1320 33.89 -28.21 -10.78
N VAL A 1321 33.86 -26.88 -10.64
CA VAL A 1321 32.65 -26.08 -10.58
C VAL A 1321 32.44 -25.51 -11.97
N GLU A 1322 31.27 -24.89 -12.20
CA GLU A 1322 31.05 -24.21 -13.47
C GLU A 1322 31.73 -22.84 -13.48
N ASP A 1323 31.38 -21.97 -12.54
CA ASP A 1323 31.94 -20.62 -12.40
C ASP A 1323 31.79 -19.75 -13.66
N PRO A 1324 30.62 -19.19 -13.91
CA PRO A 1324 30.47 -18.30 -15.06
C PRO A 1324 30.94 -16.90 -14.82
N CYS A 1325 31.01 -16.44 -13.57
CA CYS A 1325 31.39 -15.05 -13.31
C CYS A 1325 32.89 -14.84 -13.53
N GLY A 1326 33.64 -15.94 -13.61
CA GLY A 1326 35.05 -15.83 -13.93
C GLY A 1326 35.28 -15.36 -15.35
N LEU A 1327 34.36 -15.70 -16.26
CA LEU A 1327 34.49 -15.17 -17.61
C LEU A 1327 33.98 -13.75 -17.67
N PHE A 1328 32.73 -13.52 -17.24
CA PHE A 1328 32.06 -12.26 -17.52
C PHE A 1328 32.60 -11.14 -16.67
N GLN A 1329 33.23 -11.48 -15.54
CA GLN A 1329 33.71 -10.52 -14.54
C GLN A 1329 32.56 -9.62 -14.09
N GLU A 1330 31.52 -10.25 -13.54
CA GLU A 1330 30.32 -9.55 -13.11
C GLU A 1330 29.80 -10.21 -11.85
N ALA A 1331 28.72 -9.65 -11.28
CA ALA A 1331 28.09 -10.19 -10.09
C ALA A 1331 26.63 -9.77 -10.02
N TYR A 1332 25.75 -10.76 -9.98
CA TYR A 1332 24.29 -10.83 -10.08
C TYR A 1332 23.65 -10.46 -8.76
N PRO A 1333 22.66 -9.58 -8.68
CA PRO A 1333 22.07 -9.24 -7.38
C PRO A 1333 20.87 -10.11 -7.07
N ILE A 1334 20.79 -10.62 -5.85
CA ILE A 1334 19.57 -11.25 -5.37
C ILE A 1334 18.69 -10.25 -4.65
N THR A 1335 17.45 -10.68 -4.38
CA THR A 1335 16.40 -9.82 -3.86
C THR A 1335 16.74 -9.22 -2.50
N CYS A 1336 16.93 -7.90 -2.47
CA CYS A 1336 17.16 -7.23 -1.21
C CYS A 1336 16.22 -6.05 -1.09
N ALA A 1337 16.01 -5.62 0.14
CA ALA A 1337 15.22 -4.44 0.42
C ALA A 1337 15.63 -3.95 1.78
N SER A 1338 15.54 -2.64 1.99
CA SER A 1338 15.97 -2.11 3.28
C SER A 1338 14.80 -1.98 4.25
N ASP A 1339 13.67 -2.58 3.93
CA ASP A 1339 12.55 -2.74 4.82
C ASP A 1339 12.13 -4.19 4.84
N PRO A 1340 11.33 -4.59 5.82
CA PRO A 1340 10.56 -5.82 5.62
C PRO A 1340 9.30 -5.55 4.83
N ALA A 1341 8.87 -4.28 4.81
CA ALA A 1341 7.63 -3.92 4.16
C ALA A 1341 7.75 -3.95 2.66
N LEU A 1342 8.89 -3.51 2.13
CA LEU A 1342 9.12 -3.63 0.71
C LEU A 1342 9.28 -5.08 0.31
N LEU A 1343 9.88 -5.89 1.18
CA LEU A 1343 10.27 -7.23 0.81
C LEU A 1343 9.08 -8.18 0.74
N ARG A 1344 7.99 -7.84 1.44
CA ARG A 1344 6.80 -8.69 1.35
C ARG A 1344 6.18 -8.60 -0.03
N SER A 1345 6.31 -7.46 -0.70
CA SER A 1345 5.80 -7.35 -2.07
C SER A 1345 6.79 -7.88 -3.08
N ALA A 1346 8.02 -8.15 -2.66
CA ALA A 1346 9.05 -8.53 -3.61
C ALA A 1346 8.82 -9.95 -4.13
N ARG A 1347 8.33 -10.82 -3.26
CA ARG A 1347 7.84 -12.11 -3.72
C ARG A 1347 6.54 -11.91 -4.47
N ASP A 1348 6.11 -12.97 -5.14
CA ASP A 1348 4.92 -13.08 -5.99
C ASP A 1348 4.97 -12.15 -7.20
N GLY A 1349 6.15 -11.72 -7.61
CA GLY A 1349 6.29 -11.13 -8.93
C GLY A 1349 6.62 -9.65 -8.87
N GLU A 1350 7.41 -9.27 -9.86
CA GLU A 1350 7.79 -7.88 -10.08
C GLU A 1350 6.81 -7.12 -10.96
N ALA A 1351 5.61 -7.66 -11.18
CA ALA A 1351 4.58 -6.88 -11.86
C ALA A 1351 4.14 -5.71 -11.00
N HIS A 1352 3.99 -5.94 -9.69
CA HIS A 1352 3.65 -4.89 -8.75
C HIS A 1352 4.65 -4.77 -7.61
N ALA A 1353 5.92 -5.05 -7.85
CA ALA A 1353 6.92 -4.92 -6.81
C ALA A 1353 7.12 -3.45 -6.44
N ARG A 1354 7.33 -3.20 -5.16
CA ARG A 1354 7.55 -1.86 -4.66
C ARG A 1354 9.02 -1.52 -4.81
N GLU A 1355 9.35 -0.67 -5.79
CA GLU A 1355 10.75 -0.48 -6.15
C GLU A 1355 11.43 0.48 -5.18
N THR A 1356 10.71 1.51 -4.74
CA THR A 1356 11.27 2.42 -3.73
C THR A 1356 10.15 3.12 -2.98
N HIS A 1357 10.54 3.80 -1.90
CA HIS A 1357 9.66 4.40 -0.91
C HIS A 1357 10.58 5.23 -0.04
N PHE A 1358 10.05 6.27 0.62
CA PHE A 1358 10.62 7.65 0.71
C PHE A 1358 12.15 7.63 0.64
N THR A 1359 12.84 6.90 1.50
CA THR A 1359 14.29 6.79 1.34
C THR A 1359 14.72 5.34 1.25
N GLN A 1360 13.79 4.42 1.49
CA GLN A 1360 14.09 3.00 1.43
C GLN A 1360 14.17 2.55 -0.03
N TYR A 1361 14.58 1.32 -0.24
CA TYR A 1361 14.77 0.84 -1.59
C TYR A 1361 14.64 -0.66 -1.67
N LEU A 1362 14.34 -1.16 -2.86
CA LEU A 1362 14.32 -2.59 -3.13
C LEU A 1362 15.12 -2.85 -4.39
N ILE A 1363 15.71 -4.03 -4.47
CA ILE A 1363 16.34 -4.53 -5.68
C ILE A 1363 15.79 -5.91 -5.96
N TYR A 1364 15.04 -6.05 -7.04
CA TYR A 1364 14.51 -7.36 -7.40
C TYR A 1364 15.63 -8.23 -7.92
N ASP A 1365 15.41 -9.53 -7.92
CA ASP A 1365 16.42 -10.50 -8.33
C ASP A 1365 16.72 -10.38 -9.81
N ALA A 1366 18.01 -10.38 -10.14
CA ALA A 1366 18.50 -10.40 -11.52
C ALA A 1366 19.67 -11.38 -11.55
N SER A 1367 19.43 -12.56 -12.11
CA SER A 1367 20.28 -13.71 -11.90
C SER A 1367 19.83 -14.83 -12.83
N PRO A 1368 20.60 -15.90 -13.00
CA PRO A 1368 20.00 -17.14 -13.49
C PRO A 1368 18.94 -17.70 -12.54
N LEU A 1369 19.08 -17.41 -11.26
CA LEU A 1369 18.23 -18.07 -10.26
C LEU A 1369 16.87 -17.40 -10.12
N LYS A 1370 16.64 -16.27 -10.80
CA LYS A 1370 15.38 -15.57 -10.62
C LYS A 1370 14.26 -16.34 -11.29
N GLY A 1371 13.06 -16.24 -10.73
CA GLY A 1371 11.94 -16.98 -11.24
C GLY A 1371 11.96 -18.46 -10.94
N LEU A 1372 12.78 -18.92 -10.00
CA LEU A 1372 12.75 -20.30 -9.54
C LEU A 1372 11.98 -20.38 -8.24
N SER A 1373 11.26 -21.49 -8.06
CA SER A 1373 10.31 -21.65 -6.96
C SER A 1373 11.03 -21.77 -5.62
N LEU A 1374 12.28 -22.20 -5.65
CA LEU A 1374 13.12 -22.20 -4.46
C LEU A 1374 13.79 -20.85 -4.26
N ARG B 6 70.02 -34.15 -26.82
CA ARG B 6 71.37 -34.31 -26.31
C ARG B 6 72.04 -35.53 -26.91
N ASP B 7 71.46 -36.69 -26.65
CA ASP B 7 71.97 -38.01 -27.00
C ASP B 7 71.27 -38.54 -28.25
N PRO B 8 71.92 -39.44 -29.01
CA PRO B 8 71.22 -40.15 -30.09
C PRO B 8 70.11 -41.02 -29.52
N PRO B 9 69.11 -41.43 -30.35
CA PRO B 9 67.93 -42.12 -29.79
C PRO B 9 68.19 -43.51 -29.23
N GLY B 10 69.11 -43.61 -28.29
CA GLY B 10 69.40 -44.84 -27.59
C GLY B 10 69.99 -45.90 -28.47
N TYR B 11 70.03 -47.10 -27.93
CA TYR B 11 70.33 -48.30 -28.67
C TYR B 11 68.99 -48.99 -28.90
N ARG B 12 68.93 -49.79 -29.95
CA ARG B 12 67.70 -50.51 -30.26
C ARG B 12 67.95 -51.99 -30.08
N TYR B 13 67.25 -52.59 -29.11
CA TYR B 13 67.66 -53.91 -28.65
C TYR B 13 67.01 -54.99 -29.49
N ALA B 14 65.89 -54.69 -30.14
CA ALA B 14 65.32 -55.65 -31.07
C ALA B 14 66.18 -55.76 -32.31
N ALA B 15 66.76 -54.65 -32.75
CA ALA B 15 67.88 -54.73 -33.67
C ALA B 15 69.03 -55.41 -32.96
N ALA B 16 69.81 -56.18 -33.71
CA ALA B 16 70.85 -57.09 -33.25
C ALA B 16 70.29 -58.14 -32.29
N ILE B 17 69.03 -58.51 -32.42
CA ILE B 17 68.65 -59.87 -32.06
C ILE B 17 68.80 -60.76 -33.29
N LEU B 18 68.73 -60.15 -34.47
CA LEU B 18 69.21 -60.74 -35.71
C LEU B 18 70.40 -59.92 -36.19
N PRO B 19 71.61 -60.25 -35.78
CA PRO B 19 72.75 -59.38 -36.10
C PRO B 19 73.25 -59.58 -37.52
N THR B 20 73.52 -58.48 -38.22
CA THR B 20 73.92 -58.59 -39.61
C THR B 20 75.38 -59.01 -39.74
N GLY B 21 76.16 -58.87 -38.69
CA GLY B 21 77.54 -59.31 -38.69
C GLY B 21 78.10 -59.39 -37.29
N SER B 22 78.85 -60.45 -37.04
CA SER B 22 79.51 -60.63 -35.77
C SER B 22 80.86 -59.95 -35.83
N ILE B 23 81.25 -59.29 -34.73
CA ILE B 23 82.50 -58.54 -34.73
C ILE B 23 83.66 -59.51 -34.73
N LEU B 24 84.58 -59.31 -35.68
CA LEU B 24 85.68 -60.22 -35.91
C LEU B 24 86.83 -60.06 -34.94
N SER B 25 86.76 -59.10 -34.01
CA SER B 25 87.83 -58.84 -33.07
C SER B 25 87.25 -58.41 -31.73
N THR B 26 87.78 -58.96 -30.65
CA THR B 26 87.24 -58.73 -29.31
C THR B 26 88.28 -58.02 -28.45
N ILE B 27 87.93 -56.81 -28.00
CA ILE B 27 88.83 -55.98 -27.22
C ILE B 27 88.07 -55.48 -25.99
N GLU B 28 88.79 -54.80 -25.10
CA GLU B 28 88.11 -53.98 -24.12
C GLU B 28 87.53 -52.76 -24.84
N VAL B 29 86.31 -52.37 -24.47
CA VAL B 29 85.59 -51.41 -25.29
C VAL B 29 85.90 -49.99 -24.85
N ALA B 30 86.34 -49.81 -23.61
CA ALA B 30 86.69 -48.48 -23.13
C ALA B 30 88.04 -48.01 -23.68
N SER B 31 88.75 -48.89 -24.38
CA SER B 31 89.99 -48.49 -25.04
C SER B 31 89.72 -47.55 -26.21
N HIS B 32 88.54 -47.63 -26.79
CA HIS B 32 88.07 -46.59 -27.69
C HIS B 32 86.76 -45.98 -27.21
N ARG B 33 86.71 -45.57 -25.93
CA ARG B 33 85.52 -44.96 -25.36
C ARG B 33 85.24 -43.58 -25.96
N ARG B 34 86.29 -42.83 -26.28
CA ARG B 34 86.10 -41.49 -26.81
C ARG B 34 85.69 -41.50 -28.29
N LEU B 35 85.52 -42.69 -28.86
CA LEU B 35 85.17 -42.85 -30.26
C LEU B 35 83.66 -42.82 -30.47
N PHE B 36 82.90 -43.50 -29.60
CA PHE B 36 81.49 -43.78 -29.88
C PHE B 36 80.58 -42.59 -29.60
N ASP B 37 79.31 -42.74 -29.99
CA ASP B 37 78.33 -41.67 -29.76
C ASP B 37 77.34 -42.07 -28.66
N PHE B 38 76.79 -43.28 -28.75
CA PHE B 38 75.97 -43.84 -27.68
C PHE B 38 76.72 -45.01 -27.09
N PHE B 39 76.70 -45.12 -25.76
CA PHE B 39 77.48 -46.13 -25.08
C PHE B 39 76.84 -46.50 -23.75
N ALA B 40 76.70 -47.79 -23.50
CA ALA B 40 76.10 -48.29 -22.27
C ALA B 40 76.79 -49.59 -21.89
N ALA B 41 77.34 -49.63 -20.67
CA ALA B 41 78.12 -50.76 -20.18
C ALA B 41 77.38 -51.41 -19.00
N VAL B 42 76.60 -52.44 -19.28
CA VAL B 42 75.72 -53.06 -18.31
C VAL B 42 76.55 -53.94 -17.39
N ARG B 43 75.93 -54.40 -16.30
CA ARG B 43 76.53 -55.40 -15.43
C ARG B 43 75.66 -56.65 -15.44
N SER B 44 75.83 -57.44 -16.51
CA SER B 44 75.38 -58.84 -16.62
C SER B 44 73.85 -58.99 -16.76
N ASP B 45 73.12 -57.90 -16.51
CA ASP B 45 71.70 -57.67 -16.77
C ASP B 45 71.40 -56.24 -16.33
N GLU B 46 70.33 -55.65 -16.85
CA GLU B 46 69.89 -54.35 -16.39
C GLU B 46 68.38 -54.29 -16.53
N ASN B 47 67.79 -53.17 -16.10
CA ASN B 47 66.34 -53.06 -16.17
C ASN B 47 65.91 -52.47 -17.51
N SER B 48 66.82 -51.74 -18.16
CA SER B 48 66.44 -51.07 -19.40
C SER B 48 66.65 -51.97 -20.62
N LEU B 49 67.00 -53.24 -20.40
CA LEU B 49 67.18 -54.15 -21.51
C LEU B 49 65.84 -54.72 -21.98
N TYR B 50 64.77 -54.45 -21.22
CA TYR B 50 63.55 -55.23 -21.38
C TYR B 50 62.39 -54.37 -21.82
N ASP B 51 62.39 -53.09 -21.45
CA ASP B 51 61.25 -52.23 -21.72
C ASP B 51 61.22 -51.79 -23.18
N VAL B 52 60.02 -51.68 -23.74
CA VAL B 52 59.82 -51.18 -25.08
C VAL B 52 58.98 -49.91 -24.99
N GLU B 53 59.03 -49.09 -26.03
CA GLU B 53 58.29 -47.84 -26.07
C GLU B 53 58.12 -47.38 -27.51
N PHE B 54 56.96 -46.78 -27.81
CA PHE B 54 56.67 -46.30 -29.14
C PHE B 54 55.54 -45.29 -29.08
N ASP B 55 55.15 -44.79 -30.25
CA ASP B 55 54.03 -43.86 -30.40
C ASP B 55 53.45 -44.01 -31.79
N ALA B 56 52.15 -43.83 -31.92
CA ALA B 56 51.44 -44.30 -33.11
C ALA B 56 50.56 -43.22 -33.69
N LEU B 57 50.62 -43.07 -35.01
CA LEU B 57 49.64 -42.26 -35.72
C LEU B 57 48.40 -43.11 -35.96
N LEU B 58 47.32 -42.76 -35.28
CA LEU B 58 46.15 -43.63 -35.19
C LEU B 58 45.10 -43.35 -36.25
N GLY B 59 45.49 -42.94 -37.44
CA GLY B 59 44.59 -42.83 -38.56
C GLY B 59 44.11 -41.41 -38.79
N SER B 60 44.26 -40.97 -40.03
CA SER B 60 43.96 -39.60 -40.40
C SER B 60 42.47 -39.45 -40.66
N TYR B 61 42.03 -38.20 -40.79
CA TYR B 61 40.66 -37.88 -41.13
C TYR B 61 40.64 -36.72 -42.11
N CYS B 62 40.40 -37.03 -43.37
CA CYS B 62 40.53 -36.08 -44.47
C CYS B 62 39.18 -35.93 -45.14
N ASN B 63 38.42 -34.92 -44.74
CA ASN B 63 37.06 -34.77 -45.23
C ASN B 63 37.01 -34.44 -46.72
N THR B 64 35.93 -34.83 -47.36
CA THR B 64 35.69 -34.51 -48.75
C THR B 64 34.53 -33.52 -48.80
N LEU B 65 34.79 -32.34 -49.37
CA LEU B 65 33.75 -31.33 -49.46
C LEU B 65 32.72 -31.73 -50.50
N SER B 66 31.45 -31.50 -50.17
CA SER B 66 30.32 -31.92 -51.00
C SER B 66 30.28 -31.06 -52.24
N LEU B 67 30.67 -31.62 -53.38
CA LEU B 67 30.69 -30.85 -54.62
C LEU B 67 29.26 -30.54 -55.06
N VAL B 68 28.86 -29.29 -54.85
CA VAL B 68 27.48 -28.88 -55.07
C VAL B 68 27.31 -28.44 -56.52
N ARG B 69 26.57 -29.22 -57.29
CA ARG B 69 26.05 -28.74 -58.55
C ARG B 69 24.97 -27.73 -58.22
N PHE B 70 25.01 -26.59 -58.90
CA PHE B 70 24.05 -25.54 -58.60
C PHE B 70 22.66 -25.92 -59.05
N LEU B 71 22.55 -26.78 -60.04
CA LEU B 71 21.25 -27.33 -60.41
C LEU B 71 20.75 -28.30 -59.35
N GLU B 72 21.67 -28.98 -58.66
CA GLU B 72 21.31 -29.90 -57.57
C GLU B 72 21.17 -29.12 -56.26
N LEU B 73 20.32 -28.11 -56.32
CA LEU B 73 20.14 -27.11 -55.28
C LEU B 73 18.84 -26.40 -55.61
N GLY B 74 18.18 -25.89 -54.59
CA GLY B 74 16.83 -25.39 -54.77
C GLY B 74 16.76 -24.12 -55.60
N LEU B 75 17.81 -23.30 -55.53
CA LEU B 75 17.70 -21.94 -56.03
C LEU B 75 17.73 -21.85 -57.56
N SER B 76 18.00 -22.94 -58.26
CA SER B 76 18.07 -22.82 -59.71
C SER B 76 16.72 -23.09 -60.37
N VAL B 77 15.61 -22.88 -59.65
CA VAL B 77 14.34 -22.75 -60.35
C VAL B 77 13.95 -21.29 -60.42
N ALA B 78 14.55 -20.45 -59.57
CA ALA B 78 14.30 -19.03 -59.66
C ALA B 78 14.95 -18.43 -60.90
N CYS B 79 16.06 -19.02 -61.34
CA CYS B 79 16.88 -18.45 -62.39
C CYS B 79 16.94 -19.38 -63.58
N VAL B 80 16.93 -18.79 -64.78
CA VAL B 80 17.38 -19.54 -65.94
C VAL B 80 18.89 -19.63 -65.83
N CYS B 81 19.48 -20.72 -66.32
CA CYS B 81 20.92 -20.81 -66.46
C CYS B 81 21.27 -21.37 -67.83
N THR B 82 21.61 -20.48 -68.76
CA THR B 82 22.07 -20.89 -70.07
C THR B 82 23.52 -20.45 -70.27
N LYS B 83 24.31 -21.34 -70.84
CA LYS B 83 25.72 -21.07 -71.10
C LYS B 83 25.83 -20.29 -72.39
N PHE B 84 26.90 -19.50 -72.49
CA PHE B 84 27.17 -18.71 -73.67
C PHE B 84 28.68 -18.58 -73.78
N PRO B 85 29.36 -19.43 -74.56
CA PRO B 85 30.83 -19.46 -74.49
C PRO B 85 31.54 -18.31 -75.18
N GLU B 86 30.84 -17.23 -75.50
CA GLU B 86 31.40 -16.08 -76.19
C GLU B 86 31.12 -14.79 -75.44
N LEU B 87 30.90 -14.88 -74.12
CA LEU B 87 30.42 -13.73 -73.37
C LEU B 87 31.51 -12.68 -73.18
N ALA B 88 32.77 -13.06 -73.37
CA ALA B 88 33.85 -12.10 -73.29
C ALA B 88 33.84 -11.16 -74.50
N TYR B 89 33.10 -11.51 -75.54
CA TYR B 89 33.03 -10.71 -76.75
C TYR B 89 31.66 -10.05 -76.97
N MET B 90 31.01 -9.51 -75.94
CA MET B 90 29.64 -9.08 -76.17
C MET B 90 29.50 -7.55 -76.22
N ASN B 91 29.88 -6.87 -75.14
CA ASN B 91 29.97 -5.42 -74.97
C ASN B 91 28.61 -4.70 -74.93
N GLU B 92 27.53 -5.35 -75.36
CA GLU B 92 26.16 -4.80 -75.37
C GLU B 92 25.19 -5.95 -75.58
N GLY B 93 24.04 -5.89 -74.94
CA GLY B 93 23.07 -6.93 -75.14
C GLY B 93 21.68 -6.46 -74.80
N ARG B 94 20.64 -7.09 -75.35
CA ARG B 94 19.30 -6.61 -75.06
C ARG B 94 18.29 -7.73 -75.14
N VAL B 95 17.20 -7.53 -74.40
CA VAL B 95 15.98 -8.33 -74.48
C VAL B 95 14.85 -7.33 -74.76
N GLN B 96 13.87 -7.71 -75.60
CA GLN B 96 13.06 -6.66 -76.21
C GLN B 96 11.76 -6.37 -75.46
N PHE B 97 11.10 -7.41 -74.91
CA PHE B 97 9.89 -7.28 -74.05
C PHE B 97 8.74 -6.48 -74.66
N GLU B 98 8.07 -7.05 -75.66
CA GLU B 98 6.82 -6.45 -76.13
C GLU B 98 5.66 -6.96 -75.29
N VAL B 99 4.83 -6.06 -74.77
CA VAL B 99 3.63 -6.46 -74.07
C VAL B 99 2.40 -5.77 -74.65
N HIS B 100 1.27 -6.45 -74.56
CA HIS B 100 0.03 -5.99 -75.18
C HIS B 100 -1.08 -6.07 -74.15
N GLN B 101 -1.85 -5.00 -74.02
CA GLN B 101 -2.87 -4.91 -72.99
C GLN B 101 -4.26 -5.00 -73.59
N PRO B 102 -5.24 -5.56 -72.89
CA PRO B 102 -6.61 -5.51 -73.39
C PRO B 102 -7.24 -4.16 -73.08
N LEU B 103 -8.51 -4.04 -73.42
CA LEU B 103 -9.33 -2.92 -72.96
C LEU B 103 -10.77 -3.36 -72.82
N ILE B 104 -11.55 -2.49 -72.17
CA ILE B 104 -12.96 -2.72 -71.89
C ILE B 104 -13.74 -1.51 -72.36
N ALA B 105 -14.83 -1.75 -73.08
CA ALA B 105 -15.62 -0.65 -73.61
C ALA B 105 -16.38 0.07 -72.50
N ARG B 106 -16.26 1.39 -72.46
CA ARG B 106 -16.92 2.22 -71.47
C ARG B 106 -18.20 2.77 -72.09
N ASP B 107 -19.24 2.91 -71.28
CA ASP B 107 -20.57 3.23 -71.78
C ASP B 107 -20.95 4.65 -71.43
N GLY B 108 -20.86 5.55 -72.41
CA GLY B 108 -21.43 6.86 -72.29
C GLY B 108 -20.44 7.97 -72.06
N PRO B 109 -20.65 8.76 -71.01
CA PRO B 109 -19.86 9.97 -70.78
C PRO B 109 -18.47 9.70 -70.22
N HIS B 110 -17.68 8.96 -70.97
CA HIS B 110 -16.29 8.72 -70.65
C HIS B 110 -15.48 8.91 -71.92
N PRO B 111 -14.18 9.17 -71.82
CA PRO B 111 -13.34 9.07 -73.00
C PRO B 111 -13.26 7.63 -73.47
N VAL B 112 -13.02 7.47 -74.77
CA VAL B 112 -13.03 6.14 -75.36
C VAL B 112 -11.65 5.51 -75.24
N GLU B 113 -11.59 4.33 -74.65
CA GLU B 113 -10.35 3.61 -74.43
C GLU B 113 -9.92 2.91 -75.71
N GLN B 114 -8.74 3.29 -76.22
CA GLN B 114 -8.11 2.70 -77.39
C GLN B 114 -6.91 1.86 -76.95
N PRO B 115 -6.51 0.83 -77.69
CA PRO B 115 -5.54 -0.14 -77.16
C PRO B 115 -4.15 0.45 -77.05
N VAL B 116 -3.31 -0.22 -76.29
CA VAL B 116 -1.92 0.20 -76.09
C VAL B 116 -1.01 -0.98 -76.32
N HIS B 117 0.23 -0.69 -76.72
CA HIS B 117 1.28 -1.68 -76.78
C HIS B 117 2.49 -1.03 -76.11
N ASN B 118 3.12 -1.73 -75.21
CA ASN B 118 4.24 -1.15 -74.47
C ASN B 118 5.51 -1.91 -74.80
N TYR B 119 6.54 -1.16 -75.18
CA TYR B 119 7.82 -1.72 -75.58
C TYR B 119 8.90 -1.08 -74.73
N MET B 120 9.61 -1.90 -73.95
CA MET B 120 10.84 -1.43 -73.33
C MET B 120 11.89 -2.52 -73.46
N THR B 121 13.08 -2.12 -73.89
CA THR B 121 14.22 -3.01 -73.96
C THR B 121 15.03 -2.93 -72.68
N LYS B 122 15.73 -4.02 -72.34
CA LYS B 122 16.51 -4.09 -71.12
C LYS B 122 17.95 -4.42 -71.48
N VAL B 123 18.89 -3.83 -70.76
CA VAL B 123 20.31 -3.93 -71.10
C VAL B 123 20.97 -4.87 -70.10
N ILE B 124 21.92 -5.68 -70.57
CA ILE B 124 22.44 -6.75 -69.73
C ILE B 124 23.51 -6.22 -68.78
N ASP B 125 23.40 -6.61 -67.51
CA ASP B 125 24.52 -6.43 -66.58
C ASP B 125 25.62 -7.44 -66.88
N ARG B 126 26.85 -6.97 -66.86
CA ARG B 126 28.04 -7.80 -67.07
C ARG B 126 28.82 -7.82 -65.77
N ARG B 127 29.45 -8.95 -65.46
CA ARG B 127 30.22 -9.10 -64.24
C ARG B 127 31.18 -10.26 -64.40
N ALA B 128 32.34 -10.17 -63.74
CA ALA B 128 33.36 -11.21 -63.83
C ALA B 128 33.72 -11.72 -62.45
N LEU B 129 33.80 -13.05 -62.33
CA LEU B 129 34.13 -13.71 -61.08
C LEU B 129 35.60 -14.12 -61.10
N ASN B 130 36.33 -13.75 -60.06
CA ASN B 130 37.75 -14.07 -59.93
C ASN B 130 37.95 -15.15 -58.89
N ALA B 131 38.91 -16.03 -59.11
CA ALA B 131 39.27 -17.09 -58.19
C ALA B 131 40.64 -17.62 -58.58
N ALA B 132 41.51 -17.87 -57.61
CA ALA B 132 42.87 -18.29 -57.89
C ALA B 132 43.14 -19.65 -57.27
N PHE B 133 44.27 -20.25 -57.65
CA PHE B 133 44.85 -21.37 -56.93
C PHE B 133 46.34 -21.35 -57.25
N SER B 134 47.16 -21.37 -56.21
CA SER B 134 48.58 -21.22 -56.41
C SER B 134 49.26 -22.58 -56.53
N LEU B 135 50.58 -22.54 -56.66
CA LEU B 135 51.42 -23.72 -56.74
C LEU B 135 52.86 -23.34 -56.42
N ALA B 136 53.44 -24.00 -55.42
CA ALA B 136 54.73 -23.59 -54.91
C ALA B 136 55.88 -24.11 -55.77
N THR B 137 57.08 -23.60 -55.48
CA THR B 137 58.20 -23.73 -56.41
C THR B 137 58.75 -25.15 -56.43
N GLU B 138 58.88 -25.78 -55.26
CA GLU B 138 59.35 -27.16 -55.23
C GLU B 138 58.29 -28.13 -55.74
N ALA B 139 57.03 -27.68 -55.78
CA ALA B 139 55.98 -28.52 -56.30
C ALA B 139 55.97 -28.52 -57.82
N ILE B 140 56.49 -27.45 -58.43
CA ILE B 140 56.52 -27.35 -59.89
C ILE B 140 57.48 -28.37 -60.46
N ALA B 141 58.69 -28.42 -59.92
CA ALA B 141 59.76 -29.20 -60.52
C ALA B 141 59.52 -30.69 -60.37
N LEU B 142 58.69 -31.09 -59.40
CA LEU B 142 58.33 -32.49 -59.29
C LEU B 142 57.36 -32.89 -60.40
N LEU B 143 56.32 -32.09 -60.62
CA LEU B 143 55.24 -32.54 -61.49
C LEU B 143 55.65 -32.47 -62.95
N THR B 144 56.42 -31.46 -63.33
CA THR B 144 56.84 -31.32 -64.72
C THR B 144 58.03 -32.18 -65.07
N GLY B 145 58.56 -32.92 -64.10
CA GLY B 145 59.76 -33.68 -64.35
C GLY B 145 60.98 -32.79 -64.25
N GLU B 146 62.12 -33.37 -64.60
CA GLU B 146 63.46 -32.80 -64.55
C GLU B 146 63.85 -32.39 -63.13
N ALA B 147 63.26 -32.99 -62.10
CA ALA B 147 63.80 -32.95 -60.75
C ALA B 147 63.62 -34.27 -60.04
N LEU B 148 63.14 -35.29 -60.74
CA LEU B 148 63.03 -36.64 -60.18
C LEU B 148 64.42 -37.21 -60.01
N ASP B 149 64.59 -38.04 -58.99
CA ASP B 149 65.78 -38.87 -58.87
C ASP B 149 65.55 -40.28 -59.37
N GLY B 150 64.30 -40.69 -59.53
CA GLY B 150 64.02 -42.06 -59.89
C GLY B 150 64.17 -43.05 -58.76
N THR B 151 64.53 -42.61 -57.57
CA THR B 151 64.57 -43.48 -56.43
C THR B 151 63.16 -43.64 -55.85
N GLY B 152 63.08 -44.37 -54.74
CA GLY B 152 61.77 -44.76 -54.22
C GLY B 152 61.00 -43.62 -53.62
N ILE B 153 61.68 -42.55 -53.23
CA ILE B 153 61.01 -41.41 -52.62
C ILE B 153 60.70 -40.35 -53.67
N SER B 154 61.59 -40.19 -54.65
CA SER B 154 61.40 -39.11 -55.61
C SER B 154 60.38 -39.48 -56.66
N LEU B 155 60.01 -40.76 -56.74
CA LEU B 155 58.77 -41.12 -57.42
C LEU B 155 57.57 -40.68 -56.59
N HIS B 156 57.70 -40.72 -55.26
CA HIS B 156 56.57 -40.48 -54.39
C HIS B 156 56.29 -39.01 -54.21
N ARG B 157 57.34 -38.19 -54.14
CA ARG B 157 57.18 -36.75 -53.98
C ARG B 157 56.52 -36.12 -55.20
N GLN B 158 56.58 -36.80 -56.34
CA GLN B 158 55.79 -36.40 -57.49
C GLN B 158 54.30 -36.56 -57.20
N LEU B 159 53.93 -37.66 -56.56
CA LEU B 159 52.52 -37.97 -56.36
C LEU B 159 51.87 -37.04 -55.35
N ARG B 160 52.66 -36.53 -54.40
CA ARG B 160 52.09 -35.64 -53.40
C ARG B 160 51.77 -34.28 -54.00
N ALA B 161 52.55 -33.86 -55.00
CA ALA B 161 52.26 -32.60 -55.69
C ALA B 161 51.15 -32.77 -56.71
N ILE B 162 50.85 -34.01 -57.10
CA ILE B 162 49.73 -34.26 -57.99
C ILE B 162 48.42 -34.18 -57.24
N GLN B 163 48.38 -34.75 -56.02
CA GLN B 163 47.14 -34.71 -55.26
C GLN B 163 46.79 -33.30 -54.81
N GLN B 164 47.78 -32.46 -54.58
CA GLN B 164 47.46 -31.08 -54.22
C GLN B 164 46.87 -30.34 -55.42
N LEU B 165 47.51 -30.47 -56.58
CA LEU B 165 47.01 -29.85 -57.81
C LEU B 165 45.64 -30.41 -58.16
N ALA B 166 45.38 -31.67 -57.84
CA ALA B 166 44.04 -32.21 -58.08
C ALA B 166 43.03 -31.65 -57.10
N ARG B 167 43.41 -31.48 -55.83
CA ARG B 167 42.43 -31.02 -54.86
C ARG B 167 42.52 -29.51 -54.66
N ASN B 168 43.47 -28.86 -55.32
CA ASN B 168 43.31 -27.43 -55.54
C ASN B 168 42.38 -27.16 -56.71
N VAL B 169 42.45 -27.97 -57.76
CA VAL B 169 41.66 -27.66 -58.95
C VAL B 169 40.24 -28.16 -58.78
N GLN B 170 40.01 -29.06 -57.82
CA GLN B 170 38.64 -29.51 -57.60
C GLN B 170 37.87 -28.47 -56.82
N ALA B 171 38.58 -27.63 -56.06
CA ALA B 171 37.89 -26.64 -55.25
C ALA B 171 37.48 -25.45 -56.08
N VAL B 172 38.38 -24.93 -56.91
CA VAL B 172 38.11 -23.63 -57.54
C VAL B 172 37.11 -23.79 -58.68
N LEU B 173 37.08 -24.96 -59.31
CA LEU B 173 36.02 -25.21 -60.28
C LEU B 173 34.68 -25.38 -59.58
N GLY B 174 34.70 -25.92 -58.36
CA GLY B 174 33.49 -25.97 -57.57
C GLY B 174 33.13 -24.63 -56.97
N ALA B 175 34.08 -23.69 -56.96
CA ALA B 175 33.80 -22.39 -56.38
C ALA B 175 32.83 -21.60 -57.25
N PHE B 176 32.93 -21.74 -58.57
CA PHE B 176 31.98 -21.07 -59.44
C PHE B 176 30.62 -21.74 -59.37
N GLU B 177 30.61 -23.02 -59.02
CA GLU B 177 29.35 -23.66 -58.69
C GLU B 177 28.79 -23.13 -57.38
N ARG B 178 29.65 -22.58 -56.52
CA ARG B 178 29.15 -21.89 -55.35
C ARG B 178 29.00 -20.41 -55.59
N GLY B 179 29.84 -19.86 -56.48
CA GLY B 179 29.75 -18.44 -56.78
C GLY B 179 28.53 -18.09 -57.59
N THR B 180 27.95 -19.11 -58.25
CA THR B 180 26.69 -18.92 -58.95
C THR B 180 25.56 -18.58 -57.98
N ALA B 181 25.50 -19.31 -56.86
CA ALA B 181 24.47 -19.06 -55.87
C ALA B 181 24.69 -17.75 -55.15
N ASP B 182 25.94 -17.34 -55.01
CA ASP B 182 26.20 -16.07 -54.34
C ASP B 182 25.92 -14.91 -55.29
N GLN B 183 25.96 -15.18 -56.59
CA GLN B 183 25.57 -14.16 -57.56
C GLN B 183 24.06 -14.02 -57.65
N MET B 184 23.31 -14.98 -57.12
CA MET B 184 21.85 -14.85 -57.12
C MET B 184 21.43 -13.73 -56.21
N LEU B 185 21.92 -13.75 -54.99
CA LEU B 185 21.28 -13.02 -53.91
C LEU B 185 21.68 -11.55 -53.96
N HIS B 186 22.82 -11.25 -54.58
CA HIS B 186 23.25 -9.86 -54.61
C HIS B 186 22.73 -9.13 -55.83
N VAL B 187 21.97 -9.84 -56.68
CA VAL B 187 21.18 -9.11 -57.68
C VAL B 187 19.70 -9.31 -57.45
N LEU B 188 19.32 -10.34 -56.70
CA LEU B 188 17.94 -10.45 -56.28
C LEU B 188 17.65 -9.51 -55.12
N LEU B 189 18.69 -9.02 -54.46
CA LEU B 189 18.47 -7.95 -53.51
C LEU B 189 18.84 -6.60 -54.12
N GLU B 190 19.06 -6.57 -55.43
CA GLU B 190 18.93 -5.31 -56.15
C GLU B 190 17.46 -5.02 -56.43
N LYS B 191 16.72 -6.03 -56.86
CA LYS B 191 15.27 -6.02 -56.86
C LYS B 191 14.77 -6.51 -55.51
N ALA B 192 13.50 -6.91 -55.47
CA ALA B 192 12.78 -7.42 -54.31
C ALA B 192 12.70 -6.39 -53.18
N PRO B 193 11.84 -5.39 -53.32
CA PRO B 193 11.54 -4.50 -52.20
C PRO B 193 10.87 -5.26 -51.08
N PRO B 194 10.92 -4.77 -49.85
CA PRO B 194 10.42 -5.57 -48.71
C PRO B 194 8.91 -5.70 -48.72
N LEU B 195 8.44 -6.74 -48.03
CA LEU B 195 7.03 -7.09 -48.05
C LEU B 195 6.20 -6.03 -47.35
N ALA B 196 6.79 -5.33 -46.38
CA ALA B 196 6.05 -4.33 -45.63
C ALA B 196 5.74 -3.11 -46.49
N LEU B 197 6.50 -2.92 -47.57
CA LEU B 197 6.29 -1.76 -48.43
C LEU B 197 5.71 -2.18 -49.77
N LEU B 198 5.34 -3.45 -49.91
CA LEU B 198 4.86 -3.93 -51.20
C LEU B 198 3.36 -4.20 -51.18
N LEU B 199 2.85 -4.72 -50.06
CA LEU B 199 1.44 -5.12 -50.01
C LEU B 199 0.45 -3.96 -50.09
N PRO B 200 0.66 -2.80 -49.45
CA PRO B 200 -0.20 -1.67 -49.83
C PRO B 200 0.17 -1.10 -51.18
N MET B 201 1.41 -1.33 -51.62
CA MET B 201 1.85 -0.79 -52.90
C MET B 201 1.21 -1.52 -54.05
N GLN B 202 1.21 -2.86 -54.00
CA GLN B 202 0.76 -3.65 -55.13
C GLN B 202 -0.73 -3.50 -55.38
N ARG B 203 -1.51 -3.27 -54.32
CA ARG B 203 -2.94 -3.11 -54.53
C ARG B 203 -3.28 -1.72 -55.06
N TYR B 204 -2.28 -0.85 -55.21
CA TYR B 204 -2.56 0.49 -55.72
C TYR B 204 -1.97 0.76 -57.10
N LEU B 205 -1.37 -0.24 -57.75
CA LEU B 205 -1.01 -0.04 -59.14
C LEU B 205 -2.19 -0.30 -60.07
N ASP B 206 -3.01 -1.28 -59.75
CA ASP B 206 -3.99 -1.80 -60.69
C ASP B 206 -5.41 -1.33 -60.37
N ASN B 207 -5.57 -0.39 -59.44
CA ASN B 207 -6.89 0.15 -59.15
C ASN B 207 -7.33 1.12 -60.24
N GLY B 208 -6.41 1.97 -60.69
CA GLY B 208 -6.71 2.99 -61.67
C GLY B 208 -5.71 4.13 -61.62
N THR B 212 -4.98 12.06 -59.61
CA THR B 212 -5.02 11.02 -58.59
C THR B 212 -4.06 11.33 -57.47
N ARG B 213 -3.89 12.62 -57.18
CA ARG B 213 -2.87 13.04 -56.22
C ARG B 213 -3.25 12.64 -54.81
N VAL B 214 -4.56 12.61 -54.52
CA VAL B 214 -5.01 12.10 -53.24
C VAL B 214 -4.78 10.60 -53.16
N ALA B 215 -4.97 9.91 -54.29
CA ALA B 215 -4.71 8.47 -54.34
C ALA B 215 -3.23 8.17 -54.22
N ARG B 216 -2.38 9.13 -54.61
CA ARG B 216 -0.98 9.02 -54.28
C ARG B 216 -0.75 9.15 -52.79
N ALA B 217 -1.51 10.03 -52.13
CA ALA B 217 -1.22 10.35 -50.75
C ALA B 217 -1.70 9.27 -49.80
N THR B 218 -2.84 8.66 -50.09
CA THR B 218 -3.36 7.62 -49.22
C THR B 218 -2.54 6.35 -49.32
N LEU B 219 -1.78 6.20 -50.41
CA LEU B 219 -0.72 5.21 -50.45
C LEU B 219 0.32 5.47 -49.39
N VAL B 220 0.83 6.70 -49.33
CA VAL B 220 2.00 7.01 -48.51
C VAL B 220 1.65 6.93 -47.03
N ALA B 221 0.43 7.33 -46.68
CA ALA B 221 0.05 7.36 -45.28
C ALA B 221 -0.20 5.96 -44.74
N GLU B 222 -0.39 4.98 -45.61
CA GLU B 222 -0.51 3.62 -45.11
C GLU B 222 0.66 2.76 -45.56
N LEU B 223 1.65 3.36 -46.22
CA LEU B 223 2.94 2.68 -46.32
C LEU B 223 3.64 2.67 -44.97
N LYS B 224 3.83 3.86 -44.37
CA LYS B 224 4.56 3.93 -43.12
C LYS B 224 3.71 3.48 -41.95
N ARG B 225 2.43 3.23 -42.18
CA ARG B 225 1.62 2.59 -41.16
C ARG B 225 1.75 1.08 -41.25
N SER B 226 1.79 0.54 -42.47
CA SER B 226 1.95 -0.90 -42.63
C SER B 226 3.37 -1.33 -42.31
N PHE B 227 4.33 -0.43 -42.50
CA PHE B 227 5.71 -0.77 -42.20
C PHE B 227 5.94 -0.85 -40.70
N CYS B 228 5.11 -0.16 -39.93
CA CYS B 228 5.28 -0.16 -38.48
C CYS B 228 4.79 -1.47 -37.87
N ASP B 229 4.07 -2.28 -38.65
CA ASP B 229 3.55 -3.53 -38.09
C ASP B 229 4.06 -4.74 -38.85
N THR B 230 3.99 -4.71 -40.18
CA THR B 230 4.26 -5.93 -40.95
C THR B 230 5.75 -6.21 -41.06
N SER B 231 6.60 -5.25 -40.73
CA SER B 231 8.02 -5.55 -40.65
C SER B 231 8.30 -6.27 -39.34
N PHE B 232 9.32 -7.13 -39.36
CA PHE B 232 9.77 -7.95 -38.22
C PHE B 232 8.64 -8.85 -37.72
N PHE B 233 7.86 -9.40 -38.65
CA PHE B 233 6.53 -9.88 -38.28
C PHE B 233 6.59 -11.21 -37.57
N LEU B 234 7.45 -12.12 -38.02
CA LEU B 234 7.55 -13.42 -37.38
C LEU B 234 8.24 -13.31 -36.04
N GLY B 235 9.02 -12.24 -35.85
CA GLY B 235 9.54 -11.98 -34.53
C GLY B 235 8.48 -11.48 -33.58
N LYS B 236 7.77 -10.41 -33.96
CA LYS B 236 6.90 -9.73 -33.01
C LYS B 236 5.53 -10.38 -32.93
N ALA B 237 5.22 -11.29 -33.85
CA ALA B 237 3.94 -11.98 -33.83
C ALA B 237 4.13 -13.46 -34.20
N GLY B 238 5.13 -14.08 -33.60
CA GLY B 238 5.35 -15.50 -33.79
C GLY B 238 4.53 -16.41 -32.90
N HIS B 239 3.41 -15.91 -32.38
CA HIS B 239 2.60 -16.69 -31.45
C HIS B 239 1.32 -17.15 -32.11
N ARG B 240 0.66 -16.25 -32.83
CA ARG B 240 -0.61 -16.56 -33.47
C ARG B 240 -0.35 -17.37 -34.72
N ARG B 241 -0.73 -18.64 -34.70
CA ARG B 241 -0.51 -19.53 -35.83
C ARG B 241 -1.31 -19.07 -37.05
N GLU B 242 -2.46 -18.45 -36.82
CA GLU B 242 -3.30 -18.01 -37.93
C GLU B 242 -2.71 -16.79 -38.62
N ALA B 243 -1.95 -15.99 -37.87
CA ALA B 243 -1.36 -14.78 -38.45
C ALA B 243 -0.22 -15.12 -39.38
N ILE B 244 0.67 -16.02 -38.93
CA ILE B 244 1.81 -16.42 -39.75
C ILE B 244 1.35 -17.24 -40.95
N GLU B 245 0.28 -18.01 -40.77
CA GLU B 245 -0.32 -18.73 -41.88
C GLU B 245 -0.89 -17.77 -42.91
N ALA B 246 -1.44 -16.63 -42.46
CA ALA B 246 -1.93 -15.63 -43.39
C ALA B 246 -0.80 -14.73 -43.85
N TRP B 247 0.38 -14.84 -43.23
CA TRP B 247 1.49 -13.98 -43.61
C TRP B 247 2.28 -14.58 -44.76
N LEU B 248 2.47 -15.90 -44.76
CA LEU B 248 3.18 -16.54 -45.86
C LEU B 248 2.36 -16.48 -47.14
N VAL B 249 1.04 -16.51 -47.03
CA VAL B 249 0.21 -16.38 -48.22
C VAL B 249 0.10 -14.92 -48.64
N ASP B 250 0.52 -14.01 -47.75
CA ASP B 250 0.79 -12.65 -48.20
C ASP B 250 2.21 -12.56 -48.75
N LEU B 251 3.09 -13.44 -48.27
CA LEU B 251 4.46 -13.43 -48.78
C LEU B 251 4.53 -14.03 -50.16
N THR B 252 3.88 -15.16 -50.38
CA THR B 252 4.01 -15.86 -51.63
C THR B 252 3.19 -15.20 -52.73
N THR B 253 1.91 -14.96 -52.46
CA THR B 253 0.98 -14.50 -53.47
C THR B 253 0.93 -12.98 -53.49
N ALA B 254 2.09 -12.36 -53.70
CA ALA B 254 2.15 -10.92 -53.86
C ALA B 254 3.03 -10.60 -55.06
N THR B 255 3.91 -11.52 -55.39
CA THR B 255 4.77 -11.37 -56.56
C THR B 255 4.02 -11.78 -57.82
N GLN B 256 4.16 -10.96 -58.85
CA GLN B 256 3.62 -11.28 -60.16
C GLN B 256 4.46 -12.39 -60.75
N PRO B 257 3.88 -13.38 -61.42
CA PRO B 257 4.69 -14.39 -62.11
C PRO B 257 5.49 -13.78 -63.25
N SER B 258 6.47 -14.53 -63.71
CA SER B 258 7.40 -14.03 -64.71
C SER B 258 7.14 -14.74 -66.01
N VAL B 259 8.02 -14.50 -66.98
CA VAL B 259 7.90 -15.12 -68.29
C VAL B 259 8.10 -16.62 -68.18
N ALA B 260 7.15 -17.38 -68.70
CA ALA B 260 7.22 -18.82 -68.56
C ALA B 260 8.25 -19.39 -69.53
N VAL B 261 9.14 -20.22 -69.01
CA VAL B 261 10.08 -20.99 -69.82
C VAL B 261 9.63 -22.44 -69.76
N PRO B 262 9.19 -23.03 -70.87
CA PRO B 262 8.71 -24.42 -70.80
C PRO B 262 9.83 -25.42 -70.69
N ARG B 263 11.04 -25.07 -71.13
CA ARG B 263 12.15 -26.00 -71.02
C ARG B 263 12.59 -26.16 -69.57
N LEU B 264 12.70 -25.05 -68.86
CA LEU B 264 12.98 -25.09 -67.43
C LEU B 264 11.79 -25.71 -66.72
N THR B 265 11.90 -27.00 -66.43
CA THR B 265 10.95 -27.69 -65.57
C THR B 265 11.72 -28.15 -64.36
N HIS B 266 12.51 -27.20 -63.81
CA HIS B 266 13.47 -27.47 -62.75
C HIS B 266 12.78 -27.95 -61.48
N ALA B 267 11.52 -27.68 -61.35
CA ALA B 267 10.80 -28.05 -60.16
C ALA B 267 9.64 -28.95 -60.56
N ASP B 268 9.71 -30.20 -60.16
CA ASP B 268 8.63 -31.15 -60.39
C ASP B 268 8.72 -32.22 -59.32
N THR B 269 7.68 -33.03 -59.26
CA THR B 269 7.49 -34.12 -58.31
C THR B 269 6.72 -35.21 -59.02
N ARG B 270 6.02 -36.00 -58.24
CA ARG B 270 4.97 -36.85 -58.78
C ARG B 270 3.85 -35.94 -59.30
N GLY B 271 4.03 -35.42 -60.53
CA GLY B 271 3.24 -34.32 -61.03
C GLY B 271 3.53 -33.04 -60.29
N ARG B 272 2.67 -32.04 -60.53
CA ARG B 272 2.54 -30.84 -59.69
C ARG B 272 3.81 -30.00 -59.59
N PRO B 273 4.12 -29.19 -60.61
CA PRO B 273 5.35 -28.41 -60.60
C PRO B 273 5.37 -27.35 -59.50
N VAL B 274 6.58 -27.07 -58.99
CA VAL B 274 6.78 -26.07 -57.96
C VAL B 274 7.18 -24.76 -58.65
N ASP B 275 6.73 -23.63 -58.09
CA ASP B 275 6.95 -22.34 -58.71
C ASP B 275 7.56 -21.28 -57.81
N GLY B 276 8.14 -21.66 -56.68
CA GLY B 276 8.75 -20.62 -55.85
C GLY B 276 9.88 -21.11 -54.97
N VAL B 277 10.72 -20.20 -54.48
CA VAL B 277 11.75 -20.52 -53.51
C VAL B 277 11.72 -19.49 -52.40
N LEU B 278 11.40 -19.94 -51.19
CA LEU B 278 11.71 -19.19 -49.99
C LEU B 278 13.14 -19.47 -49.57
N VAL B 279 14.04 -18.55 -49.86
CA VAL B 279 15.39 -18.58 -49.32
C VAL B 279 15.30 -18.07 -47.89
N THR B 280 15.75 -18.90 -46.94
CA THR B 280 15.69 -18.53 -45.54
C THR B 280 17.09 -18.61 -44.95
N THR B 281 17.19 -18.28 -43.66
CA THR B 281 18.37 -18.70 -42.91
C THR B 281 18.12 -20.08 -42.34
N ALA B 282 19.14 -20.65 -41.72
CA ALA B 282 19.00 -22.00 -41.19
C ALA B 282 18.22 -22.00 -39.87
N ALA B 283 18.03 -20.83 -39.27
CA ALA B 283 17.36 -20.77 -37.97
C ALA B 283 15.87 -20.53 -38.11
N ILE B 284 15.47 -19.67 -39.06
CA ILE B 284 14.04 -19.48 -39.31
C ILE B 284 13.45 -20.73 -39.93
N LYS B 285 14.17 -21.37 -40.87
CA LYS B 285 13.72 -22.62 -41.44
C LYS B 285 13.61 -23.71 -40.37
N GLN B 286 14.48 -23.66 -39.37
CA GLN B 286 14.33 -24.53 -38.21
C GLN B 286 13.07 -24.20 -37.43
N ARG B 287 12.69 -22.92 -37.43
CA ARG B 287 11.48 -22.50 -36.73
C ARG B 287 10.25 -22.68 -37.61
N LEU B 288 10.39 -22.42 -38.90
CA LEU B 288 9.21 -22.30 -39.74
C LEU B 288 8.78 -23.65 -40.29
N LEU B 289 9.68 -24.62 -40.34
CA LEU B 289 9.29 -25.96 -40.78
C LEU B 289 8.61 -26.71 -39.64
N GLN B 290 8.58 -26.11 -38.46
CA GLN B 290 7.73 -26.58 -37.38
C GLN B 290 6.30 -26.10 -37.63
N SER B 291 5.50 -26.02 -36.57
CA SER B 291 4.02 -25.91 -36.52
C SER B 291 3.44 -24.90 -37.50
N PHE B 292 4.17 -23.86 -37.90
CA PHE B 292 3.63 -22.81 -38.77
C PHE B 292 3.16 -23.30 -40.14
N LEU B 293 4.02 -23.94 -40.92
CA LEU B 293 3.51 -24.57 -42.13
C LEU B 293 3.48 -26.09 -41.97
N LYS B 294 2.51 -26.72 -42.63
CA LYS B 294 2.25 -28.14 -42.44
C LYS B 294 2.45 -28.99 -43.67
N VAL B 295 3.02 -28.46 -44.75
CA VAL B 295 3.23 -29.27 -45.94
C VAL B 295 4.71 -29.57 -46.10
N GLU B 296 5.05 -30.85 -46.20
CA GLU B 296 6.44 -31.28 -46.27
C GLU B 296 6.59 -32.38 -47.33
N ASP B 297 6.12 -32.11 -48.55
CA ASP B 297 6.17 -33.07 -49.64
C ASP B 297 7.59 -33.18 -50.22
N THR B 298 8.49 -33.80 -49.46
CA THR B 298 9.91 -33.61 -49.68
C THR B 298 10.53 -34.90 -50.19
N GLU B 299 11.86 -34.94 -50.11
CA GLU B 299 12.73 -36.04 -50.49
C GLU B 299 12.64 -36.31 -51.99
N ALA B 300 12.19 -35.32 -52.74
CA ALA B 300 11.85 -35.47 -54.14
C ALA B 300 11.78 -34.09 -54.77
N ASP B 301 12.74 -33.78 -55.63
CA ASP B 301 12.63 -32.67 -56.54
C ASP B 301 13.33 -33.09 -57.82
N VAL B 302 12.83 -32.59 -58.94
CA VAL B 302 13.21 -33.10 -60.26
C VAL B 302 13.79 -31.95 -61.07
N PRO B 303 15.10 -31.71 -61.01
CA PRO B 303 15.68 -30.57 -61.72
C PRO B 303 16.25 -30.91 -63.09
N VAL B 304 16.42 -29.90 -63.93
CA VAL B 304 16.96 -30.09 -65.25
C VAL B 304 18.49 -30.01 -65.22
N THR B 305 19.09 -30.37 -66.35
CA THR B 305 20.49 -30.10 -66.65
C THR B 305 20.56 -28.74 -67.37
N TYR B 306 21.78 -28.21 -67.56
CA TYR B 306 22.02 -26.85 -68.07
C TYR B 306 21.36 -26.56 -69.42
N GLY B 307 21.13 -25.28 -69.66
CA GLY B 307 20.84 -24.83 -71.01
C GLY B 307 22.10 -24.40 -71.72
N GLU B 308 22.05 -24.41 -73.05
CA GLU B 308 23.23 -24.20 -73.87
C GLU B 308 22.88 -23.25 -75.02
N MET B 309 23.70 -22.21 -75.20
CA MET B 309 23.50 -21.27 -76.30
C MET B 309 24.83 -20.96 -76.96
N VAL B 310 25.01 -21.41 -78.20
CA VAL B 310 26.25 -21.26 -78.92
C VAL B 310 26.01 -20.46 -80.19
N LEU B 311 27.09 -20.24 -80.95
CA LEU B 311 27.05 -19.50 -82.20
C LEU B 311 27.34 -20.50 -83.32
N ASN B 312 26.53 -20.48 -84.38
CA ASN B 312 26.75 -21.34 -85.53
C ASN B 312 26.21 -20.72 -86.80
N GLY B 313 26.74 -21.20 -87.92
CA GLY B 313 26.09 -21.08 -89.21
C GLY B 313 26.02 -19.65 -89.70
N ALA B 314 24.80 -19.10 -89.71
CA ALA B 314 24.61 -17.74 -90.16
C ALA B 314 25.05 -16.73 -89.12
N ASN B 315 25.21 -17.17 -87.88
CA ASN B 315 25.57 -16.22 -86.82
C ASN B 315 27.03 -15.83 -86.88
N LEU B 316 27.93 -16.78 -87.16
CA LEU B 316 29.35 -16.44 -87.26
C LEU B 316 29.61 -15.53 -88.45
N VAL B 317 28.82 -15.66 -89.50
CA VAL B 317 28.83 -14.63 -90.53
C VAL B 317 28.29 -13.32 -89.96
N THR B 318 27.23 -13.39 -89.15
CA THR B 318 26.59 -12.16 -88.70
C THR B 318 27.36 -11.54 -87.53
N ALA B 319 28.05 -12.37 -86.75
CA ALA B 319 28.83 -11.83 -85.63
C ALA B 319 30.10 -11.15 -86.14
N LEU B 320 30.72 -11.72 -87.17
CA LEU B 320 31.93 -11.11 -87.72
C LEU B 320 31.58 -9.99 -88.68
N VAL B 321 30.70 -10.27 -89.64
CA VAL B 321 30.31 -9.30 -90.66
C VAL B 321 28.98 -8.72 -90.24
N MET B 322 28.92 -7.37 -90.21
CA MET B 322 27.88 -6.49 -89.68
C MET B 322 27.85 -6.48 -88.15
N GLY B 323 28.68 -7.32 -87.51
CA GLY B 323 29.03 -7.21 -86.11
C GLY B 323 27.91 -7.30 -85.10
N LYS B 324 26.76 -7.87 -85.44
CA LYS B 324 25.65 -7.99 -84.51
C LYS B 324 25.13 -9.42 -84.56
N ALA B 325 24.64 -9.92 -83.44
CA ALA B 325 24.12 -11.27 -83.40
C ALA B 325 22.67 -11.23 -82.95
N VAL B 326 21.96 -12.34 -83.14
CA VAL B 326 20.61 -12.53 -82.65
C VAL B 326 20.56 -13.93 -82.05
N ARG B 327 19.96 -14.06 -80.87
CA ARG B 327 19.63 -15.37 -80.36
C ARG B 327 18.64 -16.06 -81.30
N SER B 328 19.04 -17.24 -81.77
CA SER B 328 18.25 -18.08 -82.68
C SER B 328 17.89 -17.34 -83.96
N LEU B 329 18.91 -16.90 -84.69
CA LEU B 329 18.68 -16.21 -85.96
C LEU B 329 18.11 -17.16 -87.00
N ASP B 330 18.33 -18.46 -86.83
CA ASP B 330 17.99 -19.41 -87.88
C ASP B 330 16.52 -19.78 -87.84
N ASP B 331 15.78 -19.27 -86.85
CA ASP B 331 14.32 -19.38 -86.90
C ASP B 331 13.65 -18.01 -86.95
N VAL B 332 14.31 -16.97 -86.46
CA VAL B 332 13.84 -15.62 -86.76
C VAL B 332 14.01 -15.34 -88.23
N GLY B 333 15.14 -15.75 -88.80
CA GLY B 333 15.35 -15.56 -90.22
C GLY B 333 14.55 -16.53 -91.07
N ARG B 334 14.05 -17.60 -90.45
CA ARG B 334 13.27 -18.57 -91.22
C ARG B 334 11.82 -18.15 -91.32
N HIS B 335 11.19 -17.79 -90.19
CA HIS B 335 9.78 -17.45 -90.22
C HIS B 335 9.53 -16.13 -90.92
N LEU B 336 10.45 -15.17 -90.81
CA LEU B 336 10.29 -13.91 -91.52
C LEU B 336 10.54 -14.08 -93.01
N LEU B 337 11.19 -15.16 -93.40
CA LEU B 337 11.38 -15.43 -94.82
C LEU B 337 10.17 -16.13 -95.40
N ASP B 338 9.40 -16.83 -94.57
CA ASP B 338 8.26 -17.59 -95.09
C ASP B 338 6.97 -16.78 -95.08
N MET B 339 6.95 -15.66 -94.34
CA MET B 339 5.75 -14.84 -94.31
C MET B 339 5.69 -13.88 -95.48
N GLN B 340 6.76 -13.82 -96.28
CA GLN B 340 6.80 -12.99 -97.47
C GLN B 340 5.78 -13.47 -98.50
N GLU B 341 5.53 -14.77 -98.51
CA GLU B 341 4.64 -15.42 -99.47
C GLU B 341 3.18 -15.24 -99.06
N GLU B 342 2.79 -15.87 -97.95
CA GLU B 342 1.44 -15.80 -97.36
C GLU B 342 0.31 -16.16 -98.32
N ASN B 347 -1.93 -12.35 -85.95
CA ASN B 347 -1.94 -13.56 -86.76
C ASN B 347 -1.88 -14.76 -85.84
N ARG B 348 -2.03 -14.51 -84.53
CA ARG B 348 -1.90 -15.51 -83.47
C ARG B 348 -0.53 -16.19 -83.52
N GLU B 349 0.52 -15.39 -83.27
CA GLU B 349 1.87 -15.87 -83.47
C GLU B 349 2.26 -16.90 -82.41
N THR B 350 2.71 -18.05 -82.89
CA THR B 350 3.08 -19.18 -82.03
C THR B 350 4.45 -19.74 -82.38
N LEU B 351 5.41 -18.87 -82.73
CA LEU B 351 6.75 -19.34 -83.08
C LEU B 351 7.66 -19.33 -81.86
N ASP B 352 7.09 -19.54 -80.67
CA ASP B 352 7.80 -19.47 -79.38
C ASP B 352 8.74 -20.68 -79.28
N GLU B 353 9.81 -20.58 -78.49
CA GLU B 353 10.80 -21.64 -78.37
C GLU B 353 10.36 -22.62 -77.28
N LEU B 354 10.25 -23.89 -77.65
CA LEU B 354 10.01 -24.97 -76.70
C LEU B 354 10.69 -26.23 -77.23
N GLU B 355 11.75 -26.66 -76.55
CA GLU B 355 12.59 -27.69 -77.16
C GLU B 355 13.40 -28.56 -76.21
N SER B 356 13.71 -29.77 -76.70
CA SER B 356 14.82 -30.66 -76.35
C SER B 356 14.72 -31.40 -75.02
N ALA B 357 13.77 -31.04 -74.16
CA ALA B 357 13.32 -31.84 -73.01
C ALA B 357 14.41 -32.49 -72.15
N PRO B 358 15.17 -31.70 -71.39
CA PRO B 358 16.46 -32.19 -70.86
C PRO B 358 16.31 -33.26 -69.80
N GLN B 359 17.38 -34.04 -69.64
CA GLN B 359 17.35 -35.18 -68.71
C GLN B 359 17.32 -34.69 -67.27
N THR B 360 16.51 -35.38 -66.47
CA THR B 360 16.14 -34.91 -65.14
C THR B 360 16.27 -36.05 -64.12
N THR B 361 16.75 -35.72 -62.93
CA THR B 361 17.02 -36.70 -61.88
C THR B 361 16.30 -36.30 -60.61
N ARG B 362 16.67 -36.93 -59.50
CA ARG B 362 16.17 -36.50 -58.21
C ARG B 362 17.20 -35.66 -57.46
N VAL B 363 16.72 -34.91 -56.47
CA VAL B 363 17.55 -34.19 -55.53
C VAL B 363 16.75 -34.02 -54.25
N ARG B 364 17.43 -34.12 -53.11
CA ARG B 364 16.76 -34.02 -51.82
C ARG B 364 16.57 -32.55 -51.46
N ALA B 365 15.59 -31.94 -52.10
CA ALA B 365 15.19 -30.61 -51.70
C ALA B 365 14.12 -30.71 -50.62
N ASP B 366 13.48 -29.58 -50.35
CA ASP B 366 12.56 -29.43 -49.23
C ASP B 366 11.37 -28.61 -49.72
N LEU B 367 10.20 -29.24 -49.80
CA LEU B 367 9.10 -28.71 -50.58
C LEU B 367 7.88 -28.51 -49.70
N VAL B 368 7.27 -27.33 -49.78
CA VAL B 368 6.09 -26.99 -49.00
C VAL B 368 5.01 -26.50 -49.94
N ALA B 369 3.80 -26.34 -49.42
CA ALA B 369 2.71 -25.70 -50.15
C ALA B 369 2.27 -24.47 -49.38
N ILE B 370 2.10 -23.37 -50.08
CA ILE B 370 1.60 -22.12 -49.51
C ILE B 370 0.41 -21.67 -50.34
N GLY B 371 -0.76 -21.59 -49.71
CA GLY B 371 -1.93 -21.13 -50.42
C GLY B 371 -2.37 -22.17 -51.43
N ASP B 372 -2.12 -21.86 -52.70
CA ASP B 372 -2.24 -22.84 -53.78
C ASP B 372 -0.97 -22.73 -54.61
N ARG B 373 0.15 -22.47 -53.95
CA ARG B 373 1.43 -22.43 -54.65
C ARG B 373 2.41 -23.35 -53.95
N LEU B 374 3.56 -23.57 -54.54
CA LEU B 374 4.54 -24.49 -53.98
C LEU B 374 5.88 -23.79 -53.87
N VAL B 375 6.63 -24.12 -52.83
CA VAL B 375 7.79 -23.34 -52.44
C VAL B 375 8.87 -24.29 -51.95
N PHE B 376 10.08 -24.12 -52.48
CA PHE B 376 11.28 -24.71 -51.91
C PHE B 376 11.68 -23.95 -50.65
N LEU B 377 12.06 -24.66 -49.61
CA LEU B 377 12.72 -24.05 -48.46
C LEU B 377 14.21 -24.32 -48.56
N GLU B 378 14.99 -23.26 -48.78
CA GLU B 378 16.43 -23.36 -48.87
C GLU B 378 17.06 -22.43 -47.86
N ALA B 379 18.07 -22.93 -47.14
CA ALA B 379 18.77 -22.12 -46.15
C ALA B 379 20.13 -21.68 -46.66
N LEU B 380 20.92 -22.62 -47.18
CA LEU B 380 22.21 -22.50 -47.84
C LEU B 380 23.34 -22.07 -46.91
N GLU B 381 23.08 -21.85 -45.62
CA GLU B 381 24.17 -21.43 -44.73
C GLU B 381 25.07 -22.60 -44.41
N ARG B 382 24.49 -23.80 -44.31
CA ARG B 382 25.28 -24.97 -43.98
C ARG B 382 25.95 -25.56 -45.21
N ARG B 383 25.30 -25.40 -46.37
CA ARG B 383 25.79 -26.08 -47.57
C ARG B 383 26.89 -25.28 -48.26
N ILE B 384 26.58 -24.08 -48.73
CA ILE B 384 27.50 -23.36 -49.60
C ILE B 384 28.35 -22.35 -48.86
N TYR B 385 27.97 -21.96 -47.64
CA TYR B 385 28.73 -20.97 -46.89
C TYR B 385 29.26 -21.52 -45.59
N ALA B 386 29.60 -22.81 -45.54
CA ALA B 386 30.06 -23.38 -44.28
C ALA B 386 31.43 -22.85 -43.90
N ALA B 387 32.42 -23.03 -44.77
CA ALA B 387 33.79 -22.72 -44.42
C ALA B 387 34.36 -21.56 -45.22
N THR B 388 33.58 -20.93 -46.08
CA THR B 388 34.18 -20.04 -47.07
C THR B 388 34.48 -18.66 -46.51
N ASN B 389 33.97 -18.36 -45.31
CA ASN B 389 34.12 -17.08 -44.62
C ASN B 389 33.63 -15.91 -45.47
N VAL B 390 32.46 -16.07 -46.06
CA VAL B 390 31.82 -15.07 -46.92
C VAL B 390 30.55 -14.61 -46.19
N PRO B 391 30.23 -13.31 -46.20
CA PRO B 391 29.00 -12.86 -45.54
C PRO B 391 27.75 -13.46 -46.15
N TYR B 392 26.97 -14.11 -45.29
CA TYR B 392 25.64 -14.58 -45.67
C TYR B 392 24.78 -13.37 -45.99
N PRO B 393 24.01 -13.39 -47.07
CA PRO B 393 23.38 -12.15 -47.53
C PRO B 393 22.03 -11.89 -46.91
N LEU B 394 21.38 -12.88 -46.31
CA LEU B 394 20.03 -12.64 -45.80
C LEU B 394 20.08 -11.98 -44.44
N VAL B 395 21.19 -12.08 -43.73
CA VAL B 395 21.37 -11.24 -42.56
C VAL B 395 21.76 -9.84 -43.03
N GLY B 396 20.97 -8.86 -42.64
CA GLY B 396 21.10 -7.53 -43.19
C GLY B 396 20.78 -6.46 -42.16
N ALA B 397 21.27 -5.26 -42.45
CA ALA B 397 21.25 -4.17 -41.49
C ALA B 397 20.05 -3.27 -41.73
N MET B 398 19.75 -2.41 -40.77
CA MET B 398 18.65 -1.46 -40.85
C MET B 398 19.01 -0.18 -40.13
N ASP B 399 18.93 0.94 -40.84
CA ASP B 399 19.18 2.24 -40.25
C ASP B 399 17.87 2.89 -39.82
N LEU B 400 17.74 3.15 -38.54
CA LEU B 400 16.61 3.87 -37.99
C LEU B 400 17.13 5.11 -37.29
N THR B 401 16.42 6.21 -37.42
CA THR B 401 16.76 7.42 -36.69
C THR B 401 15.77 7.61 -35.56
N PHE B 402 16.25 7.61 -34.32
CA PHE B 402 15.39 7.76 -33.16
C PHE B 402 15.40 9.20 -32.68
N VAL B 403 14.27 9.64 -32.12
CA VAL B 403 14.08 11.01 -31.67
C VAL B 403 13.61 11.00 -30.22
N LEU B 404 14.27 11.77 -29.37
CA LEU B 404 13.90 11.95 -27.99
C LEU B 404 14.00 13.42 -27.64
N PRO B 405 12.96 14.02 -27.16
CA PRO B 405 13.08 15.40 -26.69
C PRO B 405 13.49 15.54 -25.24
N LEU B 406 14.48 16.38 -24.97
CA LEU B 406 14.93 16.67 -23.62
C LEU B 406 14.11 17.79 -23.02
N GLY B 407 13.40 17.48 -21.93
CA GLY B 407 12.91 18.47 -21.01
C GLY B 407 11.92 19.48 -21.56
N LEU B 408 11.13 19.12 -22.56
CA LEU B 408 10.15 20.05 -23.06
C LEU B 408 9.01 20.20 -22.07
N PHE B 409 8.20 21.23 -22.25
CA PHE B 409 7.21 21.59 -21.27
C PHE B 409 5.85 21.09 -21.74
N ASN B 410 5.08 20.54 -20.81
CA ASN B 410 3.80 19.95 -21.18
C ASN B 410 2.79 21.05 -21.52
N PRO B 411 1.80 20.75 -22.36
CA PRO B 411 0.77 21.74 -22.67
C PRO B 411 -0.12 22.03 -21.47
N ALA B 412 -1.10 22.91 -21.69
CA ALA B 412 -1.83 23.46 -20.56
C ALA B 412 -2.83 22.46 -19.99
N MET B 413 -3.10 21.38 -20.69
CA MET B 413 -4.10 20.45 -20.22
C MET B 413 -3.46 19.20 -19.62
N GLU B 414 -2.20 18.94 -19.96
CA GLU B 414 -1.62 17.63 -19.62
C GLU B 414 -0.82 17.67 -18.34
N ARG B 415 -1.22 18.44 -17.36
CA ARG B 415 -0.45 18.49 -16.12
C ARG B 415 -1.18 17.80 -14.98
N PHE B 416 -2.00 16.81 -15.31
CA PHE B 416 -2.75 16.11 -14.28
C PHE B 416 -1.93 14.97 -13.69
N ALA B 417 -2.50 14.31 -12.67
CA ALA B 417 -1.72 13.34 -11.91
C ALA B 417 -2.29 11.93 -12.00
N ALA B 418 -3.54 11.82 -12.45
CA ALA B 418 -4.34 10.58 -12.56
C ALA B 418 -4.59 9.90 -11.22
N HIS B 419 -4.39 10.62 -10.13
CA HIS B 419 -4.90 10.35 -8.80
C HIS B 419 -4.63 11.62 -8.00
N ALA B 420 -5.33 11.78 -6.87
CA ALA B 420 -5.04 12.91 -6.00
C ALA B 420 -3.63 12.86 -5.48
N GLY B 421 -3.33 11.86 -4.65
CA GLY B 421 -2.00 11.74 -4.13
C GLY B 421 -1.39 10.42 -4.52
N ASP B 422 -0.39 10.47 -5.39
CA ASP B 422 0.54 9.38 -5.63
C ASP B 422 1.79 9.99 -6.22
N LEU B 423 2.92 9.30 -6.05
CA LEU B 423 4.26 9.87 -6.21
C LEU B 423 4.40 11.13 -5.37
N VAL B 424 4.12 10.97 -4.09
CA VAL B 424 4.13 12.07 -3.12
C VAL B 424 5.34 11.92 -2.19
N PRO B 425 6.13 12.98 -1.94
CA PRO B 425 7.31 12.83 -1.10
C PRO B 425 6.91 12.89 0.37
N ALA B 426 7.88 12.70 1.28
CA ALA B 426 7.61 13.01 2.67
C ALA B 426 7.41 14.52 2.80
N PRO B 427 6.53 14.98 3.70
CA PRO B 427 6.00 16.36 3.58
C PRO B 427 7.02 17.48 3.72
N GLY B 428 8.21 17.20 4.25
CA GLY B 428 9.26 18.20 4.22
C GLY B 428 9.93 18.31 2.88
N HIS B 429 9.90 17.24 2.10
CA HIS B 429 10.60 17.21 0.83
C HIS B 429 9.83 18.04 -0.22
N PRO B 430 10.52 18.59 -1.21
CA PRO B 430 9.90 19.69 -1.98
C PRO B 430 9.07 19.28 -3.19
N GLU B 431 8.79 18.01 -3.42
CA GLU B 431 8.04 17.53 -4.59
C GLU B 431 8.65 17.99 -5.92
N PRO B 432 9.68 17.31 -6.40
CA PRO B 432 10.38 17.74 -7.61
C PRO B 432 9.60 17.59 -8.92
N ARG B 433 8.33 17.19 -8.91
CA ARG B 433 7.66 16.93 -10.17
C ARG B 433 7.02 18.18 -10.73
N ALA B 434 6.80 19.20 -9.90
CA ALA B 434 6.37 20.49 -10.43
C ALA B 434 7.56 21.26 -10.99
N PHE B 435 8.77 20.76 -10.80
CA PHE B 435 9.95 21.41 -11.35
C PHE B 435 10.02 21.09 -12.84
N PRO B 436 10.60 21.97 -13.65
CA PRO B 436 10.72 21.71 -15.08
C PRO B 436 11.64 20.53 -15.33
N PRO B 437 11.33 19.72 -16.34
CA PRO B 437 12.15 18.53 -16.61
C PRO B 437 13.48 18.88 -17.22
N ARG B 438 14.53 18.14 -16.86
CA ARG B 438 15.84 18.32 -17.47
C ARG B 438 16.45 17.02 -17.97
N GLN B 439 16.34 15.94 -17.22
CA GLN B 439 16.95 14.68 -17.61
C GLN B 439 15.92 13.85 -18.35
N LEU B 440 16.38 12.75 -18.97
CA LEU B 440 15.50 11.85 -19.70
C LEU B 440 16.02 10.43 -19.58
N PHE B 441 15.15 9.52 -19.19
CA PHE B 441 15.50 8.15 -18.84
C PHE B 441 14.85 7.22 -19.83
N PHE B 442 15.54 6.14 -20.19
CA PHE B 442 15.06 5.19 -21.18
C PHE B 442 15.88 3.92 -21.09
N TRP B 443 15.31 2.82 -21.54
CA TRP B 443 16.05 1.57 -21.65
C TRP B 443 16.98 1.67 -22.83
N GLY B 444 18.23 1.25 -22.62
CA GLY B 444 19.11 0.99 -23.73
C GLY B 444 19.17 -0.49 -24.04
N LYS B 445 20.28 -0.90 -24.63
CA LYS B 445 20.54 -2.31 -24.82
C LYS B 445 20.83 -2.94 -23.46
N ASP B 446 20.63 -4.27 -23.38
CA ASP B 446 20.76 -5.10 -22.18
C ASP B 446 19.81 -4.68 -21.07
N HIS B 447 18.71 -4.01 -21.43
CA HIS B 447 17.57 -3.73 -20.54
C HIS B 447 17.96 -2.88 -19.33
N GLN B 448 19.05 -2.14 -19.43
CA GLN B 448 19.48 -1.27 -18.35
C GLN B 448 18.88 0.11 -18.55
N VAL B 449 18.84 0.88 -17.47
CA VAL B 449 18.36 2.25 -17.57
C VAL B 449 19.52 3.14 -18.00
N LEU B 450 19.22 4.29 -18.61
CA LEU B 450 20.25 5.24 -19.01
C LEU B 450 19.87 6.63 -18.51
N ARG B 451 20.57 7.65 -19.01
CA ARG B 451 20.35 9.03 -18.61
C ARG B 451 20.83 9.94 -19.73
N LEU B 452 20.02 10.93 -20.11
CA LEU B 452 20.46 11.86 -21.16
C LEU B 452 20.99 13.17 -20.62
N SER B 453 20.22 13.87 -19.78
CA SER B 453 20.76 14.88 -18.86
C SER B 453 21.47 16.07 -19.48
N MET B 454 20.72 17.12 -19.86
CA MET B 454 21.15 18.29 -20.66
C MET B 454 22.52 18.86 -20.30
N GLU B 455 23.03 18.59 -19.10
CA GLU B 455 24.46 18.72 -18.84
C GLU B 455 25.33 17.93 -19.83
N ASN B 456 24.81 16.83 -20.39
CA ASN B 456 25.53 16.13 -21.44
C ASN B 456 25.36 16.80 -22.79
N ALA B 457 24.52 17.83 -22.88
CA ALA B 457 24.26 18.53 -24.13
C ALA B 457 25.17 19.72 -24.33
N VAL B 458 26.38 19.66 -23.80
CA VAL B 458 27.21 20.86 -23.72
C VAL B 458 28.23 20.87 -24.86
N GLY B 459 28.37 19.75 -25.57
CA GLY B 459 29.31 19.69 -26.67
C GLY B 459 28.69 20.14 -27.99
N THR B 460 27.40 20.45 -27.96
CA THR B 460 26.72 20.88 -29.17
C THR B 460 26.53 22.38 -29.19
N VAL B 461 25.95 22.92 -28.13
CA VAL B 461 25.57 24.32 -28.13
C VAL B 461 26.77 25.21 -27.81
N CYS B 462 27.74 24.70 -27.05
CA CYS B 462 28.82 25.57 -26.61
C CYS B 462 29.94 25.69 -27.65
N HIS B 463 29.84 24.96 -28.77
CA HIS B 463 30.75 25.21 -29.87
C HIS B 463 30.39 26.57 -30.47
N PRO B 464 31.38 27.37 -30.89
CA PRO B 464 31.09 28.75 -31.31
C PRO B 464 30.39 28.88 -32.65
N SER B 465 29.84 27.80 -33.21
CA SER B 465 28.92 27.91 -34.33
C SER B 465 27.62 28.58 -33.93
N LEU B 466 27.34 28.62 -32.62
CA LEU B 466 26.10 29.18 -32.09
C LEU B 466 25.95 30.66 -32.42
N MET B 467 27.06 31.39 -32.51
CA MET B 467 26.94 32.82 -32.68
C MET B 467 27.03 33.24 -34.13
N ASN B 468 27.50 32.36 -34.99
CA ASN B 468 27.82 32.75 -36.36
C ASN B 468 26.57 32.64 -37.22
N ILE B 469 26.14 33.77 -37.78
CA ILE B 469 24.99 33.81 -38.67
C ILE B 469 25.35 34.48 -39.98
N ASP B 470 26.61 34.36 -40.40
CA ASP B 470 27.06 35.01 -41.62
C ASP B 470 26.38 34.43 -42.87
N ALA B 471 25.86 33.21 -42.76
CA ALA B 471 25.02 32.69 -43.83
C ALA B 471 23.63 33.30 -43.77
N ALA B 472 23.16 33.67 -42.57
CA ALA B 472 21.78 34.08 -42.43
C ALA B 472 21.56 35.50 -42.90
N VAL B 473 22.34 36.45 -42.36
CA VAL B 473 22.02 37.86 -42.54
C VAL B 473 22.35 38.32 -43.95
N GLY B 474 23.29 37.63 -44.60
CA GLY B 474 23.54 37.93 -46.00
C GLY B 474 22.65 37.12 -46.91
N GLY B 475 22.19 35.97 -46.42
CA GLY B 475 21.39 35.09 -47.25
C GLY B 475 19.94 35.53 -47.36
N VAL B 476 19.29 35.75 -46.22
CA VAL B 476 17.84 36.02 -46.21
C VAL B 476 17.54 37.47 -46.57
N ASN B 477 18.57 38.27 -46.85
CA ASN B 477 18.38 39.70 -47.03
C ASN B 477 17.85 40.03 -48.42
N HIS B 478 17.77 39.04 -49.30
CA HIS B 478 17.23 39.25 -50.64
C HIS B 478 15.75 39.55 -50.59
N ASP B 479 15.24 40.19 -51.65
CA ASP B 479 13.85 40.62 -51.84
C ASP B 479 13.39 41.42 -50.63
N PRO B 480 13.85 42.66 -50.47
CA PRO B 480 13.77 43.33 -49.17
C PRO B 480 12.36 43.69 -48.77
N VAL B 481 12.04 43.42 -47.50
CA VAL B 481 10.71 43.73 -46.97
C VAL B 481 10.54 45.25 -46.89
N GLU B 482 9.30 45.70 -47.05
CA GLU B 482 8.99 47.11 -46.92
C GLU B 482 9.12 47.54 -45.46
N ALA B 483 9.02 48.85 -45.25
CA ALA B 483 9.02 49.38 -43.90
C ALA B 483 7.75 48.97 -43.18
N ALA B 484 7.92 48.25 -42.06
CA ALA B 484 6.83 47.93 -41.17
C ALA B 484 6.58 49.02 -40.14
N ASN B 485 6.95 50.27 -40.47
CA ASN B 485 7.07 51.43 -39.59
C ASN B 485 7.83 51.02 -38.34
N PRO B 486 9.14 50.84 -38.43
CA PRO B 486 9.89 50.23 -37.31
C PRO B 486 10.05 51.19 -36.15
N TYR B 487 9.24 50.98 -35.12
CA TYR B 487 9.38 51.80 -33.91
C TYR B 487 10.37 51.19 -32.94
N GLY B 488 10.28 49.88 -32.71
CA GLY B 488 11.16 49.26 -31.73
C GLY B 488 12.52 48.91 -32.31
N ALA B 489 12.76 49.27 -33.57
CA ALA B 489 13.96 48.85 -34.26
C ALA B 489 14.91 50.01 -34.49
N TYR B 490 14.48 51.23 -34.20
CA TYR B 490 15.30 52.40 -34.46
C TYR B 490 15.73 53.04 -33.15
N VAL B 491 16.95 53.58 -33.14
CA VAL B 491 17.47 54.36 -32.02
C VAL B 491 17.82 55.74 -32.54
N ALA B 492 17.24 56.76 -31.94
CA ALA B 492 17.49 58.13 -32.34
C ALA B 492 18.60 58.69 -31.45
N ALA B 493 19.34 59.66 -31.98
CA ALA B 493 20.26 60.40 -31.13
C ALA B 493 19.46 61.25 -30.14
N PRO B 494 19.91 61.36 -28.90
CA PRO B 494 19.18 62.18 -27.92
C PRO B 494 19.33 63.65 -28.26
N ALA B 495 18.20 64.33 -28.42
CA ALA B 495 18.17 65.67 -28.98
C ALA B 495 17.70 66.66 -27.93
N GLY B 496 18.35 67.83 -27.90
CA GLY B 496 17.98 68.90 -27.01
C GLY B 496 18.24 68.55 -25.55
N PRO B 497 17.54 69.22 -24.65
CA PRO B 497 17.63 68.84 -23.24
C PRO B 497 16.86 67.55 -22.98
N GLY B 498 16.97 67.05 -21.75
CA GLY B 498 16.22 65.85 -21.40
C GLY B 498 14.76 66.12 -21.15
N ALA B 499 14.38 67.40 -21.00
CA ALA B 499 13.08 67.77 -20.45
C ALA B 499 11.94 67.46 -21.42
N ASP B 500 11.94 68.11 -22.59
CA ASP B 500 10.91 67.87 -23.59
C ASP B 500 11.29 66.79 -24.59
N MET B 501 12.17 65.87 -24.19
CA MET B 501 12.70 64.88 -25.13
C MET B 501 11.61 63.92 -25.58
N GLN B 502 10.70 63.58 -24.68
CA GLN B 502 9.56 62.75 -25.07
C GLN B 502 8.44 63.62 -25.63
N GLN B 503 8.45 64.91 -25.28
CA GLN B 503 7.43 65.81 -25.80
C GLN B 503 7.58 66.04 -27.30
N ARG B 504 8.80 66.33 -27.75
CA ARG B 504 9.02 66.46 -29.18
C ARG B 504 9.05 65.10 -29.86
N PHE B 505 9.18 64.03 -29.08
CA PHE B 505 9.11 62.68 -29.63
C PHE B 505 7.71 62.34 -30.12
N LEU B 506 6.69 62.71 -29.36
CA LEU B 506 5.34 62.30 -29.71
C LEU B 506 4.79 63.13 -30.85
N ASN B 507 5.37 64.31 -31.10
CA ASN B 507 4.83 65.18 -32.13
C ASN B 507 5.48 64.93 -33.48
N ALA B 508 6.63 64.25 -33.49
CA ALA B 508 7.26 63.90 -34.75
C ALA B 508 6.94 62.47 -35.15
N TRP B 509 6.91 61.57 -34.17
CA TRP B 509 6.55 60.17 -34.36
C TRP B 509 5.06 59.91 -34.22
N ARG B 510 4.20 60.88 -34.52
CA ARG B 510 2.78 60.68 -34.32
C ARG B 510 2.18 59.84 -35.44
N GLN B 511 2.71 60.00 -36.65
CA GLN B 511 2.05 59.49 -37.85
C GLN B 511 2.30 57.99 -38.02
N ARG B 512 3.55 57.60 -38.14
CA ARG B 512 3.87 56.22 -38.54
C ARG B 512 3.69 55.25 -37.39
N LEU B 513 3.66 55.77 -36.16
CA LEU B 513 3.62 54.89 -34.99
C LEU B 513 2.23 54.28 -34.83
N ALA B 514 1.21 54.92 -35.38
CA ALA B 514 -0.14 54.40 -35.26
C ALA B 514 -0.53 53.59 -36.49
N HIS B 515 0.15 53.81 -37.61
CA HIS B 515 -0.29 53.22 -38.87
C HIS B 515 0.01 51.74 -38.95
N GLY B 516 1.30 51.38 -38.92
CA GLY B 516 1.71 49.98 -38.97
C GLY B 516 1.94 49.45 -37.57
N ARG B 517 1.28 48.35 -37.26
CA ARG B 517 1.39 47.74 -35.94
C ARG B 517 2.79 47.17 -35.74
N VAL B 518 3.19 47.04 -34.47
CA VAL B 518 4.53 46.58 -34.17
C VAL B 518 4.65 45.09 -34.45
N ARG B 519 5.89 44.60 -34.49
CA ARG B 519 6.11 43.17 -34.64
C ARG B 519 5.67 42.43 -33.39
N TRP B 520 5.73 43.10 -32.24
CA TRP B 520 5.34 42.50 -30.97
C TRP B 520 3.87 42.80 -30.68
N VAL B 521 3.05 42.40 -31.64
CA VAL B 521 1.68 41.96 -31.41
C VAL B 521 1.65 40.53 -30.91
N ALA B 522 2.76 39.80 -31.09
CA ALA B 522 2.83 38.36 -30.88
C ALA B 522 2.71 37.95 -29.41
N GLU B 523 2.61 38.90 -28.49
CA GLU B 523 2.41 38.53 -27.09
C GLU B 523 0.95 38.19 -26.84
N CYS B 524 0.06 38.65 -27.71
CA CYS B 524 -1.32 38.17 -27.65
C CYS B 524 -1.41 36.73 -28.14
N GLN B 525 -0.47 36.32 -28.99
CA GLN B 525 -0.49 34.96 -29.54
C GLN B 525 -0.01 33.95 -28.52
N MET B 526 -0.80 32.89 -28.34
CA MET B 526 -0.35 31.75 -27.57
C MET B 526 0.39 30.78 -28.48
N THR B 527 0.75 29.64 -27.90
CA THR B 527 1.43 28.59 -28.66
C THR B 527 0.50 28.01 -29.71
N ALA B 528 1.06 27.73 -30.90
CA ALA B 528 0.45 27.15 -32.09
C ALA B 528 -0.50 28.12 -32.77
N GLU B 529 -0.67 29.30 -32.20
CA GLU B 529 -1.17 30.42 -32.96
C GLU B 529 -0.01 31.21 -33.54
N GLN B 530 1.15 31.13 -32.88
CA GLN B 530 2.36 31.62 -33.49
C GLN B 530 2.85 30.66 -34.57
N PHE B 531 2.78 29.35 -34.30
CA PHE B 531 3.35 28.38 -35.23
C PHE B 531 2.55 28.30 -36.52
N MET B 532 1.27 28.67 -36.50
CA MET B 532 0.39 28.30 -37.60
C MET B 532 0.48 29.28 -38.75
N GLN B 533 0.28 28.75 -39.95
CA GLN B 533 0.36 29.56 -41.17
C GLN B 533 -0.78 30.55 -41.39
N PRO B 534 -2.05 30.31 -41.01
CA PRO B 534 -3.06 31.39 -41.18
C PRO B 534 -2.98 32.51 -40.15
N ASP B 535 -1.76 32.92 -39.84
CA ASP B 535 -1.40 34.03 -38.97
C ASP B 535 0.10 34.15 -39.12
N ASN B 536 0.71 35.12 -38.44
CA ASN B 536 2.15 35.13 -38.17
C ASN B 536 3.00 35.17 -39.44
N ALA B 537 2.98 36.30 -40.13
CA ALA B 537 3.97 36.55 -41.17
C ALA B 537 5.39 36.62 -40.61
N ASN B 538 5.53 36.89 -39.32
CA ASN B 538 6.81 36.96 -38.65
C ASN B 538 7.36 35.59 -38.25
N LEU B 539 6.67 34.50 -38.62
CA LEU B 539 7.18 33.15 -38.38
C LEU B 539 8.47 32.92 -39.12
N ALA B 540 8.58 33.46 -40.34
CA ALA B 540 9.75 33.22 -41.15
C ALA B 540 10.89 34.17 -40.81
N LEU B 541 10.79 34.90 -39.70
CA LEU B 541 11.94 35.68 -39.24
C LEU B 541 12.54 35.07 -37.99
N GLU B 542 11.81 34.17 -37.34
CA GLU B 542 12.35 33.45 -36.19
C GLU B 542 13.15 32.28 -36.70
N LEU B 543 14.43 32.52 -36.99
CA LEU B 543 15.31 31.47 -37.49
C LEU B 543 16.27 30.97 -36.45
N HIS B 544 16.72 31.82 -35.54
CA HIS B 544 17.78 31.48 -34.62
C HIS B 544 17.31 31.82 -33.23
N PRO B 545 17.58 30.98 -32.23
CA PRO B 545 17.12 31.28 -30.87
C PRO B 545 17.77 32.52 -30.29
N ALA B 546 19.07 32.65 -30.48
CA ALA B 546 19.82 33.66 -29.74
C ALA B 546 19.73 35.02 -30.40
N PHE B 547 19.15 35.10 -31.59
CA PHE B 547 19.16 36.31 -32.39
C PHE B 547 17.74 36.68 -32.81
N ASP B 548 17.39 37.95 -32.65
CA ASP B 548 16.12 38.47 -33.12
C ASP B 548 16.31 39.13 -34.47
N PHE B 549 15.56 38.66 -35.46
CA PHE B 549 15.67 39.18 -36.82
C PHE B 549 14.51 40.14 -37.04
N PHE B 550 14.83 41.40 -37.29
CA PHE B 550 13.81 42.44 -37.29
C PHE B 550 13.98 43.35 -38.48
N ALA B 551 12.86 43.86 -38.99
CA ALA B 551 12.88 44.77 -40.12
C ALA B 551 13.29 46.16 -39.65
N GLY B 552 14.15 46.81 -40.45
CA GLY B 552 14.63 48.13 -40.09
C GLY B 552 15.37 48.77 -41.25
N VAL B 553 15.91 49.95 -40.96
CA VAL B 553 16.61 50.74 -41.96
C VAL B 553 18.12 50.66 -41.63
N ALA B 554 18.81 49.76 -42.33
CA ALA B 554 20.19 49.47 -41.96
C ALA B 554 21.16 50.42 -42.63
N ASP B 555 20.68 51.28 -43.53
CA ASP B 555 21.57 52.23 -44.19
C ASP B 555 21.89 53.40 -43.27
N VAL B 556 20.97 53.73 -42.35
CA VAL B 556 21.27 54.73 -41.33
C VAL B 556 22.22 54.12 -40.31
N GLU B 557 23.02 54.96 -39.64
CA GLU B 557 23.70 54.52 -38.44
C GLU B 557 22.69 54.12 -37.38
N LEU B 558 23.10 53.21 -36.50
CA LEU B 558 22.14 52.65 -35.56
C LEU B 558 21.72 53.66 -34.49
N PRO B 559 22.60 54.48 -33.88
CA PRO B 559 22.10 55.71 -33.27
C PRO B 559 22.18 56.86 -34.27
N GLY B 560 21.51 57.96 -34.00
CA GLY B 560 21.65 59.08 -34.89
C GLY B 560 20.38 59.32 -35.70
N GLY B 561 20.11 60.59 -35.96
CA GLY B 561 18.94 60.97 -36.72
C GLY B 561 17.71 61.04 -35.84
N GLU B 562 17.00 62.17 -35.86
CA GLU B 562 15.88 62.34 -34.95
C GLU B 562 14.64 61.60 -35.46
N VAL B 563 14.38 61.64 -36.76
CA VAL B 563 13.31 60.90 -37.40
C VAL B 563 13.93 60.16 -38.58
N PRO B 564 13.77 58.84 -38.71
CA PRO B 564 14.50 58.10 -39.72
C PRO B 564 13.89 58.29 -41.10
N PRO B 565 14.70 58.24 -42.15
CA PRO B 565 14.17 58.42 -43.50
C PRO B 565 13.36 57.22 -43.95
N ALA B 566 12.19 57.50 -44.53
CA ALA B 566 11.29 56.44 -44.97
C ALA B 566 11.87 55.75 -46.20
N GLY B 567 12.49 54.59 -45.98
CA GLY B 567 13.12 53.86 -47.06
C GLY B 567 12.74 52.40 -47.02
N PRO B 568 13.25 51.63 -47.98
CA PRO B 568 12.97 50.19 -47.98
C PRO B 568 13.68 49.49 -46.84
N GLY B 569 12.96 48.61 -46.16
CA GLY B 569 13.50 47.97 -44.98
C GLY B 569 14.54 46.93 -45.33
N ALA B 570 15.57 46.84 -44.48
CA ALA B 570 16.57 45.79 -44.57
C ALA B 570 16.50 44.94 -43.31
N ILE B 571 16.53 43.63 -43.48
CA ILE B 571 16.55 42.75 -42.33
C ILE B 571 17.91 42.84 -41.64
N GLN B 572 17.91 42.70 -40.32
CA GLN B 572 19.09 42.85 -39.51
C GLN B 572 18.89 42.13 -38.19
N ALA B 573 20.00 41.69 -37.61
CA ALA B 573 20.00 40.79 -36.46
C ALA B 573 20.64 41.48 -35.27
N THR B 574 20.09 41.25 -34.09
CA THR B 574 20.68 41.71 -32.85
C THR B 574 20.89 40.52 -31.93
N TRP B 575 21.73 40.68 -30.92
CA TRP B 575 21.94 39.58 -30.01
C TRP B 575 21.03 39.72 -28.79
N ARG B 576 20.23 38.68 -28.56
CA ARG B 576 19.51 38.54 -27.32
C ARG B 576 20.53 38.35 -26.22
N VAL B 577 20.48 39.21 -25.21
CA VAL B 577 21.44 39.13 -24.12
C VAL B 577 21.17 37.88 -23.30
N VAL B 578 19.93 37.70 -22.88
CA VAL B 578 19.57 36.64 -21.94
C VAL B 578 18.61 35.69 -22.62
N ASN B 579 18.21 34.65 -21.90
CA ASN B 579 17.25 33.71 -22.45
C ASN B 579 15.82 34.17 -22.20
N GLY B 580 15.64 35.25 -21.46
CA GLY B 580 14.31 35.76 -21.22
C GLY B 580 13.65 36.39 -22.42
N ASN B 581 14.43 36.70 -23.46
CA ASN B 581 13.87 37.44 -24.57
C ASN B 581 13.22 36.55 -25.61
N LEU B 582 13.13 35.24 -25.34
CA LEU B 582 12.35 34.37 -26.20
C LEU B 582 10.88 34.74 -26.11
N PRO B 583 10.18 34.79 -27.24
CA PRO B 583 8.76 35.16 -27.21
C PRO B 583 7.93 34.10 -26.50
N LEU B 584 6.79 34.53 -25.98
CA LEU B 584 6.11 33.74 -24.96
C LEU B 584 5.40 32.53 -25.54
N ALA B 585 5.21 32.50 -26.86
CA ALA B 585 4.61 31.29 -27.42
C ALA B 585 5.66 30.21 -27.62
N LEU B 586 6.94 30.57 -27.54
CA LEU B 586 8.00 29.58 -27.67
C LEU B 586 8.55 29.18 -26.31
N CYS B 587 8.42 30.07 -25.33
CA CYS B 587 8.78 29.81 -23.96
C CYS B 587 7.66 30.34 -23.08
N PRO B 588 6.79 29.46 -22.57
CA PRO B 588 5.51 29.94 -22.05
C PRO B 588 5.62 30.47 -20.63
N VAL B 589 4.61 31.26 -20.27
CA VAL B 589 4.53 31.87 -18.94
C VAL B 589 4.43 30.80 -17.87
N ALA B 590 3.70 29.72 -18.16
CA ALA B 590 3.55 28.64 -17.19
C ALA B 590 4.86 27.89 -16.99
N PHE B 591 5.75 27.91 -17.97
CA PHE B 591 7.08 27.36 -17.75
C PHE B 591 7.99 28.35 -17.05
N ARG B 592 7.85 29.64 -17.35
CA ARG B 592 8.72 30.64 -16.74
C ARG B 592 8.47 30.74 -15.24
N ASP B 593 7.24 30.47 -14.82
CA ASP B 593 6.99 30.40 -13.39
C ASP B 593 7.31 29.03 -12.83
N ALA B 594 7.44 28.02 -13.70
CA ALA B 594 7.74 26.68 -13.23
C ALA B 594 9.19 26.56 -12.78
N ARG B 595 10.09 27.29 -13.44
CA ARG B 595 11.48 27.31 -13.00
C ARG B 595 11.63 28.17 -11.74
N GLY B 596 10.68 29.08 -11.51
CA GLY B 596 10.76 29.93 -10.33
C GLY B 596 10.51 29.15 -9.04
N LEU B 597 9.64 28.15 -9.10
CA LEU B 597 9.45 27.29 -7.95
C LEU B 597 10.64 26.36 -7.75
N GLU B 598 11.42 26.12 -8.81
CA GLU B 598 12.64 25.36 -8.63
C GLU B 598 13.67 26.17 -7.85
N LEU B 599 13.75 27.47 -8.14
CA LEU B 599 14.66 28.31 -7.40
C LEU B 599 14.00 28.83 -6.13
N GLY B 600 12.70 28.57 -5.98
CA GLY B 600 11.99 29.05 -4.81
C GLY B 600 12.33 28.27 -3.55
N VAL B 601 12.59 26.97 -3.70
CA VAL B 601 12.85 26.15 -2.52
C VAL B 601 14.27 26.38 -2.02
N GLY B 602 14.42 26.27 -0.70
CA GLY B 602 15.74 26.34 -0.09
C GLY B 602 16.37 27.71 -0.07
N ARG B 603 15.63 28.76 -0.35
CA ARG B 603 16.18 30.11 -0.38
C ARG B 603 15.28 31.07 0.38
N HIS B 604 15.74 32.31 0.48
CA HIS B 604 15.08 33.30 1.33
C HIS B 604 13.77 33.77 0.73
N ALA B 605 12.66 33.25 1.25
CA ALA B 605 11.34 33.65 0.82
C ALA B 605 10.88 34.80 1.71
N MET B 606 10.14 35.73 1.14
CA MET B 606 9.68 36.87 1.93
C MET B 606 8.44 36.50 2.73
N ALA B 607 8.32 37.12 3.90
CA ALA B 607 7.17 36.91 4.76
C ALA B 607 5.91 37.52 4.14
N PRO B 608 4.75 36.88 4.32
CA PRO B 608 3.55 37.38 3.63
C PRO B 608 3.00 38.67 4.20
N ALA B 609 3.42 39.05 5.41
CA ALA B 609 2.96 40.32 5.96
C ALA B 609 3.67 41.50 5.29
N THR B 610 4.94 41.31 4.91
CA THR B 610 5.68 42.43 4.36
C THR B 610 5.49 42.55 2.85
N ILE B 611 5.05 41.47 2.20
CA ILE B 611 4.83 41.51 0.76
C ILE B 611 3.65 42.40 0.42
N ALA B 612 2.52 42.19 1.10
CA ALA B 612 1.36 43.04 0.89
C ALA B 612 1.60 44.44 1.45
N ALA B 613 2.55 44.56 2.38
CA ALA B 613 2.93 45.88 2.87
C ALA B 613 3.72 46.64 1.82
N VAL B 614 4.64 45.96 1.14
CA VAL B 614 5.44 46.59 0.09
C VAL B 614 4.57 46.91 -1.12
N ARG B 615 3.72 45.95 -1.50
CA ARG B 615 2.86 46.13 -2.67
C ARG B 615 1.79 47.17 -2.40
N GLY B 616 1.44 47.39 -1.13
CA GLY B 616 0.48 48.41 -0.79
C GLY B 616 1.01 49.82 -1.01
N ALA B 617 2.33 49.97 -1.00
CA ALA B 617 2.91 51.28 -1.30
C ALA B 617 2.87 51.58 -2.79
N PHE B 618 3.05 50.55 -3.63
CA PHE B 618 3.03 50.75 -5.08
C PHE B 618 1.62 51.05 -5.57
N GLU B 619 0.62 50.43 -4.95
CA GLU B 619 -0.76 50.67 -5.38
C GLU B 619 -1.33 51.92 -4.71
N ASP B 620 -0.53 52.60 -3.91
CA ASP B 620 -1.04 53.71 -3.11
C ASP B 620 -1.23 54.94 -3.99
N ARG B 621 -2.45 55.13 -4.48
CA ARG B 621 -2.85 56.32 -5.21
C ARG B 621 -2.79 57.57 -4.35
N SER B 622 -2.98 57.44 -3.04
CA SER B 622 -2.94 58.55 -2.09
C SER B 622 -1.54 58.85 -1.59
N TYR B 623 -0.51 58.55 -2.37
CA TYR B 623 0.85 58.65 -1.87
C TYR B 623 1.24 60.12 -1.73
N PRO B 624 1.98 60.47 -0.68
CA PRO B 624 2.31 61.88 -0.44
C PRO B 624 3.29 62.42 -1.47
N ALA B 625 3.19 63.72 -1.72
CA ALA B 625 4.07 64.35 -2.68
C ALA B 625 5.48 64.52 -2.11
N VAL B 626 5.57 64.65 -0.78
CA VAL B 626 6.85 65.00 -0.14
C VAL B 626 7.86 63.86 -0.26
N PHE B 627 7.39 62.62 -0.40
CA PHE B 627 8.33 61.50 -0.50
C PHE B 627 8.99 61.50 -1.86
N TYR B 628 8.34 62.14 -2.84
CA TYR B 628 8.96 62.38 -4.12
C TYR B 628 9.86 63.61 -4.07
N LEU B 629 9.54 64.55 -3.18
CA LEU B 629 10.39 65.73 -3.04
C LEU B 629 11.65 65.41 -2.25
N LEU B 630 11.52 64.68 -1.15
CA LEU B 630 12.68 64.41 -0.30
C LEU B 630 13.60 63.38 -0.93
N GLN B 631 13.08 62.60 -1.87
CA GLN B 631 13.92 61.68 -2.62
C GLN B 631 14.88 62.45 -3.52
N ALA B 632 14.46 63.61 -3.99
CA ALA B 632 15.39 64.47 -4.74
C ALA B 632 16.21 65.33 -3.79
N ALA B 633 15.71 65.55 -2.58
CA ALA B 633 16.49 66.30 -1.59
C ALA B 633 17.62 65.45 -1.04
N ILE B 634 17.36 64.17 -0.79
CA ILE B 634 18.44 63.28 -0.38
C ILE B 634 19.31 62.96 -1.59
N HIS B 635 18.69 62.76 -2.76
CA HIS B 635 19.32 62.47 -4.07
C HIS B 635 20.42 61.41 -3.99
N GLY B 636 20.22 60.40 -3.13
CA GLY B 636 21.20 59.35 -2.96
C GLY B 636 22.42 59.75 -2.16
N ASN B 637 22.42 60.96 -1.60
CA ASN B 637 23.55 61.42 -0.81
C ASN B 637 23.39 60.95 0.62
N GLU B 638 24.32 60.09 1.04
CA GLU B 638 24.33 59.58 2.42
C GLU B 638 24.65 60.69 3.40
N HIS B 639 25.46 61.66 2.97
CA HIS B 639 25.78 62.79 3.85
C HIS B 639 24.56 63.66 4.09
N VAL B 640 23.72 63.84 3.06
CA VAL B 640 22.48 64.58 3.23
C VAL B 640 21.50 63.77 4.07
N PHE B 641 21.56 62.43 3.97
CA PHE B 641 20.59 61.58 4.65
C PHE B 641 20.78 61.60 6.16
N CYS B 642 22.01 61.48 6.63
CA CYS B 642 22.23 61.34 8.08
C CYS B 642 22.03 62.68 8.78
N ALA B 643 22.05 63.78 8.04
CA ALA B 643 21.66 65.06 8.62
C ALA B 643 20.15 65.23 8.62
N LEU B 644 19.49 64.68 7.61
CA LEU B 644 18.03 64.66 7.54
C LEU B 644 17.44 63.41 8.17
N ALA B 645 18.20 62.74 9.05
CA ALA B 645 17.76 61.46 9.60
C ALA B 645 16.58 61.63 10.53
N ARG B 646 16.46 62.79 11.17
CA ARG B 646 15.29 63.07 11.98
C ARG B 646 14.05 63.20 11.10
N LEU B 647 14.20 63.79 9.92
CA LEU B 647 13.06 64.05 9.04
C LEU B 647 12.50 62.76 8.47
N VAL B 648 13.38 61.81 8.15
CA VAL B 648 12.96 60.59 7.47
C VAL B 648 12.23 59.65 8.43
N THR B 649 12.72 59.55 9.67
CA THR B 649 12.04 58.79 10.71
C THR B 649 10.65 59.35 10.98
N GLN B 650 10.51 60.67 10.97
CA GLN B 650 9.19 61.26 11.12
C GLN B 650 8.36 61.05 9.86
N CYS B 651 9.02 60.87 8.71
CA CYS B 651 8.29 60.62 7.48
C CYS B 651 7.77 59.19 7.40
N ILE B 652 8.59 58.22 7.80
CA ILE B 652 8.19 56.82 7.67
C ILE B 652 7.15 56.46 8.73
N THR B 653 7.35 56.94 9.95
CA THR B 653 6.51 56.51 11.07
C THR B 653 5.12 57.13 10.98
N SER B 654 5.04 58.41 10.55
CA SER B 654 3.74 59.07 10.45
C SER B 654 2.94 58.50 9.30
N TYR B 655 3.60 58.14 8.20
CA TYR B 655 2.89 57.53 7.08
C TYR B 655 2.47 56.11 7.39
N TRP B 656 3.24 55.41 8.22
CA TRP B 656 2.87 54.05 8.60
C TRP B 656 1.64 54.03 9.49
N ASN B 657 1.39 55.12 10.21
CA ASN B 657 0.23 55.18 11.09
C ASN B 657 -1.06 55.39 10.30
N ASN B 658 -0.97 56.12 9.18
CA ASN B 658 -2.16 56.34 8.37
C ASN B 658 -2.55 55.07 7.63
N THR B 659 -1.69 54.62 6.72
CA THR B 659 -1.89 53.36 6.03
C THR B 659 -0.72 52.46 6.38
N ARG B 660 -0.97 51.15 6.39
CA ARG B 660 0.10 50.20 6.67
C ARG B 660 0.91 50.05 5.40
N CYS B 661 1.76 51.03 5.12
CA CYS B 661 2.55 51.02 3.91
C CYS B 661 3.92 51.61 4.20
N ALA B 662 4.93 51.08 3.52
CA ALA B 662 6.32 51.51 3.67
C ALA B 662 6.51 52.77 2.84
N ALA B 663 7.45 53.62 3.26
CA ALA B 663 7.53 54.95 2.68
C ALA B 663 8.33 54.97 1.38
N PHE B 664 9.61 54.62 1.44
CA PHE B 664 10.55 54.98 0.38
C PHE B 664 10.92 53.81 -0.53
N VAL B 665 10.00 52.90 -0.82
CA VAL B 665 10.37 51.66 -1.51
C VAL B 665 10.67 51.87 -2.99
N ASN B 666 10.50 53.09 -3.50
CA ASN B 666 10.87 53.35 -4.89
C ASN B 666 12.39 53.35 -5.07
N ASP B 667 13.13 53.90 -4.11
CA ASP B 667 14.57 54.04 -4.25
C ASP B 667 15.28 53.00 -3.39
N TYR B 668 16.30 52.36 -3.96
CA TYR B 668 17.04 51.34 -3.23
C TYR B 668 18.06 51.95 -2.29
N SER B 669 18.69 53.05 -2.71
CA SER B 669 19.72 53.67 -1.89
C SER B 669 19.12 54.32 -0.65
N LEU B 670 17.85 54.71 -0.74
CA LEU B 670 17.16 55.23 0.43
C LEU B 670 16.90 54.14 1.45
N VAL B 671 16.23 53.06 1.03
CA VAL B 671 15.81 51.98 1.94
C VAL B 671 17.02 51.33 2.60
N SER B 672 18.11 51.17 1.84
CA SER B 672 19.36 50.65 2.37
C SER B 672 19.93 51.54 3.47
N TYR B 673 19.65 52.84 3.41
CA TYR B 673 20.09 53.73 4.48
C TYR B 673 19.20 53.58 5.72
N ILE B 674 17.89 53.39 5.53
CA ILE B 674 17.02 53.12 6.68
C ILE B 674 17.26 51.71 7.20
N VAL B 675 17.76 50.83 6.33
CA VAL B 675 18.25 49.53 6.80
C VAL B 675 19.42 49.71 7.76
N THR B 676 20.34 50.61 7.43
CA THR B 676 21.53 50.76 8.26
C THR B 676 21.34 51.82 9.34
N TYR B 677 20.96 53.04 8.95
CA TYR B 677 21.13 54.20 9.81
C TYR B 677 19.95 54.52 10.71
N LEU B 678 18.81 53.89 10.52
CA LEU B 678 17.68 54.15 11.39
C LEU B 678 17.20 52.89 12.09
N GLY B 679 18.12 51.99 12.45
CA GLY B 679 17.72 50.78 13.14
C GLY B 679 17.32 51.02 14.58
N GLY B 680 17.62 52.20 15.10
CA GLY B 680 17.20 52.53 16.45
C GLY B 680 15.74 52.93 16.53
N ASP B 681 15.26 53.74 15.58
CA ASP B 681 13.96 54.34 15.79
C ASP B 681 12.99 54.08 14.64
N LEU B 682 12.40 52.89 14.64
CA LEU B 682 11.15 52.62 13.95
C LEU B 682 10.44 51.56 14.75
N PRO B 683 9.10 51.54 14.77
CA PRO B 683 8.40 50.38 15.31
C PRO B 683 8.69 49.16 14.45
N GLU B 684 8.72 47.99 15.12
CA GLU B 684 9.46 46.85 14.57
C GLU B 684 8.77 46.24 13.36
N GLU B 685 7.44 46.37 13.26
CA GLU B 685 6.72 45.80 12.13
C GLU B 685 7.10 46.49 10.83
N CYS B 686 7.25 47.82 10.86
CA CYS B 686 7.65 48.52 9.64
C CYS B 686 9.17 48.63 9.55
N MET B 687 9.89 48.14 10.55
CA MET B 687 11.33 48.03 10.40
C MET B 687 11.70 46.75 9.68
N ALA B 688 10.96 45.67 9.93
CA ALA B 688 11.26 44.40 9.28
C ALA B 688 10.86 44.41 7.82
N VAL B 689 9.99 45.35 7.43
CA VAL B 689 9.62 45.50 6.03
C VAL B 689 10.83 45.92 5.21
N TYR B 690 11.59 46.89 5.71
CA TYR B 690 12.83 47.28 5.05
C TYR B 690 13.89 46.21 5.23
N ARG B 691 13.87 45.54 6.38
CA ARG B 691 14.90 44.58 6.71
C ARG B 691 14.80 43.32 5.86
N ASP B 692 13.58 42.90 5.55
CA ASP B 692 13.40 41.72 4.71
C ASP B 692 13.80 42.02 3.27
N LEU B 693 13.64 43.26 2.85
CA LEU B 693 13.74 43.58 1.43
C LEU B 693 15.17 43.52 0.93
N VAL B 694 16.09 44.21 1.61
CA VAL B 694 17.48 44.26 1.18
C VAL B 694 18.16 42.93 1.44
N ALA B 695 17.72 42.23 2.49
CA ALA B 695 18.22 40.89 2.75
C ALA B 695 17.77 39.92 1.68
N HIS B 696 16.60 40.16 1.09
CA HIS B 696 16.15 39.33 -0.01
C HIS B 696 16.99 39.56 -1.26
N VAL B 697 17.50 40.78 -1.42
CA VAL B 697 18.37 41.08 -2.55
C VAL B 697 19.71 40.36 -2.38
N GLU B 698 20.16 40.19 -1.12
CA GLU B 698 21.41 39.49 -0.89
C GLU B 698 21.27 37.99 -1.12
N ALA B 699 20.04 37.48 -1.05
CA ALA B 699 19.81 36.10 -1.46
C ALA B 699 19.78 35.98 -2.98
N LEU B 700 19.42 37.07 -3.65
CA LEU B 700 19.43 37.08 -5.11
C LEU B 700 20.84 37.23 -5.64
N ALA B 701 21.69 37.95 -4.92
CA ALA B 701 23.06 38.16 -5.37
C ALA B 701 23.84 36.86 -5.32
N GLN B 702 23.50 35.98 -4.38
CA GLN B 702 24.22 34.72 -4.28
C GLN B 702 23.51 33.62 -5.05
N LEU B 703 22.50 33.96 -5.84
CA LEU B 703 21.89 32.96 -6.73
C LEU B 703 22.71 32.82 -8.01
N VAL B 704 23.37 33.89 -8.43
CA VAL B 704 24.24 33.83 -9.60
C VAL B 704 25.45 32.98 -9.32
N ASP B 705 26.11 33.23 -8.18
CA ASP B 705 27.35 32.52 -7.87
C ASP B 705 27.05 31.13 -7.33
N ASP B 706 25.78 30.81 -7.12
CA ASP B 706 25.41 29.42 -6.89
C ASP B 706 25.49 28.62 -8.18
N PHE B 707 25.54 29.31 -9.33
CA PHE B 707 25.42 28.61 -10.61
C PHE B 707 26.67 28.75 -11.46
N THR B 708 27.44 29.81 -11.27
CA THR B 708 28.59 30.02 -12.15
C THR B 708 29.78 29.19 -11.68
N LEU B 709 30.35 28.41 -12.62
CA LEU B 709 31.46 27.52 -12.36
C LEU B 709 32.74 28.30 -12.16
N PRO B 710 33.65 27.80 -11.33
CA PRO B 710 34.92 28.50 -11.13
C PRO B 710 35.80 28.40 -12.36
N GLY B 711 36.46 29.48 -12.67
CA GLY B 711 37.37 29.52 -13.79
C GLY B 711 38.15 30.81 -13.80
N PRO B 712 39.03 30.97 -14.78
CA PRO B 712 39.73 32.26 -14.91
C PRO B 712 38.78 33.32 -15.42
N GLU B 713 39.14 34.57 -15.20
CA GLU B 713 38.35 35.65 -15.77
C GLU B 713 38.65 35.78 -17.26
N LEU B 714 37.68 36.26 -18.02
CA LEU B 714 37.76 36.31 -19.47
C LEU B 714 37.42 37.70 -19.96
N GLY B 715 38.33 38.27 -20.74
CA GLY B 715 38.13 39.59 -21.31
C GLY B 715 38.05 40.69 -20.27
N GLY B 716 38.73 40.52 -19.14
CA GLY B 716 38.64 41.46 -18.05
C GLY B 716 37.43 41.32 -17.17
N GLN B 717 36.39 40.64 -17.64
CA GLN B 717 35.17 40.42 -16.87
C GLN B 717 35.27 39.11 -16.09
N ALA B 718 34.59 39.05 -14.97
CA ALA B 718 34.61 37.86 -14.15
C ALA B 718 33.74 36.78 -14.79
N GLN B 719 33.89 35.56 -14.26
CA GLN B 719 33.04 34.45 -14.69
C GLN B 719 31.58 34.71 -14.37
N ALA B 720 31.33 35.40 -13.24
CA ALA B 720 29.96 35.78 -12.92
C ALA B 720 29.45 36.86 -13.87
N GLU B 721 30.35 37.70 -14.37
CA GLU B 721 29.92 38.81 -15.19
C GLU B 721 29.56 38.36 -16.59
N LEU B 722 30.17 37.28 -17.06
CA LEU B 722 29.80 36.74 -18.36
C LEU B 722 28.48 35.99 -18.27
N ASN B 723 28.14 35.50 -17.07
CA ASN B 723 27.07 34.53 -16.94
C ASN B 723 25.72 35.22 -16.86
N HIS B 724 25.56 36.15 -15.93
CA HIS B 724 24.25 36.70 -15.63
C HIS B 724 24.26 38.18 -15.89
N LEU B 725 23.10 38.72 -16.27
CA LEU B 725 23.05 40.11 -16.72
C LEU B 725 23.20 41.08 -15.56
N MET B 726 22.83 40.66 -14.35
CA MET B 726 22.95 41.55 -13.20
C MET B 726 24.41 41.78 -12.83
N ARG B 727 25.24 40.76 -13.00
CA ARG B 727 26.66 40.92 -12.71
C ARG B 727 27.38 41.64 -13.84
N ASP B 728 26.74 41.77 -14.99
CA ASP B 728 27.42 42.28 -16.17
C ASP B 728 27.68 43.77 -16.04
N PRO B 729 28.91 44.23 -16.28
CA PRO B 729 29.16 45.66 -16.44
C PRO B 729 28.80 46.22 -17.82
N ALA B 730 28.00 45.52 -18.61
CA ALA B 730 27.37 46.15 -19.77
C ALA B 730 26.23 47.06 -19.33
N LEU B 731 25.31 46.51 -18.57
CA LEU B 731 24.03 47.15 -18.27
C LEU B 731 24.09 47.88 -16.94
N LEU B 732 23.54 49.07 -16.93
CA LEU B 732 23.54 49.85 -15.72
C LEU B 732 22.09 50.19 -15.38
N PRO B 733 21.73 50.29 -14.10
CA PRO B 733 20.32 50.47 -13.71
C PRO B 733 19.80 51.84 -14.11
N PRO B 734 18.48 52.06 -14.09
CA PRO B 734 17.95 53.31 -14.66
C PRO B 734 18.28 54.57 -13.90
N LEU B 735 18.38 54.54 -12.58
CA LEU B 735 18.56 55.74 -11.79
C LEU B 735 19.81 55.57 -10.93
N VAL B 736 20.92 56.13 -11.39
CA VAL B 736 22.22 55.94 -10.74
C VAL B 736 22.66 57.32 -10.25
N TRP B 737 22.54 57.55 -8.93
CA TRP B 737 22.79 58.89 -8.37
C TRP B 737 24.25 59.30 -8.48
N ASP B 738 25.15 58.35 -8.65
CA ASP B 738 26.59 58.61 -8.61
C ASP B 738 27.28 58.05 -9.83
N CYS B 739 28.39 58.68 -10.20
CA CYS B 739 29.25 58.14 -11.25
C CYS B 739 30.26 57.14 -10.72
N ASP B 740 30.02 56.58 -9.53
CA ASP B 740 30.77 55.41 -9.10
C ASP B 740 30.28 54.15 -9.80
N GLY B 741 29.16 54.24 -10.53
CA GLY B 741 28.72 53.12 -11.34
C GLY B 741 29.28 53.15 -12.75
N LEU B 742 29.29 54.34 -13.38
CA LEU B 742 29.55 54.42 -14.81
C LEU B 742 31.01 54.15 -15.13
N MET B 743 31.91 54.41 -14.17
CA MET B 743 33.33 54.20 -14.42
C MET B 743 33.67 52.72 -14.49
N ARG B 744 32.83 51.87 -13.89
CA ARG B 744 32.95 50.43 -14.08
C ARG B 744 32.51 50.06 -15.48
N HIS B 745 31.58 50.84 -16.04
CA HIS B 745 31.19 50.64 -17.43
C HIS B 745 32.16 51.35 -18.37
N ALA B 746 32.80 52.42 -17.90
CA ALA B 746 33.55 53.31 -18.79
C ALA B 746 34.82 52.65 -19.32
N ALA B 747 35.66 52.16 -18.43
CA ALA B 747 36.93 51.56 -18.83
C ALA B 747 36.66 50.10 -19.14
N LEU B 748 36.07 49.85 -20.31
CA LEU B 748 35.86 48.50 -20.78
C LEU B 748 36.24 48.42 -22.25
N ASP B 749 36.75 47.26 -22.65
CA ASP B 749 37.05 47.02 -24.06
C ASP B 749 35.78 46.71 -24.83
N ARG B 750 34.66 46.55 -24.12
CA ARG B 750 33.37 46.36 -24.77
C ARG B 750 32.66 47.68 -24.97
N HIS B 751 32.96 48.67 -24.13
CA HIS B 751 32.14 49.85 -24.03
C HIS B 751 32.32 50.75 -25.23
N ARG B 752 31.28 50.85 -26.03
CA ARG B 752 31.32 51.62 -27.27
C ARG B 752 30.39 52.81 -27.13
N ASP B 753 30.75 53.88 -27.86
CA ASP B 753 29.94 55.08 -28.20
C ASP B 753 28.99 55.56 -27.10
N CYS B 754 29.56 55.90 -25.94
CA CYS B 754 28.78 56.57 -24.91
C CYS B 754 28.36 57.95 -25.38
N ARG B 755 27.08 58.27 -25.21
CA ARG B 755 26.57 59.56 -25.62
C ARG B 755 25.72 60.17 -24.52
N ILE B 756 26.02 61.40 -24.17
CA ILE B 756 25.28 62.17 -23.18
C ILE B 756 24.28 63.01 -23.96
N ASP B 757 23.29 63.58 -23.25
CA ASP B 757 22.22 64.30 -23.92
C ASP B 757 22.20 65.77 -23.52
N ALA B 758 23.35 66.30 -23.15
CA ALA B 758 23.41 67.73 -22.87
C ALA B 758 24.49 68.41 -23.70
N GLY B 759 25.64 67.77 -23.84
CA GLY B 759 26.75 68.33 -24.59
C GLY B 759 27.21 67.43 -25.71
N GLY B 760 28.48 67.04 -25.67
CA GLY B 760 29.03 66.19 -26.70
C GLY B 760 28.69 64.73 -26.49
N HIS B 761 29.69 63.87 -26.68
CA HIS B 761 29.46 62.45 -26.50
C HIS B 761 29.80 62.00 -25.08
N GLU B 762 31.06 62.13 -24.67
CA GLU B 762 31.59 61.40 -23.52
C GLU B 762 31.17 62.05 -22.21
N PRO B 763 31.12 61.30 -21.12
CA PRO B 763 30.86 61.92 -19.82
C PRO B 763 32.14 62.47 -19.19
N VAL B 764 32.07 63.75 -18.81
CA VAL B 764 33.12 64.41 -18.03
C VAL B 764 32.43 64.94 -16.78
N TYR B 765 33.14 64.89 -15.64
CA TYR B 765 32.44 64.86 -14.38
C TYR B 765 32.59 66.14 -13.58
N ALA B 766 31.89 66.18 -12.45
CA ALA B 766 32.05 67.21 -11.44
C ALA B 766 32.08 66.53 -10.07
N ALA B 767 33.14 66.76 -9.31
CA ALA B 767 33.33 66.12 -8.01
C ALA B 767 33.02 67.05 -6.85
N ALA B 768 32.61 68.29 -7.11
CA ALA B 768 32.27 69.23 -6.06
C ALA B 768 30.94 69.88 -6.41
N CYS B 769 30.19 70.25 -5.37
CA CYS B 769 28.91 70.90 -5.56
C CYS B 769 28.64 71.89 -4.44
N ASN B 770 27.98 72.99 -4.80
CA ASN B 770 27.61 74.05 -3.88
C ASN B 770 26.21 74.51 -4.27
N VAL B 771 25.87 75.74 -3.87
CA VAL B 771 24.71 76.40 -4.46
C VAL B 771 25.05 76.93 -5.86
N ALA B 772 26.26 77.48 -6.01
CA ALA B 772 26.60 78.20 -7.23
C ALA B 772 27.42 77.34 -8.17
N THR B 773 28.05 76.28 -7.66
CA THR B 773 28.78 75.35 -8.51
C THR B 773 27.82 74.60 -9.42
N ALA B 774 26.67 74.20 -8.89
CA ALA B 774 25.69 73.46 -9.65
C ALA B 774 24.94 74.38 -10.61
N ASP B 775 24.94 74.02 -11.89
CA ASP B 775 24.26 74.77 -12.94
C ASP B 775 23.00 74.01 -13.31
N PHE B 776 21.83 74.59 -13.01
CA PHE B 776 20.62 73.81 -12.80
C PHE B 776 19.99 73.34 -14.10
N ASN B 777 20.34 73.98 -15.21
CA ASN B 777 20.02 73.48 -16.54
C ASN B 777 21.21 73.79 -17.45
N ARG B 778 22.15 72.84 -17.52
CA ARG B 778 23.36 73.08 -18.27
C ARG B 778 23.47 72.06 -19.40
N ASN B 779 24.12 72.46 -20.48
CA ASN B 779 24.18 71.69 -21.72
C ASN B 779 25.63 71.54 -22.15
N ASP B 780 26.48 71.17 -21.20
CA ASP B 780 27.88 70.88 -21.47
C ASP B 780 28.27 69.43 -21.23
N GLY B 781 27.50 68.72 -20.40
CA GLY B 781 27.80 67.33 -20.11
C GLY B 781 28.49 67.08 -18.79
N ARG B 782 28.31 67.94 -17.79
CA ARG B 782 28.91 67.70 -16.48
C ARG B 782 28.06 66.77 -15.64
N LEU B 783 28.67 65.66 -15.21
CA LEU B 783 28.02 64.67 -14.38
C LEU B 783 28.59 64.77 -12.97
N LEU B 784 27.98 64.06 -12.03
CA LEU B 784 28.31 64.24 -10.61
C LEU B 784 29.00 62.99 -10.07
N HIS B 785 30.12 63.19 -9.38
CA HIS B 785 30.83 62.11 -8.70
C HIS B 785 30.48 62.06 -7.21
N ASN B 786 29.55 62.89 -6.77
CA ASN B 786 29.22 63.04 -5.36
C ASN B 786 28.28 61.93 -4.88
N THR B 787 27.58 62.20 -3.77
CA THR B 787 26.64 61.36 -3.02
C THR B 787 27.40 60.23 -2.33
N GLN B 788 28.54 60.56 -1.76
CA GLN B 788 29.25 59.65 -0.87
C GLN B 788 28.89 59.98 0.58
N ALA B 789 29.47 59.24 1.52
CA ALA B 789 29.21 59.51 2.93
C ALA B 789 30.00 60.71 3.43
N ARG B 790 31.21 60.90 2.91
CA ARG B 790 32.13 61.91 3.38
C ARG B 790 31.74 63.29 2.87
N ALA B 791 31.77 64.30 3.74
CA ALA B 791 31.54 65.67 3.29
C ALA B 791 32.74 66.22 2.53
N ALA B 792 33.94 66.05 3.09
CA ALA B 792 35.13 66.62 2.47
C ALA B 792 35.80 65.66 1.50
N ASP B 793 35.89 64.39 1.87
CA ASP B 793 36.66 63.41 1.11
C ASP B 793 35.86 62.95 -0.11
N ALA B 794 36.39 63.24 -1.29
CA ALA B 794 35.91 62.70 -2.55
C ALA B 794 37.07 62.78 -3.53
N ALA B 795 36.90 62.17 -4.70
CA ALA B 795 37.97 62.15 -5.70
C ALA B 795 37.36 62.41 -7.08
N ASP B 796 38.21 62.34 -8.11
CA ASP B 796 37.75 62.54 -9.47
C ASP B 796 37.30 61.22 -10.09
N ASP B 797 38.05 60.15 -9.83
CA ASP B 797 37.82 58.86 -10.46
C ASP B 797 37.94 57.69 -9.50
N ARG B 798 37.83 57.92 -8.18
CA ARG B 798 37.85 56.82 -7.23
C ARG B 798 36.44 56.46 -6.78
N PRO B 799 36.02 55.20 -6.96
CA PRO B 799 34.67 54.80 -6.54
C PRO B 799 34.51 54.63 -5.04
N HIS B 800 33.54 55.35 -4.48
CA HIS B 800 33.26 55.25 -3.05
C HIS B 800 32.57 53.93 -2.72
N ARG B 801 31.88 53.36 -3.69
CA ARG B 801 31.05 52.19 -3.44
C ARG B 801 31.76 50.91 -3.91
N PRO B 802 31.57 49.79 -3.19
CA PRO B 802 32.48 48.64 -3.37
C PRO B 802 32.16 47.75 -4.55
N ALA B 803 31.44 48.24 -5.57
CA ALA B 803 31.19 47.62 -6.87
C ALA B 803 30.18 46.47 -6.82
N ASP B 804 29.79 46.06 -5.61
CA ASP B 804 28.63 45.20 -5.49
C ASP B 804 27.40 46.05 -5.24
N TRP B 805 27.64 47.34 -4.98
CA TRP B 805 26.55 48.27 -4.74
C TRP B 805 25.85 48.65 -6.03
N THR B 806 26.55 48.60 -7.16
CA THR B 806 25.88 48.80 -8.43
C THR B 806 25.20 47.52 -8.90
N VAL B 807 25.59 46.38 -8.34
CA VAL B 807 24.92 45.13 -8.69
C VAL B 807 23.55 45.09 -8.01
N HIS B 808 23.48 45.57 -6.78
CA HIS B 808 22.24 45.47 -6.03
C HIS B 808 21.18 46.44 -6.56
N HIS B 809 21.60 47.54 -7.18
CA HIS B 809 20.64 48.40 -7.85
C HIS B 809 19.99 47.71 -9.04
N LYS B 810 20.80 46.97 -9.81
CA LYS B 810 20.27 46.26 -10.97
C LYS B 810 19.33 45.15 -10.55
N ILE B 811 19.64 44.48 -9.44
CA ILE B 811 18.77 43.42 -8.95
C ILE B 811 17.50 44.02 -8.34
N TYR B 812 17.62 45.21 -7.77
CA TYR B 812 16.43 45.84 -7.19
C TYR B 812 15.52 46.41 -8.26
N TYR B 813 16.10 47.15 -9.20
CA TYR B 813 15.28 47.89 -10.15
C TYR B 813 14.66 46.99 -11.20
N TYR B 814 15.39 45.99 -11.66
CA TYR B 814 14.90 45.22 -12.81
C TYR B 814 14.07 44.03 -12.37
N VAL B 815 14.09 43.68 -11.10
CA VAL B 815 13.39 42.49 -10.63
C VAL B 815 12.30 42.85 -9.64
N LEU B 816 12.63 43.60 -8.59
CA LEU B 816 11.70 43.76 -7.48
C LEU B 816 10.77 44.94 -7.70
N VAL B 817 11.22 45.95 -8.43
CA VAL B 817 10.33 47.04 -8.83
C VAL B 817 9.26 46.59 -9.84
N PRO B 818 9.54 45.88 -10.95
CA PRO B 818 8.41 45.52 -11.84
C PRO B 818 7.56 44.38 -11.34
N ALA B 819 8.03 43.65 -10.33
CA ALA B 819 7.22 42.56 -9.79
C ALA B 819 6.01 43.10 -9.05
N PHE B 820 6.25 43.93 -8.04
CA PHE B 820 5.14 44.43 -7.23
C PHE B 820 4.33 45.47 -8.00
N SER B 821 4.95 46.15 -8.97
CA SER B 821 4.23 47.19 -9.69
C SER B 821 3.45 46.61 -10.87
N ARG B 822 3.77 45.38 -11.29
CA ARG B 822 3.20 44.71 -12.46
C ARG B 822 3.33 45.56 -13.73
N GLY B 823 4.44 46.27 -13.88
CA GLY B 823 4.63 47.15 -15.00
C GLY B 823 3.94 48.50 -14.88
N ARG B 824 3.34 48.81 -13.74
CA ARG B 824 2.69 50.09 -13.54
C ARG B 824 3.55 50.98 -12.68
N CYS B 825 4.52 51.65 -13.32
CA CYS B 825 5.44 52.60 -12.69
C CYS B 825 6.20 53.30 -13.80
N CYS B 826 6.76 54.47 -13.55
CA CYS B 826 7.48 55.16 -14.61
C CYS B 826 8.62 55.99 -14.02
N THR B 827 9.77 55.90 -14.66
CA THR B 827 10.92 56.75 -14.36
C THR B 827 10.61 58.15 -14.87
N ALA B 828 11.12 59.15 -14.18
CA ALA B 828 10.78 60.53 -14.49
C ALA B 828 11.99 61.43 -14.27
N GLY B 829 12.14 62.39 -15.18
CA GLY B 829 13.15 63.42 -14.98
C GLY B 829 12.69 64.45 -13.99
N VAL B 830 13.65 65.02 -13.26
CA VAL B 830 13.37 65.84 -12.10
C VAL B 830 13.81 67.27 -12.37
N ARG B 831 12.87 68.20 -12.29
CA ARG B 831 13.20 69.62 -12.34
C ARG B 831 13.80 70.04 -11.00
N PHE B 832 15.10 69.81 -10.80
CA PHE B 832 15.75 70.14 -9.53
C PHE B 832 15.72 71.62 -9.25
N ASP B 833 15.71 72.44 -10.30
CA ASP B 833 15.51 73.87 -10.15
C ASP B 833 14.14 74.17 -9.56
N ARG B 834 13.11 73.45 -9.99
CA ARG B 834 11.79 73.68 -9.43
C ARG B 834 11.65 73.00 -8.08
N VAL B 835 12.31 71.86 -7.89
CA VAL B 835 12.18 71.11 -6.64
C VAL B 835 12.82 71.87 -5.49
N TYR B 836 13.98 72.50 -5.74
CA TYR B 836 14.72 73.14 -4.65
C TYR B 836 14.02 74.39 -4.14
N ALA B 837 13.24 75.04 -5.00
CA ALA B 837 12.51 76.23 -4.57
C ALA B 837 11.37 75.84 -3.64
N THR B 838 10.70 74.74 -3.93
CA THR B 838 9.53 74.37 -3.15
C THR B 838 9.94 73.78 -1.81
N LEU B 839 11.11 73.13 -1.77
CA LEU B 839 11.54 72.47 -0.55
C LEU B 839 11.98 73.46 0.52
N GLN B 840 13.02 74.24 0.24
CA GLN B 840 13.71 74.97 1.28
C GLN B 840 12.99 76.23 1.70
N ASN B 841 11.81 76.49 1.14
CA ASN B 841 10.89 77.51 1.63
C ASN B 841 10.05 76.87 2.72
N MET B 842 10.31 77.26 3.97
CA MET B 842 9.64 76.69 5.13
C MET B 842 9.07 77.84 5.97
N VAL B 843 8.03 77.53 6.71
CA VAL B 843 7.43 78.48 7.66
C VAL B 843 7.42 77.83 9.03
N VAL B 844 8.29 78.31 9.91
CA VAL B 844 8.34 77.88 11.30
C VAL B 844 8.31 79.13 12.17
N PRO B 845 7.35 79.29 13.08
CA PRO B 845 7.36 80.45 13.98
C PRO B 845 8.41 80.32 15.08
N GLU B 846 8.79 81.45 15.68
CA GLU B 846 9.77 81.45 16.75
C GLU B 846 9.18 80.83 18.02
N ILE B 847 9.93 79.92 18.64
CA ILE B 847 9.48 79.29 19.87
C ILE B 847 9.70 80.26 21.03
N ALA B 848 8.79 80.22 22.00
CA ALA B 848 8.88 81.12 23.14
C ALA B 848 9.99 80.65 24.08
N PRO B 849 10.64 81.56 24.82
CA PRO B 849 11.65 81.12 25.79
C PRO B 849 11.02 80.40 26.97
N GLY B 850 11.49 79.17 27.21
CA GLY B 850 10.94 78.33 28.25
C GLY B 850 9.79 77.45 27.83
N GLU B 851 9.54 77.32 26.52
CA GLU B 851 8.40 76.58 26.01
C GLU B 851 8.86 75.22 25.52
N GLU B 852 7.91 74.30 25.39
CA GLU B 852 8.23 72.94 24.99
C GLU B 852 8.54 72.84 23.50
N CYS B 853 8.89 71.64 23.08
CA CYS B 853 9.06 71.37 21.65
C CYS B 853 7.70 71.40 20.97
N PRO B 854 7.62 71.87 19.73
CA PRO B 854 6.32 71.88 19.02
C PRO B 854 5.87 70.45 18.68
N SER B 855 4.89 69.96 19.43
CA SER B 855 4.52 68.55 19.30
C SER B 855 3.35 68.35 18.36
N ASP B 856 2.20 68.95 18.70
CA ASP B 856 0.98 68.66 17.98
C ASP B 856 0.54 69.84 17.15
N PRO B 857 0.27 69.64 15.86
CA PRO B 857 -0.38 70.71 15.08
C PRO B 857 -1.84 70.91 15.45
N VAL B 858 -2.43 70.01 16.23
CA VAL B 858 -3.78 70.23 16.72
C VAL B 858 -3.76 71.16 17.93
N THR B 859 -2.93 70.84 18.91
CA THR B 859 -2.94 71.60 20.17
C THR B 859 -2.08 72.85 20.08
N ASP B 860 -0.80 72.69 19.73
CA ASP B 860 0.21 73.73 19.86
C ASP B 860 0.15 74.67 18.67
N PRO B 861 -0.09 75.97 18.90
CA PRO B 861 0.03 76.93 17.78
C PRO B 861 1.47 77.24 17.42
N ALA B 862 2.43 76.77 18.22
CA ALA B 862 3.84 76.90 17.84
C ALA B 862 4.29 75.76 16.94
N HIS B 863 3.39 74.82 16.63
CA HIS B 863 3.75 73.77 15.68
C HIS B 863 3.72 74.35 14.28
N PRO B 864 4.69 74.01 13.44
CA PRO B 864 4.73 74.63 12.09
C PRO B 864 3.68 74.06 11.14
N LEU B 865 3.16 72.87 11.42
CA LEU B 865 2.05 72.33 10.64
C LEU B 865 0.69 72.65 11.24
N HIS B 866 0.65 73.44 12.31
CA HIS B 866 -0.61 73.86 12.89
C HIS B 866 -1.37 74.73 11.88
N PRO B 867 -2.70 74.56 11.76
CA PRO B 867 -3.44 75.23 10.67
C PRO B 867 -3.51 76.75 10.77
N ALA B 868 -3.05 77.36 11.87
CA ALA B 868 -2.97 78.81 11.93
C ALA B 868 -1.82 79.34 11.08
N ASN B 869 -0.66 78.67 11.13
CA ASN B 869 0.51 79.18 10.43
C ASN B 869 0.66 78.56 9.05
N LEU B 870 -0.25 77.67 8.66
CA LEU B 870 -0.16 77.06 7.35
C LEU B 870 -0.58 78.04 6.26
N VAL B 871 0.41 78.57 5.55
CA VAL B 871 0.21 79.44 4.41
C VAL B 871 0.45 78.57 3.18
N ALA B 872 -0.16 78.95 2.05
CA ALA B 872 -0.01 78.17 0.82
C ALA B 872 1.42 78.26 0.28
N ASN B 873 1.78 77.27 -0.54
CA ASN B 873 2.98 77.16 -1.38
C ASN B 873 4.29 76.96 -0.60
N THR B 874 4.25 76.55 0.67
CA THR B 874 5.46 76.21 1.39
C THR B 874 5.52 74.71 1.71
N VAL B 875 6.56 74.33 2.45
CA VAL B 875 6.86 72.91 2.57
C VAL B 875 6.07 72.27 3.71
N LYS B 876 5.75 73.03 4.76
CA LYS B 876 4.90 72.44 5.80
C LYS B 876 3.44 72.51 5.39
N ARG B 877 3.14 73.32 4.39
CA ARG B 877 1.88 73.15 3.66
C ARG B 877 1.87 71.83 2.92
N MET B 878 2.99 71.49 2.28
CA MET B 878 3.04 70.22 1.55
C MET B 878 3.23 69.05 2.51
N PHE B 879 3.75 69.31 3.71
CA PHE B 879 3.76 68.28 4.76
C PHE B 879 2.36 67.99 5.27
N HIS B 880 1.42 68.90 5.04
CA HIS B 880 0.04 68.65 5.45
C HIS B 880 -0.78 68.09 4.30
N ASN B 881 -0.31 68.25 3.05
CA ASN B 881 -1.03 67.68 1.93
C ASN B 881 -0.93 66.16 1.94
N GLY B 882 0.27 65.61 1.81
CA GLY B 882 0.53 64.25 2.18
C GLY B 882 0.73 64.27 3.69
N ARG B 883 -0.29 63.83 4.42
CA ARG B 883 -0.39 64.11 5.84
C ARG B 883 0.68 63.33 6.61
N VAL B 884 1.78 64.02 6.88
CA VAL B 884 2.91 63.46 7.62
C VAL B 884 3.22 64.41 8.77
N VAL B 885 3.20 63.88 9.98
CA VAL B 885 3.44 64.66 11.19
C VAL B 885 4.93 64.92 11.30
N VAL B 886 5.34 66.15 11.02
CA VAL B 886 6.72 66.59 11.16
C VAL B 886 6.74 67.81 12.07
N ASP B 887 7.58 67.75 13.09
CA ASP B 887 7.66 68.83 14.07
C ASP B 887 8.65 69.89 13.61
N GLY B 888 8.85 70.90 14.48
CA GLY B 888 9.68 72.04 14.21
C GLY B 888 11.13 71.76 13.91
N PRO B 889 11.91 71.19 14.84
CA PRO B 889 13.36 71.04 14.57
C PRO B 889 13.72 69.98 13.55
N ALA B 890 12.76 69.25 12.99
CA ALA B 890 13.08 68.33 11.91
C ALA B 890 13.26 69.05 10.59
N MET B 891 12.34 69.97 10.25
CA MET B 891 12.51 70.76 9.04
C MET B 891 13.50 71.89 9.25
N LEU B 892 13.93 72.09 10.49
CA LEU B 892 15.15 72.86 10.76
C LEU B 892 16.36 72.19 10.11
N THR B 893 16.38 70.86 10.06
CA THR B 893 17.50 70.15 9.46
C THR B 893 17.41 70.08 7.94
N LEU B 894 16.49 70.82 7.32
CA LEU B 894 16.38 70.86 5.87
C LEU B 894 17.43 71.77 5.24
N GLN B 895 18.20 72.49 6.07
CA GLN B 895 19.18 73.47 5.60
C GLN B 895 20.46 72.84 5.06
N VAL B 896 20.53 71.51 4.93
CA VAL B 896 21.72 70.85 4.42
C VAL B 896 21.73 70.86 2.90
N LEU B 897 20.62 71.28 2.28
CA LEU B 897 20.50 71.30 0.83
C LEU B 897 21.46 72.29 0.17
N ALA B 898 21.80 73.37 0.87
CA ALA B 898 22.65 74.41 0.28
C ALA B 898 24.10 73.93 0.15
N HIS B 899 24.51 72.97 0.98
CA HIS B 899 25.88 72.49 0.91
C HIS B 899 26.09 71.58 -0.29
N ASN B 900 25.23 70.57 -0.45
CA ASN B 900 25.34 69.62 -1.54
C ASN B 900 23.98 69.42 -2.17
N MET B 901 23.96 69.28 -3.49
CA MET B 901 22.72 69.12 -4.24
C MET B 901 23.02 68.49 -5.59
N ALA B 902 21.98 68.36 -6.40
CA ALA B 902 22.10 67.89 -7.77
C ALA B 902 21.51 68.96 -8.69
N GLU B 903 22.22 69.26 -9.78
CA GLU B 903 21.85 70.40 -10.60
C GLU B 903 20.67 70.08 -11.51
N ARG B 904 20.69 68.91 -12.14
CA ARG B 904 19.67 68.58 -13.12
C ARG B 904 19.64 67.08 -13.32
N THR B 905 18.56 66.61 -13.94
CA THR B 905 18.47 65.25 -14.42
C THR B 905 19.12 65.19 -15.79
N THR B 906 19.54 63.99 -16.19
CA THR B 906 20.36 63.83 -17.38
C THR B 906 20.01 62.52 -18.07
N ALA B 907 19.64 62.62 -19.35
CA ALA B 907 19.40 61.42 -20.14
C ALA B 907 20.72 60.81 -20.60
N LEU B 908 20.91 59.53 -20.30
CA LEU B 908 22.16 58.85 -20.56
C LEU B 908 21.92 57.76 -21.59
N LEU B 909 22.88 57.55 -22.49
CA LEU B 909 22.80 56.49 -23.47
C LEU B 909 24.18 55.88 -23.68
N CYS B 910 24.31 54.59 -23.36
CA CYS B 910 25.54 53.86 -23.58
C CYS B 910 25.25 52.75 -24.58
N SER B 911 26.25 51.91 -24.81
CA SER B 911 26.08 50.69 -25.58
C SER B 911 27.17 49.70 -25.19
N ALA B 912 26.92 48.44 -25.47
CA ALA B 912 27.94 47.44 -25.24
C ALA B 912 27.97 46.45 -26.40
N ALA B 913 29.17 46.15 -26.83
CA ALA B 913 29.38 45.09 -27.78
C ALA B 913 29.19 43.75 -27.09
N PRO B 914 28.94 42.67 -27.83
CA PRO B 914 28.92 41.35 -27.20
C PRO B 914 30.28 40.98 -26.63
N ASP B 915 30.26 40.44 -25.43
CA ASP B 915 31.46 40.18 -24.65
C ASP B 915 32.26 39.03 -25.23
N ALA B 916 33.37 38.72 -24.57
CA ALA B 916 34.05 37.47 -24.84
C ALA B 916 33.13 36.31 -24.50
N GLY B 917 33.06 35.37 -25.43
CA GLY B 917 32.07 34.32 -25.33
C GLY B 917 30.84 34.64 -26.14
N ALA B 918 30.80 35.83 -26.74
CA ALA B 918 29.73 36.14 -27.67
C ALA B 918 30.27 36.94 -28.85
N ASN B 919 31.58 37.11 -28.91
CA ASN B 919 32.21 37.96 -29.91
C ASN B 919 32.85 37.09 -30.97
N THR B 920 32.09 36.74 -32.01
CA THR B 920 32.64 36.09 -33.17
C THR B 920 32.83 37.13 -34.26
N ALA B 921 33.23 36.66 -35.44
CA ALA B 921 33.49 37.54 -36.56
C ALA B 921 32.20 38.13 -37.12
N SER B 922 31.07 37.46 -36.88
CA SER B 922 29.80 37.98 -37.34
C SER B 922 29.15 38.91 -36.32
N THR B 923 29.49 38.72 -35.04
CA THR B 923 28.81 39.38 -33.94
C THR B 923 29.50 40.62 -33.44
N ALA B 924 30.66 40.97 -34.01
CA ALA B 924 31.37 42.16 -33.54
C ALA B 924 30.63 43.43 -33.92
N ASN B 925 29.84 43.39 -35.00
CA ASN B 925 29.16 44.58 -35.47
C ASN B 925 27.92 44.89 -34.66
N MET B 926 27.45 43.93 -33.86
CA MET B 926 26.21 44.12 -33.13
C MET B 926 26.39 45.09 -31.96
N ARG B 927 25.46 46.01 -31.83
CA ARG B 927 25.44 46.93 -30.70
C ARG B 927 24.14 46.72 -29.93
N ILE B 928 24.20 46.88 -28.62
CA ILE B 928 23.04 46.74 -27.74
C ILE B 928 22.99 47.99 -26.86
N PHE B 929 21.96 48.80 -27.05
CA PHE B 929 21.91 50.16 -26.50
C PHE B 929 21.05 50.20 -25.24
N ASP B 930 21.57 50.85 -24.21
CA ASP B 930 20.91 50.91 -22.90
C ASP B 930 20.79 52.35 -22.47
N GLY B 931 19.60 52.74 -22.07
CA GLY B 931 19.41 54.09 -21.55
C GLY B 931 19.21 54.07 -20.05
N ALA B 932 19.44 55.23 -19.42
CA ALA B 932 19.21 55.41 -18.00
C ALA B 932 19.11 56.90 -17.72
N LEU B 933 19.08 57.22 -16.43
CA LEU B 933 19.06 58.61 -15.97
C LEU B 933 20.05 58.76 -14.84
N HIS B 934 20.91 59.78 -14.93
CA HIS B 934 21.87 60.02 -13.85
C HIS B 934 21.19 60.62 -12.63
N ALA B 935 20.06 61.29 -12.83
CA ALA B 935 19.25 61.78 -11.73
C ALA B 935 17.80 61.57 -12.11
N GLY B 936 17.00 61.09 -11.17
CA GLY B 936 15.60 60.83 -11.47
C GLY B 936 14.92 60.10 -10.33
N VAL B 937 13.59 60.19 -10.35
CA VAL B 937 12.77 59.59 -9.31
C VAL B 937 11.85 58.58 -9.97
N LEU B 938 11.85 57.36 -9.47
CA LEU B 938 10.96 56.29 -9.92
C LEU B 938 9.58 56.53 -9.34
N LEU B 939 8.65 56.97 -10.18
CA LEU B 939 7.26 57.17 -9.77
C LEU B 939 6.58 55.82 -9.69
N MET B 940 6.09 55.47 -8.51
CA MET B 940 5.45 54.17 -8.35
C MET B 940 4.01 54.20 -8.81
N ALA B 941 3.16 54.93 -8.09
CA ALA B 941 1.75 54.93 -8.41
C ALA B 941 1.44 56.09 -9.33
N PRO B 942 0.87 55.86 -10.50
CA PRO B 942 0.45 56.97 -11.36
C PRO B 942 -0.70 57.76 -10.79
N GLN B 943 -0.45 59.02 -10.48
CA GLN B 943 -1.47 59.92 -9.95
C GLN B 943 -1.58 61.12 -10.88
N HIS B 944 -2.76 61.31 -11.44
CA HIS B 944 -3.00 62.43 -12.33
C HIS B 944 -4.34 63.08 -12.10
N LEU B 945 -5.30 62.37 -11.52
CA LEU B 945 -6.59 62.97 -11.18
C LEU B 945 -6.43 63.95 -10.01
N ASP B 946 -5.44 63.71 -9.16
CA ASP B 946 -5.11 64.68 -8.12
C ASP B 946 -4.53 65.95 -8.74
N HIS B 947 -5.30 67.03 -8.65
CA HIS B 947 -4.83 68.30 -9.12
C HIS B 947 -4.16 69.10 -8.02
N THR B 948 -3.92 68.49 -6.85
CA THR B 948 -3.01 69.10 -5.89
C THR B 948 -1.60 69.17 -6.45
N ILE B 949 -1.20 68.14 -7.19
CA ILE B 949 0.00 68.20 -8.02
C ILE B 949 -0.42 68.60 -9.42
N GLN B 950 0.10 69.75 -9.89
CA GLN B 950 -0.03 70.12 -11.29
C GLN B 950 0.53 69.03 -12.19
N ASN B 951 -0.19 68.77 -13.29
CA ASN B 951 0.24 67.78 -14.26
C ASN B 951 1.57 68.18 -14.87
N GLY B 952 2.64 67.49 -14.43
CA GLY B 952 3.97 67.81 -14.86
C GLY B 952 4.58 69.06 -14.25
N GLU B 953 4.42 69.28 -12.94
CA GLU B 953 5.11 70.40 -12.32
C GLU B 953 6.55 70.04 -11.92
N TYR B 954 6.72 69.15 -10.92
CA TYR B 954 8.05 68.73 -10.51
C TYR B 954 8.68 67.82 -11.54
N PHE B 955 7.97 66.75 -11.86
CA PHE B 955 8.55 65.65 -12.61
C PHE B 955 7.90 65.63 -13.98
N TYR B 956 8.73 65.51 -15.00
CA TYR B 956 8.21 65.22 -16.33
C TYR B 956 8.36 63.73 -16.56
N VAL B 957 7.35 63.12 -17.16
CA VAL B 957 7.32 61.68 -17.41
C VAL B 957 8.39 61.37 -18.46
N LEU B 958 9.25 60.39 -18.18
CA LEU B 958 10.30 60.03 -19.11
C LEU B 958 10.69 58.57 -18.92
N PRO B 959 10.01 57.63 -19.56
CA PRO B 959 10.36 56.21 -19.40
C PRO B 959 11.62 55.82 -20.14
N VAL B 960 12.48 55.05 -19.48
CA VAL B 960 13.71 54.60 -20.11
C VAL B 960 13.58 53.16 -20.59
N HIS B 961 12.57 52.45 -20.12
CA HIS B 961 12.48 51.02 -20.35
C HIS B 961 11.01 50.62 -20.31
N ALA B 962 10.71 49.51 -20.99
CA ALA B 962 9.33 49.06 -21.12
C ALA B 962 8.78 48.61 -19.78
N LEU B 963 9.65 48.15 -18.87
CA LEU B 963 9.23 47.89 -17.50
C LEU B 963 8.85 49.17 -16.78
N PHE B 964 9.48 50.28 -17.15
CA PHE B 964 9.34 51.53 -16.40
C PHE B 964 8.49 52.52 -17.21
N ALA B 965 7.48 51.98 -17.89
CA ALA B 965 6.52 52.79 -18.61
C ALA B 965 5.12 52.33 -18.24
N GLY B 966 4.50 53.06 -17.32
CA GLY B 966 3.12 52.79 -16.99
C GLY B 966 2.22 53.48 -17.99
N ALA B 967 1.12 52.82 -18.36
CA ALA B 967 0.23 53.36 -19.38
C ALA B 967 -0.49 54.61 -18.88
N ASP B 968 -0.72 54.69 -17.57
CA ASP B 968 -1.38 55.87 -17.02
C ASP B 968 -0.42 57.05 -16.95
N HIS B 969 0.88 56.80 -16.97
CA HIS B 969 1.82 57.91 -16.97
C HIS B 969 1.91 58.55 -18.35
N VAL B 970 2.14 57.73 -19.37
CA VAL B 970 2.53 58.24 -20.68
C VAL B 970 1.34 58.87 -21.38
N ALA B 971 0.14 58.33 -21.14
CA ALA B 971 -1.06 58.95 -21.68
C ALA B 971 -1.37 60.27 -20.99
N ASN B 972 -0.99 60.41 -19.72
CA ASN B 972 -1.33 61.61 -18.97
C ASN B 972 -0.23 62.64 -18.98
N ALA B 973 0.50 62.75 -20.09
CA ALA B 973 1.41 63.86 -20.29
C ALA B 973 0.61 65.16 -20.38
N PRO B 974 1.23 66.29 -20.02
CA PRO B 974 0.52 67.59 -20.15
C PRO B 974 0.19 67.93 -21.59
N ASN B 975 1.00 67.48 -22.53
CA ASN B 975 0.71 67.57 -23.95
C ASN B 975 0.81 66.17 -24.52
N PHE B 976 -0.33 65.62 -24.94
CA PHE B 976 -0.38 64.25 -25.42
C PHE B 976 -1.18 64.23 -26.69
N PRO B 977 -0.72 63.51 -27.72
CA PRO B 977 -1.51 63.35 -28.94
C PRO B 977 -2.80 62.58 -28.67
N PRO B 978 -3.95 63.25 -28.78
CA PRO B 978 -5.17 62.68 -28.18
C PRO B 978 -5.75 61.52 -28.96
N ALA B 979 -5.28 61.25 -30.17
CA ALA B 979 -5.73 60.09 -30.90
C ALA B 979 -5.11 58.80 -30.39
N LEU B 980 -4.01 58.88 -29.64
CA LEU B 980 -3.26 57.70 -29.21
C LEU B 980 -3.65 57.22 -27.83
N ARG B 981 -4.91 57.33 -27.45
CA ARG B 981 -5.30 56.83 -26.14
C ARG B 981 -5.37 55.31 -26.13
N ASP B 982 -5.59 54.69 -27.28
CA ASP B 982 -5.63 53.23 -27.35
C ASP B 982 -4.24 52.65 -27.27
N LEU B 983 -3.31 53.16 -28.08
CA LEU B 983 -2.05 52.48 -28.30
C LEU B 983 -1.15 52.60 -27.08
N ALA B 984 -1.38 53.61 -26.25
CA ALA B 984 -0.63 53.72 -25.01
C ALA B 984 -1.03 52.64 -24.02
N ARG B 985 -2.24 52.09 -24.16
CA ARG B 985 -2.71 51.08 -23.21
C ARG B 985 -2.08 49.73 -23.48
N ASP B 986 -1.93 49.34 -24.74
CA ASP B 986 -1.43 48.00 -25.02
C ASP B 986 0.04 48.02 -25.44
N VAL B 987 0.61 49.20 -25.65
CA VAL B 987 1.99 49.36 -26.07
C VAL B 987 2.64 50.47 -25.24
N PRO B 988 3.76 50.20 -24.57
CA PRO B 988 4.52 51.29 -23.95
C PRO B 988 5.29 52.09 -24.98
N LEU B 989 5.32 53.40 -24.81
CA LEU B 989 6.00 54.30 -25.73
C LEU B 989 7.27 54.83 -25.08
N VAL B 990 8.33 54.03 -25.14
CA VAL B 990 9.64 54.41 -24.64
C VAL B 990 10.39 55.09 -25.78
N PRO B 991 10.84 56.33 -25.59
CA PRO B 991 11.42 57.08 -26.70
C PRO B 991 12.76 56.51 -27.12
N PRO B 992 13.03 56.44 -28.42
CA PRO B 992 14.23 55.74 -28.88
C PRO B 992 15.51 56.53 -28.66
N ALA B 993 15.42 57.76 -28.16
CA ALA B 993 16.61 58.43 -27.65
C ALA B 993 17.17 57.71 -26.44
N LEU B 994 16.29 57.09 -25.65
CA LEU B 994 16.74 56.31 -24.50
C LEU B 994 17.04 54.87 -24.92
N GLY B 995 16.11 54.23 -25.62
CA GLY B 995 16.33 52.87 -26.06
C GLY B 995 15.26 52.40 -27.01
N ALA B 996 15.59 51.37 -27.77
CA ALA B 996 14.63 50.73 -28.67
C ALA B 996 14.21 49.40 -28.06
N ASN B 997 13.36 48.66 -28.78
CA ASN B 997 12.97 47.37 -28.26
C ASN B 997 14.02 46.33 -28.57
N TYR B 998 14.52 46.30 -29.80
CA TYR B 998 15.45 45.23 -30.16
C TYR B 998 16.86 45.51 -29.66
N PHE B 999 17.16 46.77 -29.34
CA PHE B 999 18.52 47.08 -28.93
C PHE B 999 18.65 47.21 -27.42
N SER B 1000 17.54 47.10 -26.69
CA SER B 1000 17.62 47.03 -25.25
C SER B 1000 18.07 45.65 -24.82
N SER B 1001 18.61 45.58 -23.60
CA SER B 1001 19.08 44.30 -23.09
C SER B 1001 17.91 43.42 -22.66
N ILE B 1002 16.83 44.05 -22.23
CA ILE B 1002 15.66 43.37 -21.71
C ILE B 1002 14.48 43.80 -22.55
N ARG B 1003 13.79 42.85 -23.16
CA ARG B 1003 12.80 43.19 -24.17
C ARG B 1003 11.39 42.90 -23.66
N GLN B 1004 10.43 43.02 -24.59
CA GLN B 1004 9.02 42.83 -24.25
C GLN B 1004 8.62 41.49 -23.64
N PRO B 1005 9.15 40.31 -24.03
CA PRO B 1005 8.64 39.07 -23.40
C PRO B 1005 8.95 38.92 -21.92
N VAL B 1006 9.98 39.58 -21.41
CA VAL B 1006 10.14 39.66 -19.96
C VAL B 1006 9.14 40.65 -19.38
N VAL B 1007 8.91 41.76 -20.09
CA VAL B 1007 7.94 42.76 -19.64
C VAL B 1007 6.53 42.19 -19.67
N GLN B 1008 6.21 41.44 -20.72
CA GLN B 1008 4.88 40.83 -20.80
C GLN B 1008 4.72 39.74 -19.77
N HIS B 1009 5.82 39.10 -19.38
CA HIS B 1009 5.77 38.14 -18.29
C HIS B 1009 5.59 38.84 -16.95
N ALA B 1010 6.01 40.09 -16.84
CA ALA B 1010 5.86 40.80 -15.58
C ALA B 1010 4.41 41.18 -15.32
N ARG B 1011 3.67 41.48 -16.39
CA ARG B 1011 2.30 41.94 -16.20
C ARG B 1011 1.33 40.76 -16.19
N GLU B 1012 1.61 39.73 -16.98
CA GLU B 1012 0.69 38.62 -17.16
C GLU B 1012 1.05 37.40 -16.35
N SER B 1013 1.83 37.53 -15.28
CA SER B 1013 2.09 36.39 -14.41
C SER B 1013 0.86 36.10 -13.57
N ALA B 1014 0.83 34.95 -12.94
CA ALA B 1014 -0.30 34.54 -12.13
C ALA B 1014 0.10 34.16 -10.71
N ALA B 1015 1.38 33.95 -10.44
CA ALA B 1015 1.77 33.44 -9.15
C ALA B 1015 1.96 34.58 -8.15
N GLY B 1016 2.43 34.21 -6.96
CA GLY B 1016 2.75 35.18 -5.96
C GLY B 1016 4.09 35.85 -6.21
N GLU B 1017 4.44 36.79 -5.35
CA GLU B 1017 5.55 37.68 -5.65
C GLU B 1017 6.90 37.02 -5.39
N ASN B 1018 6.97 36.10 -4.43
CA ASN B 1018 8.20 35.34 -4.25
C ASN B 1018 8.41 34.36 -5.40
N ALA B 1019 7.33 33.79 -5.91
CA ALA B 1019 7.46 32.93 -7.09
C ALA B 1019 7.70 33.76 -8.33
N LEU B 1020 7.23 35.01 -8.33
CA LEU B 1020 7.48 35.89 -9.47
C LEU B 1020 8.93 36.34 -9.51
N THR B 1021 9.55 36.49 -8.33
CA THR B 1021 10.85 37.14 -8.24
C THR B 1021 11.97 36.24 -8.76
N TYR B 1022 12.08 35.03 -8.21
CA TYR B 1022 13.16 34.13 -8.57
C TYR B 1022 13.01 33.65 -10.01
N ALA B 1023 11.77 33.60 -10.48
CA ALA B 1023 11.52 33.28 -11.88
C ALA B 1023 12.04 34.37 -12.80
N LEU B 1024 11.71 35.62 -12.49
CA LEU B 1024 12.14 36.71 -13.35
C LEU B 1024 13.62 37.00 -13.14
N MET B 1025 14.13 36.64 -11.96
CA MET B 1025 15.58 36.62 -11.75
C MET B 1025 16.25 35.57 -12.63
N ALA B 1026 15.60 34.42 -12.79
CA ALA B 1026 16.17 33.40 -13.65
C ALA B 1026 16.08 33.77 -15.12
N GLY B 1027 15.24 34.75 -15.46
CA GLY B 1027 15.13 35.22 -16.82
C GLY B 1027 16.20 36.19 -17.24
N TYR B 1028 17.24 36.37 -16.41
CA TYR B 1028 18.35 37.19 -16.86
C TYR B 1028 19.64 36.41 -16.98
N PHE B 1029 19.57 35.09 -16.94
CA PHE B 1029 20.76 34.31 -17.27
C PHE B 1029 21.02 34.38 -18.76
N LYS B 1030 22.26 34.67 -19.13
CA LYS B 1030 22.58 34.87 -20.54
C LYS B 1030 22.61 33.56 -21.29
N MET B 1031 22.58 33.66 -22.62
CA MET B 1031 22.87 32.55 -23.49
C MET B 1031 23.99 32.94 -24.46
N SER B 1032 25.14 32.32 -24.26
CA SER B 1032 26.36 32.50 -25.02
C SER B 1032 27.27 31.36 -24.65
N PRO B 1033 28.03 30.81 -25.61
CA PRO B 1033 28.65 29.47 -25.42
C PRO B 1033 29.58 29.33 -24.22
N VAL B 1034 30.23 30.42 -23.80
CA VAL B 1034 30.97 30.38 -22.54
C VAL B 1034 30.01 30.39 -21.36
N ALA B 1035 29.02 31.28 -21.39
CA ALA B 1035 28.10 31.39 -20.27
C ALA B 1035 27.08 30.27 -20.27
N LEU B 1036 26.75 29.74 -21.44
CA LEU B 1036 25.79 28.65 -21.52
C LEU B 1036 26.38 27.36 -20.98
N TYR B 1037 27.71 27.26 -20.99
CA TYR B 1037 28.40 26.19 -20.28
C TYR B 1037 28.09 26.22 -18.79
N HIS B 1038 27.93 27.42 -18.23
CA HIS B 1038 27.79 27.54 -16.78
C HIS B 1038 26.37 27.25 -16.33
N GLN B 1039 25.45 27.07 -17.28
CA GLN B 1039 24.07 26.82 -16.92
C GLN B 1039 23.75 25.33 -17.03
N LEU B 1040 24.22 24.71 -18.11
CA LEU B 1040 23.95 23.28 -18.31
C LEU B 1040 24.80 22.43 -17.38
N LYS B 1041 26.06 22.78 -17.19
CA LYS B 1041 26.93 21.98 -16.34
C LYS B 1041 26.63 22.21 -14.86
N THR B 1042 25.84 23.23 -14.55
CA THR B 1042 25.42 23.40 -13.17
C THR B 1042 24.14 22.63 -12.88
N GLY B 1043 23.17 22.72 -13.78
CA GLY B 1043 21.88 22.09 -13.59
C GLY B 1043 20.71 23.01 -13.82
N LEU B 1044 20.93 24.17 -14.42
CA LEU B 1044 19.82 25.04 -14.78
C LEU B 1044 19.33 24.70 -16.17
N HIS B 1045 18.02 24.61 -16.31
CA HIS B 1045 17.45 24.46 -17.64
C HIS B 1045 17.36 25.84 -18.30
N PRO B 1046 18.05 26.04 -19.43
CA PRO B 1046 18.24 27.39 -19.95
C PRO B 1046 17.02 28.01 -20.63
N GLY B 1047 15.90 27.32 -20.72
CA GLY B 1047 14.70 27.91 -21.26
C GLY B 1047 14.29 27.44 -22.64
N PHE B 1048 15.14 26.70 -23.34
CA PHE B 1048 14.79 26.08 -24.60
C PHE B 1048 15.17 24.61 -24.52
N GLY B 1049 14.43 23.78 -25.23
CA GLY B 1049 14.62 22.35 -25.06
C GLY B 1049 15.12 21.63 -26.29
N PHE B 1050 16.07 20.73 -26.09
CA PHE B 1050 16.65 20.03 -27.23
C PHE B 1050 15.77 18.86 -27.65
N THR B 1051 16.07 18.32 -28.82
CA THR B 1051 15.63 16.99 -29.19
C THR B 1051 16.85 16.15 -29.54
N VAL B 1052 16.93 14.98 -28.93
CA VAL B 1052 18.03 14.05 -29.16
C VAL B 1052 17.70 13.33 -30.45
N VAL B 1053 18.69 13.12 -31.32
CA VAL B 1053 18.49 12.34 -32.53
C VAL B 1053 19.57 11.28 -32.61
N ARG B 1054 19.18 10.03 -32.86
CA ARG B 1054 20.08 8.89 -32.71
C ARG B 1054 19.97 7.93 -33.88
N GLN B 1055 21.12 7.57 -34.45
CA GLN B 1055 21.19 6.52 -35.46
C GLN B 1055 21.16 5.14 -34.79
N ASP B 1056 20.71 4.14 -35.52
CA ASP B 1056 20.74 2.77 -34.99
C ASP B 1056 20.89 1.78 -36.13
N ARG B 1057 21.37 0.58 -35.82
CA ARG B 1057 21.76 -0.42 -36.81
C ARG B 1057 21.52 -1.82 -36.28
N PHE B 1058 20.65 -2.56 -36.97
CA PHE B 1058 20.16 -3.85 -36.50
C PHE B 1058 20.41 -4.91 -37.56
N VAL B 1059 21.32 -5.84 -37.27
CA VAL B 1059 21.48 -7.02 -38.10
C VAL B 1059 20.22 -7.87 -37.92
N THR B 1060 19.50 -8.08 -39.03
CA THR B 1060 18.21 -8.74 -39.02
C THR B 1060 18.20 -9.87 -40.05
N GLU B 1061 17.67 -11.01 -39.68
CA GLU B 1061 17.52 -12.10 -40.62
C GLU B 1061 16.38 -11.80 -41.60
N ASN B 1062 16.35 -12.53 -42.71
CA ASN B 1062 15.35 -12.31 -43.75
C ASN B 1062 14.78 -13.63 -44.22
N VAL B 1063 13.70 -13.52 -45.00
CA VAL B 1063 13.29 -14.55 -45.93
C VAL B 1063 13.14 -13.89 -47.29
N LEU B 1064 13.47 -14.61 -48.35
CA LEU B 1064 13.37 -14.10 -49.70
C LEU B 1064 12.56 -15.06 -50.53
N PHE B 1065 11.45 -14.59 -51.08
CA PHE B 1065 10.68 -15.35 -52.04
C PHE B 1065 11.00 -14.82 -53.43
N SER B 1066 11.05 -15.71 -54.41
CA SER B 1066 11.29 -15.36 -55.80
C SER B 1066 10.52 -16.30 -56.71
N GLU B 1067 9.99 -15.76 -57.79
CA GLU B 1067 9.21 -16.55 -58.73
C GLU B 1067 10.11 -17.48 -59.51
N ARG B 1068 9.51 -18.49 -60.13
CA ARG B 1068 10.31 -19.34 -61.00
C ARG B 1068 10.61 -18.62 -62.30
N ALA B 1069 11.84 -18.83 -62.79
CA ALA B 1069 12.38 -18.21 -64.00
C ALA B 1069 12.32 -16.69 -63.95
N SER B 1070 13.14 -16.08 -63.09
CA SER B 1070 13.09 -14.64 -62.93
C SER B 1070 14.38 -13.93 -63.32
N GLU B 1071 15.42 -14.65 -63.73
CA GLU B 1071 16.69 -14.04 -64.11
C GLU B 1071 17.28 -14.73 -65.34
N ALA B 1072 18.34 -14.15 -65.89
CA ALA B 1072 18.89 -14.65 -67.14
C ALA B 1072 20.07 -15.57 -66.91
N TYR B 1073 21.14 -15.05 -66.31
CA TYR B 1073 22.38 -15.80 -66.01
C TYR B 1073 23.01 -16.42 -67.24
N PHE B 1074 23.56 -15.57 -68.09
CA PHE B 1074 24.46 -16.04 -69.12
C PHE B 1074 25.84 -16.26 -68.54
N LEU B 1075 26.43 -17.40 -68.88
CA LEU B 1075 27.72 -17.80 -68.35
C LEU B 1075 28.77 -17.62 -69.42
N GLY B 1076 29.99 -18.09 -69.14
CA GLY B 1076 31.10 -17.92 -70.04
C GLY B 1076 32.16 -18.98 -69.82
N GLN B 1077 33.34 -18.71 -70.37
CA GLN B 1077 34.44 -19.66 -70.23
C GLN B 1077 35.51 -19.16 -69.28
N LEU B 1078 36.19 -20.11 -68.63
CA LEU B 1078 37.31 -19.79 -67.75
C LEU B 1078 38.46 -19.21 -68.55
N GLN B 1079 39.25 -18.37 -67.90
CA GLN B 1079 40.41 -17.77 -68.52
C GLN B 1079 41.58 -17.85 -67.55
N VAL B 1080 42.49 -18.79 -67.78
CA VAL B 1080 43.69 -18.92 -66.99
C VAL B 1080 44.58 -17.72 -67.30
N ALA B 1081 45.36 -17.28 -66.32
CA ALA B 1081 46.30 -16.20 -66.52
C ALA B 1081 47.45 -16.36 -65.54
N ARG B 1082 48.48 -17.07 -65.98
CA ARG B 1082 49.65 -17.38 -65.16
C ARG B 1082 50.59 -16.19 -65.22
N HIS B 1083 50.45 -15.26 -64.29
CA HIS B 1083 51.09 -13.98 -64.48
C HIS B 1083 52.52 -13.89 -63.95
N GLU B 1084 52.71 -13.97 -62.61
CA GLU B 1084 53.79 -14.59 -61.83
C GLU B 1084 53.60 -14.20 -60.37
N THR B 1085 54.40 -14.80 -59.48
CA THR B 1085 54.51 -14.29 -58.11
C THR B 1085 55.82 -14.75 -57.49
N GLY B 1086 56.06 -14.30 -56.26
CA GLY B 1086 57.18 -14.77 -55.47
C GLY B 1086 56.76 -15.86 -54.52
N GLY B 1087 57.60 -16.88 -54.36
CA GLY B 1087 57.27 -18.00 -53.52
C GLY B 1087 56.33 -18.99 -54.18
N GLY B 1088 56.14 -18.92 -55.49
CA GLY B 1088 55.27 -19.87 -56.16
C GLY B 1088 54.87 -19.36 -57.53
N VAL B 1089 53.74 -19.89 -58.00
CA VAL B 1089 53.12 -19.46 -59.25
C VAL B 1089 51.62 -19.33 -59.03
N ASN B 1090 51.06 -18.17 -59.37
CA ASN B 1090 49.63 -17.92 -59.22
C ASN B 1090 48.92 -18.08 -60.54
N PHE B 1091 47.99 -19.01 -60.60
CA PHE B 1091 46.98 -19.07 -61.65
C PHE B 1091 45.71 -18.41 -61.13
N THR B 1092 45.21 -17.42 -61.84
CA THR B 1092 43.91 -16.84 -61.54
C THR B 1092 42.92 -17.28 -62.60
N LEU B 1093 41.63 -17.26 -62.26
CA LEU B 1093 40.60 -17.79 -63.14
C LEU B 1093 39.44 -16.81 -63.19
N THR B 1094 39.23 -16.20 -64.35
CA THR B 1094 38.08 -15.32 -64.52
C THR B 1094 36.97 -16.11 -65.21
N GLN B 1095 35.74 -15.79 -64.86
CA GLN B 1095 34.54 -16.38 -65.40
C GLN B 1095 33.51 -15.28 -65.61
N PRO B 1096 33.36 -14.76 -66.82
CA PRO B 1096 32.44 -13.64 -67.03
C PRO B 1096 30.99 -14.10 -67.00
N ARG B 1097 30.15 -13.33 -66.32
CA ARG B 1097 28.74 -13.65 -66.13
C ARG B 1097 27.88 -12.51 -66.64
N GLY B 1098 26.64 -12.83 -66.99
CA GLY B 1098 25.69 -11.80 -67.36
C GLY B 1098 24.26 -12.14 -66.99
N ASN B 1099 23.58 -11.28 -66.24
CA ASN B 1099 22.24 -11.58 -65.75
C ASN B 1099 21.30 -10.39 -65.92
N VAL B 1100 20.02 -10.69 -66.19
CA VAL B 1100 19.02 -9.68 -66.51
C VAL B 1100 17.76 -9.97 -65.72
N ASP B 1101 17.22 -8.92 -65.07
CA ASP B 1101 15.91 -8.96 -64.43
C ASP B 1101 14.85 -9.21 -65.50
N LEU B 1102 14.02 -10.24 -65.30
CA LEU B 1102 13.42 -10.90 -66.44
C LEU B 1102 11.90 -10.82 -66.46
N GLY B 1103 11.26 -10.69 -65.30
CA GLY B 1103 9.83 -10.46 -65.29
C GLY B 1103 9.55 -8.98 -65.51
N VAL B 1104 8.26 -8.64 -65.57
CA VAL B 1104 7.89 -7.25 -65.80
C VAL B 1104 8.05 -6.43 -64.53
N GLY B 1105 7.37 -6.82 -63.46
CA GLY B 1105 7.41 -6.06 -62.23
C GLY B 1105 7.43 -6.94 -61.01
N TYR B 1106 8.41 -6.70 -60.14
CA TYR B 1106 8.47 -7.21 -58.77
C TYR B 1106 8.50 -8.74 -58.73
N THR B 1107 9.56 -9.34 -59.26
CA THR B 1107 9.55 -10.77 -59.48
C THR B 1107 10.03 -11.53 -58.26
N ALA B 1108 10.62 -10.83 -57.30
CA ALA B 1108 11.02 -11.41 -56.03
C ALA B 1108 10.58 -10.47 -54.92
N VAL B 1109 10.53 -10.96 -53.70
CA VAL B 1109 10.19 -10.14 -52.55
C VAL B 1109 10.96 -10.64 -51.34
N ALA B 1110 11.39 -9.71 -50.50
CA ALA B 1110 12.08 -10.03 -49.26
C ALA B 1110 11.21 -9.61 -48.09
N ALA B 1111 11.55 -10.06 -46.90
CA ALA B 1111 10.83 -9.72 -45.70
C ALA B 1111 11.75 -9.89 -44.51
N THR B 1112 11.96 -8.81 -43.78
CA THR B 1112 12.57 -8.90 -42.46
C THR B 1112 11.59 -9.58 -41.51
N GLY B 1113 12.00 -10.69 -40.90
CA GLY B 1113 11.06 -11.54 -40.18
C GLY B 1113 11.53 -11.74 -38.74
N THR B 1114 12.66 -11.14 -38.39
CA THR B 1114 13.30 -11.27 -37.08
C THR B 1114 14.35 -10.20 -36.89
N VAL B 1115 14.91 -10.10 -35.68
CA VAL B 1115 16.07 -9.25 -35.42
C VAL B 1115 17.11 -10.10 -34.72
N ARG B 1116 18.33 -10.12 -35.24
CA ARG B 1116 19.37 -10.95 -34.66
C ARG B 1116 19.95 -10.29 -33.40
N ASN B 1117 20.60 -9.14 -33.57
CA ASN B 1117 21.16 -8.41 -32.43
C ASN B 1117 21.23 -6.94 -32.77
N PRO B 1118 21.15 -6.07 -31.76
CA PRO B 1118 21.43 -4.66 -32.02
C PRO B 1118 22.90 -4.37 -32.11
N VAL B 1119 23.40 -3.84 -33.23
CA VAL B 1119 24.82 -3.60 -33.37
C VAL B 1119 25.24 -2.43 -32.49
N THR B 1120 24.57 -1.29 -32.62
CA THR B 1120 25.03 -0.18 -31.82
C THR B 1120 24.41 -0.29 -30.44
N ASP B 1121 25.19 0.13 -29.45
CA ASP B 1121 24.59 0.50 -28.18
C ASP B 1121 23.80 1.78 -28.40
N MET B 1122 22.66 1.87 -27.72
CA MET B 1122 21.76 2.98 -28.00
C MET B 1122 22.22 4.23 -27.25
N GLY B 1123 23.24 4.86 -27.83
CA GLY B 1123 23.49 6.26 -27.59
C GLY B 1123 24.14 6.55 -26.26
N ASN B 1124 23.60 7.57 -25.61
CA ASN B 1124 24.22 8.31 -24.52
C ASN B 1124 25.63 8.75 -24.88
N LEU B 1125 25.79 9.40 -26.03
CA LEU B 1125 27.03 10.01 -26.45
C LEU B 1125 26.73 11.24 -27.29
N PRO B 1126 27.21 12.42 -26.90
CA PRO B 1126 26.82 13.65 -27.60
C PRO B 1126 27.74 14.02 -28.74
N GLN B 1127 27.21 14.74 -29.73
CA GLN B 1127 28.05 15.19 -30.83
C GLN B 1127 29.00 16.29 -30.37
N ASN B 1128 30.29 16.06 -30.60
CA ASN B 1128 31.34 17.02 -30.25
C ASN B 1128 31.73 17.79 -31.50
N PHE B 1129 31.34 19.07 -31.57
CA PHE B 1129 31.59 19.81 -32.79
C PHE B 1129 33.02 20.30 -32.90
N TYR B 1130 33.81 20.21 -31.83
CA TYR B 1130 35.19 20.70 -31.87
C TYR B 1130 36.10 19.78 -32.67
N LEU B 1131 35.62 18.59 -33.03
CA LEU B 1131 36.37 17.69 -33.90
C LEU B 1131 36.58 18.29 -35.27
N GLY B 1132 35.51 18.56 -35.98
CA GLY B 1132 35.63 19.13 -37.31
C GLY B 1132 35.46 20.62 -37.28
N ARG B 1133 36.47 21.34 -37.73
CA ARG B 1133 36.47 22.79 -37.67
C ARG B 1133 36.08 23.33 -39.05
N GLY B 1134 34.98 24.09 -39.06
CA GLY B 1134 34.57 24.88 -40.18
C GLY B 1134 33.96 26.19 -39.74
N ALA B 1135 33.99 26.50 -38.46
CA ALA B 1135 33.35 27.67 -37.89
C ALA B 1135 34.41 28.61 -37.37
N PRO B 1136 34.27 29.91 -37.64
CA PRO B 1136 35.18 30.89 -37.09
C PRO B 1136 35.03 30.99 -35.59
N PRO B 1137 36.12 30.86 -34.85
CA PRO B 1137 36.05 30.97 -33.39
C PRO B 1137 35.87 32.41 -32.93
N LEU B 1138 35.94 32.59 -31.62
CA LEU B 1138 35.72 33.89 -31.02
C LEU B 1138 36.89 34.84 -31.32
N LEU B 1139 36.74 36.09 -30.92
CA LEU B 1139 37.87 37.01 -31.02
C LEU B 1139 38.82 36.82 -29.85
N ASP B 1140 38.30 36.75 -28.64
CA ASP B 1140 39.13 36.63 -27.46
C ASP B 1140 39.75 35.24 -27.39
N ASN B 1141 41.07 35.19 -27.58
CA ASN B 1141 41.76 33.91 -27.75
C ASN B 1141 41.77 33.12 -26.45
N ALA B 1142 41.86 33.81 -25.32
CA ALA B 1142 41.79 33.13 -24.03
C ALA B 1142 40.39 32.59 -23.78
N ALA B 1143 39.38 33.29 -24.28
CA ALA B 1143 38.01 32.84 -24.10
C ALA B 1143 37.74 31.61 -24.95
N ALA B 1144 38.36 31.54 -26.13
CA ALA B 1144 38.15 30.39 -27.00
C ALA B 1144 38.82 29.15 -26.45
N VAL B 1145 40.02 29.30 -25.90
CA VAL B 1145 40.75 28.12 -25.44
C VAL B 1145 40.22 27.66 -24.09
N TYR B 1146 39.50 28.54 -23.38
CA TYR B 1146 38.78 28.08 -22.20
C TYR B 1146 37.46 27.44 -22.59
N LEU B 1147 36.87 27.92 -23.68
CA LEU B 1147 35.65 27.30 -24.18
C LEU B 1147 35.93 25.91 -24.71
N ARG B 1148 37.16 25.68 -25.19
CA ARG B 1148 37.49 24.38 -25.74
C ARG B 1148 37.80 23.37 -24.64
N ASN B 1149 38.75 23.69 -23.75
CA ASN B 1149 39.24 22.68 -22.82
C ASN B 1149 38.20 22.33 -21.76
N ALA B 1150 37.21 23.20 -21.57
CA ALA B 1150 36.09 22.85 -20.72
C ALA B 1150 35.23 21.79 -21.37
N VAL B 1151 35.04 21.88 -22.69
CA VAL B 1151 34.28 20.86 -23.39
C VAL B 1151 35.12 19.60 -23.61
N VAL B 1152 36.35 19.78 -24.06
CA VAL B 1152 37.19 18.69 -24.56
C VAL B 1152 38.09 18.14 -23.43
N ALA B 1153 37.63 18.27 -22.18
CA ALA B 1153 38.35 17.72 -21.04
C ALA B 1153 38.45 16.20 -21.13
N GLY B 1154 37.32 15.52 -21.26
CA GLY B 1154 37.39 14.07 -21.20
C GLY B 1154 36.40 13.26 -22.02
N ASN B 1155 35.88 13.80 -23.12
CA ASN B 1155 34.85 13.11 -23.89
C ASN B 1155 35.38 11.82 -24.50
N ARG B 1156 34.45 10.96 -24.89
CA ARG B 1156 34.82 9.85 -25.77
C ARG B 1156 35.14 10.34 -27.16
N LEU B 1157 34.61 11.51 -27.53
CA LEU B 1157 34.84 12.09 -28.84
C LEU B 1157 35.84 13.23 -28.81
N GLY B 1158 36.40 13.57 -27.66
CA GLY B 1158 37.35 14.65 -27.58
C GLY B 1158 38.67 14.25 -28.21
N PRO B 1159 39.21 15.10 -29.09
CA PRO B 1159 40.54 14.86 -29.66
C PRO B 1159 41.62 14.76 -28.59
N ALA B 1160 42.34 13.65 -28.62
CA ALA B 1160 43.42 13.43 -27.66
C ALA B 1160 44.61 14.32 -27.95
N GLN B 1161 44.78 14.72 -29.20
CA GLN B 1161 45.90 15.49 -29.69
C GLN B 1161 45.39 16.81 -30.22
N PRO B 1162 46.25 17.82 -30.36
CA PRO B 1162 45.87 18.98 -31.16
C PRO B 1162 45.70 18.58 -32.63
N LEU B 1163 44.68 19.15 -33.26
CA LEU B 1163 44.15 18.64 -34.51
C LEU B 1163 45.10 18.96 -35.67
N PRO B 1164 45.30 18.03 -36.61
CA PRO B 1164 46.25 18.27 -37.71
C PRO B 1164 45.70 19.22 -38.76
N VAL B 1165 46.49 19.45 -39.81
CA VAL B 1165 45.98 20.15 -40.98
C VAL B 1165 45.51 19.14 -42.03
N PHE B 1166 46.21 18.02 -42.14
CA PHE B 1166 45.85 16.92 -43.03
C PHE B 1166 45.57 15.66 -42.21
N GLY B 1167 44.54 14.92 -42.60
CA GLY B 1167 44.21 13.67 -41.95
C GLY B 1167 43.00 13.81 -41.03
N CYS B 1168 42.69 12.70 -40.37
CA CYS B 1168 41.50 12.61 -39.55
C CYS B 1168 41.74 13.22 -38.17
N ALA B 1169 40.65 13.37 -37.42
CA ALA B 1169 40.73 14.05 -36.13
C ALA B 1169 41.23 13.13 -35.03
N GLN B 1170 41.29 11.82 -35.30
CA GLN B 1170 41.82 10.79 -34.39
C GLN B 1170 41.07 10.78 -33.06
N VAL B 1171 39.82 10.36 -33.13
CA VAL B 1171 39.05 10.06 -31.91
C VAL B 1171 39.73 8.92 -31.16
N PRO B 1172 39.95 9.03 -29.84
CA PRO B 1172 40.75 8.04 -29.12
C PRO B 1172 40.03 6.70 -29.03
N ARG B 1173 40.81 5.64 -29.04
CA ARG B 1173 40.26 4.32 -28.80
C ARG B 1173 40.25 4.03 -27.31
N ARG B 1174 39.09 3.63 -26.80
CA ARG B 1174 39.03 3.23 -25.42
C ARG B 1174 39.48 1.78 -25.29
N ALA B 1175 39.97 1.45 -24.09
CA ALA B 1175 40.63 0.17 -23.90
C ALA B 1175 39.65 -0.98 -23.92
N GLY B 1176 38.39 -0.70 -23.62
CA GLY B 1176 37.38 -1.74 -23.53
C GLY B 1176 36.05 -1.25 -24.03
N MET B 1177 35.30 -2.18 -24.60
CA MET B 1177 33.96 -1.87 -25.07
C MET B 1177 33.09 -3.11 -24.91
N ASP B 1178 31.95 -2.95 -24.25
CA ASP B 1178 31.16 -4.10 -23.87
C ASP B 1178 29.87 -4.22 -24.68
N HIS B 1179 29.04 -3.18 -24.69
CA HIS B 1179 27.77 -3.29 -25.38
C HIS B 1179 27.97 -3.37 -26.89
N GLY B 1180 28.95 -2.67 -27.41
CA GLY B 1180 29.24 -2.73 -28.83
C GLY B 1180 29.58 -1.37 -29.36
N GLN B 1181 29.14 -1.11 -30.59
CA GLN B 1181 29.38 0.18 -31.21
C GLN B 1181 28.56 1.24 -30.47
N ASP B 1182 29.15 2.40 -30.27
CA ASP B 1182 28.46 3.47 -29.56
C ASP B 1182 27.84 4.42 -30.57
N ALA B 1183 26.55 4.68 -30.42
CA ALA B 1183 25.87 5.62 -31.28
C ALA B 1183 26.26 7.05 -30.94
N VAL B 1184 25.93 7.97 -31.84
CA VAL B 1184 26.20 9.40 -31.62
C VAL B 1184 24.87 10.13 -31.64
N CYS B 1185 24.64 10.95 -30.61
CA CYS B 1185 23.41 11.72 -30.49
C CYS B 1185 23.66 13.18 -30.86
N GLU B 1186 22.81 13.74 -31.70
CA GLU B 1186 22.86 15.16 -32.02
C GLU B 1186 21.65 15.88 -31.46
N PHE B 1187 21.81 17.16 -31.16
CA PHE B 1187 20.81 17.93 -30.43
C PHE B 1187 20.37 19.12 -31.26
N ILE B 1188 19.07 19.41 -31.25
CA ILE B 1188 18.48 20.51 -32.00
C ILE B 1188 17.65 21.35 -31.04
N ALA B 1189 17.94 22.65 -30.99
CA ALA B 1189 17.21 23.52 -30.09
C ALA B 1189 15.80 23.75 -30.59
N THR B 1190 14.83 23.26 -29.83
CA THR B 1190 13.41 23.44 -30.10
C THR B 1190 12.87 24.41 -29.08
N PRO B 1191 11.69 24.98 -29.30
CA PRO B 1191 11.03 25.69 -28.22
C PRO B 1191 10.47 24.72 -27.20
N VAL B 1192 10.34 25.19 -25.95
CA VAL B 1192 9.81 24.30 -24.91
C VAL B 1192 8.30 24.15 -25.03
N ALA B 1193 7.64 25.14 -25.62
CA ALA B 1193 6.21 24.99 -25.88
C ALA B 1193 6.00 24.36 -27.25
N THR B 1194 6.42 23.12 -27.38
CA THR B 1194 6.02 22.27 -28.49
C THR B 1194 5.39 21.02 -27.90
N ASP B 1195 4.29 20.58 -28.49
CA ASP B 1195 3.48 19.55 -27.86
C ASP B 1195 4.18 18.20 -27.91
N ILE B 1196 4.03 17.46 -26.81
CA ILE B 1196 4.68 16.16 -26.68
C ILE B 1196 3.99 15.14 -27.56
N ASN B 1197 2.72 15.38 -27.90
CA ASN B 1197 1.98 14.52 -28.81
C ASN B 1197 2.64 14.44 -30.18
N TYR B 1198 3.31 15.53 -30.57
CA TYR B 1198 4.13 15.51 -31.78
C TYR B 1198 5.27 14.51 -31.66
N PHE B 1199 5.91 14.46 -30.49
CA PHE B 1199 7.00 13.51 -30.31
C PHE B 1199 6.50 12.12 -29.94
N ARG B 1200 5.17 11.94 -29.85
CA ARG B 1200 4.63 10.60 -29.65
C ARG B 1200 4.20 9.99 -30.98
N ARG B 1201 5.08 10.09 -31.96
CA ARG B 1201 4.73 9.81 -33.34
C ARG B 1201 6.05 9.80 -34.13
N PRO B 1202 6.17 9.05 -35.24
CA PRO B 1202 7.43 9.03 -35.99
C PRO B 1202 7.86 10.28 -36.75
N CYS B 1203 7.35 11.45 -36.36
CA CYS B 1203 7.55 12.75 -37.00
C CYS B 1203 9.00 13.07 -37.37
N ASN B 1204 9.13 13.96 -38.35
CA ASN B 1204 10.42 14.44 -38.82
C ASN B 1204 10.99 15.44 -37.82
N PRO B 1205 12.22 15.23 -37.31
CA PRO B 1205 12.73 16.12 -36.24
C PRO B 1205 13.08 17.51 -36.70
N ARG B 1206 13.18 17.74 -38.01
CA ARG B 1206 13.32 19.11 -38.48
C ARG B 1206 12.01 19.87 -38.40
N GLY B 1207 10.90 19.15 -38.18
CA GLY B 1207 9.63 19.77 -37.93
C GLY B 1207 8.68 19.75 -39.09
N ARG B 1208 9.15 20.08 -40.28
CA ARG B 1208 8.32 20.14 -41.47
C ARG B 1208 8.69 18.98 -42.35
N ALA B 1209 7.82 17.98 -42.40
CA ALA B 1209 8.09 16.68 -43.00
C ALA B 1209 8.31 16.88 -44.50
N ALA B 1210 9.49 16.53 -44.98
CA ALA B 1210 9.95 17.05 -46.25
C ALA B 1210 10.56 16.00 -47.17
N GLY B 1211 9.95 14.82 -47.27
CA GLY B 1211 10.47 13.82 -48.17
C GLY B 1211 10.22 14.18 -49.62
N GLY B 1212 10.96 13.53 -50.52
CA GLY B 1212 10.68 13.69 -51.93
C GLY B 1212 9.42 12.97 -52.37
N VAL B 1213 9.00 11.96 -51.59
CA VAL B 1213 7.77 11.24 -51.83
C VAL B 1213 6.56 12.15 -51.67
N TYR B 1214 6.63 13.06 -50.70
CA TYR B 1214 5.50 13.93 -50.37
C TYR B 1214 5.26 14.96 -51.46
N ALA B 1215 6.25 15.21 -52.30
CA ALA B 1215 6.19 16.32 -53.23
C ALA B 1215 5.28 16.03 -54.41
N GLY B 1216 4.50 17.04 -54.81
CA GLY B 1216 3.72 16.91 -56.03
C GLY B 1216 4.58 16.90 -57.27
N ASP B 1217 5.76 17.50 -57.19
CA ASP B 1217 6.80 17.58 -58.22
C ASP B 1217 6.28 18.06 -59.57
N LYS B 1218 5.50 19.14 -59.58
CA LYS B 1218 5.22 19.81 -60.84
C LYS B 1218 6.50 20.37 -61.44
N GLU B 1219 7.04 21.42 -60.84
CA GLU B 1219 8.43 21.81 -61.06
C GLU B 1219 9.08 22.10 -59.71
N GLY B 1220 8.29 22.67 -58.80
CA GLY B 1220 8.81 23.18 -57.56
C GLY B 1220 7.99 22.83 -56.33
N ASP B 1221 7.37 21.65 -56.31
CA ASP B 1221 6.76 21.15 -55.08
C ASP B 1221 7.80 20.41 -54.25
N VAL B 1222 9.02 20.33 -54.77
CA VAL B 1222 10.24 20.19 -53.98
C VAL B 1222 10.52 21.56 -53.35
N ILE B 1223 11.72 21.76 -52.80
CA ILE B 1223 12.14 22.58 -51.64
C ILE B 1223 11.23 23.73 -51.21
N ALA B 1224 10.48 24.34 -52.12
CA ALA B 1224 9.34 25.19 -51.75
C ALA B 1224 8.28 24.46 -50.91
N LEU B 1225 8.32 23.13 -50.84
CA LEU B 1225 7.68 22.42 -49.74
C LEU B 1225 8.50 22.58 -48.46
N MET B 1226 9.82 22.46 -48.57
CA MET B 1226 10.65 22.17 -47.40
C MET B 1226 10.92 23.43 -46.59
N TYR B 1227 10.98 24.58 -47.24
CA TYR B 1227 11.46 25.79 -46.60
C TYR B 1227 10.47 26.93 -46.62
N ASP B 1228 9.28 26.75 -47.19
CA ASP B 1228 8.35 27.84 -47.36
C ASP B 1228 7.24 27.66 -46.33
N HIS B 1229 6.74 28.78 -45.81
CA HIS B 1229 5.92 28.71 -44.61
C HIS B 1229 4.66 29.55 -44.75
N GLY B 1230 4.39 30.07 -45.94
CA GLY B 1230 3.02 30.45 -46.27
C GLY B 1230 2.13 29.22 -46.37
N GLN B 1231 2.71 28.10 -46.78
CA GLN B 1231 2.02 26.83 -46.80
C GLN B 1231 2.12 26.18 -45.43
N SER B 1232 1.46 25.04 -45.25
CA SER B 1232 1.58 24.37 -43.97
C SER B 1232 2.25 23.00 -44.12
N ASP B 1233 2.49 22.36 -42.99
CA ASP B 1233 3.10 21.04 -42.94
C ASP B 1233 2.16 20.02 -43.56
N PRO B 1234 2.62 19.16 -44.46
CA PRO B 1234 1.74 18.11 -44.98
C PRO B 1234 1.42 17.02 -43.96
N ALA B 1235 2.36 16.69 -43.09
CA ALA B 1235 2.10 15.64 -42.09
C ALA B 1235 1.12 16.12 -41.04
N ARG B 1236 1.16 17.41 -40.72
CA ARG B 1236 0.20 18.02 -39.80
C ARG B 1236 -0.32 19.27 -40.47
N PRO B 1237 -1.51 19.24 -41.08
CA PRO B 1237 -1.94 20.39 -41.89
C PRO B 1237 -2.27 21.62 -41.09
N PHE B 1238 -2.64 21.48 -39.82
CA PHE B 1238 -3.14 22.64 -39.08
C PHE B 1238 -2.01 23.52 -38.59
N ALA B 1239 -0.86 22.94 -38.28
CA ALA B 1239 0.30 23.68 -37.82
C ALA B 1239 1.31 23.78 -38.95
N ALA B 1240 1.89 24.97 -39.14
CA ALA B 1240 2.79 25.15 -40.27
C ALA B 1240 4.11 24.42 -40.03
N THR B 1241 4.76 24.71 -38.91
CA THR B 1241 5.89 23.91 -38.42
C THR B 1241 5.80 23.78 -36.92
N ALA B 1242 6.06 22.57 -36.43
CA ALA B 1242 6.13 22.39 -34.98
C ALA B 1242 7.41 22.97 -34.43
N ASN B 1243 8.45 23.02 -35.24
CA ASN B 1243 9.76 23.48 -34.81
C ASN B 1243 10.23 24.56 -35.78
N PRO B 1244 10.34 25.78 -35.35
CA PRO B 1244 10.72 26.85 -36.27
C PRO B 1244 12.23 26.93 -36.48
N TRP B 1245 13.02 26.54 -35.49
CA TRP B 1245 14.46 26.77 -35.61
C TRP B 1245 15.13 25.69 -36.45
N ALA B 1246 14.44 24.61 -36.74
CA ALA B 1246 15.07 23.53 -37.51
C ALA B 1246 14.55 23.49 -38.93
N SER B 1247 13.32 23.94 -39.14
CA SER B 1247 12.68 23.72 -40.43
C SER B 1247 13.15 24.75 -41.46
N GLN B 1248 13.27 26.00 -41.04
CA GLN B 1248 13.38 27.10 -41.99
C GLN B 1248 14.75 27.13 -42.63
N ARG B 1249 14.81 27.72 -43.82
CA ARG B 1249 16.09 27.96 -44.48
C ARG B 1249 16.89 28.94 -43.66
N PHE B 1250 18.20 28.69 -43.57
CA PHE B 1250 19.19 29.56 -42.92
C PHE B 1250 18.99 29.62 -41.41
N SER B 1251 18.18 28.71 -40.87
CA SER B 1251 17.85 28.68 -39.46
C SER B 1251 18.89 27.85 -38.74
N TYR B 1252 18.90 27.92 -37.41
CA TYR B 1252 19.95 27.31 -36.61
C TYR B 1252 19.98 25.80 -36.73
N GLY B 1253 18.83 25.19 -36.99
CA GLY B 1253 18.82 23.77 -37.30
C GLY B 1253 19.40 23.47 -38.66
N ASP B 1254 19.37 24.45 -39.56
CA ASP B 1254 19.91 24.23 -40.89
C ASP B 1254 21.40 24.55 -40.94
N LEU B 1255 21.83 25.56 -40.18
CA LEU B 1255 23.20 26.05 -40.28
C LEU B 1255 24.20 25.02 -39.77
N LEU B 1256 23.78 24.18 -38.84
CA LEU B 1256 24.70 23.22 -38.25
C LEU B 1256 24.92 22.04 -39.17
N TYR B 1257 23.85 21.55 -39.77
CA TYR B 1257 23.84 20.20 -40.28
C TYR B 1257 23.80 20.12 -41.80
N ASN B 1258 23.80 21.24 -42.50
CA ASN B 1258 23.52 21.18 -43.92
C ASN B 1258 24.77 20.74 -44.69
N GLY B 1259 24.54 20.12 -45.85
CA GLY B 1259 25.66 19.61 -46.62
C GLY B 1259 26.49 20.72 -47.25
N ALA B 1260 25.85 21.85 -47.54
CA ALA B 1260 26.60 22.97 -48.11
C ALA B 1260 27.49 23.60 -47.06
N TYR B 1261 26.98 23.73 -45.84
CA TYR B 1261 27.73 24.43 -44.81
C TYR B 1261 28.82 23.55 -44.22
N HIS B 1262 28.47 22.28 -43.94
CA HIS B 1262 29.33 21.23 -43.40
C HIS B 1262 30.24 21.69 -42.25
N LEU B 1263 29.60 22.05 -41.13
CA LEU B 1263 30.37 22.34 -39.92
C LEU B 1263 30.99 21.06 -39.37
N ASN B 1264 30.33 19.93 -39.59
CA ASN B 1264 30.92 18.61 -39.42
C ASN B 1264 31.55 18.19 -40.74
N GLY B 1265 31.81 16.89 -40.86
CA GLY B 1265 32.35 16.33 -42.07
C GLY B 1265 33.87 16.33 -42.13
N ALA B 1266 34.50 17.38 -41.61
CA ALA B 1266 35.94 17.31 -41.38
C ALA B 1266 36.24 16.28 -40.29
N SER B 1267 35.36 16.16 -39.32
CA SER B 1267 35.40 15.08 -38.36
C SER B 1267 35.07 13.76 -39.04
N PRO B 1268 35.61 12.65 -38.53
CA PRO B 1268 35.21 11.35 -39.07
C PRO B 1268 33.92 10.83 -38.46
N VAL B 1269 33.38 11.51 -37.45
CA VAL B 1269 32.23 11.00 -36.71
C VAL B 1269 30.98 11.14 -37.57
N LEU B 1270 30.15 10.09 -37.56
CA LEU B 1270 28.82 10.10 -38.17
C LEU B 1270 27.95 11.23 -37.64
N SER B 1271 27.31 11.95 -38.56
CA SER B 1271 26.29 12.92 -38.20
C SER B 1271 24.93 12.33 -38.52
N PRO B 1272 24.09 12.03 -37.52
CA PRO B 1272 22.79 11.43 -37.83
C PRO B 1272 21.80 12.40 -38.42
N CYS B 1273 21.93 13.70 -38.15
CA CYS B 1273 20.99 14.62 -38.76
C CYS B 1273 21.48 15.13 -40.10
N PHE B 1274 22.50 14.52 -40.69
CA PHE B 1274 22.95 14.96 -42.00
C PHE B 1274 21.95 14.56 -43.08
N LYS B 1275 21.23 13.46 -42.85
CA LYS B 1275 20.31 12.93 -43.84
C LYS B 1275 19.09 13.82 -44.00
N PHE B 1276 18.69 14.49 -42.93
CA PHE B 1276 17.43 15.23 -42.94
C PHE B 1276 17.63 16.66 -43.43
N PHE B 1277 18.70 17.29 -42.98
CA PHE B 1277 18.96 18.69 -43.26
C PHE B 1277 19.87 18.76 -44.48
N THR B 1278 19.39 18.29 -45.61
CA THR B 1278 20.28 18.31 -46.78
C THR B 1278 19.73 19.24 -47.84
N ALA B 1279 18.46 19.03 -48.22
CA ALA B 1279 17.71 19.74 -49.25
C ALA B 1279 18.36 19.71 -50.63
N ALA B 1280 19.35 18.83 -50.82
CA ALA B 1280 19.94 18.60 -52.14
C ALA B 1280 19.81 17.14 -52.51
N ASP B 1281 20.06 16.22 -51.57
CA ASP B 1281 19.86 14.82 -51.86
C ASP B 1281 18.37 14.47 -51.87
N ILE B 1282 17.59 15.21 -51.08
CA ILE B 1282 16.13 15.05 -51.10
C ILE B 1282 15.58 15.46 -52.45
N THR B 1283 16.10 16.56 -53.00
CA THR B 1283 15.69 17.01 -54.33
C THR B 1283 16.15 16.02 -55.40
N ALA B 1284 17.22 15.28 -55.14
CA ALA B 1284 17.79 14.40 -56.15
C ALA B 1284 16.97 13.13 -56.31
N LYS B 1285 16.12 12.82 -55.34
CA LYS B 1285 15.31 11.60 -55.42
C LYS B 1285 14.23 11.77 -56.48
N HIS B 1286 14.08 10.75 -57.31
CA HIS B 1286 12.92 10.71 -58.19
C HIS B 1286 11.68 10.48 -57.33
N ARG B 1287 10.61 11.19 -57.66
CA ARG B 1287 9.48 11.24 -56.76
C ARG B 1287 8.66 9.95 -56.78
N CYS B 1288 8.75 9.17 -57.84
CA CYS B 1288 7.80 8.10 -58.05
C CYS B 1288 8.09 6.90 -57.14
N LEU B 1289 7.03 6.27 -56.64
CA LEU B 1289 7.18 5.23 -55.62
C LEU B 1289 7.56 3.90 -56.23
N GLU B 1290 7.43 3.78 -57.55
CA GLU B 1290 7.52 2.48 -58.19
C GLU B 1290 8.93 1.92 -58.14
N ARG B 1291 9.92 2.80 -58.00
CA ARG B 1291 11.29 2.34 -57.90
C ARG B 1291 11.86 2.63 -56.52
N LEU B 1292 11.21 3.48 -55.72
CA LEU B 1292 11.82 3.89 -54.45
C LEU B 1292 11.86 2.76 -53.43
N ILE B 1293 10.99 1.78 -53.54
CA ILE B 1293 11.00 0.72 -52.55
C ILE B 1293 12.11 -0.28 -52.82
N VAL B 1294 12.70 -0.25 -54.02
CA VAL B 1294 13.78 -1.20 -54.28
C VAL B 1294 15.14 -0.59 -53.93
N GLU B 1295 15.20 0.74 -53.78
CA GLU B 1295 16.38 1.31 -53.15
C GLU B 1295 16.19 1.46 -51.65
N THR B 1296 14.95 1.41 -51.19
CA THR B 1296 14.68 1.19 -49.78
C THR B 1296 14.66 -0.31 -49.50
N GLY B 1297 14.67 -1.11 -50.56
CA GLY B 1297 15.01 -2.51 -50.40
C GLY B 1297 16.43 -2.71 -49.92
N SER B 1298 17.37 -1.89 -50.42
CA SER B 1298 18.76 -1.87 -49.97
C SER B 1298 19.36 -0.53 -50.39
N ALA B 1299 19.69 0.30 -49.41
CA ALA B 1299 20.30 1.60 -49.66
C ALA B 1299 21.74 1.56 -49.21
N VAL B 1300 22.55 2.47 -49.75
CA VAL B 1300 23.90 2.63 -49.25
C VAL B 1300 23.85 3.52 -48.02
N SER B 1301 24.46 3.05 -46.92
CA SER B 1301 24.29 3.72 -45.65
C SER B 1301 25.11 4.98 -45.56
N THR B 1302 25.08 5.60 -44.39
CA THR B 1302 25.99 6.68 -44.05
C THR B 1302 26.89 6.32 -42.88
N ALA B 1303 26.78 5.10 -42.36
CA ALA B 1303 27.50 4.70 -41.17
C ALA B 1303 28.12 3.34 -41.40
N THR B 1304 29.21 3.06 -40.71
CA THR B 1304 29.86 1.76 -40.76
C THR B 1304 29.72 1.09 -39.41
N ALA B 1305 29.44 -0.21 -39.41
CA ALA B 1305 29.39 -0.94 -38.15
C ALA B 1305 30.77 -1.37 -37.71
N ALA B 1306 31.80 -1.11 -38.53
CA ALA B 1306 33.11 -1.67 -38.26
C ALA B 1306 33.82 -0.92 -37.15
N SER B 1307 33.79 0.41 -37.19
CA SER B 1307 34.57 1.20 -36.24
C SER B 1307 33.90 1.19 -34.87
N ASP B 1308 34.68 1.55 -33.84
CA ASP B 1308 34.21 1.43 -32.46
C ASP B 1308 33.19 2.52 -32.14
N VAL B 1309 33.53 3.77 -32.40
CA VAL B 1309 32.56 4.85 -32.49
C VAL B 1309 32.14 4.91 -33.94
N GLN B 1310 30.83 5.06 -34.19
CA GLN B 1310 30.34 4.98 -35.55
C GLN B 1310 30.75 6.19 -36.36
N PHE B 1311 31.20 5.93 -37.58
CA PHE B 1311 31.80 6.95 -38.44
C PHE B 1311 30.93 7.18 -39.66
N LYS B 1312 31.10 8.35 -40.26
CA LYS B 1312 30.75 8.50 -41.67
C LYS B 1312 31.59 7.52 -42.46
N ARG B 1313 30.98 6.91 -43.47
CA ARG B 1313 31.63 5.82 -44.18
C ARG B 1313 32.80 6.34 -44.99
N PRO B 1314 33.87 5.56 -45.14
CA PRO B 1314 34.88 5.92 -46.11
C PRO B 1314 34.33 5.75 -47.50
N PRO B 1315 34.89 6.45 -48.50
CA PRO B 1315 34.28 6.40 -49.84
C PRO B 1315 34.48 5.10 -50.60
N GLY B 1316 35.08 4.08 -49.98
CA GLY B 1316 35.24 2.81 -50.66
C GLY B 1316 34.16 1.80 -50.31
N CYS B 1317 33.67 1.82 -49.07
CA CYS B 1317 32.86 0.73 -48.58
C CYS B 1317 31.39 0.87 -48.96
N ARG B 1318 30.77 -0.26 -49.25
CA ARG B 1318 29.31 -0.41 -49.37
C ARG B 1318 28.85 -1.18 -48.14
N GLU B 1319 27.62 -0.91 -47.71
CA GLU B 1319 27.13 -1.57 -46.51
C GLU B 1319 25.85 -2.33 -46.80
N LEU B 1320 25.04 -1.79 -47.73
CA LEU B 1320 23.73 -2.31 -48.12
C LEU B 1320 22.82 -2.45 -46.90
N VAL B 1321 22.51 -1.31 -46.30
CA VAL B 1321 21.58 -1.22 -45.20
C VAL B 1321 20.19 -1.14 -45.79
N GLU B 1322 19.16 -1.41 -44.98
CA GLU B 1322 17.80 -1.42 -45.50
C GLU B 1322 17.20 -0.01 -45.52
N ASP B 1323 17.35 0.74 -44.43
CA ASP B 1323 17.12 2.19 -44.38
C ASP B 1323 15.72 2.67 -44.78
N PRO B 1324 14.71 2.47 -43.93
CA PRO B 1324 13.39 2.99 -44.27
C PRO B 1324 13.27 4.49 -44.16
N CYS B 1325 14.04 5.13 -43.28
CA CYS B 1325 13.83 6.55 -43.04
C CYS B 1325 14.47 7.40 -44.15
N GLY B 1326 15.20 6.76 -45.06
CA GLY B 1326 15.60 7.47 -46.27
C GLY B 1326 14.43 7.69 -47.21
N LEU B 1327 13.44 6.81 -47.15
CA LEU B 1327 12.25 6.98 -47.97
C LEU B 1327 11.32 8.01 -47.34
N PHE B 1328 10.88 7.77 -46.12
CA PHE B 1328 9.78 8.54 -45.56
C PHE B 1328 10.24 9.87 -44.99
N GLN B 1329 11.54 10.00 -44.69
CA GLN B 1329 12.11 11.07 -43.89
C GLN B 1329 11.37 11.24 -42.56
N GLU B 1330 11.07 10.12 -41.90
CA GLU B 1330 10.39 10.11 -40.62
C GLU B 1330 11.37 9.58 -39.59
N ALA B 1331 11.08 9.79 -38.31
CA ALA B 1331 11.99 9.33 -37.28
C ALA B 1331 11.24 8.83 -36.05
N TYR B 1332 11.39 7.54 -35.77
CA TYR B 1332 10.57 6.82 -34.80
C TYR B 1332 11.00 7.16 -33.38
N PRO B 1333 10.09 7.36 -32.42
CA PRO B 1333 10.52 7.51 -31.03
C PRO B 1333 10.73 6.16 -30.37
N ILE B 1334 11.15 6.20 -29.11
CA ILE B 1334 11.30 4.99 -28.30
C ILE B 1334 10.75 5.22 -26.90
N THR B 1335 10.90 4.20 -26.07
CA THR B 1335 10.33 4.22 -24.73
C THR B 1335 11.19 5.07 -23.81
N CYS B 1336 10.81 6.32 -23.62
CA CYS B 1336 11.59 7.21 -22.77
C CYS B 1336 10.65 8.00 -21.87
N ALA B 1337 11.13 8.36 -20.68
CA ALA B 1337 10.39 9.18 -19.75
C ALA B 1337 11.36 10.06 -18.99
N SER B 1338 10.92 11.26 -18.63
CA SER B 1338 11.83 12.17 -17.94
C SER B 1338 11.82 11.92 -16.44
N ASP B 1339 10.96 11.06 -15.98
CA ASP B 1339 11.14 10.49 -14.65
C ASP B 1339 11.41 9.00 -14.76
N PRO B 1340 12.17 8.42 -13.84
CA PRO B 1340 12.20 6.96 -13.77
C PRO B 1340 10.91 6.40 -13.22
N ALA B 1341 10.22 7.19 -12.41
CA ALA B 1341 8.93 6.78 -11.86
C ALA B 1341 7.90 6.63 -12.97
N LEU B 1342 8.00 7.44 -14.02
CA LEU B 1342 7.14 7.22 -15.16
C LEU B 1342 7.61 6.02 -15.97
N LEU B 1343 8.93 5.81 -16.02
CA LEU B 1343 9.47 4.67 -16.74
C LEU B 1343 9.12 3.35 -16.06
N ARG B 1344 8.83 3.40 -14.77
CA ARG B 1344 8.36 2.22 -14.05
C ARG B 1344 7.00 1.78 -14.57
N SER B 1345 6.16 2.73 -14.96
CA SER B 1345 4.80 2.39 -15.33
C SER B 1345 4.74 1.76 -16.71
N ALA B 1346 5.62 2.16 -17.61
CA ALA B 1346 5.63 1.56 -18.93
C ALA B 1346 6.46 0.29 -18.95
N ARG B 1347 6.20 -0.62 -18.01
CA ARG B 1347 6.74 -1.97 -18.05
C ARG B 1347 5.60 -2.94 -18.30
N ASP B 1348 5.82 -3.86 -19.24
CA ASP B 1348 5.02 -5.00 -19.74
C ASP B 1348 3.80 -4.57 -20.56
N GLY B 1349 3.65 -3.31 -20.89
CA GLY B 1349 2.50 -2.89 -21.67
C GLY B 1349 2.14 -1.46 -21.35
N GLU B 1350 1.52 -0.81 -22.33
CA GLU B 1350 1.16 0.59 -22.26
C GLU B 1350 -0.26 0.83 -21.74
N ALA B 1351 -1.00 -0.23 -21.41
CA ALA B 1351 -2.42 -0.08 -21.13
C ALA B 1351 -2.66 0.63 -19.80
N HIS B 1352 -1.70 0.53 -18.89
CA HIS B 1352 -1.78 1.14 -17.58
C HIS B 1352 -0.64 2.12 -17.30
N ALA B 1353 0.01 2.63 -18.35
CA ALA B 1353 1.15 3.50 -18.15
C ALA B 1353 0.72 4.87 -17.68
N ARG B 1354 1.70 5.66 -17.23
CA ARG B 1354 1.46 7.04 -16.83
C ARG B 1354 1.99 7.92 -17.96
N GLU B 1355 1.08 8.42 -18.80
CA GLU B 1355 1.52 9.07 -20.02
C GLU B 1355 1.90 10.53 -19.76
N THR B 1356 1.43 11.08 -18.65
CA THR B 1356 1.90 12.41 -18.25
C THR B 1356 1.80 12.58 -16.75
N HIS B 1357 2.44 13.61 -16.24
CA HIS B 1357 2.46 13.95 -14.83
C HIS B 1357 2.62 15.47 -14.79
N PHE B 1358 2.85 16.03 -13.60
CA PHE B 1358 2.81 17.47 -13.25
C PHE B 1358 3.56 18.31 -14.28
N THR B 1359 4.85 18.09 -14.47
CA THR B 1359 5.55 18.70 -15.60
C THR B 1359 6.30 17.65 -16.39
N GLN B 1360 6.28 16.42 -15.90
CA GLN B 1360 7.04 15.36 -16.52
C GLN B 1360 6.17 14.65 -17.54
N TYR B 1361 6.77 13.73 -18.31
CA TYR B 1361 6.05 13.11 -19.42
C TYR B 1361 6.69 11.81 -19.85
N LEU B 1362 5.93 11.02 -20.60
CA LEU B 1362 6.37 9.75 -21.14
C LEU B 1362 6.12 9.73 -22.64
N ILE B 1363 6.97 9.01 -23.36
CA ILE B 1363 6.80 8.79 -24.79
C ILE B 1363 6.86 7.29 -25.01
N TYR B 1364 5.74 6.70 -25.39
CA TYR B 1364 5.75 5.27 -25.65
C TYR B 1364 6.37 5.01 -27.01
N ASP B 1365 6.90 3.79 -27.16
CA ASP B 1365 7.58 3.36 -28.37
C ASP B 1365 6.61 3.34 -29.56
N ALA B 1366 6.86 4.22 -30.54
CA ALA B 1366 6.11 4.24 -31.79
C ALA B 1366 7.10 4.00 -32.93
N SER B 1367 7.31 2.73 -33.25
CA SER B 1367 8.48 2.27 -34.00
C SER B 1367 8.16 0.94 -34.62
N PRO B 1368 8.98 0.49 -35.57
CA PRO B 1368 8.87 -0.91 -36.02
C PRO B 1368 9.30 -1.93 -34.98
N LEU B 1369 9.83 -1.50 -33.84
CA LEU B 1369 10.40 -2.43 -32.87
C LEU B 1369 9.44 -2.75 -31.74
N LYS B 1370 8.26 -2.14 -31.72
CA LYS B 1370 7.37 -2.29 -30.58
C LYS B 1370 6.76 -3.68 -30.53
N GLY B 1371 6.65 -4.22 -29.33
CA GLY B 1371 6.28 -5.60 -29.16
C GLY B 1371 7.41 -6.58 -29.35
N LEU B 1372 8.65 -6.11 -29.47
CA LEU B 1372 9.82 -6.98 -29.54
C LEU B 1372 10.66 -6.85 -28.29
N SER B 1373 11.69 -7.67 -28.22
CA SER B 1373 12.57 -7.76 -27.07
C SER B 1373 13.67 -6.71 -27.11
N LEU B 1374 14.27 -6.49 -28.28
CA LEU B 1374 15.44 -5.64 -28.36
C LEU B 1374 15.45 -4.68 -29.54
N ARG C 6 32.44 12.57 -88.98
CA ARG C 6 33.25 12.88 -87.82
C ARG C 6 33.93 11.61 -87.28
N ASP C 7 33.19 10.82 -86.51
CA ASP C 7 33.72 9.57 -85.96
C ASP C 7 33.43 8.43 -86.92
N PRO C 8 34.44 7.75 -87.44
CA PRO C 8 34.23 6.75 -88.48
C PRO C 8 33.65 5.47 -87.90
N PRO C 9 33.00 4.64 -88.73
CA PRO C 9 32.53 3.34 -88.22
C PRO C 9 33.67 2.35 -88.00
N GLY C 10 34.76 2.51 -88.71
CA GLY C 10 35.85 1.57 -88.61
C GLY C 10 35.94 0.77 -89.89
N TYR C 11 36.95 -0.10 -89.92
CA TYR C 11 37.14 -1.01 -91.03
C TYR C 11 36.86 -2.42 -90.55
N ARG C 12 35.91 -3.09 -91.19
CA ARG C 12 35.59 -4.47 -90.86
C ARG C 12 36.76 -5.34 -91.29
N TYR C 13 37.43 -5.95 -90.33
CA TYR C 13 38.62 -6.74 -90.64
C TYR C 13 38.23 -8.06 -91.27
N ALA C 14 37.17 -8.68 -90.75
CA ALA C 14 36.47 -9.70 -91.51
C ALA C 14 35.66 -9.04 -92.59
N ALA C 15 35.22 -9.85 -93.58
CA ALA C 15 34.62 -9.45 -94.86
C ALA C 15 35.56 -8.65 -95.75
N ALA C 16 36.83 -8.54 -95.37
CA ALA C 16 37.85 -8.09 -96.31
C ALA C 16 38.56 -9.30 -96.91
N ILE C 17 38.26 -10.48 -96.37
CA ILE C 17 38.94 -11.68 -96.82
C ILE C 17 38.48 -12.09 -98.20
N LEU C 18 37.22 -11.85 -98.51
CA LEU C 18 36.69 -12.19 -99.83
C LEU C 18 36.29 -10.90 -100.53
N PRO C 19 37.20 -10.23 -101.21
CA PRO C 19 36.86 -8.94 -101.81
C PRO C 19 36.18 -9.09 -103.16
N THR C 20 35.27 -8.18 -103.46
CA THR C 20 34.66 -8.17 -104.77
C THR C 20 35.66 -7.73 -105.84
N GLY C 21 36.61 -6.90 -105.47
CA GLY C 21 37.56 -6.39 -106.45
C GLY C 21 38.90 -6.08 -105.81
N SER C 22 39.95 -6.21 -106.61
CA SER C 22 41.30 -5.87 -106.21
C SER C 22 41.62 -4.48 -106.73
N ILE C 23 42.63 -3.84 -106.14
CA ILE C 23 42.95 -2.48 -106.53
C ILE C 23 43.86 -2.52 -107.75
N LEU C 24 43.63 -1.59 -108.68
CA LEU C 24 44.37 -1.54 -109.92
C LEU C 24 45.83 -1.15 -109.72
N SER C 25 46.10 0.01 -109.12
CA SER C 25 47.46 0.46 -108.87
C SER C 25 47.66 0.57 -107.38
N THR C 26 48.89 0.32 -106.92
CA THR C 26 49.22 0.38 -105.51
C THR C 26 50.26 1.47 -105.29
N ILE C 27 49.87 2.53 -104.60
CA ILE C 27 50.79 3.57 -104.19
C ILE C 27 50.65 3.74 -102.69
N GLU C 28 51.64 4.41 -102.09
CA GLU C 28 51.55 4.76 -100.69
C GLU C 28 50.45 5.79 -100.49
N VAL C 29 49.35 5.35 -99.87
CA VAL C 29 48.11 6.11 -99.83
C VAL C 29 48.21 7.35 -98.96
N ALA C 30 49.15 7.39 -98.00
CA ALA C 30 49.17 8.46 -97.01
C ALA C 30 49.76 9.74 -97.58
N SER C 31 50.17 9.73 -98.85
CA SER C 31 50.49 10.98 -99.52
C SER C 31 49.25 11.83 -99.72
N HIS C 32 48.12 11.19 -100.04
CA HIS C 32 46.87 11.92 -100.11
C HIS C 32 46.27 12.11 -98.72
N ARG C 33 45.85 11.01 -98.07
CA ARG C 33 45.55 10.86 -96.65
C ARG C 33 44.28 11.59 -96.21
N ARG C 34 43.75 12.47 -97.05
CA ARG C 34 42.60 13.28 -96.66
C ARG C 34 41.32 12.74 -97.27
N LEU C 35 41.46 11.82 -98.22
CA LEU C 35 40.31 11.38 -98.99
C LEU C 35 39.50 10.33 -98.22
N PHE C 36 40.17 9.45 -97.49
CA PHE C 36 39.47 8.39 -96.79
C PHE C 36 38.75 8.94 -95.57
N ASP C 37 37.73 8.22 -95.12
CA ASP C 37 37.08 8.55 -93.86
C ASP C 37 37.82 7.89 -92.70
N PHE C 38 37.88 6.56 -92.69
CA PHE C 38 38.70 5.81 -91.76
C PHE C 38 39.94 5.36 -92.50
N PHE C 39 41.10 5.57 -91.90
CA PHE C 39 42.37 5.16 -92.48
C PHE C 39 43.34 4.80 -91.37
N ALA C 40 44.00 3.66 -91.52
CA ALA C 40 44.98 3.20 -90.56
C ALA C 40 46.15 2.61 -91.32
N ALA C 41 47.35 3.11 -91.05
CA ALA C 41 48.58 2.46 -91.49
C ALA C 41 49.02 1.54 -90.37
N VAL C 42 49.15 0.27 -90.68
CA VAL C 42 49.61 -0.73 -89.75
C VAL C 42 50.97 -1.22 -90.21
N ARG C 43 52.02 -0.86 -89.47
CA ARG C 43 53.32 -1.50 -89.62
C ARG C 43 53.12 -2.98 -89.30
N SER C 44 53.86 -3.84 -89.99
CA SER C 44 53.41 -5.12 -90.61
C SER C 44 52.30 -5.81 -89.83
N ASP C 45 52.36 -5.89 -88.51
CA ASP C 45 51.25 -6.42 -87.73
C ASP C 45 51.01 -5.56 -86.49
N GLU C 46 49.78 -5.56 -86.01
CA GLU C 46 49.40 -4.84 -84.79
C GLU C 46 48.61 -5.77 -83.88
N ASN C 47 48.25 -5.26 -82.70
CA ASN C 47 47.38 -6.04 -81.81
C ASN C 47 45.92 -5.82 -82.13
N SER C 48 45.60 -4.81 -82.94
CA SER C 48 44.21 -4.45 -83.13
C SER C 48 43.53 -5.27 -84.22
N LEU C 49 44.31 -5.96 -85.04
CA LEU C 49 43.74 -6.61 -86.22
C LEU C 49 43.03 -7.91 -85.86
N TYR C 50 43.00 -8.27 -84.58
CA TYR C 50 42.50 -9.60 -84.22
C TYR C 50 41.33 -9.51 -83.24
N ASP C 51 40.95 -8.32 -82.83
CA ASP C 51 39.78 -8.16 -81.96
C ASP C 51 38.49 -8.18 -82.76
N VAL C 52 37.50 -8.91 -82.26
CA VAL C 52 36.13 -8.85 -82.77
C VAL C 52 35.20 -8.59 -81.60
N GLU C 53 34.06 -7.97 -81.91
CA GLU C 53 33.04 -7.69 -80.91
C GLU C 53 31.69 -7.77 -81.59
N PHE C 54 30.70 -8.30 -80.86
CA PHE C 54 29.37 -8.47 -81.41
C PHE C 54 28.35 -8.33 -80.31
N ASP C 55 27.26 -7.66 -80.60
CA ASP C 55 26.25 -7.36 -79.60
C ASP C 55 24.92 -7.97 -80.00
N ALA C 56 24.39 -8.82 -79.11
CA ALA C 56 23.32 -9.73 -79.46
C ALA C 56 22.05 -9.37 -78.71
N LEU C 57 20.94 -9.38 -79.45
CA LEU C 57 19.61 -9.32 -78.87
C LEU C 57 19.24 -10.72 -78.42
N LEU C 58 19.36 -11.00 -77.12
CA LEU C 58 19.36 -12.38 -76.66
C LEU C 58 17.96 -12.88 -76.34
N GLY C 59 16.96 -12.02 -76.44
CA GLY C 59 15.62 -12.43 -76.06
C GLY C 59 14.55 -11.62 -76.76
N SER C 60 13.42 -12.28 -77.01
CA SER C 60 12.27 -11.64 -77.61
C SER C 60 11.02 -12.25 -77.02
N TYR C 61 10.38 -11.53 -76.11
CA TYR C 61 9.30 -12.05 -75.29
C TYR C 61 8.04 -11.22 -75.54
N CYS C 62 7.05 -11.85 -76.15
CA CYS C 62 5.79 -11.19 -76.46
C CYS C 62 4.72 -11.69 -75.51
N ASN C 63 3.95 -10.77 -74.95
CA ASN C 63 2.79 -11.14 -74.16
C ASN C 63 1.74 -11.76 -75.07
N THR C 64 0.96 -12.69 -74.52
CA THR C 64 -0.11 -13.33 -75.26
C THR C 64 -1.44 -12.92 -74.65
N LEU C 65 -2.18 -12.08 -75.36
CA LEU C 65 -3.48 -11.64 -74.87
C LEU C 65 -4.52 -12.76 -75.03
N SER C 66 -5.17 -13.08 -73.92
CA SER C 66 -6.22 -14.08 -73.91
C SER C 66 -7.56 -13.38 -73.76
N LEU C 67 -8.62 -13.99 -74.29
CA LEU C 67 -9.94 -13.38 -74.32
C LEU C 67 -10.94 -14.24 -73.56
N VAL C 68 -11.88 -13.58 -72.90
CA VAL C 68 -12.94 -14.25 -72.17
C VAL C 68 -14.14 -14.36 -73.07
N ARG C 69 -15.11 -15.18 -72.68
CA ARG C 69 -16.26 -15.40 -73.55
C ARG C 69 -17.53 -14.79 -72.98
N PHE C 70 -17.55 -14.55 -71.67
CA PHE C 70 -18.66 -14.19 -70.76
C PHE C 70 -19.57 -15.40 -70.50
N LEU C 71 -19.41 -16.47 -71.26
CA LEU C 71 -20.05 -17.72 -70.92
C LEU C 71 -19.29 -18.41 -69.82
N GLU C 72 -17.96 -18.34 -69.85
CA GLU C 72 -17.11 -19.05 -68.91
C GLU C 72 -16.76 -18.14 -67.74
N LEU C 73 -17.80 -17.69 -67.05
CA LEU C 73 -17.66 -16.84 -65.88
C LEU C 73 -18.75 -17.16 -64.88
N GLY C 74 -18.66 -16.53 -63.73
CA GLY C 74 -19.74 -16.64 -62.76
C GLY C 74 -20.95 -15.82 -63.15
N LEU C 75 -20.75 -14.85 -64.03
CA LEU C 75 -21.85 -13.97 -64.43
C LEU C 75 -22.75 -14.61 -65.48
N SER C 76 -22.40 -15.79 -65.98
CA SER C 76 -23.27 -16.44 -66.94
C SER C 76 -24.55 -16.93 -66.27
N VAL C 77 -24.48 -17.24 -64.98
CA VAL C 77 -25.67 -17.73 -64.27
C VAL C 77 -26.54 -16.56 -63.85
N ALA C 78 -26.00 -15.35 -63.91
CA ALA C 78 -26.73 -14.20 -63.39
C ALA C 78 -27.78 -13.71 -64.37
N CYS C 79 -27.55 -13.90 -65.67
CA CYS C 79 -28.39 -13.26 -66.68
C CYS C 79 -28.65 -14.19 -67.84
N VAL C 80 -29.85 -14.08 -68.41
CA VAL C 80 -30.09 -14.50 -69.78
C VAL C 80 -29.33 -13.54 -70.68
N CYS C 81 -28.91 -14.01 -71.85
CA CYS C 81 -28.39 -13.15 -72.91
C CYS C 81 -28.96 -13.60 -74.24
N THR C 82 -29.59 -12.69 -74.97
CA THR C 82 -30.04 -12.96 -76.33
C THR C 82 -29.62 -11.82 -77.24
N LYS C 83 -29.21 -12.18 -78.44
CA LYS C 83 -28.84 -11.20 -79.46
C LYS C 83 -30.10 -10.73 -80.16
N PHE C 84 -30.46 -9.48 -79.93
CA PHE C 84 -31.63 -8.90 -80.55
C PHE C 84 -31.15 -7.81 -81.49
N PRO C 85 -30.90 -8.14 -82.77
CA PRO C 85 -30.18 -7.17 -83.62
C PRO C 85 -30.98 -5.96 -84.01
N GLU C 86 -32.30 -5.99 -83.81
CA GLU C 86 -33.17 -4.86 -84.05
C GLU C 86 -33.31 -3.96 -82.84
N LEU C 87 -32.38 -4.08 -81.88
CA LEU C 87 -32.36 -3.17 -80.74
C LEU C 87 -31.90 -1.80 -81.16
N ALA C 88 -31.19 -1.71 -82.28
CA ALA C 88 -30.73 -0.42 -82.77
C ALA C 88 -31.89 0.42 -83.29
N TYR C 89 -33.01 -0.22 -83.63
CA TYR C 89 -34.15 0.52 -84.14
C TYR C 89 -35.27 0.64 -83.11
N MET C 90 -35.07 0.05 -81.94
CA MET C 90 -36.14 -0.09 -80.97
C MET C 90 -36.34 1.21 -80.22
N ASN C 91 -37.59 1.66 -80.09
CA ASN C 91 -37.86 2.88 -79.36
C ASN C 91 -38.05 2.60 -77.88
N GLU C 92 -39.05 1.80 -77.53
CA GLU C 92 -39.32 1.51 -76.13
C GLU C 92 -39.39 0.01 -75.95
N GLY C 93 -39.11 -0.44 -74.73
CA GLY C 93 -39.24 -1.82 -74.37
C GLY C 93 -40.38 -1.99 -73.39
N ARG C 94 -40.87 -3.21 -73.28
CA ARG C 94 -41.92 -3.54 -72.34
C ARG C 94 -41.86 -5.03 -72.04
N VAL C 95 -41.97 -5.38 -70.76
CA VAL C 95 -42.22 -6.74 -70.33
C VAL C 95 -43.34 -6.66 -69.32
N GLN C 96 -44.45 -7.35 -69.57
CA GLN C 96 -45.55 -7.31 -68.63
C GLN C 96 -45.54 -8.57 -67.80
N PHE C 97 -45.87 -8.41 -66.52
CA PHE C 97 -46.04 -9.52 -65.59
C PHE C 97 -47.50 -9.63 -65.23
N GLU C 98 -47.92 -10.83 -64.87
CA GLU C 98 -49.15 -11.05 -64.14
C GLU C 98 -48.74 -11.82 -62.90
N VAL C 99 -49.21 -11.40 -61.75
CA VAL C 99 -48.93 -12.09 -60.50
C VAL C 99 -50.17 -12.03 -59.62
N HIS C 100 -50.45 -13.14 -58.94
CA HIS C 100 -51.73 -13.35 -58.29
C HIS C 100 -51.52 -13.64 -56.81
N GLN C 101 -52.30 -12.98 -55.96
CA GLN C 101 -52.15 -13.19 -54.54
C GLN C 101 -53.27 -14.09 -54.04
N PRO C 102 -52.95 -15.30 -53.58
CA PRO C 102 -53.98 -16.18 -53.04
C PRO C 102 -54.38 -15.71 -51.65
N LEU C 103 -55.59 -16.09 -51.24
CA LEU C 103 -56.13 -15.58 -49.99
C LEU C 103 -56.44 -16.72 -49.05
N ILE C 104 -56.80 -16.36 -47.81
CA ILE C 104 -57.24 -17.32 -46.79
C ILE C 104 -58.67 -17.01 -46.43
N ALA C 105 -59.53 -18.02 -46.51
CA ALA C 105 -60.86 -17.91 -45.95
C ALA C 105 -60.75 -17.74 -44.44
N ARG C 106 -61.07 -16.54 -43.98
CA ARG C 106 -60.87 -16.15 -42.60
C ARG C 106 -62.22 -15.85 -41.97
N ASP C 107 -62.37 -16.19 -40.70
CA ASP C 107 -63.66 -16.32 -40.06
C ASP C 107 -63.94 -15.13 -39.16
N GLY C 108 -65.22 -14.87 -38.92
CA GLY C 108 -65.62 -13.98 -37.86
C GLY C 108 -65.74 -12.53 -38.28
N PRO C 109 -65.40 -11.62 -37.36
CA PRO C 109 -65.49 -10.19 -37.67
C PRO C 109 -64.35 -9.67 -38.53
N HIS C 110 -63.37 -10.51 -38.89
CA HIS C 110 -62.34 -10.06 -39.79
C HIS C 110 -62.93 -9.86 -41.18
N PRO C 111 -62.53 -8.82 -41.91
CA PRO C 111 -63.20 -8.51 -43.17
C PRO C 111 -62.89 -9.55 -44.24
N VAL C 112 -63.87 -9.79 -45.10
CA VAL C 112 -63.77 -10.90 -46.02
C VAL C 112 -62.85 -10.55 -47.17
N GLU C 113 -61.74 -11.28 -47.28
CA GLU C 113 -60.71 -11.02 -48.27
C GLU C 113 -61.09 -11.64 -49.61
N GLN C 114 -61.07 -10.82 -50.64
CA GLN C 114 -61.41 -11.16 -52.00
C GLN C 114 -60.13 -11.28 -52.82
N PRO C 115 -60.12 -12.04 -53.92
CA PRO C 115 -58.86 -12.26 -54.65
C PRO C 115 -58.42 -11.00 -55.37
N VAL C 116 -57.21 -10.55 -55.06
CA VAL C 116 -56.60 -9.43 -55.75
C VAL C 116 -55.74 -9.98 -56.87
N HIS C 117 -55.66 -9.25 -57.95
CA HIS C 117 -54.78 -9.56 -59.07
C HIS C 117 -53.78 -8.43 -59.18
N ASN C 118 -52.57 -8.75 -59.61
CA ASN C 118 -51.56 -7.72 -59.83
C ASN C 118 -50.97 -7.87 -61.22
N TYR C 119 -51.07 -6.79 -62.01
CA TYR C 119 -50.52 -6.74 -63.35
C TYR C 119 -49.56 -5.57 -63.43
N MET C 120 -48.34 -5.83 -63.90
CA MET C 120 -47.32 -4.80 -63.95
C MET C 120 -46.49 -4.93 -65.22
N THR C 121 -46.19 -3.79 -65.83
CA THR C 121 -45.26 -3.69 -66.95
C THR C 121 -44.02 -2.96 -66.44
N LYS C 122 -42.89 -3.20 -67.08
CA LYS C 122 -41.69 -2.44 -66.80
C LYS C 122 -40.79 -2.41 -68.02
N VAL C 123 -40.02 -1.34 -68.15
CA VAL C 123 -39.45 -0.99 -69.44
C VAL C 123 -37.98 -1.32 -69.50
N ILE C 124 -37.39 -1.20 -70.69
CA ILE C 124 -35.99 -1.48 -70.86
C ILE C 124 -35.19 -0.19 -70.69
N ASP C 125 -34.10 -0.29 -69.93
CA ASP C 125 -33.07 0.74 -69.93
C ASP C 125 -32.07 0.45 -71.04
N ARG C 126 -31.69 1.49 -71.78
CA ARG C 126 -30.89 1.36 -72.97
C ARG C 126 -29.50 1.89 -72.70
N ARG C 127 -28.48 1.09 -72.98
CA ARG C 127 -27.10 1.49 -72.78
C ARG C 127 -26.25 1.09 -73.98
N ALA C 128 -25.58 2.06 -74.57
CA ALA C 128 -24.70 1.83 -75.70
C ALA C 128 -23.27 2.08 -75.27
N LEU C 129 -22.39 1.11 -75.49
CA LEU C 129 -21.02 1.18 -75.02
C LEU C 129 -20.04 1.22 -76.18
N ASN C 130 -18.97 1.99 -76.02
CA ASN C 130 -18.08 2.43 -77.10
C ASN C 130 -16.68 1.89 -76.88
N ALA C 131 -16.03 1.49 -77.98
CA ALA C 131 -14.61 1.17 -77.97
C ALA C 131 -14.03 1.52 -79.33
N ALA C 132 -12.75 1.91 -79.34
CA ALA C 132 -12.13 2.33 -80.59
C ALA C 132 -10.73 1.76 -80.70
N PHE C 133 -10.20 1.84 -81.91
CA PHE C 133 -8.80 1.55 -82.19
C PHE C 133 -8.32 2.46 -83.29
N SER C 134 -7.03 2.79 -83.25
CA SER C 134 -6.46 3.80 -84.13
C SER C 134 -5.73 3.13 -85.28
N LEU C 135 -5.62 3.86 -86.40
CA LEU C 135 -4.70 3.53 -87.47
C LEU C 135 -3.93 4.80 -87.82
N ALA C 136 -2.61 4.70 -87.80
CA ALA C 136 -1.79 5.85 -88.11
C ALA C 136 -1.81 6.13 -89.61
N THR C 137 -1.29 7.30 -89.98
CA THR C 137 -1.29 7.73 -91.37
C THR C 137 -0.37 6.85 -92.21
N GLU C 138 0.78 6.47 -91.64
CA GLU C 138 1.77 5.72 -92.40
C GLU C 138 1.35 4.26 -92.56
N ALA C 139 0.37 3.81 -91.79
CA ALA C 139 -0.04 2.42 -91.86
C ALA C 139 -1.14 2.21 -92.91
N ILE C 140 -1.89 3.27 -93.21
CA ILE C 140 -3.01 3.15 -94.14
C ILE C 140 -2.50 2.97 -95.56
N ALA C 141 -1.57 3.84 -95.97
CA ALA C 141 -0.99 3.76 -97.32
C ALA C 141 -0.15 2.50 -97.46
N LEU C 142 0.40 2.00 -96.36
CA LEU C 142 1.29 0.86 -96.43
C LEU C 142 0.53 -0.45 -96.59
N LEU C 143 -0.79 -0.43 -96.37
CA LEU C 143 -1.57 -1.65 -96.53
C LEU C 143 -1.67 -2.05 -98.00
N THR C 144 -2.14 -1.13 -98.85
CA THR C 144 -2.39 -1.46 -100.25
C THR C 144 -1.86 -0.32 -101.13
N GLY C 145 -0.94 -0.68 -102.02
CA GLY C 145 -0.44 0.27 -103.02
C GLY C 145 0.34 1.41 -102.42
N GLU C 146 0.74 2.36 -103.27
CA GLU C 146 1.05 3.75 -102.91
C GLU C 146 2.36 3.92 -102.12
N ALA C 147 2.91 2.83 -101.60
CA ALA C 147 4.23 2.87 -100.99
C ALA C 147 5.04 1.66 -101.39
N LEU C 148 4.38 0.67 -101.97
CA LEU C 148 5.04 -0.56 -102.35
C LEU C 148 5.88 -0.34 -103.60
N ASP C 149 7.19 -0.15 -103.39
CA ASP C 149 8.13 -0.06 -104.50
C ASP C 149 8.54 -1.45 -104.97
N GLY C 150 7.97 -2.51 -104.40
CA GLY C 150 8.32 -3.85 -104.76
C GLY C 150 9.50 -4.40 -104.00
N THR C 151 10.11 -3.62 -103.12
CA THR C 151 11.23 -4.10 -102.32
C THR C 151 10.73 -5.10 -101.28
N GLY C 152 11.65 -5.96 -100.84
CA GLY C 152 11.30 -6.89 -99.78
C GLY C 152 11.11 -6.20 -98.44
N ILE C 153 11.68 -5.00 -98.30
CA ILE C 153 11.42 -4.19 -97.11
C ILE C 153 9.98 -3.75 -97.06
N SER C 154 9.45 -3.25 -98.19
CA SER C 154 8.12 -2.67 -98.18
C SER C 154 7.04 -3.72 -98.09
N LEU C 155 7.35 -4.95 -98.51
CA LEU C 155 6.45 -6.05 -98.23
C LEU C 155 6.55 -6.49 -96.77
N HIS C 156 7.69 -6.24 -96.14
CA HIS C 156 7.79 -6.54 -94.71
C HIS C 156 7.16 -5.42 -93.88
N ARG C 157 7.23 -4.18 -94.37
CA ARG C 157 6.58 -3.08 -93.67
C ARG C 157 5.06 -3.22 -93.73
N GLN C 158 4.54 -3.62 -94.89
CA GLN C 158 3.13 -3.95 -95.02
C GLN C 158 2.74 -5.06 -94.07
N LEU C 159 3.53 -6.14 -94.04
CA LEU C 159 3.25 -7.30 -93.21
C LEU C 159 3.22 -6.94 -91.73
N ARG C 160 4.08 -6.01 -91.32
CA ARG C 160 4.10 -5.54 -89.95
C ARG C 160 2.82 -4.80 -89.60
N ALA C 161 2.22 -4.12 -90.58
CA ALA C 161 0.97 -3.40 -90.32
C ALA C 161 -0.22 -4.34 -90.26
N ILE C 162 -0.20 -5.42 -91.05
CA ILE C 162 -1.18 -6.50 -90.88
C ILE C 162 -1.03 -7.14 -89.52
N GLN C 163 0.21 -7.31 -89.05
CA GLN C 163 0.44 -7.76 -87.68
C GLN C 163 -0.06 -6.72 -86.68
N GLN C 164 -0.03 -5.44 -87.06
CA GLN C 164 -0.56 -4.42 -86.17
C GLN C 164 -2.07 -4.36 -86.24
N LEU C 165 -2.62 -4.51 -87.44
CA LEU C 165 -4.06 -4.33 -87.61
C LEU C 165 -4.84 -5.52 -87.07
N ALA C 166 -4.29 -6.73 -87.22
CA ALA C 166 -4.99 -7.92 -86.72
C ALA C 166 -4.85 -8.05 -85.21
N ARG C 167 -4.06 -7.17 -84.60
CA ARG C 167 -3.86 -7.24 -83.16
C ARG C 167 -4.76 -6.26 -82.43
N ASN C 168 -5.11 -5.15 -83.09
CA ASN C 168 -6.10 -4.24 -82.52
C ASN C 168 -7.50 -4.85 -82.59
N VAL C 169 -7.78 -5.58 -83.67
CA VAL C 169 -9.13 -6.09 -83.88
C VAL C 169 -9.45 -7.20 -82.90
N GLN C 170 -8.47 -8.05 -82.60
CA GLN C 170 -8.69 -9.07 -81.58
C GLN C 170 -8.80 -8.43 -80.20
N ALA C 171 -8.27 -7.22 -80.03
CA ALA C 171 -8.42 -6.52 -78.76
C ALA C 171 -9.80 -5.91 -78.62
N VAL C 172 -10.28 -5.22 -79.66
CA VAL C 172 -11.57 -4.53 -79.55
C VAL C 172 -12.72 -5.52 -79.65
N LEU C 173 -12.49 -6.68 -80.26
CA LEU C 173 -13.49 -7.74 -80.20
C LEU C 173 -13.43 -8.45 -78.87
N GLY C 174 -12.31 -8.34 -78.16
CA GLY C 174 -12.30 -8.77 -76.78
C GLY C 174 -12.90 -7.74 -75.87
N ALA C 175 -13.06 -6.51 -76.36
CA ALA C 175 -13.48 -5.42 -75.49
C ALA C 175 -14.97 -5.46 -75.21
N PHE C 176 -15.73 -6.18 -76.05
CA PHE C 176 -17.15 -6.31 -75.77
C PHE C 176 -17.42 -7.49 -74.84
N GLU C 177 -16.67 -8.57 -75.01
CA GLU C 177 -16.84 -9.74 -74.15
C GLU C 177 -16.39 -9.43 -72.74
N ARG C 178 -15.32 -8.68 -72.59
CA ARG C 178 -14.98 -8.14 -71.28
C ARG C 178 -15.96 -7.07 -70.86
N GLY C 179 -16.43 -6.26 -71.82
CA GLY C 179 -17.29 -5.15 -71.47
C GLY C 179 -18.68 -5.59 -71.09
N THR C 180 -19.07 -6.78 -71.53
CA THR C 180 -20.34 -7.36 -71.11
C THR C 180 -20.31 -7.69 -69.62
N ALA C 181 -19.23 -8.29 -69.15
CA ALA C 181 -19.08 -8.60 -67.74
C ALA C 181 -18.89 -7.33 -66.92
N ASP C 182 -18.49 -6.24 -67.55
CA ASP C 182 -18.32 -5.00 -66.80
C ASP C 182 -19.65 -4.30 -66.59
N GLN C 183 -20.52 -4.34 -67.58
CA GLN C 183 -21.80 -3.65 -67.47
C GLN C 183 -22.73 -4.38 -66.49
N MET C 184 -22.54 -5.70 -66.33
CA MET C 184 -23.38 -6.46 -65.42
C MET C 184 -23.23 -5.98 -63.98
N LEU C 185 -22.02 -5.62 -63.58
CA LEU C 185 -21.81 -5.16 -62.23
C LEU C 185 -22.34 -3.76 -62.03
N HIS C 186 -22.33 -2.93 -63.08
CA HIS C 186 -22.87 -1.59 -62.94
C HIS C 186 -24.39 -1.61 -62.83
N VAL C 187 -25.03 -2.67 -63.32
CA VAL C 187 -26.48 -2.69 -63.33
C VAL C 187 -27.02 -3.62 -62.26
N LEU C 188 -26.15 -4.46 -61.67
CA LEU C 188 -26.59 -5.26 -60.54
C LEU C 188 -26.32 -4.56 -59.22
N LEU C 189 -25.48 -3.53 -59.23
CA LEU C 189 -25.35 -2.70 -58.04
C LEU C 189 -26.43 -1.64 -57.98
N GLU C 190 -26.92 -1.21 -59.14
CA GLU C 190 -27.96 -0.19 -59.17
C GLU C 190 -29.30 -0.76 -58.75
N LYS C 191 -29.44 -2.09 -58.75
CA LYS C 191 -30.70 -2.67 -58.29
C LYS C 191 -30.55 -3.30 -56.91
N ALA C 192 -29.31 -3.45 -56.42
CA ALA C 192 -29.13 -4.12 -55.13
C ALA C 192 -29.03 -3.10 -54.01
N PRO C 193 -29.90 -3.18 -53.01
CA PRO C 193 -29.73 -2.39 -51.80
C PRO C 193 -28.78 -3.10 -50.85
N PRO C 194 -28.15 -2.38 -49.92
CA PRO C 194 -27.22 -3.03 -49.01
C PRO C 194 -27.93 -3.98 -48.05
N LEU C 195 -27.17 -4.96 -47.58
CA LEU C 195 -27.76 -6.07 -46.82
C LEU C 195 -28.22 -5.61 -45.46
N ALA C 196 -27.57 -4.58 -44.90
CA ALA C 196 -27.89 -4.15 -43.55
C ALA C 196 -29.27 -3.50 -43.47
N LEU C 197 -29.81 -3.10 -44.61
CA LEU C 197 -31.14 -2.49 -44.61
C LEU C 197 -32.20 -3.49 -45.04
N LEU C 198 -31.84 -4.44 -45.89
CA LEU C 198 -32.86 -5.32 -46.45
C LEU C 198 -33.29 -6.40 -45.47
N LEU C 199 -32.41 -6.77 -44.54
CA LEU C 199 -32.79 -7.77 -43.54
C LEU C 199 -33.86 -7.32 -42.55
N PRO C 200 -33.90 -6.07 -42.07
CA PRO C 200 -35.15 -5.64 -41.42
C PRO C 200 -36.27 -5.33 -42.39
N MET C 201 -35.96 -5.20 -43.68
CA MET C 201 -36.98 -4.82 -44.63
C MET C 201 -37.87 -6.01 -44.99
N GLN C 202 -37.27 -7.17 -45.25
CA GLN C 202 -38.04 -8.30 -45.76
C GLN C 202 -38.94 -8.90 -44.71
N ARG C 203 -38.55 -8.81 -43.42
CA ARG C 203 -39.41 -9.38 -42.39
C ARG C 203 -40.60 -8.48 -42.11
N TYR C 204 -40.62 -7.28 -42.67
CA TYR C 204 -41.80 -6.43 -42.56
C TYR C 204 -42.52 -6.26 -43.88
N LEU C 205 -42.14 -7.01 -44.92
CA LEU C 205 -42.94 -7.06 -46.13
C LEU C 205 -44.17 -7.95 -45.97
N ASP C 206 -44.06 -8.98 -45.13
CA ASP C 206 -45.16 -9.92 -44.92
C ASP C 206 -45.87 -9.67 -43.60
N ASN C 207 -46.06 -8.39 -43.28
CA ASN C 207 -46.88 -8.04 -42.12
C ASN C 207 -48.36 -8.30 -42.39
N GLY C 208 -48.83 -7.90 -43.57
CA GLY C 208 -50.24 -7.92 -43.87
C GLY C 208 -50.75 -6.52 -44.18
N THR C 212 -51.45 0.97 -40.61
CA THR C 212 -50.20 0.52 -40.03
C THR C 212 -49.12 1.59 -40.14
N ARG C 213 -49.41 2.79 -39.62
CA ARG C 213 -48.41 3.85 -39.62
C ARG C 213 -47.32 3.54 -38.62
N VAL C 214 -47.68 2.88 -37.52
CA VAL C 214 -46.70 2.49 -36.52
C VAL C 214 -45.80 1.40 -37.06
N ALA C 215 -46.33 0.52 -37.91
CA ALA C 215 -45.52 -0.58 -38.42
C ALA C 215 -44.46 -0.10 -39.39
N ARG C 216 -44.67 1.07 -40.00
CA ARG C 216 -43.57 1.71 -40.72
C ARG C 216 -42.53 2.25 -39.74
N ALA C 217 -42.98 2.74 -38.58
CA ALA C 217 -42.07 3.44 -37.69
C ALA C 217 -41.08 2.49 -37.03
N THR C 218 -41.55 1.33 -36.58
CA THR C 218 -40.68 0.38 -35.91
C THR C 218 -39.66 -0.22 -36.87
N LEU C 219 -39.98 -0.21 -38.17
CA LEU C 219 -39.00 -0.54 -39.18
C LEU C 219 -37.85 0.45 -39.17
N VAL C 220 -38.16 1.75 -39.32
CA VAL C 220 -37.14 2.75 -39.62
C VAL C 220 -36.22 2.96 -38.41
N ALA C 221 -36.80 2.90 -37.21
CA ALA C 221 -35.97 3.05 -36.01
C ALA C 221 -35.14 1.80 -35.76
N GLU C 222 -35.50 0.68 -36.40
CA GLU C 222 -34.66 -0.50 -36.33
C GLU C 222 -33.90 -0.69 -37.63
N LEU C 223 -34.26 0.08 -38.66
CA LEU C 223 -33.48 0.09 -39.89
C LEU C 223 -32.15 0.80 -39.67
N LYS C 224 -32.20 1.95 -39.02
CA LYS C 224 -30.99 2.71 -38.74
C LYS C 224 -30.15 2.05 -37.66
N ARG C 225 -30.79 1.22 -36.82
CA ARG C 225 -30.04 0.52 -35.80
C ARG C 225 -29.30 -0.68 -36.40
N SER C 226 -29.94 -1.37 -37.35
CA SER C 226 -29.32 -2.55 -37.94
C SER C 226 -28.19 -2.17 -38.89
N PHE C 227 -28.30 -0.99 -39.50
CA PHE C 227 -27.26 -0.53 -40.42
C PHE C 227 -25.99 -0.17 -39.66
N CYS C 228 -26.16 0.32 -38.44
CA CYS C 228 -25.02 0.68 -37.60
C CYS C 228 -24.34 -0.58 -37.05
N ASP C 229 -25.01 -1.72 -37.12
CA ASP C 229 -24.48 -2.92 -36.51
C ASP C 229 -23.95 -3.91 -37.54
N THR C 230 -24.78 -4.31 -38.51
CA THR C 230 -24.42 -5.41 -39.40
C THR C 230 -23.64 -5.00 -40.63
N SER C 231 -23.40 -3.70 -40.83
CA SER C 231 -22.52 -3.31 -41.92
C SER C 231 -21.09 -3.60 -41.52
N PHE C 232 -20.25 -3.80 -42.55
CA PHE C 232 -18.82 -4.09 -42.41
C PHE C 232 -18.57 -5.35 -41.61
N PHE C 233 -19.48 -6.31 -41.73
CA PHE C 233 -19.57 -7.37 -40.74
C PHE C 233 -18.41 -8.34 -40.85
N LEU C 234 -17.76 -8.37 -42.02
CA LEU C 234 -16.58 -9.21 -42.15
C LEU C 234 -15.38 -8.57 -41.48
N GLY C 235 -15.29 -7.25 -41.54
CA GLY C 235 -14.20 -6.59 -40.83
C GLY C 235 -14.49 -6.46 -39.35
N LYS C 236 -15.74 -6.10 -39.02
CA LYS C 236 -16.11 -5.76 -37.65
C LYS C 236 -16.11 -6.98 -36.76
N ALA C 237 -16.58 -8.11 -37.28
CA ALA C 237 -16.75 -9.31 -36.47
C ALA C 237 -16.24 -10.56 -37.17
N GLY C 238 -15.14 -10.45 -37.91
CA GLY C 238 -14.65 -11.60 -38.64
C GLY C 238 -13.77 -12.51 -37.80
N HIS C 239 -13.58 -12.17 -36.53
CA HIS C 239 -12.69 -12.97 -35.69
C HIS C 239 -13.38 -14.24 -35.20
N ARG C 240 -14.66 -14.15 -34.86
CA ARG C 240 -15.45 -15.35 -34.60
C ARG C 240 -16.05 -15.81 -35.92
N ARG C 241 -16.13 -17.13 -36.12
CA ARG C 241 -16.53 -17.63 -37.43
C ARG C 241 -17.99 -18.05 -37.45
N GLU C 242 -18.60 -18.19 -36.27
CA GLU C 242 -19.97 -18.67 -36.23
C GLU C 242 -20.95 -17.61 -36.68
N ALA C 243 -20.71 -16.36 -36.29
CA ALA C 243 -21.63 -15.29 -36.68
C ALA C 243 -21.44 -14.92 -38.14
N ILE C 244 -20.31 -15.31 -38.73
CA ILE C 244 -20.09 -15.02 -40.15
C ILE C 244 -20.95 -15.94 -41.01
N GLU C 245 -20.98 -17.23 -40.69
CA GLU C 245 -21.77 -18.16 -41.49
C GLU C 245 -23.25 -17.95 -41.25
N ALA C 246 -23.62 -17.46 -40.08
CA ALA C 246 -24.99 -17.01 -39.89
C ALA C 246 -25.25 -15.74 -40.68
N TRP C 247 -24.23 -14.90 -40.85
CA TRP C 247 -24.39 -13.73 -41.68
C TRP C 247 -24.35 -14.08 -43.15
N LEU C 248 -23.57 -15.10 -43.52
CA LEU C 248 -23.44 -15.44 -44.93
C LEU C 248 -24.69 -16.15 -45.43
N VAL C 249 -25.36 -16.88 -44.54
CA VAL C 249 -26.60 -17.53 -44.95
C VAL C 249 -27.74 -16.51 -44.99
N ASP C 250 -27.59 -15.40 -44.25
CA ASP C 250 -28.62 -14.36 -44.33
C ASP C 250 -28.40 -13.45 -45.52
N LEU C 251 -27.21 -13.53 -46.13
CA LEU C 251 -27.00 -12.85 -47.40
C LEU C 251 -27.66 -13.61 -48.53
N THR C 252 -27.77 -14.92 -48.40
CA THR C 252 -28.17 -15.73 -49.54
C THR C 252 -29.69 -15.80 -49.67
N THR C 253 -30.37 -16.28 -48.65
CA THR C 253 -31.81 -16.51 -48.76
C THR C 253 -32.64 -15.28 -48.45
N ALA C 254 -32.04 -14.09 -48.41
CA ALA C 254 -32.83 -12.88 -48.23
C ALA C 254 -33.48 -12.45 -49.53
N THR C 255 -32.77 -12.63 -50.65
CA THR C 255 -33.34 -12.35 -51.96
C THR C 255 -34.30 -13.47 -52.37
N GLN C 256 -35.17 -13.15 -53.31
CA GLN C 256 -36.18 -14.08 -53.77
C GLN C 256 -35.84 -14.53 -55.19
N PRO C 257 -36.08 -15.80 -55.54
CA PRO C 257 -35.91 -16.21 -56.93
C PRO C 257 -36.98 -15.61 -57.82
N SER C 258 -36.87 -15.92 -59.11
CA SER C 258 -37.60 -15.19 -60.13
C SER C 258 -38.14 -16.19 -61.14
N VAL C 259 -38.37 -15.70 -62.35
CA VAL C 259 -39.07 -16.37 -63.44
C VAL C 259 -38.18 -17.42 -64.12
N ALA C 260 -37.06 -17.78 -63.44
CA ALA C 260 -35.85 -18.41 -63.99
C ALA C 260 -36.09 -19.43 -65.09
N VAL C 261 -35.40 -19.22 -66.20
CA VAL C 261 -35.78 -19.76 -67.50
C VAL C 261 -35.13 -21.13 -67.64
N PRO C 262 -35.88 -22.16 -68.04
CA PRO C 262 -35.29 -23.48 -68.28
C PRO C 262 -34.53 -23.60 -69.59
N ARG C 263 -34.31 -22.48 -70.31
CA ARG C 263 -33.38 -22.50 -71.44
C ARG C 263 -32.00 -22.94 -71.00
N LEU C 264 -31.47 -22.29 -69.98
CA LEU C 264 -30.10 -22.54 -69.54
C LEU C 264 -30.02 -23.84 -68.75
N THR C 265 -29.05 -24.67 -69.10
CA THR C 265 -28.78 -25.93 -68.44
C THR C 265 -27.77 -25.79 -67.30
N HIS C 266 -27.72 -24.62 -66.68
CA HIS C 266 -26.51 -24.18 -66.02
C HIS C 266 -26.27 -24.86 -64.69
N ALA C 267 -25.95 -26.15 -64.72
CA ALA C 267 -25.87 -26.96 -63.52
C ALA C 267 -24.43 -27.11 -63.05
N ASP C 268 -24.23 -27.98 -62.08
CA ASP C 268 -22.89 -28.32 -61.62
C ASP C 268 -22.28 -29.41 -62.51
N THR C 269 -21.18 -29.98 -62.02
CA THR C 269 -20.39 -30.95 -62.81
C THR C 269 -20.91 -32.37 -62.60
N ARG C 270 -21.98 -32.47 -61.83
CA ARG C 270 -22.66 -33.75 -61.66
C ARG C 270 -24.13 -33.56 -61.97
N GLY C 271 -24.48 -32.38 -62.48
CA GLY C 271 -25.83 -32.09 -62.86
C GLY C 271 -26.68 -31.41 -61.80
N ARG C 272 -26.10 -31.03 -60.68
CA ARG C 272 -26.90 -30.32 -59.69
C ARG C 272 -27.04 -28.86 -60.12
N PRO C 273 -28.25 -28.33 -60.20
CA PRO C 273 -28.42 -26.96 -60.72
C PRO C 273 -27.91 -25.88 -59.80
N VAL C 274 -27.38 -24.81 -60.39
CA VAL C 274 -26.73 -23.73 -59.67
C VAL C 274 -27.68 -22.57 -59.59
N ASP C 275 -27.85 -22.01 -58.39
CA ASP C 275 -28.50 -20.73 -58.20
C ASP C 275 -27.63 -19.86 -57.33
N GLY C 276 -27.47 -18.61 -57.71
CA GLY C 276 -26.59 -17.74 -56.97
C GLY C 276 -25.36 -17.37 -57.76
N VAL C 277 -24.78 -16.23 -57.41
CA VAL C 277 -23.62 -15.70 -58.10
C VAL C 277 -22.42 -15.52 -57.16
N LEU C 278 -22.57 -14.66 -56.15
CA LEU C 278 -21.49 -14.25 -55.23
C LEU C 278 -20.25 -13.71 -55.93
N VAL C 279 -20.40 -12.56 -56.57
CA VAL C 279 -19.23 -11.80 -56.99
C VAL C 279 -18.65 -11.04 -55.82
N THR C 280 -17.39 -11.32 -55.49
CA THR C 280 -16.69 -10.64 -54.41
C THR C 280 -15.44 -10.00 -55.00
N THR C 281 -14.66 -9.36 -54.14
CA THR C 281 -13.31 -9.00 -54.55
C THR C 281 -12.35 -10.12 -54.20
N ALA C 282 -11.09 -9.96 -54.62
CA ALA C 282 -10.12 -11.04 -54.45
C ALA C 282 -9.65 -11.16 -53.01
N ALA C 283 -9.68 -10.05 -52.27
CA ALA C 283 -9.28 -10.10 -50.87
C ALA C 283 -10.30 -10.85 -50.02
N ILE C 284 -11.59 -10.61 -50.28
CA ILE C 284 -12.65 -11.25 -49.51
C ILE C 284 -12.71 -12.74 -49.83
N LYS C 285 -12.51 -13.08 -51.10
CA LYS C 285 -12.63 -14.48 -51.51
C LYS C 285 -11.51 -15.33 -50.93
N GLN C 286 -10.30 -14.79 -50.90
CA GLN C 286 -9.17 -15.54 -50.35
C GLN C 286 -9.31 -15.67 -48.84
N ARG C 287 -10.04 -14.76 -48.22
CA ARG C 287 -10.33 -14.90 -46.79
C ARG C 287 -11.52 -15.81 -46.56
N LEU C 288 -12.50 -15.79 -47.46
CA LEU C 288 -13.68 -16.63 -47.31
C LEU C 288 -13.37 -18.09 -47.60
N LEU C 289 -12.70 -18.37 -48.71
CA LEU C 289 -12.56 -19.74 -49.17
C LEU C 289 -11.50 -20.47 -48.37
N GLN C 290 -10.70 -19.71 -47.61
CA GLN C 290 -9.71 -20.31 -46.73
C GLN C 290 -10.34 -20.82 -45.45
N SER C 291 -11.00 -19.94 -44.70
CA SER C 291 -11.34 -20.25 -43.32
C SER C 291 -12.84 -20.36 -43.09
N PHE C 292 -13.63 -19.35 -43.49
CA PHE C 292 -15.02 -19.26 -43.04
C PHE C 292 -15.86 -20.38 -43.61
N LEU C 293 -15.76 -20.60 -44.92
CA LEU C 293 -16.25 -21.83 -45.52
C LEU C 293 -15.06 -22.55 -46.13
N LYS C 294 -14.91 -23.81 -45.79
CA LYS C 294 -14.00 -24.71 -46.47
C LYS C 294 -14.87 -25.66 -47.28
N VAL C 295 -16.16 -25.34 -47.35
CA VAL C 295 -17.10 -26.10 -48.12
C VAL C 295 -16.87 -25.74 -49.57
N GLU C 296 -16.19 -26.62 -50.29
CA GLU C 296 -15.87 -26.43 -51.68
C GLU C 296 -16.40 -27.61 -52.45
N ASP C 297 -17.32 -27.36 -53.39
CA ASP C 297 -17.99 -28.48 -54.03
C ASP C 297 -17.07 -29.13 -55.06
N THR C 298 -16.74 -28.42 -56.14
CA THR C 298 -15.84 -28.87 -57.19
C THR C 298 -15.21 -27.66 -57.85
N GLU C 299 -14.21 -27.87 -58.70
CA GLU C 299 -13.76 -26.83 -59.60
C GLU C 299 -14.06 -27.23 -61.03
N ALA C 300 -15.31 -27.02 -61.43
CA ALA C 300 -15.86 -27.37 -62.74
C ALA C 300 -17.29 -26.87 -62.79
N ASP C 301 -17.86 -26.71 -63.98
CA ASP C 301 -19.24 -26.25 -64.11
C ASP C 301 -19.75 -26.67 -65.49
N VAL C 302 -21.01 -26.35 -65.76
CA VAL C 302 -21.62 -26.60 -67.07
C VAL C 302 -22.30 -25.31 -67.52
N PRO C 303 -21.70 -24.55 -68.42
CA PRO C 303 -22.37 -23.39 -68.98
C PRO C 303 -23.11 -23.69 -70.27
N VAL C 304 -23.54 -22.61 -70.92
CA VAL C 304 -24.57 -22.62 -71.93
C VAL C 304 -24.09 -21.90 -73.19
N THR C 305 -24.99 -21.75 -74.16
CA THR C 305 -24.79 -20.88 -75.32
C THR C 305 -26.06 -20.05 -75.54
N TYR C 306 -25.89 -18.86 -76.13
CA TYR C 306 -26.93 -17.83 -76.13
C TYR C 306 -28.20 -18.25 -76.87
N GLY C 307 -29.31 -17.59 -76.53
CA GLY C 307 -30.49 -17.58 -77.37
C GLY C 307 -30.38 -16.40 -78.31
N GLU C 308 -31.34 -16.29 -79.23
CA GLU C 308 -31.31 -15.25 -80.25
C GLU C 308 -32.68 -15.16 -80.89
N MET C 309 -33.03 -13.96 -81.35
CA MET C 309 -34.29 -13.73 -82.02
C MET C 309 -34.16 -12.71 -83.14
N VAL C 310 -35.02 -12.83 -84.15
CA VAL C 310 -35.10 -11.88 -85.25
C VAL C 310 -36.57 -11.60 -85.52
N LEU C 311 -36.83 -10.68 -86.44
CA LEU C 311 -38.18 -10.46 -86.91
C LEU C 311 -38.40 -11.25 -88.19
N ASN C 312 -38.97 -12.44 -88.06
CA ASN C 312 -39.03 -13.34 -89.21
C ASN C 312 -40.26 -13.10 -90.07
N GLY C 313 -41.45 -13.22 -89.48
CA GLY C 313 -42.66 -13.14 -90.26
C GLY C 313 -43.54 -11.98 -89.88
N ALA C 314 -44.61 -12.25 -89.12
CA ALA C 314 -45.57 -11.21 -88.78
C ALA C 314 -44.99 -10.25 -87.75
N ASN C 315 -43.90 -10.63 -87.10
CA ASN C 315 -43.07 -9.66 -86.41
C ASN C 315 -42.57 -8.61 -87.37
N LEU C 316 -42.04 -9.03 -88.52
CA LEU C 316 -41.42 -8.10 -89.46
C LEU C 316 -42.47 -7.25 -90.16
N VAL C 317 -43.64 -7.82 -90.41
CA VAL C 317 -44.71 -7.08 -91.08
C VAL C 317 -45.28 -6.01 -90.15
N THR C 318 -45.52 -6.38 -88.90
CA THR C 318 -46.08 -5.43 -87.96
C THR C 318 -45.01 -4.49 -87.40
N ALA C 319 -43.74 -4.76 -87.69
CA ALA C 319 -42.67 -3.88 -87.21
C ALA C 319 -42.72 -2.54 -87.92
N LEU C 320 -43.07 -2.55 -89.19
CA LEU C 320 -42.96 -1.32 -89.99
C LEU C 320 -44.32 -0.86 -90.49
N VAL C 321 -45.37 -1.64 -90.24
CA VAL C 321 -46.71 -1.20 -90.63
C VAL C 321 -47.51 -0.76 -89.41
N MET C 322 -47.41 -1.50 -88.31
CA MET C 322 -48.07 -1.07 -87.08
C MET C 322 -47.09 -0.55 -86.04
N GLY C 323 -45.80 -0.78 -86.20
CA GLY C 323 -44.83 -0.25 -85.27
C GLY C 323 -44.79 -0.97 -83.95
N LYS C 324 -45.09 -2.26 -83.93
CA LYS C 324 -45.03 -3.09 -82.73
C LYS C 324 -44.55 -4.47 -83.10
N ALA C 325 -44.02 -5.21 -82.13
CA ALA C 325 -43.56 -6.57 -82.32
C ALA C 325 -43.67 -7.32 -81.00
N VAL C 326 -44.01 -8.60 -81.08
CA VAL C 326 -44.23 -9.44 -79.91
C VAL C 326 -43.31 -10.64 -80.03
N ARG C 327 -42.80 -11.14 -78.90
CA ARG C 327 -42.10 -12.41 -78.88
C ARG C 327 -43.01 -13.52 -79.34
N SER C 328 -42.59 -14.20 -80.42
CA SER C 328 -43.29 -15.33 -81.03
C SER C 328 -44.73 -14.94 -81.39
N LEU C 329 -44.85 -13.90 -82.21
CA LEU C 329 -46.15 -13.40 -82.60
C LEU C 329 -46.89 -14.41 -83.48
N ASP C 330 -46.15 -15.30 -84.14
CA ASP C 330 -46.76 -16.44 -84.80
C ASP C 330 -47.39 -17.38 -83.78
N ASP C 331 -46.73 -17.57 -82.62
CA ASP C 331 -47.23 -18.50 -81.63
C ASP C 331 -48.42 -17.92 -80.88
N VAL C 332 -48.41 -16.61 -80.66
CA VAL C 332 -49.58 -15.94 -80.10
C VAL C 332 -50.72 -15.98 -81.11
N GLY C 333 -50.38 -15.95 -82.40
CA GLY C 333 -51.39 -16.16 -83.43
C GLY C 333 -51.96 -17.57 -83.40
N ARG C 334 -51.16 -18.54 -82.94
CA ARG C 334 -51.66 -19.91 -82.90
C ARG C 334 -52.54 -20.13 -81.67
N HIS C 335 -52.08 -19.71 -80.50
CA HIS C 335 -52.78 -20.07 -79.27
C HIS C 335 -54.03 -19.22 -79.05
N LEU C 336 -54.22 -18.19 -79.87
CA LEU C 336 -55.44 -17.41 -79.75
C LEU C 336 -56.48 -17.83 -80.79
N LEU C 337 -56.05 -18.05 -82.04
CA LEU C 337 -56.99 -18.42 -83.08
C LEU C 337 -57.51 -19.83 -82.90
N ASP C 338 -56.66 -20.74 -82.43
CA ASP C 338 -57.12 -22.10 -82.18
C ASP C 338 -57.99 -22.17 -80.94
N MET C 339 -57.90 -21.16 -80.07
CA MET C 339 -58.65 -21.18 -78.83
C MET C 339 -60.09 -20.74 -79.05
N GLN C 340 -60.32 -19.83 -79.98
CA GLN C 340 -61.68 -19.37 -80.21
C GLN C 340 -62.37 -20.17 -81.31
N GLU C 341 -61.62 -20.67 -82.28
CA GLU C 341 -62.23 -21.43 -83.37
C GLU C 341 -62.57 -22.85 -82.92
N GLU C 342 -61.86 -23.33 -81.90
CA GLU C 342 -62.12 -24.61 -81.20
C GLU C 342 -62.12 -25.83 -82.10
N ASN C 347 -57.73 -19.01 -67.10
CA ASN C 347 -57.90 -20.44 -67.28
C ASN C 347 -56.76 -21.15 -66.58
N ARG C 348 -56.23 -22.16 -67.26
CA ARG C 348 -54.92 -22.69 -66.94
C ARG C 348 -54.05 -22.51 -68.17
N GLU C 349 -53.01 -21.68 -68.07
CA GLU C 349 -52.32 -21.27 -69.27
C GLU C 349 -51.10 -22.15 -69.51
N THR C 350 -50.12 -22.06 -68.61
CA THR C 350 -48.84 -22.81 -68.54
C THR C 350 -48.11 -22.89 -69.88
N LEU C 351 -48.25 -21.91 -70.77
CA LEU C 351 -47.88 -22.12 -72.17
C LEU C 351 -46.51 -21.53 -72.48
N ASP C 352 -45.64 -21.45 -71.48
CA ASP C 352 -44.28 -20.96 -71.72
C ASP C 352 -43.49 -22.09 -72.39
N GLU C 353 -42.88 -21.81 -73.54
CA GLU C 353 -42.20 -22.82 -74.34
C GLU C 353 -40.83 -23.10 -73.76
N LEU C 354 -40.29 -24.27 -74.06
CA LEU C 354 -38.97 -24.69 -73.59
C LEU C 354 -37.95 -24.51 -74.71
N GLU C 355 -36.67 -24.62 -74.37
CA GLU C 355 -35.62 -24.45 -75.35
C GLU C 355 -35.25 -25.76 -76.03
N SER C 356 -34.08 -25.75 -76.69
CA SER C 356 -33.70 -26.88 -77.53
C SER C 356 -32.53 -27.66 -76.93
N ALA C 357 -32.33 -27.56 -75.60
CA ALA C 357 -31.28 -28.23 -74.83
C ALA C 357 -29.89 -27.86 -75.37
N PRO C 358 -29.40 -26.65 -75.09
CA PRO C 358 -28.22 -26.14 -75.81
C PRO C 358 -26.92 -26.81 -75.39
N GLN C 359 -25.82 -26.26 -75.91
CA GLN C 359 -24.51 -26.86 -75.73
C GLN C 359 -24.07 -26.81 -74.27
N THR C 360 -23.69 -27.98 -73.76
CA THR C 360 -23.28 -28.15 -72.38
C THR C 360 -21.79 -28.46 -72.35
N THR C 361 -20.98 -27.45 -72.05
CA THR C 361 -19.53 -27.58 -72.07
C THR C 361 -19.03 -27.71 -70.64
N ARG C 362 -17.78 -28.13 -70.49
CA ARG C 362 -17.17 -28.13 -69.18
C ARG C 362 -16.29 -26.89 -69.04
N VAL C 363 -16.41 -26.20 -67.92
CA VAL C 363 -15.71 -24.94 -67.69
C VAL C 363 -15.21 -24.89 -66.25
N ARG C 364 -13.94 -24.53 -66.11
CA ARG C 364 -13.34 -24.34 -64.80
C ARG C 364 -13.92 -23.08 -64.16
N ALA C 365 -15.00 -23.27 -63.42
CA ALA C 365 -15.56 -22.24 -62.57
C ALA C 365 -15.43 -22.72 -61.14
N ASP C 366 -16.02 -21.99 -60.21
CA ASP C 366 -15.74 -22.21 -58.81
C ASP C 366 -17.06 -22.41 -58.07
N LEU C 367 -17.21 -23.58 -57.45
CA LEU C 367 -18.45 -23.99 -56.82
C LEU C 367 -18.29 -24.14 -55.32
N VAL C 368 -19.19 -23.54 -54.55
CA VAL C 368 -19.36 -23.82 -53.14
C VAL C 368 -20.83 -24.07 -52.88
N ALA C 369 -21.14 -24.52 -51.68
CA ALA C 369 -22.53 -24.71 -51.27
C ALA C 369 -22.76 -24.02 -49.94
N ILE C 370 -23.82 -23.22 -49.86
CA ILE C 370 -24.19 -22.52 -48.64
C ILE C 370 -25.55 -23.03 -48.20
N GLY C 371 -25.54 -24.03 -47.31
CA GLY C 371 -26.79 -24.58 -46.82
C GLY C 371 -27.49 -25.39 -47.89
N ASP C 372 -28.72 -24.99 -48.20
CA ASP C 372 -29.49 -25.63 -49.24
C ASP C 372 -29.10 -25.20 -50.63
N ARG C 373 -28.43 -24.06 -50.76
CA ARG C 373 -28.19 -23.43 -52.04
C ARG C 373 -26.73 -23.59 -52.44
N LEU C 374 -26.48 -23.55 -53.73
CA LEU C 374 -25.20 -23.86 -54.29
C LEU C 374 -24.80 -22.75 -55.24
N VAL C 375 -23.83 -21.94 -54.83
CA VAL C 375 -23.54 -20.64 -55.41
C VAL C 375 -22.14 -20.68 -55.98
N PHE C 376 -21.91 -19.93 -57.07
CA PHE C 376 -20.57 -19.67 -57.54
C PHE C 376 -19.79 -18.79 -56.57
N LEU C 377 -18.49 -18.73 -56.78
CA LEU C 377 -17.67 -17.64 -56.26
C LEU C 377 -16.96 -17.03 -57.46
N GLU C 378 -16.86 -15.72 -57.47
CA GLU C 378 -16.24 -15.00 -58.56
C GLU C 378 -15.51 -13.78 -58.04
N ALA C 379 -14.20 -13.73 -58.25
CA ALA C 379 -13.40 -12.54 -58.00
C ALA C 379 -12.77 -12.14 -59.32
N LEU C 380 -13.32 -11.11 -59.94
CA LEU C 380 -13.08 -10.82 -61.34
C LEU C 380 -12.01 -9.75 -61.50
N GLU C 381 -10.82 -10.00 -60.96
CA GLU C 381 -9.76 -9.01 -61.08
C GLU C 381 -8.71 -9.51 -62.04
N ARG C 382 -8.19 -10.70 -61.77
CA ARG C 382 -7.15 -11.25 -62.62
C ARG C 382 -7.74 -11.77 -63.92
N ARG C 383 -9.04 -12.06 -63.94
CA ARG C 383 -9.65 -12.53 -65.17
C ARG C 383 -9.95 -11.38 -66.13
N ILE C 384 -10.81 -10.46 -65.71
CA ILE C 384 -11.38 -9.54 -66.70
C ILE C 384 -10.89 -8.10 -66.51
N TYR C 385 -10.25 -7.81 -65.38
CA TYR C 385 -9.87 -6.44 -65.05
C TYR C 385 -8.40 -6.27 -64.77
N ALA C 386 -7.55 -7.12 -65.35
CA ALA C 386 -6.17 -7.19 -64.88
C ALA C 386 -5.37 -5.95 -65.31
N ALA C 387 -5.24 -5.74 -66.60
CA ALA C 387 -4.48 -4.61 -67.12
C ALA C 387 -5.38 -3.57 -67.74
N THR C 388 -6.68 -3.59 -67.43
CA THR C 388 -7.64 -2.87 -68.25
C THR C 388 -7.73 -1.41 -67.86
N ASN C 389 -7.22 -1.06 -66.68
CA ASN C 389 -7.21 0.27 -66.09
C ASN C 389 -8.60 0.85 -65.95
N VAL C 390 -9.56 0.06 -65.45
CA VAL C 390 -10.89 0.53 -65.09
C VAL C 390 -11.17 -0.03 -63.70
N PRO C 391 -11.67 0.78 -62.75
CA PRO C 391 -11.80 0.31 -61.37
C PRO C 391 -12.86 -0.76 -61.19
N TYR C 392 -12.62 -1.61 -60.21
CA TYR C 392 -13.52 -2.71 -59.91
C TYR C 392 -14.79 -2.14 -59.29
N PRO C 393 -15.98 -2.56 -59.73
CA PRO C 393 -17.18 -1.85 -59.28
C PRO C 393 -17.59 -2.20 -57.87
N LEU C 394 -17.07 -3.29 -57.30
CA LEU C 394 -17.45 -3.62 -55.93
C LEU C 394 -16.70 -2.78 -54.92
N VAL C 395 -15.43 -2.48 -55.18
CA VAL C 395 -14.70 -1.65 -54.24
C VAL C 395 -15.23 -0.21 -54.32
N GLY C 396 -16.07 0.13 -53.35
CA GLY C 396 -16.92 1.29 -53.44
C GLY C 396 -16.84 2.12 -52.19
N ALA C 397 -17.35 3.34 -52.30
CA ALA C 397 -17.21 4.37 -51.29
C ALA C 397 -18.43 4.37 -50.38
N MET C 398 -18.23 4.78 -49.14
CA MET C 398 -19.32 5.03 -48.21
C MET C 398 -19.11 6.39 -47.57
N ASP C 399 -19.98 7.35 -47.86
CA ASP C 399 -19.88 8.70 -47.31
C ASP C 399 -20.58 8.77 -45.97
N LEU C 400 -19.84 9.17 -44.95
CA LEU C 400 -20.37 9.42 -43.62
C LEU C 400 -20.26 10.90 -43.31
N THR C 401 -21.08 11.34 -42.38
CA THR C 401 -21.00 12.69 -41.84
C THR C 401 -20.99 12.58 -40.32
N PHE C 402 -19.95 13.13 -39.70
CA PHE C 402 -19.77 13.00 -38.27
C PHE C 402 -20.07 14.32 -37.57
N VAL C 403 -20.60 14.23 -36.35
CA VAL C 403 -21.00 15.37 -35.53
C VAL C 403 -20.04 15.48 -34.36
N LEU C 404 -19.52 16.67 -34.14
CA LEU C 404 -18.67 16.93 -33.00
C LEU C 404 -19.07 18.25 -32.35
N PRO C 405 -19.35 18.28 -31.06
CA PRO C 405 -19.74 19.54 -30.44
C PRO C 405 -18.59 20.31 -29.80
N LEU C 406 -18.46 21.58 -30.19
CA LEU C 406 -17.49 22.49 -29.59
C LEU C 406 -18.17 23.43 -28.61
N GLY C 407 -17.54 23.63 -27.45
CA GLY C 407 -17.96 24.66 -26.54
C GLY C 407 -19.26 24.39 -25.83
N LEU C 408 -19.83 23.20 -25.95
CA LEU C 408 -21.04 22.92 -25.21
C LEU C 408 -20.68 22.53 -23.79
N PHE C 409 -21.71 22.39 -22.96
CA PHE C 409 -21.56 22.42 -21.52
C PHE C 409 -22.43 21.34 -20.92
N ASN C 410 -21.96 20.72 -19.85
CA ASN C 410 -22.69 19.63 -19.24
C ASN C 410 -23.97 20.13 -18.59
N PRO C 411 -24.96 19.26 -18.45
CA PRO C 411 -26.11 19.61 -17.60
C PRO C 411 -25.69 19.72 -16.14
N ALA C 412 -26.57 20.32 -15.35
CA ALA C 412 -26.21 20.67 -13.97
C ALA C 412 -26.07 19.44 -13.09
N MET C 413 -26.71 18.34 -13.48
CA MET C 413 -26.68 17.14 -12.66
C MET C 413 -25.42 16.33 -12.92
N GLU C 414 -24.76 16.58 -14.06
CA GLU C 414 -23.76 15.65 -14.55
C GLU C 414 -22.35 16.22 -14.50
N ARG C 415 -21.98 16.92 -13.44
CA ARG C 415 -20.67 17.55 -13.36
C ARG C 415 -19.80 16.85 -12.33
N PHE C 416 -20.03 15.55 -12.13
CA PHE C 416 -19.36 14.82 -11.07
C PHE C 416 -17.93 14.48 -11.46
N ALA C 417 -17.14 14.03 -10.49
CA ALA C 417 -15.76 13.67 -10.80
C ALA C 417 -15.56 12.16 -10.88
N ALA C 418 -16.57 11.39 -10.45
CA ALA C 418 -16.66 9.91 -10.50
C ALA C 418 -15.66 9.18 -9.59
N HIS C 419 -14.74 9.92 -8.98
CA HIS C 419 -13.97 9.50 -7.82
C HIS C 419 -13.57 10.80 -7.15
N ALA C 420 -13.15 10.71 -5.89
CA ALA C 420 -12.74 11.90 -5.16
C ALA C 420 -11.52 12.55 -5.80
N GLY C 421 -10.41 11.84 -5.83
CA GLY C 421 -9.21 12.47 -6.33
C GLY C 421 -8.59 11.80 -7.52
N ASP C 422 -8.69 12.49 -8.66
CA ASP C 422 -8.08 12.10 -9.92
C ASP C 422 -8.08 13.33 -10.80
N LEU C 423 -7.10 13.39 -11.72
CA LEU C 423 -6.90 14.50 -12.66
C LEU C 423 -6.69 15.81 -11.91
N VAL C 424 -5.99 15.73 -10.78
CA VAL C 424 -5.74 16.88 -9.92
C VAL C 424 -4.44 17.52 -10.37
N PRO C 425 -4.35 18.85 -10.44
CA PRO C 425 -3.05 19.48 -10.72
C PRO C 425 -2.11 19.46 -9.53
N ALA C 426 -0.88 19.93 -9.75
CA ALA C 426 0.06 20.15 -8.67
C ALA C 426 -0.47 21.31 -7.81
N PRO C 427 -0.20 21.30 -6.49
CA PRO C 427 -1.08 22.04 -5.55
C PRO C 427 -1.16 23.54 -5.73
N GLY C 428 -0.18 24.14 -6.40
CA GLY C 428 -0.26 25.57 -6.64
C GLY C 428 -0.87 25.98 -7.95
N HIS C 429 -1.67 25.12 -8.57
CA HIS C 429 -2.09 25.39 -9.93
C HIS C 429 -3.62 25.46 -10.02
N PRO C 430 -4.14 26.34 -10.89
CA PRO C 430 -5.51 26.87 -10.67
C PRO C 430 -6.65 26.00 -11.19
N GLU C 431 -6.46 24.67 -11.38
CA GLU C 431 -7.52 23.69 -11.72
C GLU C 431 -8.16 24.01 -13.07
N PRO C 432 -7.51 23.74 -14.20
CA PRO C 432 -8.06 24.15 -15.50
C PRO C 432 -9.26 23.34 -15.98
N ARG C 433 -9.79 22.43 -15.17
CA ARG C 433 -10.82 21.51 -15.64
C ARG C 433 -12.21 22.01 -15.36
N ALA C 434 -12.38 22.87 -14.36
CA ALA C 434 -13.71 23.39 -14.03
C ALA C 434 -14.04 24.62 -14.86
N PHE C 435 -13.34 24.82 -15.97
CA PHE C 435 -13.59 25.94 -16.84
C PHE C 435 -14.39 25.45 -18.05
N PRO C 436 -15.07 26.33 -18.79
CA PRO C 436 -15.80 25.88 -19.97
C PRO C 436 -14.86 25.40 -21.05
N PRO C 437 -15.21 24.37 -21.79
CA PRO C 437 -14.30 23.88 -22.82
C PRO C 437 -14.37 24.70 -24.10
N ARG C 438 -13.22 24.90 -24.72
CA ARG C 438 -13.15 25.51 -26.03
C ARG C 438 -12.41 24.64 -27.02
N GLN C 439 -12.05 23.42 -26.62
CA GLN C 439 -11.26 22.52 -27.44
C GLN C 439 -11.91 21.16 -27.45
N LEU C 440 -11.83 20.49 -28.60
CA LEU C 440 -12.27 19.12 -28.73
C LEU C 440 -11.17 18.32 -29.42
N PHE C 441 -10.96 17.10 -28.98
CA PHE C 441 -9.81 16.29 -29.37
C PHE C 441 -10.31 14.95 -29.89
N PHE C 442 -9.69 14.46 -30.96
CA PHE C 442 -10.13 13.25 -31.65
C PHE C 442 -8.98 12.72 -32.49
N TRP C 443 -9.10 11.49 -32.96
CA TRP C 443 -8.04 10.93 -33.79
C TRP C 443 -8.26 11.23 -35.28
N GLY C 444 -7.15 11.45 -36.00
CA GLY C 444 -7.18 11.55 -37.44
C GLY C 444 -6.90 10.21 -38.10
N LYS C 445 -6.44 10.28 -39.36
CA LYS C 445 -6.21 9.04 -40.11
C LYS C 445 -4.82 8.49 -39.83
N ASP C 446 -4.55 8.25 -38.56
CA ASP C 446 -3.37 7.59 -37.98
C ASP C 446 -3.69 7.34 -36.52
N HIS C 447 -2.67 7.10 -35.71
CA HIS C 447 -2.85 7.29 -34.27
C HIS C 447 -2.65 8.76 -33.89
N GLN C 448 -2.64 9.67 -34.87
CA GLN C 448 -2.54 11.11 -34.66
C GLN C 448 -3.68 11.65 -33.82
N VAL C 449 -3.36 12.51 -32.84
CA VAL C 449 -4.39 13.22 -32.10
C VAL C 449 -4.48 14.67 -32.61
N LEU C 450 -5.71 15.19 -32.67
CA LEU C 450 -5.97 16.47 -33.33
C LEU C 450 -6.81 17.37 -32.43
N ARG C 451 -6.92 18.64 -32.81
CA ARG C 451 -7.50 19.66 -31.94
C ARG C 451 -8.41 20.58 -32.75
N LEU C 452 -9.69 20.65 -32.37
CA LEU C 452 -10.63 21.49 -33.12
C LEU C 452 -10.45 22.97 -32.81
N SER C 453 -10.34 23.33 -31.53
CA SER C 453 -9.86 24.64 -31.08
C SER C 453 -10.71 25.82 -31.54
N MET C 454 -11.81 26.14 -30.83
CA MET C 454 -12.82 27.15 -31.20
C MET C 454 -12.27 28.46 -31.74
N GLU C 455 -11.00 28.79 -31.46
CA GLU C 455 -10.24 29.74 -32.25
C GLU C 455 -10.26 29.45 -33.75
N ASN C 456 -10.42 28.18 -34.17
CA ASN C 456 -10.46 27.84 -35.57
C ASN C 456 -11.79 28.24 -36.20
N ALA C 457 -12.77 28.61 -35.38
CA ALA C 457 -14.10 28.93 -35.86
C ALA C 457 -14.27 30.38 -36.24
N VAL C 458 -13.17 31.03 -36.62
CA VAL C 458 -13.24 32.43 -37.01
C VAL C 458 -13.63 32.54 -38.49
N GLY C 459 -13.36 31.49 -39.26
CA GLY C 459 -13.58 31.56 -40.70
C GLY C 459 -15.04 31.38 -41.08
N THR C 460 -15.81 30.73 -40.20
CA THR C 460 -17.23 30.54 -40.44
C THR C 460 -18.03 31.73 -39.94
N VAL C 461 -17.69 32.24 -38.76
CA VAL C 461 -18.57 33.14 -38.03
C VAL C 461 -18.31 34.59 -38.41
N CYS C 462 -17.04 34.96 -38.59
CA CYS C 462 -16.72 36.37 -38.77
C CYS C 462 -16.90 36.82 -40.22
N HIS C 463 -17.46 35.97 -41.07
CA HIS C 463 -17.98 36.45 -42.34
C HIS C 463 -19.17 37.36 -42.06
N PRO C 464 -19.39 38.39 -42.88
CA PRO C 464 -20.55 39.28 -42.67
C PRO C 464 -21.88 38.72 -43.14
N SER C 465 -22.15 37.47 -42.80
CA SER C 465 -23.46 36.86 -42.89
C SER C 465 -24.12 36.70 -41.55
N LEU C 466 -23.35 36.80 -40.47
CA LEU C 466 -23.89 36.70 -39.12
C LEU C 466 -24.79 37.89 -38.81
N MET C 467 -24.45 39.07 -39.32
CA MET C 467 -25.29 40.23 -39.05
C MET C 467 -26.42 40.34 -40.05
N ASN C 468 -26.31 39.67 -41.18
CA ASN C 468 -27.28 39.84 -42.26
C ASN C 468 -28.50 38.98 -42.01
N ILE C 469 -29.57 39.59 -41.55
CA ILE C 469 -30.88 38.97 -41.63
C ILE C 469 -31.80 39.91 -42.38
N ASP C 470 -31.95 39.68 -43.68
CA ASP C 470 -32.83 40.50 -44.48
C ASP C 470 -34.01 39.70 -45.00
N ALA C 471 -33.75 38.47 -45.42
CA ALA C 471 -34.82 37.61 -45.91
C ALA C 471 -35.47 36.85 -44.76
N ALA C 472 -34.92 36.99 -43.55
CA ALA C 472 -35.57 36.38 -42.39
C ALA C 472 -36.69 37.26 -41.86
N VAL C 473 -36.38 38.51 -41.51
CA VAL C 473 -37.36 39.36 -40.86
C VAL C 473 -38.37 39.88 -41.88
N GLY C 474 -38.03 39.77 -43.17
CA GLY C 474 -39.04 39.99 -44.20
C GLY C 474 -39.76 38.70 -44.56
N GLY C 475 -39.14 37.57 -44.24
CA GLY C 475 -39.75 36.30 -44.59
C GLY C 475 -40.66 35.76 -43.50
N VAL C 476 -40.33 36.04 -42.24
CA VAL C 476 -41.08 35.49 -41.11
C VAL C 476 -42.34 36.29 -40.86
N ASN C 477 -42.46 37.46 -41.51
CA ASN C 477 -43.56 38.37 -41.22
C ASN C 477 -44.82 38.03 -42.03
N HIS C 478 -44.93 36.80 -42.55
CA HIS C 478 -46.16 36.36 -43.17
C HIS C 478 -47.21 36.04 -42.10
N ASP C 479 -48.45 36.39 -42.39
CA ASP C 479 -49.59 36.27 -41.48
C ASP C 479 -49.32 36.91 -40.11
N PRO C 480 -49.29 38.23 -40.03
CA PRO C 480 -48.78 38.88 -38.81
C PRO C 480 -49.75 38.79 -37.65
N VAL C 481 -49.20 38.59 -36.46
CA VAL C 481 -49.99 38.38 -35.26
C VAL C 481 -50.59 39.72 -34.82
N GLU C 482 -51.71 39.64 -34.10
CA GLU C 482 -52.18 40.79 -33.34
C GLU C 482 -51.15 41.15 -32.28
N ALA C 483 -51.07 42.44 -31.98
CA ALA C 483 -49.94 42.96 -31.20
C ALA C 483 -50.03 42.49 -29.75
N ALA C 484 -49.10 41.61 -29.39
CA ALA C 484 -48.92 41.20 -28.00
C ALA C 484 -48.41 42.36 -27.16
N ASN C 485 -48.41 42.15 -25.85
CA ASN C 485 -48.21 43.22 -24.86
C ASN C 485 -46.87 43.92 -25.04
N PRO C 486 -46.86 45.18 -25.49
CA PRO C 486 -45.59 45.88 -25.63
C PRO C 486 -45.11 46.38 -24.28
N TYR C 487 -43.88 46.08 -23.90
CA TYR C 487 -43.32 46.82 -22.79
C TYR C 487 -41.96 47.41 -23.13
N GLY C 488 -41.08 46.58 -23.66
CA GLY C 488 -39.79 46.98 -24.18
C GLY C 488 -39.74 46.97 -25.67
N ALA C 489 -40.85 46.62 -26.31
CA ALA C 489 -40.92 46.70 -27.76
C ALA C 489 -41.23 48.12 -28.21
N TYR C 490 -41.63 48.99 -27.29
CA TYR C 490 -41.99 50.36 -27.62
C TYR C 490 -41.31 51.34 -26.68
N VAL C 491 -40.78 52.41 -27.26
CA VAL C 491 -40.17 53.48 -26.48
C VAL C 491 -41.05 54.72 -26.53
N ALA C 492 -41.33 55.30 -25.37
CA ALA C 492 -42.12 56.52 -25.27
C ALA C 492 -41.19 57.73 -25.28
N ALA C 493 -41.79 58.92 -25.24
CA ALA C 493 -40.97 60.13 -25.30
C ALA C 493 -41.14 60.93 -24.00
N PRO C 494 -40.07 61.54 -23.49
CA PRO C 494 -40.20 62.43 -22.34
C PRO C 494 -40.86 63.74 -22.73
N ALA C 495 -41.93 64.10 -22.02
CA ALA C 495 -42.70 65.30 -22.30
C ALA C 495 -42.89 66.09 -21.01
N GLY C 496 -42.64 67.40 -21.08
CA GLY C 496 -42.82 68.27 -19.95
C GLY C 496 -41.75 68.09 -18.89
N PRO C 497 -42.13 68.16 -17.61
CA PRO C 497 -41.17 67.89 -16.54
C PRO C 497 -40.82 66.41 -16.46
N GLY C 498 -39.67 66.11 -15.85
CA GLY C 498 -39.13 64.76 -15.94
C GLY C 498 -39.53 63.86 -14.79
N ALA C 499 -39.70 64.44 -13.60
CA ALA C 499 -39.86 63.64 -12.39
C ALA C 499 -41.23 62.96 -12.33
N ASP C 500 -42.26 63.60 -12.87
CA ASP C 500 -43.61 63.06 -12.88
C ASP C 500 -43.90 62.16 -14.08
N MET C 501 -42.87 61.65 -14.74
CA MET C 501 -43.07 60.87 -15.96
C MET C 501 -43.51 59.46 -15.64
N GLN C 502 -43.03 58.91 -14.52
CA GLN C 502 -43.52 57.60 -14.09
C GLN C 502 -44.91 57.71 -13.51
N GLN C 503 -45.25 58.89 -12.97
CA GLN C 503 -46.64 59.18 -12.61
C GLN C 503 -47.55 59.15 -13.83
N ARG C 504 -47.01 59.53 -14.99
CA ARG C 504 -47.72 59.37 -16.25
C ARG C 504 -47.65 57.93 -16.74
N PHE C 505 -46.63 57.19 -16.32
CA PHE C 505 -46.39 55.83 -16.83
C PHE C 505 -47.29 54.80 -16.14
N LEU C 506 -47.54 54.97 -14.85
CA LEU C 506 -48.35 53.99 -14.13
C LEU C 506 -49.84 54.16 -14.44
N ASN C 507 -50.24 55.37 -14.83
CA ASN C 507 -51.66 55.64 -15.05
C ASN C 507 -52.05 55.55 -16.53
N ALA C 508 -51.05 55.47 -17.43
CA ALA C 508 -51.36 55.22 -18.83
C ALA C 508 -51.09 53.77 -19.21
N TRP C 509 -49.99 53.20 -18.74
CA TRP C 509 -49.68 51.79 -18.88
C TRP C 509 -50.17 51.07 -17.63
N ARG C 510 -51.48 50.91 -17.51
CA ARG C 510 -52.03 50.17 -16.37
C ARG C 510 -52.96 49.08 -16.86
N GLN C 511 -53.64 49.32 -17.97
CA GLN C 511 -54.53 48.30 -18.51
C GLN C 511 -53.74 47.22 -19.21
N ARG C 512 -52.99 47.58 -20.25
CA ARG C 512 -52.28 46.57 -21.02
C ARG C 512 -51.05 46.07 -20.28
N LEU C 513 -50.59 46.83 -19.28
CA LEU C 513 -49.45 46.38 -18.49
C LEU C 513 -49.89 45.30 -17.51
N ALA C 514 -51.09 45.41 -16.95
CA ALA C 514 -51.55 44.41 -16.00
C ALA C 514 -52.20 43.22 -16.72
N HIS C 515 -52.82 43.46 -17.87
CA HIS C 515 -53.59 42.40 -18.51
C HIS C 515 -52.71 41.39 -19.21
N GLY C 516 -51.66 41.86 -19.88
CA GLY C 516 -50.80 41.00 -20.68
C GLY C 516 -49.62 40.51 -19.86
N ARG C 517 -49.25 39.25 -20.10
CA ARG C 517 -48.04 38.72 -19.51
C ARG C 517 -46.83 39.07 -20.38
N VAL C 518 -45.76 39.54 -19.73
CA VAL C 518 -44.59 39.97 -20.47
C VAL C 518 -43.77 38.76 -20.88
N ARG C 519 -42.80 38.98 -21.76
CA ARG C 519 -42.01 37.88 -22.30
C ARG C 519 -40.74 37.63 -21.51
N TRP C 520 -40.31 38.58 -20.67
CA TRP C 520 -39.07 38.42 -19.91
C TRP C 520 -39.24 37.61 -18.64
N VAL C 521 -40.29 36.82 -18.52
CA VAL C 521 -40.35 35.87 -17.42
C VAL C 521 -39.89 34.50 -17.90
N ALA C 522 -39.33 34.45 -19.10
CA ALA C 522 -38.74 33.23 -19.65
C ALA C 522 -37.45 32.84 -18.93
N GLU C 523 -36.97 33.70 -18.02
CA GLU C 523 -35.89 33.36 -17.11
C GLU C 523 -36.29 32.22 -16.20
N CYS C 524 -37.59 32.13 -15.88
CA CYS C 524 -38.09 31.02 -15.07
C CYS C 524 -37.99 29.70 -15.82
N GLN C 525 -38.11 29.73 -17.14
CA GLN C 525 -37.94 28.50 -17.92
C GLN C 525 -36.49 28.09 -17.93
N MET C 526 -36.24 26.82 -17.62
CA MET C 526 -34.89 26.31 -17.47
C MET C 526 -34.42 25.65 -18.76
N THR C 527 -33.29 24.97 -18.64
CA THR C 527 -32.77 24.16 -19.74
C THR C 527 -33.74 23.03 -20.06
N ALA C 528 -34.12 22.95 -21.34
CA ALA C 528 -35.09 22.02 -21.94
C ALA C 528 -36.52 22.25 -21.47
N GLU C 529 -36.75 23.27 -20.64
CA GLU C 529 -38.10 23.77 -20.48
C GLU C 529 -38.41 24.78 -21.58
N GLN C 530 -37.37 25.40 -22.14
CA GLN C 530 -37.59 26.26 -23.30
C GLN C 530 -37.51 25.46 -24.60
N PHE C 531 -36.74 24.39 -24.62
CA PHE C 531 -36.63 23.61 -25.85
C PHE C 531 -37.85 22.74 -26.12
N MET C 532 -38.86 22.74 -25.26
CA MET C 532 -40.08 22.00 -25.53
C MET C 532 -41.23 22.97 -25.83
N GLN C 533 -42.07 22.57 -26.78
CA GLN C 533 -43.18 23.42 -27.23
C GLN C 533 -44.21 23.81 -26.18
N PRO C 534 -44.62 22.98 -25.20
CA PRO C 534 -45.57 23.48 -24.19
C PRO C 534 -45.05 24.60 -23.31
N ASP C 535 -45.96 25.52 -23.00
CA ASP C 535 -45.81 26.81 -22.31
C ASP C 535 -44.87 27.76 -23.05
N ASN C 536 -44.51 27.46 -24.29
CA ASN C 536 -43.42 28.12 -24.97
C ASN C 536 -43.82 28.39 -26.43
N ALA C 537 -44.96 29.06 -26.60
CA ALA C 537 -45.33 29.53 -27.93
C ALA C 537 -44.36 30.59 -28.46
N ASN C 538 -43.55 31.18 -27.58
CA ASN C 538 -42.54 32.14 -27.97
C ASN C 538 -41.24 31.50 -28.44
N LEU C 539 -41.20 30.17 -28.56
CA LEU C 539 -39.98 29.50 -29.05
C LEU C 539 -39.80 29.74 -30.54
N ALA C 540 -40.90 29.91 -31.26
CA ALA C 540 -40.83 30.05 -32.71
C ALA C 540 -40.28 31.40 -33.12
N LEU C 541 -40.18 32.34 -32.19
CA LEU C 541 -39.60 33.64 -32.52
C LEU C 541 -38.20 33.79 -31.94
N GLU C 542 -37.53 32.66 -31.70
CA GLU C 542 -36.11 32.64 -31.35
C GLU C 542 -35.35 32.14 -32.58
N LEU C 543 -34.85 33.06 -33.39
CA LEU C 543 -34.28 32.69 -34.68
C LEU C 543 -32.79 32.84 -34.78
N HIS C 544 -32.20 33.93 -34.26
CA HIS C 544 -30.83 34.25 -34.58
C HIS C 544 -30.07 34.45 -33.28
N PRO C 545 -28.80 34.07 -33.19
CA PRO C 545 -28.07 34.29 -31.95
C PRO C 545 -27.73 35.75 -31.72
N ALA C 546 -27.76 36.56 -32.78
CA ALA C 546 -27.28 37.92 -32.67
C ALA C 546 -28.41 38.93 -32.72
N PHE C 547 -29.66 38.46 -32.75
CA PHE C 547 -30.80 39.34 -32.92
C PHE C 547 -31.96 38.94 -32.02
N ASP C 548 -32.72 39.94 -31.58
CA ASP C 548 -33.87 39.74 -30.72
C ASP C 548 -35.13 39.86 -31.55
N PHE C 549 -35.76 38.74 -31.85
CA PHE C 549 -36.99 38.72 -32.63
C PHE C 549 -38.19 38.78 -31.69
N PHE C 550 -38.85 39.92 -31.67
CA PHE C 550 -39.97 40.16 -30.78
C PHE C 550 -41.17 40.64 -31.56
N ALA C 551 -42.35 40.49 -30.96
CA ALA C 551 -43.54 41.13 -31.50
C ALA C 551 -43.63 42.57 -31.02
N GLY C 552 -44.03 43.46 -31.93
CA GLY C 552 -44.20 44.85 -31.60
C GLY C 552 -44.95 45.56 -32.70
N VAL C 553 -45.17 46.85 -32.49
CA VAL C 553 -45.90 47.69 -33.44
C VAL C 553 -44.85 48.27 -34.41
N ALA C 554 -45.24 48.41 -35.69
CA ALA C 554 -44.22 48.71 -36.70
C ALA C 554 -44.48 50.05 -37.40
N ASP C 555 -45.73 50.31 -37.81
CA ASP C 555 -46.01 51.55 -38.55
C ASP C 555 -45.90 52.77 -37.65
N VAL C 556 -46.07 52.58 -36.34
CA VAL C 556 -45.72 53.62 -35.38
C VAL C 556 -44.20 53.73 -35.33
N GLU C 557 -43.70 54.97 -35.30
CA GLU C 557 -42.27 55.21 -35.33
C GLU C 557 -41.59 54.72 -34.05
N LEU C 558 -40.32 54.32 -34.19
CA LEU C 558 -39.57 53.85 -33.04
C LEU C 558 -39.17 54.97 -32.07
N PRO C 559 -38.88 56.24 -32.52
CA PRO C 559 -38.93 57.34 -31.55
C PRO C 559 -40.27 58.07 -31.54
N GLY C 560 -40.72 58.48 -30.36
CA GLY C 560 -41.84 59.39 -30.23
C GLY C 560 -43.11 58.71 -29.78
N GLY C 561 -43.99 59.49 -29.15
CA GLY C 561 -45.31 59.02 -28.77
C GLY C 561 -45.34 58.36 -27.41
N GLU C 562 -46.16 58.89 -26.49
CA GLU C 562 -46.17 58.37 -25.13
C GLU C 562 -46.92 57.03 -25.05
N VAL C 563 -47.92 56.84 -25.90
CA VAL C 563 -48.69 55.61 -25.94
C VAL C 563 -48.85 55.25 -27.42
N PRO C 564 -48.52 54.02 -27.83
CA PRO C 564 -48.67 53.66 -29.25
C PRO C 564 -50.12 53.48 -29.63
N PRO C 565 -50.55 54.00 -30.78
CA PRO C 565 -51.88 53.67 -31.28
C PRO C 565 -51.93 52.21 -31.71
N ALA C 566 -53.02 51.54 -31.32
CA ALA C 566 -53.10 50.09 -31.41
C ALA C 566 -53.21 49.62 -32.86
N GLY C 567 -52.46 48.56 -33.19
CA GLY C 567 -52.48 47.99 -34.51
C GLY C 567 -52.04 46.55 -34.51
N PRO C 568 -51.84 45.97 -35.70
CA PRO C 568 -51.34 44.59 -35.77
C PRO C 568 -49.85 44.55 -35.48
N GLY C 569 -49.45 43.54 -34.71
CA GLY C 569 -48.05 43.41 -34.36
C GLY C 569 -47.25 42.79 -35.48
N ALA C 570 -46.30 43.55 -36.00
CA ALA C 570 -45.39 43.07 -37.01
C ALA C 570 -44.05 42.77 -36.35
N ILE C 571 -43.51 41.59 -36.65
CA ILE C 571 -42.28 41.14 -36.02
C ILE C 571 -41.10 41.97 -36.48
N GLN C 572 -40.36 42.53 -35.53
CA GLN C 572 -39.22 43.35 -35.83
C GLN C 572 -38.08 42.98 -34.89
N ALA C 573 -36.87 43.02 -35.44
CA ALA C 573 -35.68 42.55 -34.75
C ALA C 573 -34.78 43.72 -34.41
N THR C 574 -34.05 43.59 -33.31
CA THR C 574 -33.03 44.54 -32.94
C THR C 574 -31.75 43.79 -32.66
N TRP C 575 -30.63 44.50 -32.63
CA TRP C 575 -29.35 43.83 -32.50
C TRP C 575 -29.01 43.57 -31.04
N ARG C 576 -28.64 42.33 -30.77
CA ARG C 576 -28.12 41.91 -29.47
C ARG C 576 -26.72 42.49 -29.35
N VAL C 577 -26.54 43.41 -28.40
CA VAL C 577 -25.32 44.22 -28.38
C VAL C 577 -24.14 43.41 -27.87
N VAL C 578 -24.20 42.95 -26.63
CA VAL C 578 -23.15 42.08 -26.10
C VAL C 578 -23.72 40.69 -25.90
N ASN C 579 -22.86 39.75 -25.50
CA ASN C 579 -23.11 38.35 -25.83
C ASN C 579 -24.25 37.73 -25.04
N GLY C 580 -24.59 38.30 -23.88
CA GLY C 580 -25.44 37.56 -22.97
C GLY C 580 -26.93 37.72 -23.21
N ASN C 581 -27.35 38.27 -24.35
CA ASN C 581 -28.78 38.40 -24.64
C ASN C 581 -29.45 37.05 -24.83
N LEU C 582 -28.66 36.03 -25.11
CA LEU C 582 -29.01 34.65 -24.88
C LEU C 582 -29.54 34.51 -23.44
N PRO C 583 -30.79 34.12 -23.27
CA PRO C 583 -31.35 34.04 -21.92
C PRO C 583 -30.80 32.84 -21.18
N LEU C 584 -31.19 32.72 -19.91
CA LEU C 584 -30.51 31.77 -19.04
C LEU C 584 -31.02 30.36 -19.20
N ALA C 585 -31.82 30.10 -20.23
CA ALA C 585 -32.14 28.72 -20.58
C ALA C 585 -31.35 28.27 -21.80
N LEU C 586 -30.78 29.21 -22.55
CA LEU C 586 -29.89 28.86 -23.64
C LEU C 586 -28.44 29.02 -23.23
N CYS C 587 -28.16 29.95 -22.33
CA CYS C 587 -26.83 30.21 -21.81
C CYS C 587 -26.96 30.37 -20.31
N PRO C 588 -26.86 29.29 -19.54
CA PRO C 588 -27.43 29.30 -18.18
C PRO C 588 -26.52 29.95 -17.16
N VAL C 589 -27.13 30.30 -16.03
CA VAL C 589 -26.45 31.10 -15.02
C VAL C 589 -25.37 30.28 -14.31
N ALA C 590 -25.56 28.96 -14.22
CA ALA C 590 -24.52 28.11 -13.63
C ALA C 590 -23.33 27.99 -14.57
N PHE C 591 -23.59 28.01 -15.88
CA PHE C 591 -22.52 28.11 -16.85
C PHE C 591 -21.90 29.50 -16.84
N ARG C 592 -22.72 30.54 -16.68
CA ARG C 592 -22.25 31.89 -16.92
C ARG C 592 -21.32 32.34 -15.81
N ASP C 593 -21.39 31.69 -14.66
CA ASP C 593 -20.39 31.97 -13.63
C ASP C 593 -19.20 31.03 -13.76
N ALA C 594 -19.34 29.94 -14.51
CA ALA C 594 -18.19 29.08 -14.74
C ALA C 594 -17.19 29.72 -15.68
N ARG C 595 -17.67 30.60 -16.57
CA ARG C 595 -16.75 31.32 -17.43
C ARG C 595 -16.16 32.52 -16.71
N GLY C 596 -16.68 32.84 -15.53
CA GLY C 596 -16.09 33.90 -14.74
C GLY C 596 -14.88 33.45 -13.94
N LEU C 597 -14.94 32.25 -13.36
CA LEU C 597 -13.79 31.73 -12.64
C LEU C 597 -12.67 31.33 -13.59
N GLU C 598 -13.00 31.14 -14.88
CA GLU C 598 -11.96 31.00 -15.89
C GLU C 598 -11.11 32.26 -15.98
N LEU C 599 -11.72 33.41 -15.76
CA LEU C 599 -10.94 34.64 -15.79
C LEU C 599 -10.29 34.90 -14.44
N GLY C 600 -10.96 34.50 -13.35
CA GLY C 600 -10.66 35.08 -12.05
C GLY C 600 -9.41 34.56 -11.39
N VAL C 601 -8.70 33.63 -12.04
CA VAL C 601 -7.44 33.18 -11.48
C VAL C 601 -6.32 34.12 -11.90
N GLY C 602 -5.31 34.23 -11.06
CA GLY C 602 -4.11 34.99 -11.35
C GLY C 602 -4.28 36.48 -11.41
N ARG C 603 -5.42 37.01 -10.99
CA ARG C 603 -5.71 38.43 -11.12
C ARG C 603 -6.41 38.93 -9.88
N HIS C 604 -6.78 40.21 -9.91
CA HIS C 604 -7.20 40.91 -8.70
C HIS C 604 -8.56 40.43 -8.23
N ALA C 605 -8.71 40.31 -6.92
CA ALA C 605 -9.97 39.96 -6.28
C ALA C 605 -9.96 40.56 -4.88
N MET C 606 -11.11 41.02 -4.43
CA MET C 606 -11.18 41.77 -3.19
C MET C 606 -11.04 40.85 -1.98
N ALA C 607 -10.52 41.43 -0.89
CA ALA C 607 -10.45 40.72 0.37
C ALA C 607 -11.86 40.56 0.94
N PRO C 608 -12.11 39.55 1.78
CA PRO C 608 -13.47 39.40 2.34
C PRO C 608 -13.80 40.44 3.41
N ALA C 609 -12.83 41.23 3.84
CA ALA C 609 -13.13 42.35 4.73
C ALA C 609 -13.90 43.43 3.99
N THR C 610 -13.44 43.80 2.80
CA THR C 610 -14.10 44.88 2.08
C THR C 610 -15.39 44.41 1.41
N ILE C 611 -15.62 43.10 1.38
CA ILE C 611 -16.86 42.59 0.79
C ILE C 611 -18.05 42.91 1.68
N ALA C 612 -18.02 42.43 2.92
CA ALA C 612 -19.18 42.60 3.80
C ALA C 612 -19.27 44.02 4.32
N ALA C 613 -18.17 44.76 4.24
CA ALA C 613 -18.22 46.18 4.54
C ALA C 613 -19.05 46.92 3.51
N VAL C 614 -18.71 46.73 2.23
CA VAL C 614 -19.44 47.39 1.16
C VAL C 614 -20.85 46.84 1.04
N ARG C 615 -20.99 45.51 1.04
CA ARG C 615 -22.31 44.90 0.87
C ARG C 615 -23.20 45.18 2.07
N GLY C 616 -22.59 45.40 3.24
CA GLY C 616 -23.37 45.81 4.39
C GLY C 616 -23.99 47.18 4.22
N ALA C 617 -23.35 48.04 3.44
CA ALA C 617 -23.89 49.38 3.24
C ALA C 617 -25.04 49.37 2.24
N PHE C 618 -25.00 48.47 1.26
CA PHE C 618 -26.08 48.36 0.29
C PHE C 618 -27.34 47.82 0.92
N GLU C 619 -27.19 47.00 1.95
CA GLU C 619 -28.36 46.45 2.62
C GLU C 619 -28.57 47.13 3.97
N ASP C 620 -27.90 48.27 4.16
CA ASP C 620 -28.05 49.04 5.39
C ASP C 620 -29.38 49.77 5.39
N ARG C 621 -30.39 49.13 5.98
CA ARG C 621 -31.70 49.72 6.24
C ARG C 621 -31.63 51.02 7.01
N SER C 622 -30.65 51.16 7.89
CA SER C 622 -30.46 52.36 8.70
C SER C 622 -29.57 53.38 8.02
N TYR C 623 -29.52 53.40 6.70
CA TYR C 623 -28.61 54.30 6.00
C TYR C 623 -29.09 55.74 6.15
N PRO C 624 -28.24 56.65 6.62
CA PRO C 624 -28.65 58.03 6.83
C PRO C 624 -28.89 58.76 5.52
N ALA C 625 -29.90 59.62 5.53
CA ALA C 625 -30.32 60.30 4.30
C ALA C 625 -29.45 61.51 3.99
N VAL C 626 -28.59 61.91 4.94
CA VAL C 626 -27.68 63.02 4.71
C VAL C 626 -26.64 62.67 3.66
N PHE C 627 -26.39 61.39 3.44
CA PHE C 627 -25.32 60.99 2.54
C PHE C 627 -25.82 60.98 1.11
N TYR C 628 -27.14 60.99 0.92
CA TYR C 628 -27.70 61.35 -0.37
C TYR C 628 -27.74 62.85 -0.51
N LEU C 629 -27.81 63.56 0.61
CA LEU C 629 -27.78 65.02 0.56
C LEU C 629 -26.38 65.52 0.27
N LEU C 630 -25.38 64.97 0.95
CA LEU C 630 -24.01 65.42 0.72
C LEU C 630 -23.51 65.01 -0.66
N GLN C 631 -23.97 63.86 -1.15
CA GLN C 631 -23.67 63.47 -2.53
C GLN C 631 -24.31 64.45 -3.50
N ALA C 632 -25.53 64.88 -3.20
CA ALA C 632 -26.15 65.95 -3.98
C ALA C 632 -25.43 67.28 -3.75
N ALA C 633 -24.78 67.45 -2.60
CA ALA C 633 -24.05 68.68 -2.33
C ALA C 633 -22.72 68.70 -3.06
N ILE C 634 -22.00 67.58 -3.08
CA ILE C 634 -20.74 67.51 -3.79
C ILE C 634 -20.97 67.37 -5.28
N HIS C 635 -22.06 66.68 -5.65
CA HIS C 635 -22.56 66.48 -7.04
C HIS C 635 -21.48 66.07 -8.02
N GLY C 636 -20.58 65.20 -7.56
CA GLY C 636 -19.54 64.69 -8.44
C GLY C 636 -18.54 65.74 -8.85
N ASN C 637 -18.26 66.71 -8.00
CA ASN C 637 -17.32 67.77 -8.30
C ASN C 637 -16.07 67.59 -7.49
N GLU C 638 -14.92 67.75 -8.14
CA GLU C 638 -13.64 67.65 -7.46
C GLU C 638 -13.44 68.81 -6.49
N HIS C 639 -13.95 69.99 -6.85
CA HIS C 639 -13.74 71.19 -6.04
C HIS C 639 -14.53 71.12 -4.74
N VAL C 640 -15.81 70.73 -4.82
CA VAL C 640 -16.69 70.79 -3.66
C VAL C 640 -16.36 69.64 -2.70
N PHE C 641 -15.58 68.66 -3.18
CA PHE C 641 -15.09 67.61 -2.31
C PHE C 641 -14.13 68.15 -1.26
N CYS C 642 -13.02 68.75 -1.70
CA CYS C 642 -11.98 69.18 -0.76
C CYS C 642 -12.42 70.37 0.07
N ALA C 643 -13.44 71.09 -0.37
CA ALA C 643 -14.05 72.10 0.47
C ALA C 643 -14.77 71.47 1.64
N LEU C 644 -15.49 70.37 1.39
CA LEU C 644 -16.18 69.64 2.44
C LEU C 644 -15.33 68.55 3.07
N ALA C 645 -14.00 68.66 2.94
CA ALA C 645 -13.12 67.59 3.36
C ALA C 645 -13.10 67.45 4.88
N ARG C 646 -13.32 68.54 5.61
CA ARG C 646 -13.48 68.40 7.05
C ARG C 646 -14.84 67.79 7.37
N LEU C 647 -15.87 68.12 6.58
CA LEU C 647 -17.18 67.56 6.82
C LEU C 647 -17.24 66.09 6.42
N VAL C 648 -16.62 65.73 5.30
CA VAL C 648 -16.76 64.39 4.76
C VAL C 648 -15.99 63.37 5.60
N THR C 649 -14.76 63.71 6.02
CA THR C 649 -13.97 62.78 6.81
C THR C 649 -14.61 62.49 8.17
N GLN C 650 -15.30 63.46 8.75
CA GLN C 650 -16.02 63.18 9.98
C GLN C 650 -17.33 62.46 9.70
N CYS C 651 -17.84 62.57 8.47
CA CYS C 651 -19.01 61.77 8.11
C CYS C 651 -18.62 60.32 7.82
N ILE C 652 -17.42 60.11 7.28
CA ILE C 652 -16.95 58.76 7.00
C ILE C 652 -16.58 58.05 8.30
N THR C 653 -15.76 58.70 9.13
CA THR C 653 -15.14 58.02 10.25
C THR C 653 -16.15 57.73 11.35
N SER C 654 -17.06 58.66 11.61
CA SER C 654 -18.07 58.45 12.63
C SER C 654 -19.04 57.36 12.21
N TYR C 655 -19.44 57.35 10.93
CA TYR C 655 -20.25 56.25 10.44
C TYR C 655 -19.49 54.93 10.48
N TRP C 656 -18.19 54.96 10.19
CA TRP C 656 -17.37 53.77 10.30
C TRP C 656 -17.24 53.34 11.74
N ASN C 657 -17.14 54.30 12.66
CA ASN C 657 -17.07 53.95 14.07
C ASN C 657 -18.43 53.50 14.58
N ASN C 658 -19.50 54.04 13.99
CA ASN C 658 -20.83 53.50 14.30
C ASN C 658 -21.00 52.10 13.75
N THR C 659 -21.01 51.96 12.44
CA THR C 659 -21.24 50.67 11.80
C THR C 659 -20.03 50.32 10.96
N ARG C 660 -19.75 49.03 10.83
CA ARG C 660 -18.62 48.59 10.01
C ARG C 660 -19.02 48.61 8.54
N CYS C 661 -19.20 49.82 8.01
CA CYS C 661 -19.63 50.02 6.63
C CYS C 661 -19.04 51.32 6.14
N ALA C 662 -18.77 51.38 4.84
CA ALA C 662 -18.34 52.61 4.18
C ALA C 662 -19.51 53.08 3.34
N ALA C 663 -19.86 54.36 3.47
CA ALA C 663 -21.20 54.79 3.14
C ALA C 663 -21.32 55.38 1.74
N PHE C 664 -20.24 55.91 1.20
CA PHE C 664 -20.31 56.73 0.00
C PHE C 664 -20.17 55.93 -1.28
N VAL C 665 -20.41 54.62 -1.26
CA VAL C 665 -20.17 53.83 -2.45
C VAL C 665 -21.31 53.91 -3.45
N ASN C 666 -22.32 54.74 -3.19
CA ASN C 666 -23.36 54.96 -4.18
C ASN C 666 -22.86 55.78 -5.36
N ASP C 667 -21.82 56.57 -5.15
CA ASP C 667 -21.22 57.37 -6.21
C ASP C 667 -19.82 56.86 -6.50
N TYR C 668 -19.46 56.77 -7.77
CA TYR C 668 -18.07 56.43 -8.10
C TYR C 668 -17.17 57.63 -7.93
N SER C 669 -17.67 58.83 -8.19
CA SER C 669 -16.82 60.01 -8.16
C SER C 669 -16.37 60.32 -6.75
N LEU C 670 -17.21 60.03 -5.75
CA LEU C 670 -16.81 60.26 -4.36
C LEU C 670 -15.76 59.26 -3.92
N VAL C 671 -15.94 57.98 -4.24
CA VAL C 671 -15.00 56.94 -3.84
C VAL C 671 -13.66 57.14 -4.54
N SER C 672 -13.69 57.68 -5.75
CA SER C 672 -12.44 58.07 -6.41
C SER C 672 -11.77 59.23 -5.67
N TYR C 673 -12.56 60.19 -5.19
CA TYR C 673 -11.98 61.38 -4.57
C TYR C 673 -11.41 61.07 -3.18
N ILE C 674 -12.06 60.16 -2.45
CA ILE C 674 -11.59 59.81 -1.11
C ILE C 674 -10.25 59.11 -1.18
N VAL C 675 -10.06 58.28 -2.20
CA VAL C 675 -8.73 57.76 -2.47
C VAL C 675 -7.83 58.87 -3.00
N THR C 676 -8.40 59.86 -3.68
CA THR C 676 -7.57 60.89 -4.30
C THR C 676 -7.06 61.88 -3.26
N TYR C 677 -7.91 62.29 -2.30
CA TYR C 677 -7.48 63.33 -1.38
C TYR C 677 -7.54 62.96 0.09
N LEU C 678 -8.37 62.01 0.50
CA LEU C 678 -8.51 61.71 1.92
C LEU C 678 -7.68 60.52 2.34
N GLY C 679 -6.46 60.39 1.82
CA GLY C 679 -5.67 59.21 2.11
C GLY C 679 -5.15 59.17 3.53
N GLY C 680 -4.98 60.35 4.15
CA GLY C 680 -4.37 60.37 5.46
C GLY C 680 -5.33 60.03 6.59
N ASP C 681 -6.40 60.81 6.74
CA ASP C 681 -7.18 60.86 7.97
C ASP C 681 -8.42 59.98 7.87
N LEU C 682 -8.22 58.72 7.57
CA LEU C 682 -9.23 57.67 7.70
C LEU C 682 -8.61 56.50 8.45
N PRO C 683 -9.39 55.78 9.25
CA PRO C 683 -8.84 54.60 9.93
C PRO C 683 -8.50 53.48 8.96
N GLU C 684 -7.85 52.45 9.51
CA GLU C 684 -7.04 51.54 8.70
C GLU C 684 -7.91 50.64 7.83
N GLU C 685 -9.02 50.13 8.38
CA GLU C 685 -9.83 49.19 7.64
C GLU C 685 -10.69 49.89 6.58
N CYS C 686 -11.17 51.09 6.89
CA CYS C 686 -12.08 51.77 5.96
C CYS C 686 -11.31 52.37 4.79
N MET C 687 -10.03 52.66 4.99
CA MET C 687 -9.20 53.01 3.84
C MET C 687 -8.97 51.79 2.98
N ALA C 688 -8.86 50.61 3.62
CA ALA C 688 -8.70 49.37 2.87
C ALA C 688 -10.00 48.98 2.17
N VAL C 689 -11.12 49.55 2.61
CA VAL C 689 -12.36 49.42 1.85
C VAL C 689 -12.27 50.25 0.57
N TYR C 690 -11.93 51.52 0.71
CA TYR C 690 -11.98 52.41 -0.45
C TYR C 690 -10.82 52.17 -1.40
N ARG C 691 -9.70 51.66 -0.91
CA ARG C 691 -8.57 51.45 -1.81
C ARG C 691 -8.77 50.20 -2.64
N ASP C 692 -9.24 49.12 -2.01
CA ASP C 692 -9.38 47.85 -2.71
C ASP C 692 -10.50 47.93 -3.74
N LEU C 693 -11.52 48.71 -3.44
CA LEU C 693 -12.65 48.86 -4.33
C LEU C 693 -12.27 49.66 -5.57
N VAL C 694 -11.44 50.69 -5.38
CA VAL C 694 -10.96 51.50 -6.50
C VAL C 694 -10.05 50.69 -7.40
N ALA C 695 -9.18 49.88 -6.80
CA ALA C 695 -8.29 49.05 -7.60
C ALA C 695 -9.04 47.95 -8.32
N HIS C 696 -10.18 47.51 -7.77
CA HIS C 696 -10.91 46.42 -8.40
C HIS C 696 -11.64 46.88 -9.64
N VAL C 697 -11.94 48.18 -9.72
CA VAL C 697 -12.49 48.71 -10.97
C VAL C 697 -11.39 48.84 -12.00
N GLU C 698 -10.19 49.24 -11.55
CA GLU C 698 -9.12 49.49 -12.50
C GLU C 698 -8.48 48.18 -12.97
N ALA C 699 -8.67 47.10 -12.22
CA ALA C 699 -8.25 45.79 -12.71
C ALA C 699 -9.22 45.29 -13.78
N LEU C 700 -10.49 45.67 -13.67
CA LEU C 700 -11.45 45.39 -14.74
C LEU C 700 -11.19 46.27 -15.95
N ALA C 701 -10.57 47.42 -15.73
CA ALA C 701 -10.22 48.30 -16.85
C ALA C 701 -9.18 47.66 -17.75
N GLN C 702 -8.20 46.96 -17.16
CA GLN C 702 -7.19 46.32 -17.98
C GLN C 702 -7.59 44.89 -18.36
N LEU C 703 -8.82 44.49 -18.08
CA LEU C 703 -9.28 43.18 -18.55
C LEU C 703 -9.57 43.19 -20.04
N VAL C 704 -10.06 44.30 -20.56
CA VAL C 704 -10.53 44.36 -21.94
C VAL C 704 -9.36 44.22 -22.90
N ASP C 705 -8.22 44.80 -22.53
CA ASP C 705 -7.07 44.79 -23.42
C ASP C 705 -6.27 43.51 -23.25
N ASP C 706 -6.69 42.62 -22.35
CA ASP C 706 -6.13 41.28 -22.31
C ASP C 706 -6.54 40.50 -23.53
N PHE C 707 -7.80 40.60 -23.92
CA PHE C 707 -8.32 39.76 -24.99
C PHE C 707 -8.45 40.52 -26.30
N THR C 708 -7.90 41.73 -26.37
CA THR C 708 -8.03 42.55 -27.55
C THR C 708 -6.76 42.48 -28.42
N LEU C 709 -6.96 42.32 -29.72
CA LEU C 709 -5.88 42.45 -30.68
C LEU C 709 -5.74 43.89 -31.12
N PRO C 710 -4.52 44.39 -31.26
CA PRO C 710 -4.33 45.73 -31.82
C PRO C 710 -4.69 45.75 -33.30
N GLY C 711 -5.28 46.86 -33.74
CA GLY C 711 -5.67 47.02 -35.11
C GLY C 711 -5.91 48.47 -35.48
N PRO C 712 -6.48 48.70 -36.66
CA PRO C 712 -6.64 50.08 -37.14
C PRO C 712 -7.78 50.80 -36.46
N GLU C 713 -8.00 52.04 -36.86
CA GLU C 713 -9.18 52.78 -36.44
C GLU C 713 -10.32 52.58 -37.44
N LEU C 714 -11.47 52.19 -36.93
CA LEU C 714 -12.60 51.78 -37.75
C LEU C 714 -13.82 52.59 -37.35
N GLY C 715 -14.24 53.47 -38.25
CA GLY C 715 -15.32 54.40 -37.90
C GLY C 715 -14.91 55.40 -36.85
N GLY C 716 -13.65 55.81 -36.83
CA GLY C 716 -13.13 56.68 -35.80
C GLY C 716 -12.97 56.03 -34.45
N GLN C 717 -13.00 54.71 -34.38
CA GLN C 717 -13.06 54.00 -33.11
C GLN C 717 -11.89 53.04 -32.95
N ALA C 718 -11.56 52.75 -31.70
CA ALA C 718 -10.47 51.84 -31.41
C ALA C 718 -10.93 50.39 -31.54
N GLN C 719 -9.98 49.47 -31.42
CA GLN C 719 -10.34 48.06 -31.39
C GLN C 719 -10.92 47.67 -30.04
N ALA C 720 -10.59 48.43 -29.00
CA ALA C 720 -11.20 48.17 -27.70
C ALA C 720 -12.67 48.59 -27.70
N GLU C 721 -13.00 49.66 -28.42
CA GLU C 721 -14.38 50.14 -28.45
C GLU C 721 -15.26 49.21 -29.26
N LEU C 722 -14.70 48.60 -30.31
CA LEU C 722 -15.50 47.68 -31.12
C LEU C 722 -15.64 46.34 -30.44
N ASN C 723 -14.73 46.01 -29.53
CA ASN C 723 -14.74 44.68 -28.93
C ASN C 723 -15.77 44.60 -27.82
N HIS C 724 -15.87 45.65 -27.02
CA HIS C 724 -16.46 45.56 -25.70
C HIS C 724 -17.35 46.76 -25.46
N LEU C 725 -18.38 46.59 -24.63
CA LEU C 725 -19.36 47.65 -24.45
C LEU C 725 -18.81 48.76 -23.56
N MET C 726 -18.05 48.40 -22.52
CA MET C 726 -17.67 49.39 -21.53
C MET C 726 -16.56 50.29 -22.03
N ARG C 727 -15.82 49.84 -23.05
CA ARG C 727 -14.89 50.74 -23.72
C ARG C 727 -15.59 51.57 -24.78
N ASP C 728 -16.75 51.11 -25.24
CA ASP C 728 -17.45 51.79 -26.31
C ASP C 728 -18.18 53.00 -25.75
N PRO C 729 -18.02 54.17 -26.35
CA PRO C 729 -18.90 55.31 -26.03
C PRO C 729 -20.25 55.25 -26.73
N ALA C 730 -20.69 54.10 -27.23
CA ALA C 730 -22.08 53.94 -27.60
C ALA C 730 -22.97 54.06 -26.39
N LEU C 731 -22.62 53.36 -25.32
CA LEU C 731 -23.31 53.42 -24.04
C LEU C 731 -22.62 54.45 -23.17
N LEU C 732 -23.40 55.28 -22.53
CA LEU C 732 -22.90 56.19 -21.50
C LEU C 732 -23.41 55.72 -20.15
N PRO C 733 -22.67 55.96 -19.07
CA PRO C 733 -23.07 55.41 -17.75
C PRO C 733 -24.31 56.11 -17.22
N PRO C 734 -25.08 55.46 -16.33
CA PRO C 734 -26.43 55.96 -16.02
C PRO C 734 -26.43 57.24 -15.21
N LEU C 735 -25.58 57.34 -14.20
CA LEU C 735 -25.57 58.47 -13.30
C LEU C 735 -24.41 59.37 -13.67
N VAL C 736 -24.70 60.39 -14.47
CA VAL C 736 -23.72 61.30 -15.04
C VAL C 736 -23.53 62.43 -14.04
N TRP C 737 -22.33 62.99 -13.98
CA TRP C 737 -22.18 64.34 -13.43
C TRP C 737 -21.54 65.29 -14.41
N ASP C 738 -20.71 64.80 -15.33
CA ASP C 738 -20.11 65.65 -16.35
C ASP C 738 -20.32 65.05 -17.74
N CYS C 739 -20.44 65.94 -18.72
CA CYS C 739 -20.64 65.58 -20.11
C CYS C 739 -19.37 65.10 -20.80
N ASP C 740 -18.28 64.91 -20.06
CA ASP C 740 -17.02 64.47 -20.66
C ASP C 740 -17.17 63.08 -21.26
N GLY C 741 -17.91 62.21 -20.58
CA GLY C 741 -18.27 60.94 -21.19
C GLY C 741 -19.26 61.10 -22.32
N LEU C 742 -20.06 62.17 -22.30
CA LEU C 742 -21.03 62.36 -23.35
C LEU C 742 -20.36 62.92 -24.61
N MET C 743 -19.19 63.55 -24.45
CA MET C 743 -18.50 64.11 -25.61
C MET C 743 -17.96 63.02 -26.52
N ARG C 744 -17.37 61.98 -25.93
CA ARG C 744 -17.02 60.81 -26.71
C ARG C 744 -18.25 60.06 -27.16
N HIS C 745 -19.34 60.19 -26.39
CA HIS C 745 -20.60 59.57 -26.78
C HIS C 745 -21.24 60.28 -27.94
N ALA C 746 -21.12 61.61 -27.98
CA ALA C 746 -21.75 62.34 -29.07
C ALA C 746 -20.92 62.22 -30.34
N ALA C 747 -19.61 62.42 -30.25
CA ALA C 747 -18.75 62.57 -31.42
C ALA C 747 -18.49 61.20 -32.03
N LEU C 748 -19.54 60.61 -32.60
CA LEU C 748 -19.44 59.33 -33.28
C LEU C 748 -20.34 59.41 -34.49
N ASP C 749 -19.85 58.83 -35.60
CA ASP C 749 -20.64 58.82 -36.83
C ASP C 749 -21.83 57.90 -36.72
N ARG C 750 -21.81 57.01 -35.75
CA ARG C 750 -22.91 56.09 -35.52
C ARG C 750 -24.12 56.79 -34.96
N HIS C 751 -23.91 57.79 -34.11
CA HIS C 751 -24.90 58.21 -33.14
C HIS C 751 -26.08 58.90 -33.81
N ARG C 752 -27.26 58.31 -33.68
CA ARG C 752 -28.49 58.88 -34.21
C ARG C 752 -28.89 60.03 -33.29
N ASP C 753 -29.40 61.11 -33.88
CA ASP C 753 -29.07 62.52 -33.59
C ASP C 753 -28.97 62.81 -32.09
N CYS C 754 -30.09 62.79 -31.34
CA CYS C 754 -30.13 62.91 -29.87
C CYS C 754 -31.55 62.74 -29.34
N ARG C 755 -31.67 62.78 -28.01
CA ARG C 755 -32.93 63.03 -27.31
C ARG C 755 -32.60 63.54 -25.91
N ILE C 756 -33.24 64.62 -25.50
CA ILE C 756 -33.12 65.16 -24.16
C ILE C 756 -34.51 65.57 -23.68
N ASP C 757 -34.73 65.55 -22.37
CA ASP C 757 -36.06 65.78 -21.83
C ASP C 757 -36.33 67.27 -21.62
N ALA C 758 -36.71 67.94 -22.72
CA ALA C 758 -37.03 69.35 -22.70
C ALA C 758 -37.94 69.72 -23.87
N GLY C 759 -38.20 71.01 -24.04
CA GLY C 759 -38.93 71.45 -25.22
C GLY C 759 -38.12 71.32 -26.49
N GLY C 760 -36.82 71.54 -26.40
CA GLY C 760 -35.89 71.26 -27.50
C GLY C 760 -35.23 69.92 -27.27
N HIS C 761 -35.02 69.19 -28.37
CA HIS C 761 -34.44 67.86 -28.26
C HIS C 761 -32.92 67.88 -28.35
N GLU C 762 -32.35 68.98 -28.84
CA GLU C 762 -30.91 69.06 -29.01
C GLU C 762 -30.24 69.52 -27.72
N PRO C 763 -29.08 68.95 -27.40
CA PRO C 763 -28.37 69.36 -26.18
C PRO C 763 -27.46 70.56 -26.41
N VAL C 764 -27.41 71.47 -25.44
CA VAL C 764 -26.55 72.64 -25.50
C VAL C 764 -25.83 72.77 -24.17
N TYR C 765 -24.58 73.22 -24.20
CA TYR C 765 -23.71 73.16 -23.04
C TYR C 765 -23.66 74.50 -22.32
N ALA C 766 -23.27 74.46 -21.05
CA ALA C 766 -23.14 75.66 -20.22
C ALA C 766 -21.74 75.70 -19.64
N ALA C 767 -21.20 76.91 -19.46
CA ALA C 767 -19.83 77.04 -18.95
C ALA C 767 -19.81 77.03 -17.42
N ALA C 768 -20.49 77.99 -16.81
CA ALA C 768 -20.48 78.11 -15.36
C ALA C 768 -21.90 78.38 -14.87
N CYS C 769 -22.13 78.08 -13.60
CA CYS C 769 -23.42 78.30 -12.96
C CYS C 769 -23.23 79.15 -11.71
N ASN C 770 -24.19 80.05 -11.48
CA ASN C 770 -24.14 80.99 -10.36
C ASN C 770 -25.51 81.05 -9.69
N VAL C 771 -25.67 82.04 -8.80
CA VAL C 771 -26.91 82.17 -8.05
C VAL C 771 -28.02 82.74 -8.93
N ALA C 772 -27.64 83.47 -9.99
CA ALA C 772 -28.64 84.03 -10.90
C ALA C 772 -28.74 83.19 -12.17
N THR C 773 -27.68 82.43 -12.47
CA THR C 773 -27.68 81.59 -13.67
C THR C 773 -28.54 80.35 -13.45
N ALA C 774 -28.62 79.87 -12.21
CA ALA C 774 -29.32 78.62 -11.91
C ALA C 774 -30.82 78.77 -12.08
N ASP C 775 -31.37 77.94 -12.96
CA ASP C 775 -32.80 77.93 -13.27
C ASP C 775 -33.37 76.58 -12.83
N PHE C 776 -33.92 76.55 -11.61
CA PHE C 776 -34.23 75.28 -10.94
C PHE C 776 -35.34 74.50 -11.64
N ASN C 777 -36.19 75.21 -12.38
CA ASN C 777 -37.17 74.57 -13.27
C ASN C 777 -36.94 75.11 -14.67
N ARG C 778 -36.13 74.37 -15.44
CA ARG C 778 -35.63 74.83 -16.72
C ARG C 778 -36.29 74.02 -17.83
N ASN C 779 -36.54 74.67 -18.98
CA ASN C 779 -37.29 74.04 -20.06
C ASN C 779 -36.73 74.34 -21.45
N ASP C 780 -35.47 74.72 -21.58
CA ASP C 780 -34.93 74.98 -22.91
C ASP C 780 -34.06 73.83 -23.42
N GLY C 781 -33.42 73.09 -22.51
CA GLY C 781 -32.48 72.06 -22.90
C GLY C 781 -31.03 72.37 -22.59
N ARG C 782 -30.75 73.23 -21.61
CA ARG C 782 -29.39 73.52 -21.23
C ARG C 782 -28.87 72.49 -20.22
N LEU C 783 -27.70 71.94 -20.51
CA LEU C 783 -27.07 70.93 -19.67
C LEU C 783 -25.76 71.48 -19.12
N LEU C 784 -25.43 71.10 -17.89
CA LEU C 784 -24.17 71.54 -17.28
C LEU C 784 -23.02 70.63 -17.73
N HIS C 785 -21.87 71.24 -17.95
CA HIS C 785 -20.64 70.56 -18.35
C HIS C 785 -19.61 70.53 -17.22
N ASN C 786 -19.83 71.30 -16.17
CA ASN C 786 -18.77 71.68 -15.24
C ASN C 786 -18.74 70.78 -14.00
N THR C 787 -17.74 69.89 -13.95
CA THR C 787 -17.29 69.27 -12.70
C THR C 787 -15.79 69.42 -12.52
N GLN C 788 -15.15 70.36 -13.21
CA GLN C 788 -13.70 70.47 -13.14
C GLN C 788 -13.28 71.08 -11.81
N ALA C 789 -11.98 70.94 -11.51
CA ALA C 789 -11.49 71.27 -10.17
C ALA C 789 -11.41 72.78 -9.95
N ARG C 790 -11.35 73.54 -11.03
CA ARG C 790 -11.11 74.98 -10.93
C ARG C 790 -12.34 75.76 -11.36
N ALA C 791 -12.70 76.77 -10.58
CA ALA C 791 -13.71 77.72 -11.02
C ALA C 791 -13.13 78.73 -11.98
N ALA C 792 -11.80 78.87 -12.02
CA ALA C 792 -11.17 79.76 -13.00
C ALA C 792 -11.11 79.11 -14.38
N ASP C 793 -10.99 77.78 -14.42
CA ASP C 793 -10.95 77.05 -15.67
C ASP C 793 -12.35 76.66 -16.09
N ALA C 794 -12.78 77.14 -17.25
CA ALA C 794 -14.11 76.85 -17.78
C ALA C 794 -13.99 76.52 -19.26
N ALA C 795 -14.41 75.30 -19.63
CA ALA C 795 -14.36 74.85 -21.01
C ALA C 795 -15.77 74.65 -21.51
N ASP C 796 -16.03 75.06 -22.75
CA ASP C 796 -17.36 74.92 -23.33
C ASP C 796 -17.53 73.51 -23.90
N ASP C 797 -16.44 72.89 -24.36
CA ASP C 797 -16.50 71.60 -25.02
C ASP C 797 -15.37 70.63 -24.70
N ARG C 798 -14.30 71.08 -24.03
CA ARG C 798 -13.12 70.23 -23.88
C ARG C 798 -13.23 69.33 -22.66
N PRO C 799 -12.92 68.02 -22.81
CA PRO C 799 -12.96 67.11 -21.64
C PRO C 799 -11.70 67.19 -20.78
N HIS C 800 -11.85 67.71 -19.56
CA HIS C 800 -10.72 67.81 -18.65
C HIS C 800 -10.35 66.44 -18.09
N ARG C 801 -11.35 65.65 -17.75
CA ARG C 801 -11.10 64.31 -17.26
C ARG C 801 -10.69 63.41 -18.43
N PRO C 802 -9.93 62.35 -18.16
CA PRO C 802 -9.43 61.52 -19.26
C PRO C 802 -10.51 60.65 -19.88
N ALA C 803 -10.04 59.71 -20.72
CA ALA C 803 -10.93 58.70 -21.26
C ALA C 803 -11.32 57.69 -20.21
N ASP C 804 -10.36 57.28 -19.37
CA ASP C 804 -10.62 56.20 -18.42
C ASP C 804 -11.46 56.66 -17.25
N TRP C 805 -11.55 57.96 -17.00
CA TRP C 805 -12.44 58.48 -15.95
C TRP C 805 -13.88 58.15 -16.24
N THR C 806 -14.28 58.21 -17.50
CA THR C 806 -15.66 57.95 -17.86
C THR C 806 -15.90 56.46 -18.00
N VAL C 807 -14.86 55.72 -18.40
CA VAL C 807 -14.98 54.27 -18.52
C VAL C 807 -15.17 53.64 -17.16
N HIS C 808 -14.47 54.17 -16.15
CA HIS C 808 -14.62 53.65 -14.79
C HIS C 808 -15.98 54.00 -14.19
N HIS C 809 -16.67 54.99 -14.75
CA HIS C 809 -18.06 55.21 -14.38
C HIS C 809 -18.95 54.09 -14.88
N LYS C 810 -18.68 53.59 -16.10
CA LYS C 810 -19.50 52.50 -16.64
C LYS C 810 -19.23 51.20 -15.92
N ILE C 811 -17.98 50.97 -15.53
CA ILE C 811 -17.63 49.73 -14.86
C ILE C 811 -18.16 49.73 -13.44
N TYR C 812 -18.37 50.91 -12.88
CA TYR C 812 -18.83 50.95 -11.50
C TYR C 812 -20.32 50.64 -11.40
N TYR C 813 -21.14 51.36 -12.18
CA TYR C 813 -22.58 51.24 -12.00
C TYR C 813 -23.13 49.98 -12.63
N TYR C 814 -22.62 49.59 -13.80
CA TYR C 814 -23.24 48.48 -14.50
C TYR C 814 -22.74 47.15 -13.98
N VAL C 815 -21.58 47.12 -13.32
CA VAL C 815 -20.97 45.87 -12.90
C VAL C 815 -20.89 45.75 -11.39
N LEU C 816 -20.27 46.71 -10.72
CA LEU C 816 -20.06 46.57 -9.28
C LEU C 816 -21.35 46.74 -8.49
N VAL C 817 -22.28 47.54 -8.99
CA VAL C 817 -23.57 47.68 -8.32
C VAL C 817 -24.43 46.43 -8.43
N PRO C 818 -24.57 45.77 -9.60
CA PRO C 818 -25.24 44.46 -9.56
C PRO C 818 -24.45 43.39 -8.84
N ALA C 819 -23.15 43.59 -8.65
CA ALA C 819 -22.39 42.68 -7.81
C ALA C 819 -22.82 42.79 -6.35
N PHE C 820 -23.09 44.00 -5.88
CA PHE C 820 -23.31 44.16 -4.44
C PHE C 820 -24.76 44.44 -4.08
N SER C 821 -25.44 45.30 -4.86
CA SER C 821 -26.75 45.78 -4.44
C SER C 821 -27.81 44.69 -4.52
N ARG C 822 -27.64 43.76 -5.47
CA ARG C 822 -28.51 42.59 -5.67
C ARG C 822 -29.96 42.99 -5.89
N GLY C 823 -30.23 43.68 -6.99
CA GLY C 823 -31.59 44.03 -7.37
C GLY C 823 -32.25 45.16 -6.58
N ARG C 824 -31.79 45.44 -5.36
CA ARG C 824 -32.40 46.44 -4.50
C ARG C 824 -31.67 47.76 -4.66
N CYS C 825 -31.91 48.44 -5.78
CA CYS C 825 -31.21 49.66 -6.10
C CYS C 825 -32.03 50.43 -7.13
N CYS C 826 -31.85 51.75 -7.21
CA CYS C 826 -32.67 52.56 -8.09
C CYS C 826 -31.97 53.88 -8.38
N THR C 827 -32.15 54.37 -9.61
CA THR C 827 -31.59 55.65 -10.01
C THR C 827 -32.58 56.77 -9.71
N ALA C 828 -32.28 57.55 -8.67
CA ALA C 828 -33.14 58.63 -8.23
C ALA C 828 -32.41 59.94 -8.32
N GLY C 829 -32.88 60.79 -9.23
CA GLY C 829 -32.27 62.08 -9.41
C GLY C 829 -32.63 63.01 -8.27
N VAL C 830 -31.90 64.12 -8.19
CA VAL C 830 -31.98 65.04 -7.07
C VAL C 830 -33.00 66.13 -7.40
N ARG C 831 -33.96 66.32 -6.51
CA ARG C 831 -34.79 67.51 -6.55
C ARG C 831 -33.97 68.68 -6.02
N PHE C 832 -33.18 69.31 -6.91
CA PHE C 832 -32.22 70.33 -6.48
C PHE C 832 -32.90 71.58 -5.93
N ASP C 833 -34.17 71.80 -6.30
CA ASP C 833 -34.90 72.93 -5.75
C ASP C 833 -35.27 72.71 -4.29
N ARG C 834 -35.53 71.46 -3.91
CA ARG C 834 -35.97 71.18 -2.55
C ARG C 834 -34.80 70.81 -1.63
N VAL C 835 -33.73 70.23 -2.20
CA VAL C 835 -32.57 69.85 -1.39
C VAL C 835 -31.81 71.08 -0.93
N TYR C 836 -31.70 72.09 -1.80
CA TYR C 836 -30.89 73.26 -1.48
C TYR C 836 -31.57 74.16 -0.44
N ALA C 837 -32.87 73.98 -0.23
CA ALA C 837 -33.58 74.81 0.74
C ALA C 837 -33.25 74.38 2.18
N THR C 838 -32.77 73.14 2.35
CA THR C 838 -32.56 72.63 3.70
C THR C 838 -31.10 72.33 3.98
N LEU C 839 -30.23 72.35 2.96
CA LEU C 839 -28.81 72.12 3.21
C LEU C 839 -28.16 73.34 3.86
N GLN C 840 -28.49 74.53 3.38
CA GLN C 840 -27.83 75.77 3.79
C GLN C 840 -28.65 76.46 4.89
N ASN C 841 -29.37 75.64 5.67
CA ASN C 841 -30.22 76.13 6.76
C ASN C 841 -29.63 75.55 8.05
N MET C 842 -28.69 76.28 8.65
CA MET C 842 -27.95 75.75 9.80
C MET C 842 -28.18 76.66 11.01
N VAL C 843 -28.01 76.08 12.19
CA VAL C 843 -28.09 76.80 13.45
C VAL C 843 -26.75 76.65 14.14
N VAL C 844 -25.93 77.71 14.10
CA VAL C 844 -24.60 77.72 14.68
C VAL C 844 -24.53 78.87 15.68
N PRO C 845 -24.39 78.60 16.97
CA PRO C 845 -24.23 79.70 17.94
C PRO C 845 -22.82 80.26 17.94
N GLU C 846 -22.70 81.57 18.19
CA GLU C 846 -21.38 82.20 18.22
C GLU C 846 -20.65 81.84 19.52
N ILE C 847 -19.39 81.46 19.38
CA ILE C 847 -18.56 81.04 20.51
C ILE C 847 -18.10 82.28 21.27
N ALA C 848 -17.95 82.16 22.58
CA ALA C 848 -17.45 83.25 23.40
C ALA C 848 -15.95 83.44 23.17
N PRO C 849 -15.45 84.67 23.31
CA PRO C 849 -13.99 84.87 23.25
C PRO C 849 -13.29 84.22 24.43
N GLY C 850 -12.26 83.43 24.12
CA GLY C 850 -11.56 82.65 25.12
C GLY C 850 -12.09 81.26 25.33
N GLU C 851 -12.95 80.76 24.43
CA GLU C 851 -13.52 79.43 24.51
C GLU C 851 -13.04 78.61 23.32
N GLU C 852 -12.80 77.33 23.55
CA GLU C 852 -12.25 76.47 22.51
C GLU C 852 -13.35 75.91 21.61
N CYS C 853 -12.94 75.01 20.72
CA CYS C 853 -13.87 74.39 19.79
C CYS C 853 -14.76 73.39 20.53
N PRO C 854 -16.06 73.36 20.22
CA PRO C 854 -16.95 72.39 20.89
C PRO C 854 -16.67 70.96 20.44
N SER C 855 -16.63 70.05 21.42
CA SER C 855 -16.35 68.66 21.11
C SER C 855 -17.62 67.81 21.16
N ASP C 856 -18.39 67.91 22.24
CA ASP C 856 -19.49 66.98 22.48
C ASP C 856 -20.83 67.68 22.36
N PRO C 857 -21.82 67.02 21.76
CA PRO C 857 -23.19 67.59 21.76
C PRO C 857 -23.89 67.43 23.08
N VAL C 858 -23.35 66.58 23.96
CA VAL C 858 -23.95 66.39 25.27
C VAL C 858 -23.30 67.32 26.28
N THR C 859 -21.96 67.38 26.30
CA THR C 859 -21.28 68.16 27.32
C THR C 859 -21.30 69.65 26.99
N ASP C 860 -20.82 70.04 25.80
CA ASP C 860 -20.73 71.46 25.47
C ASP C 860 -21.99 71.92 24.76
N PRO C 861 -22.74 72.89 25.30
CA PRO C 861 -23.94 73.35 24.60
C PRO C 861 -23.66 74.27 23.41
N ALA C 862 -22.40 74.63 23.18
CA ALA C 862 -22.05 75.42 21.99
C ALA C 862 -21.86 74.52 20.77
N HIS C 863 -22.05 73.23 20.93
CA HIS C 863 -21.98 72.29 19.82
C HIS C 863 -23.19 72.50 18.90
N PRO C 864 -23.03 72.38 17.58
CA PRO C 864 -24.19 72.59 16.71
C PRO C 864 -25.25 71.48 16.79
N LEU C 865 -24.85 70.26 17.14
CA LEU C 865 -25.83 69.20 17.37
C LEU C 865 -26.31 69.14 18.82
N HIS C 866 -26.20 70.24 19.57
CA HIS C 866 -26.75 70.29 20.91
C HIS C 866 -28.28 70.31 20.85
N PRO C 867 -28.96 69.58 21.75
CA PRO C 867 -30.42 69.46 21.64
C PRO C 867 -31.19 70.75 21.89
N ALA C 868 -30.59 71.75 22.54
CA ALA C 868 -31.23 73.06 22.58
C ALA C 868 -31.01 73.82 21.28
N ASN C 869 -29.90 73.53 20.59
CA ASN C 869 -29.67 74.13 19.28
C ASN C 869 -30.42 73.37 18.20
N LEU C 870 -30.90 72.17 18.51
CA LEU C 870 -31.69 71.41 17.54
C LEU C 870 -33.09 72.00 17.41
N VAL C 871 -33.35 72.62 16.27
CA VAL C 871 -34.65 73.14 15.92
C VAL C 871 -35.17 72.27 14.78
N ALA C 872 -36.49 72.26 14.58
CA ALA C 872 -37.05 71.52 13.47
C ALA C 872 -36.64 72.15 12.14
N ASN C 873 -36.48 71.31 11.12
CA ASN C 873 -36.28 71.63 9.70
C ASN C 873 -34.96 72.36 9.41
N THR C 874 -33.98 72.35 10.31
CA THR C 874 -32.65 72.83 9.98
C THR C 874 -31.70 71.65 9.77
N VAL C 875 -30.48 71.94 9.30
CA VAL C 875 -29.65 70.91 8.70
C VAL C 875 -28.93 70.08 9.76
N LYS C 876 -28.70 70.66 10.95
CA LYS C 876 -27.98 69.89 11.97
C LYS C 876 -28.92 68.90 12.66
N ARG C 877 -30.22 69.06 12.45
CA ARG C 877 -31.18 68.08 12.96
C ARG C 877 -31.15 66.79 12.13
N MET C 878 -30.88 66.91 10.82
CA MET C 878 -30.78 65.71 9.99
C MET C 878 -29.40 65.10 10.11
N PHE C 879 -28.39 65.91 10.46
CA PHE C 879 -27.11 65.37 10.97
C PHE C 879 -27.31 64.70 12.31
N HIS C 880 -28.41 65.00 12.99
CA HIS C 880 -28.72 64.28 14.22
C HIS C 880 -29.60 63.07 13.93
N ASN C 881 -30.45 63.14 12.90
CA ASN C 881 -31.31 62.00 12.57
C ASN C 881 -30.48 60.82 12.08
N GLY C 882 -29.70 61.03 11.02
CA GLY C 882 -28.61 60.13 10.69
C GLY C 882 -27.45 60.47 11.62
N ARG C 883 -27.25 59.61 12.61
CA ARG C 883 -26.39 59.93 13.75
C ARG C 883 -24.93 59.97 13.31
N VAL C 884 -24.42 61.19 13.08
CA VAL C 884 -23.07 61.44 12.62
C VAL C 884 -22.46 62.53 13.50
N VAL C 885 -21.21 62.32 13.90
CA VAL C 885 -20.43 63.32 14.64
C VAL C 885 -20.01 64.42 13.68
N VAL C 886 -20.62 65.59 13.81
CA VAL C 886 -20.27 66.77 13.04
C VAL C 886 -20.01 67.91 14.01
N ASP C 887 -18.84 68.55 13.87
CA ASP C 887 -18.50 69.68 14.72
C ASP C 887 -18.86 70.99 14.02
N GLY C 888 -18.42 72.11 14.62
CA GLY C 888 -18.86 73.43 14.24
C GLY C 888 -18.47 73.91 12.86
N PRO C 889 -17.18 74.16 12.58
CA PRO C 889 -16.83 74.75 11.28
C PRO C 889 -16.81 73.76 10.11
N ALA C 890 -17.18 72.49 10.33
CA ALA C 890 -17.27 71.56 9.20
C ALA C 890 -18.47 71.87 8.33
N MET C 891 -19.62 72.13 8.94
CA MET C 891 -20.81 72.53 8.17
C MET C 891 -20.70 73.97 7.70
N LEU C 892 -19.78 74.74 8.27
CA LEU C 892 -19.56 76.11 7.82
C LEU C 892 -18.82 76.15 6.49
N THR C 893 -18.13 75.07 6.12
CA THR C 893 -17.49 74.94 4.81
C THR C 893 -18.45 74.50 3.71
N LEU C 894 -19.75 74.48 3.98
CA LEU C 894 -20.78 74.17 2.98
C LEU C 894 -21.20 75.41 2.20
N GLN C 895 -20.54 76.56 2.42
CA GLN C 895 -20.88 77.81 1.75
C GLN C 895 -20.35 77.89 0.32
N VAL C 896 -19.76 76.82 -0.21
CA VAL C 896 -19.30 76.79 -1.59
C VAL C 896 -20.45 76.44 -2.54
N LEU C 897 -21.61 76.06 -1.99
CA LEU C 897 -22.77 75.71 -2.82
C LEU C 897 -23.32 76.92 -3.57
N ALA C 898 -23.11 78.12 -3.03
CA ALA C 898 -23.56 79.32 -3.72
C ALA C 898 -22.72 79.62 -4.95
N HIS C 899 -21.43 79.25 -4.91
CA HIS C 899 -20.55 79.52 -6.04
C HIS C 899 -20.83 78.55 -7.19
N ASN C 900 -21.08 77.28 -6.88
CA ASN C 900 -21.32 76.25 -7.88
C ASN C 900 -22.49 75.38 -7.43
N MET C 901 -23.48 75.22 -8.31
CA MET C 901 -24.64 74.40 -7.99
C MET C 901 -25.22 73.84 -9.29
N ALA C 902 -26.17 72.91 -9.13
CA ALA C 902 -26.91 72.32 -10.23
C ALA C 902 -28.35 72.76 -10.12
N GLU C 903 -29.08 72.74 -11.24
CA GLU C 903 -30.41 73.35 -11.24
C GLU C 903 -31.51 72.28 -11.10
N ARG C 904 -31.39 71.16 -11.81
CA ARG C 904 -32.40 70.10 -11.79
C ARG C 904 -31.80 68.84 -12.41
N THR C 905 -32.65 67.83 -12.56
CA THR C 905 -32.30 66.61 -13.28
C THR C 905 -33.06 66.57 -14.60
N THR C 906 -32.44 65.95 -15.61
CA THR C 906 -33.04 65.83 -16.93
C THR C 906 -32.83 64.40 -17.43
N ALA C 907 -33.92 63.78 -17.91
CA ALA C 907 -33.87 62.41 -18.37
C ALA C 907 -33.03 62.30 -19.64
N LEU C 908 -32.32 61.18 -19.80
CA LEU C 908 -31.35 61.02 -20.87
C LEU C 908 -31.51 59.67 -21.54
N LEU C 909 -32.15 59.67 -22.71
CA LEU C 909 -32.17 58.54 -23.63
C LEU C 909 -31.29 58.91 -24.82
N CYS C 910 -30.54 57.94 -25.32
CA CYS C 910 -29.70 58.18 -26.48
C CYS C 910 -29.88 57.06 -27.49
N SER C 911 -29.48 57.34 -28.73
CA SER C 911 -29.70 56.44 -29.85
C SER C 911 -28.43 56.28 -30.65
N ALA C 912 -27.93 55.05 -30.71
CA ALA C 912 -26.74 54.73 -31.49
C ALA C 912 -27.03 53.55 -32.41
N ALA C 913 -26.58 53.67 -33.64
CA ALA C 913 -26.61 52.55 -34.56
C ALA C 913 -25.56 51.53 -34.15
N PRO C 914 -25.70 50.27 -34.58
CA PRO C 914 -24.65 49.28 -34.31
C PRO C 914 -23.37 49.64 -35.03
N ASP C 915 -22.24 49.30 -34.40
CA ASP C 915 -20.93 49.78 -34.81
C ASP C 915 -20.43 49.07 -36.07
N ALA C 916 -19.24 49.47 -36.49
CA ALA C 916 -18.59 48.87 -37.65
C ALA C 916 -18.30 47.40 -37.40
N GLY C 917 -18.56 46.60 -38.42
CA GLY C 917 -18.56 45.17 -38.24
C GLY C 917 -19.96 44.67 -37.96
N ALA C 918 -20.66 45.29 -37.01
CA ALA C 918 -22.05 44.94 -36.81
C ALA C 918 -22.93 45.50 -37.92
N ASN C 919 -22.56 46.66 -38.46
CA ASN C 919 -23.42 47.36 -39.38
C ASN C 919 -23.27 46.81 -40.80
N THR C 920 -24.01 45.74 -41.09
CA THR C 920 -24.24 45.32 -42.45
C THR C 920 -25.46 46.07 -42.98
N ALA C 921 -25.88 45.69 -44.18
CA ALA C 921 -26.84 46.51 -44.91
C ALA C 921 -28.23 46.45 -44.27
N SER C 922 -28.63 45.28 -43.77
CA SER C 922 -29.98 45.12 -43.27
C SER C 922 -30.14 45.75 -41.89
N THR C 923 -29.04 45.99 -41.19
CA THR C 923 -29.09 46.49 -39.83
C THR C 923 -28.98 48.00 -39.73
N ALA C 924 -29.06 48.71 -40.86
CA ALA C 924 -28.91 50.16 -40.83
C ALA C 924 -30.14 50.84 -40.22
N ASN C 925 -31.27 50.14 -40.21
CA ASN C 925 -32.48 50.73 -39.65
C ASN C 925 -32.51 50.63 -38.13
N MET C 926 -31.57 49.91 -37.54
CA MET C 926 -31.65 49.66 -36.11
C MET C 926 -31.11 50.83 -35.30
N ARG C 927 -31.89 51.25 -34.31
CA ARG C 927 -31.52 52.28 -33.36
C ARG C 927 -31.51 51.66 -31.97
N ILE C 928 -30.32 51.56 -31.37
CA ILE C 928 -30.20 51.01 -30.04
C ILE C 928 -30.38 52.13 -29.01
N PHE C 929 -31.33 51.93 -28.10
CA PHE C 929 -31.79 52.99 -27.22
C PHE C 929 -31.23 52.79 -25.81
N ASP C 930 -30.31 53.67 -25.42
CA ASP C 930 -29.62 53.57 -24.14
C ASP C 930 -30.10 54.67 -23.23
N GLY C 931 -30.44 54.30 -21.99
CA GLY C 931 -31.02 55.26 -21.07
C GLY C 931 -30.15 55.64 -19.89
N ALA C 932 -30.25 56.90 -19.46
CA ALA C 932 -29.44 57.41 -18.36
C ALA C 932 -30.09 58.65 -17.75
N LEU C 933 -29.43 59.19 -16.73
CA LEU C 933 -29.74 60.50 -16.18
C LEU C 933 -28.52 61.40 -16.34
N HIS C 934 -28.77 62.68 -16.60
CA HIS C 934 -27.70 63.67 -16.59
C HIS C 934 -27.12 63.85 -15.19
N ALA C 935 -27.94 63.58 -14.17
CA ALA C 935 -27.54 63.61 -12.77
C ALA C 935 -28.55 62.79 -11.99
N GLY C 936 -28.05 61.88 -11.16
CA GLY C 936 -28.92 61.03 -10.38
C GLY C 936 -28.15 60.37 -9.26
N VAL C 937 -28.89 59.91 -8.26
CA VAL C 937 -28.32 59.34 -7.05
C VAL C 937 -28.90 57.95 -6.85
N LEU C 938 -28.01 56.98 -6.75
CA LEU C 938 -28.36 55.58 -6.52
C LEU C 938 -28.72 55.39 -5.05
N LEU C 939 -30.00 55.18 -4.77
CA LEU C 939 -30.46 54.74 -3.46
C LEU C 939 -30.01 53.31 -3.26
N MET C 940 -29.08 53.10 -2.34
CA MET C 940 -28.53 51.76 -2.16
C MET C 940 -29.46 50.88 -1.35
N ALA C 941 -30.00 51.40 -0.26
CA ALA C 941 -30.96 50.62 0.50
C ALA C 941 -32.29 51.35 0.55
N PRO C 942 -33.37 50.73 0.10
CA PRO C 942 -34.67 51.40 0.10
C PRO C 942 -35.26 51.51 1.49
N GLN C 943 -35.72 52.71 1.84
CA GLN C 943 -36.43 52.94 3.08
C GLN C 943 -37.58 53.90 2.81
N HIS C 944 -38.76 53.34 2.60
CA HIS C 944 -40.00 54.08 2.56
C HIS C 944 -40.79 53.84 3.84
N LEU C 945 -40.50 52.76 4.55
CA LEU C 945 -41.26 52.37 5.73
C LEU C 945 -41.05 53.37 6.85
N ASP C 946 -39.86 53.97 6.93
CA ASP C 946 -39.63 55.06 7.84
C ASP C 946 -40.45 56.28 7.44
N HIS C 947 -40.86 57.04 8.44
CA HIS C 947 -41.25 58.40 8.24
C HIS C 947 -40.25 59.36 8.84
N THR C 948 -38.96 59.00 8.82
CA THR C 948 -37.91 59.96 9.15
C THR C 948 -37.97 61.15 8.19
N ILE C 949 -38.10 60.86 6.90
CA ILE C 949 -38.51 61.86 5.94
C ILE C 949 -39.66 61.26 5.13
N GLN C 950 -40.36 62.12 4.40
CA GLN C 950 -41.44 61.73 3.51
C GLN C 950 -40.96 60.76 2.44
N ASN C 951 -41.80 59.80 2.10
CA ASN C 951 -41.59 59.02 0.88
C ASN C 951 -41.69 59.94 -0.34
N GLY C 952 -40.64 59.94 -1.17
CA GLY C 952 -40.61 60.78 -2.35
C GLY C 952 -40.49 62.26 -2.08
N GLU C 953 -39.47 62.71 -1.34
CA GLU C 953 -39.39 64.10 -0.95
C GLU C 953 -38.33 64.85 -1.77
N TYR C 954 -37.22 64.17 -2.08
CA TYR C 954 -36.04 64.71 -2.74
C TYR C 954 -35.61 63.79 -3.87
N PHE C 955 -36.14 62.57 -3.87
CA PHE C 955 -35.74 61.52 -4.77
C PHE C 955 -36.98 60.76 -5.21
N TYR C 956 -37.25 60.83 -6.50
CA TYR C 956 -38.31 60.05 -7.14
C TYR C 956 -37.88 58.60 -7.24
N VAL C 957 -38.69 57.79 -7.92
CA VAL C 957 -38.17 56.48 -8.26
C VAL C 957 -37.48 56.51 -9.64
N LEU C 958 -38.24 56.65 -10.76
CA LEU C 958 -37.79 56.63 -12.16
C LEU C 958 -36.62 55.71 -12.49
N PRO C 959 -36.84 54.40 -12.52
CA PRO C 959 -35.82 53.48 -13.00
C PRO C 959 -35.43 53.74 -14.45
N VAL C 960 -34.17 54.08 -14.69
CA VAL C 960 -33.75 54.38 -16.05
C VAL C 960 -33.42 53.10 -16.79
N HIS C 961 -33.15 52.02 -16.06
CA HIS C 961 -32.78 50.76 -16.65
C HIS C 961 -33.11 49.64 -15.66
N ALA C 962 -33.33 48.46 -16.20
CA ALA C 962 -33.82 47.33 -15.40
C ALA C 962 -32.78 46.84 -14.42
N LEU C 963 -31.50 47.17 -14.64
CA LEU C 963 -30.48 46.95 -13.63
C LEU C 963 -30.76 47.74 -12.36
N PHE C 964 -31.34 48.92 -12.49
CA PHE C 964 -31.67 49.75 -11.36
C PHE C 964 -33.19 49.84 -11.27
N ALA C 965 -33.79 48.84 -10.63
CA ALA C 965 -35.21 48.81 -10.35
C ALA C 965 -35.43 47.93 -9.13
N GLY C 966 -35.63 48.55 -7.98
CA GLY C 966 -35.87 47.82 -6.76
C GLY C 966 -37.35 47.79 -6.44
N ALA C 967 -37.86 46.63 -6.04
CA ALA C 967 -39.29 46.49 -5.78
C ALA C 967 -39.72 47.32 -4.58
N ASP C 968 -38.79 47.57 -3.66
CA ASP C 968 -39.11 48.45 -2.54
C ASP C 968 -38.86 49.91 -2.91
N HIS C 969 -38.26 50.16 -4.07
CA HIS C 969 -38.19 51.52 -4.58
C HIS C 969 -39.40 51.84 -5.45
N VAL C 970 -39.82 50.89 -6.28
CA VAL C 970 -40.75 51.19 -7.35
C VAL C 970 -42.19 51.25 -6.83
N ALA C 971 -42.64 50.16 -6.20
CA ALA C 971 -44.04 50.05 -5.81
C ALA C 971 -44.37 50.95 -4.64
N ASN C 972 -43.35 51.43 -3.94
CA ASN C 972 -43.53 52.29 -2.79
C ASN C 972 -43.30 53.75 -3.12
N ALA C 973 -43.73 54.17 -4.30
CA ALA C 973 -43.79 55.57 -4.67
C ALA C 973 -44.86 56.27 -3.82
N PRO C 974 -44.85 57.62 -3.79
CA PRO C 974 -45.99 58.32 -3.17
C PRO C 974 -47.33 58.01 -3.81
N ASN C 975 -47.37 57.75 -5.11
CA ASN C 975 -48.58 57.32 -5.81
C ASN C 975 -48.27 56.06 -6.58
N PHE C 976 -49.04 55.00 -6.34
CA PHE C 976 -48.83 53.74 -7.02
C PHE C 976 -50.17 53.04 -7.14
N PRO C 977 -50.53 52.56 -8.32
CA PRO C 977 -51.85 51.93 -8.51
C PRO C 977 -51.92 50.59 -7.80
N PRO C 978 -53.07 50.29 -7.21
CA PRO C 978 -53.14 49.12 -6.31
C PRO C 978 -53.15 47.81 -7.07
N ALA C 979 -53.57 47.81 -8.33
CA ALA C 979 -53.61 46.58 -9.12
C ALA C 979 -52.23 46.12 -9.55
N LEU C 980 -51.19 46.88 -9.30
CA LEU C 980 -49.83 46.49 -9.68
C LEU C 980 -48.94 46.17 -8.50
N ARG C 981 -49.50 45.79 -7.36
CA ARG C 981 -48.66 45.37 -6.25
C ARG C 981 -48.05 44.00 -6.51
N ASP C 982 -48.72 43.18 -7.33
CA ASP C 982 -48.13 41.91 -7.71
C ASP C 982 -47.03 42.10 -8.75
N LEU C 983 -47.23 43.01 -9.70
CA LEU C 983 -46.38 43.02 -10.88
C LEU C 983 -45.00 43.60 -10.57
N ALA C 984 -44.89 44.39 -9.50
CA ALA C 984 -43.62 45.02 -9.20
C ALA C 984 -42.63 44.01 -8.64
N ARG C 985 -43.11 42.90 -8.11
CA ARG C 985 -42.22 41.87 -7.59
C ARG C 985 -41.56 41.11 -8.73
N ASP C 986 -42.32 40.77 -9.76
CA ASP C 986 -41.74 40.02 -10.87
C ASP C 986 -40.99 40.93 -11.83
N VAL C 987 -41.66 41.97 -12.32
CA VAL C 987 -41.26 42.71 -13.51
C VAL C 987 -40.80 44.10 -13.09
N PRO C 988 -39.68 44.60 -13.62
CA PRO C 988 -39.32 46.00 -13.39
C PRO C 988 -40.28 46.93 -14.10
N LEU C 989 -40.60 48.04 -13.45
CA LEU C 989 -41.53 49.03 -13.98
C LEU C 989 -40.72 50.23 -14.48
N VAL C 990 -39.86 49.98 -15.47
CA VAL C 990 -39.06 51.00 -16.11
C VAL C 990 -39.97 51.74 -17.10
N PRO C 991 -40.10 53.05 -17.01
CA PRO C 991 -40.85 53.79 -18.01
C PRO C 991 -40.12 53.79 -19.35
N PRO C 992 -40.84 53.64 -20.46
CA PRO C 992 -40.17 53.32 -21.74
C PRO C 992 -39.54 54.52 -22.39
N ALA C 993 -39.69 55.70 -21.81
CA ALA C 993 -38.96 56.85 -22.31
C ALA C 993 -37.50 56.77 -21.90
N LEU C 994 -37.24 56.27 -20.70
CA LEU C 994 -35.86 56.09 -20.26
C LEU C 994 -35.21 54.93 -20.98
N GLY C 995 -35.77 53.73 -20.86
CA GLY C 995 -35.22 52.58 -21.54
C GLY C 995 -36.26 51.53 -21.82
N ALA C 996 -35.92 50.62 -22.72
CA ALA C 996 -36.79 49.52 -23.10
C ALA C 996 -35.96 48.24 -23.12
N ASN C 997 -36.57 47.13 -22.71
CA ASN C 997 -35.79 45.96 -22.33
C ASN C 997 -35.30 45.21 -23.56
N TYR C 998 -35.94 45.40 -24.70
CA TYR C 998 -35.36 44.89 -25.94
C TYR C 998 -34.34 45.87 -26.50
N PHE C 999 -34.65 47.16 -26.41
CA PHE C 999 -33.86 48.14 -27.14
C PHE C 999 -32.58 48.52 -26.41
N SER C 1000 -32.52 48.29 -25.09
CA SER C 1000 -31.35 48.70 -24.34
C SER C 1000 -30.18 47.75 -24.60
N SER C 1001 -28.97 48.33 -24.52
CA SER C 1001 -27.75 47.56 -24.76
C SER C 1001 -27.53 46.54 -23.66
N ILE C 1002 -28.00 46.82 -22.45
CA ILE C 1002 -27.99 45.82 -21.40
C ILE C 1002 -29.41 45.37 -21.14
N ARG C 1003 -29.55 44.09 -20.83
CA ARG C 1003 -30.68 43.24 -21.13
C ARG C 1003 -31.54 42.95 -19.90
N GLN C 1004 -32.43 41.97 -20.08
CA GLN C 1004 -33.06 41.33 -18.94
C GLN C 1004 -32.21 40.23 -18.27
N PRO C 1005 -31.53 39.29 -18.98
CA PRO C 1005 -30.78 38.25 -18.25
C PRO C 1005 -29.68 38.71 -17.31
N VAL C 1006 -29.06 39.87 -17.55
CA VAL C 1006 -28.06 40.38 -16.63
C VAL C 1006 -28.69 40.78 -15.30
N VAL C 1007 -29.88 41.38 -15.36
CA VAL C 1007 -30.65 41.69 -14.16
C VAL C 1007 -30.99 40.40 -13.41
N GLN C 1008 -31.33 39.36 -14.16
CA GLN C 1008 -31.55 38.05 -13.56
C GLN C 1008 -30.24 37.43 -13.12
N HIS C 1009 -29.13 37.77 -13.79
CA HIS C 1009 -27.84 37.23 -13.40
C HIS C 1009 -27.36 37.83 -12.09
N ALA C 1010 -27.93 38.98 -11.69
CA ALA C 1010 -27.71 39.46 -10.35
C ALA C 1010 -28.35 38.55 -9.33
N ARG C 1011 -29.68 38.44 -9.36
CA ARG C 1011 -30.41 37.87 -8.23
C ARG C 1011 -30.57 36.36 -8.35
N GLU C 1012 -29.82 35.72 -9.25
CA GLU C 1012 -29.85 34.26 -9.29
C GLU C 1012 -28.47 33.67 -9.00
N SER C 1013 -27.43 34.51 -9.05
CA SER C 1013 -26.06 34.00 -8.95
C SER C 1013 -25.73 33.57 -7.53
N ALA C 1014 -25.14 32.37 -7.41
CA ALA C 1014 -24.71 31.81 -6.15
C ALA C 1014 -23.21 31.94 -5.94
N ALA C 1015 -22.49 32.54 -6.89
CA ALA C 1015 -21.06 32.72 -6.76
C ALA C 1015 -20.74 33.86 -5.80
N GLY C 1016 -19.49 33.91 -5.37
CA GLY C 1016 -19.02 35.04 -4.59
C GLY C 1016 -18.97 36.31 -5.41
N GLU C 1017 -18.92 37.44 -4.71
CA GLU C 1017 -19.03 38.74 -5.38
C GLU C 1017 -17.77 39.08 -6.17
N ASN C 1018 -16.66 38.38 -5.93
CA ASN C 1018 -15.56 38.44 -6.86
C ASN C 1018 -15.90 37.67 -8.13
N ALA C 1019 -16.37 36.43 -7.96
CA ALA C 1019 -16.69 35.58 -9.09
C ALA C 1019 -17.92 36.09 -9.83
N LEU C 1020 -18.82 36.77 -9.11
CA LEU C 1020 -19.94 37.42 -9.79
C LEU C 1020 -19.45 38.60 -10.64
N THR C 1021 -18.37 39.25 -10.22
CA THR C 1021 -17.95 40.47 -10.90
C THR C 1021 -17.31 40.18 -12.24
N TYR C 1022 -16.39 39.21 -12.28
CA TYR C 1022 -15.71 38.91 -13.53
C TYR C 1022 -16.62 38.18 -14.50
N ALA C 1023 -17.53 37.36 -14.00
CA ALA C 1023 -18.49 36.69 -14.86
C ALA C 1023 -19.44 37.68 -15.50
N LEU C 1024 -19.86 38.69 -14.76
CA LEU C 1024 -20.75 39.69 -15.31
C LEU C 1024 -20.00 40.67 -16.19
N MET C 1025 -18.71 40.85 -15.91
CA MET C 1025 -17.88 41.67 -16.78
C MET C 1025 -17.63 40.98 -18.11
N ALA C 1026 -17.45 39.65 -18.08
CA ALA C 1026 -17.22 38.89 -19.30
C ALA C 1026 -18.48 38.80 -20.15
N GLY C 1027 -19.64 39.05 -19.56
CA GLY C 1027 -20.85 39.09 -20.33
C GLY C 1027 -21.02 40.36 -21.14
N TYR C 1028 -20.05 41.27 -21.07
CA TYR C 1028 -20.16 42.45 -21.92
C TYR C 1028 -19.18 42.44 -23.07
N PHE C 1029 -18.83 41.27 -23.59
CA PHE C 1029 -18.18 41.22 -24.90
C PHE C 1029 -19.22 41.27 -26.00
N LYS C 1030 -18.99 42.12 -26.99
CA LYS C 1030 -19.96 42.31 -28.07
C LYS C 1030 -20.07 41.09 -28.96
N MET C 1031 -21.14 41.04 -29.73
CA MET C 1031 -21.31 39.97 -30.71
C MET C 1031 -21.30 40.50 -32.13
N SER C 1032 -20.36 41.37 -32.46
CA SER C 1032 -20.13 41.73 -33.85
C SER C 1032 -19.00 40.84 -34.39
N PRO C 1033 -18.94 40.61 -35.71
CA PRO C 1033 -17.88 39.73 -36.23
C PRO C 1033 -16.47 40.29 -36.09
N VAL C 1034 -16.34 41.62 -36.08
CA VAL C 1034 -15.05 42.24 -35.75
C VAL C 1034 -14.66 41.91 -34.32
N ALA C 1035 -15.63 41.94 -33.41
CA ALA C 1035 -15.35 41.62 -32.01
C ALA C 1035 -15.03 40.14 -31.84
N LEU C 1036 -15.73 39.26 -32.56
CA LEU C 1036 -15.47 37.83 -32.39
C LEU C 1036 -14.16 37.41 -33.05
N TYR C 1037 -13.59 38.27 -33.88
CA TYR C 1037 -12.21 38.05 -34.30
C TYR C 1037 -11.26 38.22 -33.11
N HIS C 1038 -11.63 39.06 -32.15
CA HIS C 1038 -10.79 39.21 -30.96
C HIS C 1038 -11.07 38.09 -29.96
N GLN C 1039 -12.35 37.80 -29.73
CA GLN C 1039 -12.76 36.92 -28.64
C GLN C 1039 -12.31 35.50 -28.90
N LEU C 1040 -12.26 35.10 -30.17
CA LEU C 1040 -11.98 33.71 -30.49
C LEU C 1040 -10.49 33.47 -30.69
N LYS C 1041 -9.79 34.41 -31.34
CA LYS C 1041 -8.35 34.22 -31.56
C LYS C 1041 -7.57 34.32 -30.27
N THR C 1042 -8.11 35.02 -29.27
CA THR C 1042 -7.39 35.16 -28.01
C THR C 1042 -7.62 33.97 -27.11
N GLY C 1043 -8.82 33.41 -27.11
CA GLY C 1043 -9.11 32.29 -26.26
C GLY C 1043 -10.20 32.50 -25.25
N LEU C 1044 -11.22 33.30 -25.56
CA LEU C 1044 -12.34 33.42 -24.65
C LEU C 1044 -13.61 32.83 -25.27
N HIS C 1045 -14.38 32.14 -24.46
CA HIS C 1045 -15.62 31.54 -24.92
C HIS C 1045 -16.67 32.62 -25.15
N PRO C 1046 -17.13 32.81 -26.38
CA PRO C 1046 -18.00 33.96 -26.70
C PRO C 1046 -19.44 33.86 -26.22
N GLY C 1047 -19.83 32.78 -25.54
CA GLY C 1047 -21.16 32.67 -24.99
C GLY C 1047 -22.04 31.59 -25.57
N PHE C 1048 -21.77 31.12 -26.78
CA PHE C 1048 -22.59 30.08 -27.39
C PHE C 1048 -21.67 29.07 -28.08
N GLY C 1049 -22.20 27.88 -28.32
CA GLY C 1049 -21.36 26.79 -28.74
C GLY C 1049 -21.54 26.34 -30.17
N PHE C 1050 -20.64 25.47 -30.63
CA PHE C 1050 -20.67 25.07 -32.03
C PHE C 1050 -20.78 23.57 -32.16
N THR C 1051 -21.34 23.15 -33.28
CA THR C 1051 -21.32 21.74 -33.66
C THR C 1051 -20.56 21.61 -34.97
N VAL C 1052 -19.88 20.49 -35.14
CA VAL C 1052 -19.00 20.27 -36.27
C VAL C 1052 -19.64 19.22 -37.17
N VAL C 1053 -20.20 19.68 -38.27
CA VAL C 1053 -20.68 18.79 -39.33
C VAL C 1053 -19.54 18.60 -40.30
N ARG C 1054 -19.11 17.36 -40.47
CA ARG C 1054 -17.92 17.05 -41.24
C ARG C 1054 -18.16 15.83 -42.12
N GLN C 1055 -18.16 16.04 -43.43
CA GLN C 1055 -18.26 14.94 -44.38
C GLN C 1055 -17.04 14.04 -44.25
N ASP C 1056 -17.24 12.73 -44.40
CA ASP C 1056 -16.14 11.79 -44.37
C ASP C 1056 -16.38 10.74 -45.45
N ARG C 1057 -15.32 10.44 -46.19
CA ARG C 1057 -15.41 9.61 -47.38
C ARG C 1057 -14.47 8.44 -47.25
N PHE C 1058 -14.97 7.24 -47.51
CA PHE C 1058 -14.18 6.03 -47.36
C PHE C 1058 -14.04 5.36 -48.71
N VAL C 1059 -13.24 4.31 -48.75
CA VAL C 1059 -13.22 3.34 -49.84
C VAL C 1059 -13.26 1.96 -49.20
N THR C 1060 -14.28 1.20 -49.53
CA THR C 1060 -14.59 -0.05 -48.85
C THR C 1060 -14.71 -1.17 -49.85
N GLU C 1061 -14.53 -2.40 -49.38
CA GLU C 1061 -14.77 -3.56 -50.22
C GLU C 1061 -16.23 -3.96 -50.09
N ASN C 1062 -16.78 -4.60 -51.11
CA ASN C 1062 -18.15 -5.07 -51.07
C ASN C 1062 -18.22 -6.51 -51.55
N VAL C 1063 -19.39 -7.13 -51.36
CA VAL C 1063 -19.75 -8.38 -52.03
C VAL C 1063 -21.12 -8.18 -52.66
N LEU C 1064 -21.55 -9.15 -53.46
CA LEU C 1064 -22.76 -9.05 -54.24
C LEU C 1064 -23.40 -10.43 -54.33
N PHE C 1065 -24.70 -10.48 -54.60
CA PHE C 1065 -25.39 -11.74 -54.83
C PHE C 1065 -26.54 -11.50 -55.81
N SER C 1066 -26.89 -12.53 -56.58
CA SER C 1066 -28.02 -12.45 -57.50
C SER C 1066 -28.57 -13.84 -57.76
N GLU C 1067 -29.87 -13.88 -58.02
CA GLU C 1067 -30.50 -15.15 -58.37
C GLU C 1067 -30.28 -15.42 -59.86
N ARG C 1068 -30.98 -16.43 -60.37
CA ARG C 1068 -30.66 -16.95 -61.70
C ARG C 1068 -31.09 -16.01 -62.81
N ALA C 1069 -32.36 -15.67 -62.87
CA ALA C 1069 -32.85 -14.71 -63.85
C ALA C 1069 -33.12 -13.39 -63.14
N SER C 1070 -32.08 -12.59 -62.97
CA SER C 1070 -32.31 -11.21 -62.56
C SER C 1070 -32.19 -10.29 -63.77
N GLU C 1071 -31.84 -10.83 -64.93
CA GLU C 1071 -31.57 -9.99 -66.08
C GLU C 1071 -31.77 -10.75 -67.39
N ALA C 1072 -32.40 -10.10 -68.37
CA ALA C 1072 -32.56 -10.72 -69.69
C ALA C 1072 -31.51 -10.22 -70.68
N TYR C 1073 -31.14 -8.93 -70.60
CA TYR C 1073 -29.90 -8.39 -71.16
C TYR C 1073 -29.73 -8.57 -72.67
N PHE C 1074 -30.48 -7.85 -73.48
CA PHE C 1074 -30.47 -7.99 -74.92
C PHE C 1074 -29.23 -7.34 -75.54
N LEU C 1075 -28.79 -7.86 -76.69
CA LEU C 1075 -27.55 -7.44 -77.34
C LEU C 1075 -27.83 -6.96 -78.76
N GLY C 1076 -26.92 -6.14 -79.31
CA GLY C 1076 -27.16 -5.48 -80.58
C GLY C 1076 -26.08 -5.73 -81.63
N GLN C 1077 -25.93 -4.74 -82.53
CA GLN C 1077 -25.06 -4.87 -83.70
C GLN C 1077 -24.07 -3.69 -83.76
N LEU C 1078 -22.96 -3.90 -84.47
CA LEU C 1078 -21.71 -3.20 -84.16
C LEU C 1078 -21.71 -1.74 -84.62
N GLN C 1079 -22.09 -1.48 -85.88
CA GLN C 1079 -22.13 -0.15 -86.54
C GLN C 1079 -20.84 0.69 -86.38
N VAL C 1080 -19.79 0.23 -87.06
CA VAL C 1080 -18.49 0.90 -87.07
C VAL C 1080 -18.61 2.29 -87.70
N ALA C 1081 -17.78 3.25 -87.25
CA ALA C 1081 -17.73 4.59 -87.81
C ALA C 1081 -16.29 5.01 -88.11
N ARG C 1082 -16.12 6.11 -88.85
CA ARG C 1082 -14.81 6.43 -89.42
C ARG C 1082 -14.22 7.73 -88.87
N HIS C 1083 -14.89 8.87 -89.13
CA HIS C 1083 -14.71 10.23 -88.57
C HIS C 1083 -13.26 10.67 -88.33
N GLU C 1084 -12.43 10.75 -89.38
CA GLU C 1084 -11.14 10.05 -89.44
C GLU C 1084 -10.45 9.93 -88.09
N THR C 1085 -9.77 11.00 -87.65
CA THR C 1085 -9.62 11.57 -86.31
C THR C 1085 -8.59 12.69 -86.40
N GLY C 1086 -8.38 13.41 -85.31
CA GLY C 1086 -7.22 14.28 -85.23
C GLY C 1086 -5.93 13.47 -85.13
N GLY C 1087 -5.08 13.61 -86.13
CA GLY C 1087 -3.77 12.95 -86.12
C GLY C 1087 -3.78 11.51 -86.56
N GLY C 1088 -4.66 11.14 -87.49
CA GLY C 1088 -4.72 9.77 -87.97
C GLY C 1088 -6.14 9.38 -88.29
N VAL C 1089 -6.42 8.09 -88.10
CA VAL C 1089 -7.75 7.52 -88.32
C VAL C 1089 -8.09 6.60 -87.16
N ASN C 1090 -9.23 6.85 -86.51
CA ASN C 1090 -9.78 5.96 -85.50
C ASN C 1090 -10.97 5.23 -86.09
N PHE C 1091 -11.32 4.08 -85.51
CA PHE C 1091 -12.51 3.33 -85.87
C PHE C 1091 -13.29 2.98 -84.62
N THR C 1092 -14.30 3.78 -84.29
CA THR C 1092 -15.07 3.54 -83.08
C THR C 1092 -16.02 2.39 -83.34
N LEU C 1093 -16.47 1.75 -82.27
CA LEU C 1093 -17.35 0.59 -82.33
C LEU C 1093 -18.41 0.76 -81.25
N THR C 1094 -19.67 0.81 -81.65
CA THR C 1094 -20.74 1.17 -80.74
C THR C 1094 -21.87 0.15 -80.79
N GLN C 1095 -21.83 -0.81 -79.86
CA GLN C 1095 -22.83 -1.85 -79.82
C GLN C 1095 -23.85 -1.56 -78.72
N PRO C 1096 -25.07 -1.17 -79.06
CA PRO C 1096 -26.03 -0.82 -78.01
C PRO C 1096 -26.64 -2.06 -77.38
N ARG C 1097 -26.98 -1.93 -76.10
CA ARG C 1097 -27.41 -3.05 -75.26
C ARG C 1097 -28.59 -2.62 -74.41
N GLY C 1098 -29.45 -3.57 -74.08
CA GLY C 1098 -30.64 -3.24 -73.33
C GLY C 1098 -30.89 -4.21 -72.19
N ASN C 1099 -31.33 -3.70 -71.05
CA ASN C 1099 -31.51 -4.54 -69.87
C ASN C 1099 -32.85 -4.24 -69.20
N VAL C 1100 -33.37 -5.20 -68.42
CA VAL C 1100 -34.67 -5.09 -67.78
C VAL C 1100 -34.42 -5.35 -66.30
N ASP C 1101 -35.49 -5.45 -65.50
CA ASP C 1101 -35.38 -5.92 -64.12
C ASP C 1101 -36.38 -7.05 -63.93
N LEU C 1102 -35.94 -8.29 -64.12
CA LEU C 1102 -36.88 -9.40 -64.27
C LEU C 1102 -37.46 -9.83 -62.94
N GLY C 1103 -36.89 -9.38 -61.84
CA GLY C 1103 -37.37 -9.84 -60.54
C GLY C 1103 -38.67 -9.15 -60.14
N VAL C 1104 -39.51 -9.88 -59.43
CA VAL C 1104 -40.68 -9.26 -58.83
C VAL C 1104 -40.26 -8.35 -57.70
N GLY C 1105 -39.41 -8.83 -56.81
CA GLY C 1105 -38.87 -7.99 -55.75
C GLY C 1105 -37.51 -8.44 -55.30
N TYR C 1106 -36.54 -7.51 -55.38
CA TYR C 1106 -35.25 -7.57 -54.68
C TYR C 1106 -34.42 -8.78 -55.08
N THR C 1107 -34.16 -8.91 -56.37
CA THR C 1107 -33.46 -10.09 -56.85
C THR C 1107 -31.97 -9.77 -57.02
N ALA C 1108 -31.41 -9.13 -55.99
CA ALA C 1108 -29.98 -8.84 -55.85
C ALA C 1108 -29.79 -8.25 -54.46
N VAL C 1109 -28.59 -8.40 -53.91
CA VAL C 1109 -28.28 -7.75 -52.64
C VAL C 1109 -26.80 -7.37 -52.67
N ALA C 1110 -26.50 -6.21 -52.10
CA ALA C 1110 -25.13 -5.78 -51.89
C ALA C 1110 -24.83 -5.90 -50.41
N ALA C 1111 -23.57 -6.06 -50.06
CA ALA C 1111 -23.17 -6.09 -48.67
C ALA C 1111 -21.74 -5.62 -48.57
N THR C 1112 -21.47 -4.85 -47.53
CA THR C 1112 -20.18 -4.21 -47.33
C THR C 1112 -19.40 -5.07 -46.36
N GLY C 1113 -18.18 -5.45 -46.73
CA GLY C 1113 -17.46 -6.41 -45.90
C GLY C 1113 -16.40 -5.71 -45.05
N THR C 1114 -15.47 -5.00 -45.69
CA THR C 1114 -14.38 -4.36 -44.96
C THR C 1114 -14.19 -2.95 -45.50
N VAL C 1115 -13.26 -2.24 -44.88
CA VAL C 1115 -12.88 -0.89 -45.26
C VAL C 1115 -11.46 -0.94 -45.76
N ARG C 1116 -11.22 -0.45 -46.97
CA ARG C 1116 -9.85 -0.46 -47.48
C ARG C 1116 -9.04 0.67 -46.87
N ASN C 1117 -9.34 1.91 -47.23
CA ASN C 1117 -8.58 3.04 -46.73
C ASN C 1117 -9.52 4.21 -46.52
N PRO C 1118 -9.64 4.69 -45.29
CA PRO C 1118 -10.61 5.74 -45.01
C PRO C 1118 -10.22 7.09 -45.56
N VAL C 1119 -10.47 7.34 -46.86
CA VAL C 1119 -9.74 8.26 -47.73
C VAL C 1119 -9.41 9.64 -47.16
N THR C 1120 -10.39 10.38 -46.68
CA THR C 1120 -10.05 11.72 -46.22
C THR C 1120 -9.46 11.67 -44.82
N ASP C 1121 -8.80 12.75 -44.41
CA ASP C 1121 -7.91 12.70 -43.25
C ASP C 1121 -8.66 12.65 -41.92
N MET C 1122 -9.99 12.65 -41.97
CA MET C 1122 -10.95 12.57 -40.88
C MET C 1122 -10.92 13.77 -39.95
N GLY C 1123 -10.42 14.93 -40.36
CA GLY C 1123 -10.68 16.04 -39.47
C GLY C 1123 -9.82 17.27 -39.67
N ASN C 1124 -10.19 18.29 -38.89
CA ASN C 1124 -9.41 19.50 -38.63
C ASN C 1124 -9.20 20.34 -39.90
N LEU C 1125 -10.30 20.85 -40.46
CA LEU C 1125 -10.24 21.85 -41.52
C LEU C 1125 -11.43 22.79 -41.42
N PRO C 1126 -11.22 24.10 -41.31
CA PRO C 1126 -12.35 25.01 -41.09
C PRO C 1126 -13.07 25.44 -42.36
N GLN C 1127 -14.38 25.62 -42.26
CA GLN C 1127 -15.12 26.24 -43.36
C GLN C 1127 -14.74 27.70 -43.47
N ASN C 1128 -14.54 28.16 -44.71
CA ASN C 1128 -14.35 29.57 -44.99
C ASN C 1128 -15.53 30.06 -45.81
N PHE C 1129 -16.09 31.19 -45.42
CA PHE C 1129 -17.16 31.79 -46.23
C PHE C 1129 -16.66 32.94 -47.06
N TYR C 1130 -15.39 33.30 -46.95
CA TYR C 1130 -14.88 34.38 -47.79
C TYR C 1130 -14.60 33.89 -49.20
N LEU C 1131 -14.67 32.58 -49.43
CA LEU C 1131 -14.48 32.04 -50.77
C LEU C 1131 -15.64 32.42 -51.68
N GLY C 1132 -16.84 31.98 -51.35
CA GLY C 1132 -17.99 32.29 -52.19
C GLY C 1132 -18.74 33.48 -51.65
N ARG C 1133 -18.98 34.47 -52.49
CA ARG C 1133 -19.67 35.69 -52.05
C ARG C 1133 -21.13 35.63 -52.49
N GLY C 1134 -22.02 35.69 -51.51
CA GLY C 1134 -23.45 35.75 -51.74
C GLY C 1134 -24.09 36.61 -50.67
N ALA C 1135 -23.26 37.36 -49.96
CA ALA C 1135 -23.71 38.20 -48.86
C ALA C 1135 -23.23 39.62 -49.10
N PRO C 1136 -24.05 40.61 -48.76
CA PRO C 1136 -23.62 42.00 -48.82
C PRO C 1136 -22.59 42.30 -47.75
N PRO C 1137 -21.59 43.11 -48.06
CA PRO C 1137 -20.54 43.40 -47.08
C PRO C 1137 -20.97 44.48 -46.10
N LEU C 1138 -20.02 44.92 -45.30
CA LEU C 1138 -20.25 45.94 -44.30
C LEU C 1138 -20.48 47.30 -44.97
N LEU C 1139 -21.03 48.23 -44.20
CA LEU C 1139 -21.11 49.60 -44.70
C LEU C 1139 -19.74 50.26 -44.68
N ASP C 1140 -19.05 50.17 -43.54
CA ASP C 1140 -17.71 50.73 -43.42
C ASP C 1140 -16.75 49.93 -44.27
N ASN C 1141 -16.13 50.61 -45.25
CA ASN C 1141 -15.28 49.92 -46.21
C ASN C 1141 -13.99 49.45 -45.55
N ALA C 1142 -13.43 50.27 -44.66
CA ALA C 1142 -12.19 49.89 -43.99
C ALA C 1142 -12.42 48.74 -43.02
N ALA C 1143 -13.62 48.65 -42.46
CA ALA C 1143 -13.95 47.53 -41.59
C ALA C 1143 -14.10 46.25 -42.39
N ALA C 1144 -14.52 46.37 -43.65
CA ALA C 1144 -14.71 45.19 -44.47
C ALA C 1144 -13.38 44.60 -44.89
N VAL C 1145 -12.45 45.47 -45.32
CA VAL C 1145 -11.19 44.98 -45.87
C VAL C 1145 -10.25 44.56 -44.74
N TYR C 1146 -10.46 45.11 -43.54
CA TYR C 1146 -9.67 44.66 -42.41
C TYR C 1146 -10.09 43.28 -41.95
N LEU C 1147 -11.40 43.08 -41.75
CA LEU C 1147 -11.88 41.80 -41.25
C LEU C 1147 -11.72 40.71 -42.30
N ARG C 1148 -11.66 41.10 -43.58
CA ARG C 1148 -11.43 40.14 -44.65
C ARG C 1148 -10.04 39.54 -44.56
N ASN C 1149 -8.99 40.37 -44.65
CA ASN C 1149 -7.65 39.82 -44.70
C ASN C 1149 -7.16 39.42 -43.31
N ALA C 1150 -7.94 39.72 -42.27
CA ALA C 1150 -7.61 39.22 -40.94
C ALA C 1150 -7.81 37.72 -40.86
N VAL C 1151 -8.89 37.22 -41.46
CA VAL C 1151 -9.08 35.79 -41.60
C VAL C 1151 -8.16 35.23 -42.67
N VAL C 1152 -8.12 35.90 -43.83
CA VAL C 1152 -7.46 35.38 -45.02
C VAL C 1152 -6.04 35.93 -45.15
N ALA C 1153 -5.40 36.22 -44.02
CA ALA C 1153 -3.96 36.43 -44.05
C ALA C 1153 -3.24 35.20 -44.57
N GLY C 1154 -3.62 34.02 -44.09
CA GLY C 1154 -2.96 32.82 -44.55
C GLY C 1154 -3.77 31.53 -44.61
N ASN C 1155 -5.09 31.59 -44.85
CA ASN C 1155 -5.89 30.37 -44.94
C ASN C 1155 -5.37 29.43 -46.01
N ARG C 1156 -5.31 28.14 -45.67
CA ARG C 1156 -5.11 27.13 -46.70
C ARG C 1156 -6.34 27.02 -47.59
N LEU C 1157 -7.50 27.44 -47.07
CA LEU C 1157 -8.70 27.67 -47.86
C LEU C 1157 -8.85 29.17 -48.11
N GLY C 1158 -8.00 29.70 -48.97
CA GLY C 1158 -8.05 31.11 -49.25
C GLY C 1158 -8.64 31.37 -50.61
N PRO C 1159 -9.34 32.50 -50.74
CA PRO C 1159 -9.63 33.02 -52.08
C PRO C 1159 -8.37 33.44 -52.84
N ALA C 1160 -8.54 33.82 -54.09
CA ALA C 1160 -7.42 34.26 -54.90
C ALA C 1160 -6.92 35.63 -54.48
N GLN C 1161 -5.98 36.18 -55.25
CA GLN C 1161 -5.28 37.43 -54.94
C GLN C 1161 -6.25 38.62 -54.82
N PRO C 1162 -6.98 39.10 -55.86
CA PRO C 1162 -8.39 39.42 -55.60
C PRO C 1162 -9.32 38.30 -56.03
N LEU C 1163 -10.58 38.38 -55.61
CA LEU C 1163 -11.60 37.50 -56.17
C LEU C 1163 -11.83 37.85 -57.64
N PRO C 1164 -11.79 36.87 -58.53
CA PRO C 1164 -12.24 37.12 -59.91
C PRO C 1164 -13.75 37.06 -60.01
N VAL C 1165 -14.26 37.59 -61.13
CA VAL C 1165 -15.70 37.49 -61.39
C VAL C 1165 -16.05 36.09 -61.89
N PHE C 1166 -15.18 35.50 -62.70
CA PHE C 1166 -15.43 34.25 -63.39
C PHE C 1166 -14.60 33.14 -62.79
N GLY C 1167 -15.12 31.92 -62.84
CA GLY C 1167 -14.42 30.76 -62.37
C GLY C 1167 -14.66 30.50 -60.89
N CYS C 1168 -13.87 29.58 -60.35
CA CYS C 1168 -13.87 29.36 -58.91
C CYS C 1168 -13.22 30.56 -58.21
N ALA C 1169 -13.41 30.64 -56.89
CA ALA C 1169 -12.75 31.72 -56.13
C ALA C 1169 -11.24 31.56 -56.20
N GLN C 1170 -10.71 30.54 -55.51
CA GLN C 1170 -9.64 29.60 -55.86
C GLN C 1170 -9.37 28.74 -54.64
N VAL C 1171 -8.50 27.75 -54.80
CA VAL C 1171 -7.85 27.14 -53.65
C VAL C 1171 -6.35 27.24 -53.88
N PRO C 1172 -5.58 27.83 -52.97
CA PRO C 1172 -4.13 27.79 -53.11
C PRO C 1172 -3.62 26.36 -52.93
N ARG C 1173 -3.13 25.78 -54.03
CA ARG C 1173 -2.71 24.40 -54.01
C ARG C 1173 -1.44 24.23 -53.19
N ARG C 1174 -1.33 23.08 -52.55
CA ARG C 1174 -0.24 22.80 -51.62
C ARG C 1174 0.88 22.09 -52.37
N ALA C 1175 2.09 22.18 -51.83
CA ALA C 1175 3.22 21.52 -52.46
C ALA C 1175 3.25 20.04 -52.12
N GLY C 1176 2.77 19.69 -50.94
CA GLY C 1176 2.78 18.31 -50.50
C GLY C 1176 1.57 17.98 -49.68
N MET C 1177 1.28 16.69 -49.57
CA MET C 1177 0.13 16.22 -48.84
C MET C 1177 0.39 14.79 -48.37
N ASP C 1178 0.18 14.56 -47.07
CA ASP C 1178 0.59 13.33 -46.42
C ASP C 1178 -0.59 12.45 -46.05
N HIS C 1179 -1.56 12.99 -45.32
CA HIS C 1179 -2.74 12.20 -44.99
C HIS C 1179 -3.62 12.01 -46.21
N GLY C 1180 -3.93 13.09 -46.90
CA GLY C 1180 -4.66 13.00 -48.14
C GLY C 1180 -5.67 14.11 -48.27
N GLN C 1181 -6.91 13.69 -48.54
CA GLN C 1181 -8.02 14.62 -48.72
C GLN C 1181 -8.36 15.27 -47.38
N ASP C 1182 -8.59 16.58 -47.42
CA ASP C 1182 -8.86 17.34 -46.21
C ASP C 1182 -10.35 17.57 -46.08
N ALA C 1183 -10.98 16.90 -45.13
CA ALA C 1183 -12.42 17.02 -44.96
C ALA C 1183 -12.79 18.32 -44.28
N VAL C 1184 -13.78 19.01 -44.85
CA VAL C 1184 -14.15 20.36 -44.45
C VAL C 1184 -15.16 20.28 -43.32
N CYS C 1185 -14.93 21.05 -42.25
CA CYS C 1185 -15.83 21.12 -41.11
C CYS C 1185 -16.65 22.39 -41.18
N GLU C 1186 -17.96 22.28 -41.01
CA GLU C 1186 -18.81 23.46 -40.89
C GLU C 1186 -19.34 23.60 -39.47
N PHE C 1187 -19.78 24.82 -39.13
CA PHE C 1187 -20.05 25.25 -37.77
C PHE C 1187 -21.44 25.85 -37.70
N ILE C 1188 -22.26 25.38 -36.75
CA ILE C 1188 -23.59 25.91 -36.53
C ILE C 1188 -23.63 26.42 -35.09
N ALA C 1189 -24.17 27.63 -34.91
CA ALA C 1189 -24.27 28.19 -33.58
C ALA C 1189 -25.32 27.45 -32.77
N THR C 1190 -24.89 26.74 -31.74
CA THR C 1190 -25.74 25.95 -30.88
C THR C 1190 -25.68 26.52 -29.47
N PRO C 1191 -26.78 26.47 -28.73
CA PRO C 1191 -26.76 27.01 -27.38
C PRO C 1191 -25.94 26.11 -26.47
N VAL C 1192 -25.27 26.71 -25.49
CA VAL C 1192 -24.42 25.94 -24.60
C VAL C 1192 -25.25 25.07 -23.68
N ALA C 1193 -26.51 25.44 -23.45
CA ALA C 1193 -27.42 24.63 -22.66
C ALA C 1193 -28.23 23.69 -23.55
N THR C 1194 -27.54 22.87 -24.31
CA THR C 1194 -28.15 21.69 -24.89
C THR C 1194 -27.50 20.50 -24.21
N ASP C 1195 -28.27 19.44 -24.06
CA ASP C 1195 -27.74 18.24 -23.43
C ASP C 1195 -26.74 17.56 -24.34
N ILE C 1196 -25.72 16.96 -23.72
CA ILE C 1196 -24.80 16.10 -24.42
C ILE C 1196 -25.44 14.74 -24.64
N ASN C 1197 -26.58 14.49 -23.99
CA ASN C 1197 -27.35 13.29 -24.26
C ASN C 1197 -28.00 13.31 -25.63
N TYR C 1198 -28.01 14.47 -26.31
CA TYR C 1198 -28.33 14.48 -27.74
C TYR C 1198 -27.02 14.38 -28.52
N PHE C 1199 -26.16 13.47 -28.08
CA PHE C 1199 -25.01 12.96 -28.80
C PHE C 1199 -24.86 11.55 -28.28
N ARG C 1200 -23.65 10.99 -28.45
CA ARG C 1200 -23.29 9.60 -28.11
C ARG C 1200 -24.19 8.62 -28.83
N ARG C 1201 -24.75 9.02 -29.97
CA ARG C 1201 -25.94 8.45 -30.55
C ARG C 1201 -26.17 9.14 -31.88
N PRO C 1202 -26.70 8.44 -32.86
CA PRO C 1202 -27.02 9.06 -34.14
C PRO C 1202 -28.10 10.12 -34.07
N CYS C 1203 -27.69 11.37 -33.90
CA CYS C 1203 -28.61 12.50 -33.86
C CYS C 1203 -28.54 13.36 -35.12
N ASN C 1204 -29.64 14.05 -35.41
CA ASN C 1204 -29.59 15.10 -36.42
C ASN C 1204 -28.79 16.29 -35.92
N PRO C 1205 -28.15 17.04 -36.82
CA PRO C 1205 -27.42 18.23 -36.37
C PRO C 1205 -28.22 19.50 -36.45
N ARG C 1206 -29.37 19.46 -37.13
CA ARG C 1206 -30.30 20.59 -37.07
C ARG C 1206 -31.18 20.54 -35.84
N GLY C 1207 -30.99 19.51 -35.02
CA GLY C 1207 -31.73 19.37 -33.78
C GLY C 1207 -33.14 18.83 -33.96
N ARG C 1208 -33.43 18.23 -35.11
CA ARG C 1208 -34.80 17.82 -35.41
C ARG C 1208 -34.78 16.76 -36.50
N ALA C 1209 -35.62 15.75 -36.34
CA ALA C 1209 -35.84 14.77 -37.38
C ALA C 1209 -36.39 15.45 -38.62
N ALA C 1210 -35.88 15.08 -39.78
CA ALA C 1210 -36.08 15.92 -40.95
C ALA C 1210 -36.39 15.19 -42.24
N GLY C 1211 -36.14 13.88 -42.32
CA GLY C 1211 -36.19 13.21 -43.62
C GLY C 1211 -37.61 13.03 -44.12
N GLY C 1212 -37.73 12.63 -45.38
CA GLY C 1212 -39.04 12.32 -45.92
C GLY C 1212 -39.54 10.97 -45.47
N VAL C 1213 -38.66 10.16 -44.91
CA VAL C 1213 -39.01 8.84 -44.40
C VAL C 1213 -39.96 8.96 -43.22
N TYR C 1214 -39.82 10.03 -42.44
CA TYR C 1214 -40.58 10.15 -41.20
C TYR C 1214 -41.97 10.69 -41.44
N ALA C 1215 -42.34 10.95 -42.69
CA ALA C 1215 -43.61 11.60 -42.95
C ALA C 1215 -44.78 10.64 -42.74
N GLY C 1216 -45.92 11.21 -42.38
CA GLY C 1216 -47.14 10.42 -42.28
C GLY C 1216 -48.05 10.58 -43.48
N ASP C 1217 -47.51 11.07 -44.59
CA ASP C 1217 -48.09 11.00 -45.93
C ASP C 1217 -49.46 11.65 -46.07
N LYS C 1218 -49.75 12.66 -45.25
CA LYS C 1218 -51.02 13.36 -45.40
C LYS C 1218 -50.89 14.62 -46.24
N GLU C 1219 -49.84 14.72 -47.06
CA GLU C 1219 -49.48 15.84 -47.94
C GLU C 1219 -49.20 17.13 -47.17
N GLY C 1220 -49.03 17.02 -45.86
CA GLY C 1220 -48.60 18.12 -45.02
C GLY C 1220 -47.66 17.60 -43.97
N ASP C 1221 -47.39 16.29 -43.99
CA ASP C 1221 -46.38 15.75 -43.11
C ASP C 1221 -45.03 15.70 -43.82
N VAL C 1222 -45.03 16.16 -45.06
CA VAL C 1222 -43.89 16.77 -45.73
C VAL C 1222 -43.75 18.18 -45.14
N ILE C 1223 -42.85 19.01 -45.68
CA ILE C 1223 -42.05 20.07 -45.07
C ILE C 1223 -42.51 20.64 -43.72
N ALA C 1224 -43.83 20.80 -43.54
CA ALA C 1224 -44.42 21.21 -42.26
C ALA C 1224 -44.09 20.29 -41.09
N LEU C 1225 -43.60 19.07 -41.35
CA LEU C 1225 -42.91 18.33 -40.32
C LEU C 1225 -41.59 18.99 -39.96
N MET C 1226 -40.84 19.39 -40.97
CA MET C 1226 -39.44 19.71 -40.77
C MET C 1226 -39.26 21.10 -40.15
N TYR C 1227 -40.20 21.99 -40.38
CA TYR C 1227 -39.99 23.40 -40.05
C TYR C 1227 -41.01 23.97 -39.08
N ASP C 1228 -41.81 23.15 -38.40
CA ASP C 1228 -42.82 23.66 -37.48
C ASP C 1228 -42.45 23.26 -36.06
N HIS C 1229 -42.90 24.07 -35.09
CA HIS C 1229 -42.48 23.88 -33.71
C HIS C 1229 -43.66 23.93 -32.75
N GLY C 1230 -44.88 23.96 -33.27
CA GLY C 1230 -46.01 23.56 -32.45
C GLY C 1230 -45.96 22.06 -32.19
N GLN C 1231 -45.48 21.30 -33.16
CA GLN C 1231 -45.29 19.87 -32.99
C GLN C 1231 -43.98 19.60 -32.25
N SER C 1232 -43.69 18.32 -32.05
CA SER C 1232 -42.45 17.93 -31.40
C SER C 1232 -41.48 17.30 -32.40
N ASP C 1233 -40.29 16.98 -31.89
CA ASP C 1233 -39.33 16.21 -32.67
C ASP C 1233 -39.83 14.80 -32.84
N PRO C 1234 -39.76 14.24 -34.04
CA PRO C 1234 -40.00 12.80 -34.20
C PRO C 1234 -38.84 11.95 -33.70
N ALA C 1235 -37.62 12.46 -33.75
CA ALA C 1235 -36.48 11.68 -33.30
C ALA C 1235 -36.39 11.67 -31.78
N ARG C 1236 -36.59 12.82 -31.15
CA ARG C 1236 -36.48 12.95 -29.70
C ARG C 1236 -37.80 13.49 -29.20
N PRO C 1237 -38.77 12.64 -28.86
CA PRO C 1237 -40.17 13.02 -28.88
C PRO C 1237 -40.64 14.02 -27.82
N PHE C 1238 -39.96 14.13 -26.69
CA PHE C 1238 -40.49 14.96 -25.62
C PHE C 1238 -40.21 16.43 -25.80
N ALA C 1239 -39.15 16.78 -26.52
CA ALA C 1239 -38.81 18.18 -26.71
C ALA C 1239 -39.30 18.62 -28.08
N ALA C 1240 -39.32 19.93 -28.30
CA ALA C 1240 -39.55 20.41 -29.65
C ALA C 1240 -38.33 20.18 -30.51
N THR C 1241 -37.21 20.85 -30.18
CA THR C 1241 -35.95 20.70 -30.88
C THR C 1241 -34.78 20.80 -29.92
N ALA C 1242 -33.58 20.66 -30.47
CA ALA C 1242 -32.38 20.73 -29.66
C ALA C 1242 -31.64 22.05 -29.88
N ASN C 1243 -31.54 22.49 -31.12
CA ASN C 1243 -31.03 23.81 -31.43
C ASN C 1243 -32.19 24.61 -32.01
N PRO C 1244 -32.49 25.75 -31.45
CA PRO C 1244 -33.50 26.61 -32.06
C PRO C 1244 -32.88 27.62 -33.02
N TRP C 1245 -31.56 27.56 -33.21
CA TRP C 1245 -30.96 28.40 -34.24
C TRP C 1245 -30.69 27.62 -35.51
N ALA C 1246 -31.01 26.34 -35.52
CA ALA C 1246 -30.76 25.54 -36.71
C ALA C 1246 -32.05 24.99 -37.29
N SER C 1247 -33.08 24.85 -36.46
CA SER C 1247 -34.22 24.04 -36.90
C SER C 1247 -35.30 24.90 -37.54
N GLN C 1248 -35.56 26.07 -36.98
CA GLN C 1248 -36.66 26.89 -37.44
C GLN C 1248 -36.32 27.46 -38.80
N ARG C 1249 -37.35 27.69 -39.63
CA ARG C 1249 -37.09 28.31 -40.91
C ARG C 1249 -36.68 29.76 -40.67
N PHE C 1250 -35.80 30.26 -41.53
CA PHE C 1250 -35.15 31.57 -41.49
C PHE C 1250 -34.21 31.73 -40.30
N SER C 1251 -33.79 30.64 -39.67
CA SER C 1251 -32.83 30.76 -38.58
C SER C 1251 -31.43 30.95 -39.13
N TYR C 1252 -30.49 31.15 -38.22
CA TYR C 1252 -29.09 31.30 -38.61
C TYR C 1252 -28.53 29.99 -39.17
N GLY C 1253 -29.07 28.86 -38.72
CA GLY C 1253 -28.78 27.63 -39.43
C GLY C 1253 -29.38 27.61 -40.82
N ASP C 1254 -30.59 28.15 -40.95
CA ASP C 1254 -31.28 28.12 -42.24
C ASP C 1254 -30.65 29.06 -43.25
N LEU C 1255 -30.29 30.27 -42.81
CA LEU C 1255 -29.84 31.27 -43.77
C LEU C 1255 -28.45 30.96 -44.29
N LEU C 1256 -27.64 30.26 -43.49
CA LEU C 1256 -26.32 29.88 -43.96
C LEU C 1256 -26.38 28.75 -44.97
N TYR C 1257 -27.02 27.65 -44.60
CA TYR C 1257 -26.74 26.37 -45.25
C TYR C 1257 -27.86 25.90 -46.15
N ASN C 1258 -28.92 26.68 -46.32
CA ASN C 1258 -29.92 26.29 -47.30
C ASN C 1258 -29.51 26.76 -48.68
N GLY C 1259 -29.71 25.92 -49.68
CA GLY C 1259 -29.27 26.24 -51.03
C GLY C 1259 -30.14 27.31 -51.68
N ALA C 1260 -31.30 27.61 -51.09
CA ALA C 1260 -32.16 28.65 -51.62
C ALA C 1260 -31.54 30.02 -51.42
N TYR C 1261 -30.77 30.21 -50.36
CA TYR C 1261 -30.20 31.52 -50.10
C TYR C 1261 -28.75 31.59 -50.54
N HIS C 1262 -28.12 30.41 -50.72
CA HIS C 1262 -26.84 30.18 -51.45
C HIS C 1262 -25.72 31.14 -51.06
N LEU C 1263 -25.49 31.29 -49.75
CA LEU C 1263 -24.36 32.08 -49.29
C LEU C 1263 -23.04 31.41 -49.66
N ASN C 1264 -22.99 30.09 -49.63
CA ASN C 1264 -21.90 29.37 -50.24
C ASN C 1264 -22.45 28.81 -51.54
N GLY C 1265 -21.66 27.98 -52.21
CA GLY C 1265 -21.97 27.53 -53.54
C GLY C 1265 -21.28 28.32 -54.63
N ALA C 1266 -20.92 29.57 -54.34
CA ALA C 1266 -20.05 30.32 -55.24
C ALA C 1266 -18.59 29.92 -55.05
N SER C 1267 -18.31 29.10 -54.05
CA SER C 1267 -17.04 28.44 -53.90
C SER C 1267 -17.10 27.05 -54.53
N PRO C 1268 -15.94 26.49 -54.90
CA PRO C 1268 -15.95 25.09 -55.34
C PRO C 1268 -15.95 24.11 -54.18
N VAL C 1269 -15.81 24.60 -52.95
CA VAL C 1269 -15.66 23.70 -51.81
C VAL C 1269 -17.02 23.11 -51.46
N LEU C 1270 -17.02 21.83 -51.08
CA LEU C 1270 -18.19 21.16 -50.51
C LEU C 1270 -18.75 21.92 -49.33
N SER C 1271 -20.08 21.99 -49.27
CA SER C 1271 -20.78 22.41 -48.08
C SER C 1271 -21.31 21.16 -47.40
N PRO C 1272 -20.74 20.73 -46.26
CA PRO C 1272 -21.21 19.48 -45.63
C PRO C 1272 -22.57 19.56 -44.98
N CYS C 1273 -23.20 20.73 -44.98
CA CYS C 1273 -24.58 20.84 -44.52
C CYS C 1273 -25.56 21.05 -45.66
N PHE C 1274 -25.11 21.00 -46.91
CA PHE C 1274 -26.02 21.17 -48.02
C PHE C 1274 -26.93 19.96 -48.14
N LYS C 1275 -26.45 18.80 -47.70
CA LYS C 1275 -27.29 17.62 -47.66
C LYS C 1275 -28.35 17.74 -46.58
N PHE C 1276 -28.06 18.52 -45.53
CA PHE C 1276 -28.94 18.50 -44.36
C PHE C 1276 -30.03 19.54 -44.44
N PHE C 1277 -29.72 20.76 -44.84
CA PHE C 1277 -30.69 21.84 -44.71
C PHE C 1277 -31.10 22.22 -46.12
N THR C 1278 -32.02 21.46 -46.71
CA THR C 1278 -32.59 21.87 -47.98
C THR C 1278 -34.09 21.64 -47.98
N ALA C 1279 -34.84 22.59 -48.53
CA ALA C 1279 -36.28 22.40 -48.62
C ALA C 1279 -36.63 21.37 -49.68
N ALA C 1280 -36.12 21.55 -50.89
CA ALA C 1280 -36.61 20.81 -52.03
C ALA C 1280 -36.06 19.38 -52.06
N ASP C 1281 -34.85 19.19 -51.56
CA ASP C 1281 -34.16 17.92 -51.79
C ASP C 1281 -34.77 16.80 -50.95
N ILE C 1282 -35.14 17.11 -49.71
CA ILE C 1282 -35.87 16.13 -48.91
C ILE C 1282 -37.31 16.01 -49.41
N THR C 1283 -37.87 17.12 -49.92
CA THR C 1283 -39.23 17.12 -50.43
C THR C 1283 -39.34 16.30 -51.71
N ALA C 1284 -38.31 16.33 -52.55
CA ALA C 1284 -38.39 15.67 -53.85
C ALA C 1284 -38.33 14.16 -53.71
N LYS C 1285 -37.74 13.67 -52.63
CA LYS C 1285 -37.63 12.23 -52.46
C LYS C 1285 -38.97 11.59 -52.15
N HIS C 1286 -39.26 10.51 -52.86
CA HIS C 1286 -40.37 9.65 -52.50
C HIS C 1286 -40.10 8.99 -51.16
N ARG C 1287 -41.16 8.60 -50.47
CA ARG C 1287 -40.99 8.18 -49.09
C ARG C 1287 -41.01 6.67 -48.95
N CYS C 1288 -41.26 5.94 -50.04
CA CYS C 1288 -41.45 4.51 -49.91
C CYS C 1288 -40.11 3.80 -49.72
N LEU C 1289 -40.05 2.94 -48.71
CA LEU C 1289 -38.82 2.20 -48.44
C LEU C 1289 -38.64 1.07 -49.42
N GLU C 1290 -39.65 0.82 -50.25
CA GLU C 1290 -39.54 -0.15 -51.32
C GLU C 1290 -38.55 0.34 -52.39
N ARG C 1291 -38.34 1.66 -52.47
CA ARG C 1291 -37.42 2.18 -53.47
C ARG C 1291 -36.37 3.09 -52.86
N LEU C 1292 -36.55 3.54 -51.62
CA LEU C 1292 -35.53 4.41 -51.03
C LEU C 1292 -34.25 3.65 -50.68
N ILE C 1293 -34.37 2.36 -50.38
CA ILE C 1293 -33.18 1.63 -49.97
C ILE C 1293 -32.31 1.29 -51.16
N VAL C 1294 -32.86 1.32 -52.37
CA VAL C 1294 -32.05 0.92 -53.52
C VAL C 1294 -31.36 2.13 -54.14
N GLU C 1295 -31.87 3.35 -53.92
CA GLU C 1295 -31.08 4.50 -54.30
C GLU C 1295 -30.05 4.83 -53.25
N THR C 1296 -30.25 4.33 -52.03
CA THR C 1296 -29.28 4.54 -50.98
C THR C 1296 -28.02 3.71 -51.21
N GLY C 1297 -28.18 2.51 -51.75
CA GLY C 1297 -27.00 1.71 -52.08
C GLY C 1297 -26.28 2.23 -53.31
N SER C 1298 -26.95 3.07 -54.10
CA SER C 1298 -26.41 3.55 -55.37
C SER C 1298 -26.62 5.05 -55.50
N ALA C 1299 -26.26 5.80 -54.48
CA ALA C 1299 -26.45 7.25 -54.57
C ALA C 1299 -25.25 7.93 -55.21
N VAL C 1300 -25.51 9.11 -55.76
CA VAL C 1300 -24.47 9.95 -56.35
C VAL C 1300 -23.82 10.73 -55.23
N SER C 1301 -22.49 10.67 -55.15
CA SER C 1301 -21.76 11.40 -54.12
C SER C 1301 -21.82 12.90 -54.39
N THR C 1302 -21.50 13.69 -53.38
CA THR C 1302 -21.56 15.13 -53.54
C THR C 1302 -20.15 15.72 -53.62
N ALA C 1303 -19.14 14.96 -53.25
CA ALA C 1303 -17.76 15.43 -53.27
C ALA C 1303 -16.86 14.35 -53.82
N THR C 1304 -15.92 14.73 -54.67
CA THR C 1304 -15.09 13.74 -55.35
C THR C 1304 -13.80 13.49 -54.58
N ALA C 1305 -13.25 12.30 -54.76
CA ALA C 1305 -11.98 11.97 -54.11
C ALA C 1305 -10.79 12.46 -54.92
N ALA C 1306 -11.02 12.95 -56.14
CA ALA C 1306 -9.92 13.37 -56.99
C ALA C 1306 -9.32 14.69 -56.52
N SER C 1307 -10.10 15.50 -55.81
CA SER C 1307 -9.64 16.81 -55.40
C SER C 1307 -8.97 16.74 -54.03
N ASP C 1308 -8.02 17.64 -53.79
CA ASP C 1308 -7.32 17.63 -52.51
C ASP C 1308 -8.22 18.12 -51.39
N VAL C 1309 -8.59 19.38 -51.42
CA VAL C 1309 -9.71 19.89 -50.65
C VAL C 1309 -10.97 19.39 -51.34
N GLN C 1310 -11.88 18.80 -50.58
CA GLN C 1310 -13.04 18.14 -51.18
C GLN C 1310 -13.95 19.17 -51.85
N PHE C 1311 -14.21 18.93 -53.13
CA PHE C 1311 -14.88 19.91 -53.96
C PHE C 1311 -16.31 19.48 -54.23
N LYS C 1312 -17.16 20.50 -54.34
CA LYS C 1312 -18.50 20.31 -54.86
C LYS C 1312 -18.42 19.74 -56.28
N ARG C 1313 -19.34 18.84 -56.60
CA ARG C 1313 -19.11 17.87 -57.67
C ARG C 1313 -19.16 18.52 -59.05
N PRO C 1314 -18.25 18.15 -59.95
CA PRO C 1314 -18.36 18.60 -61.34
C PRO C 1314 -19.55 17.93 -62.01
N PRO C 1315 -20.02 18.45 -63.17
CA PRO C 1315 -21.22 17.87 -63.78
C PRO C 1315 -21.08 16.43 -64.25
N GLY C 1316 -20.16 16.13 -65.16
CA GLY C 1316 -20.02 14.75 -65.60
C GLY C 1316 -18.93 14.03 -64.84
N CYS C 1317 -19.33 13.42 -63.71
CA CYS C 1317 -18.51 12.58 -62.84
C CYS C 1317 -19.44 11.84 -61.89
N ARG C 1318 -19.35 10.53 -61.84
CA ARG C 1318 -20.26 9.75 -61.01
C ARG C 1318 -19.46 8.78 -60.15
N GLU C 1319 -19.56 8.95 -58.84
CA GLU C 1319 -19.07 8.00 -57.86
C GLU C 1319 -20.29 7.42 -57.17
N LEU C 1320 -20.57 6.14 -57.43
CA LEU C 1320 -21.72 5.49 -56.80
C LEU C 1320 -21.42 5.22 -55.33
N VAL C 1321 -21.81 6.20 -54.52
CA VAL C 1321 -21.54 6.11 -53.09
C VAL C 1321 -22.73 5.46 -52.42
N GLU C 1322 -22.53 5.01 -51.18
CA GLU C 1322 -23.60 4.50 -50.35
C GLU C 1322 -23.69 5.36 -49.11
N ASP C 1323 -24.56 6.36 -49.12
CA ASP C 1323 -24.65 7.25 -47.96
C ASP C 1323 -25.89 6.96 -47.13
N PRO C 1324 -25.75 6.72 -45.84
CA PRO C 1324 -26.93 6.61 -44.97
C PRO C 1324 -27.61 7.94 -44.74
N CYS C 1325 -26.91 9.05 -44.96
CA CYS C 1325 -27.48 10.37 -44.67
C CYS C 1325 -28.59 10.70 -45.65
N GLY C 1326 -28.56 10.10 -46.84
CA GLY C 1326 -29.59 10.38 -47.82
C GLY C 1326 -30.93 9.79 -47.45
N LEU C 1327 -30.92 8.58 -46.87
CA LEU C 1327 -32.18 7.99 -46.44
C LEU C 1327 -32.53 8.46 -45.04
N PHE C 1328 -31.63 8.26 -44.09
CA PHE C 1328 -31.94 8.43 -42.68
C PHE C 1328 -32.02 9.88 -42.25
N GLN C 1329 -31.37 10.80 -42.97
CA GLN C 1329 -31.23 12.21 -42.62
C GLN C 1329 -30.61 12.35 -41.23
N GLU C 1330 -29.35 11.98 -41.13
CA GLU C 1330 -28.77 11.56 -39.88
C GLU C 1330 -27.24 11.60 -39.95
N ALA C 1331 -26.60 12.13 -38.91
CA ALA C 1331 -25.15 12.21 -38.84
C ALA C 1331 -24.61 11.70 -37.50
N TYR C 1332 -23.57 10.87 -37.55
CA TYR C 1332 -23.17 10.07 -36.41
C TYR C 1332 -22.18 10.83 -35.52
N PRO C 1333 -21.88 10.33 -34.33
CA PRO C 1333 -20.74 10.84 -33.57
C PRO C 1333 -19.50 9.97 -33.76
N ILE C 1334 -18.37 10.50 -33.31
CA ILE C 1334 -17.16 9.70 -33.13
C ILE C 1334 -16.57 9.98 -31.77
N THR C 1335 -15.38 9.42 -31.54
CA THR C 1335 -14.73 9.51 -30.25
C THR C 1335 -14.15 10.90 -30.06
N CYS C 1336 -14.94 11.78 -29.45
CA CYS C 1336 -14.45 13.11 -29.21
C CYS C 1336 -14.48 13.37 -27.71
N ALA C 1337 -13.46 14.06 -27.24
CA ALA C 1337 -13.32 14.35 -25.82
C ALA C 1337 -12.77 15.74 -25.66
N SER C 1338 -13.39 16.54 -24.80
CA SER C 1338 -12.91 17.91 -24.65
C SER C 1338 -11.72 17.95 -23.70
N ASP C 1339 -11.36 16.83 -23.08
CA ASP C 1339 -10.04 16.77 -22.49
C ASP C 1339 -9.18 15.71 -23.15
N PRO C 1340 -7.88 15.99 -23.31
CA PRO C 1340 -6.94 14.90 -23.61
C PRO C 1340 -6.68 14.01 -22.42
N ALA C 1341 -7.07 14.43 -21.22
CA ALA C 1341 -7.08 13.51 -20.09
C ALA C 1341 -8.11 12.42 -20.29
N LEU C 1342 -9.31 12.81 -20.72
CA LEU C 1342 -10.37 11.84 -20.95
C LEU C 1342 -10.06 10.97 -22.15
N LEU C 1343 -9.47 11.57 -23.19
CA LEU C 1343 -9.29 10.87 -24.46
C LEU C 1343 -8.23 9.79 -24.37
N ARG C 1344 -7.37 9.86 -23.36
CA ARG C 1344 -6.43 8.77 -23.15
C ARG C 1344 -7.14 7.55 -22.58
N SER C 1345 -8.29 7.74 -21.93
CA SER C 1345 -9.07 6.60 -21.48
C SER C 1345 -10.10 6.20 -22.52
N ALA C 1346 -10.17 6.94 -23.62
CA ALA C 1346 -11.13 6.64 -24.66
C ALA C 1346 -10.75 5.40 -25.46
N ARG C 1347 -9.46 5.19 -25.66
CA ARG C 1347 -9.02 3.88 -26.13
C ARG C 1347 -9.16 2.87 -25.01
N ASP C 1348 -9.02 1.59 -25.37
CA ASP C 1348 -9.17 0.38 -24.54
C ASP C 1348 -10.60 0.16 -24.05
N GLY C 1349 -11.61 0.77 -24.68
CA GLY C 1349 -12.99 0.35 -24.47
C GLY C 1349 -13.77 1.29 -23.58
N GLU C 1350 -15.08 1.12 -23.65
CA GLU C 1350 -16.06 2.03 -23.06
C GLU C 1350 -16.54 1.60 -21.69
N ALA C 1351 -16.12 0.43 -21.20
CA ALA C 1351 -16.58 -0.04 -19.90
C ALA C 1351 -15.99 0.79 -18.77
N HIS C 1352 -14.79 1.31 -18.98
CA HIS C 1352 -14.17 2.24 -18.04
C HIS C 1352 -13.89 3.60 -18.67
N ALA C 1353 -14.70 4.02 -19.63
CA ALA C 1353 -14.53 5.32 -20.25
C ALA C 1353 -14.89 6.43 -19.27
N ARG C 1354 -13.96 7.35 -19.06
CA ARG C 1354 -14.15 8.47 -18.15
C ARG C 1354 -15.11 9.44 -18.80
N GLU C 1355 -16.41 9.23 -18.61
CA GLU C 1355 -17.39 9.72 -19.57
C GLU C 1355 -17.73 11.18 -19.31
N THR C 1356 -17.50 11.66 -18.08
CA THR C 1356 -17.47 13.09 -17.83
C THR C 1356 -16.68 13.41 -16.56
N HIS C 1357 -16.48 14.71 -16.35
CA HIS C 1357 -15.50 15.27 -15.43
C HIS C 1357 -15.73 16.77 -15.56
N PHE C 1358 -15.43 17.53 -14.50
CA PHE C 1358 -16.29 18.61 -13.92
C PHE C 1358 -17.09 19.34 -15.01
N THR C 1359 -16.46 20.04 -15.95
CA THR C 1359 -17.23 20.64 -17.04
C THR C 1359 -16.91 19.98 -18.36
N GLN C 1360 -15.89 19.14 -18.38
CA GLN C 1360 -15.47 18.52 -19.61
C GLN C 1360 -16.34 17.31 -19.92
N TYR C 1361 -16.06 16.63 -21.02
CA TYR C 1361 -16.92 15.55 -21.49
C TYR C 1361 -16.22 14.73 -22.55
N LEU C 1362 -16.52 13.44 -22.54
CA LEU C 1362 -16.09 12.52 -23.59
C LEU C 1362 -17.32 11.94 -24.25
N ILE C 1363 -17.28 11.82 -25.56
CA ILE C 1363 -18.38 11.26 -26.34
C ILE C 1363 -17.84 10.09 -27.13
N TYR C 1364 -18.24 8.89 -26.75
CA TYR C 1364 -17.64 7.70 -27.33
C TYR C 1364 -18.23 7.46 -28.72
N ASP C 1365 -17.58 6.57 -29.47
CA ASP C 1365 -17.97 6.30 -30.85
C ASP C 1365 -19.28 5.53 -30.92
N ALA C 1366 -20.27 6.11 -31.59
CA ALA C 1366 -21.53 5.43 -31.89
C ALA C 1366 -21.81 5.61 -33.38
N SER C 1367 -21.28 4.71 -34.19
CA SER C 1367 -21.19 4.87 -35.63
C SER C 1367 -21.16 3.50 -36.25
N PRO C 1368 -21.37 3.39 -37.57
CA PRO C 1368 -21.10 2.10 -38.23
C PRO C 1368 -19.65 1.67 -38.26
N LEU C 1369 -18.73 2.49 -37.75
CA LEU C 1369 -17.32 2.16 -37.83
C LEU C 1369 -16.77 1.64 -36.52
N LYS C 1370 -17.60 1.52 -35.49
CA LYS C 1370 -17.13 1.09 -34.19
C LYS C 1370 -16.74 -0.38 -34.21
N GLY C 1371 -15.66 -0.69 -33.49
CA GLY C 1371 -15.09 -2.01 -33.52
C GLY C 1371 -14.03 -2.21 -34.57
N LEU C 1372 -13.93 -1.34 -35.56
CA LEU C 1372 -12.88 -1.42 -36.57
C LEU C 1372 -11.65 -0.68 -36.07
N SER C 1373 -10.50 -1.31 -36.24
CA SER C 1373 -9.25 -0.72 -35.74
C SER C 1373 -8.78 0.44 -36.59
N LEU C 1374 -9.21 0.50 -37.84
CA LEU C 1374 -8.83 1.57 -38.76
C LEU C 1374 -9.48 2.91 -38.42
N ARG D 6 -51.69 20.92 -79.94
CA ARG D 6 -52.43 19.78 -80.49
C ARG D 6 -51.52 18.88 -81.32
N ASP D 7 -50.83 17.97 -80.66
CA ASP D 7 -49.86 17.19 -81.42
C ASP D 7 -50.54 16.03 -82.14
N PRO D 8 -50.22 15.83 -83.42
CA PRO D 8 -50.79 14.71 -84.17
C PRO D 8 -49.89 13.49 -84.11
N PRO D 9 -50.43 12.30 -84.37
CA PRO D 9 -49.56 11.13 -84.57
C PRO D 9 -48.93 11.16 -85.95
N GLY D 10 -47.79 10.48 -86.07
CA GLY D 10 -47.03 10.56 -87.30
C GLY D 10 -47.66 9.73 -88.41
N TYR D 11 -47.25 10.00 -89.65
CA TYR D 11 -47.71 9.19 -90.76
C TYR D 11 -47.02 7.84 -90.72
N ARG D 12 -47.76 6.80 -91.09
CA ARG D 12 -47.14 5.50 -91.21
C ARG D 12 -46.71 5.27 -92.64
N TYR D 13 -45.39 5.24 -92.86
CA TYR D 13 -44.81 4.87 -94.15
C TYR D 13 -44.82 3.36 -94.25
N ALA D 14 -44.37 2.85 -95.40
CA ALA D 14 -44.40 1.44 -95.80
C ALA D 14 -45.81 0.88 -95.87
N ALA D 15 -46.81 1.76 -95.87
CA ALA D 15 -48.16 1.38 -96.28
C ALA D 15 -48.55 2.13 -97.55
N ALA D 16 -47.85 3.23 -97.83
CA ALA D 16 -48.11 3.99 -99.05
C ALA D 16 -47.58 3.28 -100.29
N ILE D 17 -46.73 2.27 -100.09
CA ILE D 17 -46.25 1.47 -101.22
C ILE D 17 -47.39 0.67 -101.84
N LEU D 18 -48.23 0.06 -101.01
CA LEU D 18 -49.39 -0.63 -101.58
C LEU D 18 -50.46 0.41 -101.88
N PRO D 19 -50.92 0.53 -103.12
CA PRO D 19 -51.90 1.58 -103.45
C PRO D 19 -53.30 1.28 -102.96
N THR D 20 -53.55 1.64 -101.70
CA THR D 20 -54.92 1.59 -101.18
C THR D 20 -55.83 2.51 -101.98
N GLY D 21 -55.41 3.74 -102.19
CA GLY D 21 -56.17 4.69 -102.97
C GLY D 21 -55.28 5.70 -103.64
N SER D 22 -55.83 6.38 -104.64
CA SER D 22 -55.10 7.37 -105.41
C SER D 22 -55.87 8.69 -105.43
N ILE D 23 -55.15 9.80 -105.40
CA ILE D 23 -55.78 11.11 -105.40
C ILE D 23 -56.05 11.54 -106.83
N LEU D 24 -57.27 12.02 -107.09
CA LEU D 24 -57.71 12.39 -108.43
C LEU D 24 -57.40 13.84 -108.78
N SER D 25 -57.33 14.73 -107.80
CA SER D 25 -57.12 16.15 -108.03
C SER D 25 -55.67 16.52 -107.69
N THR D 26 -55.05 17.31 -108.56
CA THR D 26 -53.67 17.74 -108.39
C THR D 26 -53.64 19.26 -108.23
N ILE D 27 -53.80 19.72 -106.99
CA ILE D 27 -53.81 21.15 -106.68
C ILE D 27 -52.75 21.45 -105.63
N GLU D 28 -52.70 22.70 -105.17
CA GLU D 28 -51.80 23.06 -104.09
C GLU D 28 -52.37 22.61 -102.75
N VAL D 29 -51.51 22.06 -101.90
CA VAL D 29 -51.92 21.51 -100.61
C VAL D 29 -51.44 22.40 -99.46
N ALA D 30 -50.51 23.32 -99.72
CA ALA D 30 -49.95 24.15 -98.66
C ALA D 30 -50.97 25.18 -98.16
N SER D 31 -51.96 25.51 -98.98
CA SER D 31 -53.05 26.38 -98.52
C SER D 31 -54.03 25.60 -97.64
N HIS D 32 -54.01 24.27 -97.74
CA HIS D 32 -54.89 23.43 -96.94
C HIS D 32 -54.15 22.81 -95.76
N ARG D 33 -53.25 23.57 -95.14
CA ARG D 33 -52.39 23.09 -94.07
C ARG D 33 -53.16 22.77 -92.79
N ARG D 34 -54.10 23.63 -92.40
CA ARG D 34 -54.74 23.50 -91.10
C ARG D 34 -55.82 22.42 -91.07
N LEU D 35 -56.17 21.86 -92.24
CA LEU D 35 -57.30 20.93 -92.29
C LEU D 35 -56.86 19.51 -91.93
N PHE D 36 -55.71 19.08 -92.43
CA PHE D 36 -55.27 17.70 -92.25
C PHE D 36 -54.77 17.45 -90.83
N ASP D 37 -54.70 16.17 -90.46
CA ASP D 37 -54.15 15.83 -89.15
C ASP D 37 -52.63 15.91 -89.17
N PHE D 38 -51.99 15.19 -90.08
CA PHE D 38 -50.54 15.17 -90.19
C PHE D 38 -50.15 15.55 -91.61
N PHE D 39 -49.17 16.44 -91.74
CA PHE D 39 -48.71 16.91 -93.03
C PHE D 39 -47.22 17.20 -92.96
N ALA D 40 -46.42 16.45 -93.70
CA ALA D 40 -44.98 16.60 -93.69
C ALA D 40 -44.52 17.17 -95.02
N ALA D 41 -43.83 18.31 -94.96
CA ALA D 41 -43.30 19.00 -96.14
C ALA D 41 -41.92 18.43 -96.46
N VAL D 42 -41.87 17.50 -97.40
CA VAL D 42 -40.65 16.77 -97.73
C VAL D 42 -40.32 17.11 -99.18
N ARG D 43 -39.50 18.15 -99.38
CA ARG D 43 -39.29 18.66 -100.74
C ARG D 43 -38.43 17.72 -101.57
N SER D 44 -37.16 17.58 -101.22
CA SER D 44 -36.37 16.46 -101.70
C SER D 44 -36.45 15.41 -100.62
N ASP D 45 -35.75 14.31 -100.83
CA ASP D 45 -35.76 13.24 -99.86
C ASP D 45 -34.98 13.65 -98.61
N GLU D 46 -35.72 13.97 -97.55
CA GLU D 46 -35.11 14.25 -96.27
C GLU D 46 -34.91 12.96 -95.49
N ASN D 47 -34.18 13.07 -94.38
CA ASN D 47 -33.78 11.87 -93.65
C ASN D 47 -34.95 11.32 -92.83
N SER D 48 -36.01 12.09 -92.68
CA SER D 48 -37.13 11.67 -91.85
C SER D 48 -37.94 10.55 -92.49
N LEU D 49 -37.82 10.37 -93.81
CA LEU D 49 -38.58 9.32 -94.47
C LEU D 49 -37.99 7.94 -94.18
N TYR D 50 -36.73 7.91 -93.75
CA TYR D 50 -36.02 6.63 -93.72
C TYR D 50 -36.20 5.94 -92.39
N ASP D 51 -36.62 6.67 -91.36
CA ASP D 51 -36.53 6.17 -90.00
C ASP D 51 -37.63 5.16 -89.69
N VAL D 52 -37.23 4.02 -89.13
CA VAL D 52 -38.15 3.00 -88.65
C VAL D 52 -37.93 2.83 -87.15
N GLU D 53 -39.03 2.66 -86.42
CA GLU D 53 -38.99 2.53 -84.96
C GLU D 53 -40.21 1.75 -84.53
N PHE D 54 -40.12 1.15 -83.35
CA PHE D 54 -41.21 0.36 -82.81
C PHE D 54 -41.02 0.16 -81.32
N ASP D 55 -42.12 -0.12 -80.63
CA ASP D 55 -42.07 -0.59 -79.25
C ASP D 55 -42.32 -2.08 -79.31
N ALA D 56 -41.77 -2.83 -78.37
CA ALA D 56 -42.02 -4.26 -78.33
C ALA D 56 -42.40 -4.69 -76.92
N LEU D 57 -43.30 -5.66 -76.83
CA LEU D 57 -43.52 -6.38 -75.59
C LEU D 57 -42.65 -7.63 -75.66
N LEU D 58 -42.00 -7.98 -74.57
CA LEU D 58 -40.99 -9.04 -74.66
C LEU D 58 -41.35 -10.26 -73.82
N GLY D 59 -42.54 -10.30 -73.27
CA GLY D 59 -43.00 -11.52 -72.63
C GLY D 59 -44.12 -11.28 -71.65
N SER D 60 -45.09 -12.17 -71.70
CA SER D 60 -46.20 -12.18 -70.75
C SER D 60 -45.91 -13.27 -69.73
N TYR D 61 -45.76 -12.87 -68.47
CA TYR D 61 -45.37 -13.78 -67.40
C TYR D 61 -46.46 -13.84 -66.34
N CYS D 62 -46.88 -15.06 -66.02
CA CYS D 62 -47.90 -15.33 -65.01
C CYS D 62 -47.39 -16.44 -64.12
N ASN D 63 -47.67 -16.35 -62.82
CA ASN D 63 -47.16 -17.33 -61.87
C ASN D 63 -48.10 -18.53 -61.82
N THR D 64 -47.54 -19.69 -61.52
CA THR D 64 -48.38 -20.86 -61.31
C THR D 64 -48.84 -20.91 -59.86
N LEU D 65 -50.10 -20.55 -59.65
CA LEU D 65 -50.65 -20.35 -58.33
C LEU D 65 -50.80 -21.70 -57.63
N SER D 66 -49.88 -21.99 -56.71
CA SER D 66 -49.87 -23.28 -56.04
C SER D 66 -51.00 -23.36 -55.03
N LEU D 67 -51.67 -24.51 -55.01
CA LEU D 67 -52.81 -24.73 -54.13
C LEU D 67 -52.53 -25.94 -53.26
N VAL D 68 -52.84 -25.84 -51.97
CA VAL D 68 -52.43 -26.83 -50.98
C VAL D 68 -53.63 -27.73 -50.67
N ARG D 69 -53.35 -28.87 -50.05
CA ARG D 69 -54.40 -29.83 -49.78
C ARG D 69 -54.85 -29.82 -48.33
N PHE D 70 -53.90 -29.55 -47.42
CA PHE D 70 -53.90 -29.67 -45.95
C PHE D 70 -53.82 -31.13 -45.50
N LEU D 71 -54.05 -32.08 -46.41
CA LEU D 71 -53.53 -33.42 -46.19
C LEU D 71 -52.02 -33.38 -46.15
N GLU D 72 -51.43 -32.81 -47.20
CA GLU D 72 -49.98 -32.70 -47.35
C GLU D 72 -49.47 -31.47 -46.60
N LEU D 73 -49.57 -31.55 -45.28
CA LEU D 73 -49.16 -30.45 -44.42
C LEU D 73 -48.90 -31.03 -43.03
N GLY D 74 -48.02 -30.38 -42.29
CA GLY D 74 -47.61 -30.93 -41.01
C GLY D 74 -48.68 -30.85 -39.94
N LEU D 75 -49.71 -30.06 -40.19
CA LEU D 75 -50.74 -29.86 -39.19
C LEU D 75 -51.84 -30.91 -39.27
N SER D 76 -51.74 -31.82 -40.24
CA SER D 76 -52.74 -32.88 -40.34
C SER D 76 -52.58 -33.92 -39.25
N VAL D 77 -51.46 -33.88 -38.52
CA VAL D 77 -51.29 -34.77 -37.38
C VAL D 77 -51.79 -34.09 -36.11
N ALA D 78 -52.14 -32.81 -36.19
CA ALA D 78 -52.75 -32.15 -35.05
C ALA D 78 -54.21 -32.52 -34.93
N CYS D 79 -54.84 -32.85 -36.04
CA CYS D 79 -56.29 -32.90 -36.15
C CYS D 79 -56.77 -34.26 -36.64
N VAL D 80 -57.74 -34.82 -35.92
CA VAL D 80 -58.74 -35.64 -36.57
C VAL D 80 -59.57 -34.69 -37.42
N CYS D 81 -60.05 -35.15 -38.58
CA CYS D 81 -60.95 -34.36 -39.41
C CYS D 81 -61.94 -35.27 -40.12
N THR D 82 -63.21 -35.07 -39.84
CA THR D 82 -64.26 -35.75 -40.59
C THR D 82 -65.17 -34.72 -41.23
N LYS D 83 -65.70 -35.06 -42.41
CA LYS D 83 -66.63 -34.21 -43.13
C LYS D 83 -68.05 -34.59 -42.73
N PHE D 84 -68.82 -33.62 -42.28
CA PHE D 84 -70.20 -33.84 -41.86
C PHE D 84 -71.08 -32.79 -42.49
N PRO D 85 -71.70 -33.07 -43.63
CA PRO D 85 -72.36 -32.02 -44.43
C PRO D 85 -73.69 -31.51 -43.91
N GLU D 86 -74.11 -31.87 -42.70
CA GLU D 86 -75.32 -31.32 -42.11
C GLU D 86 -75.04 -30.60 -40.80
N LEU D 87 -73.91 -29.90 -40.69
CA LEU D 87 -73.59 -29.24 -39.43
C LEU D 87 -74.44 -27.98 -39.27
N ALA D 88 -74.95 -27.44 -40.37
CA ALA D 88 -75.84 -26.30 -40.29
C ALA D 88 -77.17 -26.67 -39.65
N TYR D 89 -77.58 -27.93 -39.83
CA TYR D 89 -78.82 -28.39 -39.21
C TYR D 89 -78.56 -28.96 -37.83
N MET D 90 -77.30 -29.03 -37.42
CA MET D 90 -76.94 -29.66 -36.16
C MET D 90 -77.07 -28.65 -35.02
N ASN D 91 -77.94 -28.95 -34.07
CA ASN D 91 -78.23 -27.97 -33.01
C ASN D 91 -77.09 -27.92 -31.99
N GLU D 92 -76.81 -29.04 -31.33
CA GLU D 92 -75.80 -29.07 -30.28
C GLU D 92 -75.14 -30.43 -30.27
N GLY D 93 -73.84 -30.44 -30.51
CA GLY D 93 -73.12 -31.69 -30.56
C GLY D 93 -72.37 -32.01 -29.30
N ARG D 94 -72.59 -33.20 -28.75
CA ARG D 94 -71.96 -33.61 -27.51
C ARG D 94 -71.00 -34.75 -27.79
N VAL D 95 -69.97 -34.88 -26.96
CA VAL D 95 -69.01 -35.97 -27.01
C VAL D 95 -68.87 -36.52 -25.60
N GLN D 96 -69.01 -37.82 -25.44
CA GLN D 96 -69.05 -38.44 -24.11
C GLN D 96 -67.67 -38.94 -23.73
N PHE D 97 -67.25 -38.67 -22.50
CA PHE D 97 -66.00 -39.21 -21.97
C PHE D 97 -66.26 -39.90 -20.64
N GLU D 98 -66.07 -41.22 -20.62
CA GLU D 98 -66.12 -41.98 -19.37
C GLU D 98 -64.70 -42.41 -19.03
N VAL D 99 -64.07 -41.73 -18.07
CA VAL D 99 -62.68 -41.95 -17.76
C VAL D 99 -62.56 -42.41 -16.31
N HIS D 100 -61.78 -43.47 -16.09
CA HIS D 100 -61.71 -44.19 -14.84
C HIS D 100 -60.48 -43.75 -14.06
N GLN D 101 -60.47 -44.02 -12.76
CA GLN D 101 -59.33 -43.76 -11.93
C GLN D 101 -59.03 -44.99 -11.09
N PRO D 102 -57.79 -45.44 -11.02
CA PRO D 102 -57.47 -46.58 -10.15
C PRO D 102 -57.24 -46.09 -8.74
N LEU D 103 -57.04 -47.03 -7.83
CA LEU D 103 -56.71 -46.68 -6.45
C LEU D 103 -55.62 -47.59 -5.94
N ILE D 104 -55.12 -47.27 -4.76
CA ILE D 104 -54.10 -48.06 -4.06
C ILE D 104 -54.64 -48.46 -2.71
N ALA D 105 -54.66 -49.75 -2.44
CA ALA D 105 -55.09 -50.23 -1.15
C ALA D 105 -54.08 -49.84 -0.08
N ARG D 106 -54.51 -48.98 0.83
CA ARG D 106 -53.63 -48.43 1.86
C ARG D 106 -53.99 -49.06 3.20
N ASP D 107 -52.99 -49.28 4.05
CA ASP D 107 -53.22 -49.72 5.41
C ASP D 107 -53.56 -48.53 6.30
N GLY D 108 -53.54 -48.78 7.61
CA GLY D 108 -53.66 -47.72 8.58
C GLY D 108 -55.07 -47.21 8.74
N PRO D 109 -55.30 -46.43 9.79
CA PRO D 109 -56.65 -45.91 10.06
C PRO D 109 -57.00 -44.67 9.24
N HIS D 110 -57.10 -44.87 7.93
CA HIS D 110 -57.71 -43.91 7.03
C HIS D 110 -58.99 -44.52 6.51
N PRO D 111 -60.03 -43.73 6.24
CA PRO D 111 -61.22 -44.27 5.60
C PRO D 111 -60.88 -44.78 4.21
N VAL D 112 -61.32 -46.01 3.93
CA VAL D 112 -60.79 -46.77 2.81
C VAL D 112 -61.34 -46.22 1.50
N GLU D 113 -60.48 -46.15 0.50
CA GLU D 113 -60.81 -45.55 -0.80
C GLU D 113 -61.57 -46.53 -1.66
N GLN D 114 -62.82 -46.20 -1.97
CA GLN D 114 -63.53 -46.91 -3.02
C GLN D 114 -63.16 -46.26 -4.36
N PRO D 115 -63.28 -46.98 -5.48
CA PRO D 115 -62.92 -46.35 -6.77
C PRO D 115 -63.94 -45.29 -7.14
N VAL D 116 -63.53 -44.41 -8.04
CA VAL D 116 -64.43 -43.41 -8.59
C VAL D 116 -64.44 -43.50 -10.09
N HIS D 117 -65.49 -42.96 -10.68
CA HIS D 117 -65.68 -42.87 -12.12
C HIS D 117 -65.99 -41.41 -12.42
N ASN D 118 -66.01 -41.02 -13.69
CA ASN D 118 -66.13 -39.59 -13.94
C ASN D 118 -67.35 -39.24 -14.79
N TYR D 119 -67.43 -39.76 -16.03
CA TYR D 119 -68.52 -39.50 -16.98
C TYR D 119 -68.68 -38.02 -17.30
N MET D 120 -67.72 -37.42 -18.00
CA MET D 120 -67.93 -36.04 -18.40
C MET D 120 -68.26 -35.94 -19.90
N THR D 121 -68.84 -34.81 -20.30
CA THR D 121 -69.23 -34.56 -21.68
C THR D 121 -68.85 -33.16 -22.09
N LYS D 122 -68.76 -32.95 -23.41
CA LYS D 122 -68.35 -31.66 -23.96
C LYS D 122 -69.36 -31.22 -25.02
N VAL D 123 -69.08 -30.07 -25.62
CA VAL D 123 -70.00 -29.40 -26.54
C VAL D 123 -69.17 -28.85 -27.71
N ILE D 124 -69.67 -29.03 -28.93
CA ILE D 124 -69.06 -28.42 -30.12
C ILE D 124 -69.15 -26.90 -30.03
N ASP D 125 -68.07 -26.23 -30.42
CA ASP D 125 -68.08 -24.80 -30.66
C ASP D 125 -68.29 -24.57 -32.15
N ARG D 126 -68.97 -23.49 -32.51
CA ARG D 126 -69.35 -23.25 -33.89
C ARG D 126 -68.57 -22.06 -34.46
N ARG D 127 -67.87 -22.29 -35.56
CA ARG D 127 -67.13 -21.24 -36.25
C ARG D 127 -67.36 -21.39 -37.75
N ALA D 128 -67.52 -20.25 -38.43
CA ALA D 128 -67.90 -20.24 -39.84
C ALA D 128 -66.92 -19.38 -40.63
N LEU D 129 -66.31 -19.98 -41.64
CA LEU D 129 -65.31 -19.31 -42.45
C LEU D 129 -66.00 -18.53 -43.56
N ASN D 130 -65.30 -17.53 -44.10
CA ASN D 130 -65.86 -16.68 -45.16
C ASN D 130 -64.80 -16.40 -46.21
N ALA D 131 -65.21 -16.50 -47.47
CA ALA D 131 -64.40 -16.04 -48.59
C ALA D 131 -65.33 -15.50 -49.67
N ALA D 132 -64.90 -14.45 -50.34
CA ALA D 132 -65.71 -13.84 -51.38
C ALA D 132 -64.86 -13.63 -52.62
N PHE D 133 -65.52 -13.34 -53.73
CA PHE D 133 -64.85 -12.98 -54.97
C PHE D 133 -65.80 -12.17 -55.85
N SER D 134 -65.26 -11.65 -56.94
CA SER D 134 -65.95 -10.64 -57.72
C SER D 134 -66.35 -11.19 -59.09
N LEU D 135 -67.37 -10.57 -59.67
CA LEU D 135 -67.75 -10.76 -61.06
C LEU D 135 -67.99 -9.38 -61.65
N ALA D 136 -67.24 -9.04 -62.69
CA ALA D 136 -67.33 -7.70 -63.26
C ALA D 136 -68.66 -7.50 -63.98
N THR D 137 -69.02 -6.23 -64.19
CA THR D 137 -70.30 -5.90 -64.80
C THR D 137 -70.33 -6.31 -66.28
N GLU D 138 -69.24 -6.04 -67.00
CA GLU D 138 -69.14 -6.52 -68.37
C GLU D 138 -68.97 -8.03 -68.41
N ALA D 139 -68.43 -8.62 -67.35
CA ALA D 139 -68.29 -10.07 -67.29
C ALA D 139 -69.64 -10.74 -67.17
N ILE D 140 -70.62 -10.07 -66.56
CA ILE D 140 -72.00 -10.56 -66.58
C ILE D 140 -72.56 -10.43 -67.98
N ALA D 141 -72.29 -9.29 -68.64
CA ALA D 141 -72.90 -9.04 -69.95
C ALA D 141 -72.22 -9.84 -71.04
N LEU D 142 -70.95 -10.22 -70.85
CA LEU D 142 -70.28 -11.04 -71.86
C LEU D 142 -70.59 -12.51 -71.65
N LEU D 143 -70.77 -12.93 -70.41
CA LEU D 143 -71.31 -14.26 -70.18
C LEU D 143 -72.79 -14.30 -70.50
N THR D 144 -73.31 -15.52 -70.64
CA THR D 144 -74.74 -15.82 -70.85
C THR D 144 -75.30 -15.10 -72.07
N GLY D 145 -74.49 -14.98 -73.11
CA GLY D 145 -74.92 -14.27 -74.30
C GLY D 145 -75.01 -12.79 -74.03
N GLU D 146 -76.08 -12.16 -74.56
CA GLU D 146 -76.62 -10.86 -74.19
C GLU D 146 -75.75 -9.68 -74.65
N ALA D 147 -74.53 -9.94 -75.11
CA ALA D 147 -73.68 -8.92 -75.72
C ALA D 147 -72.73 -9.61 -76.68
N LEU D 148 -73.10 -9.65 -77.95
CA LEU D 148 -72.25 -10.17 -79.01
C LEU D 148 -72.41 -9.26 -80.21
N ASP D 149 -71.32 -8.60 -80.61
CA ASP D 149 -71.34 -7.70 -81.77
C ASP D 149 -71.23 -8.44 -83.09
N GLY D 150 -71.11 -9.76 -83.07
CA GLY D 150 -70.94 -10.50 -84.29
C GLY D 150 -69.55 -10.41 -84.86
N THR D 151 -68.54 -10.18 -84.01
CA THR D 151 -67.15 -10.15 -84.43
C THR D 151 -66.34 -11.09 -83.56
N GLY D 152 -65.05 -11.21 -83.87
CA GLY D 152 -64.18 -12.03 -83.04
C GLY D 152 -63.80 -11.34 -81.74
N ILE D 153 -63.98 -10.02 -81.68
CA ILE D 153 -63.81 -9.28 -80.43
C ILE D 153 -64.81 -9.75 -79.39
N SER D 154 -66.05 -9.98 -79.82
CA SER D 154 -67.08 -10.47 -78.91
C SER D 154 -66.76 -11.88 -78.43
N LEU D 155 -66.14 -12.69 -79.29
CA LEU D 155 -65.73 -14.02 -78.86
C LEU D 155 -64.55 -13.94 -77.91
N HIS D 156 -63.56 -13.11 -78.22
CA HIS D 156 -62.34 -13.12 -77.43
C HIS D 156 -62.53 -12.46 -76.08
N ARG D 157 -63.41 -11.47 -76.00
CA ARG D 157 -63.71 -10.88 -74.70
C ARG D 157 -64.51 -11.82 -73.82
N GLN D 158 -65.29 -12.71 -74.45
CA GLN D 158 -65.97 -13.75 -73.68
C GLN D 158 -64.97 -14.76 -73.14
N LEU D 159 -63.95 -15.09 -73.93
CA LEU D 159 -62.92 -15.99 -73.46
C LEU D 159 -62.02 -15.31 -72.44
N ARG D 160 -61.98 -13.97 -72.45
CA ARG D 160 -61.27 -13.27 -71.40
C ARG D 160 -62.08 -13.28 -70.11
N ALA D 161 -63.41 -13.34 -70.23
CA ALA D 161 -64.25 -13.32 -69.03
C ALA D 161 -64.28 -14.68 -68.35
N ILE D 162 -64.26 -15.75 -69.14
CA ILE D 162 -64.23 -17.09 -68.56
C ILE D 162 -62.88 -17.35 -67.92
N GLN D 163 -61.81 -16.84 -68.51
CA GLN D 163 -60.49 -17.07 -67.92
C GLN D 163 -60.26 -16.20 -66.70
N GLN D 164 -60.97 -15.09 -66.58
CA GLN D 164 -60.96 -14.33 -65.34
C GLN D 164 -61.66 -15.11 -64.24
N LEU D 165 -62.79 -15.73 -64.58
CA LEU D 165 -63.60 -16.42 -63.59
C LEU D 165 -62.96 -17.74 -63.17
N ALA D 166 -62.13 -18.32 -64.04
CA ALA D 166 -61.48 -19.58 -63.68
C ALA D 166 -60.39 -19.35 -62.66
N ARG D 167 -59.86 -18.12 -62.57
CA ARG D 167 -58.87 -17.84 -61.55
C ARG D 167 -59.51 -17.73 -60.18
N ASN D 168 -60.68 -17.10 -60.11
CA ASN D 168 -61.30 -16.80 -58.82
C ASN D 168 -61.88 -18.06 -58.18
N VAL D 169 -62.43 -18.96 -58.99
CA VAL D 169 -63.07 -20.15 -58.42
C VAL D 169 -62.02 -21.12 -57.89
N GLN D 170 -60.89 -21.24 -58.60
CA GLN D 170 -59.81 -22.07 -58.09
C GLN D 170 -59.08 -21.38 -56.95
N ALA D 171 -59.25 -20.07 -56.81
CA ALA D 171 -58.69 -19.39 -55.65
C ALA D 171 -59.48 -19.73 -54.39
N VAL D 172 -60.79 -19.50 -54.40
CA VAL D 172 -61.55 -19.55 -53.16
C VAL D 172 -61.90 -21.00 -52.81
N LEU D 173 -61.89 -21.90 -53.77
CA LEU D 173 -61.99 -23.32 -53.43
C LEU D 173 -60.65 -23.83 -52.94
N GLY D 174 -59.57 -23.11 -53.23
CA GLY D 174 -58.32 -23.40 -52.58
C GLY D 174 -58.17 -22.68 -51.26
N ALA D 175 -59.00 -21.67 -51.03
CA ALA D 175 -58.86 -20.88 -49.80
C ALA D 175 -59.32 -21.66 -48.59
N PHE D 176 -60.29 -22.54 -48.75
CA PHE D 176 -60.75 -23.30 -47.59
C PHE D 176 -59.77 -24.40 -47.23
N GLU D 177 -58.89 -24.75 -48.15
CA GLU D 177 -57.77 -25.60 -47.77
C GLU D 177 -56.82 -24.84 -46.85
N ARG D 178 -56.69 -23.53 -47.06
CA ARG D 178 -55.81 -22.74 -46.21
C ARG D 178 -56.57 -22.19 -45.02
N GLY D 179 -57.88 -21.97 -45.16
CA GLY D 179 -58.66 -21.48 -44.05
C GLY D 179 -58.81 -22.51 -42.96
N THR D 180 -58.69 -23.79 -43.31
CA THR D 180 -58.57 -24.83 -42.31
C THR D 180 -57.27 -24.71 -41.53
N ALA D 181 -56.16 -24.47 -42.22
CA ALA D 181 -54.88 -24.31 -41.54
C ALA D 181 -54.81 -22.98 -40.81
N ASP D 182 -55.66 -22.02 -41.20
CA ASP D 182 -55.81 -20.82 -40.40
C ASP D 182 -56.45 -21.14 -39.07
N GLN D 183 -57.55 -21.86 -39.10
CA GLN D 183 -58.38 -21.99 -37.92
C GLN D 183 -57.74 -22.93 -36.90
N MET D 184 -56.95 -23.89 -37.37
CA MET D 184 -56.37 -24.86 -36.44
C MET D 184 -55.28 -24.22 -35.59
N LEU D 185 -54.65 -23.17 -36.10
CA LEU D 185 -53.76 -22.39 -35.25
C LEU D 185 -54.55 -21.50 -34.31
N HIS D 186 -55.76 -21.10 -34.69
CA HIS D 186 -56.58 -20.30 -33.78
C HIS D 186 -57.33 -21.17 -32.78
N VAL D 187 -57.29 -22.49 -32.95
CA VAL D 187 -57.84 -23.33 -31.88
C VAL D 187 -56.72 -23.94 -31.06
N LEU D 188 -55.51 -23.98 -31.61
CA LEU D 188 -54.39 -24.44 -30.80
C LEU D 188 -53.72 -23.28 -30.07
N LEU D 189 -54.24 -22.07 -30.23
CA LEU D 189 -53.86 -20.98 -29.33
C LEU D 189 -54.96 -20.70 -28.32
N GLU D 190 -56.18 -21.19 -28.58
CA GLU D 190 -57.24 -21.03 -27.60
C GLU D 190 -56.97 -21.91 -26.39
N LYS D 191 -56.55 -23.14 -26.61
CA LYS D 191 -56.13 -24.02 -25.53
C LYS D 191 -54.61 -24.02 -25.41
N ALA D 192 -54.03 -22.85 -25.27
CA ALA D 192 -52.59 -22.80 -25.16
C ALA D 192 -52.17 -22.07 -23.90
N PRO D 193 -51.79 -22.80 -22.85
CA PRO D 193 -51.12 -22.18 -21.73
C PRO D 193 -49.62 -22.11 -21.99
N PRO D 194 -48.94 -21.07 -21.52
CA PRO D 194 -47.52 -20.94 -21.81
C PRO D 194 -46.71 -21.96 -21.05
N LEU D 195 -45.56 -22.32 -21.62
CA LEU D 195 -44.69 -23.32 -21.00
C LEU D 195 -44.03 -22.76 -19.76
N ALA D 196 -43.93 -21.44 -19.67
CA ALA D 196 -43.44 -20.81 -18.45
C ALA D 196 -44.47 -20.89 -17.34
N LEU D 197 -45.70 -21.27 -17.65
CA LEU D 197 -46.72 -21.39 -16.63
C LEU D 197 -47.23 -22.82 -16.53
N LEU D 198 -46.99 -23.66 -17.53
CA LEU D 198 -47.55 -25.00 -17.50
C LEU D 198 -46.74 -25.90 -16.58
N LEU D 199 -45.42 -25.95 -16.77
CA LEU D 199 -44.59 -26.89 -16.02
C LEU D 199 -44.55 -26.67 -14.50
N PRO D 200 -44.74 -25.46 -13.94
CA PRO D 200 -44.99 -25.43 -12.49
C PRO D 200 -46.38 -25.92 -12.13
N MET D 201 -47.37 -25.60 -12.97
CA MET D 201 -48.75 -26.03 -12.73
C MET D 201 -48.88 -27.54 -12.79
N GLN D 202 -48.18 -28.17 -13.73
CA GLN D 202 -48.44 -29.57 -14.03
C GLN D 202 -47.99 -30.50 -12.91
N ARG D 203 -46.90 -30.14 -12.24
CA ARG D 203 -46.43 -31.00 -11.15
C ARG D 203 -47.10 -30.66 -9.83
N TYR D 204 -48.04 -29.71 -9.84
CA TYR D 204 -48.81 -29.47 -8.63
C TYR D 204 -50.25 -29.93 -8.79
N LEU D 205 -50.59 -30.53 -9.92
CA LEU D 205 -51.90 -31.17 -10.04
C LEU D 205 -51.91 -32.52 -9.34
N ASP D 206 -50.78 -33.22 -9.34
CA ASP D 206 -50.68 -34.54 -8.75
C ASP D 206 -50.16 -34.52 -7.32
N ASN D 207 -50.49 -33.47 -6.55
CA ASN D 207 -50.10 -33.44 -5.15
C ASN D 207 -50.99 -34.35 -4.31
N GLY D 208 -52.27 -34.38 -4.61
CA GLY D 208 -53.23 -35.12 -3.82
C GLY D 208 -54.44 -34.30 -3.45
N THR D 212 -56.10 -27.40 1.16
CA THR D 212 -54.76 -27.20 0.61
C THR D 212 -54.59 -25.76 0.18
N ARG D 213 -55.00 -24.83 1.04
CA ARG D 213 -54.95 -23.40 0.70
C ARG D 213 -53.51 -22.92 0.58
N VAL D 214 -52.63 -23.45 1.42
CA VAL D 214 -51.20 -23.15 1.30
C VAL D 214 -50.65 -23.71 0.01
N ALA D 215 -51.09 -24.92 -0.36
CA ALA D 215 -50.63 -25.53 -1.60
C ALA D 215 -51.13 -24.77 -2.83
N ARG D 216 -52.21 -24.01 -2.68
CA ARG D 216 -52.55 -23.05 -3.72
C ARG D 216 -51.53 -21.94 -3.77
N ALA D 217 -51.02 -21.52 -2.63
CA ALA D 217 -50.18 -20.33 -2.60
C ALA D 217 -48.73 -20.66 -2.90
N THR D 218 -48.29 -21.88 -2.61
CA THR D 218 -46.92 -22.26 -2.95
C THR D 218 -46.75 -22.40 -4.45
N LEU D 219 -47.85 -22.67 -5.15
CA LEU D 219 -47.87 -22.59 -6.61
C LEU D 219 -47.52 -21.19 -7.08
N VAL D 220 -48.28 -20.19 -6.64
CA VAL D 220 -48.37 -18.92 -7.37
C VAL D 220 -47.10 -18.11 -7.19
N ALA D 221 -46.49 -18.21 -6.02
CA ALA D 221 -45.19 -17.56 -5.82
C ALA D 221 -44.11 -18.25 -6.63
N GLU D 222 -44.27 -19.55 -6.86
CA GLU D 222 -43.34 -20.28 -7.71
C GLU D 222 -43.79 -20.22 -9.16
N LEU D 223 -45.01 -19.75 -9.39
CA LEU D 223 -45.50 -19.64 -10.76
C LEU D 223 -45.10 -18.32 -11.37
N LYS D 224 -45.09 -17.25 -10.57
CA LYS D 224 -44.74 -15.95 -11.12
C LYS D 224 -43.22 -15.77 -11.18
N ARG D 225 -42.48 -16.66 -10.52
CA ARG D 225 -41.03 -16.58 -10.64
C ARG D 225 -40.55 -17.33 -11.87
N SER D 226 -41.21 -18.44 -12.21
CA SER D 226 -40.84 -19.20 -13.38
C SER D 226 -41.13 -18.43 -14.65
N PHE D 227 -42.19 -17.64 -14.64
CA PHE D 227 -42.52 -16.84 -15.81
C PHE D 227 -41.53 -15.70 -16.00
N CYS D 228 -41.03 -15.15 -14.90
CA CYS D 228 -40.05 -14.07 -14.98
C CYS D 228 -38.69 -14.60 -15.43
N ASP D 229 -38.50 -15.92 -15.33
CA ASP D 229 -37.30 -16.50 -15.91
C ASP D 229 -37.60 -17.16 -17.25
N THR D 230 -38.42 -18.21 -17.26
CA THR D 230 -38.44 -19.09 -18.42
C THR D 230 -39.29 -18.58 -19.58
N SER D 231 -39.75 -17.34 -19.53
CA SER D 231 -40.26 -16.74 -20.75
C SER D 231 -39.09 -16.21 -21.56
N PHE D 232 -39.25 -16.22 -22.88
CA PHE D 232 -38.24 -15.80 -23.86
C PHE D 232 -36.97 -16.62 -23.70
N PHE D 233 -37.15 -17.93 -23.47
CA PHE D 233 -36.06 -18.74 -22.93
C PHE D 233 -34.94 -18.91 -23.94
N LEU D 234 -35.27 -19.31 -25.15
CA LEU D 234 -34.29 -19.23 -26.22
C LEU D 234 -34.03 -17.76 -26.50
N GLY D 235 -32.78 -17.35 -26.31
CA GLY D 235 -32.41 -15.97 -26.35
C GLY D 235 -32.02 -15.42 -25.00
N LYS D 236 -32.80 -15.71 -23.95
CA LYS D 236 -32.38 -15.33 -22.61
C LYS D 236 -31.26 -16.23 -22.13
N ALA D 237 -31.40 -17.53 -22.35
CA ALA D 237 -30.31 -18.47 -22.10
C ALA D 237 -30.11 -19.36 -23.31
N GLY D 238 -30.37 -18.83 -24.50
CA GLY D 238 -30.39 -19.67 -25.67
C GLY D 238 -29.02 -19.90 -26.28
N HIS D 239 -27.98 -19.28 -25.73
CA HIS D 239 -26.66 -19.46 -26.31
C HIS D 239 -26.03 -20.77 -25.88
N ARG D 240 -26.32 -21.23 -24.67
CA ARG D 240 -25.79 -22.53 -24.25
C ARG D 240 -26.74 -23.64 -24.68
N ARG D 241 -26.16 -24.75 -25.15
CA ARG D 241 -26.97 -25.75 -25.85
C ARG D 241 -27.49 -26.82 -24.90
N GLU D 242 -27.04 -26.82 -23.66
CA GLU D 242 -27.59 -27.76 -22.70
C GLU D 242 -28.88 -27.25 -22.08
N ALA D 243 -29.03 -25.92 -22.00
CA ALA D 243 -30.25 -25.37 -21.43
C ALA D 243 -31.41 -25.53 -22.39
N ILE D 244 -31.12 -25.54 -23.69
CA ILE D 244 -32.19 -25.69 -24.67
C ILE D 244 -32.70 -27.12 -24.69
N GLU D 245 -31.78 -28.09 -24.66
CA GLU D 245 -32.17 -29.49 -24.72
C GLU D 245 -32.93 -29.92 -23.47
N ALA D 246 -32.63 -29.29 -22.34
CA ALA D 246 -33.46 -29.48 -21.16
C ALA D 246 -34.80 -28.78 -21.33
N TRP D 247 -34.79 -27.61 -21.95
CA TRP D 247 -36.03 -26.89 -22.19
C TRP D 247 -36.89 -27.58 -23.23
N LEU D 248 -36.27 -28.14 -24.26
CA LEU D 248 -37.02 -28.55 -25.43
C LEU D 248 -37.76 -29.85 -25.17
N VAL D 249 -37.18 -30.75 -24.39
CA VAL D 249 -37.88 -31.98 -24.05
C VAL D 249 -38.97 -31.68 -23.04
N ASP D 250 -38.82 -30.60 -22.26
CA ASP D 250 -39.91 -30.18 -21.39
C ASP D 250 -41.01 -29.49 -22.16
N LEU D 251 -40.72 -29.02 -23.38
CA LEU D 251 -41.80 -28.62 -24.27
C LEU D 251 -42.49 -29.85 -24.83
N THR D 252 -41.82 -30.99 -24.80
CA THR D 252 -42.35 -32.18 -25.43
C THR D 252 -43.08 -33.06 -24.43
N THR D 253 -42.57 -33.15 -23.21
CA THR D 253 -43.13 -34.02 -22.19
C THR D 253 -44.17 -33.34 -21.33
N ALA D 254 -44.73 -32.21 -21.77
CA ALA D 254 -45.62 -31.47 -20.88
C ALA D 254 -47.08 -31.83 -21.09
N THR D 255 -47.48 -32.05 -22.34
CA THR D 255 -48.86 -32.34 -22.66
C THR D 255 -49.09 -33.84 -22.69
N GLN D 256 -50.05 -34.30 -21.91
CA GLN D 256 -50.38 -35.71 -21.91
C GLN D 256 -51.11 -36.08 -23.21
N PRO D 257 -50.55 -37.01 -23.97
CA PRO D 257 -51.19 -37.42 -25.23
C PRO D 257 -52.45 -38.23 -24.95
N SER D 258 -53.60 -37.66 -25.33
CA SER D 258 -54.85 -38.28 -24.92
C SER D 258 -55.93 -38.07 -25.97
N VAL D 259 -55.98 -38.99 -26.93
CA VAL D 259 -57.14 -39.67 -27.51
C VAL D 259 -56.52 -40.73 -28.40
N ALA D 260 -57.04 -41.95 -28.38
CA ALA D 260 -56.55 -43.02 -29.24
C ALA D 260 -57.40 -43.07 -30.50
N VAL D 261 -56.79 -42.76 -31.65
CA VAL D 261 -57.50 -42.86 -32.91
C VAL D 261 -56.87 -44.00 -33.72
N PRO D 262 -57.58 -45.11 -33.89
CA PRO D 262 -57.02 -46.19 -34.73
C PRO D 262 -57.10 -45.85 -36.19
N ARG D 263 -57.96 -44.91 -36.57
CA ARG D 263 -58.05 -44.49 -37.96
C ARG D 263 -56.80 -43.76 -38.40
N LEU D 264 -56.35 -42.79 -37.61
CA LEU D 264 -55.04 -42.18 -37.85
C LEU D 264 -53.96 -43.14 -37.39
N THR D 265 -53.51 -43.95 -38.35
CA THR D 265 -52.16 -44.48 -38.35
C THR D 265 -51.26 -43.54 -39.12
N HIS D 266 -51.49 -42.24 -38.97
CA HIS D 266 -51.28 -41.27 -40.03
C HIS D 266 -49.81 -41.02 -40.28
N ALA D 267 -49.13 -40.36 -39.38
CA ALA D 267 -47.81 -39.92 -39.75
C ALA D 267 -46.79 -40.96 -39.31
N ASP D 268 -46.00 -41.41 -40.27
CA ASP D 268 -44.94 -42.38 -40.04
C ASP D 268 -43.99 -42.37 -41.21
N THR D 269 -42.74 -42.71 -40.98
CA THR D 269 -41.90 -43.22 -42.05
C THR D 269 -41.23 -44.47 -41.51
N ARG D 270 -41.10 -45.47 -42.39
CA ARG D 270 -40.76 -46.87 -42.07
C ARG D 270 -41.47 -47.41 -40.80
N GLY D 271 -42.73 -47.01 -40.63
CA GLY D 271 -43.58 -47.60 -39.61
C GLY D 271 -43.69 -46.84 -38.31
N ARG D 272 -42.72 -46.01 -37.95
CA ARG D 272 -42.70 -45.41 -36.63
C ARG D 272 -43.71 -44.28 -36.53
N PRO D 273 -44.72 -44.40 -35.67
CA PRO D 273 -45.79 -43.40 -35.64
C PRO D 273 -45.34 -42.11 -34.99
N VAL D 274 -45.94 -41.01 -35.43
CA VAL D 274 -45.50 -39.67 -35.07
C VAL D 274 -46.47 -39.05 -34.08
N ASP D 275 -45.94 -38.63 -32.94
CA ASP D 275 -46.68 -37.84 -31.97
C ASP D 275 -46.10 -36.44 -31.90
N GLY D 276 -46.96 -35.44 -31.93
CA GLY D 276 -46.41 -34.10 -31.84
C GLY D 276 -46.54 -33.33 -33.13
N VAL D 277 -46.51 -32.01 -33.01
CA VAL D 277 -46.71 -31.12 -34.14
C VAL D 277 -45.57 -30.12 -34.30
N LEU D 278 -45.35 -29.27 -33.30
CA LEU D 278 -44.34 -28.20 -33.30
C LEU D 278 -44.49 -27.22 -34.45
N VAL D 279 -45.60 -26.47 -34.46
CA VAL D 279 -45.70 -25.31 -35.33
C VAL D 279 -44.81 -24.21 -34.78
N THR D 280 -43.73 -23.92 -35.48
CA THR D 280 -42.82 -22.87 -35.06
C THR D 280 -42.81 -21.82 -36.14
N THR D 281 -42.39 -20.61 -35.77
CA THR D 281 -42.20 -19.61 -36.80
C THR D 281 -40.93 -19.92 -37.58
N ALA D 282 -40.78 -19.26 -38.74
CA ALA D 282 -39.78 -19.67 -39.71
C ALA D 282 -38.36 -19.38 -39.22
N ALA D 283 -38.18 -18.30 -38.48
CA ALA D 283 -36.85 -17.91 -38.05
C ALA D 283 -36.35 -18.82 -36.94
N ILE D 284 -37.26 -19.27 -36.07
CA ILE D 284 -36.88 -20.15 -34.98
C ILE D 284 -36.49 -21.52 -35.51
N LYS D 285 -37.14 -21.96 -36.59
CA LYS D 285 -36.95 -23.30 -37.13
C LYS D 285 -35.55 -23.51 -37.66
N GLN D 286 -35.00 -22.51 -38.36
CA GLN D 286 -33.64 -22.61 -38.86
C GLN D 286 -32.64 -22.53 -37.72
N ARG D 287 -33.01 -21.82 -36.65
CA ARG D 287 -32.10 -21.69 -35.52
C ARG D 287 -32.00 -22.99 -34.74
N LEU D 288 -33.10 -23.74 -34.69
CA LEU D 288 -33.09 -25.05 -34.04
C LEU D 288 -32.42 -26.08 -34.91
N LEU D 289 -32.75 -26.10 -36.20
CA LEU D 289 -32.37 -27.21 -37.06
C LEU D 289 -30.92 -27.09 -37.51
N GLN D 290 -30.31 -25.92 -37.32
CA GLN D 290 -28.90 -25.77 -37.68
C GLN D 290 -28.00 -26.41 -36.65
N SER D 291 -28.19 -26.07 -35.38
CA SER D 291 -27.23 -26.44 -34.35
C SER D 291 -27.82 -27.39 -33.31
N PHE D 292 -28.89 -26.99 -32.63
CA PHE D 292 -29.36 -27.71 -31.45
C PHE D 292 -30.03 -29.01 -31.83
N LEU D 293 -30.93 -28.94 -32.80
CA LEU D 293 -31.82 -30.05 -33.13
C LEU D 293 -31.39 -30.72 -34.43
N LYS D 294 -30.09 -30.97 -34.59
CA LYS D 294 -29.52 -31.64 -35.76
C LYS D 294 -29.99 -33.08 -35.92
N VAL D 295 -30.62 -33.64 -34.89
CA VAL D 295 -31.27 -34.94 -34.98
C VAL D 295 -32.38 -34.83 -36.03
N GLU D 296 -32.48 -35.84 -36.88
CA GLU D 296 -33.37 -35.81 -38.02
C GLU D 296 -33.64 -37.25 -38.43
N ASP D 297 -34.90 -37.68 -38.36
CA ASP D 297 -35.17 -39.05 -38.76
C ASP D 297 -35.17 -39.19 -40.28
N THR D 298 -36.12 -38.54 -40.96
CA THR D 298 -36.26 -38.67 -42.40
C THR D 298 -37.11 -37.52 -42.92
N GLU D 299 -36.70 -36.87 -44.00
CA GLU D 299 -37.53 -35.87 -44.66
C GLU D 299 -38.58 -36.60 -45.50
N ALA D 300 -39.56 -37.22 -44.83
CA ALA D 300 -40.69 -37.89 -45.46
C ALA D 300 -41.76 -38.08 -44.40
N ASP D 301 -42.99 -38.36 -44.87
CA ASP D 301 -44.14 -38.52 -43.99
C ASP D 301 -45.24 -39.24 -44.75
N VAL D 302 -46.34 -39.53 -44.07
CA VAL D 302 -47.48 -40.19 -44.69
C VAL D 302 -48.76 -39.47 -44.29
N PRO D 303 -49.41 -38.76 -45.19
CA PRO D 303 -50.79 -38.36 -44.94
C PRO D 303 -51.80 -39.42 -45.35
N VAL D 304 -53.07 -38.97 -45.37
CA VAL D 304 -54.23 -39.83 -45.42
C VAL D 304 -55.26 -39.27 -46.40
N THR D 305 -56.45 -39.87 -46.34
CA THR D 305 -57.65 -39.27 -46.91
C THR D 305 -58.64 -38.95 -45.79
N TYR D 306 -59.42 -37.88 -45.96
CA TYR D 306 -60.27 -37.35 -44.90
C TYR D 306 -61.36 -38.33 -44.47
N GLY D 307 -61.65 -38.32 -43.17
CA GLY D 307 -62.77 -39.07 -42.67
C GLY D 307 -64.09 -38.44 -43.10
N GLU D 308 -65.17 -39.17 -42.88
CA GLU D 308 -66.46 -38.83 -43.46
C GLU D 308 -67.58 -39.42 -42.61
N MET D 309 -68.67 -38.67 -42.47
CA MET D 309 -69.80 -39.03 -41.64
C MET D 309 -71.05 -38.29 -42.12
N VAL D 310 -72.10 -39.05 -42.40
CA VAL D 310 -73.35 -38.51 -42.96
C VAL D 310 -74.53 -39.16 -42.28
N LEU D 311 -75.72 -38.84 -42.76
CA LEU D 311 -76.95 -39.43 -42.24
C LEU D 311 -77.42 -40.57 -43.14
N ASN D 312 -77.16 -41.79 -42.68
CA ASN D 312 -77.64 -43.00 -43.32
C ASN D 312 -79.09 -43.21 -42.89
N GLY D 313 -79.72 -44.26 -43.45
CA GLY D 313 -81.16 -44.46 -43.28
C GLY D 313 -81.59 -44.69 -41.84
N ALA D 314 -80.71 -45.28 -41.02
CA ALA D 314 -81.01 -45.35 -39.60
C ALA D 314 -80.90 -43.98 -38.95
N ASN D 315 -79.87 -43.22 -39.32
CA ASN D 315 -79.72 -41.88 -38.76
C ASN D 315 -80.74 -40.93 -39.34
N LEU D 316 -81.13 -41.14 -40.61
CA LEU D 316 -82.03 -40.21 -41.28
C LEU D 316 -83.44 -40.33 -40.74
N VAL D 317 -83.82 -41.53 -40.29
CA VAL D 317 -85.11 -41.68 -39.62
C VAL D 317 -85.08 -40.99 -38.25
N THR D 318 -84.07 -41.33 -37.44
CA THR D 318 -84.05 -40.91 -36.05
C THR D 318 -83.84 -39.41 -35.90
N ALA D 319 -83.21 -38.77 -36.89
CA ALA D 319 -82.89 -37.36 -36.78
C ALA D 319 -84.14 -36.50 -36.87
N LEU D 320 -85.15 -36.95 -37.60
CA LEU D 320 -86.32 -36.13 -37.83
C LEU D 320 -87.57 -36.74 -37.20
N VAL D 321 -87.50 -38.01 -36.78
CA VAL D 321 -88.63 -38.58 -36.05
C VAL D 321 -88.41 -38.47 -34.55
N MET D 322 -87.32 -39.03 -34.04
CA MET D 322 -87.01 -38.91 -32.62
C MET D 322 -86.22 -37.65 -32.31
N GLY D 323 -85.79 -36.91 -33.32
CA GLY D 323 -85.19 -35.61 -33.09
C GLY D 323 -83.78 -35.64 -32.54
N LYS D 324 -83.09 -36.77 -32.65
CA LYS D 324 -81.70 -36.89 -32.22
C LYS D 324 -80.93 -37.77 -33.21
N ALA D 325 -79.61 -37.71 -33.14
CA ALA D 325 -78.75 -38.48 -34.04
C ALA D 325 -77.70 -39.19 -33.22
N VAL D 326 -77.16 -40.29 -33.75
CA VAL D 326 -76.12 -41.08 -33.11
C VAL D 326 -75.12 -41.50 -34.16
N ARG D 327 -73.84 -41.23 -33.91
CA ARG D 327 -72.77 -41.65 -34.82
C ARG D 327 -72.61 -43.17 -34.85
N SER D 328 -72.54 -43.70 -36.08
CA SER D 328 -72.43 -45.14 -36.37
C SER D 328 -73.52 -45.94 -35.67
N LEU D 329 -74.76 -45.47 -35.84
CA LEU D 329 -75.91 -46.12 -35.21
C LEU D 329 -76.15 -47.51 -35.77
N ASP D 330 -75.70 -47.75 -37.00
CA ASP D 330 -75.76 -49.09 -37.58
C ASP D 330 -74.90 -50.07 -36.79
N ASP D 331 -73.78 -49.60 -36.24
CA ASP D 331 -72.96 -50.45 -35.38
C ASP D 331 -73.63 -50.66 -34.04
N VAL D 332 -74.05 -49.55 -33.41
CA VAL D 332 -74.57 -49.58 -32.05
C VAL D 332 -75.88 -50.35 -31.99
N GLY D 333 -76.68 -50.26 -33.05
CA GLY D 333 -77.87 -51.07 -33.15
C GLY D 333 -77.54 -52.55 -33.32
N ARG D 334 -76.45 -52.85 -34.02
CA ARG D 334 -76.03 -54.24 -34.12
C ARG D 334 -75.35 -54.70 -32.84
N HIS D 335 -74.60 -53.81 -32.19
CA HIS D 335 -73.86 -54.23 -31.02
C HIS D 335 -74.77 -54.43 -29.82
N LEU D 336 -75.69 -53.50 -29.57
CA LEU D 336 -76.53 -53.59 -28.37
C LEU D 336 -77.56 -54.69 -28.48
N LEU D 337 -77.96 -55.05 -29.70
CA LEU D 337 -78.87 -56.17 -29.85
C LEU D 337 -78.13 -57.49 -29.80
N ASP D 338 -76.83 -57.45 -30.08
CA ASP D 338 -76.02 -58.65 -29.92
C ASP D 338 -75.53 -58.78 -28.49
N MET D 339 -75.45 -57.65 -27.77
CA MET D 339 -74.82 -57.70 -26.46
C MET D 339 -75.75 -58.33 -25.43
N GLN D 340 -77.06 -58.14 -25.58
CA GLN D 340 -77.99 -58.66 -24.57
C GLN D 340 -78.24 -60.14 -24.77
N GLU D 341 -77.91 -60.68 -25.95
CA GLU D 341 -77.88 -62.12 -26.10
C GLU D 341 -76.51 -62.72 -25.79
N GLU D 342 -75.46 -61.89 -25.80
CA GLU D 342 -74.07 -62.25 -25.47
C GLU D 342 -73.52 -63.42 -26.27
N ASN D 347 -64.88 -55.94 -18.83
CA ASN D 347 -66.25 -56.11 -19.29
C ASN D 347 -66.35 -56.62 -20.70
N ARG D 348 -65.17 -56.81 -21.31
CA ARG D 348 -64.98 -57.03 -22.73
C ARG D 348 -65.67 -55.93 -23.55
N GLU D 349 -65.35 -54.67 -23.24
CA GLU D 349 -65.74 -53.55 -24.10
C GLU D 349 -64.78 -53.54 -25.29
N THR D 350 -65.31 -53.85 -26.47
CA THR D 350 -64.50 -53.93 -27.67
C THR D 350 -65.16 -53.30 -28.89
N LEU D 351 -65.92 -52.21 -28.71
CA LEU D 351 -66.78 -51.72 -29.78
C LEU D 351 -66.13 -50.58 -30.55
N ASP D 352 -65.28 -49.79 -29.86
CA ASP D 352 -64.93 -48.39 -30.11
C ASP D 352 -64.83 -47.93 -31.56
N GLU D 353 -64.01 -48.62 -32.36
CA GLU D 353 -63.87 -48.31 -33.78
C GLU D 353 -63.29 -49.51 -34.51
N LEU D 354 -63.73 -49.71 -35.75
CA LEU D 354 -63.19 -50.75 -36.63
C LEU D 354 -62.98 -50.15 -38.01
N GLU D 355 -61.72 -50.01 -38.40
CA GLU D 355 -61.35 -49.39 -39.66
C GLU D 355 -60.43 -50.33 -40.44
N SER D 356 -60.65 -50.41 -41.76
CA SER D 356 -59.85 -51.33 -42.57
C SER D 356 -58.48 -50.75 -42.89
N ALA D 357 -58.44 -49.66 -43.67
CA ALA D 357 -57.17 -49.08 -44.10
C ALA D 357 -57.37 -47.66 -44.61
N PRO D 358 -56.67 -46.68 -44.08
CA PRO D 358 -56.63 -45.37 -44.73
C PRO D 358 -55.68 -45.40 -45.90
N GLN D 359 -55.90 -44.56 -46.90
CA GLN D 359 -55.01 -44.57 -48.05
C GLN D 359 -53.75 -43.77 -47.74
N THR D 360 -52.60 -44.37 -47.98
CA THR D 360 -51.31 -43.81 -47.64
C THR D 360 -50.64 -43.28 -48.90
N THR D 361 -49.97 -42.13 -48.78
CA THR D 361 -49.25 -41.49 -49.88
C THR D 361 -48.21 -40.57 -49.28
N ARG D 362 -46.95 -40.68 -49.72
CA ARG D 362 -45.85 -39.98 -49.05
C ARG D 362 -45.90 -38.48 -49.29
N VAL D 363 -45.24 -37.71 -48.41
CA VAL D 363 -45.01 -36.28 -48.62
C VAL D 363 -43.76 -35.86 -47.85
N ARG D 364 -43.16 -34.74 -48.26
CA ARG D 364 -41.98 -34.22 -47.59
C ARG D 364 -42.37 -33.40 -46.37
N ALA D 365 -42.09 -33.94 -45.19
CA ALA D 365 -42.23 -33.20 -43.95
C ALA D 365 -40.99 -33.42 -43.12
N ASP D 366 -40.83 -32.62 -42.09
CA ASP D 366 -39.57 -32.54 -41.36
C ASP D 366 -39.71 -33.26 -40.03
N LEU D 367 -38.81 -34.21 -39.78
CA LEU D 367 -38.90 -35.08 -38.62
C LEU D 367 -37.72 -34.85 -37.68
N VAL D 368 -38.01 -34.38 -36.47
CA VAL D 368 -37.03 -34.32 -35.40
C VAL D 368 -37.48 -35.24 -34.29
N ALA D 369 -36.53 -35.90 -33.65
CA ALA D 369 -36.81 -36.87 -32.60
C ALA D 369 -36.23 -36.37 -31.29
N ILE D 370 -37.10 -36.17 -30.31
CA ILE D 370 -36.72 -35.69 -29.00
C ILE D 370 -36.98 -36.80 -27.99
N GLY D 371 -35.91 -37.33 -27.40
CA GLY D 371 -36.04 -38.28 -26.31
C GLY D 371 -36.63 -39.59 -26.77
N ASP D 372 -37.92 -39.76 -26.47
CA ASP D 372 -38.71 -40.85 -27.01
C ASP D 372 -39.66 -40.40 -28.10
N ARG D 373 -39.91 -39.11 -28.20
CA ARG D 373 -41.03 -38.58 -28.96
C ARG D 373 -40.54 -37.98 -30.27
N LEU D 374 -41.15 -38.41 -31.37
CA LEU D 374 -40.73 -38.02 -32.71
C LEU D 374 -41.80 -37.13 -33.30
N VAL D 375 -41.43 -35.89 -33.61
CA VAL D 375 -42.35 -34.78 -33.78
C VAL D 375 -42.14 -34.18 -35.16
N PHE D 376 -43.22 -33.71 -35.80
CA PHE D 376 -43.08 -32.88 -36.99
C PHE D 376 -42.40 -31.55 -36.69
N LEU D 377 -42.08 -30.82 -37.76
CA LEU D 377 -41.81 -29.39 -37.68
C LEU D 377 -42.50 -28.72 -38.85
N GLU D 378 -43.16 -27.61 -38.58
CA GLU D 378 -43.84 -26.86 -39.62
C GLU D 378 -43.60 -25.38 -39.39
N ALA D 379 -43.18 -24.71 -40.46
CA ALA D 379 -43.08 -23.26 -40.49
C ALA D 379 -44.02 -22.77 -41.57
N LEU D 380 -45.28 -22.59 -41.22
CA LEU D 380 -46.36 -22.48 -42.20
C LEU D 380 -46.44 -21.04 -42.69
N GLU D 381 -45.38 -20.58 -43.35
CA GLU D 381 -45.38 -19.25 -43.94
C GLU D 381 -45.08 -19.31 -45.42
N ARG D 382 -44.18 -20.21 -45.80
CA ARG D 382 -43.88 -20.40 -47.21
C ARG D 382 -45.02 -21.15 -47.90
N ARG D 383 -45.77 -21.94 -47.15
CA ARG D 383 -46.85 -22.71 -47.76
C ARG D 383 -48.13 -21.90 -47.86
N ILE D 384 -48.69 -21.50 -46.74
CA ILE D 384 -50.07 -21.05 -46.75
C ILE D 384 -50.19 -19.54 -46.66
N TYR D 385 -49.14 -18.87 -46.20
CA TYR D 385 -49.22 -17.46 -45.87
C TYR D 385 -48.21 -16.62 -46.65
N ALA D 386 -47.97 -16.95 -47.92
CA ALA D 386 -46.85 -16.34 -48.63
C ALA D 386 -47.14 -14.90 -49.00
N ALA D 387 -48.10 -14.68 -49.88
CA ALA D 387 -48.45 -13.34 -50.32
C ALA D 387 -49.91 -13.01 -50.00
N THR D 388 -50.35 -13.26 -48.77
CA THR D 388 -51.78 -13.38 -48.53
C THR D 388 -52.32 -12.22 -47.70
N ASN D 389 -51.44 -11.33 -47.26
CA ASN D 389 -51.74 -10.19 -46.39
C ASN D 389 -52.42 -10.56 -45.08
N VAL D 390 -52.19 -11.75 -44.55
CA VAL D 390 -52.79 -12.20 -43.29
C VAL D 390 -51.67 -12.38 -42.28
N PRO D 391 -51.79 -11.83 -41.07
CA PRO D 391 -50.71 -11.94 -40.09
C PRO D 391 -50.53 -13.36 -39.59
N TYR D 392 -49.28 -13.75 -39.38
CA TYR D 392 -49.01 -15.11 -38.96
C TYR D 392 -49.40 -15.27 -37.50
N PRO D 393 -50.11 -16.35 -37.15
CA PRO D 393 -50.72 -16.40 -35.81
C PRO D 393 -49.76 -16.65 -34.67
N LEU D 394 -48.55 -17.17 -34.92
CA LEU D 394 -47.63 -17.41 -33.82
C LEU D 394 -46.93 -16.13 -33.38
N VAL D 395 -46.43 -15.36 -34.33
CA VAL D 395 -45.89 -14.04 -34.00
C VAL D 395 -47.03 -13.16 -33.52
N GLY D 396 -47.03 -12.92 -32.22
CA GLY D 396 -48.18 -12.31 -31.57
C GLY D 396 -47.74 -11.48 -30.39
N ALA D 397 -48.57 -10.50 -30.06
CA ALA D 397 -48.23 -9.44 -29.14
C ALA D 397 -48.17 -9.97 -27.72
N MET D 398 -47.31 -9.34 -26.91
CA MET D 398 -47.27 -9.59 -25.47
C MET D 398 -47.22 -8.24 -24.78
N ASP D 399 -48.13 -8.01 -23.85
CA ASP D 399 -48.20 -6.77 -23.09
C ASP D 399 -47.55 -6.94 -21.74
N LEU D 400 -46.98 -5.86 -21.24
CA LEU D 400 -46.47 -5.75 -19.89
C LEU D 400 -46.69 -4.31 -19.43
N THR D 401 -46.84 -4.13 -18.12
CA THR D 401 -46.92 -2.80 -17.53
C THR D 401 -45.71 -2.58 -16.64
N PHE D 402 -45.07 -1.43 -16.80
CA PHE D 402 -43.83 -1.16 -16.09
C PHE D 402 -44.02 -0.03 -15.08
N VAL D 403 -43.28 -0.11 -13.98
CA VAL D 403 -43.42 0.78 -12.85
C VAL D 403 -42.16 1.63 -12.74
N LEU D 404 -42.35 2.94 -12.59
CA LEU D 404 -41.28 3.87 -12.38
C LEU D 404 -41.66 4.82 -11.26
N PRO D 405 -40.98 4.83 -10.15
CA PRO D 405 -41.33 5.84 -9.16
C PRO D 405 -40.54 7.13 -9.34
N LEU D 406 -41.24 8.25 -9.42
CA LEU D 406 -40.62 9.56 -9.45
C LEU D 406 -40.46 10.05 -8.04
N GLY D 407 -39.46 10.88 -7.81
CA GLY D 407 -39.40 11.77 -6.67
C GLY D 407 -39.39 11.14 -5.29
N LEU D 408 -39.23 9.83 -5.19
CA LEU D 408 -39.31 9.22 -3.87
C LEU D 408 -37.99 9.34 -3.14
N PHE D 409 -37.98 8.86 -1.91
CA PHE D 409 -36.99 9.22 -0.93
C PHE D 409 -36.53 7.97 -0.21
N ASN D 410 -35.22 7.84 -0.02
CA ASN D 410 -34.62 6.63 0.50
C ASN D 410 -35.00 6.42 1.96
N PRO D 411 -34.95 5.18 2.43
CA PRO D 411 -35.05 4.94 3.87
C PRO D 411 -33.87 5.52 4.63
N ALA D 412 -34.03 5.57 5.96
CA ALA D 412 -33.04 6.23 6.80
C ALA D 412 -31.72 5.47 6.82
N MET D 413 -31.80 4.14 6.77
CA MET D 413 -30.57 3.36 6.83
C MET D 413 -29.92 3.25 5.45
N GLU D 414 -30.69 3.46 4.39
CA GLU D 414 -30.18 3.21 3.06
C GLU D 414 -29.73 4.48 2.35
N ARG D 415 -29.30 5.50 3.10
CA ARG D 415 -28.68 6.64 2.46
C ARG D 415 -27.23 6.76 2.91
N PHE D 416 -26.32 6.75 1.94
CA PHE D 416 -24.89 6.69 2.13
C PHE D 416 -24.24 6.94 0.78
N ALA D 417 -22.96 6.60 0.67
CA ALA D 417 -22.24 6.94 -0.54
C ALA D 417 -21.52 5.75 -1.15
N ALA D 418 -21.21 4.75 -0.32
CA ALA D 418 -20.45 3.51 -0.60
C ALA D 418 -18.96 3.76 -0.84
N HIS D 419 -18.57 5.02 -0.98
CA HIS D 419 -17.23 5.48 -0.68
C HIS D 419 -17.35 6.97 -0.41
N ALA D 420 -16.58 7.45 0.58
CA ALA D 420 -16.77 8.81 1.10
C ALA D 420 -16.52 9.87 0.04
N GLY D 421 -15.61 9.60 -0.88
CA GLY D 421 -15.51 10.48 -2.02
C GLY D 421 -15.65 9.77 -3.35
N ASP D 422 -16.80 9.99 -3.98
CA ASP D 422 -17.05 9.68 -5.38
C ASP D 422 -18.29 10.45 -5.77
N LEU D 423 -18.42 10.75 -7.07
CA LEU D 423 -19.41 11.70 -7.61
C LEU D 423 -19.27 13.06 -6.91
N VAL D 424 -18.03 13.46 -6.67
CA VAL D 424 -17.70 14.69 -5.95
C VAL D 424 -17.66 15.84 -6.94
N PRO D 425 -18.25 17.00 -6.65
CA PRO D 425 -18.28 18.07 -7.65
C PRO D 425 -17.01 18.90 -7.60
N ALA D 426 -16.95 19.93 -8.44
CA ALA D 426 -15.94 20.96 -8.29
C ALA D 426 -16.16 21.68 -6.97
N PRO D 427 -15.09 22.12 -6.29
CA PRO D 427 -15.22 22.51 -4.86
C PRO D 427 -16.12 23.71 -4.59
N GLY D 428 -16.40 24.52 -5.61
CA GLY D 428 -17.38 25.58 -5.44
C GLY D 428 -18.80 25.10 -5.65
N HIS D 429 -18.98 23.93 -6.23
CA HIS D 429 -20.32 23.49 -6.59
C HIS D 429 -20.92 22.65 -5.47
N PRO D 430 -22.23 22.76 -5.21
CA PRO D 430 -22.75 22.43 -3.88
C PRO D 430 -23.12 20.97 -3.65
N GLU D 431 -22.63 20.02 -4.44
CA GLU D 431 -23.00 18.60 -4.34
C GLU D 431 -24.51 18.39 -4.42
N PRO D 432 -25.09 18.46 -5.62
CA PRO D 432 -26.55 18.37 -5.75
C PRO D 432 -27.12 16.96 -5.60
N ARG D 433 -26.31 15.95 -5.29
CA ARG D 433 -26.86 14.60 -5.19
C ARG D 433 -27.53 14.38 -3.84
N ALA D 434 -27.23 15.22 -2.86
CA ALA D 434 -27.91 15.11 -1.57
C ALA D 434 -29.26 15.80 -1.59
N PHE D 435 -29.59 16.45 -2.69
CA PHE D 435 -30.91 17.07 -2.85
C PHE D 435 -31.96 15.98 -2.98
N PRO D 436 -33.20 16.27 -2.58
CA PRO D 436 -34.29 15.33 -2.83
C PRO D 436 -34.55 15.21 -4.32
N PRO D 437 -34.56 13.99 -4.83
CA PRO D 437 -34.68 13.80 -6.28
C PRO D 437 -36.07 14.11 -6.78
N ARG D 438 -36.16 14.54 -8.03
CA ARG D 438 -37.43 14.81 -8.69
C ARG D 438 -37.52 14.21 -10.08
N GLN D 439 -36.40 13.78 -10.65
CA GLN D 439 -36.34 13.33 -12.02
C GLN D 439 -35.99 11.86 -12.06
N LEU D 440 -36.10 11.26 -13.24
CA LEU D 440 -35.94 9.84 -13.41
C LEU D 440 -35.44 9.56 -14.82
N PHE D 441 -34.34 8.82 -14.91
CA PHE D 441 -33.64 8.60 -16.17
C PHE D 441 -33.67 7.13 -16.51
N PHE D 442 -33.98 6.80 -17.76
CA PHE D 442 -34.08 5.40 -18.16
C PHE D 442 -33.79 5.27 -19.64
N TRP D 443 -33.74 4.03 -20.13
CA TRP D 443 -33.45 3.78 -21.53
C TRP D 443 -34.73 3.50 -22.31
N GLY D 444 -34.79 4.02 -23.55
CA GLY D 444 -35.91 3.78 -24.43
C GLY D 444 -35.68 2.58 -25.35
N LYS D 445 -36.24 2.69 -26.56
CA LYS D 445 -36.14 1.60 -27.52
C LYS D 445 -34.88 1.79 -28.39
N ASP D 446 -33.77 2.08 -27.73
CA ASP D 446 -32.51 2.42 -28.38
C ASP D 446 -31.40 2.31 -27.37
N HIS D 447 -30.28 2.94 -27.66
CA HIS D 447 -29.34 3.36 -26.62
C HIS D 447 -29.75 4.69 -25.99
N GLN D 448 -30.95 5.17 -26.30
CA GLN D 448 -31.33 6.52 -25.95
C GLN D 448 -31.73 6.61 -24.49
N VAL D 449 -31.21 7.62 -23.81
CA VAL D 449 -31.55 7.92 -22.43
C VAL D 449 -32.62 9.01 -22.43
N LEU D 450 -33.64 8.83 -21.61
CA LEU D 450 -34.80 9.70 -21.56
C LEU D 450 -34.84 10.36 -20.20
N ARG D 451 -35.77 11.30 -20.00
CA ARG D 451 -35.90 11.94 -18.69
C ARG D 451 -37.37 12.22 -18.37
N LEU D 452 -37.92 11.45 -17.44
CA LEU D 452 -39.15 11.88 -16.78
C LEU D 452 -38.84 12.93 -15.72
N SER D 453 -39.86 13.63 -15.24
CA SER D 453 -39.70 14.58 -14.15
C SER D 453 -41.04 14.82 -13.49
N MET D 454 -41.04 15.47 -12.33
CA MET D 454 -42.30 15.91 -11.77
C MET D 454 -42.84 17.15 -12.47
N GLU D 455 -42.05 17.79 -13.32
CA GLU D 455 -42.61 18.77 -14.25
C GLU D 455 -43.46 18.08 -15.30
N ASN D 456 -43.16 16.80 -15.58
CA ASN D 456 -43.89 16.04 -16.59
C ASN D 456 -45.12 15.36 -16.01
N ALA D 457 -45.43 15.58 -14.74
CA ALA D 457 -46.66 15.06 -14.17
C ALA D 457 -47.67 16.14 -13.93
N VAL D 458 -47.55 17.26 -14.63
CA VAL D 458 -48.42 18.40 -14.41
C VAL D 458 -49.81 18.13 -14.98
N GLY D 459 -49.91 17.19 -15.93
CA GLY D 459 -51.20 16.92 -16.55
C GLY D 459 -52.09 16.06 -15.68
N THR D 460 -51.49 15.20 -14.87
CA THR D 460 -52.28 14.30 -14.03
C THR D 460 -52.90 15.03 -12.85
N VAL D 461 -52.13 15.91 -12.20
CA VAL D 461 -52.50 16.33 -10.87
C VAL D 461 -53.19 17.69 -10.89
N CYS D 462 -52.96 18.50 -11.92
CA CYS D 462 -53.54 19.84 -11.91
C CYS D 462 -55.01 19.83 -12.32
N HIS D 463 -55.48 18.70 -12.83
CA HIS D 463 -56.88 18.55 -13.19
C HIS D 463 -57.73 18.61 -11.91
N PRO D 464 -58.86 19.32 -11.94
CA PRO D 464 -59.60 19.56 -10.69
C PRO D 464 -60.37 18.37 -10.15
N SER D 465 -60.13 17.16 -10.67
CA SER D 465 -60.57 15.95 -9.99
C SER D 465 -59.65 15.59 -8.84
N LEU D 466 -58.52 16.28 -8.72
CA LEU D 466 -57.78 16.27 -7.47
C LEU D 466 -58.62 16.82 -6.33
N MET D 467 -59.39 17.88 -6.60
CA MET D 467 -60.15 18.51 -5.54
C MET D 467 -61.42 17.74 -5.20
N ASN D 468 -62.11 17.20 -6.21
CA ASN D 468 -63.45 16.64 -6.06
C ASN D 468 -63.41 15.35 -5.25
N ILE D 469 -63.83 15.45 -4.00
CA ILE D 469 -64.12 14.27 -3.20
C ILE D 469 -65.52 14.39 -2.60
N ASP D 470 -66.51 13.92 -3.36
CA ASP D 470 -67.86 13.80 -2.81
C ASP D 470 -68.32 12.36 -2.85
N ALA D 471 -67.69 11.56 -3.72
CA ALA D 471 -67.91 10.12 -3.69
C ALA D 471 -67.09 9.48 -2.58
N ALA D 472 -66.19 10.23 -1.96
CA ALA D 472 -65.49 9.73 -0.78
C ALA D 472 -66.25 10.08 0.49
N VAL D 473 -66.49 11.38 0.73
CA VAL D 473 -67.13 11.81 1.97
C VAL D 473 -68.61 11.45 1.96
N GLY D 474 -69.21 11.35 0.77
CA GLY D 474 -70.54 10.79 0.68
C GLY D 474 -70.48 9.28 0.60
N GLY D 475 -69.31 8.74 0.27
CA GLY D 475 -69.17 7.30 0.17
C GLY D 475 -68.96 6.65 1.52
N VAL D 476 -67.93 7.08 2.26
CA VAL D 476 -67.54 6.44 3.51
C VAL D 476 -68.41 6.91 4.68
N ASN D 477 -69.49 7.63 4.38
CA ASN D 477 -70.49 8.00 5.37
C ASN D 477 -71.29 6.79 5.86
N HIS D 478 -71.19 5.65 5.18
CA HIS D 478 -71.92 4.45 5.58
C HIS D 478 -71.37 3.88 6.89
N ASP D 479 -72.29 3.42 7.75
CA ASP D 479 -71.99 2.80 9.03
C ASP D 479 -71.06 3.62 9.93
N PRO D 480 -71.52 4.76 10.44
CA PRO D 480 -70.60 5.77 10.97
C PRO D 480 -70.05 5.38 12.34
N VAL D 481 -68.81 5.79 12.59
CA VAL D 481 -68.09 5.38 13.79
C VAL D 481 -68.63 6.15 14.99
N GLU D 482 -68.59 5.50 16.15
CA GLU D 482 -68.74 6.22 17.40
C GLU D 482 -67.62 7.24 17.52
N ALA D 483 -67.98 8.46 17.87
CA ALA D 483 -67.02 9.55 17.83
C ALA D 483 -66.03 9.45 18.99
N ALA D 484 -64.75 9.55 18.66
CA ALA D 484 -63.76 9.84 19.69
C ALA D 484 -63.87 11.30 20.09
N ASN D 485 -62.99 11.71 21.02
CA ASN D 485 -63.08 13.03 21.62
C ASN D 485 -62.83 14.13 20.59
N PRO D 486 -63.85 14.94 20.29
CA PRO D 486 -63.67 15.97 19.27
C PRO D 486 -62.84 17.11 19.81
N TYR D 487 -61.53 16.92 19.81
CA TYR D 487 -60.66 17.91 20.40
C TYR D 487 -60.22 18.94 19.37
N GLY D 488 -59.55 18.49 18.30
CA GLY D 488 -59.21 19.38 17.21
C GLY D 488 -60.17 19.24 16.06
N ALA D 489 -61.39 18.76 16.37
CA ALA D 489 -62.37 18.55 15.33
C ALA D 489 -63.56 19.47 15.51
N TYR D 490 -63.69 20.07 16.68
CA TYR D 490 -64.79 20.96 17.01
C TYR D 490 -64.28 22.39 17.01
N VAL D 491 -65.12 23.34 16.62
CA VAL D 491 -64.80 24.76 16.70
C VAL D 491 -65.91 25.47 17.45
N ALA D 492 -65.53 26.16 18.52
CA ALA D 492 -66.49 26.85 19.37
C ALA D 492 -66.50 28.33 19.03
N ALA D 493 -67.59 29.00 19.42
CA ALA D 493 -67.60 30.45 19.36
C ALA D 493 -67.04 31.01 20.66
N PRO D 494 -66.20 32.04 20.61
CA PRO D 494 -65.78 32.69 21.86
C PRO D 494 -66.93 33.50 22.42
N ALA D 495 -66.95 33.65 23.74
CA ALA D 495 -68.05 34.34 24.40
C ALA D 495 -67.50 35.21 25.52
N GLY D 496 -67.91 36.48 25.52
CA GLY D 496 -67.64 37.38 26.61
C GLY D 496 -66.19 37.81 26.70
N PRO D 497 -65.69 37.98 27.93
CA PRO D 497 -64.30 38.39 28.11
C PRO D 497 -63.33 37.27 27.79
N GLY D 498 -62.15 37.66 27.31
CA GLY D 498 -61.17 36.66 26.90
C GLY D 498 -60.39 36.11 28.08
N ALA D 499 -60.56 36.69 29.27
CA ALA D 499 -59.71 36.40 30.41
C ALA D 499 -59.87 34.96 30.89
N ASP D 500 -61.11 34.55 31.16
CA ASP D 500 -61.39 33.17 31.53
C ASP D 500 -61.76 32.31 30.33
N MET D 501 -61.43 32.73 29.11
CA MET D 501 -61.80 31.95 27.94
C MET D 501 -60.98 30.66 27.87
N GLN D 502 -59.72 30.73 28.30
CA GLN D 502 -58.98 29.50 28.55
C GLN D 502 -59.65 28.69 29.64
N GLN D 503 -60.16 29.36 30.66
CA GLN D 503 -60.75 28.66 31.78
C GLN D 503 -62.12 28.10 31.41
N ARG D 504 -62.79 28.74 30.44
CA ARG D 504 -63.99 28.14 29.85
C ARG D 504 -63.65 26.86 29.11
N PHE D 505 -62.44 26.78 28.56
CA PHE D 505 -62.05 25.58 27.83
C PHE D 505 -61.64 24.48 28.79
N LEU D 506 -60.91 24.82 29.84
CA LEU D 506 -60.29 23.78 30.65
C LEU D 506 -61.32 23.03 31.47
N ASN D 507 -62.32 23.73 31.99
CA ASN D 507 -63.22 23.09 32.94
C ASN D 507 -64.33 22.33 32.22
N ALA D 508 -64.90 22.90 31.17
CA ALA D 508 -66.06 22.29 30.54
C ALA D 508 -65.68 21.12 29.65
N TRP D 509 -64.40 20.96 29.33
CA TRP D 509 -63.94 19.92 28.43
C TRP D 509 -63.21 18.80 29.14
N ARG D 510 -62.87 18.98 30.42
CA ARG D 510 -61.86 18.15 31.09
C ARG D 510 -62.27 16.68 31.15
N GLN D 511 -63.56 16.41 31.22
CA GLN D 511 -64.03 15.04 31.28
C GLN D 511 -63.84 14.33 29.95
N ARG D 512 -64.22 14.98 28.85
CA ARG D 512 -64.12 14.34 27.56
C ARG D 512 -62.72 14.50 26.97
N LEU D 513 -61.93 15.42 27.54
CA LEU D 513 -60.60 15.64 27.01
C LEU D 513 -59.61 14.63 27.57
N ALA D 514 -59.65 14.42 28.88
CA ALA D 514 -58.64 13.59 29.53
C ALA D 514 -58.93 12.11 29.33
N HIS D 515 -60.18 11.77 29.00
CA HIS D 515 -60.56 10.36 28.93
C HIS D 515 -60.02 9.69 27.67
N GLY D 516 -60.52 10.10 26.50
CA GLY D 516 -60.11 9.44 25.28
C GLY D 516 -58.84 10.02 24.69
N ARG D 517 -57.98 9.17 24.14
CA ARG D 517 -56.73 9.64 23.55
C ARG D 517 -57.00 10.29 22.19
N VAL D 518 -56.21 11.32 21.88
CA VAL D 518 -56.40 12.04 20.63
C VAL D 518 -55.90 11.20 19.48
N ARG D 519 -56.55 11.33 18.33
CA ARG D 519 -56.10 10.60 17.15
C ARG D 519 -54.85 11.23 16.56
N TRP D 520 -54.80 12.56 16.51
CA TRP D 520 -53.86 13.21 15.61
C TRP D 520 -52.45 13.32 16.17
N VAL D 521 -52.20 12.80 17.36
CA VAL D 521 -50.81 12.67 17.76
C VAL D 521 -50.36 11.29 17.32
N ALA D 522 -49.97 11.19 16.06
CA ALA D 522 -49.40 9.99 15.46
C ALA D 522 -48.05 10.28 14.85
N GLU D 523 -47.41 11.37 15.26
CA GLU D 523 -46.14 11.74 14.65
C GLU D 523 -45.01 10.87 15.17
N CYS D 524 -45.18 10.33 16.38
CA CYS D 524 -44.18 9.45 16.96
C CYS D 524 -44.25 8.07 16.32
N GLN D 525 -45.30 7.80 15.53
CA GLN D 525 -45.36 6.58 14.76
C GLN D 525 -44.35 6.63 13.62
N MET D 526 -43.67 5.51 13.41
CA MET D 526 -42.60 5.48 12.43
C MET D 526 -43.14 5.33 11.03
N THR D 527 -42.22 5.14 10.08
CA THR D 527 -42.58 5.08 8.67
C THR D 527 -43.31 3.79 8.32
N ALA D 528 -42.68 2.65 8.58
CA ALA D 528 -43.34 1.38 8.32
C ALA D 528 -44.26 1.00 9.47
N GLU D 529 -44.21 1.77 10.57
CA GLU D 529 -45.22 1.62 11.61
C GLU D 529 -46.48 2.38 11.26
N GLN D 530 -46.42 3.21 10.21
CA GLN D 530 -47.61 3.87 9.73
C GLN D 530 -48.53 2.90 9.02
N PHE D 531 -48.05 2.25 7.96
CA PHE D 531 -48.96 1.55 7.07
C PHE D 531 -49.38 0.20 7.63
N MET D 532 -48.74 -0.25 8.70
CA MET D 532 -49.07 -1.56 9.24
C MET D 532 -50.41 -1.51 9.96
N GLN D 533 -51.14 -2.62 9.88
CA GLN D 533 -52.41 -2.75 10.60
C GLN D 533 -52.29 -2.77 12.14
N PRO D 534 -51.26 -3.35 12.78
CA PRO D 534 -51.14 -3.17 14.24
C PRO D 534 -50.87 -1.73 14.63
N ASP D 535 -51.59 -1.28 15.68
CA ASP D 535 -51.51 0.01 16.33
C ASP D 535 -51.91 1.17 15.41
N ASN D 536 -52.38 0.92 14.19
CA ASN D 536 -52.75 1.97 13.29
C ASN D 536 -54.08 1.61 12.64
N ALA D 537 -55.09 1.39 13.50
CA ALA D 537 -56.46 1.28 13.02
C ALA D 537 -56.98 2.60 12.42
N ASN D 538 -56.26 3.71 12.62
CA ASN D 538 -56.50 4.95 11.89
C ASN D 538 -55.91 4.95 10.49
N LEU D 539 -55.57 3.78 9.92
CA LEU D 539 -55.13 3.72 8.53
C LEU D 539 -56.25 4.10 7.59
N ALA D 540 -57.45 3.57 7.84
CA ALA D 540 -58.55 3.79 6.91
C ALA D 540 -59.23 5.12 7.13
N LEU D 541 -58.55 6.06 7.77
CA LEU D 541 -59.01 7.43 7.79
C LEU D 541 -58.02 8.33 7.07
N GLU D 542 -57.06 7.73 6.35
CA GLU D 542 -56.12 8.46 5.52
C GLU D 542 -56.33 8.05 4.07
N LEU D 543 -57.05 8.87 3.31
CA LEU D 543 -57.49 8.47 1.98
C LEU D 543 -57.05 9.38 0.86
N HIS D 544 -57.03 10.70 1.07
CA HIS D 544 -56.74 11.60 -0.01
C HIS D 544 -55.50 12.41 0.37
N PRO D 545 -54.62 12.73 -0.57
CA PRO D 545 -53.44 13.52 -0.21
C PRO D 545 -53.76 14.97 0.09
N ALA D 546 -54.86 15.47 -0.45
CA ALA D 546 -55.16 16.89 -0.32
C ALA D 546 -56.25 17.14 0.69
N PHE D 547 -56.64 16.13 1.46
CA PHE D 547 -57.81 16.23 2.33
C PHE D 547 -57.64 15.37 3.58
N ASP D 548 -58.25 15.83 4.67
CA ASP D 548 -58.33 15.04 5.88
C ASP D 548 -59.59 14.21 5.92
N PHE D 549 -59.50 13.08 6.58
CA PHE D 549 -60.67 12.29 6.91
C PHE D 549 -60.61 11.98 8.40
N PHE D 550 -61.63 12.40 9.12
CA PHE D 550 -61.62 12.34 10.57
C PHE D 550 -63.03 12.23 11.09
N ALA D 551 -63.16 11.61 12.26
CA ALA D 551 -64.45 11.53 12.93
C ALA D 551 -64.84 12.90 13.48
N GLY D 552 -66.11 13.26 13.28
CA GLY D 552 -66.61 14.50 13.84
C GLY D 552 -68.11 14.39 14.02
N VAL D 553 -68.66 15.32 14.79
CA VAL D 553 -70.09 15.35 15.01
C VAL D 553 -70.70 16.23 13.93
N ALA D 554 -71.36 15.60 12.96
CA ALA D 554 -71.74 16.32 11.75
C ALA D 554 -73.05 17.05 11.93
N ASP D 555 -73.71 16.86 13.06
CA ASP D 555 -75.03 17.43 13.26
C ASP D 555 -74.95 18.94 13.48
N VAL D 556 -73.90 19.42 14.11
CA VAL D 556 -73.72 20.83 14.39
C VAL D 556 -72.89 21.44 13.27
N GLU D 557 -73.28 22.65 12.85
CA GLU D 557 -72.47 23.40 11.89
C GLU D 557 -71.13 23.77 12.51
N LEU D 558 -70.17 24.09 11.65
CA LEU D 558 -68.76 24.15 12.06
C LEU D 558 -68.44 25.22 13.09
N PRO D 559 -68.89 26.48 13.00
CA PRO D 559 -68.64 27.39 14.13
C PRO D 559 -69.72 27.25 15.17
N GLY D 560 -69.66 28.10 16.18
CA GLY D 560 -70.74 28.21 17.14
C GLY D 560 -70.76 27.09 18.16
N GLY D 561 -71.54 27.29 19.19
CA GLY D 561 -71.60 26.32 20.26
C GLY D 561 -70.40 26.38 21.17
N GLU D 562 -70.50 25.69 22.29
CA GLU D 562 -69.40 25.62 23.24
C GLU D 562 -69.00 24.20 23.58
N VAL D 563 -69.97 23.31 23.77
CA VAL D 563 -69.74 21.92 24.15
C VAL D 563 -70.22 21.03 23.01
N PRO D 564 -69.43 20.05 22.56
CA PRO D 564 -69.87 19.20 21.45
C PRO D 564 -70.90 18.17 21.90
N PRO D 565 -72.12 18.24 21.37
CA PRO D 565 -73.14 17.27 21.79
C PRO D 565 -72.85 15.90 21.24
N ALA D 566 -72.55 14.97 22.15
CA ALA D 566 -72.07 13.65 21.76
C ALA D 566 -73.21 12.84 21.17
N GLY D 567 -73.14 12.59 19.86
CA GLY D 567 -74.11 11.80 19.18
C GLY D 567 -73.44 10.89 18.18
N PRO D 568 -74.11 10.60 17.07
CA PRO D 568 -73.49 9.79 16.01
C PRO D 568 -72.38 10.56 15.31
N GLY D 569 -71.14 10.17 15.59
CA GLY D 569 -70.02 10.80 14.91
C GLY D 569 -69.98 10.38 13.45
N ALA D 570 -69.67 11.32 12.58
CA ALA D 570 -69.66 11.08 11.15
C ALA D 570 -68.36 11.61 10.56
N ILE D 571 -67.74 10.79 9.71
CA ILE D 571 -66.51 11.21 9.04
C ILE D 571 -66.82 12.31 8.05
N GLN D 572 -65.97 13.33 8.03
CA GLN D 572 -66.12 14.44 7.11
C GLN D 572 -64.75 14.82 6.57
N ALA D 573 -64.73 15.83 5.72
CA ALA D 573 -63.52 16.19 4.99
C ALA D 573 -63.26 17.68 5.11
N THR D 574 -62.01 18.05 5.29
CA THR D 574 -61.57 19.43 5.22
C THR D 574 -60.32 19.49 4.36
N TRP D 575 -60.03 20.67 3.81
CA TRP D 575 -58.98 20.82 2.82
C TRP D 575 -57.65 21.04 3.48
N ARG D 576 -56.68 20.18 3.15
CA ARG D 576 -55.31 20.38 3.58
C ARG D 576 -54.74 21.61 2.89
N VAL D 577 -54.23 22.55 3.67
CA VAL D 577 -53.86 23.84 3.09
C VAL D 577 -52.53 23.74 2.37
N VAL D 578 -51.46 23.43 3.11
CA VAL D 578 -50.11 23.43 2.53
C VAL D 578 -49.47 22.05 2.75
N ASN D 579 -48.41 21.80 1.97
CA ASN D 579 -47.83 20.46 1.93
C ASN D 579 -47.02 20.14 3.16
N GLY D 580 -46.73 21.14 4.00
CA GLY D 580 -46.07 20.84 5.25
C GLY D 580 -46.95 20.14 6.25
N ASN D 581 -48.28 20.21 6.08
CA ASN D 581 -49.16 19.67 7.09
C ASN D 581 -49.36 18.17 6.97
N LEU D 582 -48.66 17.51 6.06
CA LEU D 582 -48.74 16.06 6.00
C LEU D 582 -48.10 15.44 7.25
N PRO D 583 -48.57 14.27 7.67
CA PRO D 583 -48.00 13.64 8.87
C PRO D 583 -46.56 13.21 8.64
N LEU D 584 -45.83 13.06 9.73
CA LEU D 584 -44.39 12.92 9.60
C LEU D 584 -43.99 11.46 9.47
N ALA D 585 -44.95 10.57 9.22
CA ALA D 585 -44.62 9.23 8.76
C ALA D 585 -44.75 9.13 7.25
N LEU D 586 -45.54 10.01 6.65
CA LEU D 586 -45.75 9.99 5.21
C LEU D 586 -44.79 10.94 4.50
N CYS D 587 -44.44 12.04 5.14
CA CYS D 587 -43.51 13.02 4.60
C CYS D 587 -42.50 13.34 5.69
N PRO D 588 -41.42 12.58 5.80
CA PRO D 588 -40.68 12.52 7.07
C PRO D 588 -39.81 13.73 7.32
N VAL D 589 -39.19 13.72 8.51
CA VAL D 589 -38.45 14.88 8.98
C VAL D 589 -37.11 14.98 8.27
N ALA D 590 -36.44 13.84 8.08
CA ALA D 590 -35.16 13.82 7.37
C ALA D 590 -35.33 14.19 5.90
N PHE D 591 -36.53 14.00 5.36
CA PHE D 591 -36.83 14.51 4.03
C PHE D 591 -37.15 15.98 4.05
N ARG D 592 -37.88 16.44 5.07
CA ARG D 592 -38.35 17.82 5.05
C ARG D 592 -37.19 18.77 5.25
N ASP D 593 -36.17 18.34 6.01
CA ASP D 593 -34.96 19.14 6.12
C ASP D 593 -34.16 19.09 4.83
N ALA D 594 -34.33 18.04 4.04
CA ALA D 594 -33.46 17.84 2.88
C ALA D 594 -33.79 18.82 1.77
N ARG D 595 -35.05 19.25 1.67
CA ARG D 595 -35.37 20.25 0.67
C ARG D 595 -35.10 21.64 1.21
N GLY D 596 -34.91 21.75 2.53
CA GLY D 596 -34.46 23.02 3.08
C GLY D 596 -33.02 23.32 2.74
N LEU D 597 -32.16 22.30 2.84
CA LEU D 597 -30.79 22.42 2.36
C LEU D 597 -30.77 22.63 0.85
N GLU D 598 -31.76 22.08 0.14
CA GLU D 598 -31.89 22.33 -1.28
C GLU D 598 -32.19 23.79 -1.55
N LEU D 599 -33.00 24.42 -0.70
CA LEU D 599 -33.30 25.82 -0.92
C LEU D 599 -32.30 26.72 -0.20
N GLY D 600 -31.53 26.15 0.73
CA GLY D 600 -30.70 26.97 1.59
C GLY D 600 -29.52 27.59 0.87
N VAL D 601 -29.05 26.93 -0.18
CA VAL D 601 -27.87 27.42 -0.88
C VAL D 601 -28.26 28.59 -1.78
N GLY D 602 -27.30 29.46 -2.05
CA GLY D 602 -27.47 30.47 -3.07
C GLY D 602 -28.28 31.67 -2.68
N ARG D 603 -28.96 31.62 -1.54
CA ARG D 603 -29.70 32.76 -1.02
C ARG D 603 -29.32 32.94 0.44
N HIS D 604 -29.91 33.95 1.08
CA HIS D 604 -29.31 34.54 2.27
C HIS D 604 -29.34 33.62 3.48
N ALA D 605 -28.20 33.52 4.15
CA ALA D 605 -28.05 32.74 5.37
C ALA D 605 -27.60 33.65 6.50
N MET D 606 -28.12 33.39 7.70
CA MET D 606 -27.71 34.17 8.86
C MET D 606 -26.35 33.73 9.37
N ALA D 607 -25.74 34.60 10.16
CA ALA D 607 -24.51 34.26 10.86
C ALA D 607 -24.82 33.32 12.02
N PRO D 608 -23.84 32.52 12.46
CA PRO D 608 -24.05 31.77 13.71
C PRO D 608 -24.04 32.67 14.94
N ALA D 609 -23.50 33.87 14.82
CA ALA D 609 -23.57 34.84 15.91
C ALA D 609 -24.99 35.32 16.11
N THR D 610 -25.69 35.67 15.02
CA THR D 610 -27.02 36.25 15.17
C THR D 610 -28.07 35.18 15.40
N ILE D 611 -27.68 33.90 15.35
CA ILE D 611 -28.59 32.84 15.77
C ILE D 611 -28.48 32.63 17.27
N ALA D 612 -27.27 32.59 17.78
CA ALA D 612 -27.07 32.33 19.20
C ALA D 612 -27.49 33.52 20.05
N ALA D 613 -27.53 34.71 19.46
CA ALA D 613 -28.00 35.87 20.19
C ALA D 613 -29.51 35.83 20.37
N VAL D 614 -30.22 35.31 19.36
CA VAL D 614 -31.68 35.34 19.41
C VAL D 614 -32.22 34.11 20.12
N ARG D 615 -31.62 32.94 19.89
CA ARG D 615 -32.12 31.71 20.49
C ARG D 615 -31.86 31.71 21.99
N GLY D 616 -30.78 32.34 22.44
CA GLY D 616 -30.59 32.55 23.86
C GLY D 616 -31.60 33.53 24.44
N ALA D 617 -32.08 34.46 23.60
CA ALA D 617 -33.06 35.45 24.07
C ALA D 617 -34.43 34.82 24.22
N PHE D 618 -34.72 33.77 23.46
CA PHE D 618 -35.98 33.06 23.66
C PHE D 618 -35.91 32.15 24.87
N GLU D 619 -34.74 31.57 25.13
CA GLU D 619 -34.62 30.65 26.26
C GLU D 619 -34.11 31.36 27.50
N ASP D 620 -34.21 32.69 27.51
CA ASP D 620 -33.79 33.47 28.67
C ASP D 620 -34.80 33.33 29.80
N ARG D 621 -34.57 32.39 30.71
CA ARG D 621 -35.39 32.28 31.90
C ARG D 621 -35.16 33.40 32.89
N SER D 622 -34.08 34.15 32.75
CA SER D 622 -33.83 35.34 33.55
C SER D 622 -34.30 36.60 32.86
N TYR D 623 -35.36 36.52 32.05
CA TYR D 623 -35.66 37.64 31.17
C TYR D 623 -36.32 38.76 31.97
N PRO D 624 -35.81 39.98 31.87
CA PRO D 624 -36.43 41.10 32.58
C PRO D 624 -37.74 41.49 31.95
N ALA D 625 -38.79 41.51 32.78
CA ALA D 625 -40.14 41.54 32.24
C ALA D 625 -40.62 42.94 31.93
N VAL D 626 -39.75 43.95 32.03
CA VAL D 626 -40.15 45.30 31.65
C VAL D 626 -40.31 45.39 30.14
N PHE D 627 -39.69 44.48 29.40
CA PHE D 627 -39.81 44.49 27.95
C PHE D 627 -41.19 44.01 27.52
N TYR D 628 -41.82 43.16 28.32
CA TYR D 628 -43.18 42.74 28.02
C TYR D 628 -44.16 43.88 28.26
N LEU D 629 -43.92 44.69 29.30
CA LEU D 629 -44.83 45.81 29.55
C LEU D 629 -44.66 46.88 28.49
N LEU D 630 -43.43 47.10 28.02
CA LEU D 630 -43.21 48.08 26.96
C LEU D 630 -43.76 47.60 25.64
N GLN D 631 -43.74 46.28 25.41
CA GLN D 631 -44.33 45.72 24.20
C GLN D 631 -45.83 45.96 24.17
N ALA D 632 -46.47 45.91 25.33
CA ALA D 632 -47.87 46.29 25.41
C ALA D 632 -48.02 47.80 25.42
N ALA D 633 -47.04 48.51 25.97
CA ALA D 633 -47.13 49.97 26.05
C ALA D 633 -47.00 50.60 24.68
N ILE D 634 -46.08 50.11 23.86
CA ILE D 634 -45.97 50.56 22.49
C ILE D 634 -47.20 50.13 21.69
N HIS D 635 -47.75 48.96 22.05
CA HIS D 635 -48.87 48.26 21.38
C HIS D 635 -48.76 48.29 19.86
N GLY D 636 -47.54 48.14 19.35
CA GLY D 636 -47.29 48.16 17.93
C GLY D 636 -47.54 49.49 17.26
N ASN D 637 -47.61 50.56 18.02
CA ASN D 637 -47.79 51.90 17.46
C ASN D 637 -46.42 52.51 17.26
N GLU D 638 -46.13 52.88 16.01
CA GLU D 638 -44.83 53.46 15.64
C GLU D 638 -44.57 54.78 16.35
N HIS D 639 -45.64 55.55 16.58
CA HIS D 639 -45.49 56.85 17.21
C HIS D 639 -45.05 56.72 18.66
N VAL D 640 -45.45 55.65 19.32
CA VAL D 640 -45.03 55.43 20.69
C VAL D 640 -43.57 54.97 20.72
N PHE D 641 -43.10 54.38 19.61
CA PHE D 641 -41.73 53.90 19.57
C PHE D 641 -40.72 55.04 19.59
N CYS D 642 -40.89 56.01 18.68
CA CYS D 642 -39.90 57.08 18.58
C CYS D 642 -40.01 58.05 19.73
N ALA D 643 -41.16 58.06 20.41
CA ALA D 643 -41.30 58.82 21.63
C ALA D 643 -40.42 58.24 22.75
N LEU D 644 -40.45 56.92 22.90
CA LEU D 644 -39.71 56.25 23.96
C LEU D 644 -38.33 55.79 23.50
N ALA D 645 -37.76 56.50 22.52
CA ALA D 645 -36.63 55.97 21.76
C ALA D 645 -35.37 55.89 22.62
N ARG D 646 -35.19 56.84 23.53
CA ARG D 646 -34.06 56.74 24.45
C ARG D 646 -34.25 55.61 25.44
N LEU D 647 -35.49 55.43 25.91
CA LEU D 647 -35.77 54.36 26.87
C LEU D 647 -35.60 52.99 26.22
N VAL D 648 -36.01 52.86 24.96
CA VAL D 648 -35.84 51.60 24.25
C VAL D 648 -34.37 51.32 24.01
N THR D 649 -33.60 52.33 23.60
CA THR D 649 -32.20 52.08 23.25
C THR D 649 -31.34 51.92 24.50
N GLN D 650 -31.86 52.31 25.67
CA GLN D 650 -31.12 52.06 26.91
C GLN D 650 -31.51 50.73 27.52
N CYS D 651 -32.78 50.35 27.37
CA CYS D 651 -33.21 49.04 27.85
C CYS D 651 -32.51 47.93 27.09
N ILE D 652 -32.22 48.14 25.81
CA ILE D 652 -31.45 47.17 25.05
C ILE D 652 -29.99 47.20 25.47
N THR D 653 -29.42 48.40 25.58
CA THR D 653 -27.98 48.55 25.81
C THR D 653 -27.59 48.03 27.18
N SER D 654 -28.47 48.22 28.16
CA SER D 654 -28.31 47.53 29.43
C SER D 654 -28.39 46.03 29.24
N TYR D 655 -29.45 45.56 28.57
CA TYR D 655 -29.65 44.13 28.39
C TYR D 655 -28.60 43.53 27.46
N TRP D 656 -28.04 44.34 26.57
CA TRP D 656 -26.89 43.86 25.81
C TRP D 656 -25.63 43.86 26.65
N ASN D 657 -25.53 44.77 27.61
CA ASN D 657 -24.41 44.71 28.54
C ASN D 657 -24.63 43.63 29.59
N ASN D 658 -25.89 43.36 29.92
CA ASN D 658 -26.17 42.24 30.81
C ASN D 658 -25.92 40.92 30.10
N THR D 659 -26.69 40.63 29.06
CA THR D 659 -26.61 39.36 28.38
C THR D 659 -26.19 39.57 26.94
N ARG D 660 -25.73 38.50 26.30
CA ARG D 660 -25.40 38.56 24.88
C ARG D 660 -26.63 38.11 24.08
N CYS D 661 -27.74 38.79 24.35
CA CYS D 661 -29.03 38.49 23.76
C CYS D 661 -29.70 39.81 23.41
N ALA D 662 -30.62 39.77 22.46
CA ALA D 662 -31.35 40.95 22.03
C ALA D 662 -32.64 41.03 22.83
N ALA D 663 -33.31 42.17 22.76
CA ALA D 663 -34.34 42.47 23.74
C ALA D 663 -35.75 42.25 23.19
N PHE D 664 -36.07 42.89 22.08
CA PHE D 664 -37.44 42.92 21.55
C PHE D 664 -37.69 41.91 20.45
N VAL D 665 -37.05 40.74 20.50
CA VAL D 665 -37.18 39.79 19.40
C VAL D 665 -38.47 38.99 19.48
N ASN D 666 -39.37 39.31 20.40
CA ASN D 666 -40.68 38.69 20.35
C ASN D 666 -41.60 39.41 19.37
N ASP D 667 -41.45 40.72 19.23
CA ASP D 667 -42.32 41.52 18.37
C ASP D 667 -41.58 41.88 17.08
N TYR D 668 -42.16 41.51 15.94
CA TYR D 668 -41.50 41.78 14.66
C TYR D 668 -41.57 43.25 14.31
N SER D 669 -42.65 43.94 14.72
CA SER D 669 -42.73 45.37 14.49
C SER D 669 -41.60 46.09 15.22
N LEU D 670 -41.28 45.66 16.43
CA LEU D 670 -40.19 46.28 17.18
C LEU D 670 -38.84 46.02 16.53
N VAL D 671 -38.60 44.78 16.07
CA VAL D 671 -37.34 44.47 15.40
C VAL D 671 -37.24 45.24 14.09
N SER D 672 -38.38 45.52 13.46
CA SER D 672 -38.36 46.41 12.32
C SER D 672 -38.05 47.84 12.74
N TYR D 673 -38.66 48.32 13.84
CA TYR D 673 -38.51 49.72 14.20
C TYR D 673 -37.12 50.02 14.74
N ILE D 674 -36.49 49.05 15.41
CA ILE D 674 -35.15 49.28 15.97
C ILE D 674 -34.12 49.41 14.86
N VAL D 675 -34.26 48.59 13.82
CA VAL D 675 -33.38 48.75 12.66
C VAL D 675 -33.74 50.03 11.92
N THR D 676 -35.03 50.40 11.96
CA THR D 676 -35.46 51.60 11.24
C THR D 676 -35.03 52.86 11.95
N TYR D 677 -35.42 53.03 13.21
CA TYR D 677 -35.28 54.30 13.89
C TYR D 677 -34.13 54.38 14.88
N LEU D 678 -33.48 53.26 15.19
CA LEU D 678 -32.38 53.27 16.13
C LEU D 678 -31.08 52.82 15.50
N GLY D 679 -30.71 53.36 14.33
CA GLY D 679 -29.59 52.82 13.59
C GLY D 679 -28.24 53.19 14.19
N GLY D 680 -28.14 54.36 14.80
CA GLY D 680 -26.84 54.81 15.26
C GLY D 680 -26.51 54.36 16.68
N ASP D 681 -27.39 54.65 17.62
CA ASP D 681 -27.04 54.62 19.04
C ASP D 681 -27.32 53.27 19.66
N LEU D 682 -26.74 52.22 19.10
CA LEU D 682 -26.70 50.90 19.72
C LEU D 682 -25.27 50.38 19.65
N PRO D 683 -24.88 49.46 20.53
CA PRO D 683 -23.60 48.76 20.32
C PRO D 683 -23.66 47.90 19.07
N GLU D 684 -22.57 47.91 18.32
CA GLU D 684 -22.64 47.45 16.93
C GLU D 684 -22.65 45.93 16.85
N GLU D 685 -22.32 45.25 17.95
CA GLU D 685 -22.44 43.80 17.96
C GLU D 685 -23.91 43.38 17.93
N CYS D 686 -24.78 44.12 18.62
CA CYS D 686 -26.20 43.77 18.59
C CYS D 686 -26.91 44.45 17.44
N MET D 687 -26.26 45.40 16.78
CA MET D 687 -26.90 46.05 15.66
C MET D 687 -26.88 45.13 14.43
N ALA D 688 -25.80 44.37 14.26
CA ALA D 688 -25.74 43.41 13.16
C ALA D 688 -26.65 42.22 13.43
N VAL D 689 -26.94 41.93 14.69
CA VAL D 689 -27.94 40.91 15.03
C VAL D 689 -29.31 41.36 14.56
N TYR D 690 -29.66 42.61 14.84
CA TYR D 690 -30.92 43.17 14.37
C TYR D 690 -30.95 43.30 12.86
N ARG D 691 -29.79 43.56 12.26
CA ARG D 691 -29.76 43.81 10.82
C ARG D 691 -29.84 42.51 10.03
N ASP D 692 -29.21 41.45 10.55
CA ASP D 692 -29.22 40.16 9.85
C ASP D 692 -30.58 39.49 9.99
N LEU D 693 -31.29 39.78 11.09
CA LEU D 693 -32.54 39.10 11.36
C LEU D 693 -33.66 39.64 10.50
N VAL D 694 -33.59 40.92 10.14
CA VAL D 694 -34.65 41.52 9.34
C VAL D 694 -34.53 41.09 7.88
N ALA D 695 -33.32 41.16 7.33
CA ALA D 695 -33.13 40.86 5.91
C ALA D 695 -33.32 39.38 5.63
N HIS D 696 -33.18 38.53 6.66
CA HIS D 696 -33.42 37.12 6.47
C HIS D 696 -34.89 36.84 6.28
N VAL D 697 -35.75 37.70 6.82
CA VAL D 697 -37.17 37.63 6.50
C VAL D 697 -37.38 38.04 5.04
N GLU D 698 -36.70 39.11 4.62
CA GLU D 698 -36.83 39.58 3.25
C GLU D 698 -36.21 38.61 2.26
N ALA D 699 -35.29 37.77 2.72
CA ALA D 699 -34.83 36.66 1.90
C ALA D 699 -35.93 35.64 1.70
N LEU D 700 -36.70 35.36 2.75
CA LEU D 700 -37.75 34.37 2.66
C LEU D 700 -38.94 34.88 1.87
N ALA D 701 -39.15 36.20 1.87
CA ALA D 701 -40.26 36.77 1.11
C ALA D 701 -40.00 36.66 -0.38
N GLN D 702 -38.74 36.77 -0.80
CA GLN D 702 -38.42 36.68 -2.21
C GLN D 702 -38.07 35.26 -2.61
N LEU D 703 -38.25 34.30 -1.70
CA LEU D 703 -38.14 32.89 -2.08
C LEU D 703 -39.31 32.47 -2.94
N VAL D 704 -40.51 32.98 -2.61
CA VAL D 704 -41.71 32.56 -3.33
C VAL D 704 -41.71 33.14 -4.74
N ASP D 705 -41.22 34.36 -4.91
CA ASP D 705 -41.28 35.01 -6.21
C ASP D 705 -40.24 34.45 -7.17
N ASP D 706 -39.31 33.65 -6.66
CA ASP D 706 -38.44 32.88 -7.54
C ASP D 706 -39.19 31.71 -8.15
N PHE D 707 -40.29 31.29 -7.53
CA PHE D 707 -40.95 30.05 -7.93
C PHE D 707 -42.27 30.31 -8.63
N THR D 708 -42.91 31.44 -8.34
CA THR D 708 -44.24 31.68 -8.85
C THR D 708 -44.21 32.21 -10.27
N LEU D 709 -44.80 31.44 -11.20
CA LEU D 709 -45.04 31.85 -12.58
C LEU D 709 -46.08 32.97 -12.60
N PRO D 710 -46.01 33.89 -13.57
CA PRO D 710 -46.98 34.98 -13.60
C PRO D 710 -48.23 34.56 -14.34
N GLY D 711 -49.25 35.41 -14.27
CA GLY D 711 -50.50 35.16 -14.92
C GLY D 711 -51.50 36.24 -14.60
N PRO D 712 -52.77 36.00 -14.94
CA PRO D 712 -53.81 36.96 -14.56
C PRO D 712 -54.17 36.85 -13.10
N GLU D 713 -55.18 37.61 -12.70
CA GLU D 713 -55.62 37.61 -11.31
C GLU D 713 -56.87 36.75 -11.17
N LEU D 714 -56.87 35.89 -10.17
CA LEU D 714 -57.83 34.80 -10.06
C LEU D 714 -58.57 34.92 -8.73
N GLY D 715 -59.88 35.12 -8.81
CA GLY D 715 -60.68 35.30 -7.62
C GLY D 715 -60.35 36.54 -6.82
N GLY D 716 -59.88 37.59 -7.49
CA GLY D 716 -59.41 38.76 -6.78
C GLY D 716 -58.10 38.58 -6.06
N GLN D 717 -57.34 37.54 -6.38
CA GLN D 717 -56.06 37.28 -5.74
C GLN D 717 -54.97 37.16 -6.79
N ALA D 718 -53.73 37.34 -6.34
CA ALA D 718 -52.59 37.29 -7.23
C ALA D 718 -52.22 35.85 -7.57
N GLN D 719 -51.14 35.71 -8.34
CA GLN D 719 -50.60 34.39 -8.63
C GLN D 719 -49.88 33.81 -7.42
N ALA D 720 -49.15 34.65 -6.69
CA ALA D 720 -48.40 34.17 -5.54
C ALA D 720 -49.31 33.87 -4.37
N GLU D 721 -50.42 34.61 -4.25
CA GLU D 721 -51.36 34.38 -3.15
C GLU D 721 -52.06 33.04 -3.32
N LEU D 722 -52.20 32.57 -4.55
CA LEU D 722 -52.68 31.22 -4.76
C LEU D 722 -51.57 30.21 -4.49
N ASN D 723 -50.33 30.60 -4.74
CA ASN D 723 -49.24 29.65 -4.59
C ASN D 723 -48.89 29.43 -3.13
N HIS D 724 -48.42 30.47 -2.45
CA HIS D 724 -47.87 30.29 -1.12
C HIS D 724 -48.85 30.82 -0.09
N LEU D 725 -48.74 30.32 1.13
CA LEU D 725 -49.69 30.68 2.17
C LEU D 725 -49.41 32.08 2.71
N MET D 726 -48.14 32.50 2.69
CA MET D 726 -47.75 33.69 3.43
C MET D 726 -48.02 34.96 2.65
N ARG D 727 -47.96 34.90 1.32
CA ARG D 727 -48.44 36.01 0.52
C ARG D 727 -49.96 36.09 0.56
N ASP D 728 -50.63 34.97 0.84
CA ASP D 728 -52.08 34.92 0.83
C ASP D 728 -52.64 35.59 2.08
N PRO D 729 -53.49 36.60 1.93
CA PRO D 729 -54.10 37.25 3.12
C PRO D 729 -55.30 36.53 3.69
N ALA D 730 -55.58 35.29 3.28
CA ALA D 730 -56.57 34.48 3.98
C ALA D 730 -56.10 34.17 5.39
N LEU D 731 -54.87 33.70 5.52
CA LEU D 731 -54.20 33.57 6.79
C LEU D 731 -53.77 34.95 7.24
N LEU D 732 -53.89 35.21 8.53
CA LEU D 732 -53.46 36.46 9.14
C LEU D 732 -52.75 36.11 10.44
N PRO D 733 -51.72 36.87 10.82
CA PRO D 733 -50.78 36.41 11.85
C PRO D 733 -51.43 36.38 13.22
N PRO D 734 -50.85 35.65 14.19
CA PRO D 734 -51.50 35.56 15.51
C PRO D 734 -51.52 36.87 16.27
N LEU D 735 -50.46 37.65 16.22
CA LEU D 735 -50.37 38.89 16.97
C LEU D 735 -50.48 40.06 16.02
N VAL D 736 -51.64 40.69 15.99
CA VAL D 736 -51.93 41.83 15.12
C VAL D 736 -52.23 43.00 16.03
N TRP D 737 -51.73 44.19 15.69
CA TRP D 737 -52.03 45.37 16.50
C TRP D 737 -52.97 46.31 15.75
N ASP D 738 -52.74 46.49 14.46
CA ASP D 738 -53.55 47.35 13.63
C ASP D 738 -54.79 46.62 13.14
N CYS D 739 -55.47 47.22 12.17
CA CYS D 739 -56.54 46.55 11.48
C CYS D 739 -56.25 46.34 10.00
N ASP D 740 -54.98 46.43 9.60
CA ASP D 740 -54.61 46.11 8.22
C ASP D 740 -54.77 44.62 7.96
N GLY D 741 -54.58 43.81 8.99
CA GLY D 741 -54.64 42.37 8.81
C GLY D 741 -56.04 41.86 8.56
N LEU D 742 -57.05 42.53 9.12
CA LEU D 742 -58.42 42.09 8.88
C LEU D 742 -58.99 42.79 7.65
N MET D 743 -58.47 43.97 7.32
CA MET D 743 -58.96 44.76 6.20
C MET D 743 -58.78 44.02 4.88
N ARG D 744 -57.59 43.50 4.63
CA ARG D 744 -57.36 42.75 3.41
C ARG D 744 -58.04 41.40 3.47
N HIS D 745 -58.28 40.89 4.68
CA HIS D 745 -59.13 39.72 4.82
C HIS D 745 -60.59 40.09 4.63
N ALA D 746 -60.95 41.35 4.86
CA ALA D 746 -62.34 41.75 4.67
C ALA D 746 -62.68 41.87 3.19
N ALA D 747 -61.86 42.60 2.43
CA ALA D 747 -62.15 42.93 1.04
C ALA D 747 -61.85 41.71 0.17
N LEU D 748 -62.76 40.74 0.20
CA LEU D 748 -62.56 39.49 -0.51
C LEU D 748 -63.89 38.95 -1.00
N ASP D 749 -63.83 38.09 -2.01
CA ASP D 749 -64.98 37.28 -2.39
C ASP D 749 -65.02 35.98 -1.61
N ARG D 750 -64.01 35.75 -0.76
CA ARG D 750 -63.88 34.45 -0.10
C ARG D 750 -64.35 34.48 1.34
N HIS D 751 -64.21 35.63 2.01
CA HIS D 751 -64.27 35.67 3.48
C HIS D 751 -65.71 35.55 3.95
N ARG D 752 -65.88 34.97 5.13
CA ARG D 752 -67.17 34.89 5.80
C ARG D 752 -67.09 35.88 6.96
N ASP D 753 -68.04 36.83 6.98
CA ASP D 753 -67.80 38.29 7.02
C ASP D 753 -66.62 38.63 7.93
N CYS D 754 -66.71 38.38 9.24
CA CYS D 754 -65.64 38.03 10.17
C CYS D 754 -66.37 37.83 11.48
N ARG D 755 -65.94 36.92 12.35
CA ARG D 755 -66.58 36.80 13.65
C ARG D 755 -65.68 37.37 14.74
N ILE D 756 -65.95 38.62 15.13
CA ILE D 756 -65.55 39.14 16.42
C ILE D 756 -66.53 38.55 17.42
N ASP D 757 -66.14 38.45 18.68
CA ASP D 757 -66.95 37.70 19.62
C ASP D 757 -67.12 38.38 20.97
N ALA D 758 -66.43 39.50 21.19
CA ALA D 758 -66.63 40.23 22.44
C ALA D 758 -67.98 40.91 22.46
N GLY D 759 -68.42 41.43 21.32
CA GLY D 759 -69.77 41.96 21.20
C GLY D 759 -70.12 42.13 19.74
N GLY D 760 -71.25 41.53 19.36
CA GLY D 760 -71.64 41.50 17.97
C GLY D 760 -70.86 40.47 17.17
N HIS D 761 -71.36 40.15 15.98
CA HIS D 761 -70.63 39.21 15.13
C HIS D 761 -69.65 39.94 14.23
N GLU D 762 -70.10 41.01 13.58
CA GLU D 762 -69.25 41.70 12.64
C GLU D 762 -68.27 42.62 13.38
N PRO D 763 -67.00 42.63 12.98
CA PRO D 763 -66.04 43.53 13.63
C PRO D 763 -66.30 44.96 13.23
N VAL D 764 -65.70 45.88 13.97
CA VAL D 764 -65.93 47.29 13.74
C VAL D 764 -64.68 48.07 14.13
N TYR D 765 -64.44 49.16 13.41
CA TYR D 765 -63.21 49.96 13.48
C TYR D 765 -63.53 51.35 14.01
N ALA D 766 -62.51 52.00 14.61
CA ALA D 766 -62.60 53.37 15.07
C ALA D 766 -61.36 54.13 14.62
N ALA D 767 -61.41 55.46 14.76
CA ALA D 767 -60.29 56.29 14.29
C ALA D 767 -59.14 56.29 15.28
N ALA D 768 -59.37 56.79 16.50
CA ALA D 768 -58.31 56.92 17.48
C ALA D 768 -58.89 56.68 18.87
N CYS D 769 -57.99 56.62 19.86
CA CYS D 769 -58.38 56.35 21.25
C CYS D 769 -57.73 57.37 22.18
N ASN D 770 -58.51 57.86 23.14
CA ASN D 770 -58.04 58.77 24.17
C ASN D 770 -58.27 58.12 25.53
N VAL D 771 -57.92 58.85 26.58
CA VAL D 771 -58.09 58.31 27.93
C VAL D 771 -59.55 58.44 28.39
N ALA D 772 -60.29 59.38 27.80
CA ALA D 772 -61.71 59.50 28.11
C ALA D 772 -62.54 58.64 27.17
N THR D 773 -61.97 58.23 26.04
CA THR D 773 -62.68 57.41 25.08
C THR D 773 -62.53 55.92 25.39
N ALA D 774 -61.47 55.58 26.14
CA ALA D 774 -61.11 54.18 26.37
C ALA D 774 -62.11 53.47 27.28
N ASP D 775 -62.32 52.19 27.01
CA ASP D 775 -63.14 51.30 27.81
C ASP D 775 -62.36 50.01 28.03
N PHE D 776 -61.70 49.90 29.20
CA PHE D 776 -60.65 48.91 29.38
C PHE D 776 -61.20 47.50 29.52
N ASN D 777 -62.52 47.35 29.65
CA ASN D 777 -63.20 46.07 29.41
C ASN D 777 -64.51 46.36 28.68
N ARG D 778 -64.51 46.08 27.38
CA ARG D 778 -65.65 46.43 26.53
C ARG D 778 -66.19 45.17 25.89
N ASN D 779 -67.48 45.20 25.55
CA ASN D 779 -68.16 44.06 24.95
C ASN D 779 -68.86 44.43 23.65
N ASP D 780 -68.14 45.07 22.72
CA ASP D 780 -68.77 45.56 21.50
C ASP D 780 -67.98 45.20 20.25
N GLY D 781 -66.81 44.59 20.40
CA GLY D 781 -66.02 44.19 19.26
C GLY D 781 -65.36 45.31 18.49
N ARG D 782 -64.93 46.38 19.16
CA ARG D 782 -64.32 47.49 18.45
C ARG D 782 -62.82 47.24 18.29
N LEU D 783 -62.32 47.52 17.09
CA LEU D 783 -60.92 47.31 16.76
C LEU D 783 -60.28 48.65 16.45
N LEU D 784 -59.13 48.93 17.08
CA LEU D 784 -58.44 50.21 16.96
C LEU D 784 -57.48 50.15 15.77
N HIS D 785 -57.50 51.21 14.96
CA HIS D 785 -56.62 51.31 13.81
C HIS D 785 -55.44 52.25 14.09
N ASN D 786 -55.15 52.51 15.37
CA ASN D 786 -54.28 53.62 15.77
C ASN D 786 -52.85 53.18 16.05
N THR D 787 -52.23 52.54 15.06
CA THR D 787 -50.83 52.12 15.19
C THR D 787 -49.89 52.89 14.27
N GLN D 788 -50.40 53.92 13.61
CA GLN D 788 -49.65 54.58 12.55
C GLN D 788 -48.65 55.58 13.10
N ALA D 789 -48.00 56.29 12.18
CA ALA D 789 -46.97 57.25 12.56
C ALA D 789 -47.58 58.52 13.13
N ARG D 790 -48.50 59.15 12.40
CA ARG D 790 -48.99 60.46 12.78
C ARG D 790 -50.20 60.35 13.69
N ALA D 791 -50.24 61.19 14.73
CA ALA D 791 -51.45 61.34 15.52
C ALA D 791 -52.44 62.26 14.81
N ALA D 792 -51.95 63.08 13.88
CA ALA D 792 -52.84 63.96 13.13
C ALA D 792 -53.51 63.22 11.97
N ASP D 793 -52.82 62.24 11.40
CA ASP D 793 -53.31 61.48 10.26
C ASP D 793 -53.87 60.14 10.75
N ALA D 794 -55.19 59.99 10.72
CA ALA D 794 -55.86 58.77 11.14
C ALA D 794 -57.04 58.52 10.22
N ALA D 795 -57.12 57.33 9.64
CA ALA D 795 -58.17 56.95 8.71
C ALA D 795 -58.94 55.78 9.28
N ASP D 796 -60.26 55.75 9.06
CA ASP D 796 -61.09 54.71 9.65
C ASP D 796 -61.07 53.44 8.81
N ASP D 797 -61.17 53.58 7.49
CA ASP D 797 -61.30 52.43 6.59
C ASP D 797 -60.11 52.25 5.67
N ARG D 798 -58.95 52.83 6.00
CA ARG D 798 -57.84 52.75 5.07
C ARG D 798 -56.61 52.13 5.73
N PRO D 799 -55.74 51.49 4.95
CA PRO D 799 -54.49 50.98 5.52
C PRO D 799 -53.43 52.08 5.60
N HIS D 800 -52.58 51.99 6.63
CA HIS D 800 -51.45 52.92 6.73
C HIS D 800 -50.23 52.38 6.01
N ARG D 801 -50.15 51.07 5.83
CA ARG D 801 -48.94 50.38 5.44
C ARG D 801 -49.13 49.60 4.15
N PRO D 802 -48.05 49.37 3.39
CA PRO D 802 -48.14 48.54 2.19
C PRO D 802 -48.34 47.07 2.53
N ALA D 803 -48.37 46.24 1.48
CA ALA D 803 -48.56 44.81 1.68
C ALA D 803 -47.30 44.14 2.21
N ASP D 804 -46.15 44.82 2.17
CA ASP D 804 -44.93 44.22 2.70
C ASP D 804 -44.84 44.36 4.22
N TRP D 805 -45.85 44.98 4.83
CA TRP D 805 -45.87 45.08 6.28
C TRP D 805 -46.34 43.77 6.92
N THR D 806 -47.54 43.32 6.54
CA THR D 806 -48.15 42.19 7.23
C THR D 806 -47.54 40.87 6.76
N VAL D 807 -47.02 40.83 5.54
CA VAL D 807 -46.42 39.61 5.02
C VAL D 807 -45.13 39.29 5.76
N HIS D 808 -44.28 40.30 5.95
CA HIS D 808 -43.07 40.11 6.74
C HIS D 808 -43.39 39.83 8.20
N HIS D 809 -44.57 40.23 8.67
CA HIS D 809 -45.02 39.76 9.98
C HIS D 809 -45.35 38.28 9.95
N LYS D 810 -46.09 37.83 8.93
CA LYS D 810 -46.50 36.44 8.85
C LYS D 810 -45.29 35.52 8.67
N ILE D 811 -44.27 36.00 7.95
CA ILE D 811 -43.06 35.21 7.76
C ILE D 811 -42.25 35.17 9.05
N TYR D 812 -42.35 36.23 9.86
CA TYR D 812 -41.63 36.21 11.13
C TYR D 812 -42.28 35.25 12.11
N TYR D 813 -43.60 35.41 12.33
CA TYR D 813 -44.24 34.68 13.43
C TYR D 813 -44.39 33.20 13.10
N TYR D 814 -44.79 32.87 11.88
CA TYR D 814 -45.06 31.47 11.58
C TYR D 814 -43.80 30.68 11.33
N VAL D 815 -42.71 31.33 10.93
CA VAL D 815 -41.51 30.61 10.53
C VAL D 815 -40.36 30.80 11.51
N LEU D 816 -39.97 32.05 11.78
CA LEU D 816 -38.78 32.29 12.59
C LEU D 816 -39.04 31.96 14.05
N VAL D 817 -40.26 32.22 14.53
CA VAL D 817 -40.58 31.93 15.92
C VAL D 817 -40.57 30.44 16.23
N PRO D 818 -41.14 29.54 15.41
CA PRO D 818 -40.90 28.12 15.71
C PRO D 818 -39.49 27.67 15.38
N ALA D 819 -38.74 28.46 14.62
CA ALA D 819 -37.38 28.07 14.27
C ALA D 819 -36.46 28.19 15.47
N PHE D 820 -36.54 29.30 16.19
CA PHE D 820 -35.62 29.51 17.29
C PHE D 820 -36.16 28.93 18.59
N SER D 821 -37.45 29.10 18.86
CA SER D 821 -37.97 28.87 20.20
C SER D 821 -38.09 27.40 20.53
N ARG D 822 -38.31 26.55 19.52
CA ARG D 822 -38.50 25.10 19.68
C ARG D 822 -39.66 24.78 20.62
N GLY D 823 -40.79 25.42 20.41
CA GLY D 823 -42.02 25.01 21.08
C GLY D 823 -42.15 25.37 22.53
N ARG D 824 -41.36 26.33 23.03
CA ARG D 824 -41.60 26.92 24.35
C ARG D 824 -41.86 28.40 24.13
N CYS D 825 -43.11 28.73 23.81
CA CYS D 825 -43.53 30.10 23.51
C CYS D 825 -45.04 30.13 23.50
N CYS D 826 -45.63 31.26 23.86
CA CYS D 826 -47.08 31.35 23.92
C CYS D 826 -47.50 32.80 23.75
N THR D 827 -48.72 33.00 23.28
CA THR D 827 -49.22 34.32 22.90
C THR D 827 -50.37 34.71 23.80
N ALA D 828 -50.08 35.54 24.79
CA ALA D 828 -51.00 35.79 25.89
C ALA D 828 -51.88 37.01 25.64
N GLY D 829 -53.02 37.02 26.34
CA GLY D 829 -53.83 38.23 26.39
C GLY D 829 -53.42 39.10 27.57
N VAL D 830 -53.43 40.41 27.35
CA VAL D 830 -52.78 41.36 28.24
C VAL D 830 -53.82 42.26 28.88
N ARG D 831 -53.72 42.44 30.19
CA ARG D 831 -54.56 43.39 30.92
C ARG D 831 -53.97 44.78 30.78
N PHE D 832 -54.49 45.59 29.85
CA PHE D 832 -53.89 46.89 29.61
C PHE D 832 -54.13 47.86 30.76
N ASP D 833 -55.29 47.76 31.42
CA ASP D 833 -55.57 48.62 32.56
C ASP D 833 -54.66 48.31 33.75
N ARG D 834 -54.17 47.07 33.82
CA ARG D 834 -53.25 46.71 34.88
C ARG D 834 -51.81 47.02 34.49
N VAL D 835 -51.48 46.91 33.20
CA VAL D 835 -50.12 47.20 32.75
C VAL D 835 -49.85 48.69 32.77
N TYR D 836 -50.81 49.50 32.29
CA TYR D 836 -50.62 50.94 32.23
C TYR D 836 -50.56 51.56 33.61
N ALA D 837 -51.10 50.87 34.62
CA ALA D 837 -51.23 51.44 35.95
C ALA D 837 -49.89 51.56 36.66
N THR D 838 -48.88 50.81 36.20
CA THR D 838 -47.60 50.86 36.90
C THR D 838 -46.52 51.52 36.07
N LEU D 839 -46.73 51.65 34.76
CA LEU D 839 -45.72 52.31 33.93
C LEU D 839 -45.66 53.80 34.23
N GLN D 840 -46.81 54.46 34.24
CA GLN D 840 -46.93 55.89 34.47
C GLN D 840 -46.78 56.26 35.94
N ASN D 841 -46.67 55.28 36.82
CA ASN D 841 -46.46 55.49 38.25
C ASN D 841 -44.95 55.52 38.46
N MET D 842 -44.35 56.71 38.33
CA MET D 842 -42.90 56.83 38.34
C MET D 842 -42.46 57.70 39.50
N VAL D 843 -41.31 57.36 40.07
CA VAL D 843 -40.70 58.13 41.15
C VAL D 843 -39.34 58.60 40.67
N VAL D 844 -39.29 59.82 40.15
CA VAL D 844 -38.02 60.41 39.73
C VAL D 844 -37.76 61.58 40.65
N PRO D 845 -36.64 61.62 41.37
CA PRO D 845 -36.39 62.73 42.29
C PRO D 845 -36.07 64.04 41.56
N GLU D 846 -36.40 65.16 42.21
CA GLU D 846 -36.24 66.47 41.59
C GLU D 846 -34.78 66.86 41.50
N ILE D 847 -34.37 67.38 40.35
CA ILE D 847 -32.98 67.72 40.13
C ILE D 847 -32.64 69.01 40.87
N ALA D 848 -31.41 69.10 41.36
CA ALA D 848 -30.98 70.32 42.04
C ALA D 848 -30.71 71.42 41.01
N PRO D 849 -30.91 72.69 41.37
CA PRO D 849 -30.62 73.78 40.43
C PRO D 849 -29.12 73.93 40.20
N GLY D 850 -28.71 73.70 38.96
CA GLY D 850 -27.30 73.76 38.61
C GLY D 850 -26.53 72.49 38.89
N GLU D 851 -27.16 71.32 38.77
CA GLU D 851 -26.54 70.04 39.05
C GLU D 851 -26.47 69.22 37.77
N GLU D 852 -25.51 68.29 37.72
CA GLU D 852 -25.33 67.45 36.54
C GLU D 852 -26.33 66.32 36.52
N CYS D 853 -26.57 65.77 35.33
CA CYS D 853 -27.48 64.65 35.20
C CYS D 853 -26.81 63.38 35.76
N PRO D 854 -27.51 62.62 36.58
CA PRO D 854 -26.90 61.43 37.19
C PRO D 854 -26.63 60.33 36.17
N SER D 855 -25.40 59.83 36.17
CA SER D 855 -25.00 58.68 35.37
C SER D 855 -24.74 57.44 36.22
N ASP D 856 -24.66 57.58 37.54
CA ASP D 856 -24.39 56.47 38.44
C ASP D 856 -25.71 56.03 39.07
N PRO D 857 -26.12 54.78 38.91
CA PRO D 857 -27.37 54.34 39.53
C PRO D 857 -27.23 54.06 41.02
N VAL D 858 -26.06 53.61 41.46
CA VAL D 858 -25.89 53.21 42.85
C VAL D 858 -25.48 54.41 43.70
N THR D 859 -24.59 55.25 43.18
CA THR D 859 -23.96 56.28 44.01
C THR D 859 -24.90 57.47 44.23
N ASP D 860 -25.56 57.95 43.18
CA ASP D 860 -26.14 59.28 43.27
C ASP D 860 -27.56 59.19 43.82
N PRO D 861 -27.90 59.92 44.89
CA PRO D 861 -29.28 59.86 45.40
C PRO D 861 -30.31 60.54 44.50
N ALA D 862 -29.87 61.45 43.63
CA ALA D 862 -30.81 62.11 42.71
C ALA D 862 -31.09 61.25 41.50
N HIS D 863 -30.56 60.04 41.46
CA HIS D 863 -30.83 59.12 40.37
C HIS D 863 -32.09 58.31 40.71
N PRO D 864 -32.95 58.01 39.73
CA PRO D 864 -34.17 57.24 40.06
C PRO D 864 -33.91 55.80 40.44
N LEU D 865 -32.76 55.24 40.02
CA LEU D 865 -32.36 53.90 40.44
C LEU D 865 -31.47 53.90 41.68
N HIS D 866 -31.49 54.95 42.48
CA HIS D 866 -30.79 54.93 43.75
C HIS D 866 -31.55 54.03 44.72
N PRO D 867 -30.87 53.40 45.68
CA PRO D 867 -31.58 52.61 46.70
C PRO D 867 -32.57 53.38 47.56
N ALA D 868 -32.50 54.71 47.60
CA ALA D 868 -33.53 55.48 48.29
C ALA D 868 -34.82 55.54 47.47
N ASN D 869 -34.71 55.49 46.15
CA ASN D 869 -35.87 55.74 45.30
C ASN D 869 -36.59 54.46 44.94
N LEU D 870 -36.10 53.31 45.41
CA LEU D 870 -36.73 52.06 45.04
C LEU D 870 -37.94 51.79 45.94
N VAL D 871 -39.11 52.18 45.45
CA VAL D 871 -40.36 52.04 46.17
C VAL D 871 -41.10 50.86 45.55
N ALA D 872 -41.77 50.06 46.38
CA ALA D 872 -42.58 48.96 45.86
C ALA D 872 -43.71 49.48 44.99
N ASN D 873 -44.02 48.74 43.93
CA ASN D 873 -45.12 48.92 42.99
C ASN D 873 -45.03 50.16 42.13
N THR D 874 -43.88 50.83 42.07
CA THR D 874 -43.68 51.83 41.03
C THR D 874 -42.58 51.36 40.08
N VAL D 875 -42.43 52.09 38.97
CA VAL D 875 -41.80 51.52 37.78
C VAL D 875 -40.28 51.42 37.93
N LYS D 876 -39.69 52.31 38.73
CA LYS D 876 -38.22 52.34 38.80
C LYS D 876 -37.68 51.16 39.56
N ARG D 877 -38.46 50.62 40.50
CA ARG D 877 -38.08 49.39 41.14
C ARG D 877 -38.34 48.20 40.23
N MET D 878 -39.33 48.33 39.35
CA MET D 878 -39.51 47.33 38.31
C MET D 878 -38.38 47.40 37.29
N PHE D 879 -37.85 48.60 37.06
CA PHE D 879 -36.58 48.74 36.34
C PHE D 879 -35.41 48.19 37.16
N HIS D 880 -35.59 48.06 38.47
CA HIS D 880 -34.53 47.54 39.31
C HIS D 880 -34.67 46.05 39.53
N ASN D 881 -35.88 45.51 39.33
CA ASN D 881 -36.06 44.07 39.48
C ASN D 881 -35.35 43.31 38.37
N GLY D 882 -35.76 43.52 37.13
CA GLY D 882 -34.96 43.14 35.98
C GLY D 882 -33.99 44.27 35.71
N ARG D 883 -32.70 43.98 35.88
CA ARG D 883 -31.69 45.02 36.05
C ARG D 883 -31.47 45.78 34.75
N VAL D 884 -32.05 46.97 34.66
CA VAL D 884 -32.02 47.77 33.44
C VAL D 884 -31.58 49.19 33.79
N VAL D 885 -30.50 49.62 33.14
CA VAL D 885 -29.94 50.95 33.33
C VAL D 885 -30.82 51.96 32.63
N VAL D 886 -31.59 52.72 33.41
CA VAL D 886 -32.34 53.85 32.90
C VAL D 886 -31.93 55.09 33.70
N ASP D 887 -31.63 56.17 32.99
CA ASP D 887 -31.28 57.43 33.63
C ASP D 887 -32.55 58.25 33.84
N GLY D 888 -32.35 59.53 34.18
CA GLY D 888 -33.43 60.43 34.51
C GLY D 888 -34.51 60.62 33.48
N PRO D 889 -34.23 61.27 32.34
CA PRO D 889 -35.32 61.63 31.44
C PRO D 889 -35.87 60.50 30.59
N ALA D 890 -35.19 59.35 30.54
CA ALA D 890 -35.66 58.28 29.66
C ALA D 890 -36.91 57.62 30.22
N MET D 891 -37.00 57.49 31.54
CA MET D 891 -38.26 57.05 32.14
C MET D 891 -39.20 58.22 32.33
N LEU D 892 -38.75 59.44 32.05
CA LEU D 892 -39.63 60.60 32.12
C LEU D 892 -40.42 60.75 30.83
N THR D 893 -39.90 60.25 29.72
CA THR D 893 -40.66 60.22 28.47
C THR D 893 -41.58 59.03 28.38
N LEU D 894 -41.92 58.40 29.51
CA LEU D 894 -42.84 57.28 29.57
C LEU D 894 -44.28 57.76 29.69
N GLN D 895 -44.51 59.06 29.57
CA GLN D 895 -45.85 59.61 29.62
C GLN D 895 -46.53 59.65 28.27
N VAL D 896 -46.08 58.85 27.30
CA VAL D 896 -46.65 58.88 25.95
C VAL D 896 -47.64 57.71 25.86
N LEU D 897 -48.10 57.23 27.01
CA LEU D 897 -49.22 56.31 26.99
C LEU D 897 -50.55 57.07 26.93
N ALA D 898 -50.56 58.32 27.39
CA ALA D 898 -51.79 59.12 27.39
C ALA D 898 -52.13 59.62 25.99
N HIS D 899 -51.12 59.78 25.13
CA HIS D 899 -51.39 60.18 23.76
C HIS D 899 -51.89 59.01 22.92
N ASN D 900 -51.30 57.83 23.11
CA ASN D 900 -51.73 56.61 22.45
C ASN D 900 -51.74 55.46 23.45
N MET D 901 -52.90 54.85 23.65
CA MET D 901 -52.99 53.56 24.30
C MET D 901 -54.20 52.83 23.77
N ALA D 902 -54.25 51.53 24.05
CA ALA D 902 -55.36 50.68 23.66
C ALA D 902 -56.06 50.23 24.93
N GLU D 903 -57.36 49.93 24.82
CA GLU D 903 -58.12 49.64 26.02
C GLU D 903 -57.88 48.21 26.52
N ARG D 904 -57.89 47.23 25.61
CA ARG D 904 -57.68 45.85 26.00
C ARG D 904 -57.39 45.01 24.76
N THR D 905 -57.22 43.71 24.99
CA THR D 905 -57.00 42.75 23.93
C THR D 905 -58.31 42.06 23.58
N THR D 906 -58.37 41.49 22.38
CA THR D 906 -59.56 40.81 21.90
C THR D 906 -59.16 39.60 21.09
N ALA D 907 -59.67 38.43 21.47
CA ALA D 907 -59.47 37.22 20.69
C ALA D 907 -60.33 37.27 19.45
N LEU D 908 -59.94 36.51 18.43
CA LEU D 908 -60.51 36.65 17.10
C LEU D 908 -60.53 35.29 16.41
N LEU D 909 -61.65 34.99 15.77
CA LEU D 909 -61.86 33.74 15.04
C LEU D 909 -62.67 34.02 13.79
N CYS D 910 -62.04 33.92 12.62
CA CYS D 910 -62.74 34.16 11.37
C CYS D 910 -62.35 33.09 10.37
N SER D 911 -63.25 32.82 9.42
CA SER D 911 -63.11 31.71 8.49
C SER D 911 -62.89 32.24 7.08
N ALA D 912 -62.52 31.34 6.18
CA ALA D 912 -62.34 31.67 4.78
C ALA D 912 -62.55 30.42 3.94
N ALA D 913 -63.07 30.62 2.73
CA ALA D 913 -63.31 29.52 1.81
C ALA D 913 -62.00 29.12 1.12
N PRO D 914 -61.93 27.90 0.59
CA PRO D 914 -60.81 27.54 -0.28
C PRO D 914 -60.80 28.38 -1.54
N ASP D 915 -59.59 28.71 -2.01
CA ASP D 915 -59.39 29.77 -2.97
C ASP D 915 -59.81 29.34 -4.36
N ALA D 916 -59.84 30.33 -5.26
CA ALA D 916 -59.97 30.06 -6.68
C ALA D 916 -58.79 29.23 -7.14
N GLY D 917 -59.07 28.04 -7.62
CA GLY D 917 -58.05 27.04 -7.82
C GLY D 917 -58.12 25.88 -6.87
N ALA D 918 -59.02 25.93 -5.90
CA ALA D 918 -59.35 24.81 -5.05
C ALA D 918 -60.84 24.76 -4.75
N ASN D 919 -61.68 25.15 -5.70
CA ASN D 919 -63.03 25.59 -5.37
C ASN D 919 -64.06 24.79 -6.14
N THR D 920 -63.87 23.49 -6.29
CA THR D 920 -64.91 22.65 -6.85
C THR D 920 -66.03 22.54 -5.82
N ALA D 921 -67.26 22.32 -6.26
CA ALA D 921 -68.45 22.41 -5.43
C ALA D 921 -68.46 21.43 -4.26
N SER D 922 -67.67 20.36 -4.36
CA SER D 922 -67.53 19.47 -3.21
C SER D 922 -66.68 20.11 -2.12
N THR D 923 -65.81 21.05 -2.50
CA THR D 923 -64.97 21.70 -1.50
C THR D 923 -65.42 23.12 -1.20
N ALA D 924 -66.47 23.62 -1.86
CA ALA D 924 -66.82 25.02 -1.69
C ALA D 924 -67.53 25.27 -0.38
N ASN D 925 -68.03 24.21 0.27
CA ASN D 925 -68.71 24.40 1.54
C ASN D 925 -67.74 24.23 2.71
N MET D 926 -66.44 24.21 2.43
CA MET D 926 -65.46 24.07 3.50
C MET D 926 -65.09 25.42 4.09
N ARG D 927 -64.67 25.41 5.34
CA ARG D 927 -64.26 26.62 6.05
C ARG D 927 -62.92 26.37 6.72
N ILE D 928 -62.02 27.36 6.64
CA ILE D 928 -60.76 27.27 7.37
C ILE D 928 -60.72 28.32 8.46
N PHE D 929 -60.79 27.87 9.71
CA PHE D 929 -60.87 28.76 10.86
C PHE D 929 -59.47 29.19 11.25
N ASP D 930 -59.29 30.47 11.51
CA ASP D 930 -58.00 31.02 11.89
C ASP D 930 -58.16 31.79 13.19
N GLY D 931 -57.17 31.69 14.06
CA GLY D 931 -57.20 32.44 15.29
C GLY D 931 -56.20 33.58 15.29
N ALA D 932 -56.48 34.62 16.07
CA ALA D 932 -55.58 35.77 16.15
C ALA D 932 -55.82 36.49 17.47
N LEU D 933 -55.03 37.53 17.70
CA LEU D 933 -55.20 38.40 18.86
C LEU D 933 -55.13 39.85 18.41
N HIS D 934 -56.15 40.63 18.75
CA HIS D 934 -56.18 42.04 18.36
C HIS D 934 -55.21 42.85 19.19
N ALA D 935 -54.83 42.34 20.36
CA ALA D 935 -53.66 42.81 21.08
C ALA D 935 -53.14 41.60 21.83
N GLY D 936 -51.87 41.63 22.19
CA GLY D 936 -51.27 40.49 22.87
C GLY D 936 -49.83 40.37 22.49
N VAL D 937 -49.05 39.75 23.38
CA VAL D 937 -47.60 39.68 23.22
C VAL D 937 -47.21 38.22 23.08
N LEU D 938 -46.01 37.99 22.57
CA LEU D 938 -45.46 36.65 22.57
C LEU D 938 -44.57 36.44 23.78
N LEU D 939 -45.01 35.56 24.67
CA LEU D 939 -44.20 35.11 25.79
C LEU D 939 -43.06 34.26 25.25
N MET D 940 -41.83 34.71 25.49
CA MET D 940 -40.69 33.98 24.98
C MET D 940 -40.29 32.86 25.93
N ALA D 941 -40.16 33.14 27.22
CA ALA D 941 -39.70 32.11 28.11
C ALA D 941 -40.74 31.82 29.17
N PRO D 942 -41.11 30.57 29.33
CA PRO D 942 -42.08 30.22 30.38
C PRO D 942 -41.47 30.25 31.77
N GLN D 943 -42.10 30.96 32.68
CA GLN D 943 -41.60 31.11 34.04
C GLN D 943 -42.74 31.42 34.99
N HIS D 944 -42.77 30.71 36.12
CA HIS D 944 -43.66 31.00 37.21
C HIS D 944 -42.93 30.98 38.55
N LEU D 945 -41.64 30.66 38.51
CA LEU D 945 -40.78 30.61 39.69
C LEU D 945 -40.45 31.99 40.22
N ASP D 946 -40.56 33.01 39.36
CA ASP D 946 -40.42 34.40 39.74
C ASP D 946 -41.73 34.88 40.36
N HIS D 947 -41.63 35.77 41.34
CA HIS D 947 -42.81 36.39 41.91
C HIS D 947 -42.62 37.87 42.18
N THR D 948 -41.72 38.52 41.42
CA THR D 948 -41.76 39.98 41.34
C THR D 948 -43.04 40.43 40.65
N ILE D 949 -43.56 39.60 39.75
CA ILE D 949 -44.94 39.69 39.27
C ILE D 949 -45.63 38.39 39.62
N GLN D 950 -46.82 38.48 40.18
CA GLN D 950 -47.61 37.30 40.52
C GLN D 950 -47.95 36.52 39.26
N ASN D 951 -48.02 35.20 39.40
CA ASN D 951 -48.38 34.34 38.29
C ASN D 951 -49.82 34.61 37.87
N GLY D 952 -49.97 35.34 36.77
CA GLY D 952 -51.27 35.59 36.19
C GLY D 952 -51.80 37.00 36.36
N GLU D 953 -50.97 37.96 36.74
CA GLU D 953 -51.47 39.34 36.84
C GLU D 953 -51.58 39.98 35.47
N TYR D 954 -50.47 40.04 34.73
CA TYR D 954 -50.42 40.75 33.47
C TYR D 954 -50.86 39.91 32.28
N PHE D 955 -50.75 38.59 32.34
CA PHE D 955 -50.90 37.82 31.12
C PHE D 955 -51.71 36.55 31.39
N TYR D 956 -52.65 36.28 30.49
CA TYR D 956 -53.36 35.00 30.47
C TYR D 956 -53.13 34.35 29.12
N VAL D 957 -52.78 33.06 29.15
CA VAL D 957 -51.81 32.54 28.18
C VAL D 957 -52.43 32.35 26.79
N LEU D 958 -53.67 31.81 26.70
CA LEU D 958 -54.48 31.66 25.48
C LEU D 958 -53.74 31.25 24.21
N PRO D 959 -53.24 30.03 24.08
CA PRO D 959 -52.51 29.64 22.86
C PRO D 959 -53.45 29.62 21.67
N VAL D 960 -53.28 30.57 20.77
CA VAL D 960 -54.19 30.65 19.62
C VAL D 960 -53.80 29.62 18.56
N HIS D 961 -52.59 29.08 18.67
CA HIS D 961 -52.08 28.15 17.68
C HIS D 961 -51.12 27.20 18.37
N ALA D 962 -51.01 25.99 17.81
CA ALA D 962 -50.23 24.95 18.45
C ALA D 962 -48.73 25.25 18.34
N LEU D 963 -48.34 26.05 17.34
CA LEU D 963 -46.98 26.58 17.29
C LEU D 963 -46.69 27.50 18.48
N PHE D 964 -47.73 28.14 19.01
CA PHE D 964 -47.59 29.12 20.07
C PHE D 964 -48.26 28.55 21.33
N ALA D 965 -48.10 27.24 21.51
CA ALA D 965 -48.58 26.58 22.71
C ALA D 965 -47.39 26.03 23.46
N GLY D 966 -46.78 26.86 24.29
CA GLY D 966 -45.81 26.36 25.23
C GLY D 966 -46.58 25.59 26.28
N ALA D 967 -46.12 24.39 26.62
CA ALA D 967 -46.85 23.58 27.59
C ALA D 967 -46.77 24.20 28.99
N ASP D 968 -45.63 24.81 29.31
CA ASP D 968 -45.40 25.31 30.65
C ASP D 968 -46.19 26.58 30.91
N HIS D 969 -46.50 27.33 29.84
CA HIS D 969 -47.38 28.48 29.99
C HIS D 969 -48.79 28.03 30.35
N VAL D 970 -49.23 26.93 29.73
CA VAL D 970 -50.56 26.41 30.01
C VAL D 970 -50.58 25.69 31.36
N ALA D 971 -49.51 24.97 31.68
CA ALA D 971 -49.50 24.17 32.89
C ALA D 971 -49.24 25.00 34.15
N ASN D 972 -49.09 26.31 34.00
CA ASN D 972 -48.89 27.20 35.14
C ASN D 972 -49.85 28.39 35.10
N ALA D 973 -51.08 28.18 34.66
CA ALA D 973 -52.13 29.17 34.77
C ALA D 973 -52.54 29.30 36.25
N PRO D 974 -53.17 30.42 36.62
CA PRO D 974 -53.62 30.56 38.03
C PRO D 974 -54.65 29.53 38.46
N ASN D 975 -55.45 29.00 37.52
CA ASN D 975 -56.23 27.79 37.74
C ASN D 975 -55.94 26.85 36.59
N PHE D 976 -55.22 25.78 36.87
CA PHE D 976 -55.03 24.72 35.89
C PHE D 976 -55.40 23.42 36.56
N PRO D 977 -56.20 22.57 35.90
CA PRO D 977 -56.68 21.35 36.54
C PRO D 977 -55.56 20.34 36.70
N PRO D 978 -55.50 19.67 37.86
CA PRO D 978 -54.33 18.83 38.14
C PRO D 978 -54.39 17.48 37.44
N ALA D 979 -55.55 17.11 36.89
CA ALA D 979 -55.62 15.84 36.18
C ALA D 979 -55.03 15.93 34.78
N LEU D 980 -54.78 17.12 34.27
CA LEU D 980 -54.23 17.30 32.93
C LEU D 980 -52.73 17.46 32.93
N ARG D 981 -52.06 17.13 34.03
CA ARG D 981 -50.61 17.37 34.09
C ARG D 981 -49.85 16.35 33.27
N ASP D 982 -50.46 15.19 32.99
CA ASP D 982 -49.85 14.27 32.04
C ASP D 982 -50.15 14.71 30.60
N LEU D 983 -51.42 15.01 30.32
CA LEU D 983 -51.84 15.13 28.93
C LEU D 983 -51.31 16.41 28.31
N ALA D 984 -51.16 17.47 29.10
CA ALA D 984 -50.69 18.73 28.54
C ALA D 984 -49.20 18.71 28.29
N ARG D 985 -48.52 17.66 28.77
CA ARG D 985 -47.07 17.61 28.64
C ARG D 985 -46.63 17.28 27.22
N ASP D 986 -47.43 16.47 26.51
CA ASP D 986 -47.03 16.10 25.16
C ASP D 986 -48.03 16.58 24.11
N VAL D 987 -49.06 17.32 24.53
CA VAL D 987 -50.09 17.79 23.60
C VAL D 987 -50.20 19.30 23.69
N PRO D 988 -50.26 20.02 22.57
CA PRO D 988 -50.54 21.46 22.63
C PRO D 988 -52.01 21.71 22.91
N LEU D 989 -52.31 22.83 23.56
CA LEU D 989 -53.68 23.14 23.96
C LEU D 989 -54.16 24.43 23.33
N VAL D 990 -54.94 24.31 22.26
CA VAL D 990 -55.64 25.43 21.66
C VAL D 990 -57.12 25.23 21.86
N PRO D 991 -57.82 26.15 22.52
CA PRO D 991 -59.26 26.00 22.68
C PRO D 991 -59.98 26.22 21.37
N PRO D 992 -61.16 25.61 21.19
CA PRO D 992 -61.86 25.75 19.91
C PRO D 992 -62.56 27.07 19.73
N ALA D 993 -62.53 27.95 20.73
CA ALA D 993 -62.89 29.34 20.48
C ALA D 993 -61.85 30.00 19.60
N LEU D 994 -60.59 29.55 19.70
CA LEU D 994 -59.53 30.13 18.89
C LEU D 994 -59.39 29.38 17.58
N GLY D 995 -59.57 28.07 17.60
CA GLY D 995 -59.53 27.28 16.38
C GLY D 995 -59.40 25.82 16.72
N ALA D 996 -59.52 25.00 15.68
CA ALA D 996 -59.27 23.57 15.84
C ALA D 996 -58.04 23.20 15.06
N ASN D 997 -57.50 22.02 15.37
CA ASN D 997 -56.30 21.56 14.68
C ASN D 997 -56.61 21.19 13.23
N TYR D 998 -57.77 20.60 13.00
CA TYR D 998 -58.10 20.19 11.64
C TYR D 998 -58.61 21.37 10.83
N PHE D 999 -59.09 22.40 11.51
CA PHE D 999 -59.70 23.50 10.78
C PHE D 999 -58.78 24.72 10.77
N SER D 1000 -57.58 24.59 11.34
CA SER D 1000 -56.60 25.65 11.23
C SER D 1000 -55.99 25.65 9.83
N SER D 1001 -55.37 26.78 9.49
CA SER D 1001 -54.61 26.83 8.26
C SER D 1001 -53.38 25.93 8.35
N ILE D 1002 -52.76 25.88 9.52
CA ILE D 1002 -51.62 25.01 9.74
C ILE D 1002 -52.01 23.94 10.75
N ARG D 1003 -51.99 22.69 10.31
CA ARG D 1003 -52.31 21.58 11.16
C ARG D 1003 -51.12 21.18 12.01
N GLN D 1004 -51.20 19.98 12.56
CA GLN D 1004 -50.26 19.58 13.59
C GLN D 1004 -48.80 19.38 13.17
N PRO D 1005 -48.43 18.60 12.15
CA PRO D 1005 -47.03 18.10 12.11
C PRO D 1005 -45.99 19.15 11.82
N VAL D 1006 -46.39 20.35 11.39
CA VAL D 1006 -45.46 21.47 11.32
C VAL D 1006 -45.01 21.86 12.72
N VAL D 1007 -45.93 21.83 13.69
CA VAL D 1007 -45.57 22.06 15.09
C VAL D 1007 -44.62 20.98 15.57
N GLN D 1008 -44.87 19.75 15.14
CA GLN D 1008 -44.00 18.65 15.52
C GLN D 1008 -42.64 18.76 14.86
N HIS D 1009 -42.61 19.15 13.58
CA HIS D 1009 -41.35 19.21 12.85
C HIS D 1009 -40.45 20.31 13.36
N ALA D 1010 -41.05 21.38 13.90
CA ALA D 1010 -40.25 22.49 14.39
C ALA D 1010 -39.46 22.08 15.63
N ARG D 1011 -40.09 21.30 16.52
CA ARG D 1011 -39.45 20.98 17.78
C ARG D 1011 -38.61 19.72 17.68
N GLU D 1012 -38.67 19.01 16.54
CA GLU D 1012 -38.03 17.71 16.44
C GLU D 1012 -36.85 17.75 15.47
N SER D 1013 -36.80 18.76 14.61
CA SER D 1013 -35.76 18.82 13.59
C SER D 1013 -34.39 19.08 14.19
N ALA D 1014 -33.39 18.40 13.66
CA ALA D 1014 -32.02 18.50 14.14
C ALA D 1014 -31.19 19.44 13.31
N ALA D 1015 -31.78 20.10 12.32
CA ALA D 1015 -31.01 20.98 11.46
C ALA D 1015 -30.69 22.28 12.19
N GLY D 1016 -29.71 23.01 11.65
CA GLY D 1016 -29.46 24.35 12.14
C GLY D 1016 -30.61 25.28 11.80
N GLU D 1017 -30.63 26.43 12.46
CA GLU D 1017 -31.79 27.32 12.36
C GLU D 1017 -31.87 27.98 10.99
N ASN D 1018 -30.79 27.98 10.23
CA ASN D 1018 -30.89 28.32 8.81
C ASN D 1018 -31.53 27.18 8.05
N ALA D 1019 -31.02 25.97 8.24
CA ALA D 1019 -31.46 24.83 7.44
C ALA D 1019 -32.88 24.40 7.82
N LEU D 1020 -33.29 24.66 9.06
CA LEU D 1020 -34.68 24.43 9.43
C LEU D 1020 -35.59 25.48 8.79
N THR D 1021 -35.10 26.71 8.63
CA THR D 1021 -35.96 27.80 8.20
C THR D 1021 -36.43 27.60 6.77
N TYR D 1022 -35.52 27.23 5.88
CA TYR D 1022 -35.90 26.93 4.51
C TYR D 1022 -36.66 25.62 4.43
N ALA D 1023 -36.45 24.72 5.40
CA ALA D 1023 -37.24 23.50 5.47
C ALA D 1023 -38.68 23.81 5.83
N LEU D 1024 -38.89 24.88 6.60
CA LEU D 1024 -40.24 25.20 7.04
C LEU D 1024 -40.83 26.31 6.19
N MET D 1025 -40.00 27.09 5.51
CA MET D 1025 -40.53 28.05 4.55
C MET D 1025 -41.10 27.34 3.33
N ALA D 1026 -40.50 26.22 2.94
CA ALA D 1026 -41.03 25.45 1.82
C ALA D 1026 -42.23 24.62 2.23
N GLY D 1027 -42.43 24.43 3.53
CA GLY D 1027 -43.59 23.69 3.99
C GLY D 1027 -44.89 24.45 3.83
N TYR D 1028 -44.82 25.75 3.55
CA TYR D 1028 -46.02 26.55 3.47
C TYR D 1028 -46.43 26.84 2.03
N PHE D 1029 -46.00 26.01 1.08
CA PHE D 1029 -46.56 26.08 -0.26
C PHE D 1029 -47.83 25.25 -0.33
N LYS D 1030 -48.87 25.80 -0.94
CA LYS D 1030 -50.21 25.22 -0.88
C LYS D 1030 -50.31 23.94 -1.69
N MET D 1031 -51.46 23.28 -1.56
CA MET D 1031 -51.73 22.05 -2.28
C MET D 1031 -52.94 22.14 -3.19
N SER D 1032 -53.29 23.33 -3.66
CA SER D 1032 -54.32 23.42 -4.68
C SER D 1032 -53.72 23.10 -6.04
N PRO D 1033 -54.52 22.59 -6.97
CA PRO D 1033 -53.99 22.29 -8.32
C PRO D 1033 -53.53 23.51 -9.10
N VAL D 1034 -53.94 24.72 -8.73
CA VAL D 1034 -53.27 25.88 -9.30
C VAL D 1034 -51.92 26.09 -8.64
N ALA D 1035 -51.84 25.84 -7.32
CA ALA D 1035 -50.58 26.00 -6.62
C ALA D 1035 -49.57 24.95 -7.06
N LEU D 1036 -50.05 23.77 -7.47
CA LEU D 1036 -49.11 22.75 -7.94
C LEU D 1036 -48.60 23.06 -9.33
N TYR D 1037 -49.31 23.92 -10.07
CA TYR D 1037 -48.83 24.28 -11.39
C TYR D 1037 -47.62 25.19 -11.30
N HIS D 1038 -47.51 25.97 -10.23
CA HIS D 1038 -46.34 26.82 -10.07
C HIS D 1038 -45.18 26.02 -9.49
N GLN D 1039 -45.46 24.98 -8.73
CA GLN D 1039 -44.40 24.22 -8.06
C GLN D 1039 -43.74 23.26 -9.02
N LEU D 1040 -44.53 22.52 -9.78
CA LEU D 1040 -43.97 21.45 -10.61
C LEU D 1040 -43.25 22.04 -11.82
N LYS D 1041 -43.78 23.11 -12.40
CA LYS D 1041 -43.16 23.69 -13.58
C LYS D 1041 -41.88 24.44 -13.21
N THR D 1042 -41.78 24.91 -11.97
CA THR D 1042 -40.55 25.57 -11.56
C THR D 1042 -39.54 24.56 -11.05
N GLY D 1043 -39.99 23.54 -10.33
CA GLY D 1043 -39.08 22.52 -9.87
C GLY D 1043 -38.98 22.37 -8.37
N LEU D 1044 -40.05 22.64 -7.63
CA LEU D 1044 -40.06 22.35 -6.21
C LEU D 1044 -40.85 21.07 -5.96
N HIS D 1045 -40.38 20.26 -5.02
CA HIS D 1045 -41.07 19.02 -4.71
C HIS D 1045 -42.31 19.32 -3.87
N PRO D 1046 -43.51 19.01 -4.35
CA PRO D 1046 -44.73 19.34 -3.60
C PRO D 1046 -45.06 18.42 -2.43
N GLY D 1047 -44.12 17.58 -1.99
CA GLY D 1047 -44.28 16.85 -0.76
C GLY D 1047 -44.80 15.44 -0.91
N PHE D 1048 -45.33 15.08 -2.06
CA PHE D 1048 -45.85 13.72 -2.22
C PHE D 1048 -45.32 13.13 -3.52
N GLY D 1049 -45.04 11.84 -3.48
CA GLY D 1049 -44.30 11.20 -4.55
C GLY D 1049 -45.16 10.55 -5.60
N PHE D 1050 -44.62 10.48 -6.82
CA PHE D 1050 -45.34 9.88 -7.92
C PHE D 1050 -44.72 8.54 -8.30
N THR D 1051 -45.56 7.55 -8.59
CA THR D 1051 -45.12 6.39 -9.33
C THR D 1051 -45.73 6.44 -10.72
N VAL D 1052 -45.00 5.92 -11.69
CA VAL D 1052 -45.36 6.04 -13.10
C VAL D 1052 -45.65 4.64 -13.61
N VAL D 1053 -46.74 4.49 -14.34
CA VAL D 1053 -47.09 3.20 -14.94
C VAL D 1053 -47.33 3.43 -16.42
N ARG D 1054 -46.60 2.70 -17.26
CA ARG D 1054 -46.87 2.68 -18.68
C ARG D 1054 -46.91 1.24 -19.15
N GLN D 1055 -47.59 1.01 -20.26
CA GLN D 1055 -47.73 -0.33 -20.78
C GLN D 1055 -46.89 -0.50 -22.03
N ASP D 1056 -46.23 -1.64 -22.16
CA ASP D 1056 -45.34 -1.88 -23.28
C ASP D 1056 -45.79 -3.13 -24.01
N ARG D 1057 -45.77 -3.07 -25.34
CA ARG D 1057 -46.35 -4.09 -26.20
C ARG D 1057 -45.26 -4.69 -27.07
N PHE D 1058 -45.14 -6.02 -27.06
CA PHE D 1058 -43.95 -6.68 -27.57
C PHE D 1058 -44.35 -7.72 -28.61
N VAL D 1059 -44.03 -7.47 -29.86
CA VAL D 1059 -44.13 -8.52 -30.86
C VAL D 1059 -43.09 -9.58 -30.61
N THR D 1060 -43.54 -10.82 -30.47
CA THR D 1060 -42.69 -11.95 -30.09
C THR D 1060 -42.69 -12.97 -31.22
N GLU D 1061 -42.00 -14.09 -30.98
CA GLU D 1061 -42.13 -15.28 -31.82
C GLU D 1061 -42.36 -16.47 -30.91
N ASN D 1062 -43.50 -17.13 -31.07
CA ASN D 1062 -44.02 -18.08 -30.09
C ASN D 1062 -44.16 -19.45 -30.74
N VAL D 1063 -43.38 -20.43 -30.29
CA VAL D 1063 -43.55 -21.76 -30.85
C VAL D 1063 -44.79 -22.40 -30.25
N LEU D 1064 -45.25 -23.48 -30.88
CA LEU D 1064 -46.49 -24.14 -30.52
C LEU D 1064 -46.21 -25.64 -30.48
N PHE D 1065 -47.14 -26.40 -29.92
CA PHE D 1065 -47.01 -27.84 -29.81
C PHE D 1065 -48.38 -28.43 -29.58
N SER D 1066 -48.59 -29.68 -30.01
CA SER D 1066 -49.86 -30.35 -29.80
C SER D 1066 -49.66 -31.83 -29.63
N GLU D 1067 -50.75 -32.56 -29.60
CA GLU D 1067 -50.68 -34.01 -29.64
C GLU D 1067 -51.40 -34.52 -30.87
N ARG D 1068 -51.51 -35.84 -30.97
CA ARG D 1068 -52.01 -36.44 -32.20
C ARG D 1068 -53.50 -36.17 -32.41
N ALA D 1069 -54.28 -36.23 -31.36
CA ALA D 1069 -55.69 -35.93 -31.45
C ALA D 1069 -56.01 -34.87 -30.41
N SER D 1070 -55.87 -33.61 -30.79
CA SER D 1070 -56.37 -32.55 -29.94
C SER D 1070 -57.64 -31.95 -30.53
N GLU D 1071 -58.02 -32.41 -31.71
CA GLU D 1071 -59.08 -31.71 -32.41
C GLU D 1071 -59.76 -32.63 -33.42
N ALA D 1072 -61.09 -32.63 -33.43
CA ALA D 1072 -61.81 -33.44 -34.41
C ALA D 1072 -62.28 -32.61 -35.59
N TYR D 1073 -62.57 -31.32 -35.35
CA TYR D 1073 -62.67 -30.27 -36.36
C TYR D 1073 -63.63 -30.59 -37.50
N PHE D 1074 -64.94 -30.61 -37.25
CA PHE D 1074 -65.90 -31.06 -38.24
C PHE D 1074 -66.12 -29.98 -39.30
N LEU D 1075 -66.57 -30.40 -40.48
CA LEU D 1075 -66.73 -29.52 -41.64
C LEU D 1075 -68.20 -29.47 -42.03
N GLY D 1076 -68.48 -28.88 -43.21
CA GLY D 1076 -69.85 -28.71 -43.65
C GLY D 1076 -69.95 -28.55 -45.15
N GLN D 1077 -71.08 -27.96 -45.58
CA GLN D 1077 -71.29 -27.68 -46.99
C GLN D 1077 -71.04 -26.21 -47.30
N LEU D 1078 -70.75 -25.92 -48.56
CA LEU D 1078 -70.46 -24.54 -48.95
C LEU D 1078 -71.75 -23.82 -49.31
N GLN D 1079 -71.77 -22.51 -49.06
CA GLN D 1079 -72.97 -21.71 -49.27
C GLN D 1079 -72.65 -20.50 -50.13
N VAL D 1080 -73.50 -20.25 -51.12
CA VAL D 1080 -73.33 -19.14 -52.05
C VAL D 1080 -74.46 -18.16 -51.84
N ALA D 1081 -74.13 -16.87 -51.73
CA ALA D 1081 -75.15 -15.83 -51.64
C ALA D 1081 -74.89 -14.78 -52.69
N ARG D 1082 -75.83 -13.85 -52.85
CA ARG D 1082 -75.77 -12.94 -53.98
C ARG D 1082 -75.02 -11.65 -53.62
N HIS D 1083 -75.55 -10.87 -52.69
CA HIS D 1083 -74.95 -9.71 -52.04
C HIS D 1083 -74.52 -8.65 -53.06
N GLU D 1084 -75.43 -8.11 -53.89
CA GLU D 1084 -75.22 -7.76 -55.33
C GLU D 1084 -73.92 -6.98 -55.53
N THR D 1085 -73.94 -5.65 -55.46
CA THR D 1085 -73.00 -4.65 -54.91
C THR D 1085 -73.52 -3.34 -55.49
N GLY D 1086 -72.91 -2.22 -55.16
CA GLY D 1086 -73.15 -1.07 -56.00
C GLY D 1086 -72.20 -1.05 -57.17
N GLY D 1087 -72.64 -1.59 -58.32
CA GLY D 1087 -71.85 -1.58 -59.53
C GLY D 1087 -71.46 -2.93 -60.10
N GLY D 1088 -72.16 -4.02 -59.77
CA GLY D 1088 -71.79 -5.34 -60.25
C GLY D 1088 -72.40 -6.43 -59.40
N VAL D 1089 -71.81 -7.63 -59.48
CA VAL D 1089 -72.23 -8.78 -58.69
C VAL D 1089 -70.99 -9.39 -58.03
N ASN D 1090 -71.04 -9.57 -56.72
CA ASN D 1090 -69.93 -10.16 -55.97
C ASN D 1090 -70.45 -11.26 -55.05
N PHE D 1091 -70.08 -12.50 -55.35
CA PHE D 1091 -70.49 -13.66 -54.58
C PHE D 1091 -69.80 -13.66 -53.23
N THR D 1092 -70.38 -14.39 -52.27
CA THR D 1092 -69.64 -14.85 -51.10
C THR D 1092 -69.69 -16.36 -51.07
N LEU D 1093 -68.69 -16.97 -50.47
CA LEU D 1093 -68.62 -18.41 -50.39
C LEU D 1093 -68.22 -18.78 -48.97
N THR D 1094 -69.16 -19.34 -48.22
CA THR D 1094 -69.03 -19.51 -46.78
C THR D 1094 -69.40 -20.93 -46.38
N GLN D 1095 -69.09 -21.30 -45.15
CA GLN D 1095 -69.11 -22.68 -44.73
C GLN D 1095 -69.20 -22.78 -43.22
N PRO D 1096 -70.10 -23.60 -42.68
CA PRO D 1096 -70.10 -23.83 -41.23
C PRO D 1096 -69.18 -24.98 -40.86
N ARG D 1097 -68.52 -24.85 -39.72
CA ARG D 1097 -67.60 -25.85 -39.20
C ARG D 1097 -67.77 -25.95 -37.70
N GLY D 1098 -67.34 -27.08 -37.15
CA GLY D 1098 -67.40 -27.28 -35.71
C GLY D 1098 -66.11 -27.91 -35.22
N ASN D 1099 -65.71 -27.54 -34.03
CA ASN D 1099 -64.48 -28.06 -33.43
C ASN D 1099 -64.79 -28.52 -32.01
N VAL D 1100 -63.88 -29.34 -31.44
CA VAL D 1100 -64.12 -29.93 -30.13
C VAL D 1100 -62.88 -29.67 -29.29
N ASP D 1101 -62.81 -30.32 -28.13
CA ASP D 1101 -61.58 -30.42 -27.35
C ASP D 1101 -61.39 -31.88 -26.95
N LEU D 1102 -60.56 -32.59 -27.70
CA LEU D 1102 -60.50 -34.05 -27.57
C LEU D 1102 -59.74 -34.47 -26.32
N GLY D 1103 -58.70 -33.74 -25.96
CA GLY D 1103 -57.90 -34.15 -24.83
C GLY D 1103 -58.60 -33.88 -23.52
N VAL D 1104 -58.21 -34.63 -22.50
CA VAL D 1104 -58.79 -34.42 -21.18
C VAL D 1104 -58.22 -33.15 -20.55
N GLY D 1105 -56.90 -33.05 -20.47
CA GLY D 1105 -56.30 -31.86 -19.91
C GLY D 1105 -54.98 -31.53 -20.58
N TYR D 1106 -54.87 -30.28 -21.03
CA TYR D 1106 -53.62 -29.67 -21.50
C TYR D 1106 -53.05 -30.42 -22.70
N THR D 1107 -53.68 -30.25 -23.85
CA THR D 1107 -53.31 -31.03 -25.02
C THR D 1107 -52.42 -30.18 -25.94
N ALA D 1108 -52.09 -28.96 -25.51
CA ALA D 1108 -51.28 -28.08 -26.33
C ALA D 1108 -50.57 -27.06 -25.47
N VAL D 1109 -49.41 -26.60 -25.92
CA VAL D 1109 -48.57 -25.73 -25.10
C VAL D 1109 -47.89 -24.70 -25.99
N ALA D 1110 -48.16 -23.44 -25.72
CA ALA D 1110 -47.46 -22.35 -26.37
C ALA D 1110 -46.18 -22.09 -25.61
N ALA D 1111 -45.17 -21.60 -26.29
CA ALA D 1111 -43.95 -21.17 -25.64
C ALA D 1111 -43.39 -20.01 -26.44
N THR D 1112 -43.14 -18.90 -25.75
CA THR D 1112 -42.67 -17.69 -26.37
C THR D 1112 -41.16 -17.67 -26.25
N GLY D 1113 -40.45 -17.84 -27.37
CA GLY D 1113 -39.00 -17.74 -27.35
C GLY D 1113 -38.52 -16.86 -28.49
N THR D 1114 -38.66 -15.55 -28.32
CA THR D 1114 -37.77 -14.43 -28.67
C THR D 1114 -38.52 -13.13 -28.45
N VAL D 1115 -37.83 -12.01 -28.67
CA VAL D 1115 -38.48 -10.72 -28.84
C VAL D 1115 -38.09 -10.19 -30.20
N ARG D 1116 -39.08 -9.87 -31.03
CA ARG D 1116 -38.75 -9.24 -32.29
C ARG D 1116 -38.37 -7.79 -32.08
N ASN D 1117 -39.32 -6.97 -31.61
CA ASN D 1117 -39.11 -5.54 -31.45
C ASN D 1117 -40.16 -5.02 -30.48
N PRO D 1118 -39.75 -4.21 -29.50
CA PRO D 1118 -40.75 -3.57 -28.64
C PRO D 1118 -41.55 -2.52 -29.37
N VAL D 1119 -42.86 -2.71 -29.56
CA VAL D 1119 -43.67 -1.89 -30.45
C VAL D 1119 -43.80 -0.46 -29.95
N THR D 1120 -43.89 -0.29 -28.64
CA THR D 1120 -44.07 1.04 -28.09
C THR D 1120 -42.72 1.76 -28.03
N ASP D 1121 -42.77 3.09 -27.88
CA ASP D 1121 -41.54 3.88 -27.89
C ASP D 1121 -40.93 3.98 -26.50
N MET D 1122 -41.67 3.52 -25.49
CA MET D 1122 -41.23 3.41 -24.10
C MET D 1122 -40.93 4.76 -23.44
N GLY D 1123 -41.92 5.64 -23.33
CA GLY D 1123 -41.85 6.65 -22.28
C GLY D 1123 -42.16 8.05 -22.72
N ASN D 1124 -42.12 8.95 -21.72
CA ASN D 1124 -42.24 10.39 -21.89
C ASN D 1124 -43.55 10.81 -22.54
N LEU D 1125 -44.66 10.49 -21.88
CA LEU D 1125 -45.93 11.07 -22.26
C LEU D 1125 -46.82 11.16 -21.03
N PRO D 1126 -47.18 12.35 -20.58
CA PRO D 1126 -48.04 12.46 -19.40
C PRO D 1126 -49.46 12.07 -19.71
N GLN D 1127 -50.20 11.65 -18.70
CA GLN D 1127 -51.62 11.41 -18.82
C GLN D 1127 -52.33 12.76 -18.74
N ASN D 1128 -53.02 13.13 -19.81
CA ASN D 1128 -53.66 14.43 -19.89
C ASN D 1128 -55.16 14.26 -19.63
N PHE D 1129 -55.59 14.61 -18.41
CA PHE D 1129 -57.00 14.41 -18.04
C PHE D 1129 -57.91 15.46 -18.65
N TYR D 1130 -57.35 16.50 -19.27
CA TYR D 1130 -58.18 17.52 -19.90
C TYR D 1130 -58.85 16.98 -21.16
N LEU D 1131 -58.36 15.86 -21.69
CA LEU D 1131 -59.12 15.08 -22.66
C LEU D 1131 -60.40 14.53 -22.06
N GLY D 1132 -60.30 13.90 -20.90
CA GLY D 1132 -61.43 13.18 -20.37
C GLY D 1132 -62.28 13.96 -19.40
N ARG D 1133 -63.49 14.30 -19.80
CA ARG D 1133 -64.44 15.00 -18.93
C ARG D 1133 -65.12 13.97 -18.04
N GLY D 1134 -64.89 14.08 -16.74
CA GLY D 1134 -65.67 13.32 -15.80
C GLY D 1134 -65.87 14.08 -14.51
N ALA D 1135 -65.32 15.29 -14.46
CA ALA D 1135 -65.18 16.01 -13.21
C ALA D 1135 -65.69 17.43 -13.37
N PRO D 1136 -66.23 18.01 -12.31
CA PRO D 1136 -66.55 19.43 -12.34
C PRO D 1136 -65.28 20.25 -12.35
N PRO D 1137 -65.26 21.33 -13.12
CA PRO D 1137 -64.13 22.26 -13.05
C PRO D 1137 -64.26 23.17 -11.83
N LEU D 1138 -63.33 24.11 -11.76
CA LEU D 1138 -63.33 25.09 -10.69
C LEU D 1138 -64.53 26.02 -10.83
N LEU D 1139 -65.12 26.40 -9.70
CA LEU D 1139 -66.28 27.29 -9.74
C LEU D 1139 -65.89 28.69 -10.17
N ASP D 1140 -64.65 29.09 -9.88
CA ASP D 1140 -64.12 30.30 -10.48
C ASP D 1140 -63.86 30.03 -11.95
N ASN D 1141 -64.51 30.81 -12.81
CA ASN D 1141 -64.44 30.55 -14.23
C ASN D 1141 -63.07 30.89 -14.79
N ALA D 1142 -62.47 31.98 -14.29
CA ALA D 1142 -61.15 32.38 -14.74
C ALA D 1142 -60.09 31.40 -14.26
N ALA D 1143 -60.30 30.79 -13.10
CA ALA D 1143 -59.33 29.81 -12.61
C ALA D 1143 -59.45 28.50 -13.38
N ALA D 1144 -60.64 28.19 -13.88
CA ALA D 1144 -60.83 26.93 -14.57
C ALA D 1144 -60.22 26.97 -15.96
N VAL D 1145 -60.39 28.09 -16.67
CA VAL D 1145 -59.97 28.12 -18.06
C VAL D 1145 -58.48 28.42 -18.16
N TYR D 1146 -57.93 29.16 -17.20
CA TYR D 1146 -56.51 29.53 -17.27
C TYR D 1146 -55.62 28.35 -16.96
N LEU D 1147 -56.00 27.53 -15.99
CA LEU D 1147 -55.23 26.33 -15.72
C LEU D 1147 -55.38 25.32 -16.84
N ARG D 1148 -56.52 25.35 -17.53
CA ARG D 1148 -56.77 24.38 -18.59
C ARG D 1148 -55.89 24.64 -19.80
N ASN D 1149 -55.93 25.85 -20.35
CA ASN D 1149 -55.18 26.12 -21.57
C ASN D 1149 -53.69 26.32 -21.28
N ALA D 1150 -53.32 26.38 -20.00
CA ALA D 1150 -51.90 26.34 -19.66
C ALA D 1150 -51.34 24.94 -19.87
N VAL D 1151 -52.13 23.92 -19.54
CA VAL D 1151 -51.68 22.54 -19.76
C VAL D 1151 -51.87 22.16 -21.22
N VAL D 1152 -52.97 22.60 -21.83
CA VAL D 1152 -53.31 22.27 -23.20
C VAL D 1152 -52.69 23.28 -24.18
N ALA D 1153 -51.73 24.09 -23.70
CA ALA D 1153 -50.91 24.87 -24.60
C ALA D 1153 -50.07 23.97 -25.50
N GLY D 1154 -49.48 22.92 -24.94
CA GLY D 1154 -48.59 22.12 -25.74
C GLY D 1154 -48.43 20.63 -25.48
N ASN D 1155 -49.39 19.95 -24.87
CA ASN D 1155 -49.30 18.49 -24.79
C ASN D 1155 -49.37 17.90 -26.18
N ARG D 1156 -48.72 16.76 -26.36
CA ARG D 1156 -48.94 16.00 -27.57
C ARG D 1156 -50.31 15.33 -27.54
N LEU D 1157 -50.83 15.08 -26.34
CA LEU D 1157 -52.19 14.58 -26.20
C LEU D 1157 -53.20 15.70 -26.05
N GLY D 1158 -52.73 16.94 -26.07
CA GLY D 1158 -53.58 18.08 -25.80
C GLY D 1158 -54.54 18.33 -26.92
N PRO D 1159 -55.84 18.29 -26.64
CA PRO D 1159 -56.84 18.43 -27.70
C PRO D 1159 -56.86 19.85 -28.26
N ALA D 1160 -56.62 19.95 -29.57
CA ALA D 1160 -56.43 21.25 -30.19
C ALA D 1160 -57.75 21.82 -30.68
N GLN D 1161 -58.74 21.82 -29.80
CA GLN D 1161 -60.07 22.38 -29.87
C GLN D 1161 -60.67 22.09 -28.50
N PRO D 1162 -61.72 22.78 -28.08
CA PRO D 1162 -62.45 22.30 -26.91
C PRO D 1162 -63.15 20.98 -27.20
N LEU D 1163 -63.47 20.23 -26.15
CA LEU D 1163 -63.95 18.87 -26.30
C LEU D 1163 -65.33 18.85 -26.93
N PRO D 1164 -65.61 17.88 -27.78
CA PRO D 1164 -66.96 17.74 -28.31
C PRO D 1164 -67.89 17.15 -27.25
N VAL D 1165 -69.15 17.55 -27.28
CA VAL D 1165 -70.14 16.92 -26.41
C VAL D 1165 -70.37 15.48 -26.87
N PHE D 1166 -70.44 15.28 -28.18
CA PHE D 1166 -70.51 13.96 -28.79
C PHE D 1166 -69.43 13.87 -29.87
N GLY D 1167 -68.71 12.77 -29.89
CA GLY D 1167 -67.60 12.58 -30.79
C GLY D 1167 -66.36 12.20 -30.01
N CYS D 1168 -65.20 12.33 -30.65
CA CYS D 1168 -63.92 12.06 -30.01
C CYS D 1168 -63.08 13.33 -30.01
N ALA D 1169 -62.09 13.39 -29.12
CA ALA D 1169 -61.33 14.62 -28.95
C ALA D 1169 -60.28 14.81 -30.06
N GLN D 1170 -60.14 13.79 -30.90
CA GLN D 1170 -59.29 13.67 -32.09
C GLN D 1170 -57.79 13.56 -31.84
N VAL D 1171 -57.32 13.86 -30.63
CA VAL D 1171 -55.97 13.61 -30.08
C VAL D 1171 -54.88 13.94 -31.11
N PRO D 1172 -54.56 15.22 -31.30
CA PRO D 1172 -54.00 15.70 -32.57
C PRO D 1172 -52.68 15.06 -33.00
N ARG D 1173 -52.69 14.44 -34.17
CA ARG D 1173 -51.56 13.65 -34.65
C ARG D 1173 -50.40 14.52 -35.06
N ARG D 1174 -49.21 14.14 -34.61
CA ARG D 1174 -48.01 14.82 -35.06
C ARG D 1174 -47.59 14.30 -36.42
N ALA D 1175 -46.90 15.17 -37.17
CA ALA D 1175 -46.62 14.89 -38.57
C ALA D 1175 -45.60 13.78 -38.73
N GLY D 1176 -44.73 13.61 -37.74
CA GLY D 1176 -43.70 12.62 -37.88
C GLY D 1176 -43.53 11.75 -36.66
N MET D 1177 -43.45 10.45 -36.87
CA MET D 1177 -43.23 9.51 -35.79
C MET D 1177 -42.12 8.56 -36.19
N ASP D 1178 -41.20 8.30 -35.27
CA ASP D 1178 -40.06 7.45 -35.61
C ASP D 1178 -39.99 6.19 -34.78
N HIS D 1179 -39.92 6.29 -33.45
CA HIS D 1179 -39.46 5.16 -32.66
C HIS D 1179 -40.52 4.08 -32.54
N GLY D 1180 -41.79 4.44 -32.71
CA GLY D 1180 -42.85 3.47 -32.63
C GLY D 1180 -44.07 4.09 -31.97
N GLN D 1181 -44.89 3.19 -31.44
CA GLN D 1181 -46.16 3.59 -30.83
C GLN D 1181 -45.90 4.37 -29.56
N ASP D 1182 -46.67 5.43 -29.34
CA ASP D 1182 -46.46 6.23 -28.15
C ASP D 1182 -46.97 5.47 -26.93
N ALA D 1183 -46.11 5.33 -25.92
CA ALA D 1183 -46.62 4.82 -24.67
C ALA D 1183 -47.37 5.92 -23.96
N VAL D 1184 -48.15 5.53 -22.95
CA VAL D 1184 -48.88 6.47 -22.13
C VAL D 1184 -48.52 6.19 -20.70
N CYS D 1185 -47.97 7.18 -20.03
CA CYS D 1185 -47.46 7.03 -18.67
C CYS D 1185 -48.44 7.66 -17.70
N GLU D 1186 -49.03 6.85 -16.82
CA GLU D 1186 -49.96 7.35 -15.82
C GLU D 1186 -49.33 7.41 -14.44
N PHE D 1187 -49.55 8.53 -13.77
CA PHE D 1187 -48.92 8.84 -12.50
C PHE D 1187 -49.87 8.47 -11.38
N ILE D 1188 -49.32 8.03 -10.24
CA ILE D 1188 -50.11 7.72 -9.05
C ILE D 1188 -49.39 8.35 -7.86
N ALA D 1189 -50.13 9.11 -7.05
CA ALA D 1189 -49.55 9.73 -5.87
C ALA D 1189 -49.19 8.68 -4.84
N THR D 1190 -47.99 8.79 -4.29
CA THR D 1190 -47.47 7.89 -3.27
C THR D 1190 -46.90 8.73 -2.15
N PRO D 1191 -46.80 8.19 -0.93
CA PRO D 1191 -46.00 8.86 0.09
C PRO D 1191 -44.54 8.82 -0.28
N VAL D 1192 -43.82 9.88 0.09
CA VAL D 1192 -42.39 9.93 -0.21
C VAL D 1192 -41.63 8.97 0.70
N ALA D 1193 -42.24 8.58 1.81
CA ALA D 1193 -41.64 7.59 2.68
C ALA D 1193 -42.25 6.21 2.45
N THR D 1194 -42.10 5.73 1.23
CA THR D 1194 -42.29 4.31 0.93
C THR D 1194 -40.92 3.73 0.62
N ASP D 1195 -40.72 2.48 1.01
CA ASP D 1195 -39.42 1.86 0.83
C ASP D 1195 -39.15 1.57 -0.64
N ILE D 1196 -37.94 1.90 -1.08
CA ILE D 1196 -37.62 1.68 -2.48
C ILE D 1196 -37.17 0.24 -2.68
N ASN D 1197 -37.12 -0.54 -1.60
CA ASN D 1197 -37.03 -1.99 -1.76
C ASN D 1197 -38.31 -2.54 -2.39
N TYR D 1198 -39.46 -2.02 -1.99
CA TYR D 1198 -40.65 -2.13 -2.83
C TYR D 1198 -40.40 -1.32 -4.08
N PHE D 1199 -40.82 -1.86 -5.23
CA PHE D 1199 -40.56 -1.51 -6.63
C PHE D 1199 -39.24 -2.10 -7.12
N ARG D 1200 -38.50 -2.87 -6.31
CA ARG D 1200 -37.42 -3.63 -6.91
C ARG D 1200 -37.93 -4.93 -7.49
N ARG D 1201 -39.05 -5.38 -6.99
CA ARG D 1201 -39.69 -6.61 -7.42
C ARG D 1201 -40.87 -6.32 -8.33
N PRO D 1202 -41.41 -7.34 -8.99
CA PRO D 1202 -42.79 -7.27 -9.43
C PRO D 1202 -43.73 -6.90 -8.29
N CYS D 1203 -44.41 -5.77 -8.46
CA CYS D 1203 -45.16 -5.17 -7.37
C CYS D 1203 -46.40 -4.50 -7.95
N ASN D 1204 -47.32 -4.15 -7.07
CA ASN D 1204 -48.55 -3.53 -7.53
C ASN D 1204 -48.48 -2.02 -7.46
N PRO D 1205 -48.90 -1.33 -8.51
CA PRO D 1205 -48.99 0.13 -8.45
C PRO D 1205 -50.07 0.63 -7.51
N ARG D 1206 -51.10 -0.18 -7.25
CA ARG D 1206 -52.10 0.22 -6.28
C ARG D 1206 -51.63 -0.03 -4.86
N GLY D 1207 -50.57 -0.82 -4.69
CA GLY D 1207 -49.95 -1.00 -3.40
C GLY D 1207 -50.35 -2.26 -2.66
N ARG D 1208 -51.60 -2.68 -2.77
CA ARG D 1208 -52.10 -3.88 -2.11
C ARG D 1208 -52.44 -4.91 -3.17
N ALA D 1209 -51.82 -6.07 -3.08
CA ALA D 1209 -51.97 -7.13 -4.07
C ALA D 1209 -53.39 -7.66 -3.98
N ALA D 1210 -54.10 -7.64 -5.11
CA ALA D 1210 -55.56 -7.78 -5.09
C ALA D 1210 -56.07 -8.84 -6.05
N GLY D 1211 -55.23 -9.79 -6.43
CA GLY D 1211 -55.63 -10.73 -7.47
C GLY D 1211 -56.66 -11.73 -6.97
N GLY D 1212 -57.48 -12.23 -7.89
CA GLY D 1212 -58.35 -13.34 -7.57
C GLY D 1212 -57.62 -14.65 -7.52
N VAL D 1213 -56.35 -14.64 -7.91
CA VAL D 1213 -55.49 -15.81 -7.71
C VAL D 1213 -55.17 -15.93 -6.22
N TYR D 1214 -55.22 -14.82 -5.48
CA TYR D 1214 -54.98 -14.90 -4.05
C TYR D 1214 -56.27 -15.19 -3.28
N ALA D 1215 -57.30 -15.73 -3.93
CA ALA D 1215 -58.55 -15.96 -3.25
C ALA D 1215 -58.46 -17.18 -2.33
N GLY D 1216 -59.20 -17.13 -1.23
CA GLY D 1216 -59.23 -18.26 -0.32
C GLY D 1216 -60.53 -19.02 -0.32
N ASP D 1217 -61.31 -18.92 -1.42
CA ASP D 1217 -62.57 -19.62 -1.64
C ASP D 1217 -63.62 -19.30 -0.58
N LYS D 1218 -63.54 -18.12 0.02
CA LYS D 1218 -64.62 -17.63 0.87
C LYS D 1218 -65.61 -16.93 -0.04
N GLU D 1219 -66.74 -16.51 0.52
CA GLU D 1219 -67.87 -15.96 -0.25
C GLU D 1219 -67.45 -14.63 -0.84
N GLY D 1220 -67.15 -13.61 -0.03
CA GLY D 1220 -66.75 -12.33 -0.57
C GLY D 1220 -65.34 -12.01 -0.15
N ASP D 1221 -64.44 -12.99 -0.28
CA ASP D 1221 -63.06 -12.76 0.15
C ASP D 1221 -62.37 -11.69 -0.67
N VAL D 1222 -62.41 -11.81 -2.00
CA VAL D 1222 -61.74 -10.78 -2.79
C VAL D 1222 -62.75 -9.69 -3.10
N ILE D 1223 -63.10 -8.95 -2.06
CA ILE D 1223 -63.41 -7.52 -2.06
C ILE D 1223 -62.61 -7.05 -0.86
N ALA D 1224 -62.45 -7.96 0.09
CA ALA D 1224 -61.72 -7.74 1.32
C ALA D 1224 -60.27 -8.16 1.19
N LEU D 1225 -59.96 -8.93 0.16
CA LEU D 1225 -58.57 -9.12 -0.21
C LEU D 1225 -58.02 -7.84 -0.81
N MET D 1226 -58.90 -7.03 -1.37
CA MET D 1226 -58.48 -5.84 -2.08
C MET D 1226 -58.58 -4.60 -1.20
N TYR D 1227 -59.63 -4.51 -0.38
CA TYR D 1227 -60.01 -3.25 0.24
C TYR D 1227 -60.10 -3.29 1.77
N ASP D 1228 -59.84 -4.41 2.42
CA ASP D 1228 -59.98 -4.49 3.87
C ASP D 1228 -58.61 -4.29 4.49
N HIS D 1229 -58.52 -3.34 5.43
CA HIS D 1229 -57.21 -2.88 5.87
C HIS D 1229 -56.93 -3.24 7.32
N GLY D 1230 -57.89 -3.83 8.00
CA GLY D 1230 -57.55 -4.61 9.18
C GLY D 1230 -56.68 -5.80 8.82
N GLN D 1231 -56.91 -6.36 7.64
CA GLN D 1231 -56.09 -7.46 7.17
C GLN D 1231 -54.80 -6.94 6.57
N SER D 1232 -53.94 -7.85 6.15
CA SER D 1232 -52.64 -7.47 5.60
C SER D 1232 -52.54 -7.84 4.13
N ASP D 1233 -51.58 -7.23 3.44
CA ASP D 1233 -51.30 -7.54 2.05
C ASP D 1233 -50.79 -8.97 1.95
N PRO D 1234 -51.27 -9.77 1.00
CA PRO D 1234 -50.70 -11.12 0.83
C PRO D 1234 -49.27 -11.12 0.31
N ALA D 1235 -48.92 -10.15 -0.53
CA ALA D 1235 -47.58 -10.09 -1.07
C ALA D 1235 -46.58 -9.59 -0.03
N ARG D 1236 -47.01 -8.70 0.85
CA ARG D 1236 -46.17 -8.19 1.93
C ARG D 1236 -46.97 -8.33 3.22
N PRO D 1237 -46.74 -9.42 3.97
CA PRO D 1237 -47.64 -9.73 5.08
C PRO D 1237 -47.50 -8.85 6.29
N PHE D 1238 -46.41 -8.10 6.41
CA PHE D 1238 -46.13 -7.41 7.66
C PHE D 1238 -46.75 -6.02 7.70
N ALA D 1239 -46.84 -5.36 6.55
CA ALA D 1239 -47.52 -4.07 6.46
C ALA D 1239 -48.76 -4.23 5.59
N ALA D 1240 -49.79 -3.44 5.87
CA ALA D 1240 -51.05 -3.63 5.18
C ALA D 1240 -50.99 -3.13 3.75
N THR D 1241 -50.52 -1.89 3.56
CA THR D 1241 -50.42 -1.31 2.23
C THR D 1241 -49.02 -0.78 2.00
N ALA D 1242 -48.68 -0.58 0.73
CA ALA D 1242 -47.51 0.21 0.40
C ALA D 1242 -47.89 1.65 0.11
N ASN D 1243 -49.13 1.86 -0.33
CA ASN D 1243 -49.63 3.17 -0.65
C ASN D 1243 -51.05 3.27 -0.12
N PRO D 1244 -51.32 4.16 0.80
CA PRO D 1244 -52.67 4.31 1.33
C PRO D 1244 -53.54 5.15 0.43
N TRP D 1245 -52.94 5.94 -0.46
CA TRP D 1245 -53.75 6.77 -1.34
C TRP D 1245 -54.21 6.00 -2.57
N ALA D 1246 -53.79 4.75 -2.70
CA ALA D 1246 -54.14 4.00 -3.90
C ALA D 1246 -54.93 2.75 -3.59
N SER D 1247 -54.51 2.01 -2.56
CA SER D 1247 -55.08 0.70 -2.32
C SER D 1247 -56.49 0.78 -1.79
N GLN D 1248 -56.79 1.83 -1.05
CA GLN D 1248 -58.02 1.88 -0.27
C GLN D 1248 -59.20 2.18 -1.17
N ARG D 1249 -60.36 1.67 -0.76
CA ARG D 1249 -61.60 2.15 -1.35
C ARG D 1249 -61.74 3.62 -1.02
N PHE D 1250 -62.16 4.40 -2.02
CA PHE D 1250 -62.46 5.84 -1.98
C PHE D 1250 -61.17 6.64 -1.80
N SER D 1251 -60.02 6.02 -2.00
CA SER D 1251 -58.76 6.76 -1.96
C SER D 1251 -58.56 7.51 -3.27
N TYR D 1252 -57.44 8.22 -3.37
CA TYR D 1252 -57.20 9.02 -4.56
C TYR D 1252 -56.84 8.14 -5.75
N GLY D 1253 -56.15 7.03 -5.50
CA GLY D 1253 -55.90 6.08 -6.56
C GLY D 1253 -57.17 5.43 -7.06
N ASP D 1254 -58.15 5.26 -6.18
CA ASP D 1254 -59.38 4.59 -6.58
C ASP D 1254 -60.28 5.53 -7.37
N LEU D 1255 -60.41 6.78 -6.93
CA LEU D 1255 -61.41 7.66 -7.53
C LEU D 1255 -61.04 8.04 -8.96
N LEU D 1256 -59.76 7.99 -9.28
CA LEU D 1256 -59.36 8.32 -10.64
C LEU D 1256 -59.61 7.15 -11.58
N TYR D 1257 -59.09 5.98 -11.25
CA TYR D 1257 -58.88 4.94 -12.23
C TYR D 1257 -59.82 3.77 -12.09
N ASN D 1258 -60.94 3.93 -11.38
CA ASN D 1258 -61.88 2.83 -11.25
C ASN D 1258 -62.91 2.91 -12.36
N GLY D 1259 -63.41 1.74 -12.78
CA GLY D 1259 -64.34 1.71 -13.89
C GLY D 1259 -65.71 2.27 -13.53
N ALA D 1260 -66.02 2.31 -12.24
CA ALA D 1260 -67.30 2.88 -11.82
C ALA D 1260 -67.33 4.38 -11.97
N TYR D 1261 -66.20 5.04 -11.70
CA TYR D 1261 -66.23 6.49 -11.57
C TYR D 1261 -65.95 7.16 -12.91
N HIS D 1262 -65.07 6.55 -13.72
CA HIS D 1262 -64.75 6.92 -15.11
C HIS D 1262 -64.51 8.42 -15.32
N LEU D 1263 -63.48 8.93 -14.65
CA LEU D 1263 -63.01 10.28 -14.96
C LEU D 1263 -62.22 10.31 -16.25
N ASN D 1264 -61.62 9.19 -16.61
CA ASN D 1264 -60.92 9.03 -17.87
C ASN D 1264 -61.78 8.15 -18.79
N GLY D 1265 -63.08 8.40 -18.73
CA GLY D 1265 -64.01 7.59 -19.51
C GLY D 1265 -64.36 8.21 -20.84
N ALA D 1266 -64.00 9.48 -21.04
CA ALA D 1266 -64.31 10.14 -22.29
C ALA D 1266 -63.12 10.11 -23.24
N SER D 1267 -61.92 10.05 -22.71
CA SER D 1267 -60.74 10.17 -23.55
C SER D 1267 -60.44 8.85 -24.25
N PRO D 1268 -60.10 8.88 -25.54
CA PRO D 1268 -59.79 7.62 -26.23
C PRO D 1268 -58.39 7.12 -25.93
N VAL D 1269 -57.57 7.93 -25.24
CA VAL D 1269 -56.23 7.50 -24.85
C VAL D 1269 -56.35 6.40 -23.82
N LEU D 1270 -55.57 5.34 -24.00
CA LEU D 1270 -55.61 4.20 -23.09
C LEU D 1270 -55.07 4.56 -21.71
N SER D 1271 -55.88 4.28 -20.69
CA SER D 1271 -55.42 4.30 -19.32
C SER D 1271 -54.78 2.95 -19.01
N PRO D 1272 -53.49 2.89 -18.67
CA PRO D 1272 -52.94 1.59 -18.26
C PRO D 1272 -53.45 1.14 -16.92
N CYS D 1273 -53.74 2.06 -16.00
CA CYS D 1273 -54.12 1.65 -14.67
C CYS D 1273 -55.62 1.39 -14.55
N PHE D 1274 -56.35 1.46 -15.66
CA PHE D 1274 -57.76 1.07 -15.66
C PHE D 1274 -57.90 -0.42 -15.35
N LYS D 1275 -56.88 -1.20 -15.69
CA LYS D 1275 -56.84 -2.61 -15.36
C LYS D 1275 -56.72 -2.83 -13.86
N PHE D 1276 -55.97 -1.97 -13.18
CA PHE D 1276 -55.64 -2.22 -11.79
C PHE D 1276 -56.75 -1.78 -10.85
N PHE D 1277 -57.22 -0.54 -10.98
CA PHE D 1277 -58.03 0.06 -9.93
C PHE D 1277 -59.51 -0.26 -10.12
N THR D 1278 -59.84 -1.21 -10.99
CA THR D 1278 -61.23 -1.61 -11.19
C THR D 1278 -61.53 -2.85 -10.37
N ALA D 1279 -62.33 -2.70 -9.32
CA ALA D 1279 -62.66 -3.83 -8.47
C ALA D 1279 -63.68 -4.73 -9.14
N ALA D 1280 -64.45 -4.18 -10.08
CA ALA D 1280 -65.56 -4.93 -10.65
C ALA D 1280 -65.08 -6.00 -11.61
N ASP D 1281 -63.86 -5.86 -12.12
CA ASP D 1281 -63.37 -6.83 -13.09
C ASP D 1281 -62.74 -8.03 -12.40
N ILE D 1282 -61.92 -7.79 -11.37
CA ILE D 1282 -61.28 -8.88 -10.64
C ILE D 1282 -62.31 -9.70 -9.88
N THR D 1283 -63.35 -9.06 -9.38
CA THR D 1283 -64.43 -9.77 -8.70
C THR D 1283 -65.22 -10.62 -9.69
N ALA D 1284 -65.22 -10.23 -10.97
CA ALA D 1284 -65.97 -10.98 -11.97
C ALA D 1284 -65.23 -12.22 -12.43
N LYS D 1285 -63.90 -12.23 -12.33
CA LYS D 1285 -63.11 -13.33 -12.88
C LYS D 1285 -63.29 -14.60 -12.06
N HIS D 1286 -63.20 -15.74 -12.74
CA HIS D 1286 -63.18 -17.01 -12.06
C HIS D 1286 -61.84 -17.22 -11.39
N ARG D 1287 -61.83 -18.06 -10.35
CA ARG D 1287 -60.64 -18.16 -9.51
C ARG D 1287 -59.92 -19.48 -9.71
N CYS D 1288 -60.49 -20.40 -10.48
CA CYS D 1288 -59.87 -21.70 -10.65
C CYS D 1288 -58.63 -21.59 -11.53
N LEU D 1289 -57.54 -22.23 -11.10
CA LEU D 1289 -56.26 -22.08 -11.77
C LEU D 1289 -56.24 -22.74 -13.15
N GLU D 1290 -57.06 -23.77 -13.33
CA GLU D 1290 -56.88 -24.62 -14.50
C GLU D 1290 -57.47 -23.95 -15.74
N ARG D 1291 -58.29 -22.92 -15.54
CA ARG D 1291 -58.84 -22.18 -16.68
C ARG D 1291 -58.23 -20.79 -16.79
N LEU D 1292 -57.47 -20.35 -15.77
CA LEU D 1292 -56.86 -19.03 -15.84
C LEU D 1292 -55.70 -19.01 -16.81
N ILE D 1293 -54.80 -20.00 -16.72
CA ILE D 1293 -53.56 -19.92 -17.47
C ILE D 1293 -53.76 -20.30 -18.93
N VAL D 1294 -54.95 -20.82 -19.26
CA VAL D 1294 -55.30 -20.94 -20.68
C VAL D 1294 -56.09 -19.72 -21.12
N GLU D 1295 -56.66 -18.97 -20.17
CA GLU D 1295 -57.20 -17.65 -20.49
C GLU D 1295 -56.14 -16.59 -20.30
N THR D 1296 -54.89 -17.01 -20.05
CA THR D 1296 -53.79 -16.07 -19.97
C THR D 1296 -52.98 -16.09 -21.26
N GLY D 1297 -52.86 -17.27 -21.87
CA GLY D 1297 -52.02 -17.41 -23.06
C GLY D 1297 -52.55 -16.67 -24.26
N SER D 1298 -53.84 -16.32 -24.24
CA SER D 1298 -54.41 -15.42 -25.21
C SER D 1298 -55.60 -14.73 -24.55
N ALA D 1299 -55.55 -13.41 -24.47
CA ALA D 1299 -56.66 -12.66 -23.94
C ALA D 1299 -56.87 -11.44 -24.80
N VAL D 1300 -58.00 -10.77 -24.58
CA VAL D 1300 -58.29 -9.50 -25.25
C VAL D 1300 -57.26 -8.46 -24.85
N SER D 1301 -56.68 -7.81 -25.85
CA SER D 1301 -55.74 -6.73 -25.63
C SER D 1301 -56.52 -5.50 -25.17
N THR D 1302 -55.97 -4.76 -24.21
CA THR D 1302 -56.61 -3.51 -23.82
C THR D 1302 -56.09 -2.37 -24.67
N ALA D 1303 -54.92 -2.56 -25.28
CA ALA D 1303 -54.24 -1.52 -26.06
C ALA D 1303 -54.47 -1.77 -27.54
N THR D 1304 -54.17 -0.77 -28.34
CA THR D 1304 -54.18 -0.97 -29.79
C THR D 1304 -52.76 -1.02 -30.31
N ALA D 1305 -52.60 -1.47 -31.55
CA ALA D 1305 -51.28 -1.49 -32.14
C ALA D 1305 -51.12 -0.43 -33.22
N ALA D 1306 -52.10 -0.29 -34.11
CA ALA D 1306 -51.93 0.56 -35.28
C ALA D 1306 -52.13 2.03 -34.95
N SER D 1307 -52.70 2.33 -33.79
CA SER D 1307 -52.86 3.72 -33.40
C SER D 1307 -51.52 4.29 -32.94
N ASP D 1308 -51.33 5.60 -33.14
CA ASP D 1308 -50.04 6.21 -32.87
C ASP D 1308 -49.80 6.32 -31.37
N VAL D 1309 -50.64 7.05 -30.68
CA VAL D 1309 -50.78 6.93 -29.23
C VAL D 1309 -51.65 5.72 -28.98
N GLN D 1310 -51.22 4.85 -28.06
CA GLN D 1310 -51.99 3.63 -27.81
C GLN D 1310 -53.36 3.97 -27.22
N PHE D 1311 -54.39 3.54 -27.94
CA PHE D 1311 -55.76 3.93 -27.64
C PHE D 1311 -56.47 2.83 -26.88
N LYS D 1312 -57.52 3.24 -26.17
CA LYS D 1312 -58.49 2.30 -25.65
C LYS D 1312 -59.11 1.54 -26.82
N ARG D 1313 -59.34 0.26 -26.62
CA ARG D 1313 -59.59 -0.64 -27.75
C ARG D 1313 -60.94 -0.36 -28.39
N PRO D 1314 -61.00 -0.19 -29.71
CA PRO D 1314 -62.28 -0.08 -30.37
C PRO D 1314 -62.99 -1.42 -30.39
N PRO D 1315 -64.31 -1.44 -30.57
CA PRO D 1315 -65.04 -2.73 -30.52
C PRO D 1315 -64.77 -3.64 -31.70
N GLY D 1316 -64.08 -3.15 -32.73
CA GLY D 1316 -63.91 -3.95 -33.93
C GLY D 1316 -62.88 -5.04 -33.80
N CYS D 1317 -61.66 -4.69 -33.41
CA CYS D 1317 -60.51 -5.59 -33.48
C CYS D 1317 -60.27 -6.26 -32.13
N ARG D 1318 -59.79 -7.50 -32.18
CA ARG D 1318 -59.32 -8.22 -31.00
C ARG D 1318 -57.94 -8.78 -31.30
N GLU D 1319 -56.92 -8.23 -30.65
CA GLU D 1319 -55.55 -8.45 -31.10
C GLU D 1319 -54.92 -9.66 -30.42
N LEU D 1320 -55.63 -10.27 -29.46
CA LEU D 1320 -55.26 -11.52 -28.80
C LEU D 1320 -53.89 -11.48 -28.14
N VAL D 1321 -53.70 -10.61 -27.14
CA VAL D 1321 -52.41 -10.48 -26.49
C VAL D 1321 -52.29 -11.57 -25.42
N GLU D 1322 -51.09 -11.71 -24.87
CA GLU D 1322 -50.79 -12.70 -23.85
C GLU D 1322 -50.28 -11.99 -22.61
N ASP D 1323 -51.13 -11.84 -21.60
CA ASP D 1323 -50.81 -10.89 -20.55
C ASP D 1323 -50.74 -11.53 -19.17
N PRO D 1324 -49.57 -11.47 -18.51
CA PRO D 1324 -49.49 -11.83 -17.09
C PRO D 1324 -50.07 -10.77 -16.18
N CYS D 1325 -50.30 -9.56 -16.68
CA CYS D 1325 -50.93 -8.52 -15.87
C CYS D 1325 -52.39 -8.86 -15.59
N GLY D 1326 -53.00 -9.66 -16.44
CA GLY D 1326 -54.37 -10.07 -16.21
C GLY D 1326 -54.48 -11.28 -15.30
N LEU D 1327 -53.46 -12.14 -15.32
CA LEU D 1327 -53.44 -13.26 -14.39
C LEU D 1327 -53.04 -12.77 -13.00
N PHE D 1328 -51.81 -12.29 -12.88
CA PHE D 1328 -51.14 -12.11 -11.60
C PHE D 1328 -51.61 -10.87 -10.85
N GLN D 1329 -52.23 -9.91 -11.55
CA GLN D 1329 -52.52 -8.57 -11.04
C GLN D 1329 -51.24 -7.93 -10.52
N GLU D 1330 -50.25 -7.80 -11.40
CA GLU D 1330 -48.91 -7.39 -11.04
C GLU D 1330 -48.35 -6.48 -12.11
N ALA D 1331 -47.24 -5.82 -11.78
CA ALA D 1331 -46.54 -4.97 -12.72
C ALA D 1331 -45.05 -5.03 -12.43
N TYR D 1332 -44.23 -4.80 -13.45
CA TYR D 1332 -42.81 -5.13 -13.37
C TYR D 1332 -41.97 -3.85 -13.34
N PRO D 1333 -40.79 -3.89 -12.74
CA PRO D 1333 -39.92 -2.71 -12.77
C PRO D 1333 -38.84 -2.74 -13.84
N ILE D 1334 -38.66 -1.65 -14.59
CA ILE D 1334 -37.49 -1.55 -15.47
C ILE D 1334 -36.46 -0.60 -14.89
N THR D 1335 -35.27 -0.60 -15.49
CA THR D 1335 -34.15 0.18 -14.99
C THR D 1335 -34.39 1.68 -15.09
N CYS D 1336 -34.47 2.32 -13.93
CA CYS D 1336 -34.60 3.76 -13.86
C CYS D 1336 -33.86 4.24 -12.63
N ALA D 1337 -33.21 5.40 -12.76
CA ALA D 1337 -32.40 5.96 -11.70
C ALA D 1337 -32.56 7.47 -11.71
N SER D 1338 -32.36 8.10 -10.57
CA SER D 1338 -32.55 9.53 -10.51
C SER D 1338 -31.23 10.27 -10.68
N ASP D 1339 -30.13 9.53 -10.78
CA ASP D 1339 -28.98 10.21 -11.34
C ASP D 1339 -28.65 9.66 -12.70
N PRO D 1340 -28.15 10.51 -13.59
CA PRO D 1340 -27.47 9.97 -14.77
C PRO D 1340 -26.22 9.22 -14.41
N ALA D 1341 -25.57 9.58 -13.31
CA ALA D 1341 -24.37 8.86 -12.90
C ALA D 1341 -24.71 7.47 -12.38
N LEU D 1342 -25.89 7.33 -11.78
CA LEU D 1342 -26.33 6.01 -11.37
C LEU D 1342 -26.66 5.17 -12.60
N LEU D 1343 -27.32 5.76 -13.59
CA LEU D 1343 -27.78 5.00 -14.75
C LEU D 1343 -26.61 4.54 -15.62
N ARG D 1344 -25.53 5.31 -15.63
CA ARG D 1344 -24.34 4.88 -16.35
C ARG D 1344 -23.63 3.74 -15.64
N SER D 1345 -23.91 3.53 -14.35
CA SER D 1345 -23.17 2.53 -13.61
C SER D 1345 -23.70 1.14 -13.88
N ALA D 1346 -25.02 0.98 -13.97
CA ALA D 1346 -25.64 -0.33 -14.10
C ALA D 1346 -25.82 -0.68 -15.57
N ARG D 1347 -24.72 -0.61 -16.31
CA ARG D 1347 -24.71 -0.92 -17.73
C ARG D 1347 -24.12 -2.30 -17.91
N ASP D 1348 -24.97 -3.24 -18.34
CA ASP D 1348 -24.69 -4.64 -18.64
C ASP D 1348 -24.19 -5.44 -17.45
N GLY D 1349 -24.53 -5.07 -16.23
CA GLY D 1349 -24.16 -5.87 -15.07
C GLY D 1349 -24.61 -5.21 -13.79
N GLU D 1350 -25.24 -6.02 -12.95
CA GLU D 1350 -25.80 -5.55 -11.68
C GLU D 1350 -24.83 -5.74 -10.52
N ALA D 1351 -23.73 -6.47 -10.74
CA ALA D 1351 -22.80 -6.74 -9.65
C ALA D 1351 -22.05 -5.47 -9.25
N HIS D 1352 -21.55 -4.74 -10.22
CA HIS D 1352 -20.83 -3.50 -9.97
C HIS D 1352 -21.72 -2.28 -10.04
N ALA D 1353 -23.02 -2.44 -9.83
CA ALA D 1353 -23.94 -1.33 -10.02
C ALA D 1353 -24.00 -0.44 -8.79
N ARG D 1354 -23.90 0.86 -9.02
CA ARG D 1354 -24.09 1.83 -7.94
C ARG D 1354 -25.56 1.87 -7.61
N GLU D 1355 -25.97 1.10 -6.62
CA GLU D 1355 -27.40 0.91 -6.40
C GLU D 1355 -28.02 2.11 -5.70
N THR D 1356 -27.26 2.79 -4.84
CA THR D 1356 -27.77 3.93 -4.12
C THR D 1356 -26.66 4.88 -3.68
N HIS D 1357 -27.04 6.13 -3.44
CA HIS D 1357 -26.13 7.26 -3.29
C HIS D 1357 -27.01 8.40 -2.81
N PHE D 1358 -26.41 9.44 -2.21
CA PHE D 1358 -26.84 10.16 -0.98
C PHE D 1358 -28.36 10.22 -0.88
N THR D 1359 -29.06 10.76 -1.87
CA THR D 1359 -30.52 10.70 -1.86
C THR D 1359 -31.05 10.14 -3.17
N GLN D 1360 -30.16 9.57 -3.97
CA GLN D 1360 -30.54 9.20 -5.32
C GLN D 1360 -30.62 7.69 -5.45
N TYR D 1361 -31.74 7.21 -5.97
CA TYR D 1361 -32.03 5.79 -5.93
C TYR D 1361 -32.01 5.22 -7.34
N LEU D 1362 -31.48 4.00 -7.45
CA LEU D 1362 -31.51 3.24 -8.69
C LEU D 1362 -32.37 2.02 -8.48
N ILE D 1363 -33.17 1.68 -9.47
CA ILE D 1363 -33.90 0.42 -9.52
C ILE D 1363 -33.37 -0.36 -10.69
N TYR D 1364 -32.81 -1.53 -10.42
CA TYR D 1364 -32.30 -2.34 -11.51
C TYR D 1364 -33.45 -3.07 -12.19
N ASP D 1365 -33.22 -3.54 -13.41
CA ASP D 1365 -34.21 -4.29 -14.15
C ASP D 1365 -34.47 -5.65 -13.48
N ALA D 1366 -35.71 -5.88 -13.08
CA ALA D 1366 -36.14 -7.19 -12.61
C ALA D 1366 -37.46 -7.51 -13.31
N SER D 1367 -37.38 -8.29 -14.36
CA SER D 1367 -38.46 -8.38 -15.33
C SER D 1367 -38.19 -9.59 -16.20
N PRO D 1368 -39.12 -10.02 -17.06
CA PRO D 1368 -38.73 -10.95 -18.12
C PRO D 1368 -37.74 -10.39 -19.11
N LEU D 1369 -37.59 -9.07 -19.18
CA LEU D 1369 -36.75 -8.48 -20.22
C LEU D 1369 -35.28 -8.40 -19.83
N LYS D 1370 -34.92 -8.79 -18.62
CA LYS D 1370 -33.51 -8.85 -18.29
C LYS D 1370 -32.89 -10.05 -18.99
N GLY D 1371 -31.60 -9.96 -19.26
CA GLY D 1371 -30.90 -10.94 -20.07
C GLY D 1371 -30.93 -10.65 -21.55
N LEU D 1372 -31.89 -9.85 -22.01
CA LEU D 1372 -32.05 -9.53 -23.42
C LEU D 1372 -31.75 -8.06 -23.66
N ARG E 6 -96.11 -24.13 -19.96
CA ARG E 6 -94.93 -24.61 -19.26
C ARG E 6 -93.88 -25.08 -20.28
N ASP E 7 -93.98 -24.53 -21.50
CA ASP E 7 -93.17 -24.86 -22.68
C ASP E 7 -93.22 -26.34 -23.01
N PRO E 8 -94.31 -26.83 -23.60
CA PRO E 8 -94.37 -28.23 -24.05
C PRO E 8 -93.31 -28.54 -25.10
N PRO E 9 -92.89 -29.80 -25.24
CA PRO E 9 -91.74 -30.10 -26.11
C PRO E 9 -92.00 -29.87 -27.59
N GLY E 10 -93.24 -29.94 -28.04
CA GLY E 10 -93.54 -29.59 -29.41
C GLY E 10 -94.06 -30.76 -30.20
N TYR E 11 -95.00 -30.46 -31.10
CA TYR E 11 -95.54 -31.49 -31.96
C TYR E 11 -94.50 -31.92 -32.98
N ARG E 12 -94.34 -33.22 -33.09
CA ARG E 12 -93.31 -33.80 -33.93
C ARG E 12 -93.79 -33.80 -35.37
N TYR E 13 -93.22 -32.92 -36.18
CA TYR E 13 -93.44 -32.95 -37.61
C TYR E 13 -92.67 -34.12 -38.20
N ALA E 14 -93.13 -34.58 -39.37
CA ALA E 14 -92.58 -35.70 -40.12
C ALA E 14 -92.67 -37.04 -39.39
N ALA E 15 -93.35 -37.08 -38.24
CA ALA E 15 -93.87 -38.33 -37.73
C ALA E 15 -95.28 -38.56 -38.26
N ALA E 16 -95.94 -37.48 -38.69
CA ALA E 16 -97.25 -37.55 -39.31
C ALA E 16 -97.17 -37.82 -40.81
N ILE E 17 -95.99 -38.12 -41.34
CA ILE E 17 -95.93 -38.50 -42.74
C ILE E 17 -96.30 -39.97 -42.91
N LEU E 18 -96.34 -40.72 -41.82
CA LEU E 18 -96.91 -42.07 -41.83
C LEU E 18 -98.06 -42.07 -40.83
N PRO E 19 -99.25 -41.61 -41.18
CA PRO E 19 -100.33 -41.56 -40.19
C PRO E 19 -100.92 -42.94 -39.97
N THR E 20 -100.75 -43.45 -38.75
CA THR E 20 -101.26 -44.78 -38.46
C THR E 20 -102.77 -44.77 -38.22
N GLY E 21 -103.36 -43.59 -38.04
CA GLY E 21 -104.78 -43.50 -37.79
C GLY E 21 -105.37 -42.32 -38.53
N SER E 22 -106.70 -42.30 -38.56
CA SER E 22 -107.45 -41.23 -39.19
C SER E 22 -108.60 -40.81 -38.28
N ILE E 23 -108.77 -39.51 -38.12
CA ILE E 23 -109.84 -39.02 -37.27
C ILE E 23 -111.12 -38.93 -38.08
N LEU E 24 -112.21 -39.45 -37.51
CA LEU E 24 -113.48 -39.59 -38.21
C LEU E 24 -114.18 -38.26 -38.45
N SER E 25 -114.24 -37.39 -37.44
CA SER E 25 -115.00 -36.14 -37.51
C SER E 25 -114.05 -34.97 -37.47
N THR E 26 -114.29 -33.98 -38.32
CA THR E 26 -113.47 -32.77 -38.39
C THR E 26 -114.34 -31.57 -38.02
N ILE E 27 -114.17 -31.06 -36.80
CA ILE E 27 -114.89 -29.88 -36.34
C ILE E 27 -113.87 -28.89 -35.80
N GLU E 28 -114.36 -27.77 -35.30
CA GLU E 28 -113.46 -26.70 -34.86
C GLU E 28 -112.75 -27.10 -33.58
N VAL E 29 -111.50 -27.55 -33.72
CA VAL E 29 -110.73 -28.07 -32.61
C VAL E 29 -110.21 -26.97 -31.70
N ALA E 30 -110.29 -25.71 -32.13
CA ALA E 30 -109.81 -24.61 -31.29
C ALA E 30 -110.85 -24.23 -30.24
N SER E 31 -112.01 -24.89 -30.26
CA SER E 31 -113.05 -24.58 -29.28
C SER E 31 -112.77 -25.23 -27.94
N HIS E 32 -112.37 -26.52 -27.95
CA HIS E 32 -112.05 -27.20 -26.70
C HIS E 32 -110.81 -26.61 -26.03
N ARG E 33 -109.64 -26.90 -26.59
CA ARG E 33 -108.35 -26.23 -26.38
C ARG E 33 -107.76 -26.42 -24.98
N ARG E 34 -108.56 -26.83 -23.99
CA ARG E 34 -107.98 -27.12 -22.68
C ARG E 34 -107.56 -28.58 -22.61
N LEU E 35 -108.21 -29.43 -23.41
CA LEU E 35 -107.91 -30.85 -23.41
C LEU E 35 -106.52 -31.11 -23.95
N PHE E 36 -106.20 -30.52 -25.09
CA PHE E 36 -104.88 -30.65 -25.70
C PHE E 36 -103.92 -29.78 -24.91
N ASP E 37 -102.69 -30.29 -24.71
CA ASP E 37 -101.70 -29.47 -24.05
C ASP E 37 -100.87 -28.69 -25.05
N PHE E 38 -100.52 -29.32 -26.18
CA PHE E 38 -99.79 -28.64 -27.24
C PHE E 38 -100.77 -28.38 -28.37
N PHE E 39 -100.58 -27.28 -29.07
CA PHE E 39 -101.59 -26.77 -29.99
C PHE E 39 -100.90 -26.01 -31.11
N ALA E 40 -101.47 -26.08 -32.30
CA ALA E 40 -100.96 -25.39 -33.47
C ALA E 40 -102.13 -24.98 -34.36
N ALA E 41 -102.40 -23.68 -34.40
CA ALA E 41 -103.40 -23.11 -35.30
C ALA E 41 -102.67 -22.26 -36.33
N VAL E 42 -102.67 -22.71 -37.58
CA VAL E 42 -101.85 -22.14 -38.63
C VAL E 42 -102.75 -21.75 -39.81
N ARG E 43 -102.85 -20.45 -40.09
CA ARG E 43 -103.57 -20.02 -41.28
C ARG E 43 -102.56 -19.80 -42.40
N SER E 44 -101.78 -20.84 -42.70
CA SER E 44 -100.78 -20.85 -43.75
C SER E 44 -100.21 -22.25 -43.88
N ASP E 45 -99.12 -22.34 -44.62
CA ASP E 45 -98.05 -23.27 -44.33
C ASP E 45 -96.91 -22.45 -43.73
N GLU E 46 -96.82 -22.45 -42.40
CA GLU E 46 -95.90 -21.57 -41.67
C GLU E 46 -94.47 -22.06 -41.85
N ASN E 47 -93.51 -21.21 -41.51
CA ASN E 47 -92.11 -21.52 -41.75
C ASN E 47 -91.57 -22.53 -40.74
N SER E 48 -92.29 -22.74 -39.63
CA SER E 48 -91.81 -23.69 -38.63
C SER E 48 -92.03 -25.12 -39.06
N LEU E 49 -92.96 -25.35 -40.00
CA LEU E 49 -93.23 -26.69 -40.51
C LEU E 49 -92.03 -27.26 -41.25
N TYR E 50 -91.23 -26.39 -41.85
CA TYR E 50 -90.12 -26.83 -42.67
C TYR E 50 -88.84 -26.88 -41.85
N ASP E 51 -88.93 -26.46 -40.59
CA ASP E 51 -87.77 -26.49 -39.71
C ASP E 51 -87.49 -27.91 -39.24
N VAL E 52 -86.21 -28.27 -39.22
CA VAL E 52 -85.72 -29.46 -38.56
C VAL E 52 -84.56 -29.07 -37.66
N GLU E 53 -84.33 -29.85 -36.63
CA GLU E 53 -83.21 -29.68 -35.71
C GLU E 53 -82.95 -31.00 -35.03
N PHE E 54 -81.70 -31.22 -34.63
CA PHE E 54 -81.33 -32.49 -34.03
C PHE E 54 -80.06 -32.33 -33.22
N ASP E 55 -79.87 -33.23 -32.26
CA ASP E 55 -78.65 -33.29 -31.44
C ASP E 55 -77.96 -34.61 -31.75
N ALA E 56 -76.65 -34.64 -31.57
CA ALA E 56 -75.85 -35.81 -31.91
C ALA E 56 -74.86 -36.12 -30.81
N LEU E 57 -74.58 -37.40 -30.62
CA LEU E 57 -73.55 -37.85 -29.68
C LEU E 57 -72.39 -38.39 -30.51
N LEU E 58 -71.26 -37.71 -30.47
CA LEU E 58 -70.30 -37.85 -31.55
C LEU E 58 -69.29 -38.95 -31.25
N GLY E 59 -69.21 -39.40 -30.01
CA GLY E 59 -68.36 -40.53 -29.71
C GLY E 59 -68.08 -40.65 -28.23
N SER E 60 -67.87 -41.89 -27.80
CA SER E 60 -67.61 -42.19 -26.40
C SER E 60 -66.25 -42.86 -26.29
N TYR E 61 -65.40 -42.32 -25.43
CA TYR E 61 -64.05 -42.80 -25.25
C TYR E 61 -63.86 -43.25 -23.82
N CYS E 62 -63.71 -44.56 -23.63
CA CYS E 62 -63.45 -45.13 -22.31
C CYS E 62 -62.04 -45.68 -22.31
N ASN E 63 -61.22 -45.20 -21.38
CA ASN E 63 -59.83 -45.65 -21.32
C ASN E 63 -59.73 -47.06 -20.79
N THR E 64 -58.56 -47.66 -20.98
CA THR E 64 -58.25 -48.97 -20.43
C THR E 64 -57.58 -48.76 -19.08
N LEU E 65 -58.09 -49.43 -18.05
CA LEU E 65 -57.45 -49.38 -16.75
C LEU E 65 -56.14 -50.14 -16.80
N SER E 66 -55.05 -49.43 -16.58
CA SER E 66 -53.73 -50.03 -16.63
C SER E 66 -53.54 -50.86 -15.37
N LEU E 67 -53.56 -52.18 -15.52
CA LEU E 67 -53.29 -53.08 -14.42
C LEU E 67 -51.82 -53.41 -14.47
N VAL E 68 -51.06 -52.87 -13.52
CA VAL E 68 -49.63 -53.07 -13.44
C VAL E 68 -49.37 -54.31 -12.59
N ARG E 69 -48.38 -55.09 -12.98
CA ARG E 69 -47.97 -56.23 -12.18
C ARG E 69 -46.71 -55.86 -11.42
N PHE E 70 -46.64 -56.29 -10.16
CA PHE E 70 -45.54 -55.87 -9.29
C PHE E 70 -44.23 -56.53 -9.69
N LEU E 71 -44.30 -57.70 -10.32
CA LEU E 71 -43.06 -58.38 -10.70
C LEU E 71 -42.52 -57.85 -12.01
N GLU E 72 -43.40 -57.38 -12.91
CA GLU E 72 -42.98 -56.75 -14.15
C GLU E 72 -42.76 -55.26 -13.90
N LEU E 73 -41.83 -54.99 -12.98
CA LEU E 73 -41.65 -53.67 -12.41
C LEU E 73 -40.25 -53.61 -11.82
N GLY E 74 -39.73 -52.38 -11.68
CA GLY E 74 -38.34 -52.21 -11.27
C GLY E 74 -38.07 -52.55 -9.82
N LEU E 75 -39.12 -52.80 -9.05
CA LEU E 75 -38.96 -53.16 -7.64
C LEU E 75 -39.24 -54.64 -7.41
N SER E 76 -39.10 -55.47 -8.45
CA SER E 76 -39.12 -56.90 -8.23
C SER E 76 -37.86 -57.35 -7.52
N VAL E 77 -36.75 -56.66 -7.76
CA VAL E 77 -35.61 -56.85 -6.88
C VAL E 77 -35.87 -56.06 -5.60
N ALA E 78 -35.05 -56.33 -4.58
CA ALA E 78 -35.13 -55.87 -3.19
C ALA E 78 -36.38 -56.37 -2.50
N CYS E 79 -37.00 -57.43 -2.97
CA CYS E 79 -38.07 -58.06 -2.24
C CYS E 79 -38.07 -59.56 -2.49
N VAL E 80 -38.39 -60.31 -1.45
CA VAL E 80 -38.66 -61.73 -1.57
C VAL E 80 -40.11 -61.93 -1.14
N CYS E 81 -41.01 -62.00 -2.11
CA CYS E 81 -42.44 -62.02 -1.86
C CYS E 81 -42.94 -63.45 -2.04
N THR E 82 -43.45 -64.05 -0.98
CA THR E 82 -44.02 -65.38 -1.07
C THR E 82 -45.49 -65.33 -0.73
N LYS E 83 -46.32 -65.91 -1.57
CA LYS E 83 -47.73 -66.04 -1.28
C LYS E 83 -47.90 -67.04 -0.15
N PHE E 84 -47.92 -66.53 1.07
CA PHE E 84 -48.05 -67.36 2.25
C PHE E 84 -49.47 -67.24 2.75
N PRO E 85 -50.34 -68.22 2.46
CA PRO E 85 -51.78 -67.95 2.51
C PRO E 85 -52.39 -67.91 3.91
N GLU E 86 -51.57 -67.96 4.95
CA GLU E 86 -52.06 -68.01 6.32
C GLU E 86 -51.35 -66.97 7.17
N LEU E 87 -51.83 -65.75 7.12
CA LEU E 87 -51.28 -64.71 7.97
C LEU E 87 -52.30 -64.16 8.95
N ALA E 88 -53.57 -64.51 8.78
CA ALA E 88 -54.54 -64.16 9.81
C ALA E 88 -54.40 -65.10 10.99
N TYR E 89 -53.96 -66.33 10.75
CA TYR E 89 -53.89 -67.29 11.84
C TYR E 89 -52.56 -67.19 12.57
N MET E 90 -51.56 -66.61 11.93
CA MET E 90 -50.19 -66.71 12.41
C MET E 90 -49.94 -65.73 13.55
N ASN E 91 -49.50 -66.25 14.69
CA ASN E 91 -49.40 -65.39 15.87
C ASN E 91 -48.05 -64.68 15.91
N GLU E 92 -46.96 -65.39 15.65
CA GLU E 92 -45.65 -64.78 15.73
C GLU E 92 -44.72 -65.43 14.72
N GLY E 93 -44.06 -64.58 13.94
CA GLY E 93 -43.18 -65.06 12.91
C GLY E 93 -41.74 -64.66 13.09
N ARG E 94 -40.84 -65.63 13.12
CA ARG E 94 -39.46 -65.37 13.48
C ARG E 94 -38.53 -65.77 12.36
N VAL E 95 -37.71 -64.81 11.96
CA VAL E 95 -36.55 -65.04 11.09
C VAL E 95 -35.33 -65.07 11.99
N GLN E 96 -34.54 -66.14 11.90
CA GLN E 96 -33.36 -66.28 12.72
C GLN E 96 -32.11 -66.25 11.84
N PHE E 97 -31.08 -65.58 12.33
CA PHE E 97 -29.82 -65.46 11.61
C PHE E 97 -28.72 -66.03 12.48
N GLU E 98 -27.66 -66.51 11.86
CA GLU E 98 -26.52 -67.06 12.59
C GLU E 98 -25.23 -66.68 11.90
N VAL E 99 -24.62 -65.56 12.29
CA VAL E 99 -23.44 -65.06 11.59
C VAL E 99 -22.20 -65.33 12.42
N HIS E 100 -21.14 -65.76 11.74
CA HIS E 100 -19.89 -66.18 12.36
C HIS E 100 -18.82 -65.18 11.97
N GLN E 101 -17.85 -64.96 12.85
CA GLN E 101 -16.82 -63.98 12.54
C GLN E 101 -15.43 -64.59 12.56
N PRO E 102 -14.57 -64.27 11.60
CA PRO E 102 -13.19 -64.76 11.65
C PRO E 102 -12.32 -63.88 12.52
N LEU E 103 -11.19 -64.45 12.96
CA LEU E 103 -10.31 -63.81 13.91
C LEU E 103 -8.89 -63.84 13.36
N ILE E 104 -8.00 -63.08 14.00
CA ILE E 104 -6.64 -62.85 13.52
C ILE E 104 -5.68 -62.89 14.69
N ALA E 105 -4.67 -63.75 14.62
CA ALA E 105 -3.67 -63.84 15.66
C ALA E 105 -2.78 -62.60 15.66
N ARG E 106 -2.34 -62.21 16.86
CA ARG E 106 -1.38 -61.13 17.04
C ARG E 106 -0.33 -61.59 18.03
N ASP E 107 0.72 -60.78 18.21
CA ASP E 107 1.76 -61.08 19.18
C ASP E 107 2.10 -59.81 19.95
N GLY E 108 1.70 -59.77 21.22
CA GLY E 108 1.92 -58.62 22.06
C GLY E 108 0.98 -58.61 23.23
N PRO E 109 0.81 -57.45 23.87
CA PRO E 109 -0.13 -57.38 24.99
C PRO E 109 -1.56 -57.29 24.54
N HIS E 110 -1.80 -57.17 23.25
CA HIS E 110 -3.16 -57.24 22.75
C HIS E 110 -3.65 -58.69 22.81
N PRO E 111 -4.85 -58.91 23.32
CA PRO E 111 -5.20 -60.24 23.86
C PRO E 111 -5.38 -61.29 22.79
N VAL E 112 -5.68 -62.50 23.25
CA VAL E 112 -6.02 -63.57 22.34
C VAL E 112 -7.46 -63.35 21.87
N GLU E 113 -7.80 -63.94 20.72
CA GLU E 113 -9.07 -63.70 20.07
C GLU E 113 -9.89 -64.98 20.05
N GLN E 114 -10.90 -65.06 20.92
CA GLN E 114 -11.79 -66.21 20.83
C GLN E 114 -12.65 -66.08 19.58
N PRO E 115 -13.04 -67.19 18.96
CA PRO E 115 -13.99 -67.09 17.83
C PRO E 115 -15.37 -66.77 18.39
N VAL E 116 -16.00 -65.75 17.83
CA VAL E 116 -17.29 -65.32 18.35
C VAL E 116 -18.36 -65.63 17.33
N HIS E 117 -19.60 -65.56 17.77
CA HIS E 117 -20.78 -65.83 16.96
C HIS E 117 -21.83 -64.82 17.37
N ASN E 118 -22.95 -64.75 16.66
CA ASN E 118 -23.96 -63.77 17.09
C ASN E 118 -25.32 -64.41 17.39
N TYR E 119 -25.87 -65.16 16.43
CA TYR E 119 -27.11 -65.94 16.58
C TYR E 119 -28.31 -65.04 16.87
N MET E 120 -28.62 -64.12 15.97
CA MET E 120 -29.72 -63.20 16.23
C MET E 120 -31.03 -63.70 15.62
N THR E 121 -32.14 -63.11 16.07
CA THR E 121 -33.47 -63.40 15.56
C THR E 121 -34.27 -62.13 15.35
N LYS E 122 -35.12 -62.13 14.33
CA LYS E 122 -35.99 -61.01 14.05
C LYS E 122 -37.43 -61.46 14.08
N VAL E 123 -38.35 -60.50 14.09
CA VAL E 123 -39.78 -60.78 14.24
C VAL E 123 -40.52 -60.06 13.12
N ILE E 124 -41.36 -60.82 12.41
CA ILE E 124 -42.35 -60.29 11.48
C ILE E 124 -43.20 -59.23 12.16
N ASP E 125 -43.39 -58.09 11.50
CA ASP E 125 -44.50 -57.19 11.81
C ASP E 125 -45.48 -57.19 10.66
N ARG E 126 -46.77 -57.18 10.99
CA ARG E 126 -47.83 -57.42 10.01
C ARG E 126 -48.71 -56.19 9.87
N ARG E 127 -49.05 -55.87 8.64
CA ARG E 127 -50.01 -54.83 8.31
C ARG E 127 -51.14 -55.51 7.55
N ALA E 128 -52.37 -55.05 7.76
CA ALA E 128 -53.50 -55.52 6.98
C ALA E 128 -54.06 -54.34 6.23
N LEU E 129 -53.91 -54.32 4.91
CA LEU E 129 -54.25 -53.16 4.11
C LEU E 129 -55.50 -53.42 3.29
N ASN E 130 -56.27 -52.36 3.08
CA ASN E 130 -57.69 -52.46 2.80
C ASN E 130 -58.01 -51.82 1.46
N ALA E 131 -58.91 -52.46 0.73
CA ALA E 131 -59.57 -51.82 -0.40
C ALA E 131 -61.07 -51.93 -0.18
N ALA E 132 -61.83 -51.19 -0.98
CA ALA E 132 -63.27 -51.22 -0.83
C ALA E 132 -63.93 -50.86 -2.15
N PHE E 133 -65.16 -51.34 -2.32
CA PHE E 133 -66.05 -50.88 -3.37
C PHE E 133 -67.47 -51.19 -2.93
N SER E 134 -68.41 -50.44 -3.47
CA SER E 134 -69.81 -50.59 -3.10
C SER E 134 -70.64 -50.87 -4.34
N LEU E 135 -71.90 -51.18 -4.13
CA LEU E 135 -72.87 -51.27 -5.21
C LEU E 135 -74.12 -50.50 -4.81
N ALA E 136 -74.72 -49.82 -5.77
CA ALA E 136 -75.91 -49.02 -5.51
C ALA E 136 -77.10 -49.92 -5.22
N THR E 137 -78.13 -49.33 -4.59
CA THR E 137 -79.24 -50.09 -4.04
C THR E 137 -80.06 -50.77 -5.13
N GLU E 138 -80.30 -50.07 -6.24
CA GLU E 138 -81.05 -50.67 -7.33
C GLU E 138 -80.17 -51.53 -8.22
N ALA E 139 -78.91 -51.74 -7.82
CA ALA E 139 -78.02 -52.58 -8.62
C ALA E 139 -77.97 -54.01 -8.10
N ILE E 140 -78.38 -54.23 -6.84
CA ILE E 140 -78.44 -55.60 -6.35
C ILE E 140 -79.60 -56.34 -6.98
N ALA E 141 -80.74 -55.66 -7.14
CA ALA E 141 -81.96 -56.33 -7.57
C ALA E 141 -81.88 -56.72 -9.04
N LEU E 142 -80.90 -56.19 -9.77
CA LEU E 142 -80.60 -56.74 -11.08
C LEU E 142 -79.84 -58.05 -10.96
N LEU E 143 -79.02 -58.18 -9.92
CA LEU E 143 -78.13 -59.34 -9.83
C LEU E 143 -78.82 -60.54 -9.19
N THR E 144 -79.68 -60.29 -8.21
CA THR E 144 -80.43 -61.40 -7.62
C THR E 144 -81.45 -61.95 -8.61
N GLY E 145 -81.96 -61.11 -9.50
CA GLY E 145 -83.04 -61.50 -10.37
C GLY E 145 -84.39 -61.08 -9.88
N GLU E 146 -84.44 -60.29 -8.79
CA GLU E 146 -85.71 -59.80 -8.28
C GLU E 146 -86.32 -58.79 -9.24
N ALA E 147 -85.50 -57.95 -9.86
CA ALA E 147 -85.99 -56.92 -10.77
C ALA E 147 -85.79 -57.38 -12.21
N LEU E 148 -86.69 -58.25 -12.67
CA LEU E 148 -86.74 -58.62 -14.08
C LEU E 148 -88.18 -58.51 -14.54
N ASP E 149 -88.37 -57.92 -15.71
CA ASP E 149 -89.65 -57.95 -16.39
C ASP E 149 -89.67 -58.94 -17.55
N GLY E 150 -88.51 -59.48 -17.93
CA GLY E 150 -88.44 -60.25 -19.16
C GLY E 150 -88.52 -59.36 -20.37
N THR E 151 -88.20 -58.08 -20.21
CA THR E 151 -88.19 -57.13 -21.30
C THR E 151 -86.75 -56.79 -21.64
N GLY E 152 -86.53 -56.39 -22.89
CA GLY E 152 -85.17 -56.15 -23.36
C GLY E 152 -84.51 -54.97 -22.68
N ILE E 153 -85.32 -54.01 -22.22
CA ILE E 153 -84.83 -52.97 -21.32
C ILE E 153 -84.33 -53.59 -20.03
N SER E 154 -85.15 -54.44 -19.41
CA SER E 154 -84.79 -55.01 -18.12
C SER E 154 -83.65 -56.01 -18.27
N LEU E 155 -83.54 -56.64 -19.43
CA LEU E 155 -82.36 -57.45 -19.73
C LEU E 155 -81.13 -56.57 -19.86
N HIS E 156 -81.28 -55.40 -20.48
CA HIS E 156 -80.13 -54.55 -20.71
C HIS E 156 -79.67 -53.88 -19.43
N ARG E 157 -80.57 -53.71 -18.46
CA ARG E 157 -80.15 -53.14 -17.19
C ARG E 157 -79.38 -54.16 -16.37
N GLN E 158 -79.51 -55.44 -16.69
CA GLN E 158 -78.67 -56.43 -16.04
C GLN E 158 -77.26 -56.35 -16.56
N LEU E 159 -77.09 -55.97 -17.82
CA LEU E 159 -75.75 -55.89 -18.38
C LEU E 159 -75.00 -54.69 -17.88
N ARG E 160 -75.70 -53.61 -17.53
CA ARG E 160 -75.02 -52.45 -16.97
C ARG E 160 -74.44 -52.77 -15.60
N ALA E 161 -75.20 -53.48 -14.77
CA ALA E 161 -74.75 -53.74 -13.41
C ALA E 161 -73.64 -54.78 -13.39
N ILE E 162 -73.62 -55.67 -14.38
CA ILE E 162 -72.45 -56.53 -14.56
C ILE E 162 -71.28 -55.69 -15.05
N GLN E 163 -71.54 -54.76 -15.97
CA GLN E 163 -70.44 -53.93 -16.46
C GLN E 163 -70.02 -52.91 -15.42
N GLN E 164 -70.89 -52.59 -14.46
CA GLN E 164 -70.44 -51.72 -13.38
C GLN E 164 -69.68 -52.52 -12.34
N LEU E 165 -69.95 -53.82 -12.27
CA LEU E 165 -69.32 -54.65 -11.25
C LEU E 165 -67.86 -54.91 -11.55
N ALA E 166 -67.56 -55.33 -12.79
CA ALA E 166 -66.21 -55.80 -13.08
C ALA E 166 -65.25 -54.64 -13.26
N ARG E 167 -65.75 -53.42 -13.47
CA ARG E 167 -64.87 -52.26 -13.41
C ARG E 167 -64.35 -52.05 -12.00
N ASN E 168 -65.20 -52.29 -11.00
CA ASN E 168 -64.77 -52.11 -9.63
C ASN E 168 -63.84 -53.22 -9.20
N VAL E 169 -64.15 -54.46 -9.57
CA VAL E 169 -63.39 -55.61 -9.09
C VAL E 169 -61.99 -55.63 -9.69
N GLN E 170 -61.88 -55.28 -10.98
CA GLN E 170 -60.57 -55.18 -11.60
C GLN E 170 -59.75 -54.05 -11.02
N ALA E 171 -60.42 -53.00 -10.53
CA ALA E 171 -59.68 -51.89 -9.93
C ALA E 171 -59.20 -52.25 -8.53
N VAL E 172 -60.03 -52.92 -7.74
CA VAL E 172 -59.67 -53.11 -6.35
C VAL E 172 -58.75 -54.31 -6.19
N LEU E 173 -58.76 -55.24 -7.13
CA LEU E 173 -57.78 -56.32 -7.07
C LEU E 173 -56.46 -55.87 -7.64
N GLY E 174 -56.46 -54.78 -8.40
CA GLY E 174 -55.20 -54.19 -8.81
C GLY E 174 -54.60 -53.31 -7.73
N ALA E 175 -55.41 -52.94 -6.74
CA ALA E 175 -54.92 -52.09 -5.67
C ALA E 175 -54.07 -52.87 -4.68
N PHE E 176 -54.16 -54.20 -4.72
CA PHE E 176 -53.29 -55.00 -3.90
C PHE E 176 -51.99 -55.35 -4.63
N GLU E 177 -51.95 -55.06 -5.93
CA GLU E 177 -50.68 -55.07 -6.63
C GLU E 177 -50.08 -53.66 -6.67
N ARG E 178 -50.94 -52.63 -6.72
CA ARG E 178 -50.45 -51.27 -6.58
C ARG E 178 -50.12 -50.95 -5.13
N GLY E 179 -50.63 -51.76 -4.21
CA GLY E 179 -50.33 -51.51 -2.81
C GLY E 179 -49.03 -52.16 -2.38
N THR E 180 -48.54 -53.10 -3.17
CA THR E 180 -47.25 -53.72 -2.86
C THR E 180 -46.12 -52.74 -3.09
N ALA E 181 -46.20 -51.96 -4.16
CA ALA E 181 -45.19 -50.91 -4.38
C ALA E 181 -45.46 -49.69 -3.51
N ASP E 182 -46.59 -49.67 -2.82
CA ASP E 182 -46.79 -48.65 -1.81
C ASP E 182 -46.00 -48.99 -0.55
N GLN E 183 -46.12 -50.23 -0.09
CA GLN E 183 -45.46 -50.62 1.14
C GLN E 183 -43.97 -50.74 0.96
N MET E 184 -43.52 -51.31 -0.16
CA MET E 184 -42.09 -51.44 -0.42
C MET E 184 -41.43 -50.08 -0.55
N LEU E 185 -42.15 -49.08 -1.03
CA LEU E 185 -41.57 -47.76 -1.11
C LEU E 185 -41.63 -47.02 0.22
N HIS E 186 -42.54 -47.44 1.11
CA HIS E 186 -42.58 -46.85 2.45
C HIS E 186 -41.59 -47.53 3.39
N VAL E 187 -41.57 -48.87 3.42
CA VAL E 187 -40.78 -49.54 4.45
C VAL E 187 -39.30 -49.56 4.11
N LEU E 188 -38.96 -49.27 2.85
CA LEU E 188 -37.54 -49.10 2.55
C LEU E 188 -37.06 -47.72 2.96
N LEU E 189 -37.93 -46.70 2.82
CA LEU E 189 -37.59 -45.39 3.34
C LEU E 189 -37.54 -45.40 4.86
N GLU E 190 -38.35 -46.24 5.49
CA GLU E 190 -38.40 -46.28 6.95
C GLU E 190 -37.11 -46.86 7.53
N LYS E 191 -36.47 -47.77 6.80
CA LYS E 191 -35.18 -48.30 7.24
C LYS E 191 -34.00 -47.58 6.62
N ALA E 192 -34.21 -46.43 5.97
CA ALA E 192 -33.18 -45.80 5.18
C ALA E 192 -32.44 -44.74 5.96
N PRO E 193 -31.15 -44.92 6.19
CA PRO E 193 -30.33 -43.81 6.64
C PRO E 193 -30.13 -42.83 5.51
N PRO E 194 -30.09 -41.54 5.80
CA PRO E 194 -29.70 -40.58 4.77
C PRO E 194 -28.23 -40.73 4.45
N LEU E 195 -27.84 -40.26 3.27
CA LEU E 195 -26.51 -40.57 2.76
C LEU E 195 -25.43 -39.79 3.50
N ALA E 196 -25.73 -38.56 3.90
CA ALA E 196 -24.74 -37.76 4.60
C ALA E 196 -24.57 -38.24 6.03
N LEU E 197 -25.61 -38.81 6.62
CA LEU E 197 -25.48 -39.35 7.97
C LEU E 197 -25.06 -40.80 7.94
N LEU E 198 -24.69 -41.31 6.76
CA LEU E 198 -24.27 -42.70 6.67
C LEU E 198 -22.78 -42.79 6.44
N LEU E 199 -22.24 -41.96 5.56
CA LEU E 199 -20.89 -42.15 5.05
C LEU E 199 -19.79 -41.99 6.08
N PRO E 200 -19.86 -41.06 7.06
CA PRO E 200 -18.96 -41.22 8.21
C PRO E 200 -19.39 -42.37 9.11
N MET E 201 -20.69 -42.51 9.34
CA MET E 201 -21.19 -43.51 10.28
C MET E 201 -20.95 -44.93 9.77
N GLN E 202 -20.92 -45.12 8.46
CA GLN E 202 -20.52 -46.42 7.95
C GLN E 202 -19.02 -46.60 8.05
N ARG E 203 -18.26 -45.50 8.01
CA ARG E 203 -16.82 -45.59 7.98
C ARG E 203 -16.27 -46.01 9.34
N TYR E 204 -16.90 -45.54 10.42
CA TYR E 204 -16.45 -45.94 11.74
C TYR E 204 -16.98 -47.32 12.13
N LEU E 205 -17.93 -47.86 11.36
CA LEU E 205 -18.38 -49.21 11.64
C LEU E 205 -17.38 -50.24 11.15
N ASP E 206 -16.59 -49.89 10.15
CA ASP E 206 -15.35 -50.60 9.91
C ASP E 206 -14.39 -50.26 11.03
N ASN E 207 -13.61 -51.25 11.48
CA ASN E 207 -12.59 -51.23 12.54
C ASN E 207 -12.97 -50.42 13.79
N GLY E 208 -14.24 -50.50 14.17
CA GLY E 208 -14.73 -49.80 15.35
C GLY E 208 -15.67 -50.65 16.17
N THR E 212 -13.96 -45.92 23.55
CA THR E 212 -13.76 -45.07 22.38
C THR E 212 -14.68 -43.86 22.46
N ARG E 213 -14.64 -43.16 23.60
CA ARG E 213 -15.56 -42.05 23.80
C ARG E 213 -15.20 -40.87 22.91
N VAL E 214 -13.91 -40.70 22.65
CA VAL E 214 -13.49 -39.67 21.70
C VAL E 214 -13.90 -40.06 20.29
N ALA E 215 -13.95 -41.35 20.00
CA ALA E 215 -14.43 -41.78 18.70
C ALA E 215 -15.93 -41.58 18.57
N ARG E 216 -16.63 -41.43 19.68
CA ARG E 216 -18.01 -40.99 19.59
C ARG E 216 -18.08 -39.52 19.23
N ALA E 217 -17.25 -38.70 19.85
CA ALA E 217 -17.36 -37.26 19.65
C ALA E 217 -16.77 -36.86 18.31
N THR E 218 -15.64 -37.45 17.93
CA THR E 218 -15.05 -37.15 16.62
C THR E 218 -15.87 -37.74 15.49
N LEU E 219 -16.79 -38.64 15.79
CA LEU E 219 -17.83 -38.99 14.85
C LEU E 219 -18.81 -37.84 14.67
N VAL E 220 -19.37 -37.37 15.79
CA VAL E 220 -20.52 -36.46 15.73
C VAL E 220 -20.08 -35.08 15.25
N ALA E 221 -18.87 -34.66 15.62
CA ALA E 221 -18.36 -33.39 15.13
C ALA E 221 -18.06 -33.46 13.65
N GLU E 222 -17.83 -34.67 13.13
CA GLU E 222 -17.52 -34.84 11.72
C GLU E 222 -18.74 -35.34 10.96
N LEU E 223 -19.78 -35.71 11.68
CA LEU E 223 -21.03 -36.09 11.04
C LEU E 223 -21.75 -34.86 10.50
N LYS E 224 -21.84 -33.80 11.30
CA LYS E 224 -22.64 -32.64 10.91
C LYS E 224 -21.92 -31.78 9.90
N ARG E 225 -20.59 -31.92 9.80
CA ARG E 225 -19.86 -31.12 8.82
C ARG E 225 -20.10 -31.65 7.41
N SER E 226 -20.28 -32.96 7.28
CA SER E 226 -20.61 -33.51 5.98
C SER E 226 -22.04 -33.19 5.59
N PHE E 227 -22.97 -33.29 6.54
CA PHE E 227 -24.37 -33.03 6.24
C PHE E 227 -24.60 -31.57 5.91
N CYS E 228 -23.79 -30.68 6.49
CA CYS E 228 -23.88 -29.26 6.13
C CYS E 228 -23.29 -29.02 4.75
N ASP E 229 -22.51 -29.97 4.24
CA ASP E 229 -21.79 -29.71 2.99
C ASP E 229 -22.25 -30.62 1.87
N THR E 230 -22.50 -31.90 2.15
CA THR E 230 -22.95 -32.82 1.10
C THR E 230 -24.38 -33.23 1.40
N SER E 231 -25.30 -32.37 1.01
CA SER E 231 -26.72 -32.60 1.04
C SER E 231 -27.34 -31.64 0.05
N PHE E 232 -28.50 -32.03 -0.47
CA PHE E 232 -29.12 -31.40 -1.65
C PHE E 232 -28.12 -31.40 -2.81
N PHE E 233 -27.46 -32.53 -3.01
CA PHE E 233 -26.20 -32.51 -3.75
C PHE E 233 -26.42 -32.67 -5.24
N LEU E 234 -27.67 -32.68 -5.67
CA LEU E 234 -27.93 -32.56 -7.10
C LEU E 234 -28.25 -31.11 -7.44
N GLY E 235 -28.88 -30.40 -6.50
CA GLY E 235 -29.07 -28.97 -6.69
C GLY E 235 -27.77 -28.20 -6.56
N LYS E 236 -27.10 -28.36 -5.42
CA LYS E 236 -25.74 -27.88 -5.24
C LYS E 236 -24.85 -28.73 -6.13
N ALA E 237 -23.84 -28.12 -6.74
CA ALA E 237 -22.81 -28.74 -7.59
C ALA E 237 -23.38 -29.56 -8.73
N GLY E 238 -24.61 -29.29 -9.17
CA GLY E 238 -25.20 -30.10 -10.22
C GLY E 238 -24.79 -29.66 -11.60
N HIS E 239 -24.12 -28.51 -11.68
CA HIS E 239 -23.63 -28.07 -12.99
C HIS E 239 -22.43 -28.90 -13.43
N ARG E 240 -21.50 -29.18 -12.52
CA ARG E 240 -20.31 -29.94 -12.91
C ARG E 240 -20.62 -31.43 -12.82
N ARG E 241 -19.85 -32.25 -13.54
CA ARG E 241 -20.23 -33.63 -13.80
C ARG E 241 -19.45 -34.58 -12.91
N GLU E 242 -18.28 -34.17 -12.44
CA GLU E 242 -17.41 -35.09 -11.71
C GLU E 242 -17.94 -35.39 -10.32
N ALA E 243 -18.52 -34.39 -9.65
CA ALA E 243 -18.97 -34.58 -8.28
C ALA E 243 -20.21 -35.47 -8.22
N ILE E 244 -20.89 -35.66 -9.35
CA ILE E 244 -22.10 -36.47 -9.32
C ILE E 244 -21.78 -37.92 -9.66
N GLU E 245 -20.77 -38.15 -10.50
CA GLU E 245 -20.27 -39.51 -10.66
C GLU E 245 -19.65 -40.02 -9.38
N ALA E 246 -19.07 -39.12 -8.58
CA ALA E 246 -18.63 -39.50 -7.25
C ALA E 246 -19.81 -39.67 -6.32
N TRP E 247 -20.91 -38.97 -6.60
CA TRP E 247 -22.06 -39.04 -5.72
C TRP E 247 -22.85 -40.32 -5.94
N LEU E 248 -22.93 -40.79 -7.18
CA LEU E 248 -23.66 -42.02 -7.44
C LEU E 248 -22.91 -43.22 -6.92
N VAL E 249 -21.58 -43.18 -6.96
CA VAL E 249 -20.80 -44.31 -6.47
C VAL E 249 -20.77 -44.29 -4.94
N ASP E 250 -21.16 -43.17 -4.34
CA ASP E 250 -21.37 -43.15 -2.90
C ASP E 250 -22.68 -43.82 -2.51
N LEU E 251 -23.70 -43.73 -3.37
CA LEU E 251 -24.93 -44.46 -3.09
C LEU E 251 -24.70 -45.95 -3.22
N THR E 252 -24.00 -46.38 -4.26
CA THR E 252 -24.11 -47.77 -4.68
C THR E 252 -23.13 -48.65 -3.91
N THR E 253 -22.22 -48.03 -3.18
CA THR E 253 -21.26 -48.79 -2.39
C THR E 253 -21.44 -48.62 -0.88
N ALA E 254 -22.36 -47.75 -0.44
CA ALA E 254 -22.49 -47.52 0.99
C ALA E 254 -23.20 -48.67 1.68
N THR E 255 -24.10 -49.34 0.98
CA THR E 255 -24.93 -50.36 1.61
C THR E 255 -24.18 -51.68 1.73
N GLN E 256 -24.87 -52.68 2.28
CA GLN E 256 -24.29 -54.00 2.41
C GLN E 256 -25.11 -55.02 1.63
N PRO E 257 -24.52 -55.64 0.63
CA PRO E 257 -25.24 -56.68 -0.11
C PRO E 257 -25.29 -57.97 0.68
N SER E 258 -26.45 -58.27 1.26
CA SER E 258 -26.56 -59.45 2.11
C SER E 258 -27.96 -60.03 2.12
N VAL E 259 -28.23 -60.99 1.23
CA VAL E 259 -28.69 -62.35 1.50
C VAL E 259 -28.64 -63.06 0.16
N ALA E 260 -28.09 -64.27 0.11
CA ALA E 260 -27.97 -65.03 -1.13
C ALA E 260 -29.27 -65.75 -1.39
N VAL E 261 -30.10 -65.20 -2.29
CA VAL E 261 -31.34 -65.84 -2.71
C VAL E 261 -31.23 -66.12 -4.20
N PRO E 262 -31.02 -67.37 -4.61
CA PRO E 262 -31.11 -67.70 -6.04
C PRO E 262 -32.49 -68.20 -6.39
N ARG E 263 -33.40 -68.15 -5.42
CA ARG E 263 -34.78 -68.58 -5.64
C ARG E 263 -35.48 -67.63 -6.59
N LEU E 264 -35.07 -66.36 -6.61
CA LEU E 264 -35.41 -65.44 -7.69
C LEU E 264 -34.16 -65.18 -8.48
N THR E 265 -34.16 -65.62 -9.74
CA THR E 265 -33.05 -65.39 -10.64
C THR E 265 -33.31 -64.07 -11.33
N HIS E 266 -33.17 -62.96 -10.61
CA HIS E 266 -33.47 -61.67 -11.19
C HIS E 266 -32.33 -61.18 -12.07
N ALA E 267 -31.30 -62.00 -12.25
CA ALA E 267 -30.26 -61.78 -13.24
C ALA E 267 -30.87 -61.47 -14.59
N ASP E 268 -30.52 -60.30 -15.11
CA ASP E 268 -31.13 -59.79 -16.31
C ASP E 268 -30.02 -59.47 -17.30
N THR E 269 -30.42 -58.89 -18.43
CA THR E 269 -29.55 -58.20 -19.37
C THR E 269 -28.41 -59.09 -19.85
N ARG E 270 -28.76 -60.10 -20.64
CA ARG E 270 -27.90 -61.09 -21.31
C ARG E 270 -26.96 -61.84 -20.38
N GLY E 271 -27.11 -61.74 -19.06
CA GLY E 271 -26.28 -62.45 -18.11
C GLY E 271 -25.65 -61.64 -17.01
N ARG E 272 -25.77 -60.31 -17.03
CA ARG E 272 -25.14 -59.51 -16.00
C ARG E 272 -26.17 -59.08 -14.97
N PRO E 273 -26.13 -59.61 -13.74
CA PRO E 273 -27.29 -59.56 -12.85
C PRO E 273 -27.48 -58.20 -12.19
N VAL E 274 -28.74 -57.89 -11.87
CA VAL E 274 -29.14 -56.62 -11.32
C VAL E 274 -28.87 -56.65 -9.82
N ASP E 275 -28.34 -55.57 -9.27
CA ASP E 275 -28.17 -55.46 -7.82
C ASP E 275 -28.45 -54.07 -7.28
N GLY E 276 -29.55 -53.44 -7.66
CA GLY E 276 -29.94 -52.16 -7.09
C GLY E 276 -31.34 -51.77 -7.49
N VAL E 277 -31.82 -50.66 -6.93
CA VAL E 277 -33.18 -50.24 -7.24
C VAL E 277 -33.20 -48.82 -7.79
N LEU E 278 -32.83 -47.84 -6.96
CA LEU E 278 -32.83 -46.41 -7.31
C LEU E 278 -34.17 -45.90 -7.82
N VAL E 279 -35.21 -45.93 -6.97
CA VAL E 279 -36.45 -45.24 -7.28
C VAL E 279 -36.19 -43.76 -7.10
N THR E 280 -36.40 -42.97 -8.16
CA THR E 280 -35.77 -41.64 -8.20
C THR E 280 -36.62 -40.50 -8.79
N THR E 281 -37.92 -40.41 -8.51
CA THR E 281 -38.82 -39.26 -8.77
C THR E 281 -38.70 -38.58 -10.15
N ALA E 282 -39.30 -39.22 -11.17
CA ALA E 282 -38.86 -39.24 -12.57
C ALA E 282 -38.37 -37.91 -13.16
N ALA E 283 -38.74 -36.78 -12.56
CA ALA E 283 -38.19 -35.49 -13.00
C ALA E 283 -36.68 -35.43 -12.78
N ILE E 284 -36.17 -36.18 -11.82
CA ILE E 284 -34.72 -36.31 -11.63
C ILE E 284 -34.15 -37.34 -12.59
N LYS E 285 -34.89 -38.41 -12.86
CA LYS E 285 -34.38 -39.48 -13.70
C LYS E 285 -34.17 -38.99 -15.13
N GLN E 286 -34.93 -37.98 -15.54
CA GLN E 286 -34.71 -37.36 -16.83
C GLN E 286 -33.40 -36.58 -16.83
N ARG E 287 -32.97 -36.08 -15.67
CA ARG E 287 -31.80 -35.22 -15.61
C ARG E 287 -30.55 -36.02 -15.28
N LEU E 288 -30.71 -37.16 -14.60
CA LEU E 288 -29.56 -37.99 -14.25
C LEU E 288 -28.88 -38.58 -15.47
N LEU E 289 -29.65 -39.21 -16.35
CA LEU E 289 -29.01 -39.95 -17.42
C LEU E 289 -28.55 -39.03 -18.54
N GLN E 290 -29.35 -38.02 -18.89
CA GLN E 290 -29.16 -37.32 -20.17
C GLN E 290 -27.88 -36.49 -20.18
N SER E 291 -27.29 -36.24 -19.01
CA SER E 291 -26.00 -35.58 -18.97
C SER E 291 -24.95 -36.44 -18.31
N PHE E 292 -25.29 -37.07 -17.18
CA PHE E 292 -24.26 -37.67 -16.34
C PHE E 292 -24.05 -39.13 -16.67
N LEU E 293 -25.12 -39.90 -16.68
CA LEU E 293 -25.02 -41.34 -16.85
C LEU E 293 -25.97 -41.93 -17.87
N LYS E 294 -26.00 -41.41 -19.10
CA LYS E 294 -26.72 -42.08 -20.18
C LYS E 294 -26.04 -43.37 -20.59
N VAL E 295 -26.00 -44.34 -19.69
CA VAL E 295 -25.52 -45.67 -19.98
C VAL E 295 -26.71 -46.58 -19.80
N GLU E 296 -27.55 -46.65 -20.81
CA GLU E 296 -28.67 -47.58 -20.80
C GLU E 296 -28.13 -48.84 -21.45
N ASP E 297 -27.85 -49.85 -20.63
CA ASP E 297 -27.20 -51.06 -21.12
C ASP E 297 -28.10 -51.81 -22.08
N THR E 298 -29.30 -52.17 -21.63
CA THR E 298 -30.39 -52.46 -22.56
C THR E 298 -31.59 -51.65 -22.09
N GLU E 299 -32.73 -51.96 -22.68
CA GLU E 299 -33.99 -51.44 -22.20
C GLU E 299 -34.92 -52.56 -21.77
N ALA E 300 -34.38 -53.73 -21.46
CA ALA E 300 -35.19 -54.88 -21.10
C ALA E 300 -34.47 -55.71 -20.05
N ASP E 301 -35.26 -56.30 -19.15
CA ASP E 301 -34.72 -57.07 -18.04
C ASP E 301 -35.47 -58.38 -17.93
N VAL E 302 -35.04 -59.20 -16.99
CA VAL E 302 -35.56 -60.54 -16.78
C VAL E 302 -35.99 -60.66 -15.32
N PRO E 303 -37.25 -60.36 -14.98
CA PRO E 303 -37.74 -60.72 -13.66
C PRO E 303 -38.32 -62.12 -13.63
N VAL E 304 -38.96 -62.48 -12.52
CA VAL E 304 -39.50 -63.81 -12.30
C VAL E 304 -40.97 -63.70 -11.88
N THR E 305 -41.53 -64.83 -11.48
CA THR E 305 -42.87 -64.89 -10.92
C THR E 305 -42.79 -65.30 -9.45
N TYR E 306 -43.90 -65.14 -8.70
CA TYR E 306 -43.96 -65.51 -7.29
C TYR E 306 -43.63 -66.97 -7.04
N GLY E 307 -42.79 -67.22 -6.04
CA GLY E 307 -42.76 -68.53 -5.43
C GLY E 307 -43.65 -68.55 -4.19
N GLU E 308 -44.39 -69.63 -4.02
CA GLU E 308 -45.42 -69.69 -2.99
C GLU E 308 -44.98 -70.65 -1.89
N MET E 309 -45.64 -70.56 -0.75
CA MET E 309 -45.23 -71.29 0.44
C MET E 309 -46.47 -71.71 1.20
N VAL E 310 -46.89 -72.96 1.00
CA VAL E 310 -48.19 -73.47 1.44
C VAL E 310 -47.93 -74.62 2.39
N LEU E 311 -48.81 -74.76 3.38
CA LEU E 311 -48.76 -75.88 4.31
C LEU E 311 -49.16 -77.14 3.56
N ASN E 312 -48.18 -77.78 2.92
CA ASN E 312 -48.51 -78.92 2.08
C ASN E 312 -48.71 -80.17 2.93
N GLY E 313 -47.65 -80.63 3.57
CA GLY E 313 -47.67 -81.92 4.23
C GLY E 313 -47.61 -81.85 5.73
N ALA E 314 -46.40 -82.05 6.28
CA ALA E 314 -46.24 -82.20 7.72
C ALA E 314 -46.53 -80.89 8.46
N ASN E 315 -46.49 -79.77 7.74
CA ASN E 315 -46.72 -78.50 8.40
C ASN E 315 -48.20 -78.31 8.76
N LEU E 316 -49.10 -79.06 8.12
CA LEU E 316 -50.50 -79.00 8.53
C LEU E 316 -50.73 -79.70 9.87
N VAL E 317 -49.91 -80.71 10.17
CA VAL E 317 -50.05 -81.37 11.46
C VAL E 317 -49.39 -80.53 12.55
N THR E 318 -48.19 -80.02 12.27
CA THR E 318 -47.41 -79.34 13.29
C THR E 318 -47.98 -77.98 13.63
N ALA E 319 -48.70 -77.36 12.70
CA ALA E 319 -49.36 -76.11 13.04
C ALA E 319 -50.58 -76.38 13.92
N LEU E 320 -51.18 -77.55 13.78
CA LEU E 320 -52.42 -77.84 14.47
C LEU E 320 -52.19 -78.68 15.72
N VAL E 321 -51.56 -79.84 15.57
CA VAL E 321 -51.31 -80.70 16.72
C VAL E 321 -50.30 -80.06 17.66
N MET E 322 -49.22 -79.54 17.12
CA MET E 322 -48.30 -78.72 17.90
C MET E 322 -48.66 -77.26 17.64
N GLY E 323 -47.78 -76.37 18.09
CA GLY E 323 -47.91 -74.98 17.71
C GLY E 323 -47.05 -74.61 16.52
N LYS E 324 -45.77 -74.96 16.57
CA LYS E 324 -44.78 -74.38 15.67
C LYS E 324 -44.86 -75.01 14.29
N ALA E 325 -44.53 -74.21 13.28
CA ALA E 325 -44.69 -74.62 11.89
C ALA E 325 -43.49 -74.21 11.06
N VAL E 326 -42.29 -74.64 11.45
CA VAL E 326 -41.03 -74.23 10.84
C VAL E 326 -40.98 -74.54 9.35
N ARG E 327 -40.69 -73.51 8.55
CA ARG E 327 -40.72 -73.51 7.09
C ARG E 327 -39.84 -74.56 6.45
N SER E 328 -40.34 -75.17 5.36
CA SER E 328 -39.66 -76.21 4.58
C SER E 328 -39.26 -77.40 5.45
N LEU E 329 -40.20 -77.82 6.29
CA LEU E 329 -39.92 -78.90 7.24
C LEU E 329 -39.90 -80.25 6.53
N ASP E 330 -40.36 -80.28 5.28
CA ASP E 330 -40.20 -81.44 4.43
C ASP E 330 -38.73 -81.64 4.05
N ASP E 331 -37.99 -80.55 3.93
CA ASP E 331 -36.59 -80.65 3.51
C ASP E 331 -35.65 -80.67 4.71
N VAL E 332 -35.95 -79.85 5.72
CA VAL E 332 -35.12 -79.78 6.92
C VAL E 332 -35.17 -81.10 7.68
N GLY E 333 -36.35 -81.72 7.74
CA GLY E 333 -36.46 -83.02 8.36
C GLY E 333 -35.73 -84.09 7.58
N ARG E 334 -35.64 -83.91 6.26
CA ARG E 334 -34.87 -84.84 5.46
C ARG E 334 -33.38 -84.65 5.71
N HIS E 335 -32.95 -83.42 5.92
CA HIS E 335 -31.52 -83.15 6.15
C HIS E 335 -31.11 -83.55 7.57
N LEU E 336 -32.03 -83.45 8.52
CA LEU E 336 -31.70 -83.84 9.89
C LEU E 336 -31.67 -85.34 10.05
N LEU E 337 -32.44 -86.07 9.23
CA LEU E 337 -32.43 -87.52 9.32
C LEU E 337 -31.33 -88.14 8.47
N ASP E 338 -30.52 -87.31 7.81
CA ASP E 338 -29.45 -87.85 7.00
C ASP E 338 -28.10 -87.76 7.68
N MET E 339 -28.02 -87.15 8.87
CA MET E 339 -26.70 -86.83 9.40
C MET E 339 -26.25 -87.83 10.46
N GLN E 340 -27.16 -88.29 11.31
CA GLN E 340 -26.70 -89.05 12.47
C GLN E 340 -26.40 -90.51 12.19
N GLU E 341 -26.93 -91.07 11.10
CA GLU E 341 -26.81 -92.51 10.88
C GLU E 341 -25.49 -92.86 10.21
N GLU E 342 -24.86 -91.88 9.55
CA GLU E 342 -23.60 -92.02 8.79
C GLU E 342 -23.64 -93.14 7.76
N PRO E 358 -37.40 -71.06 -12.46
CA PRO E 358 -38.64 -70.28 -12.46
C PRO E 358 -39.18 -70.00 -13.85
N GLN E 359 -39.90 -68.90 -14.01
CA GLN E 359 -40.50 -68.52 -15.27
C GLN E 359 -40.20 -67.05 -15.55
N THR E 360 -39.57 -66.79 -16.69
CA THR E 360 -38.93 -65.52 -16.97
C THR E 360 -39.75 -64.70 -17.95
N THR E 361 -39.46 -63.41 -18.02
CA THR E 361 -40.21 -62.47 -18.86
C THR E 361 -39.28 -61.33 -19.27
N ARG E 362 -39.15 -61.09 -20.56
CA ARG E 362 -38.40 -59.93 -21.01
C ARG E 362 -39.30 -58.70 -20.98
N VAL E 363 -39.11 -57.84 -19.99
CA VAL E 363 -39.98 -56.69 -19.80
C VAL E 363 -39.10 -55.46 -19.67
N ARG E 364 -39.66 -54.29 -19.98
CA ARG E 364 -38.86 -53.07 -20.07
C ARG E 364 -38.47 -52.58 -18.68
N ALA E 365 -37.19 -52.28 -18.52
CA ALA E 365 -36.70 -51.69 -17.29
C ALA E 365 -35.52 -50.79 -17.63
N ASP E 366 -35.41 -49.70 -16.89
CA ASP E 366 -34.42 -48.69 -17.16
C ASP E 366 -33.14 -49.08 -16.45
N LEU E 367 -32.00 -48.92 -17.12
CA LEU E 367 -30.74 -49.48 -16.66
C LEU E 367 -29.65 -48.43 -16.67
N VAL E 368 -28.83 -48.42 -15.62
CA VAL E 368 -27.54 -47.75 -15.61
C VAL E 368 -26.51 -48.71 -15.06
N ALA E 369 -25.26 -48.51 -15.45
CA ALA E 369 -24.14 -49.17 -14.81
C ALA E 369 -23.44 -48.15 -13.93
N ILE E 370 -23.34 -48.43 -12.64
CA ILE E 370 -22.69 -47.54 -11.69
C ILE E 370 -21.41 -48.18 -11.21
N GLY E 371 -20.28 -47.62 -11.66
CA GLY E 371 -18.96 -48.00 -11.22
C GLY E 371 -18.57 -49.29 -11.88
N ASP E 372 -19.02 -50.39 -11.28
CA ASP E 372 -19.25 -51.65 -11.98
C ASP E 372 -20.32 -52.45 -11.25
N ARG E 373 -21.58 -52.10 -11.50
CA ARG E 373 -22.77 -52.66 -10.86
C ARG E 373 -23.93 -52.25 -11.75
N LEU E 374 -24.74 -53.22 -12.13
CA LEU E 374 -25.84 -52.99 -13.05
C LEU E 374 -27.11 -52.78 -12.22
N VAL E 375 -27.59 -51.54 -12.20
CA VAL E 375 -28.60 -51.10 -11.24
C VAL E 375 -29.74 -50.46 -12.02
N PHE E 376 -30.98 -50.78 -11.64
CA PHE E 376 -32.17 -50.19 -12.25
C PHE E 376 -32.24 -48.68 -12.00
N LEU E 377 -32.99 -47.99 -12.82
CA LEU E 377 -33.52 -46.66 -12.48
C LEU E 377 -35.04 -46.74 -12.54
N GLU E 378 -35.65 -47.17 -11.45
CA GLU E 378 -37.10 -47.19 -11.36
C GLU E 378 -37.54 -45.77 -11.08
N ALA E 379 -38.72 -45.42 -11.55
CA ALA E 379 -39.35 -44.14 -11.23
C ALA E 379 -40.83 -44.35 -11.46
N LEU E 380 -41.58 -44.38 -10.39
CA LEU E 380 -42.93 -44.91 -10.43
C LEU E 380 -43.88 -43.76 -10.15
N GLU E 381 -44.13 -42.93 -11.16
CA GLU E 381 -45.15 -41.91 -11.00
C GLU E 381 -46.25 -42.10 -12.02
N ARG E 382 -45.89 -42.12 -13.30
CA ARG E 382 -46.90 -42.36 -14.31
C ARG E 382 -47.20 -43.85 -14.44
N ARG E 383 -46.39 -44.68 -13.79
CA ARG E 383 -46.63 -46.12 -13.84
C ARG E 383 -47.73 -46.52 -12.87
N ILE E 384 -47.61 -46.13 -11.61
CA ILE E 384 -48.55 -46.61 -10.61
C ILE E 384 -49.31 -45.49 -9.92
N TYR E 385 -48.82 -44.26 -10.00
CA TYR E 385 -49.42 -43.17 -9.25
C TYR E 385 -50.05 -42.11 -10.14
N ALA E 386 -50.81 -42.49 -11.16
CA ALA E 386 -51.33 -41.49 -12.08
C ALA E 386 -52.47 -40.70 -11.45
N ALA E 387 -53.59 -41.36 -11.22
CA ALA E 387 -54.76 -40.69 -10.67
C ALA E 387 -55.23 -41.34 -9.38
N THR E 388 -54.30 -41.69 -8.49
CA THR E 388 -54.67 -42.43 -7.30
C THR E 388 -55.04 -41.50 -6.16
N ASN E 389 -54.63 -40.23 -6.26
CA ASN E 389 -54.64 -39.22 -5.20
C ASN E 389 -53.88 -39.69 -3.97
N VAL E 390 -52.85 -40.50 -4.12
CA VAL E 390 -51.91 -40.83 -3.06
C VAL E 390 -50.64 -40.03 -3.32
N PRO E 391 -50.11 -39.34 -2.31
CA PRO E 391 -48.85 -38.61 -2.51
C PRO E 391 -47.68 -39.56 -2.71
N TYR E 392 -46.83 -39.21 -3.66
CA TYR E 392 -45.60 -39.95 -3.92
C TYR E 392 -44.71 -39.88 -2.69
N PRO E 393 -44.22 -41.01 -2.18
CA PRO E 393 -43.50 -40.97 -0.91
C PRO E 393 -42.12 -40.35 -0.99
N LEU E 394 -41.37 -40.58 -2.07
CA LEU E 394 -39.98 -40.16 -2.07
C LEU E 394 -39.83 -38.65 -2.21
N VAL E 395 -40.79 -37.98 -2.84
CA VAL E 395 -40.85 -36.55 -2.60
C VAL E 395 -41.35 -36.34 -1.18
N GLY E 396 -40.51 -35.76 -0.36
CA GLY E 396 -40.83 -35.58 1.04
C GLY E 396 -40.43 -34.20 1.49
N ALA E 397 -40.79 -33.87 2.71
CA ALA E 397 -40.49 -32.58 3.29
C ALA E 397 -39.17 -32.67 4.05
N MET E 398 -38.70 -31.52 4.53
CA MET E 398 -37.61 -31.46 5.46
C MET E 398 -37.77 -30.19 6.29
N ASP E 399 -37.71 -30.33 7.61
CA ASP E 399 -37.87 -29.20 8.52
C ASP E 399 -36.51 -28.68 8.94
N LEU E 400 -36.39 -27.36 9.02
CA LEU E 400 -35.21 -26.73 9.55
C LEU E 400 -35.61 -25.60 10.51
N THR E 401 -34.72 -25.31 11.44
CA THR E 401 -34.89 -24.21 12.37
C THR E 401 -33.73 -23.26 12.16
N PHE E 402 -34.00 -21.97 12.09
CA PHE E 402 -32.95 -21.00 11.84
C PHE E 402 -32.79 -20.06 13.01
N VAL E 403 -31.55 -19.62 13.23
CA VAL E 403 -31.21 -18.76 14.36
C VAL E 403 -30.68 -17.44 13.82
N LEU E 404 -31.27 -16.35 14.26
CA LEU E 404 -30.89 -15.02 13.81
C LEU E 404 -30.78 -14.12 15.03
N PRO E 405 -29.77 -13.29 15.10
CA PRO E 405 -29.67 -12.38 16.24
C PRO E 405 -30.34 -11.04 16.00
N LEU E 406 -31.17 -10.60 16.95
CA LEU E 406 -31.63 -9.23 16.96
C LEU E 406 -30.79 -8.42 17.94
N GLY E 407 -30.41 -7.22 17.51
CA GLY E 407 -30.01 -6.18 18.43
C GLY E 407 -28.72 -6.40 19.17
N LEU E 408 -27.93 -7.41 18.82
CA LEU E 408 -26.71 -7.67 19.56
C LEU E 408 -25.65 -6.64 19.21
N PHE E 409 -24.51 -6.76 19.88
CA PHE E 409 -23.48 -5.76 19.80
C PHE E 409 -22.16 -6.46 19.53
N ASN E 410 -21.32 -5.83 18.73
CA ASN E 410 -20.06 -6.43 18.34
C ASN E 410 -19.12 -6.49 19.55
N PRO E 411 -18.14 -7.38 19.53
CA PRO E 411 -17.10 -7.34 20.56
C PRO E 411 -16.21 -6.12 20.40
N ALA E 412 -15.24 -6.01 21.30
CA ALA E 412 -14.46 -4.77 21.40
C ALA E 412 -13.50 -4.62 20.22
N MET E 413 -13.13 -5.73 19.58
CA MET E 413 -12.13 -5.63 18.53
C MET E 413 -12.78 -5.38 17.19
N GLU E 414 -14.04 -5.77 17.04
CA GLU E 414 -14.66 -5.78 15.73
C GLU E 414 -15.61 -4.62 15.54
N ARG E 415 -15.25 -3.43 16.00
CA ARG E 415 -16.11 -2.29 15.68
C ARG E 415 -15.42 -1.35 14.70
N PHE E 416 -14.49 -1.91 13.94
CA PHE E 416 -13.74 -1.14 12.96
C PHE E 416 -14.59 -0.82 11.74
N ALA E 417 -14.08 0.05 10.89
CA ALA E 417 -14.55 0.10 9.52
C ALA E 417 -13.59 -0.66 8.62
N ALA E 418 -14.11 -1.17 7.52
CA ALA E 418 -13.28 -1.96 6.62
C ALA E 418 -12.35 -1.07 5.81
N HIS E 419 -12.69 0.20 5.70
CA HIS E 419 -11.80 1.20 5.11
C HIS E 419 -12.19 2.53 5.74
N ALA E 420 -11.33 3.53 5.63
CA ALA E 420 -11.62 4.81 6.27
C ALA E 420 -12.77 5.52 5.58
N GLY E 421 -12.80 5.47 4.26
CA GLY E 421 -13.70 6.33 3.53
C GLY E 421 -14.88 5.62 2.90
N ASP E 422 -15.55 4.74 3.62
CA ASP E 422 -16.74 4.07 3.10
C ASP E 422 -17.98 4.52 3.87
N LEU E 423 -19.13 4.53 3.18
CA LEU E 423 -20.46 4.55 3.78
C LEU E 423 -20.72 5.81 4.59
N VAL E 424 -20.07 6.90 4.21
CA VAL E 424 -20.27 8.20 4.85
C VAL E 424 -21.46 8.89 4.18
N PRO E 425 -22.38 9.50 4.92
CA PRO E 425 -23.43 10.28 4.28
C PRO E 425 -22.96 11.67 3.92
N ALA E 426 -23.87 12.50 3.40
CA ALA E 426 -23.59 13.89 3.06
C ALA E 426 -23.17 14.64 4.32
N PRO E 427 -22.26 15.62 4.19
CA PRO E 427 -21.50 16.08 5.38
C PRO E 427 -22.29 16.82 6.47
N GLY E 428 -23.62 16.85 6.41
CA GLY E 428 -24.42 17.31 7.52
C GLY E 428 -25.19 16.23 8.24
N HIS E 429 -24.85 14.96 8.04
CA HIS E 429 -25.75 13.88 8.41
C HIS E 429 -25.09 12.97 9.44
N PRO E 430 -25.86 12.27 10.29
CA PRO E 430 -25.33 11.89 11.60
C PRO E 430 -24.40 10.69 11.62
N GLU E 431 -24.13 10.02 10.50
CA GLU E 431 -23.46 8.72 10.46
C GLU E 431 -24.15 7.71 11.39
N PRO E 432 -25.29 7.14 10.98
CA PRO E 432 -26.02 6.23 11.85
C PRO E 432 -25.40 4.86 12.01
N ARG E 433 -24.22 4.61 11.44
CA ARG E 433 -23.62 3.29 11.55
C ARG E 433 -22.95 3.09 12.90
N ALA E 434 -22.80 4.17 13.66
CA ALA E 434 -22.30 4.03 15.02
C ALA E 434 -23.40 3.63 16.00
N PHE E 435 -24.65 3.62 15.55
CA PHE E 435 -25.75 3.34 16.46
C PHE E 435 -25.82 1.83 16.70
N PRO E 436 -26.21 1.41 17.90
CA PRO E 436 -26.38 -0.02 18.15
C PRO E 436 -27.57 -0.55 17.37
N PRO E 437 -27.43 -1.68 16.70
CA PRO E 437 -28.48 -2.14 15.79
C PRO E 437 -29.71 -2.58 16.54
N ARG E 438 -30.87 -2.34 15.93
CA ARG E 438 -32.16 -2.72 16.47
C ARG E 438 -32.96 -3.51 15.46
N GLN E 439 -32.36 -3.84 14.31
CA GLN E 439 -33.07 -4.33 13.15
C GLN E 439 -32.35 -5.56 12.62
N LEU E 440 -32.88 -6.13 11.55
CA LEU E 440 -32.23 -7.21 10.83
C LEU E 440 -32.77 -7.24 9.41
N PHE E 441 -32.00 -7.75 8.46
CA PHE E 441 -32.39 -7.74 7.07
C PHE E 441 -31.96 -9.04 6.39
N PHE E 442 -32.90 -9.73 5.76
CA PHE E 442 -32.64 -11.04 5.18
C PHE E 442 -33.62 -11.29 4.04
N TRP E 443 -33.51 -12.45 3.38
CA TRP E 443 -34.34 -12.73 2.21
C TRP E 443 -35.37 -13.82 2.47
N GLY E 444 -36.60 -13.58 2.03
CA GLY E 444 -37.63 -14.59 2.00
C GLY E 444 -37.58 -15.40 0.73
N LYS E 445 -38.75 -15.76 0.22
CA LYS E 445 -38.81 -16.61 -0.97
C LYS E 445 -38.74 -15.81 -2.27
N ASP E 446 -37.86 -14.83 -2.34
CA ASP E 446 -37.87 -13.83 -3.40
C ASP E 446 -36.63 -12.97 -3.40
N HIS E 447 -36.71 -11.85 -4.10
CA HIS E 447 -35.89 -10.69 -3.83
C HIS E 447 -36.46 -9.83 -2.71
N GLN E 448 -37.48 -10.30 -1.99
CA GLN E 448 -37.99 -9.56 -0.84
C GLN E 448 -36.97 -9.51 0.27
N VAL E 449 -36.57 -8.31 0.64
CA VAL E 449 -35.80 -8.14 1.85
C VAL E 449 -36.76 -7.94 3.03
N LEU E 450 -36.54 -8.71 4.08
CA LEU E 450 -37.46 -8.77 5.20
C LEU E 450 -36.79 -8.23 6.45
N ARG E 451 -37.59 -7.63 7.31
CA ARG E 451 -37.08 -6.70 8.31
C ARG E 451 -37.65 -7.07 9.66
N LEU E 452 -36.77 -7.44 10.60
CA LEU E 452 -37.23 -7.85 11.92
C LEU E 452 -37.57 -6.66 12.81
N SER E 453 -36.60 -5.84 13.19
CA SER E 453 -36.85 -4.53 13.80
C SER E 453 -37.62 -4.57 15.13
N MET E 454 -36.89 -4.69 16.26
CA MET E 454 -37.33 -5.08 17.62
C MET E 454 -38.73 -4.60 18.02
N GLU E 455 -39.27 -3.54 17.42
CA GLU E 455 -40.69 -3.21 17.60
C GLU E 455 -41.63 -4.33 17.14
N ASN E 456 -41.14 -5.28 16.36
CA ASN E 456 -41.92 -6.48 16.07
C ASN E 456 -42.02 -7.39 17.28
N ALA E 457 -41.05 -7.30 18.20
CA ALA E 457 -40.97 -8.19 19.35
C ALA E 457 -41.83 -7.73 20.51
N VAL E 458 -42.78 -6.84 20.27
CA VAL E 458 -43.51 -6.22 21.35
C VAL E 458 -44.62 -7.15 21.84
N GLY E 459 -44.94 -8.18 21.06
CA GLY E 459 -45.96 -9.12 21.50
C GLY E 459 -45.36 -10.29 22.24
N THR E 460 -44.06 -10.49 22.09
CA THR E 460 -43.40 -11.62 22.74
C THR E 460 -43.02 -11.29 24.18
N VAL E 461 -42.37 -10.14 24.39
CA VAL E 461 -41.78 -9.88 25.70
C VAL E 461 -42.75 -9.12 26.61
N CYS E 462 -43.65 -8.31 26.04
CA CYS E 462 -44.53 -7.50 26.88
C CYS E 462 -45.71 -8.28 27.43
N HIS E 463 -45.81 -9.57 27.13
CA HIS E 463 -46.80 -10.41 27.76
C HIS E 463 -46.49 -10.51 29.25
N PRO E 464 -47.51 -10.52 30.10
CA PRO E 464 -47.28 -10.57 31.55
C PRO E 464 -47.00 -11.96 32.11
N SER E 465 -46.07 -12.68 31.47
CA SER E 465 -45.38 -13.80 32.08
C SER E 465 -43.91 -13.49 32.30
N LEU E 466 -43.47 -12.32 31.90
CA LEU E 466 -42.13 -11.85 32.21
C LEU E 466 -41.94 -11.71 33.71
N MET E 467 -42.97 -11.26 34.41
CA MET E 467 -42.84 -11.05 35.84
C MET E 467 -43.12 -12.34 36.62
N ASN E 468 -43.63 -13.36 35.95
CA ASN E 468 -43.99 -14.59 36.66
C ASN E 468 -42.75 -15.44 36.90
N ILE E 469 -42.21 -15.38 38.11
CA ILE E 469 -41.01 -16.11 38.48
C ILE E 469 -41.20 -16.96 39.73
N ASP E 470 -42.44 -17.32 40.04
CA ASP E 470 -42.70 -18.08 41.26
C ASP E 470 -42.11 -19.48 41.19
N ALA E 471 -42.14 -20.09 40.00
CA ALA E 471 -41.48 -21.38 39.82
C ALA E 471 -39.98 -21.20 39.70
N ALA E 472 -39.54 -19.99 39.38
CA ALA E 472 -38.11 -19.74 39.24
C ALA E 472 -37.42 -19.68 40.59
N VAL E 473 -37.83 -18.72 41.43
CA VAL E 473 -37.15 -18.52 42.70
C VAL E 473 -37.49 -19.65 43.67
N GLY E 474 -38.71 -20.18 43.58
CA GLY E 474 -39.12 -21.21 44.51
C GLY E 474 -38.56 -22.56 44.13
N GLY E 475 -38.50 -22.85 42.83
CA GLY E 475 -38.02 -24.15 42.40
C GLY E 475 -36.52 -24.29 42.53
N VAL E 476 -35.78 -23.19 42.43
CA VAL E 476 -34.34 -23.27 42.56
C VAL E 476 -33.94 -23.23 44.03
N ASN E 477 -34.90 -22.98 44.92
CA ASN E 477 -34.58 -22.71 46.31
C ASN E 477 -34.30 -23.97 47.12
N HIS E 478 -34.20 -25.12 46.46
CA HIS E 478 -33.61 -26.29 47.08
C HIS E 478 -32.09 -26.19 47.03
N ASP E 479 -31.43 -27.17 47.68
CA ASP E 479 -29.98 -27.27 47.89
C ASP E 479 -29.42 -25.98 48.49
N PRO E 480 -29.71 -25.67 49.75
CA PRO E 480 -29.47 -24.32 50.27
C PRO E 480 -28.00 -24.02 50.52
N VAL E 481 -27.54 -22.92 49.91
CA VAL E 481 -26.20 -22.41 50.19
C VAL E 481 -26.26 -21.44 51.37
N GLU E 482 -25.25 -21.52 52.23
CA GLU E 482 -25.24 -20.72 53.43
C GLU E 482 -24.96 -19.26 53.11
N ALA E 483 -25.13 -18.41 54.12
CA ALA E 483 -24.94 -16.98 53.98
C ALA E 483 -23.45 -16.70 53.79
N ALA E 484 -23.10 -16.08 52.66
CA ALA E 484 -21.71 -15.78 52.37
C ALA E 484 -21.35 -14.36 52.78
N ASN E 485 -21.82 -13.93 53.97
CA ASN E 485 -21.70 -12.60 54.53
C ASN E 485 -22.36 -11.58 53.63
N PRO E 486 -23.68 -11.47 53.65
CA PRO E 486 -24.35 -10.46 52.83
C PRO E 486 -24.10 -9.04 53.32
N TYR E 487 -23.95 -8.12 52.37
CA TYR E 487 -23.89 -6.72 52.76
C TYR E 487 -25.12 -5.97 52.27
N GLY E 488 -25.35 -5.96 50.96
CA GLY E 488 -26.44 -5.20 50.40
C GLY E 488 -27.70 -6.04 50.26
N ALA E 489 -27.76 -7.17 50.95
CA ALA E 489 -28.95 -8.00 50.88
C ALA E 489 -29.88 -7.73 52.05
N TYR E 490 -29.43 -6.92 53.01
CA TYR E 490 -30.22 -6.67 54.21
C TYR E 490 -30.52 -5.19 54.35
N VAL E 491 -31.71 -4.88 54.86
CA VAL E 491 -32.08 -3.51 55.18
C VAL E 491 -32.31 -3.41 56.68
N ALA E 492 -31.60 -2.52 57.33
CA ALA E 492 -31.73 -2.33 58.77
C ALA E 492 -32.75 -1.25 59.04
N ALA E 493 -33.34 -1.28 60.23
CA ALA E 493 -34.21 -0.20 60.64
C ALA E 493 -33.38 1.04 60.96
N PRO E 494 -33.82 2.23 60.56
CA PRO E 494 -33.06 3.44 60.87
C PRO E 494 -33.20 3.81 62.34
N ALA E 495 -32.14 3.56 63.10
CA ALA E 495 -32.19 3.63 64.55
C ALA E 495 -31.24 4.70 65.04
N GLY E 496 -31.61 5.34 66.16
CA GLY E 496 -30.83 6.41 66.72
C GLY E 496 -30.94 7.66 65.88
N PRO E 497 -30.13 8.66 66.19
CA PRO E 497 -30.01 9.80 65.27
C PRO E 497 -29.17 9.39 64.07
N GLY E 498 -29.23 10.20 63.02
CA GLY E 498 -28.45 9.88 61.84
C GLY E 498 -26.97 10.17 62.01
N ALA E 499 -26.63 11.02 62.98
CA ALA E 499 -25.28 11.54 63.10
C ALA E 499 -24.28 10.45 63.48
N ASP E 500 -24.67 9.56 64.37
CA ASP E 500 -23.78 8.48 64.75
C ASP E 500 -24.04 7.20 63.97
N MET E 501 -25.04 7.22 63.08
CA MET E 501 -25.62 5.99 62.55
C MET E 501 -24.64 5.22 61.68
N GLN E 502 -23.82 5.93 60.90
CA GLN E 502 -22.76 5.26 60.16
C GLN E 502 -21.63 4.86 61.10
N GLN E 503 -21.28 5.75 62.03
CA GLN E 503 -20.28 5.44 63.05
C GLN E 503 -20.73 4.28 63.92
N ARG E 504 -22.03 4.19 64.17
CA ARG E 504 -22.61 3.02 64.81
C ARG E 504 -22.49 1.78 63.92
N PHE E 505 -22.62 1.98 62.61
CA PHE E 505 -22.65 0.85 61.68
C PHE E 505 -21.28 0.20 61.53
N LEU E 506 -20.21 1.00 61.58
CA LEU E 506 -18.88 0.48 61.33
C LEU E 506 -18.41 -0.40 62.48
N ASN E 507 -19.04 -0.25 63.65
CA ASN E 507 -18.82 -1.22 64.71
C ASN E 507 -19.91 -2.28 64.71
N ALA E 508 -20.99 -2.04 63.96
CA ALA E 508 -22.04 -3.05 63.87
C ALA E 508 -21.64 -4.17 62.93
N TRP E 509 -21.32 -3.83 61.68
CA TRP E 509 -20.86 -4.82 60.70
C TRP E 509 -19.40 -4.52 60.43
N ARG E 510 -18.52 -5.14 61.21
CA ARG E 510 -17.10 -4.98 60.99
C ARG E 510 -16.45 -6.33 60.70
N GLN E 511 -17.10 -7.41 61.10
CA GLN E 511 -16.54 -8.74 60.84
C GLN E 511 -17.02 -9.29 59.52
N ARG E 512 -18.32 -9.25 59.26
CA ARG E 512 -18.84 -9.82 58.03
C ARG E 512 -18.56 -8.90 56.84
N LEU E 513 -18.23 -7.64 57.11
CA LEU E 513 -18.02 -6.68 56.04
C LEU E 513 -16.59 -6.79 55.52
N ALA E 514 -15.69 -7.37 56.31
CA ALA E 514 -14.31 -7.46 55.88
C ALA E 514 -13.92 -8.90 55.54
N HIS E 515 -14.42 -9.87 56.31
CA HIS E 515 -13.94 -11.24 56.17
C HIS E 515 -14.56 -11.92 54.96
N GLY E 516 -15.73 -11.47 54.51
CA GLY E 516 -16.45 -12.10 53.41
C GLY E 516 -16.40 -11.24 52.15
N ARG E 517 -16.15 -11.90 51.03
CA ARG E 517 -16.23 -11.25 49.73
C ARG E 517 -17.69 -10.96 49.38
N VAL E 518 -17.92 -9.81 48.75
CA VAL E 518 -19.27 -9.38 48.41
C VAL E 518 -19.54 -9.82 46.97
N ARG E 519 -20.82 -9.99 46.62
CA ARG E 519 -21.17 -10.60 45.35
C ARG E 519 -21.06 -9.60 44.20
N TRP E 520 -21.63 -8.42 44.37
CA TRP E 520 -21.88 -7.51 43.25
C TRP E 520 -20.65 -6.73 42.81
N VAL E 521 -19.45 -7.15 43.17
CA VAL E 521 -18.24 -6.51 42.71
C VAL E 521 -17.66 -7.40 41.59
N ALA E 522 -18.52 -8.22 40.99
CA ALA E 522 -18.14 -8.95 39.78
C ALA E 522 -18.35 -8.10 38.53
N GLU E 523 -18.32 -6.78 38.68
CA GLU E 523 -18.34 -5.87 37.55
C GLU E 523 -16.98 -5.83 36.87
N CYS E 524 -15.92 -6.22 37.59
CA CYS E 524 -14.61 -6.30 36.96
C CYS E 524 -14.52 -7.49 36.01
N GLN E 525 -15.41 -8.47 36.17
CA GLN E 525 -15.49 -9.54 35.19
C GLN E 525 -16.00 -9.00 33.87
N MET E 526 -15.28 -9.29 32.80
CA MET E 526 -15.71 -8.88 31.49
C MET E 526 -16.49 -10.01 30.82
N THR E 527 -16.87 -9.77 29.57
CA THR E 527 -17.44 -10.79 28.72
C THR E 527 -16.47 -11.95 28.55
N ALA E 528 -17.01 -13.17 28.57
CA ALA E 528 -16.32 -14.46 28.50
C ALA E 528 -15.47 -14.71 29.74
N GLU E 529 -15.60 -13.85 30.75
CA GLU E 529 -15.15 -14.19 32.08
C GLU E 529 -16.32 -14.61 32.93
N GLN E 530 -17.48 -13.98 32.72
CA GLN E 530 -18.70 -14.44 33.38
C GLN E 530 -19.19 -15.74 32.77
N PHE E 531 -19.06 -15.87 31.45
CA PHE E 531 -19.66 -17.01 30.75
C PHE E 531 -18.93 -18.31 31.06
N MET E 532 -17.78 -18.24 31.70
CA MET E 532 -16.99 -19.44 31.92
C MET E 532 -17.17 -19.98 33.33
N GLN E 533 -16.89 -21.26 33.49
CA GLN E 533 -16.93 -21.88 34.82
C GLN E 533 -15.87 -21.38 35.79
N PRO E 534 -14.61 -21.09 35.42
CA PRO E 534 -13.70 -20.45 36.40
C PRO E 534 -14.15 -19.04 36.76
N ASP E 535 -13.83 -18.64 37.99
CA ASP E 535 -14.02 -17.33 38.60
C ASP E 535 -15.48 -16.89 38.63
N ASN E 536 -16.44 -17.77 38.37
CA ASN E 536 -17.82 -17.38 38.30
C ASN E 536 -18.73 -18.37 39.01
N ALA E 537 -18.50 -18.56 40.32
CA ALA E 537 -19.48 -19.23 41.16
C ALA E 537 -20.84 -18.52 41.14
N ASN E 538 -20.88 -17.23 40.84
CA ASN E 538 -22.10 -16.47 40.65
C ASN E 538 -22.64 -16.56 39.23
N LEU E 539 -22.36 -17.66 38.51
CA LEU E 539 -23.01 -17.87 37.23
C LEU E 539 -24.46 -18.28 37.42
N ALA E 540 -24.72 -19.18 38.34
CA ALA E 540 -26.07 -19.71 38.49
C ALA E 540 -26.93 -18.84 39.39
N LEU E 541 -26.57 -17.58 39.56
CA LEU E 541 -27.46 -16.64 40.22
C LEU E 541 -27.92 -15.55 39.26
N GLU E 542 -27.65 -15.72 37.96
CA GLU E 542 -28.18 -14.83 36.95
C GLU E 542 -29.06 -15.62 36.00
N LEU E 543 -30.36 -15.45 36.11
CA LEU E 543 -31.30 -16.31 35.39
C LEU E 543 -32.38 -15.55 34.65
N HIS E 544 -32.67 -14.31 35.02
CA HIS E 544 -33.75 -13.58 34.38
C HIS E 544 -33.27 -12.16 34.17
N PRO E 545 -33.64 -11.51 33.06
CA PRO E 545 -33.06 -10.18 32.79
C PRO E 545 -33.58 -9.09 33.69
N ALA E 546 -34.78 -9.27 34.26
CA ALA E 546 -35.37 -8.20 35.05
C ALA E 546 -35.38 -8.54 36.54
N PHE E 547 -34.84 -9.69 36.93
CA PHE E 547 -34.85 -10.10 38.32
C PHE E 547 -33.47 -10.56 38.75
N ASP E 548 -32.85 -9.81 39.64
CA ASP E 548 -31.62 -10.25 40.28
C ASP E 548 -31.91 -11.39 41.24
N PHE E 549 -31.12 -12.44 41.16
CA PHE E 549 -31.27 -13.58 42.04
C PHE E 549 -30.08 -13.59 42.98
N PHE E 550 -30.33 -13.78 44.27
CA PHE E 550 -29.28 -13.75 45.27
C PHE E 550 -29.74 -14.50 46.50
N ALA E 551 -28.76 -15.05 47.23
CA ALA E 551 -29.03 -15.69 48.51
C ALA E 551 -29.23 -14.60 49.56
N GLY E 552 -30.27 -14.76 50.39
CA GLY E 552 -30.59 -13.75 51.38
C GLY E 552 -30.91 -14.38 52.72
N VAL E 553 -31.09 -13.50 53.72
CA VAL E 553 -31.49 -13.93 55.05
C VAL E 553 -32.91 -14.48 55.00
N ALA E 554 -33.09 -15.70 55.49
CA ALA E 554 -34.35 -16.40 55.23
C ALA E 554 -35.45 -15.93 56.18
N ASP E 555 -35.24 -16.09 57.48
CA ASP E 555 -36.32 -16.01 58.45
C ASP E 555 -36.62 -14.59 58.92
N VAL E 556 -35.97 -13.58 58.35
CA VAL E 556 -36.08 -12.23 58.85
C VAL E 556 -36.73 -11.36 57.79
N GLU E 557 -37.69 -10.54 58.22
CA GLU E 557 -38.35 -9.59 57.35
C GLU E 557 -37.38 -8.53 56.83
N LEU E 558 -37.81 -7.82 55.79
CA LEU E 558 -36.88 -6.99 55.04
C LEU E 558 -36.46 -5.71 55.76
N PRO E 559 -37.34 -4.95 56.47
CA PRO E 559 -36.79 -3.93 57.37
C PRO E 559 -36.53 -4.52 58.73
N GLY E 560 -36.12 -3.70 59.67
CA GLY E 560 -36.11 -4.13 61.06
C GLY E 560 -34.85 -4.90 61.42
N GLY E 561 -34.28 -4.56 62.57
CA GLY E 561 -33.10 -5.22 63.08
C GLY E 561 -31.83 -4.55 62.63
N GLU E 562 -30.93 -4.27 63.58
CA GLU E 562 -29.67 -3.61 63.25
C GLU E 562 -28.74 -4.54 62.48
N VAL E 563 -28.60 -5.77 62.96
CA VAL E 563 -27.71 -6.76 62.37
C VAL E 563 -28.57 -7.98 62.06
N PRO E 564 -28.51 -8.52 60.84
CA PRO E 564 -29.25 -9.74 60.55
C PRO E 564 -28.62 -10.93 61.26
N PRO E 565 -29.42 -11.73 61.95
CA PRO E 565 -28.88 -12.95 62.55
C PRO E 565 -28.54 -13.94 61.46
N ALA E 566 -27.33 -14.50 61.57
CA ALA E 566 -26.88 -15.50 60.62
C ALA E 566 -27.71 -16.77 60.79
N GLY E 567 -28.01 -17.43 59.67
CA GLY E 567 -28.79 -18.65 59.70
C GLY E 567 -28.72 -19.37 58.37
N PRO E 568 -29.84 -19.97 57.96
CA PRO E 568 -29.92 -20.51 56.60
C PRO E 568 -30.03 -19.39 55.57
N GLY E 569 -29.15 -19.45 54.58
CA GLY E 569 -29.22 -18.52 53.46
C GLY E 569 -30.14 -19.05 52.39
N ALA E 570 -31.10 -18.22 51.98
CA ALA E 570 -32.10 -18.63 51.01
C ALA E 570 -32.04 -17.71 49.80
N ILE E 571 -32.14 -18.29 48.60
CA ILE E 571 -32.19 -17.47 47.41
C ILE E 571 -33.55 -16.78 47.33
N GLN E 572 -33.52 -15.46 47.16
CA GLN E 572 -34.73 -14.70 46.99
C GLN E 572 -34.49 -13.68 45.89
N ALA E 573 -35.57 -13.33 45.20
CA ALA E 573 -35.50 -12.49 44.02
C ALA E 573 -35.92 -11.08 44.39
N THR E 574 -35.36 -10.11 43.68
CA THR E 574 -35.81 -8.73 43.75
C THR E 574 -35.93 -8.22 42.33
N TRP E 575 -36.74 -7.18 42.15
CA TRP E 575 -36.97 -6.68 40.82
C TRP E 575 -35.94 -5.64 40.44
N ARG E 576 -35.31 -5.84 39.30
CA ARG E 576 -34.49 -4.81 38.68
C ARG E 576 -35.42 -3.69 38.26
N VAL E 577 -35.13 -2.48 38.74
CA VAL E 577 -36.04 -1.38 38.49
C VAL E 577 -35.91 -0.92 37.05
N VAL E 578 -34.69 -0.69 36.59
CA VAL E 578 -34.45 -0.15 35.26
C VAL E 578 -33.49 -1.07 34.52
N ASN E 579 -33.28 -0.76 33.24
CA ASN E 579 -32.42 -1.61 32.42
C ASN E 579 -30.96 -1.32 32.65
N GLY E 580 -30.64 -0.23 33.34
CA GLY E 580 -29.25 0.00 33.71
C GLY E 580 -28.75 -0.90 34.81
N ASN E 581 -29.65 -1.58 35.54
CA ASN E 581 -29.20 -2.33 36.69
C ASN E 581 -28.54 -3.65 36.30
N LEU E 582 -28.68 -4.06 35.06
CA LEU E 582 -28.18 -5.37 34.68
C LEU E 582 -26.68 -5.24 34.40
N PRO E 583 -25.88 -6.29 34.67
CA PRO E 583 -24.45 -6.07 34.94
C PRO E 583 -23.66 -5.74 33.69
N LEU E 584 -22.39 -5.37 33.91
CA LEU E 584 -21.59 -4.83 32.81
C LEU E 584 -20.89 -5.92 32.02
N ALA E 585 -21.03 -7.17 32.44
CA ALA E 585 -20.50 -8.24 31.60
C ALA E 585 -21.55 -8.72 30.61
N LEU E 586 -22.79 -8.23 30.77
CA LEU E 586 -23.87 -8.62 29.86
C LEU E 586 -24.39 -7.43 29.09
N CYS E 587 -23.98 -6.23 29.50
CA CYS E 587 -24.34 -4.99 28.83
C CYS E 587 -23.19 -4.02 29.03
N PRO E 588 -22.16 -4.05 28.21
CA PRO E 588 -20.90 -3.39 28.56
C PRO E 588 -20.98 -1.89 28.38
N VAL E 589 -19.96 -1.20 28.90
CA VAL E 589 -19.95 0.26 28.90
C VAL E 589 -19.80 0.78 27.48
N ALA E 590 -19.03 0.07 26.65
CA ALA E 590 -18.87 0.47 25.25
C ALA E 590 -20.17 0.34 24.50
N PHE E 591 -21.01 -0.60 24.89
CA PHE E 591 -22.39 -0.59 24.41
C PHE E 591 -23.16 0.59 24.98
N ARG E 592 -23.06 0.81 26.29
CA ARG E 592 -23.93 1.79 26.93
C ARG E 592 -23.56 3.20 26.51
N ASP E 593 -22.27 3.44 26.26
CA ASP E 593 -21.84 4.77 25.85
C ASP E 593 -22.34 5.09 24.45
N ALA E 594 -22.19 4.14 23.52
CA ALA E 594 -22.68 4.34 22.16
C ALA E 594 -24.20 4.37 22.12
N ARG E 595 -24.84 3.76 23.11
CA ARG E 595 -26.29 3.89 23.27
C ARG E 595 -26.68 5.31 23.61
N GLY E 596 -25.78 6.05 24.28
CA GLY E 596 -26.04 7.45 24.54
C GLY E 596 -25.50 8.35 23.45
N LEU E 597 -24.61 7.83 22.61
CA LEU E 597 -24.29 8.53 21.37
C LEU E 597 -25.50 8.55 20.44
N GLU E 598 -26.33 7.51 20.52
CA GLU E 598 -27.49 7.41 19.65
C GLU E 598 -28.54 8.45 19.98
N LEU E 599 -28.83 8.64 21.26
CA LEU E 599 -29.86 9.61 21.62
C LEU E 599 -29.29 11.00 21.65
N GLY E 600 -27.97 11.13 21.62
CA GLY E 600 -27.33 12.39 21.97
C GLY E 600 -27.48 13.46 20.90
N VAL E 601 -27.67 13.04 19.64
CA VAL E 601 -27.78 14.02 18.57
C VAL E 601 -29.18 14.61 18.58
N GLY E 602 -29.33 15.74 17.89
CA GLY E 602 -30.64 16.28 17.66
C GLY E 602 -31.24 17.07 18.80
N ARG E 603 -30.73 16.89 20.01
CA ARG E 603 -31.22 17.56 21.20
C ARG E 603 -30.02 18.09 21.98
N HIS E 604 -30.29 18.85 23.04
CA HIS E 604 -29.32 19.80 23.58
C HIS E 604 -28.11 19.14 24.20
N ALA E 605 -26.93 19.59 23.78
CA ALA E 605 -25.68 19.25 24.45
C ALA E 605 -25.11 20.52 25.07
N MET E 606 -24.52 20.37 26.24
CA MET E 606 -23.84 21.49 26.90
C MET E 606 -22.59 21.88 26.12
N ALA E 607 -22.15 23.11 26.34
CA ALA E 607 -20.90 23.58 25.74
C ALA E 607 -19.71 22.92 26.45
N PRO E 608 -18.61 22.69 25.74
CA PRO E 608 -17.44 22.13 26.42
C PRO E 608 -16.74 23.12 27.32
N ALA E 609 -17.00 24.42 27.14
CA ALA E 609 -16.45 25.42 28.05
C ALA E 609 -17.11 25.32 29.42
N THR E 610 -18.44 25.20 29.47
CA THR E 610 -19.13 25.27 30.74
C THR E 610 -19.05 23.95 31.50
N ILE E 611 -18.60 22.88 30.84
CA ILE E 611 -18.35 21.64 31.58
C ILE E 611 -17.15 21.82 32.50
N ALA E 612 -16.07 22.41 31.97
CA ALA E 612 -14.84 22.58 32.75
C ALA E 612 -15.03 23.60 33.86
N ALA E 613 -16.02 24.48 33.72
CA ALA E 613 -16.37 25.37 34.81
C ALA E 613 -17.06 24.60 35.94
N VAL E 614 -17.97 23.69 35.58
CA VAL E 614 -18.72 23.00 36.61
C VAL E 614 -17.89 21.85 37.18
N ARG E 615 -17.12 21.17 36.34
CA ARG E 615 -16.32 20.03 36.79
C ARG E 615 -15.21 20.47 37.73
N GLY E 616 -14.68 21.68 37.53
CA GLY E 616 -13.61 22.17 38.37
C GLY E 616 -14.06 22.54 39.77
N ALA E 617 -15.38 22.62 39.97
CA ALA E 617 -15.90 22.86 41.32
C ALA E 617 -16.17 21.55 42.04
N PHE E 618 -16.32 20.45 41.30
CA PHE E 618 -16.45 19.16 41.96
C PHE E 618 -15.10 18.65 42.46
N GLU E 619 -14.02 19.02 41.77
CA GLU E 619 -12.71 18.55 42.18
C GLU E 619 -11.97 19.59 43.01
N ASP E 620 -12.68 20.64 43.42
CA ASP E 620 -12.04 21.78 44.05
C ASP E 620 -11.73 21.49 45.50
N ARG E 621 -10.45 21.21 45.79
CA ARG E 621 -10.04 20.98 47.17
C ARG E 621 -10.03 22.23 48.01
N SER E 622 -9.86 23.39 47.39
CA SER E 622 -9.82 24.65 48.10
C SER E 622 -11.17 25.30 48.21
N TYR E 623 -12.23 24.50 48.23
CA TYR E 623 -13.57 25.02 48.10
C TYR E 623 -13.99 25.74 49.38
N PRO E 624 -14.30 27.03 49.30
CA PRO E 624 -14.59 27.80 50.52
C PRO E 624 -15.93 27.44 51.13
N ALA E 625 -15.93 27.27 52.44
CA ALA E 625 -17.04 26.57 53.07
C ALA E 625 -18.17 27.52 53.45
N VAL E 626 -18.02 28.82 53.20
CA VAL E 626 -19.15 29.74 53.36
C VAL E 626 -20.27 29.38 52.40
N PHE E 627 -19.92 28.86 51.22
CA PHE E 627 -20.91 28.33 50.29
C PHE E 627 -21.61 27.12 50.87
N TYR E 628 -20.89 26.31 51.64
CA TYR E 628 -21.54 25.23 52.36
C TYR E 628 -22.36 25.74 53.53
N LEU E 629 -21.95 26.85 54.13
CA LEU E 629 -22.75 27.40 55.22
C LEU E 629 -23.94 28.19 54.70
N LEU E 630 -23.83 28.76 53.50
CA LEU E 630 -25.01 29.39 52.91
C LEU E 630 -26.00 28.34 52.42
N GLN E 631 -25.49 27.18 52.02
CA GLN E 631 -26.36 26.14 51.47
C GLN E 631 -27.24 25.55 52.55
N ALA E 632 -26.71 25.38 53.76
CA ALA E 632 -27.56 24.99 54.87
C ALA E 632 -28.40 26.16 55.34
N ALA E 633 -27.99 27.38 55.02
CA ALA E 633 -28.76 28.54 55.45
C ALA E 633 -30.02 28.72 54.62
N ILE E 634 -29.88 28.69 53.29
CA ILE E 634 -31.02 28.97 52.41
C ILE E 634 -32.01 27.82 52.45
N HIS E 635 -31.48 26.59 52.60
CA HIS E 635 -32.22 25.34 52.91
C HIS E 635 -33.43 25.10 52.01
N GLY E 636 -33.35 25.55 50.76
CA GLY E 636 -34.46 25.35 49.85
C GLY E 636 -35.67 26.21 50.13
N ASN E 637 -35.45 27.48 50.42
CA ASN E 637 -36.53 28.43 50.61
C ASN E 637 -36.43 29.53 49.57
N GLU E 638 -37.56 30.16 49.27
CA GLU E 638 -37.57 31.23 48.29
C GLU E 638 -37.47 32.60 48.95
N HIS E 639 -38.07 32.74 50.14
CA HIS E 639 -38.01 34.01 50.84
C HIS E 639 -36.62 34.30 51.38
N VAL E 640 -35.89 33.24 51.76
CA VAL E 640 -34.54 33.41 52.27
C VAL E 640 -33.60 33.85 51.15
N PHE E 641 -33.90 33.43 49.92
CA PHE E 641 -32.96 33.64 48.82
C PHE E 641 -32.92 35.10 48.39
N CYS E 642 -34.08 35.75 48.28
CA CYS E 642 -34.08 37.17 47.91
C CYS E 642 -33.75 38.05 49.10
N ALA E 643 -33.73 37.48 50.31
CA ALA E 643 -33.09 38.18 51.42
C ALA E 643 -31.58 38.23 51.23
N LEU E 644 -30.98 37.07 50.97
CA LEU E 644 -29.54 36.92 50.83
C LEU E 644 -29.08 37.08 49.39
N ALA E 645 -29.83 37.82 48.58
CA ALA E 645 -29.53 37.91 47.16
C ALA E 645 -28.29 38.73 46.90
N ARG E 646 -28.00 39.71 47.76
CA ARG E 646 -26.79 40.49 47.59
C ARG E 646 -25.56 39.66 47.93
N LEU E 647 -25.67 38.82 48.95
CA LEU E 647 -24.51 38.05 49.39
C LEU E 647 -24.11 37.00 48.37
N VAL E 648 -25.10 36.35 47.75
CA VAL E 648 -24.82 35.24 46.85
C VAL E 648 -24.18 35.74 45.56
N THR E 649 -24.65 36.86 45.03
CA THR E 649 -24.09 37.37 43.79
C THR E 649 -22.70 37.95 44.01
N GLN E 650 -22.36 38.33 45.24
CA GLN E 650 -21.00 38.75 45.51
C GLN E 650 -20.10 37.55 45.74
N CYS E 651 -20.61 36.54 46.43
CA CYS E 651 -19.80 35.36 46.72
C CYS E 651 -19.45 34.59 45.45
N ILE E 652 -20.39 34.53 44.50
CA ILE E 652 -20.12 33.88 43.22
C ILE E 652 -19.12 34.69 42.41
N THR E 653 -19.31 36.02 42.36
CA THR E 653 -18.43 36.87 41.56
C THR E 653 -17.04 36.94 42.19
N SER E 654 -16.97 36.87 43.52
CA SER E 654 -15.67 36.73 44.17
C SER E 654 -15.06 35.38 43.88
N TYR E 655 -15.89 34.35 43.77
CA TYR E 655 -15.36 33.03 43.46
C TYR E 655 -15.01 32.92 41.99
N TRP E 656 -15.76 33.63 41.13
CA TRP E 656 -15.50 33.56 39.70
C TRP E 656 -14.20 34.26 39.33
N ASN E 657 -13.82 35.27 40.10
CA ASN E 657 -12.57 35.97 39.81
C ASN E 657 -11.37 35.13 40.23
N ASN E 658 -11.51 34.35 41.30
CA ASN E 658 -10.41 33.48 41.69
C ASN E 658 -10.27 32.30 40.74
N THR E 659 -11.26 31.43 40.69
CA THR E 659 -11.25 30.29 39.79
C THR E 659 -12.38 30.47 38.79
N ARG E 660 -12.21 29.92 37.60
CA ARG E 660 -13.29 29.96 36.62
C ARG E 660 -14.21 28.78 36.88
N CYS E 661 -14.99 28.85 37.95
CA CYS E 661 -15.91 27.77 38.33
C CYS E 661 -17.17 28.39 38.91
N ALA E 662 -18.16 27.55 39.16
CA ALA E 662 -19.43 27.94 39.76
C ALA E 662 -19.63 27.14 41.04
N ALA E 663 -19.94 27.83 42.14
CA ALA E 663 -19.73 27.23 43.46
C ALA E 663 -20.98 26.52 44.00
N PHE E 664 -22.18 26.97 43.64
CA PHE E 664 -23.39 26.42 44.22
C PHE E 664 -23.92 25.18 43.50
N VAL E 665 -23.09 24.47 42.75
CA VAL E 665 -23.59 23.49 41.80
C VAL E 665 -23.84 22.14 42.46
N ASN E 666 -23.86 22.07 43.78
CA ASN E 666 -24.22 20.82 44.44
C ASN E 666 -25.71 20.77 44.75
N ASP E 667 -26.40 21.91 44.70
CA ASP E 667 -27.79 21.99 45.13
C ASP E 667 -28.65 22.57 44.01
N TYR E 668 -29.52 21.75 43.45
CA TYR E 668 -30.31 22.15 42.28
C TYR E 668 -31.39 23.14 42.67
N SER E 669 -31.86 23.08 43.92
CA SER E 669 -32.81 24.08 44.40
C SER E 669 -32.16 25.45 44.47
N LEU E 670 -30.84 25.49 44.67
CA LEU E 670 -30.13 26.76 44.59
C LEU E 670 -29.93 27.19 43.15
N VAL E 671 -29.41 26.29 42.30
CA VAL E 671 -29.01 26.62 40.93
C VAL E 671 -30.19 27.14 40.12
N SER E 672 -31.38 26.62 40.39
CA SER E 672 -32.59 27.16 39.77
C SER E 672 -32.88 28.58 40.25
N TYR E 673 -32.56 28.89 41.51
CA TYR E 673 -32.85 30.23 42.01
C TYR E 673 -31.88 31.26 41.44
N ILE E 674 -30.62 30.86 41.21
CA ILE E 674 -29.63 31.77 40.61
C ILE E 674 -30.05 32.14 39.20
N VAL E 675 -30.57 31.17 38.45
CA VAL E 675 -31.04 31.46 37.09
C VAL E 675 -32.31 32.30 37.15
N THR E 676 -33.21 31.98 38.08
CA THR E 676 -34.49 32.67 38.12
C THR E 676 -34.36 34.08 38.67
N TYR E 677 -33.57 34.26 39.72
CA TYR E 677 -33.58 35.51 40.45
C TYR E 677 -32.36 36.38 40.22
N LEU E 678 -31.20 35.80 39.95
CA LEU E 678 -29.96 36.56 39.87
C LEU E 678 -29.50 36.81 38.46
N GLY E 679 -30.41 37.14 37.54
CA GLY E 679 -30.06 37.19 36.13
C GLY E 679 -29.13 38.33 35.76
N GLY E 680 -29.33 39.49 36.37
CA GLY E 680 -28.61 40.67 35.90
C GLY E 680 -27.17 40.72 36.36
N ASP E 681 -26.94 40.86 37.66
CA ASP E 681 -25.66 41.31 38.19
C ASP E 681 -24.67 40.16 38.37
N LEU E 682 -24.35 39.49 37.27
CA LEU E 682 -23.21 38.60 37.22
C LEU E 682 -22.47 38.85 35.91
N PRO E 683 -21.17 38.55 35.82
CA PRO E 683 -20.53 38.51 34.50
C PRO E 683 -21.13 37.39 33.68
N GLU E 684 -21.39 37.67 32.40
CA GLU E 684 -22.35 36.89 31.66
C GLU E 684 -21.81 35.52 31.29
N GLU E 685 -20.49 35.34 31.32
CA GLU E 685 -19.91 34.03 31.02
C GLU E 685 -20.25 33.02 32.11
N CYS E 686 -20.20 33.43 33.38
CA CYS E 686 -20.61 32.51 34.43
C CYS E 686 -22.11 32.53 34.61
N MET E 687 -22.78 33.54 34.06
CA MET E 687 -24.23 33.47 34.00
C MET E 687 -24.68 32.39 33.04
N ALA E 688 -23.92 32.21 31.95
CA ALA E 688 -24.24 31.15 31.01
C ALA E 688 -23.87 29.79 31.57
N VAL E 689 -22.98 29.75 32.57
CA VAL E 689 -22.64 28.49 33.22
C VAL E 689 -23.86 27.97 33.98
N TYR E 690 -24.58 28.86 34.64
CA TYR E 690 -25.79 28.44 35.32
C TYR E 690 -26.93 28.22 34.34
N ARG E 691 -26.89 28.94 33.23
CA ARG E 691 -28.00 28.87 32.28
C ARG E 691 -27.97 27.56 31.51
N ASP E 692 -26.77 27.11 31.13
CA ASP E 692 -26.66 25.93 30.29
C ASP E 692 -26.93 24.67 31.08
N LEU E 693 -26.53 24.67 32.36
CA LEU E 693 -26.67 23.47 33.18
C LEU E 693 -28.14 23.21 33.51
N VAL E 694 -28.92 24.27 33.69
CA VAL E 694 -30.35 24.13 33.86
C VAL E 694 -30.99 23.68 32.56
N ALA E 695 -30.54 24.26 31.44
CA ALA E 695 -31.16 23.97 30.15
C ALA E 695 -30.80 22.58 29.66
N HIS E 696 -29.82 21.93 30.29
CA HIS E 696 -29.52 20.55 29.95
C HIS E 696 -30.42 19.60 30.72
N VAL E 697 -30.98 20.06 31.85
CA VAL E 697 -31.92 19.24 32.59
C VAL E 697 -33.26 19.19 31.88
N GLU E 698 -33.71 20.35 31.41
CA GLU E 698 -35.01 20.43 30.73
C GLU E 698 -34.98 19.71 29.40
N ALA E 699 -33.79 19.55 28.82
CA ALA E 699 -33.65 18.71 27.64
C ALA E 699 -33.70 17.23 28.02
N LEU E 700 -33.40 16.91 29.27
CA LEU E 700 -33.48 15.51 29.67
C LEU E 700 -34.87 15.16 30.16
N ALA E 701 -35.62 16.14 30.64
CA ALA E 701 -37.00 15.88 31.03
C ALA E 701 -37.87 15.62 29.80
N GLN E 702 -37.57 16.27 28.68
CA GLN E 702 -38.38 16.11 27.48
C GLN E 702 -38.04 14.83 26.73
N LEU E 703 -36.93 14.19 27.08
CA LEU E 703 -36.52 12.98 26.37
C LEU E 703 -37.45 11.81 26.68
N VAL E 704 -38.04 11.80 27.88
CA VAL E 704 -39.01 10.77 28.21
C VAL E 704 -40.27 10.95 27.40
N ASP E 705 -40.67 12.20 27.17
CA ASP E 705 -41.95 12.48 26.51
C ASP E 705 -41.91 12.10 25.03
N ASP E 706 -40.73 12.15 24.42
CA ASP E 706 -40.61 11.65 23.05
C ASP E 706 -40.83 10.16 23.00
N PHE E 707 -40.35 9.44 24.00
CA PHE E 707 -40.30 7.99 23.89
C PHE E 707 -41.53 7.34 24.52
N THR E 708 -42.14 8.01 25.49
CA THR E 708 -43.34 7.43 26.07
C THR E 708 -44.56 7.71 25.18
N LEU E 709 -45.25 6.64 24.78
CA LEU E 709 -46.45 6.76 23.96
C LEU E 709 -47.59 7.28 24.80
N PRO E 710 -48.60 7.92 24.20
CA PRO E 710 -49.76 8.36 25.00
C PRO E 710 -50.62 7.19 25.41
N GLY E 711 -51.29 7.33 26.55
CA GLY E 711 -52.17 6.31 27.06
C GLY E 711 -52.89 6.74 28.32
N PRO E 712 -53.74 5.86 28.84
CA PRO E 712 -54.51 6.21 30.05
C PRO E 712 -53.64 6.22 31.28
N GLU E 713 -54.21 6.67 32.39
CA GLU E 713 -53.56 6.43 33.67
C GLU E 713 -53.81 5.00 34.11
N LEU E 714 -52.76 4.35 34.59
CA LEU E 714 -52.79 2.97 35.03
C LEU E 714 -52.32 2.91 36.46
N GLY E 715 -53.20 2.49 37.36
CA GLY E 715 -52.87 2.45 38.77
C GLY E 715 -52.68 3.83 39.38
N GLY E 716 -53.41 4.82 38.86
CA GLY E 716 -53.27 6.18 39.36
C GLY E 716 -52.03 6.91 38.88
N GLN E 717 -51.17 6.25 38.11
CA GLN E 717 -49.93 6.84 37.65
C GLN E 717 -50.01 7.08 36.16
N ALA E 718 -49.22 8.03 35.69
CA ALA E 718 -49.21 8.39 34.28
C ALA E 718 -48.43 7.35 33.47
N GLN E 719 -48.39 7.55 32.16
CA GLN E 719 -47.65 6.64 31.30
C GLN E 719 -46.15 6.80 31.48
N ALA E 720 -45.65 8.03 31.52
CA ALA E 720 -44.23 8.26 31.68
C ALA E 720 -43.76 7.90 33.09
N GLU E 721 -44.69 7.90 34.04
CA GLU E 721 -44.38 7.41 35.38
C GLU E 721 -44.23 5.90 35.39
N LEU E 722 -44.85 5.22 34.43
CA LEU E 722 -44.63 3.78 34.28
C LEU E 722 -43.42 3.50 33.43
N ASN E 723 -43.09 4.40 32.51
CA ASN E 723 -41.99 4.15 31.59
C ASN E 723 -40.65 4.41 32.25
N HIS E 724 -40.38 5.66 32.59
CA HIS E 724 -39.04 6.07 32.98
C HIS E 724 -39.04 6.38 34.47
N LEU E 725 -37.87 6.26 35.08
CA LEU E 725 -37.80 6.34 36.53
C LEU E 725 -37.91 7.77 37.03
N MET E 726 -37.52 8.74 36.20
CA MET E 726 -37.42 10.11 36.68
C MET E 726 -38.78 10.78 36.75
N ARG E 727 -39.66 10.51 35.79
CA ARG E 727 -41.01 11.02 35.90
C ARG E 727 -41.78 10.23 36.96
N ASP E 728 -41.37 8.99 37.20
CA ASP E 728 -41.96 8.16 38.25
C ASP E 728 -41.70 8.78 39.62
N PRO E 729 -42.74 9.02 40.42
CA PRO E 729 -42.52 9.49 41.79
C PRO E 729 -42.20 8.39 42.80
N ALA E 730 -42.11 7.12 42.35
CA ALA E 730 -41.79 6.02 43.25
C ALA E 730 -40.42 6.18 43.88
N LEU E 731 -39.44 6.61 43.09
CA LEU E 731 -38.17 7.06 43.61
C LEU E 731 -38.28 8.56 43.82
N LEU E 732 -37.61 9.04 44.83
CA LEU E 732 -37.65 10.41 45.27
C LEU E 732 -36.22 10.94 45.40
N PRO E 733 -36.00 12.25 45.22
CA PRO E 733 -34.62 12.78 45.10
C PRO E 733 -33.86 12.63 46.39
N PRO E 734 -32.52 12.63 46.34
CA PRO E 734 -31.77 12.30 47.56
C PRO E 734 -31.78 13.39 48.62
N LEU E 735 -32.03 14.64 48.24
CA LEU E 735 -32.07 15.75 49.17
C LEU E 735 -33.37 16.51 48.95
N VAL E 736 -34.30 16.41 49.89
CA VAL E 736 -35.64 16.96 49.73
C VAL E 736 -35.85 18.01 50.80
N TRP E 737 -35.67 19.30 50.45
CA TRP E 737 -35.80 20.35 51.44
C TRP E 737 -37.25 20.53 51.90
N ASP E 738 -38.17 20.70 50.96
CA ASP E 738 -39.58 20.84 51.27
C ASP E 738 -40.22 19.47 51.46
N CYS E 739 -41.54 19.45 51.47
CA CYS E 739 -42.26 18.21 51.53
C CYS E 739 -43.19 18.00 50.33
N ASP E 740 -43.01 18.80 49.27
CA ASP E 740 -43.87 18.70 48.10
C ASP E 740 -43.66 17.37 47.38
N GLY E 741 -42.43 16.90 47.33
CA GLY E 741 -42.20 15.53 46.90
C GLY E 741 -42.77 14.53 47.88
N LEU E 742 -42.73 14.85 49.17
CA LEU E 742 -43.12 13.90 50.21
C LEU E 742 -44.63 13.76 50.32
N MET E 743 -45.38 14.73 49.82
CA MET E 743 -46.83 14.59 49.78
C MET E 743 -47.23 13.61 48.70
N ARG E 744 -46.52 13.64 47.57
CA ARG E 744 -47.04 13.04 46.34
C ARG E 744 -46.76 11.55 46.28
N HIS E 745 -45.58 11.11 46.70
CA HIS E 745 -45.27 9.70 46.59
C HIS E 745 -45.94 8.91 47.71
N ALA E 746 -46.33 9.59 48.78
CA ALA E 746 -47.08 8.92 49.83
C ALA E 746 -48.51 8.67 49.38
N ALA E 747 -49.00 9.45 48.43
CA ALA E 747 -50.39 9.37 47.98
C ALA E 747 -50.50 8.41 46.79
N LEU E 748 -49.94 7.22 46.98
CA LEU E 748 -50.02 6.14 46.01
C LEU E 748 -50.37 4.87 46.75
N ASP E 749 -51.12 3.99 46.08
CA ASP E 749 -51.51 2.73 46.74
C ASP E 749 -50.33 1.77 46.81
N ARG E 750 -49.29 2.01 46.02
CA ARG E 750 -48.14 1.13 46.03
C ARG E 750 -47.31 1.29 47.29
N HIS E 751 -47.47 2.42 47.98
CA HIS E 751 -46.44 2.90 48.88
C HIS E 751 -46.41 2.11 50.17
N ARG E 752 -45.24 2.03 50.80
CA ARG E 752 -45.06 1.11 51.91
C ARG E 752 -44.17 1.69 53.00
N ASP E 753 -44.83 1.95 54.13
CA ASP E 753 -44.33 2.13 55.49
C ASP E 753 -43.62 3.44 55.82
N CYS E 754 -43.11 4.13 54.79
CA CYS E 754 -42.43 5.45 54.81
C CYS E 754 -41.62 5.74 56.08
N ARG E 755 -40.75 4.81 56.47
CA ARG E 755 -40.26 4.78 57.84
C ARG E 755 -39.20 5.84 58.11
N ILE E 756 -39.40 6.59 59.20
CA ILE E 756 -38.54 7.70 59.57
C ILE E 756 -37.42 7.18 60.48
N ASP E 757 -36.38 7.98 60.66
CA ASP E 757 -35.18 7.54 61.39
C ASP E 757 -35.15 7.96 62.84
N ALA E 758 -35.42 9.23 63.14
CA ALA E 758 -35.20 9.75 64.49
C ALA E 758 -36.19 9.17 65.49
N GLY E 759 -37.48 9.20 65.15
CA GLY E 759 -38.49 8.60 66.00
C GLY E 759 -39.84 8.57 65.31
N GLY E 760 -40.45 7.39 65.33
CA GLY E 760 -41.75 7.20 64.72
C GLY E 760 -41.73 6.37 63.45
N HIS E 761 -42.88 6.30 62.76
CA HIS E 761 -42.95 5.50 61.54
C HIS E 761 -43.58 6.29 60.40
N GLU E 762 -44.52 7.17 60.70
CA GLU E 762 -45.17 7.92 59.62
C GLU E 762 -44.70 9.37 59.65
N PRO E 763 -44.42 9.96 58.48
CA PRO E 763 -43.97 11.35 58.46
C PRO E 763 -45.10 12.32 58.77
N VAL E 764 -44.82 13.22 59.72
CA VAL E 764 -45.76 14.27 60.09
C VAL E 764 -45.13 15.61 59.71
N TYR E 765 -45.90 16.44 59.02
CA TYR E 765 -45.35 17.53 58.24
C TYR E 765 -45.59 18.86 58.94
N ALA E 766 -44.71 19.82 58.67
CA ALA E 766 -44.77 21.16 59.26
C ALA E 766 -44.49 22.19 58.18
N ALA E 767 -45.01 23.41 58.36
CA ALA E 767 -44.81 24.44 57.35
C ALA E 767 -43.80 25.48 57.80
N ALA E 768 -44.01 26.07 58.97
CA ALA E 768 -43.21 27.21 59.40
C ALA E 768 -42.27 26.80 60.51
N CYS E 769 -41.13 27.49 60.58
CA CYS E 769 -40.07 27.19 61.51
C CYS E 769 -39.38 28.47 61.95
N ASN E 770 -39.14 28.61 63.26
CA ASN E 770 -38.68 29.87 63.82
C ASN E 770 -37.53 29.62 64.79
N VAL E 771 -37.18 30.67 65.54
CA VAL E 771 -36.21 30.53 66.63
C VAL E 771 -36.83 29.81 67.82
N ALA E 772 -38.16 29.90 67.95
CA ALA E 772 -38.83 29.28 69.08
C ALA E 772 -39.54 27.99 68.67
N THR E 773 -39.91 27.88 67.39
CA THR E 773 -40.59 26.67 66.92
C THR E 773 -39.61 25.52 66.77
N ALA E 774 -38.40 25.81 66.32
CA ALA E 774 -37.43 24.78 66.01
C ALA E 774 -36.89 24.11 67.27
N ASP E 775 -36.94 22.78 67.28
CA ASP E 775 -36.31 21.96 68.30
C ASP E 775 -35.07 21.33 67.68
N PHE E 776 -33.90 21.83 68.10
CA PHE E 776 -32.66 21.67 67.33
C PHE E 776 -32.18 20.22 67.30
N ASN E 777 -32.58 19.42 68.29
CA ASN E 777 -32.37 17.97 68.28
C ASN E 777 -33.62 17.30 68.82
N ARG E 778 -34.57 17.02 67.92
CA ARG E 778 -35.87 16.49 68.31
C ARG E 778 -36.01 15.07 67.77
N ASN E 779 -36.73 14.23 68.52
CA ASN E 779 -36.91 12.83 68.18
C ASN E 779 -38.37 12.47 67.92
N ASP E 780 -39.20 13.48 67.61
CA ASP E 780 -40.60 13.22 67.32
C ASP E 780 -40.80 12.85 65.85
N GLY E 781 -40.00 13.40 64.94
CA GLY E 781 -40.10 13.08 63.54
C GLY E 781 -40.87 14.07 62.69
N ARG E 782 -40.59 15.36 62.80
CA ARG E 782 -41.33 16.35 62.03
C ARG E 782 -40.55 16.80 60.81
N LEU E 783 -41.26 17.09 59.73
CA LEU E 783 -40.66 17.34 58.43
C LEU E 783 -41.18 18.65 57.86
N LEU E 784 -40.30 19.66 57.83
CA LEU E 784 -40.62 20.97 57.30
C LEU E 784 -40.87 20.93 55.81
N GLN E 788 -40.94 27.29 51.17
CA GLN E 788 -42.05 27.86 50.41
C GLN E 788 -41.73 29.26 49.91
N ALA E 789 -42.71 29.90 49.27
CA ALA E 789 -42.50 31.20 48.65
C ALA E 789 -42.44 32.30 49.69
N ARG E 790 -43.55 32.51 50.40
CA ARG E 790 -43.71 33.62 51.31
C ARG E 790 -43.89 33.11 52.73
N ALA E 791 -43.65 33.98 53.70
CA ALA E 791 -44.12 33.69 55.05
C ALA E 791 -45.65 33.82 55.11
N ALA E 792 -46.24 34.56 54.18
CA ALA E 792 -47.69 34.71 54.14
C ALA E 792 -48.36 33.42 53.66
N ASP E 793 -47.65 32.60 52.91
CA ASP E 793 -48.19 31.33 52.41
C ASP E 793 -47.57 30.18 53.21
N ALA E 794 -48.37 29.60 54.11
CA ALA E 794 -47.97 28.45 54.89
C ALA E 794 -48.98 27.34 54.67
N ALA E 795 -48.53 26.21 54.13
CA ALA E 795 -49.40 25.11 53.75
C ALA E 795 -49.01 23.87 54.54
N ASP E 796 -50.00 23.19 55.11
CA ASP E 796 -49.73 21.98 55.87
C ASP E 796 -49.64 20.77 54.95
N ASP E 797 -50.48 20.75 53.90
CA ASP E 797 -50.41 19.71 52.88
C ASP E 797 -50.74 20.22 51.49
N ARG E 798 -50.98 21.53 51.33
CA ARG E 798 -51.23 22.02 49.98
C ARG E 798 -49.92 22.19 49.23
N PRO E 799 -49.89 21.83 47.94
CA PRO E 799 -48.61 21.85 47.20
C PRO E 799 -48.10 23.25 46.88
N HIS E 800 -46.80 23.47 47.04
CA HIS E 800 -46.22 24.76 46.64
C HIS E 800 -45.66 24.69 45.23
N ARG E 801 -45.07 23.57 44.87
CA ARG E 801 -44.29 23.41 43.65
C ARG E 801 -44.90 22.36 42.74
N PRO E 802 -44.68 22.45 41.43
CA PRO E 802 -45.17 21.40 40.52
C PRO E 802 -44.41 20.10 40.71
N ALA E 803 -44.92 19.05 40.06
CA ALA E 803 -44.21 17.78 40.04
C ALA E 803 -42.94 17.85 39.20
N ASP E 804 -42.86 18.83 38.30
CA ASP E 804 -41.64 19.06 37.53
C ASP E 804 -40.51 19.51 38.45
N TRP E 805 -40.84 20.19 39.55
CA TRP E 805 -39.83 20.59 40.52
C TRP E 805 -39.27 19.39 41.26
N THR E 806 -40.03 18.29 41.32
CA THR E 806 -39.50 17.07 41.90
C THR E 806 -38.69 16.29 40.88
N VAL E 807 -39.08 16.37 39.61
CA VAL E 807 -38.40 15.59 38.58
C VAL E 807 -37.09 16.26 38.17
N HIS E 808 -37.10 17.59 38.06
CA HIS E 808 -35.90 18.32 37.65
C HIS E 808 -34.80 18.24 38.70
N HIS E 809 -35.16 17.98 39.95
CA HIS E 809 -34.13 17.69 40.93
C HIS E 809 -33.58 16.29 40.78
N LYS E 810 -34.46 15.32 40.50
CA LYS E 810 -34.04 13.91 40.42
C LYS E 810 -33.05 13.68 39.30
N ILE E 811 -33.25 14.37 38.17
CA ILE E 811 -32.35 14.24 37.04
C ILE E 811 -31.00 14.84 37.39
N TYR E 812 -31.01 15.89 38.23
CA TYR E 812 -29.78 16.59 38.54
C TYR E 812 -28.86 15.72 39.38
N TYR E 813 -29.38 15.11 40.44
CA TYR E 813 -28.51 14.34 41.33
C TYR E 813 -28.16 13.00 40.73
N TYR E 814 -29.10 12.38 40.03
CA TYR E 814 -28.87 11.03 39.52
C TYR E 814 -28.09 11.02 38.22
N VAL E 815 -28.38 11.94 37.31
CA VAL E 815 -27.87 11.80 35.95
C VAL E 815 -26.71 12.76 35.72
N LEU E 816 -26.88 14.04 36.07
CA LEU E 816 -25.87 15.04 35.78
C LEU E 816 -24.65 14.88 36.68
N VAL E 817 -24.85 15.00 37.99
CA VAL E 817 -23.82 15.00 39.02
C VAL E 817 -22.85 13.82 38.94
N PRO E 818 -23.25 12.55 38.78
CA PRO E 818 -22.21 11.50 38.69
C PRO E 818 -21.42 11.56 37.39
N ALA E 819 -21.97 12.19 36.35
CA ALA E 819 -21.21 12.37 35.12
C ALA E 819 -20.17 13.47 35.29
N PHE E 820 -20.31 14.32 36.30
CA PHE E 820 -19.26 15.29 36.57
C PHE E 820 -18.38 14.84 37.72
N SER E 821 -18.99 14.36 38.82
CA SER E 821 -18.25 14.14 40.05
C SER E 821 -17.35 12.91 39.96
N ARG E 822 -17.68 11.99 39.05
CA ARG E 822 -16.93 10.75 38.80
C ARG E 822 -16.83 9.93 40.08
N GLY E 823 -17.97 9.77 40.75
CA GLY E 823 -18.06 8.94 41.93
C GLY E 823 -17.48 9.52 43.21
N ARG E 824 -16.76 10.64 43.13
CA ARG E 824 -16.10 11.23 44.30
C ARG E 824 -16.97 12.31 44.89
N CYS E 825 -18.05 11.91 45.56
CA CYS E 825 -18.95 12.84 46.23
C CYS E 825 -19.73 12.10 47.32
N CYS E 826 -20.20 12.84 48.33
CA CYS E 826 -20.82 12.20 49.47
C CYS E 826 -21.91 13.10 50.04
N THR E 827 -22.95 12.46 50.56
CA THR E 827 -24.09 13.13 51.17
C THR E 827 -23.86 13.27 52.66
N ALA E 828 -24.39 14.35 53.24
CA ALA E 828 -24.13 14.65 54.64
C ALA E 828 -25.37 15.26 55.28
N GLY E 829 -25.57 14.91 56.55
CA GLY E 829 -26.55 15.59 57.36
C GLY E 829 -25.90 16.75 58.11
N VAL E 830 -26.72 17.70 58.52
CA VAL E 830 -26.25 19.00 58.96
C VAL E 830 -26.57 19.18 60.45
N ARG E 831 -25.55 19.44 61.24
CA ARG E 831 -25.73 19.85 62.64
C ARG E 831 -26.11 21.33 62.67
N PHE E 832 -27.40 21.62 62.51
CA PHE E 832 -27.85 23.00 62.34
C PHE E 832 -27.63 23.85 63.58
N ASP E 833 -27.65 23.24 64.77
CA ASP E 833 -27.40 23.99 65.99
C ASP E 833 -25.98 24.53 66.02
N ARG E 834 -25.05 23.79 65.43
CA ARG E 834 -23.66 24.22 65.37
C ARG E 834 -23.42 25.06 64.12
N VAL E 835 -24.17 24.80 63.06
CA VAL E 835 -24.03 25.57 61.83
C VAL E 835 -24.55 26.98 62.00
N TYR E 836 -25.78 27.13 62.51
CA TYR E 836 -26.36 28.46 62.69
C TYR E 836 -25.61 29.26 63.74
N ALA E 837 -24.92 28.57 64.66
CA ALA E 837 -24.12 29.26 65.66
C ALA E 837 -22.99 30.07 65.03
N THR E 838 -22.26 29.46 64.09
CA THR E 838 -21.18 30.20 63.46
C THR E 838 -21.69 31.08 62.33
N LEU E 839 -22.93 30.88 61.91
CA LEU E 839 -23.51 31.75 60.91
C LEU E 839 -23.86 33.12 61.48
N GLN E 840 -24.71 33.16 62.50
CA GLN E 840 -25.29 34.43 62.98
C GLN E 840 -24.43 34.99 64.12
N ASN E 841 -23.12 34.75 64.00
CA ASN E 841 -22.12 35.25 64.91
C ASN E 841 -21.20 36.16 64.09
N MET E 842 -21.55 37.44 64.02
CA MET E 842 -20.88 38.36 63.10
C MET E 842 -20.23 39.49 63.86
N VAL E 843 -19.30 40.16 63.19
CA VAL E 843 -18.72 41.42 63.64
C VAL E 843 -18.80 42.42 62.49
N VAL E 844 -19.66 43.41 62.65
CA VAL E 844 -19.85 44.47 61.66
C VAL E 844 -19.53 45.80 62.30
N PRO E 845 -18.62 46.59 61.74
CA PRO E 845 -18.22 47.84 62.39
C PRO E 845 -19.28 48.93 62.24
N GLU E 846 -19.37 49.78 63.26
CA GLU E 846 -20.19 50.97 63.16
C GLU E 846 -19.51 51.98 62.24
N ILE E 847 -20.30 52.55 61.33
CA ILE E 847 -19.79 53.51 60.36
C ILE E 847 -19.84 54.89 61.00
N ALA E 848 -18.99 55.80 60.53
CA ALA E 848 -19.09 57.18 60.95
C ALA E 848 -20.22 57.87 60.19
N PRO E 849 -20.92 58.80 60.82
CA PRO E 849 -21.96 59.56 60.11
C PRO E 849 -21.36 60.43 59.01
N GLY E 850 -21.87 60.23 57.80
CA GLY E 850 -21.30 60.87 56.64
C GLY E 850 -20.18 60.11 55.96
N GLU E 851 -19.81 58.94 56.49
CA GLU E 851 -18.73 58.14 55.93
C GLU E 851 -19.33 57.05 55.06
N GLU E 852 -18.70 56.79 53.91
CA GLU E 852 -19.26 55.86 52.95
C GLU E 852 -19.00 54.42 53.34
N CYS E 853 -19.46 53.51 52.49
CA CYS E 853 -19.37 52.09 52.77
C CYS E 853 -17.92 51.61 52.60
N PRO E 854 -17.48 50.64 53.41
CA PRO E 854 -16.16 50.02 53.18
C PRO E 854 -16.14 49.25 51.86
N SER E 855 -15.41 49.79 50.89
CA SER E 855 -15.48 49.26 49.54
C SER E 855 -14.42 48.20 49.29
N ASP E 856 -13.20 48.40 49.78
CA ASP E 856 -12.12 47.45 49.60
C ASP E 856 -11.51 47.10 50.94
N PRO E 857 -11.15 45.83 51.19
CA PRO E 857 -10.69 45.45 52.54
C PRO E 857 -9.31 45.95 52.87
N VAL E 858 -8.43 46.08 51.87
CA VAL E 858 -7.11 46.65 52.12
C VAL E 858 -7.22 48.15 52.31
N THR E 859 -8.19 48.78 51.65
CA THR E 859 -8.34 50.22 51.72
C THR E 859 -8.85 50.67 53.08
N ASP E 860 -9.93 50.06 53.56
CA ASP E 860 -10.62 50.55 54.74
C ASP E 860 -10.29 49.68 55.92
N PRO E 861 -9.85 50.23 57.05
CA PRO E 861 -9.80 49.43 58.28
C PRO E 861 -11.17 49.15 58.87
N ALA E 862 -12.20 49.87 58.41
CA ALA E 862 -13.56 49.61 58.88
C ALA E 862 -14.22 48.49 58.10
N HIS E 863 -13.48 47.82 57.23
CA HIS E 863 -14.05 46.73 56.46
C HIS E 863 -14.15 45.49 57.35
N PRO E 864 -15.26 44.75 57.28
CA PRO E 864 -15.40 43.57 58.17
C PRO E 864 -14.51 42.39 57.79
N LEU E 865 -13.80 42.48 56.68
CA LEU E 865 -12.78 41.48 56.38
C LEU E 865 -11.36 42.04 56.43
N HIS E 866 -11.20 43.31 56.79
CA HIS E 866 -9.89 43.88 57.04
C HIS E 866 -9.27 43.19 58.25
N PRO E 867 -7.92 43.04 58.29
CA PRO E 867 -7.29 42.35 59.43
C PRO E 867 -7.51 42.97 60.80
N ALA E 868 -7.97 44.21 60.86
CA ALA E 868 -8.47 44.74 62.12
C ALA E 868 -9.74 44.01 62.55
N ASN E 869 -10.60 43.65 61.59
CA ASN E 869 -11.89 43.06 61.93
C ASN E 869 -11.89 41.55 61.76
N LEU E 870 -10.77 40.97 61.37
CA LEU E 870 -10.71 39.52 61.24
C LEU E 870 -10.59 38.88 62.61
N VAL E 871 -11.73 38.73 63.28
CA VAL E 871 -11.79 38.23 64.64
C VAL E 871 -11.86 36.71 64.55
N ALA E 872 -11.22 36.03 65.51
CA ALA E 872 -11.19 34.58 65.50
C ALA E 872 -12.59 34.00 65.72
N ASN E 873 -12.89 32.97 64.93
CA ASN E 873 -14.03 32.06 65.03
C ASN E 873 -15.38 32.68 64.73
N THR E 874 -15.44 33.92 64.25
CA THR E 874 -16.72 34.48 63.82
C THR E 874 -16.88 34.33 62.30
N VAL E 875 -17.89 35.01 61.76
CA VAL E 875 -18.37 34.64 60.43
C VAL E 875 -17.45 35.19 59.34
N LYS E 876 -16.73 36.27 59.61
CA LYS E 876 -15.93 36.87 58.55
C LYS E 876 -14.61 36.13 58.39
N ARG E 877 -14.21 35.38 59.42
CA ARG E 877 -13.01 34.56 59.34
C ARG E 877 -13.16 33.47 58.28
N MET E 878 -14.35 32.88 58.18
CA MET E 878 -14.58 31.90 57.13
C MET E 878 -14.80 32.59 55.79
N PHE E 879 -15.16 33.88 55.81
CA PHE E 879 -15.08 34.68 54.59
C PHE E 879 -13.64 35.08 54.30
N HIS E 880 -12.71 34.79 55.21
CA HIS E 880 -11.32 35.09 54.94
C HIS E 880 -10.49 33.82 54.80
N ASN E 881 -10.99 32.70 55.30
CA ASN E 881 -10.34 31.42 55.03
C ASN E 881 -10.40 31.09 53.55
N GLY E 882 -11.60 31.07 52.98
CA GLY E 882 -11.77 31.19 51.55
C GLY E 882 -11.93 32.66 51.21
N ARG E 883 -11.08 33.14 50.31
CA ARG E 883 -11.03 34.57 50.02
C ARG E 883 -12.27 35.02 49.27
N VAL E 884 -13.27 35.45 50.03
CA VAL E 884 -14.56 35.83 49.48
C VAL E 884 -14.84 37.28 49.84
N VAL E 885 -14.77 38.15 48.84
CA VAL E 885 -14.88 39.59 49.03
C VAL E 885 -16.34 39.91 49.36
N VAL E 886 -16.60 40.21 50.62
CA VAL E 886 -17.94 40.51 51.11
C VAL E 886 -17.91 41.86 51.82
N ASP E 887 -18.82 42.74 51.43
CA ASP E 887 -18.91 44.06 52.02
C ASP E 887 -19.79 44.03 53.28
N GLY E 888 -20.03 45.23 53.83
CA GLY E 888 -20.85 45.41 55.01
C GLY E 888 -22.30 45.00 54.91
N PRO E 889 -23.10 45.62 54.02
CA PRO E 889 -24.55 45.36 54.09
C PRO E 889 -24.99 43.99 53.60
N ALA E 890 -24.11 43.23 52.95
CA ALA E 890 -24.48 41.88 52.54
C ALA E 890 -24.53 40.93 53.73
N MET E 891 -23.54 41.01 54.61
CA MET E 891 -23.59 40.21 55.83
C MET E 891 -24.51 40.84 56.88
N LEU E 892 -24.91 42.10 56.66
CA LEU E 892 -25.86 42.74 57.57
C LEU E 892 -27.25 42.14 57.43
N THR E 893 -27.59 41.62 56.26
CA THR E 893 -28.88 40.97 56.05
C THR E 893 -28.85 39.49 56.39
N LEU E 894 -27.91 39.05 57.22
CA LEU E 894 -27.84 37.65 57.59
C LEU E 894 -28.81 37.30 58.71
N GLN E 895 -29.56 38.29 59.22
CA GLN E 895 -30.52 38.08 60.30
C GLN E 895 -31.81 37.41 59.83
N VAL E 896 -31.88 36.96 58.58
CA VAL E 896 -33.06 36.25 58.09
C VAL E 896 -32.95 34.75 58.41
N LEU E 897 -31.91 34.35 59.14
CA LEU E 897 -31.93 33.03 59.75
C LEU E 897 -32.84 33.00 60.97
N ALA E 898 -33.25 34.18 61.46
CA ALA E 898 -34.19 34.23 62.56
C ALA E 898 -35.58 33.76 62.14
N HIS E 899 -36.07 34.27 61.01
CA HIS E 899 -37.47 34.05 60.64
C HIS E 899 -37.70 32.63 60.14
N ASN E 900 -36.71 32.03 59.50
CA ASN E 900 -36.83 30.70 58.93
C ASN E 900 -35.52 29.95 59.08
N MET E 901 -35.61 28.68 59.49
CA MET E 901 -34.44 27.85 59.65
C MET E 901 -34.85 26.39 59.53
N ALA E 902 -33.86 25.51 59.72
CA ALA E 902 -34.10 24.08 59.85
C ALA E 902 -33.55 23.64 61.19
N GLU E 903 -34.30 22.83 61.92
CA GLU E 903 -33.89 22.49 63.28
C GLU E 903 -32.82 21.40 63.28
N ARG E 904 -32.95 20.42 62.38
CA ARG E 904 -32.02 19.30 62.34
C ARG E 904 -32.11 18.64 60.97
N THR E 905 -31.46 17.49 60.86
CA THR E 905 -31.52 16.66 59.66
C THR E 905 -32.10 15.30 60.01
N THR E 906 -32.73 14.67 59.03
CA THR E 906 -33.49 13.45 59.27
C THR E 906 -33.27 12.47 58.13
N ALA E 907 -32.73 11.30 58.45
CA ALA E 907 -32.67 10.22 57.48
C ALA E 907 -34.07 9.70 57.22
N LEU E 908 -34.28 9.17 56.03
CA LEU E 908 -35.61 8.91 55.51
C LEU E 908 -35.59 7.61 54.72
N LEU E 909 -36.62 6.79 54.93
CA LEU E 909 -36.73 5.49 54.28
C LEU E 909 -38.19 5.26 53.90
N CYS E 910 -38.52 5.54 52.64
CA CYS E 910 -39.88 5.30 52.17
C CYS E 910 -39.82 4.41 50.94
N SER E 911 -40.27 3.16 51.11
CA SER E 911 -40.14 2.12 50.10
C SER E 911 -41.47 1.87 49.43
N ALA E 912 -41.44 1.22 48.27
CA ALA E 912 -42.64 1.10 47.46
C ALA E 912 -42.67 -0.24 46.73
N ALA E 913 -43.83 -0.55 46.16
CA ALA E 913 -44.09 -1.80 45.48
C ALA E 913 -43.82 -1.65 43.98
N PRO E 914 -43.79 -2.76 43.23
CA PRO E 914 -43.81 -2.66 41.77
C PRO E 914 -45.10 -1.99 41.26
N ASP E 915 -44.97 -1.37 40.11
CA ASP E 915 -45.97 -0.45 39.61
C ASP E 915 -47.17 -1.19 39.04
N ALA E 916 -48.15 -0.42 38.60
CA ALA E 916 -49.19 -0.98 37.76
C ALA E 916 -48.61 -1.31 36.40
N GLY E 917 -48.24 -2.58 36.23
CA GLY E 917 -47.55 -2.99 35.02
C GLY E 917 -46.35 -3.87 35.23
N ALA E 918 -45.85 -3.99 36.45
CA ALA E 918 -44.99 -5.10 36.82
C ALA E 918 -45.52 -5.86 38.02
N ASN E 919 -46.76 -5.60 38.42
CA ASN E 919 -47.35 -6.24 39.59
C ASN E 919 -48.20 -7.38 39.11
N THR E 920 -47.60 -8.54 38.93
CA THR E 920 -48.37 -9.77 38.85
C THR E 920 -48.64 -10.26 40.28
N ALA E 921 -49.18 -11.46 40.38
CA ALA E 921 -49.35 -12.04 41.71
C ALA E 921 -47.99 -12.41 42.31
N SER E 922 -47.01 -12.73 41.45
CA SER E 922 -45.75 -13.24 41.95
C SER E 922 -44.81 -12.11 42.36
N THR E 923 -45.10 -10.88 41.96
CA THR E 923 -44.24 -9.77 42.34
C THR E 923 -44.89 -8.81 43.32
N ALA E 924 -45.94 -9.23 44.02
CA ALA E 924 -46.59 -8.32 44.97
C ALA E 924 -45.85 -8.30 46.29
N ASN E 925 -44.96 -9.27 46.52
CA ASN E 925 -44.25 -9.35 47.78
C ASN E 925 -42.97 -8.53 47.75
N MET E 926 -42.61 -8.01 46.57
CA MET E 926 -41.32 -7.35 46.42
C MET E 926 -41.42 -5.87 46.77
N ARG E 927 -40.32 -5.32 47.27
CA ARG E 927 -40.27 -3.94 47.74
C ARG E 927 -39.02 -3.26 47.21
N ILE E 928 -39.15 -1.97 46.91
CA ILE E 928 -38.00 -1.19 46.46
C ILE E 928 -37.61 -0.17 47.52
N PHE E 929 -36.54 -0.46 48.24
CA PHE E 929 -36.15 0.35 49.40
C PHE E 929 -35.37 1.55 48.93
N ASP E 930 -35.82 2.74 49.34
CA ASP E 930 -35.26 3.99 48.89
C ASP E 930 -34.93 4.86 50.09
N GLY E 931 -33.74 5.45 50.10
CA GLY E 931 -33.32 6.30 51.19
C GLY E 931 -32.94 7.70 50.74
N ALA E 932 -33.33 8.70 51.52
CA ALA E 932 -32.95 10.07 51.23
C ALA E 932 -32.90 10.86 52.53
N LEU E 933 -32.77 12.17 52.41
CA LEU E 933 -32.56 13.05 53.55
C LEU E 933 -33.53 14.22 53.49
N HIS E 934 -33.99 14.67 54.66
CA HIS E 934 -34.91 15.79 54.67
C HIS E 934 -34.16 17.12 54.69
N ALA E 935 -32.94 17.12 55.21
CA ALA E 935 -32.10 18.31 55.17
C ALA E 935 -30.68 17.84 54.98
N GLY E 936 -30.23 17.83 53.74
CA GLY E 936 -28.94 17.24 53.43
C GLY E 936 -28.12 18.17 52.56
N VAL E 937 -26.83 17.90 52.54
CA VAL E 937 -25.89 18.66 51.72
C VAL E 937 -25.03 17.66 50.98
N LEU E 938 -24.67 18.00 49.75
CA LEU E 938 -23.87 17.13 48.92
C LEU E 938 -22.45 17.67 48.83
N LEU E 939 -21.51 16.96 49.44
CA LEU E 939 -20.11 17.32 49.40
C LEU E 939 -19.57 17.08 48.01
N MET E 940 -18.63 17.92 47.57
CA MET E 940 -18.11 17.77 46.22
C MET E 940 -16.71 17.19 46.22
N ALA E 941 -15.86 17.63 47.14
CA ALA E 941 -14.47 17.24 46.99
C ALA E 941 -13.89 16.71 48.30
N PRO E 942 -12.93 15.78 48.23
CA PRO E 942 -12.24 15.36 49.46
C PRO E 942 -11.37 16.48 50.00
N GLN E 943 -11.78 17.01 51.15
CA GLN E 943 -11.16 18.20 51.72
C GLN E 943 -10.86 17.92 53.19
N HIS E 944 -10.25 16.76 53.44
CA HIS E 944 -9.79 16.39 54.77
C HIS E 944 -8.28 16.55 54.93
N LEU E 945 -7.60 17.09 53.92
CA LEU E 945 -6.16 17.31 53.95
C LEU E 945 -5.87 18.71 54.47
N ASP E 946 -6.50 19.07 55.59
CA ASP E 946 -6.34 20.41 56.16
C ASP E 946 -6.83 20.46 57.59
N HIS E 947 -6.48 21.53 58.29
CA HIS E 947 -7.03 21.83 59.59
C HIS E 947 -7.41 23.31 59.63
N THR E 948 -8.56 23.62 59.09
CA THR E 948 -9.17 24.93 59.31
C THR E 948 -10.60 24.63 59.72
N ILE E 949 -11.02 23.41 59.39
CA ILE E 949 -12.29 22.84 59.80
C ILE E 949 -12.01 21.42 60.28
N GLN E 950 -12.51 21.12 61.47
CA GLN E 950 -12.44 19.76 61.99
C GLN E 950 -13.28 18.82 61.13
N ASN E 951 -12.78 17.60 60.94
CA ASN E 951 -13.63 16.56 60.35
C ASN E 951 -14.76 16.26 61.31
N GLY E 952 -15.99 16.29 60.78
CA GLY E 952 -17.16 16.12 61.60
C GLY E 952 -17.53 17.32 62.45
N GLU E 953 -16.90 18.47 62.22
CA GLU E 953 -17.32 19.70 62.87
C GLU E 953 -18.74 20.07 62.47
N TYR E 954 -18.93 20.44 61.22
CA TYR E 954 -20.27 20.78 60.77
C TYR E 954 -21.08 19.54 60.43
N PHE E 955 -20.60 18.78 59.44
CA PHE E 955 -21.42 17.81 58.74
C PHE E 955 -20.86 16.43 59.03
N TYR E 956 -21.74 15.50 59.33
CA TYR E 956 -21.36 14.11 59.41
C TYR E 956 -21.63 13.49 58.04
N VAL E 957 -20.68 12.71 57.53
CA VAL E 957 -20.91 12.05 56.25
C VAL E 957 -21.99 11.00 56.42
N LEU E 958 -22.88 10.93 55.44
CA LEU E 958 -23.94 9.98 55.54
C LEU E 958 -24.26 9.53 54.12
N PRO E 959 -23.58 8.52 53.61
CA PRO E 959 -23.88 8.04 52.26
C PRO E 959 -25.24 7.36 52.17
N VAL E 960 -26.12 7.97 51.39
CA VAL E 960 -27.52 7.51 51.33
C VAL E 960 -27.72 6.56 50.18
N HIS E 961 -26.73 6.44 49.31
CA HIS E 961 -26.82 5.63 48.11
C HIS E 961 -25.40 5.36 47.63
N ALA E 962 -25.25 4.27 46.88
CA ALA E 962 -23.91 3.83 46.48
C ALA E 962 -23.26 4.80 45.52
N LEU E 963 -24.05 5.60 44.81
CA LEU E 963 -23.50 6.72 44.06
C LEU E 963 -22.82 7.72 44.96
N PHE E 964 -23.51 8.15 46.01
CA PHE E 964 -23.03 9.27 46.82
C PHE E 964 -22.29 8.76 48.05
N ALA E 965 -21.38 7.82 47.81
CA ALA E 965 -20.58 7.21 48.86
C ALA E 965 -19.12 7.35 48.48
N GLY E 966 -18.57 8.52 48.77
CA GLY E 966 -17.21 8.82 48.37
C GLY E 966 -16.18 8.06 49.18
N ALA E 967 -15.32 7.30 48.50
CA ALA E 967 -14.35 6.47 49.19
C ALA E 967 -13.27 7.32 49.84
N ASP E 968 -13.11 8.56 49.37
CA ASP E 968 -12.24 9.50 50.07
C ASP E 968 -13.01 10.27 51.13
N HIS E 969 -14.33 10.07 51.18
CA HIS E 969 -15.12 10.73 52.21
C HIS E 969 -15.57 9.74 53.28
N VAL E 970 -15.94 8.53 52.86
CA VAL E 970 -16.46 7.54 53.80
C VAL E 970 -15.33 6.98 54.67
N ALA E 971 -14.18 6.69 54.06
CA ALA E 971 -13.05 6.20 54.84
C ALA E 971 -12.44 7.28 55.71
N ASN E 972 -12.70 8.54 55.41
CA ASN E 972 -12.12 9.65 56.12
C ASN E 972 -13.10 10.27 57.10
N ALA E 973 -13.87 9.43 57.79
CA ALA E 973 -14.70 9.86 58.90
C ALA E 973 -13.81 10.25 60.09
N PRO E 974 -14.35 11.01 61.06
CA PRO E 974 -13.55 11.31 62.26
C PRO E 974 -13.12 10.09 63.06
N ASN E 975 -13.89 9.00 63.00
CA ASN E 975 -13.47 7.71 63.52
C ASN E 975 -13.73 6.67 62.43
N PHE E 976 -12.82 5.71 62.32
CA PHE E 976 -12.93 4.72 61.26
C PHE E 976 -12.15 3.49 61.66
N PRO E 977 -12.69 2.30 61.45
CA PRO E 977 -11.96 1.08 61.78
C PRO E 977 -10.80 0.87 60.84
N PRO E 978 -9.61 0.57 61.37
CA PRO E 978 -8.40 0.66 60.54
C PRO E 978 -8.21 -0.51 59.59
N ALA E 979 -8.91 -1.62 59.80
CA ALA E 979 -8.76 -2.75 58.89
C ALA E 979 -9.57 -2.60 57.60
N LEU E 980 -10.31 -1.50 57.46
CA LEU E 980 -11.15 -1.28 56.29
C LEU E 980 -10.65 -0.16 55.41
N ARG E 981 -9.35 -0.02 55.19
CA ARG E 981 -8.90 1.08 54.35
C ARG E 981 -9.02 0.73 52.87
N ASP E 982 -8.58 -0.47 52.49
CA ASP E 982 -8.62 -0.83 51.08
C ASP E 982 -10.01 -1.27 50.66
N LEU E 983 -10.75 -1.91 51.56
CA LEU E 983 -12.06 -2.41 51.17
C LEU E 983 -13.08 -1.27 51.13
N ALA E 984 -12.80 -0.17 51.81
CA ALA E 984 -13.69 0.98 51.64
C ALA E 984 -13.37 1.73 50.36
N ARG E 985 -12.22 1.43 49.76
CA ARG E 985 -11.82 2.17 48.57
C ARG E 985 -12.60 1.72 47.34
N ASP E 986 -12.59 0.43 47.06
CA ASP E 986 -13.22 -0.04 45.83
C ASP E 986 -14.63 -0.59 46.06
N VAL E 987 -15.08 -0.68 47.30
CA VAL E 987 -16.44 -1.07 47.64
C VAL E 987 -17.05 0.07 48.44
N PRO E 988 -18.21 0.60 48.04
CA PRO E 988 -18.82 1.68 48.80
C PRO E 988 -19.41 1.14 50.09
N LEU E 989 -19.46 1.98 51.12
CA LEU E 989 -20.01 1.60 52.40
C LEU E 989 -21.22 2.46 52.71
N VAL E 990 -22.40 1.98 52.33
CA VAL E 990 -23.66 2.66 52.62
C VAL E 990 -24.34 1.87 53.72
N PRO E 991 -24.77 2.51 54.80
CA PRO E 991 -25.41 1.78 55.89
C PRO E 991 -26.76 1.24 55.48
N PRO E 992 -27.07 0.00 55.84
CA PRO E 992 -28.37 -0.60 55.48
C PRO E 992 -29.54 -0.04 56.25
N ALA E 993 -29.31 0.88 57.18
CA ALA E 993 -30.41 1.67 57.70
C ALA E 993 -30.97 2.60 56.63
N LEU E 994 -30.14 2.96 55.65
CA LEU E 994 -30.61 3.83 54.58
C LEU E 994 -31.05 3.02 53.37
N GLY E 995 -30.13 2.32 52.71
CA GLY E 995 -30.51 1.57 51.53
C GLY E 995 -29.54 0.45 51.25
N ALA E 996 -30.09 -0.67 50.81
CA ALA E 996 -29.29 -1.85 50.49
C ALA E 996 -29.16 -1.92 48.99
N ASN E 997 -28.10 -2.59 48.51
CA ASN E 997 -27.74 -2.49 47.10
C ASN E 997 -28.76 -3.19 46.21
N TYR E 998 -29.07 -4.44 46.52
CA TYR E 998 -30.01 -5.19 45.69
C TYR E 998 -31.42 -4.64 45.85
N PHE E 999 -31.70 -4.06 47.00
CA PHE E 999 -33.02 -3.50 47.23
C PHE E 999 -33.08 -2.03 46.85
N SER E 1000 -32.05 -1.55 46.15
CA SER E 1000 -32.05 -0.17 45.71
C SER E 1000 -32.74 -0.02 44.35
N SER E 1001 -32.95 1.23 43.96
CA SER E 1001 -33.44 1.49 42.63
C SER E 1001 -32.32 1.50 41.62
N ILE E 1002 -31.15 1.99 42.03
CA ILE E 1002 -30.02 2.20 41.13
C ILE E 1002 -28.86 1.41 41.72
N ARG E 1003 -28.51 0.30 41.09
CA ARG E 1003 -27.57 -0.61 41.72
C ARG E 1003 -26.14 -0.27 41.37
N GLN E 1004 -25.26 -1.22 41.69
CA GLN E 1004 -23.85 -1.10 41.35
C GLN E 1004 -23.49 -0.92 39.87
N PRO E 1005 -24.12 -1.58 38.87
CA PRO E 1005 -23.64 -1.39 37.49
C PRO E 1005 -23.82 0.01 36.94
N VAL E 1006 -24.84 0.73 37.38
CA VAL E 1006 -24.95 2.14 37.02
C VAL E 1006 -23.85 2.93 37.72
N VAL E 1007 -23.54 2.55 38.95
CA VAL E 1007 -22.48 3.22 39.71
C VAL E 1007 -21.12 2.95 39.08
N GLN E 1008 -20.90 1.72 38.62
CA GLN E 1008 -19.64 1.38 37.97
C GLN E 1008 -19.55 2.01 36.60
N HIS E 1009 -20.70 2.25 35.97
CA HIS E 1009 -20.71 2.91 34.67
C HIS E 1009 -20.28 4.36 34.80
N ALA E 1010 -20.53 4.98 35.95
CA ALA E 1010 -20.20 6.38 36.10
C ALA E 1010 -18.71 6.60 36.25
N ARG E 1011 -18.01 5.64 36.84
CA ARG E 1011 -16.61 5.87 37.18
C ARG E 1011 -15.68 5.14 36.22
N GLU E 1012 -16.22 4.45 35.22
CA GLU E 1012 -15.36 3.69 34.33
C GLU E 1012 -15.59 4.04 32.87
N SER E 1013 -16.58 4.88 32.57
CA SER E 1013 -16.83 5.25 31.19
C SER E 1013 -15.75 6.21 30.70
N ALA E 1014 -15.64 6.33 29.39
CA ALA E 1014 -14.61 7.15 28.77
C ALA E 1014 -15.17 8.27 27.90
N ALA E 1015 -16.47 8.25 27.64
CA ALA E 1015 -17.04 9.16 26.66
C ALA E 1015 -17.11 10.58 27.20
N GLY E 1016 -17.46 11.51 26.32
CA GLY E 1016 -17.63 12.88 26.71
C GLY E 1016 -18.86 13.09 27.57
N GLU E 1017 -18.78 14.11 28.43
CA GLU E 1017 -19.79 14.31 29.46
C GLU E 1017 -21.11 14.80 28.89
N ASN E 1018 -21.08 15.30 27.66
CA ASN E 1018 -22.33 15.46 26.93
C ASN E 1018 -22.91 14.09 26.60
N ALA E 1019 -22.12 13.24 25.94
CA ALA E 1019 -22.65 11.98 25.44
C ALA E 1019 -22.74 10.94 26.53
N LEU E 1020 -22.01 11.13 27.63
CA LEU E 1020 -22.16 10.22 28.76
C LEU E 1020 -23.49 10.41 29.46
N THR E 1021 -23.98 11.65 29.47
CA THR E 1021 -25.16 11.97 30.25
C THR E 1021 -26.41 11.32 29.69
N TYR E 1022 -26.58 11.36 28.37
CA TYR E 1022 -27.73 10.72 27.75
C TYR E 1022 -27.69 9.21 27.92
N ALA E 1023 -26.50 8.64 27.91
CA ALA E 1023 -26.34 7.21 28.17
C ALA E 1023 -26.82 6.86 29.56
N LEU E 1024 -26.40 7.65 30.55
CA LEU E 1024 -26.84 7.37 31.90
C LEU E 1024 -28.26 7.86 32.11
N MET E 1025 -28.72 8.79 31.29
CA MET E 1025 -30.14 9.13 31.26
C MET E 1025 -30.96 7.97 30.73
N ALA E 1026 -30.50 7.35 29.64
CA ALA E 1026 -31.24 6.25 29.04
C ALA E 1026 -31.12 4.98 29.85
N GLY E 1027 -30.21 4.94 30.81
CA GLY E 1027 -30.11 3.80 31.69
C GLY E 1027 -31.27 3.67 32.65
N TYR E 1028 -32.12 4.69 32.75
CA TYR E 1028 -33.19 4.62 33.73
C TYR E 1028 -34.57 4.40 33.10
N PHE E 1029 -34.64 3.79 31.93
CA PHE E 1029 -35.91 3.31 31.44
C PHE E 1029 -36.20 1.93 32.04
N LYS E 1030 -37.44 1.71 32.44
CA LYS E 1030 -37.75 0.54 33.26
C LYS E 1030 -37.79 -0.74 32.44
N MET E 1031 -37.88 -1.86 33.15
CA MET E 1031 -38.09 -3.15 32.55
C MET E 1031 -39.42 -3.77 32.97
N SER E 1032 -40.50 -3.02 32.94
CA SER E 1032 -41.81 -3.61 33.08
C SER E 1032 -42.44 -3.74 31.70
N PRO E 1033 -43.31 -4.74 31.51
CA PRO E 1033 -43.93 -4.91 30.18
C PRO E 1033 -44.86 -3.79 29.75
N VAL E 1034 -45.32 -2.94 30.67
CA VAL E 1034 -45.96 -1.71 30.22
C VAL E 1034 -44.91 -0.74 29.69
N ALA E 1035 -43.75 -0.69 30.35
CA ALA E 1035 -42.70 0.22 29.91
C ALA E 1035 -42.05 -0.26 28.62
N LEU E 1036 -42.16 -1.54 28.31
CA LEU E 1036 -41.47 -2.06 27.14
C LEU E 1036 -42.29 -1.86 25.88
N TYR E 1037 -43.48 -1.30 25.98
CA TYR E 1037 -44.04 -0.66 24.79
C TYR E 1037 -43.21 0.55 24.42
N HIS E 1038 -43.12 1.49 25.35
CA HIS E 1038 -42.68 2.83 25.02
C HIS E 1038 -41.18 2.84 24.73
N GLN E 1039 -40.48 1.80 25.16
CA GLN E 1039 -39.11 1.62 24.71
C GLN E 1039 -39.06 1.01 23.32
N LEU E 1040 -39.86 -0.03 23.07
CA LEU E 1040 -39.70 -0.78 21.83
C LEU E 1040 -40.48 -0.17 20.68
N LYS E 1041 -41.73 0.23 20.94
CA LYS E 1041 -42.55 0.78 19.87
C LYS E 1041 -42.02 2.11 19.40
N THR E 1042 -41.35 2.85 20.28
CA THR E 1042 -40.81 4.13 19.85
C THR E 1042 -39.48 3.96 19.13
N GLY E 1043 -38.65 3.05 19.60
CA GLY E 1043 -37.40 2.76 18.92
C GLY E 1043 -36.16 2.85 19.75
N LEU E 1044 -36.23 2.79 21.07
CA LEU E 1044 -35.03 2.73 21.90
C LEU E 1044 -34.69 1.28 22.14
N HIS E 1045 -33.41 0.93 21.99
CA HIS E 1045 -32.99 -0.42 22.29
C HIS E 1045 -32.97 -0.64 23.80
N PRO E 1046 -33.69 -1.62 24.32
CA PRO E 1046 -33.94 -1.72 25.76
C PRO E 1046 -32.81 -2.28 26.61
N GLY E 1047 -31.58 -2.37 26.09
CA GLY E 1047 -30.49 -2.83 26.90
C GLY E 1047 -30.24 -4.32 26.86
N PHE E 1048 -31.07 -5.07 26.15
CA PHE E 1048 -30.84 -6.51 25.98
C PHE E 1048 -31.38 -6.92 24.63
N GLY E 1049 -30.65 -7.82 23.97
CA GLY E 1049 -30.93 -8.16 22.59
C GLY E 1049 -31.35 -9.60 22.42
N PHE E 1050 -31.94 -9.94 21.28
CA PHE E 1050 -32.63 -11.21 21.17
C PHE E 1050 -31.92 -12.14 20.20
N THR E 1051 -32.16 -13.44 20.36
CA THR E 1051 -31.96 -14.38 19.28
C THR E 1051 -33.32 -14.77 18.76
N VAL E 1052 -33.40 -15.03 17.45
CA VAL E 1052 -34.67 -15.17 16.74
C VAL E 1052 -34.73 -16.56 16.16
N VAL E 1053 -35.70 -17.35 16.57
CA VAL E 1053 -35.83 -18.72 16.08
C VAL E 1053 -37.12 -18.83 15.31
N ARG E 1054 -37.02 -19.27 14.05
CA ARG E 1054 -38.20 -19.64 13.28
C ARG E 1054 -38.11 -21.11 12.97
N GLN E 1055 -39.21 -21.68 12.53
CA GLN E 1055 -39.16 -22.97 11.85
C GLN E 1055 -39.14 -22.69 10.36
N ASP E 1056 -38.54 -23.59 9.59
CA ASP E 1056 -38.66 -23.52 8.15
C ASP E 1056 -38.78 -24.93 7.60
N ARG E 1057 -39.47 -25.07 6.49
CA ARG E 1057 -39.80 -26.36 5.94
C ARG E 1057 -39.43 -26.36 4.47
N PHE E 1058 -38.87 -27.47 4.01
CA PHE E 1058 -38.51 -27.55 2.60
C PHE E 1058 -38.95 -28.91 2.08
N VAL E 1059 -39.61 -28.93 0.92
CA VAL E 1059 -39.77 -30.17 0.21
C VAL E 1059 -38.41 -30.64 -0.29
N THR E 1060 -38.19 -31.95 -0.31
CA THR E 1060 -37.03 -32.48 -1.00
C THR E 1060 -37.51 -33.39 -2.12
N GLU E 1061 -36.61 -33.77 -2.99
CA GLU E 1061 -36.83 -34.87 -3.90
C GLU E 1061 -35.76 -35.92 -3.60
N ASN E 1062 -36.12 -36.92 -2.82
CA ASN E 1062 -35.16 -37.89 -2.32
C ASN E 1062 -35.00 -39.01 -3.33
N VAL E 1063 -33.76 -39.37 -3.64
CA VAL E 1063 -33.55 -40.62 -4.34
C VAL E 1063 -33.49 -41.75 -3.32
N LEU E 1064 -33.71 -42.97 -3.79
CA LEU E 1064 -33.71 -44.14 -2.92
C LEU E 1064 -32.67 -45.09 -3.47
N PHE E 1065 -32.41 -46.17 -2.76
CA PHE E 1065 -31.54 -47.24 -3.19
C PHE E 1065 -31.94 -48.50 -2.45
N SER E 1066 -31.47 -49.66 -2.91
CA SER E 1066 -31.49 -50.91 -2.15
C SER E 1066 -30.52 -51.91 -2.76
N GLU E 1067 -30.39 -53.05 -2.10
CA GLU E 1067 -29.65 -54.18 -2.61
C GLU E 1067 -30.62 -55.26 -3.11
N ARG E 1068 -30.06 -56.44 -3.41
CA ARG E 1068 -30.80 -57.48 -4.12
C ARG E 1068 -31.96 -58.02 -3.31
N ALA E 1069 -31.78 -58.18 -2.01
CA ALA E 1069 -32.83 -58.72 -1.16
C ALA E 1069 -32.75 -58.03 0.19
N SER E 1070 -33.68 -57.10 0.42
CA SER E 1070 -33.75 -56.40 1.68
C SER E 1070 -35.00 -56.75 2.46
N GLU E 1071 -36.12 -56.92 1.78
CA GLU E 1071 -37.36 -57.17 2.48
C GLU E 1071 -37.87 -58.55 2.10
N ALA E 1072 -37.81 -59.46 3.06
CA ALA E 1072 -38.62 -60.65 2.96
C ALA E 1072 -40.06 -60.23 3.17
N TYR E 1073 -40.86 -60.34 2.13
CA TYR E 1073 -42.20 -59.77 2.12
C TYR E 1073 -43.21 -60.90 2.00
N PHE E 1074 -44.43 -60.68 2.46
CA PHE E 1074 -45.43 -61.74 2.51
C PHE E 1074 -46.79 -61.25 2.09
N LEU E 1075 -47.57 -62.16 1.51
CA LEU E 1075 -48.90 -61.87 1.03
C LEU E 1075 -49.85 -62.89 1.61
N GLY E 1076 -50.93 -62.42 2.22
CA GLY E 1076 -51.87 -63.33 2.83
C GLY E 1076 -53.00 -63.69 1.88
N GLN E 1077 -54.04 -64.26 2.47
CA GLN E 1077 -55.24 -64.62 1.71
C GLN E 1077 -56.32 -63.57 1.92
N LEU E 1078 -56.99 -63.22 0.83
CA LEU E 1078 -58.04 -62.19 0.87
C LEU E 1078 -59.23 -62.65 1.70
N GLN E 1079 -59.94 -61.70 2.29
CA GLN E 1079 -61.21 -61.94 2.93
C GLN E 1079 -62.14 -60.78 2.66
N VAL E 1080 -63.44 -61.06 2.59
CA VAL E 1080 -64.44 -60.11 2.13
C VAL E 1080 -65.48 -59.95 3.22
N ALA E 1081 -65.85 -58.71 3.54
CA ALA E 1081 -66.92 -58.44 4.49
C ALA E 1081 -67.92 -57.48 3.86
N ARG E 1082 -69.11 -57.38 4.48
CA ARG E 1082 -70.22 -56.59 3.95
C ARG E 1082 -70.67 -55.60 5.01
N HIS E 1083 -70.83 -54.33 4.63
CA HIS E 1083 -71.02 -53.29 5.65
C HIS E 1083 -72.44 -52.75 5.65
N GLU E 1084 -73.12 -52.79 4.50
CA GLU E 1084 -74.53 -52.46 4.33
C GLU E 1084 -74.86 -51.02 4.75
N THR E 1085 -74.34 -50.06 4.01
CA THR E 1085 -74.76 -48.69 4.21
C THR E 1085 -76.18 -48.47 3.70
N GLY E 1086 -76.77 -47.34 4.09
CA GLY E 1086 -78.10 -47.01 3.65
C GLY E 1086 -78.15 -46.67 2.17
N GLY E 1087 -77.03 -46.20 1.61
CA GLY E 1087 -76.97 -45.93 0.19
C GLY E 1087 -76.87 -47.19 -0.63
N GLY E 1088 -76.10 -48.16 -0.15
CA GLY E 1088 -75.94 -49.42 -0.85
C GLY E 1088 -74.87 -50.23 -0.17
N VAL E 1089 -74.93 -51.55 -0.37
CA VAL E 1089 -74.09 -52.45 0.41
C VAL E 1089 -72.65 -52.38 -0.07
N ASN E 1090 -71.73 -52.21 0.87
CA ASN E 1090 -70.32 -52.10 0.56
C ASN E 1090 -69.72 -53.49 0.64
N PHE E 1091 -68.70 -53.74 -0.17
CA PHE E 1091 -67.92 -54.97 -0.06
C PHE E 1091 -66.48 -54.60 0.25
N THR E 1092 -66.10 -54.71 1.52
CA THR E 1092 -64.74 -54.38 1.90
C THR E 1092 -63.89 -55.63 1.81
N LEU E 1093 -62.69 -55.48 1.28
CA LEU E 1093 -61.73 -56.55 1.16
C LEU E 1093 -60.52 -56.15 1.98
N THR E 1094 -59.74 -57.13 2.41
CA THR E 1094 -58.44 -56.87 3.03
C THR E 1094 -57.53 -58.05 2.88
N GLN E 1095 -56.22 -57.81 3.04
CA GLN E 1095 -55.21 -58.82 2.93
C GLN E 1095 -54.15 -58.58 4.00
N PRO E 1096 -53.72 -59.60 4.72
CA PRO E 1096 -52.63 -59.41 5.70
C PRO E 1096 -51.27 -59.58 5.03
N ARG E 1097 -50.32 -58.73 5.41
CA ARG E 1097 -49.00 -58.68 4.78
C ARG E 1097 -47.93 -58.48 5.83
N GLY E 1098 -46.84 -59.24 5.73
CA GLY E 1098 -45.77 -59.08 6.69
C GLY E 1098 -44.42 -58.87 6.02
N ASN E 1099 -43.52 -58.13 6.67
CA ASN E 1099 -42.25 -57.73 6.07
C ASN E 1099 -41.13 -57.78 7.09
N VAL E 1100 -39.93 -58.11 6.62
CA VAL E 1100 -38.74 -58.20 7.47
C VAL E 1100 -37.56 -57.60 6.72
N ASP E 1101 -36.88 -56.64 7.34
CA ASP E 1101 -35.62 -56.18 6.79
C ASP E 1101 -34.61 -57.30 6.89
N LEU E 1102 -34.36 -57.96 5.77
CA LEU E 1102 -33.69 -59.25 5.75
C LEU E 1102 -32.19 -59.12 5.87
N GLY E 1103 -31.65 -57.95 5.60
CA GLY E 1103 -30.21 -57.70 5.68
C GLY E 1103 -29.83 -57.40 7.11
N VAL E 1104 -28.60 -57.76 7.47
CA VAL E 1104 -28.21 -57.68 8.87
C VAL E 1104 -27.88 -56.25 9.27
N GLY E 1105 -27.37 -55.45 8.33
CA GLY E 1105 -27.05 -54.08 8.68
C GLY E 1105 -26.90 -53.19 7.47
N TYR E 1106 -27.60 -52.06 7.53
CA TYR E 1106 -27.44 -50.90 6.64
C TYR E 1106 -27.58 -51.28 5.16
N THR E 1107 -28.79 -51.61 4.80
CA THR E 1107 -29.18 -51.70 3.40
C THR E 1107 -29.98 -50.45 3.08
N ALA E 1108 -30.08 -50.12 1.79
CA ALA E 1108 -31.07 -49.18 1.27
C ALA E 1108 -30.94 -47.76 1.81
N VAL E 1109 -29.85 -47.09 1.43
CA VAL E 1109 -29.65 -45.69 1.76
C VAL E 1109 -30.59 -44.79 0.95
N ALA E 1110 -31.05 -43.69 1.55
CA ALA E 1110 -31.75 -42.63 0.82
C ALA E 1110 -30.84 -41.43 0.73
N ALA E 1111 -31.13 -40.51 -0.18
CA ALA E 1111 -30.32 -39.31 -0.35
C ALA E 1111 -31.18 -38.18 -0.90
N THR E 1112 -31.03 -36.99 -0.32
CA THR E 1112 -31.75 -35.83 -0.80
C THR E 1112 -31.06 -35.26 -2.03
N GLY E 1113 -31.85 -34.78 -2.99
CA GLY E 1113 -31.23 -34.27 -4.21
C GLY E 1113 -31.55 -32.80 -4.50
N THR E 1114 -32.82 -32.45 -4.61
CA THR E 1114 -33.19 -31.09 -4.98
C THR E 1114 -34.09 -30.50 -3.92
N VAL E 1115 -34.64 -29.31 -4.22
CA VAL E 1115 -35.35 -28.54 -3.19
C VAL E 1115 -36.79 -28.28 -3.61
N ARG E 1116 -37.00 -27.94 -4.87
CA ARG E 1116 -38.30 -27.92 -5.56
C ARG E 1116 -39.30 -26.85 -5.10
N ASN E 1117 -39.28 -26.42 -3.82
CA ASN E 1117 -39.97 -25.23 -3.24
C ASN E 1117 -39.73 -25.12 -1.74
N PRO E 1118 -39.57 -23.91 -1.22
CA PRO E 1118 -39.57 -23.72 0.24
C PRO E 1118 -40.93 -23.38 0.80
N VAL E 1119 -41.76 -24.38 1.15
CA VAL E 1119 -43.14 -24.26 1.64
C VAL E 1119 -43.38 -23.14 2.65
N THR E 1120 -42.42 -22.91 3.52
CA THR E 1120 -42.56 -21.85 4.51
C THR E 1120 -41.92 -20.58 3.97
N ASP E 1121 -42.53 -19.43 4.28
CA ASP E 1121 -42.13 -18.18 3.65
C ASP E 1121 -40.92 -17.54 4.34
N MET E 1122 -40.32 -18.26 5.29
CA MET E 1122 -39.15 -17.90 6.06
C MET E 1122 -39.35 -16.66 6.95
N GLY E 1123 -40.43 -16.56 7.68
CA GLY E 1123 -40.42 -15.76 8.89
C GLY E 1123 -41.15 -14.44 8.73
N ASN E 1124 -40.71 -13.48 9.54
CA ASN E 1124 -41.23 -12.13 9.78
C ASN E 1124 -42.60 -12.20 10.44
N LEU E 1125 -42.74 -12.95 11.52
CA LEU E 1125 -43.96 -13.03 12.28
C LEU E 1125 -43.64 -13.23 13.75
N PRO E 1126 -44.12 -12.38 14.62
CA PRO E 1126 -43.84 -12.57 16.05
C PRO E 1126 -44.69 -13.68 16.63
N GLN E 1127 -44.13 -14.48 17.53
CA GLN E 1127 -44.98 -15.33 18.35
C GLN E 1127 -45.75 -14.47 19.32
N ASN E 1128 -47.05 -14.71 19.42
CA ASN E 1128 -47.93 -13.86 20.17
C ASN E 1128 -48.48 -14.65 21.35
N PHE E 1129 -48.14 -14.23 22.57
CA PHE E 1129 -48.43 -15.03 23.74
C PHE E 1129 -49.86 -14.84 24.23
N TYR E 1130 -50.60 -13.93 23.61
CA TYR E 1130 -51.98 -13.73 24.01
C TYR E 1130 -52.90 -14.79 23.44
N LEU E 1131 -52.38 -15.64 22.57
CA LEU E 1131 -53.13 -16.81 22.13
C LEU E 1131 -53.34 -17.78 23.26
N GLY E 1132 -52.26 -18.19 23.92
CA GLY E 1132 -52.36 -19.22 24.93
C GLY E 1132 -52.07 -18.70 26.31
N ARG E 1133 -52.92 -19.03 27.27
CA ARG E 1133 -52.77 -18.56 28.64
C ARG E 1133 -52.24 -19.71 29.50
N GLY E 1134 -51.21 -19.43 30.28
CA GLY E 1134 -50.72 -20.37 31.26
C GLY E 1134 -50.16 -19.65 32.46
N ALA E 1135 -50.36 -18.34 32.52
CA ALA E 1135 -49.72 -17.50 33.52
C ALA E 1135 -50.77 -16.58 34.13
N PRO E 1136 -50.54 -16.11 35.36
CA PRO E 1136 -51.41 -15.09 35.92
C PRO E 1136 -51.25 -13.77 35.19
N PRO E 1137 -52.30 -12.98 35.10
CA PRO E 1137 -52.19 -11.66 34.50
C PRO E 1137 -51.69 -10.64 35.51
N LEU E 1138 -51.70 -9.38 35.08
CA LEU E 1138 -51.39 -8.29 36.00
C LEU E 1138 -52.51 -8.13 37.01
N LEU E 1139 -52.19 -7.52 38.14
CA LEU E 1139 -53.21 -7.38 39.18
C LEU E 1139 -54.14 -6.21 38.85
N ASP E 1140 -53.59 -5.08 38.43
CA ASP E 1140 -54.41 -3.97 37.97
C ASP E 1140 -55.04 -4.34 36.63
N ASN E 1141 -56.35 -4.61 36.64
CA ASN E 1141 -57.01 -5.07 35.43
C ASN E 1141 -57.19 -3.92 34.45
N ALA E 1142 -57.17 -2.70 34.95
CA ALA E 1142 -57.15 -1.53 34.07
C ALA E 1142 -55.82 -1.42 33.35
N ALA E 1143 -54.77 -2.05 33.89
CA ALA E 1143 -53.49 -2.11 33.19
C ALA E 1143 -53.45 -3.31 32.26
N ALA E 1144 -54.17 -4.38 32.61
CA ALA E 1144 -54.06 -5.63 31.86
C ALA E 1144 -54.72 -5.51 30.49
N VAL E 1145 -55.85 -4.82 30.41
CA VAL E 1145 -56.53 -4.71 29.13
C VAL E 1145 -55.78 -3.74 28.22
N TYR E 1146 -55.14 -2.72 28.80
CA TYR E 1146 -54.38 -1.78 27.99
C TYR E 1146 -53.11 -2.42 27.45
N LEU E 1147 -52.54 -3.34 28.22
CA LEU E 1147 -51.40 -4.08 27.73
C LEU E 1147 -51.83 -5.10 26.67
N ARG E 1148 -53.07 -5.55 26.75
CA ARG E 1148 -53.50 -6.61 25.85
C ARG E 1148 -54.12 -6.04 24.58
N ASN E 1149 -54.89 -4.97 24.69
CA ASN E 1149 -55.56 -4.50 23.47
C ASN E 1149 -54.63 -3.60 22.63
N ALA E 1150 -53.42 -3.33 23.13
CA ALA E 1150 -52.48 -2.58 22.31
C ALA E 1150 -51.63 -3.52 21.46
N VAL E 1151 -51.39 -4.75 21.95
CA VAL E 1151 -50.75 -5.75 21.11
C VAL E 1151 -51.74 -6.30 20.09
N VAL E 1152 -52.85 -6.84 20.57
CA VAL E 1152 -53.77 -7.68 19.82
C VAL E 1152 -54.39 -6.97 18.62
N ALA E 1153 -54.47 -5.63 18.66
CA ALA E 1153 -55.45 -4.87 17.88
C ALA E 1153 -55.22 -4.99 16.37
N GLY E 1154 -54.05 -5.44 15.94
CA GLY E 1154 -53.86 -5.63 14.52
C GLY E 1154 -53.01 -6.79 14.05
N ASN E 1155 -52.65 -7.73 14.93
CA ASN E 1155 -51.71 -8.78 14.54
C ASN E 1155 -52.31 -9.73 13.52
N ARG E 1156 -51.41 -10.39 12.78
CA ARG E 1156 -51.80 -11.54 12.00
C ARG E 1156 -52.16 -12.71 12.90
N LEU E 1157 -51.59 -12.75 14.10
CA LEU E 1157 -51.90 -13.77 15.08
C LEU E 1157 -52.73 -13.27 16.25
N GLY E 1158 -53.39 -12.12 16.09
CA GLY E 1158 -54.20 -11.57 17.16
C GLY E 1158 -55.44 -12.43 17.32
N PRO E 1159 -55.82 -12.71 18.56
CA PRO E 1159 -56.90 -13.67 18.80
C PRO E 1159 -58.29 -13.16 18.42
N ALA E 1160 -59.30 -13.94 18.76
CA ALA E 1160 -60.67 -13.56 18.50
C ALA E 1160 -61.18 -12.59 19.55
N GLN E 1161 -62.52 -12.46 19.63
CA GLN E 1161 -63.20 -11.45 20.43
C GLN E 1161 -62.96 -11.60 21.96
N PRO E 1162 -63.51 -12.61 22.74
CA PRO E 1162 -62.66 -13.21 23.77
C PRO E 1162 -62.03 -14.53 23.39
N LEU E 1163 -61.04 -14.95 24.18
CA LEU E 1163 -60.63 -16.34 24.18
C LEU E 1163 -61.71 -17.18 24.84
N PRO E 1164 -61.90 -18.42 24.39
CA PRO E 1164 -62.85 -19.31 25.07
C PRO E 1164 -62.23 -19.93 26.31
N VAL E 1165 -63.10 -20.35 27.23
CA VAL E 1165 -62.64 -21.06 28.41
C VAL E 1165 -62.21 -22.48 28.02
N PHE E 1166 -63.10 -23.24 27.42
CA PHE E 1166 -62.77 -24.48 26.73
C PHE E 1166 -62.88 -24.22 25.24
N GLY E 1167 -61.79 -24.49 24.52
CA GLY E 1167 -61.71 -24.18 23.10
C GLY E 1167 -60.32 -23.68 22.74
N CYS E 1168 -60.27 -22.96 21.63
CA CYS E 1168 -59.02 -22.46 21.07
C CYS E 1168 -59.17 -21.02 20.58
N ALA E 1169 -58.03 -20.37 20.32
CA ALA E 1169 -58.02 -18.95 20.03
C ALA E 1169 -58.51 -18.64 18.62
N GLN E 1170 -58.48 -19.64 17.74
CA GLN E 1170 -59.13 -19.67 16.42
C GLN E 1170 -58.51 -18.78 15.34
N VAL E 1171 -57.61 -17.87 15.72
CA VAL E 1171 -56.61 -17.18 14.88
C VAL E 1171 -57.15 -16.69 13.55
N PRO E 1172 -57.86 -15.55 13.52
CA PRO E 1172 -58.68 -15.19 12.35
C PRO E 1172 -57.90 -15.00 11.06
N ARG E 1173 -58.44 -15.58 9.98
CA ARG E 1173 -57.75 -15.77 8.71
C ARG E 1173 -57.80 -14.52 7.85
N ARG E 1174 -56.69 -14.21 7.20
CA ARG E 1174 -56.73 -13.18 6.19
C ARG E 1174 -57.28 -13.74 4.89
N ALA E 1175 -57.67 -12.85 3.99
CA ALA E 1175 -58.41 -13.28 2.80
C ALA E 1175 -57.49 -13.88 1.76
N GLY E 1176 -56.19 -13.68 1.89
CA GLY E 1176 -55.29 -14.24 0.91
C GLY E 1176 -53.84 -14.26 1.33
N MET E 1177 -53.07 -15.09 0.64
CA MET E 1177 -51.68 -15.29 0.97
C MET E 1177 -50.92 -15.63 -0.30
N ASP E 1178 -49.76 -15.00 -0.47
CA ASP E 1178 -48.97 -15.16 -1.68
C ASP E 1178 -47.90 -16.23 -1.54
N HIS E 1179 -47.01 -16.10 -0.57
CA HIS E 1179 -45.80 -16.92 -0.57
C HIS E 1179 -46.09 -18.34 -0.13
N GLY E 1180 -46.81 -18.50 0.96
CA GLY E 1180 -47.05 -19.84 1.47
C GLY E 1180 -47.25 -19.80 2.97
N GLN E 1181 -46.95 -20.94 3.58
CA GLN E 1181 -47.18 -21.11 5.01
C GLN E 1181 -46.23 -20.21 5.78
N ASP E 1182 -46.74 -19.56 6.81
CA ASP E 1182 -45.99 -18.49 7.46
C ASP E 1182 -45.26 -19.05 8.68
N ALA E 1183 -43.94 -18.85 8.71
CA ALA E 1183 -43.16 -19.21 9.89
C ALA E 1183 -43.49 -18.29 11.03
N VAL E 1184 -43.23 -18.77 12.25
CA VAL E 1184 -43.46 -18.01 13.45
C VAL E 1184 -42.13 -17.82 14.16
N CYS E 1185 -41.62 -16.60 14.15
CA CYS E 1185 -40.32 -16.31 14.70
C CYS E 1185 -40.42 -16.07 16.20
N GLU E 1186 -40.11 -17.10 17.00
CA GLU E 1186 -40.05 -16.94 18.45
C GLU E 1186 -38.80 -16.17 18.85
N PHE E 1187 -38.88 -15.48 19.99
CA PHE E 1187 -37.84 -14.57 20.45
C PHE E 1187 -37.37 -15.01 21.81
N ILE E 1188 -36.05 -15.08 21.99
CA ILE E 1188 -35.44 -15.43 23.26
C ILE E 1188 -34.55 -14.27 23.65
N ALA E 1189 -34.66 -13.82 24.90
CA ALA E 1189 -33.76 -12.79 25.37
C ALA E 1189 -32.35 -13.35 25.51
N THR E 1190 -31.37 -12.53 25.14
CA THR E 1190 -29.96 -12.85 25.23
C THR E 1190 -29.26 -11.63 25.79
N PRO E 1191 -28.03 -11.79 26.27
CA PRO E 1191 -27.22 -10.61 26.54
C PRO E 1191 -26.72 -10.01 25.24
N VAL E 1192 -26.57 -8.68 25.23
CA VAL E 1192 -25.95 -8.06 24.06
C VAL E 1192 -24.47 -8.38 24.00
N ALA E 1193 -23.89 -8.76 25.13
CA ALA E 1193 -22.48 -9.12 25.19
C ALA E 1193 -22.27 -10.63 25.04
N THR E 1194 -22.91 -11.19 24.03
CA THR E 1194 -22.48 -12.48 23.51
C THR E 1194 -21.78 -12.16 22.20
N ASP E 1195 -20.68 -12.86 21.94
CA ASP E 1195 -19.96 -12.61 20.71
C ASP E 1195 -20.78 -13.09 19.52
N ILE E 1196 -20.70 -12.30 18.44
CA ILE E 1196 -21.38 -12.64 17.21
C ILE E 1196 -20.86 -13.94 16.63
N ASN E 1197 -19.59 -14.26 16.89
CA ASN E 1197 -19.00 -15.46 16.35
C ASN E 1197 -19.50 -16.73 17.02
N TYR E 1198 -20.34 -16.62 18.06
CA TYR E 1198 -21.13 -17.77 18.46
C TYR E 1198 -22.15 -18.12 17.38
N PHE E 1199 -22.72 -17.13 16.74
CA PHE E 1199 -23.47 -17.40 15.54
C PHE E 1199 -22.51 -17.46 14.36
N ARG E 1200 -23.08 -17.34 13.16
CA ARG E 1200 -22.50 -17.58 11.83
C ARG E 1200 -21.91 -18.98 11.76
N ARG E 1201 -22.47 -19.90 12.52
CA ARG E 1201 -22.12 -21.31 12.64
C ARG E 1201 -23.34 -22.05 13.18
N PRO E 1202 -23.44 -23.35 12.93
CA PRO E 1202 -24.41 -24.19 13.63
C PRO E 1202 -24.32 -24.05 15.14
N CYS E 1203 -25.39 -23.50 15.71
CA CYS E 1203 -25.39 -23.00 17.08
C CYS E 1203 -26.69 -23.44 17.73
N ASN E 1204 -26.70 -23.41 19.05
CA ASN E 1204 -27.96 -23.56 19.74
C ASN E 1204 -28.53 -22.19 20.07
N PRO E 1205 -29.85 -22.05 20.09
CA PRO E 1205 -30.42 -20.81 20.63
C PRO E 1205 -30.42 -20.76 22.15
N ARG E 1206 -30.03 -21.84 22.82
CA ARG E 1206 -29.88 -21.79 24.27
C ARG E 1206 -28.43 -21.61 24.66
N GLY E 1207 -27.52 -21.70 23.70
CA GLY E 1207 -26.12 -21.57 23.96
C GLY E 1207 -25.42 -22.87 24.28
N ARG E 1208 -26.06 -23.76 25.01
CA ARG E 1208 -25.40 -24.92 25.58
C ARG E 1208 -25.87 -26.19 24.89
N ALA E 1209 -24.93 -27.03 24.50
CA ALA E 1209 -25.19 -28.23 23.72
C ALA E 1209 -26.03 -29.19 24.52
N ALA E 1210 -27.30 -29.31 24.17
CA ALA E 1210 -28.26 -30.07 24.96
C ALA E 1210 -28.55 -31.45 24.38
N GLY E 1211 -27.64 -31.99 23.59
CA GLY E 1211 -27.96 -33.22 22.88
C GLY E 1211 -27.83 -34.43 23.79
N GLY E 1212 -28.63 -35.46 23.49
CA GLY E 1212 -28.41 -36.75 24.11
C GLY E 1212 -27.33 -37.55 23.40
N VAL E 1213 -26.96 -37.10 22.20
CA VAL E 1213 -25.90 -37.76 21.45
C VAL E 1213 -24.55 -37.53 22.12
N TYR E 1214 -24.38 -36.37 22.75
CA TYR E 1214 -23.08 -36.01 23.31
C TYR E 1214 -22.80 -36.75 24.60
N ALA E 1215 -23.82 -37.36 25.20
CA ALA E 1215 -23.70 -37.93 26.53
C ALA E 1215 -22.94 -39.25 26.50
N GLY E 1216 -22.65 -39.82 27.68
CA GLY E 1216 -21.70 -40.91 27.74
C GLY E 1216 -22.11 -42.08 28.61
N ASP E 1217 -23.42 -42.33 28.74
CA ASP E 1217 -24.01 -43.55 29.31
C ASP E 1217 -23.69 -43.85 30.76
N LYS E 1218 -23.40 -42.85 31.60
CA LYS E 1218 -23.13 -43.21 32.99
C LYS E 1218 -24.41 -43.28 33.82
N GLU E 1219 -24.90 -42.15 34.31
CA GLU E 1219 -26.22 -42.08 34.93
C GLU E 1219 -26.88 -40.74 34.63
N GLY E 1220 -26.07 -39.69 34.69
CA GLY E 1220 -26.46 -38.31 34.57
C GLY E 1220 -25.60 -37.55 33.58
N ASP E 1221 -25.13 -38.23 32.55
CA ASP E 1221 -24.55 -37.58 31.38
C ASP E 1221 -25.63 -36.90 30.53
N VAL E 1222 -26.86 -37.35 30.70
CA VAL E 1222 -28.07 -36.62 30.35
C VAL E 1222 -28.29 -35.57 31.45
N ILE E 1223 -29.51 -35.07 31.59
CA ILE E 1223 -29.97 -33.77 32.09
C ILE E 1223 -28.98 -32.84 32.80
N ALA E 1224 -28.09 -33.39 33.63
CA ALA E 1224 -27.02 -32.61 34.25
C ALA E 1224 -26.12 -31.92 33.24
N LEU E 1225 -25.82 -32.58 32.11
CA LEU E 1225 -25.01 -31.95 31.06
C LEU E 1225 -25.71 -30.75 30.46
N MET E 1226 -27.03 -30.83 30.36
CA MET E 1226 -27.79 -29.70 29.88
C MET E 1226 -27.88 -28.61 30.95
N TYR E 1227 -27.66 -28.95 32.23
CA TYR E 1227 -27.88 -27.90 33.26
C TYR E 1227 -26.67 -27.62 34.18
N ASP E 1228 -25.71 -28.55 34.34
CA ASP E 1228 -24.62 -28.26 35.29
C ASP E 1228 -23.71 -27.21 34.67
N HIS E 1229 -23.54 -26.09 35.38
CA HIS E 1229 -22.63 -25.05 34.93
C HIS E 1229 -21.32 -25.12 35.69
N GLY E 1230 -21.18 -26.12 36.56
CA GLY E 1230 -19.87 -26.52 37.02
C GLY E 1230 -19.06 -27.16 35.90
N GLN E 1231 -19.75 -27.72 34.92
CA GLN E 1231 -19.06 -28.18 33.72
C GLN E 1231 -18.96 -27.07 32.70
N SER E 1232 -18.36 -27.40 31.58
CA SER E 1232 -18.24 -26.47 30.47
C SER E 1232 -19.16 -26.89 29.33
N ASP E 1233 -19.29 -26.00 28.34
CA ASP E 1233 -20.09 -26.27 27.17
C ASP E 1233 -19.42 -27.32 26.30
N PRO E 1234 -20.11 -28.39 25.92
CA PRO E 1234 -19.50 -29.37 25.01
C PRO E 1234 -19.13 -28.80 23.66
N ALA E 1235 -19.91 -27.85 23.14
CA ALA E 1235 -19.56 -27.23 21.87
C ALA E 1235 -18.39 -26.26 22.02
N ARG E 1236 -18.40 -25.43 23.05
CA ARG E 1236 -17.41 -24.37 23.24
C ARG E 1236 -16.90 -24.43 24.67
N PRO E 1237 -15.87 -25.23 24.92
CA PRO E 1237 -15.52 -25.55 26.31
C PRO E 1237 -14.86 -24.42 27.06
N PHE E 1238 -14.49 -23.34 26.38
CA PHE E 1238 -13.77 -22.27 27.07
C PHE E 1238 -14.72 -21.43 27.92
N ALA E 1239 -16.01 -21.49 27.61
CA ALA E 1239 -17.04 -20.90 28.45
C ALA E 1239 -18.00 -21.99 28.91
N ALA E 1240 -18.75 -21.73 29.97
CA ALA E 1240 -19.77 -22.68 30.39
C ALA E 1240 -20.99 -22.59 29.49
N THR E 1241 -21.42 -21.37 29.18
CA THR E 1241 -22.52 -21.13 28.25
C THR E 1241 -22.22 -19.96 27.33
N ALA E 1242 -22.90 -19.96 26.19
CA ALA E 1242 -22.90 -18.79 25.33
C ALA E 1242 -24.04 -17.85 25.70
N ASN E 1243 -25.11 -18.40 26.27
CA ASN E 1243 -26.30 -17.64 26.60
C ASN E 1243 -26.75 -18.03 28.00
N PRO E 1244 -26.75 -17.11 28.94
CA PRO E 1244 -27.20 -17.44 30.29
C PRO E 1244 -28.70 -17.48 30.50
N TRP E 1245 -29.47 -16.61 29.84
CA TRP E 1245 -30.90 -16.51 30.18
C TRP E 1245 -31.71 -17.65 29.59
N ALA E 1246 -31.09 -18.48 28.76
CA ALA E 1246 -31.85 -19.55 28.14
C ALA E 1246 -31.35 -20.92 28.60
N SER E 1247 -30.13 -20.97 29.10
CA SER E 1247 -29.51 -22.27 29.31
C SER E 1247 -29.89 -22.86 30.65
N GLN E 1248 -29.82 -22.04 31.70
CA GLN E 1248 -29.86 -22.55 33.06
C GLN E 1248 -31.25 -23.01 33.42
N ARG E 1249 -31.37 -23.71 34.54
CA ARG E 1249 -32.70 -24.09 35.00
C ARG E 1249 -33.46 -22.88 35.46
N PHE E 1250 -34.75 -22.88 35.11
CA PHE E 1250 -35.73 -21.92 35.60
C PHE E 1250 -35.36 -20.50 35.19
N SER E 1251 -34.67 -20.37 34.05
CA SER E 1251 -34.27 -19.08 33.51
C SER E 1251 -35.34 -18.62 32.55
N TYR E 1252 -35.24 -17.38 32.05
CA TYR E 1252 -36.36 -16.79 31.34
C TYR E 1252 -36.67 -17.46 30.01
N GLY E 1253 -35.64 -17.79 29.24
CA GLY E 1253 -35.86 -18.62 28.07
C GLY E 1253 -36.27 -20.03 28.44
N ASP E 1254 -35.84 -20.49 29.62
CA ASP E 1254 -36.16 -21.84 30.04
C ASP E 1254 -37.57 -21.91 30.59
N LEU E 1255 -38.06 -20.83 31.20
CA LEU E 1255 -39.41 -20.88 31.76
C LEU E 1255 -40.46 -20.86 30.67
N LEU E 1256 -40.19 -20.20 29.56
CA LEU E 1256 -41.24 -19.97 28.58
C LEU E 1256 -41.47 -21.21 27.71
N TYR E 1257 -40.49 -21.58 26.92
CA TYR E 1257 -40.73 -22.50 25.83
C TYR E 1257 -40.55 -23.95 26.24
N ASN E 1258 -40.47 -24.22 27.53
CA ASN E 1258 -40.23 -25.58 27.99
C ASN E 1258 -41.53 -26.37 27.94
N GLY E 1259 -41.39 -27.69 27.78
CA GLY E 1259 -42.56 -28.51 27.57
C GLY E 1259 -43.35 -28.76 28.84
N ALA E 1260 -42.72 -28.55 29.99
CA ALA E 1260 -43.40 -28.88 31.24
C ALA E 1260 -44.35 -27.78 31.65
N TYR E 1261 -43.96 -26.52 31.47
CA TYR E 1261 -44.70 -25.44 32.12
C TYR E 1261 -45.84 -24.94 31.27
N HIS E 1262 -45.87 -25.36 29.99
CA HIS E 1262 -46.99 -25.18 29.03
C HIS E 1262 -47.57 -23.77 29.02
N LEU E 1263 -46.71 -22.76 29.10
CA LEU E 1263 -47.15 -21.40 28.91
C LEU E 1263 -47.62 -21.20 27.48
N ASN E 1264 -46.75 -21.49 26.52
CA ASN E 1264 -47.25 -21.78 25.19
C ASN E 1264 -47.88 -23.17 25.19
N GLY E 1265 -48.87 -23.34 24.34
CA GLY E 1265 -49.85 -24.37 24.57
C GLY E 1265 -51.10 -23.69 25.05
N ALA E 1266 -52.22 -24.42 24.95
CA ALA E 1266 -53.56 -23.86 24.78
C ALA E 1266 -53.58 -22.82 23.67
N SER E 1267 -52.89 -23.12 22.58
CA SER E 1267 -52.70 -22.21 21.45
C SER E 1267 -52.17 -23.01 20.28
N PRO E 1268 -52.75 -22.84 19.10
CA PRO E 1268 -52.40 -23.73 17.99
C PRO E 1268 -51.07 -23.40 17.34
N VAL E 1269 -50.57 -22.18 17.53
CA VAL E 1269 -49.42 -21.70 16.78
C VAL E 1269 -48.15 -22.36 17.29
N LEU E 1270 -47.39 -22.96 16.38
CA LEU E 1270 -46.26 -23.81 16.74
C LEU E 1270 -45.12 -23.01 17.36
N SER E 1271 -44.63 -23.53 18.48
CA SER E 1271 -43.39 -23.09 19.10
C SER E 1271 -42.22 -23.74 18.40
N PRO E 1272 -41.30 -22.98 17.80
CA PRO E 1272 -40.11 -23.63 17.23
C PRO E 1272 -39.15 -24.12 18.28
N CYS E 1273 -39.04 -23.45 19.41
CA CYS E 1273 -38.09 -23.86 20.43
C CYS E 1273 -38.63 -24.92 21.38
N PHE E 1274 -39.85 -25.40 21.14
CA PHE E 1274 -40.35 -26.57 21.85
C PHE E 1274 -39.51 -27.80 21.51
N LYS E 1275 -38.87 -27.81 20.34
CA LYS E 1275 -37.91 -28.85 20.00
C LYS E 1275 -36.67 -28.76 20.87
N PHE E 1276 -36.24 -27.55 21.18
CA PHE E 1276 -35.20 -27.37 22.17
C PHE E 1276 -35.85 -27.25 23.54
N PHE E 1277 -35.08 -26.80 24.53
CA PHE E 1277 -35.57 -26.31 25.82
C PHE E 1277 -36.37 -27.32 26.65
N THR E 1278 -36.51 -28.57 26.23
CA THR E 1278 -37.44 -29.51 26.86
C THR E 1278 -36.68 -30.75 27.27
N ALA E 1279 -36.60 -30.97 28.58
CA ALA E 1279 -35.78 -32.05 29.09
C ALA E 1279 -36.36 -33.41 28.76
N ALA E 1280 -37.68 -33.50 28.65
CA ALA E 1280 -38.30 -34.80 28.47
C ALA E 1280 -38.16 -35.29 27.04
N ASP E 1281 -38.04 -34.38 26.08
CA ASP E 1281 -37.82 -34.80 24.71
C ASP E 1281 -36.42 -35.36 24.53
N ILE E 1282 -35.43 -34.69 25.10
CA ILE E 1282 -34.03 -35.11 24.95
C ILE E 1282 -33.77 -36.40 25.72
N THR E 1283 -34.26 -36.49 26.95
CA THR E 1283 -33.93 -37.63 27.81
C THR E 1283 -34.59 -38.91 27.32
N ALA E 1284 -35.73 -38.80 26.65
CA ALA E 1284 -36.44 -39.99 26.19
C ALA E 1284 -35.80 -40.57 24.93
N LYS E 1285 -34.85 -39.87 24.34
CA LYS E 1285 -34.17 -40.38 23.15
C LYS E 1285 -33.04 -41.32 23.53
N HIS E 1286 -32.98 -42.45 22.83
CA HIS E 1286 -31.90 -43.40 23.04
C HIS E 1286 -30.62 -42.86 22.44
N ARG E 1287 -29.48 -43.46 22.82
CA ARG E 1287 -28.21 -42.81 22.55
C ARG E 1287 -27.42 -43.51 21.46
N CYS E 1288 -27.89 -44.67 20.98
CA CYS E 1288 -27.07 -45.44 20.05
C CYS E 1288 -27.09 -44.82 18.66
N LEU E 1289 -25.91 -44.62 18.08
CA LEU E 1289 -25.81 -43.96 16.79
C LEU E 1289 -26.13 -44.91 15.65
N GLU E 1290 -26.29 -46.20 15.96
CA GLU E 1290 -26.79 -47.15 14.98
C GLU E 1290 -28.20 -46.78 14.54
N ARG E 1291 -29.03 -46.32 15.48
CA ARG E 1291 -30.43 -46.16 15.18
C ARG E 1291 -30.85 -44.71 15.13
N LEU E 1292 -29.99 -43.79 15.59
CA LEU E 1292 -30.40 -42.39 15.64
C LEU E 1292 -30.53 -41.78 14.25
N ILE E 1293 -29.82 -42.33 13.26
CA ILE E 1293 -29.90 -41.74 11.93
C ILE E 1293 -31.10 -42.27 11.17
N VAL E 1294 -31.64 -43.42 11.56
CA VAL E 1294 -32.72 -43.98 10.74
C VAL E 1294 -34.06 -43.35 11.11
N GLU E 1295 -34.14 -42.66 12.24
CA GLU E 1295 -35.28 -41.77 12.43
C GLU E 1295 -34.95 -40.36 11.98
N THR E 1296 -33.74 -40.15 11.48
CA THR E 1296 -33.46 -38.90 10.82
C THR E 1296 -33.73 -39.04 9.32
N GLY E 1297 -34.16 -40.21 8.91
CA GLY E 1297 -34.86 -40.31 7.64
C GLY E 1297 -36.29 -39.82 7.76
N SER E 1298 -37.04 -40.40 8.70
CA SER E 1298 -38.45 -40.04 8.90
C SER E 1298 -38.70 -39.82 10.37
N ALA E 1299 -38.90 -38.56 10.75
CA ALA E 1299 -39.35 -38.24 12.09
C ALA E 1299 -40.65 -37.47 11.96
N VAL E 1300 -41.46 -37.52 13.02
CA VAL E 1300 -42.75 -36.86 12.98
C VAL E 1300 -42.59 -35.39 13.28
N SER E 1301 -43.01 -34.55 12.32
CA SER E 1301 -42.90 -33.11 12.46
C SER E 1301 -43.91 -32.64 13.50
N THR E 1302 -43.62 -31.51 14.13
CA THR E 1302 -44.60 -30.92 15.02
C THR E 1302 -45.43 -29.86 14.28
N ALA E 1303 -45.22 -29.74 12.98
CA ALA E 1303 -45.89 -28.75 12.14
C ALA E 1303 -46.62 -29.48 11.02
N THR E 1304 -47.76 -28.96 10.62
CA THR E 1304 -48.43 -29.49 9.44
C THR E 1304 -48.28 -28.53 8.27
N ALA E 1305 -48.51 -29.03 7.05
CA ALA E 1305 -48.37 -28.19 5.88
C ALA E 1305 -49.66 -27.48 5.54
N ALA E 1306 -50.77 -27.90 6.15
CA ALA E 1306 -52.08 -27.50 5.64
C ALA E 1306 -52.47 -26.10 6.06
N SER E 1307 -52.30 -25.76 7.34
CA SER E 1307 -52.84 -24.51 7.86
C SER E 1307 -52.01 -23.33 7.39
N ASP E 1308 -52.61 -22.13 7.45
CA ASP E 1308 -52.00 -20.94 6.86
C ASP E 1308 -50.77 -20.50 7.62
N VAL E 1309 -50.94 -20.07 8.85
CA VAL E 1309 -49.84 -19.94 9.79
C VAL E 1309 -49.59 -21.34 10.34
N GLN E 1310 -48.33 -21.72 10.47
CA GLN E 1310 -47.99 -23.09 10.81
C GLN E 1310 -48.48 -23.46 12.20
N PHE E 1311 -49.30 -24.49 12.26
CA PHE E 1311 -49.90 -24.91 13.51
C PHE E 1311 -49.12 -26.04 14.11
N LYS E 1312 -49.15 -26.09 15.43
CA LYS E 1312 -48.68 -27.25 16.16
C LYS E 1312 -49.55 -28.43 15.77
N ARG E 1313 -48.95 -29.62 15.73
CA ARG E 1313 -49.56 -30.74 15.04
C ARG E 1313 -50.81 -31.23 15.76
N PRO E 1314 -51.96 -31.27 15.09
CA PRO E 1314 -53.12 -31.95 15.64
C PRO E 1314 -52.82 -33.43 15.82
N PRO E 1315 -53.19 -34.00 16.97
CA PRO E 1315 -52.40 -35.11 17.53
C PRO E 1315 -52.44 -36.40 16.74
N GLY E 1316 -53.49 -36.65 15.97
CA GLY E 1316 -53.43 -37.77 15.05
C GLY E 1316 -53.03 -37.30 13.66
N CYS E 1317 -51.72 -37.32 13.42
CA CYS E 1317 -51.09 -36.91 12.18
C CYS E 1317 -49.68 -37.46 12.12
N ARG E 1318 -49.37 -38.25 11.12
CA ARG E 1318 -48.02 -38.74 10.95
C ARG E 1318 -47.48 -38.14 9.66
N GLU E 1319 -46.51 -37.25 9.81
CA GLU E 1319 -46.10 -36.42 8.70
C GLU E 1319 -44.85 -36.97 8.04
N LEU E 1320 -43.99 -37.59 8.84
CA LEU E 1320 -42.73 -38.20 8.41
C LEU E 1320 -41.83 -37.20 7.69
N VAL E 1321 -41.37 -36.20 8.42
CA VAL E 1321 -40.44 -35.20 7.92
C VAL E 1321 -39.05 -35.75 8.15
N GLU E 1322 -38.04 -35.14 7.51
CA GLU E 1322 -36.69 -35.68 7.58
C GLU E 1322 -35.99 -35.29 8.88
N ASP E 1323 -36.12 -34.03 9.30
CA ASP E 1323 -35.80 -33.57 10.65
C ASP E 1323 -34.35 -33.77 11.08
N PRO E 1324 -33.40 -32.98 10.56
CA PRO E 1324 -32.02 -33.13 11.00
C PRO E 1324 -31.70 -32.37 12.27
N CYS E 1325 -32.55 -31.42 12.67
CA CYS E 1325 -32.24 -30.63 13.86
C CYS E 1325 -32.48 -31.44 15.12
N GLY E 1326 -33.32 -32.47 15.04
CA GLY E 1326 -33.65 -33.23 16.23
C GLY E 1326 -32.53 -34.15 16.68
N LEU E 1327 -31.68 -34.57 15.74
CA LEU E 1327 -30.57 -35.44 16.12
C LEU E 1327 -29.46 -34.65 16.82
N PHE E 1328 -28.90 -33.67 16.14
CA PHE E 1328 -27.75 -32.96 16.68
C PHE E 1328 -28.14 -32.00 17.79
N GLN E 1329 -29.43 -31.65 17.86
CA GLN E 1329 -30.04 -30.64 18.71
C GLN E 1329 -29.35 -29.31 18.42
N GLU E 1330 -29.10 -29.00 17.15
CA GLU E 1330 -28.40 -27.79 16.74
C GLU E 1330 -29.22 -27.07 15.68
N ALA E 1331 -29.08 -25.76 15.62
CA ALA E 1331 -29.83 -24.99 14.65
C ALA E 1331 -28.88 -24.14 13.81
N TYR E 1332 -29.44 -23.41 12.85
CA TYR E 1332 -28.64 -22.93 11.74
C TYR E 1332 -28.74 -21.43 11.56
N PRO E 1333 -27.72 -20.75 11.03
CA PRO E 1333 -27.91 -19.37 10.59
C PRO E 1333 -28.19 -19.32 9.11
N ILE E 1334 -28.90 -18.29 8.70
CA ILE E 1334 -29.06 -17.94 7.30
C ILE E 1334 -28.60 -16.51 7.14
N THR E 1335 -28.50 -16.06 5.89
CA THR E 1335 -27.89 -14.78 5.58
C THR E 1335 -28.74 -13.64 6.08
N CYS E 1336 -28.23 -12.94 7.09
CA CYS E 1336 -28.92 -11.80 7.65
C CYS E 1336 -27.88 -10.78 8.07
N ALA E 1337 -28.29 -9.52 8.13
CA ALA E 1337 -27.38 -8.43 8.43
C ALA E 1337 -28.19 -7.24 8.92
N SER E 1338 -27.52 -6.32 9.60
CA SER E 1338 -28.24 -5.20 10.16
C SER E 1338 -28.19 -3.99 9.25
N ASP E 1339 -27.16 -3.91 8.40
CA ASP E 1339 -27.39 -2.90 7.37
C ASP E 1339 -27.92 -3.55 6.11
N PRO E 1340 -28.74 -2.84 5.34
CA PRO E 1340 -28.93 -3.24 3.95
C PRO E 1340 -27.68 -2.98 3.13
N ALA E 1341 -26.87 -2.01 3.56
CA ALA E 1341 -25.60 -1.76 2.89
C ALA E 1341 -24.66 -2.95 3.03
N LEU E 1342 -24.64 -3.57 4.20
CA LEU E 1342 -23.90 -4.83 4.34
C LEU E 1342 -24.58 -5.92 3.53
N LEU E 1343 -25.91 -5.89 3.48
CA LEU E 1343 -26.67 -6.97 2.87
C LEU E 1343 -26.53 -6.97 1.36
N ARG E 1344 -26.27 -5.82 0.76
CA ARG E 1344 -26.12 -5.75 -0.69
C ARG E 1344 -24.84 -6.44 -1.13
N SER E 1345 -23.85 -6.53 -0.25
CA SER E 1345 -22.63 -7.24 -0.62
C SER E 1345 -22.71 -8.71 -0.27
N ALA E 1346 -23.85 -9.18 0.23
CA ALA E 1346 -23.95 -10.58 0.61
C ALA E 1346 -24.07 -11.48 -0.61
N ARG E 1347 -24.37 -10.91 -1.78
CA ARG E 1347 -24.29 -11.66 -3.02
C ARG E 1347 -22.84 -11.93 -3.38
N ALA E 1351 -17.22 -14.57 1.19
CA ALA E 1351 -16.51 -14.14 0.00
C ALA E 1351 -16.15 -12.66 0.10
N HIS E 1352 -16.63 -11.86 -0.85
CA HIS E 1352 -16.35 -10.44 -0.92
C HIS E 1352 -17.35 -9.60 -0.12
N ALA E 1353 -18.02 -10.19 0.86
CA ALA E 1353 -19.05 -9.44 1.58
C ALA E 1353 -18.41 -8.53 2.61
N ARG E 1354 -18.94 -7.32 2.71
CA ARG E 1354 -18.64 -6.42 3.82
C ARG E 1354 -19.19 -7.06 5.08
N GLU E 1355 -18.32 -7.62 5.90
CA GLU E 1355 -18.79 -8.58 6.89
C GLU E 1355 -19.07 -7.91 8.22
N THR E 1356 -18.33 -6.87 8.56
CA THR E 1356 -18.66 -6.08 9.74
C THR E 1356 -18.21 -4.64 9.57
N HIS E 1357 -18.76 -3.78 10.43
CA HIS E 1357 -18.75 -2.34 10.24
C HIS E 1357 -19.25 -1.79 11.57
N PHE E 1358 -19.16 -0.45 11.75
CA PHE E 1358 -18.92 0.31 13.02
C PHE E 1358 -19.64 -0.38 14.19
N THR E 1359 -20.96 -0.49 14.18
CA THR E 1359 -21.60 -1.32 15.18
C THR E 1359 -22.47 -2.38 14.53
N GLN E 1360 -22.49 -2.38 13.21
CA GLN E 1360 -23.33 -3.30 12.46
C GLN E 1360 -22.68 -4.66 12.39
N TYR E 1361 -23.37 -5.62 11.80
CA TYR E 1361 -22.83 -6.96 11.63
C TYR E 1361 -23.57 -7.65 10.50
N LEU E 1362 -22.94 -8.69 9.98
CA LEU E 1362 -23.55 -9.56 8.99
C LEU E 1362 -23.26 -10.99 9.38
N ILE E 1363 -24.19 -11.88 9.06
CA ILE E 1363 -23.98 -13.31 9.23
C ILE E 1363 -24.13 -13.98 7.88
N TYR E 1364 -23.05 -14.60 7.44
CA TYR E 1364 -23.06 -15.33 6.19
C TYR E 1364 -23.80 -16.63 6.40
N ASP E 1365 -24.29 -17.23 5.33
CA ASP E 1365 -25.12 -18.42 5.46
C ASP E 1365 -24.29 -19.60 5.89
N ALA E 1366 -24.82 -20.38 6.84
CA ALA E 1366 -24.21 -21.60 7.31
C ALA E 1366 -25.32 -22.61 7.51
N SER E 1367 -25.61 -23.39 6.50
CA SER E 1367 -26.84 -24.16 6.42
C SER E 1367 -26.68 -25.14 5.27
N PRO E 1368 -27.49 -26.19 5.19
CA PRO E 1368 -27.52 -26.96 3.94
C PRO E 1368 -28.15 -26.20 2.78
N LEU E 1369 -28.80 -25.07 3.05
CA LEU E 1369 -29.30 -24.23 1.97
C LEU E 1369 -28.25 -23.31 1.38
N LYS E 1370 -26.99 -23.40 1.82
CA LYS E 1370 -25.96 -22.58 1.20
C LYS E 1370 -25.60 -23.16 -0.15
N GLY E 1371 -25.21 -22.30 -1.08
CA GLY E 1371 -25.01 -22.70 -2.45
C GLY E 1371 -26.27 -23.10 -3.18
N LEU E 1372 -27.42 -22.53 -2.81
CA LEU E 1372 -28.69 -22.83 -3.45
C LEU E 1372 -29.48 -21.56 -3.69
N SER E 1373 -30.41 -21.64 -4.63
CA SER E 1373 -31.27 -20.52 -4.97
C SER E 1373 -32.41 -20.36 -3.97
N LEU E 1374 -33.29 -21.35 -3.92
CA LEU E 1374 -34.53 -21.23 -3.17
C LEU E 1374 -34.62 -22.20 -2.00
N GLY F 10 -58.67 -80.70 24.97
CA GLY F 10 -58.26 -80.07 26.21
C GLY F 10 -57.48 -78.81 25.98
N TYR F 11 -56.20 -78.82 26.35
CA TYR F 11 -55.34 -77.66 26.07
C TYR F 11 -54.99 -77.61 24.59
N ARG F 12 -55.10 -78.75 23.91
CA ARG F 12 -54.82 -78.88 22.50
C ARG F 12 -55.94 -79.69 21.88
N TYR F 13 -56.44 -79.23 20.74
CA TYR F 13 -57.68 -79.79 20.20
C TYR F 13 -57.41 -80.79 19.10
N ALA F 14 -56.41 -80.52 18.25
CA ALA F 14 -56.18 -81.35 17.09
C ALA F 14 -55.61 -82.71 17.47
N ALA F 15 -55.02 -82.80 18.66
CA ALA F 15 -54.57 -84.11 19.14
C ALA F 15 -55.74 -84.93 19.63
N ALA F 16 -56.84 -84.29 20.00
CA ALA F 16 -58.00 -85.02 20.49
C ALA F 16 -58.84 -85.60 19.36
N ILE F 17 -58.54 -85.22 18.12
CA ILE F 17 -59.23 -85.84 16.99
C ILE F 17 -58.77 -87.29 16.80
N LEU F 18 -57.60 -87.62 17.32
CA LEU F 18 -57.19 -89.01 17.49
C LEU F 18 -57.47 -89.39 18.95
N PRO F 19 -58.16 -90.49 19.21
CA PRO F 19 -58.55 -90.76 20.60
C PRO F 19 -57.43 -91.27 21.49
N THR F 20 -56.39 -91.88 20.89
CA THR F 20 -55.24 -92.55 21.54
C THR F 20 -55.61 -93.35 22.79
N GLY F 21 -56.71 -94.07 22.72
CA GLY F 21 -57.22 -94.81 23.85
C GLY F 21 -58.65 -94.41 24.14
N SER F 22 -59.33 -95.14 25.01
CA SER F 22 -60.69 -94.78 25.34
C SER F 22 -60.80 -94.42 26.80
N ILE F 23 -61.85 -93.68 27.16
CA ILE F 23 -62.06 -93.26 28.53
C ILE F 23 -63.20 -94.14 29.02
N LEU F 24 -63.23 -94.48 30.30
CA LEU F 24 -64.12 -95.54 30.73
C LEU F 24 -64.89 -95.11 31.98
N SER F 25 -64.65 -93.89 32.43
CA SER F 25 -65.19 -93.43 33.70
C SER F 25 -66.56 -92.80 33.58
N THR F 26 -67.04 -92.15 34.65
CA THR F 26 -68.36 -91.56 34.68
C THR F 26 -68.33 -90.24 35.46
N ILE F 27 -67.15 -89.78 35.85
CA ILE F 27 -67.03 -88.67 36.80
C ILE F 27 -67.43 -87.34 36.20
N GLU F 28 -68.28 -86.60 36.91
CA GLU F 28 -68.71 -85.24 36.60
C GLU F 28 -67.66 -84.21 36.99
N VAL F 29 -68.09 -82.97 37.27
CA VAL F 29 -67.29 -81.84 37.77
C VAL F 29 -66.68 -82.05 39.15
N ALA F 30 -66.78 -83.25 39.68
CA ALA F 30 -66.23 -83.70 40.96
C ALA F 30 -64.71 -83.83 40.91
N SER F 31 -64.20 -84.74 41.75
CA SER F 31 -62.79 -85.02 42.01
C SER F 31 -61.85 -84.90 40.81
N HIS F 32 -62.21 -85.53 39.69
CA HIS F 32 -61.37 -85.48 38.49
C HIS F 32 -61.28 -84.08 37.93
N ARG F 33 -62.35 -83.30 38.08
CA ARG F 33 -62.29 -81.89 37.66
C ARG F 33 -61.64 -81.03 38.72
N ARG F 34 -61.76 -81.41 39.99
CA ARG F 34 -61.01 -80.65 40.98
C ARG F 34 -59.67 -81.29 41.26
N LEU F 35 -58.97 -81.72 40.21
CA LEU F 35 -57.60 -82.23 40.28
C LEU F 35 -56.76 -81.79 39.09
N PHE F 36 -57.38 -81.12 38.11
CA PHE F 36 -56.73 -80.88 36.83
C PHE F 36 -56.05 -79.53 36.80
N ASP F 37 -54.99 -79.42 35.98
CA ASP F 37 -54.31 -78.14 35.75
C ASP F 37 -55.15 -77.25 34.86
N PHE F 38 -55.65 -77.81 33.77
CA PHE F 38 -56.50 -77.10 32.81
C PHE F 38 -57.75 -77.91 32.58
N PHE F 39 -58.89 -77.43 33.07
CA PHE F 39 -60.17 -78.00 32.71
C PHE F 39 -61.03 -76.89 32.15
N ALA F 40 -61.80 -77.21 31.13
CA ALA F 40 -62.73 -76.28 30.53
C ALA F 40 -64.06 -76.99 30.35
N ALA F 41 -65.05 -76.58 31.15
CA ALA F 41 -66.38 -77.16 31.08
C ALA F 41 -67.21 -76.32 30.14
N VAL F 42 -67.47 -76.85 28.96
CA VAL F 42 -68.03 -76.09 27.86
C VAL F 42 -69.39 -76.67 27.52
N ARG F 43 -70.38 -75.79 27.37
CA ARG F 43 -71.67 -76.23 26.85
C ARG F 43 -71.53 -76.56 25.37
N SER F 44 -72.60 -77.12 24.79
CA SER F 44 -72.50 -77.73 23.46
C SER F 44 -72.17 -76.70 22.39
N ASP F 45 -72.65 -75.48 22.57
CA ASP F 45 -72.27 -74.36 21.72
C ASP F 45 -70.98 -73.77 22.27
N GLU F 46 -70.02 -73.55 21.38
CA GLU F 46 -68.73 -73.00 21.76
C GLU F 46 -68.17 -72.19 20.61
N ASN F 47 -67.30 -71.24 20.91
CA ASN F 47 -66.64 -70.48 19.86
C ASN F 47 -65.14 -70.70 19.85
N SER F 48 -64.53 -70.91 21.02
CA SER F 48 -63.09 -71.01 21.08
C SER F 48 -62.59 -72.36 20.60
N LEU F 49 -63.50 -73.31 20.39
CA LEU F 49 -63.13 -74.60 19.79
C LEU F 49 -62.62 -74.44 18.37
N TYR F 50 -63.11 -73.42 17.66
CA TYR F 50 -62.83 -73.31 16.25
C TYR F 50 -61.81 -72.22 15.98
N ASP F 51 -61.09 -71.80 17.02
CA ASP F 51 -59.99 -70.87 16.85
C ASP F 51 -58.68 -71.63 16.67
N VAL F 52 -57.95 -71.30 15.62
CA VAL F 52 -56.66 -71.93 15.32
C VAL F 52 -55.60 -70.85 15.32
N GLU F 53 -54.63 -70.97 16.22
CA GLU F 53 -53.55 -70.01 16.36
C GLU F 53 -52.24 -70.77 16.40
N PHE F 54 -51.21 -70.20 15.81
CA PHE F 54 -49.91 -70.86 15.74
C PHE F 54 -48.81 -69.84 15.53
N ASP F 55 -47.59 -70.26 15.85
CA ASP F 55 -46.40 -69.48 15.52
C ASP F 55 -45.58 -70.31 14.54
N ALA F 56 -44.63 -69.67 13.87
CA ALA F 56 -43.81 -70.37 12.89
C ALA F 56 -42.45 -69.71 12.74
N LEU F 57 -41.48 -70.49 12.26
CA LEU F 57 -40.16 -69.98 11.92
C LEU F 57 -39.99 -69.96 10.41
N LEU F 58 -39.19 -69.02 9.90
CA LEU F 58 -39.35 -68.62 8.51
C LEU F 58 -38.04 -68.74 7.75
N GLY F 59 -36.92 -68.54 8.43
CA GLY F 59 -35.65 -68.70 7.75
C GLY F 59 -34.53 -68.76 8.75
N SER F 60 -33.60 -69.67 8.49
CA SER F 60 -32.36 -69.76 9.23
C SER F 60 -31.22 -69.45 8.28
N TYR F 61 -30.90 -68.18 8.14
CA TYR F 61 -29.85 -67.78 7.24
C TYR F 61 -28.54 -67.73 8.00
N CYS F 62 -27.54 -68.37 7.44
CA CYS F 62 -26.20 -68.41 7.99
C CYS F 62 -25.27 -67.84 6.94
N ASN F 63 -24.08 -67.45 7.36
CA ASN F 63 -23.07 -67.04 6.41
C ASN F 63 -21.98 -68.10 6.33
N THR F 64 -21.38 -68.23 5.16
CA THR F 64 -20.23 -69.10 5.01
C THR F 64 -18.99 -68.33 5.42
N LEU F 65 -18.12 -68.96 6.20
CA LEU F 65 -16.86 -68.33 6.55
C LEU F 65 -15.97 -68.22 5.33
N SER F 66 -15.51 -67.01 5.05
CA SER F 66 -14.68 -66.76 3.89
C SER F 66 -13.27 -67.22 4.20
N LEU F 67 -12.88 -68.36 3.65
CA LEU F 67 -11.54 -68.91 3.83
C LEU F 67 -10.63 -68.37 2.74
N VAL F 68 -9.53 -67.77 3.15
CA VAL F 68 -8.49 -67.30 2.24
C VAL F 68 -7.18 -67.95 2.65
N ARG F 69 -6.36 -68.29 1.68
CA ARG F 69 -4.98 -68.61 1.98
C ARG F 69 -4.13 -67.38 1.73
N PHE F 70 -2.93 -67.36 2.33
CA PHE F 70 -2.12 -66.15 2.29
C PHE F 70 -1.58 -65.86 0.90
N LEU F 71 -1.48 -66.88 0.03
CA LEU F 71 -0.95 -66.68 -1.30
C LEU F 71 -1.87 -65.84 -2.17
N GLU F 72 -3.18 -65.93 -1.94
CA GLU F 72 -4.16 -65.33 -2.84
C GLU F 72 -4.12 -63.81 -2.82
N LEU F 73 -3.53 -63.21 -1.79
CA LEU F 73 -3.43 -61.76 -1.73
C LEU F 73 -2.29 -61.26 -2.62
N GLY F 74 -2.29 -59.95 -2.87
CA GLY F 74 -1.31 -59.37 -3.76
C GLY F 74 0.06 -59.22 -3.14
N LEU F 75 0.13 -59.15 -1.81
CA LEU F 75 1.40 -58.94 -1.13
C LEU F 75 2.17 -60.23 -0.91
N SER F 76 1.85 -61.29 -1.64
CA SER F 76 2.62 -62.53 -1.54
C SER F 76 3.95 -62.42 -2.25
N VAL F 77 4.15 -61.33 -3.02
CA VAL F 77 5.44 -61.03 -3.61
C VAL F 77 6.47 -60.77 -2.52
N ALA F 78 6.14 -59.87 -1.58
CA ALA F 78 7.15 -59.28 -0.70
C ALA F 78 7.66 -60.26 0.34
N CYS F 79 6.97 -61.39 0.52
CA CYS F 79 7.37 -62.39 1.50
C CYS F 79 8.22 -63.45 0.83
N VAL F 80 9.17 -64.01 1.58
CA VAL F 80 9.68 -65.33 1.25
C VAL F 80 9.34 -66.28 2.40
N CYS F 81 8.25 -67.02 2.23
CA CYS F 81 7.72 -67.88 3.29
C CYS F 81 8.42 -69.24 3.21
N THR F 82 9.27 -69.53 4.18
CA THR F 82 9.93 -70.82 4.24
C THR F 82 9.56 -71.55 5.53
N LYS F 83 9.31 -72.84 5.38
CA LYS F 83 9.02 -73.72 6.50
C LYS F 83 10.33 -74.02 7.20
N PHE F 84 10.60 -73.31 8.29
CA PHE F 84 11.89 -73.37 8.98
C PHE F 84 11.64 -73.73 10.44
N PRO F 85 11.51 -75.02 10.74
CA PRO F 85 11.13 -75.43 12.11
C PRO F 85 12.29 -75.24 13.07
N GLU F 86 11.98 -75.31 14.36
CA GLU F 86 12.88 -75.19 15.50
C GLU F 86 13.65 -73.88 15.50
N LEU F 87 13.05 -72.77 15.05
CA LEU F 87 13.79 -71.52 14.98
C LEU F 87 13.87 -70.85 16.34
N ALA F 88 12.89 -71.08 17.20
CA ALA F 88 12.90 -70.47 18.52
C ALA F 88 13.76 -71.27 19.49
N TYR F 89 14.18 -72.47 19.09
CA TYR F 89 15.04 -73.29 19.95
C TYR F 89 16.47 -72.81 19.90
N MET F 90 16.86 -72.15 18.81
CA MET F 90 18.07 -71.33 18.80
C MET F 90 17.70 -69.88 19.07
N ASN F 91 18.56 -69.17 19.78
CA ASN F 91 18.32 -67.75 20.02
C ASN F 91 19.39 -66.88 19.39
N GLU F 92 20.33 -67.48 18.67
CA GLU F 92 21.47 -66.77 18.10
C GLU F 92 21.07 -66.20 16.75
N GLY F 93 21.07 -64.88 16.64
CA GLY F 93 20.66 -64.22 15.43
C GLY F 93 21.78 -64.14 14.42
N ARG F 94 21.81 -65.10 13.49
CA ARG F 94 22.82 -65.15 12.45
C ARG F 94 22.17 -65.64 11.16
N VAL F 95 21.80 -64.69 10.30
CA VAL F 95 21.43 -64.98 8.92
C VAL F 95 22.44 -64.26 8.04
N GLN F 96 23.26 -65.02 7.33
CA GLN F 96 24.28 -64.45 6.46
C GLN F 96 24.19 -65.10 5.09
N PHE F 97 24.42 -64.30 4.06
CA PHE F 97 24.47 -64.80 2.69
C PHE F 97 25.33 -63.87 1.84
N GLU F 98 25.97 -64.45 0.82
CA GLU F 98 27.00 -63.73 0.08
C GLU F 98 26.39 -62.76 -0.93
N VAL F 99 26.58 -61.47 -0.68
CA VAL F 99 26.27 -60.43 -1.66
C VAL F 99 27.48 -59.50 -1.71
N HIS F 100 27.85 -59.11 -2.91
CA HIS F 100 28.99 -58.24 -3.13
C HIS F 100 28.50 -56.95 -3.78
N GLN F 101 28.81 -55.82 -3.18
CA GLN F 101 28.27 -54.53 -3.59
C GLN F 101 28.79 -54.16 -4.98
N PRO F 102 28.03 -53.39 -5.75
CA PRO F 102 28.53 -52.93 -7.04
C PRO F 102 29.67 -51.95 -6.86
N LEU F 103 30.78 -52.20 -7.53
CA LEU F 103 31.91 -51.30 -7.48
C LEU F 103 32.14 -50.72 -8.85
N ILE F 104 32.73 -49.53 -8.88
CA ILE F 104 33.15 -48.87 -10.09
C ILE F 104 34.65 -48.70 -10.02
N ALA F 105 35.34 -49.19 -11.05
CA ALA F 105 36.76 -48.97 -11.14
C ALA F 105 37.05 -47.47 -11.22
N ARG F 106 37.92 -46.99 -10.33
CA ARG F 106 38.10 -45.56 -10.12
C ARG F 106 39.49 -45.15 -10.57
N ASP F 107 39.56 -43.96 -11.14
CA ASP F 107 40.81 -43.39 -11.61
C ASP F 107 41.44 -42.53 -10.53
N GLY F 108 42.33 -41.65 -10.96
CA GLY F 108 42.75 -40.54 -10.15
C GLY F 108 43.98 -40.80 -9.31
N PRO F 109 44.49 -39.74 -8.67
CA PRO F 109 45.66 -39.86 -7.78
C PRO F 109 45.31 -40.27 -6.35
N HIS F 110 44.10 -40.75 -6.12
CA HIS F 110 43.66 -41.06 -4.77
C HIS F 110 44.38 -42.30 -4.27
N PRO F 111 44.44 -42.50 -2.94
CA PRO F 111 44.84 -43.81 -2.41
C PRO F 111 43.88 -44.88 -2.90
N VAL F 112 44.42 -46.07 -3.21
CA VAL F 112 43.60 -47.17 -3.67
C VAL F 112 42.61 -47.55 -2.57
N GLU F 113 41.35 -47.17 -2.78
CA GLU F 113 40.34 -47.11 -1.73
C GLU F 113 40.03 -48.49 -1.18
N GLN F 114 39.54 -48.53 0.06
CA GLN F 114 39.58 -49.74 0.85
C GLN F 114 38.54 -50.74 0.34
N PRO F 115 38.95 -51.94 -0.08
CA PRO F 115 38.00 -52.90 -0.66
C PRO F 115 37.36 -53.82 0.38
N VAL F 116 36.03 -53.85 0.41
CA VAL F 116 35.30 -54.69 1.35
C VAL F 116 34.42 -55.65 0.55
N HIS F 117 34.53 -56.93 0.86
CA HIS F 117 33.69 -57.98 0.29
C HIS F 117 33.38 -58.97 1.40
N ASN F 118 32.29 -58.72 2.12
CA ASN F 118 32.00 -59.44 3.34
C ASN F 118 30.61 -60.06 3.27
N TYR F 119 30.25 -60.74 4.36
CA TYR F 119 28.96 -61.40 4.47
C TYR F 119 28.12 -60.62 5.47
N MET F 120 26.98 -60.11 5.01
CA MET F 120 26.15 -59.31 5.89
C MET F 120 25.42 -60.19 6.91
N THR F 121 25.52 -59.81 8.16
CA THR F 121 24.82 -60.49 9.26
C THR F 121 23.57 -59.71 9.62
N LYS F 122 22.51 -60.44 9.97
CA LYS F 122 21.22 -59.83 10.27
C LYS F 122 20.63 -60.44 11.53
N VAL F 123 19.60 -59.77 12.04
CA VAL F 123 19.01 -60.11 13.33
C VAL F 123 17.59 -60.60 13.11
N ILE F 124 17.34 -61.85 13.51
CA ILE F 124 15.99 -62.40 13.45
C ILE F 124 15.17 -61.80 14.57
N ASP F 125 13.87 -61.66 14.34
CA ASP F 125 12.91 -61.41 15.41
C ASP F 125 12.11 -62.68 15.64
N ARG F 126 11.58 -62.85 16.84
CA ARG F 126 10.65 -63.94 17.11
C ARG F 126 9.29 -63.35 17.42
N ARG F 127 8.28 -63.77 16.66
CA ARG F 127 6.90 -63.34 16.90
C ARG F 127 6.02 -64.56 17.09
N ALA F 128 5.00 -64.41 17.94
CA ALA F 128 4.35 -65.58 18.52
C ALA F 128 3.04 -65.91 17.80
N LEU F 129 2.23 -64.90 17.50
CA LEU F 129 0.92 -65.04 16.84
C LEU F 129 0.00 -65.98 17.61
N ASN F 130 -0.37 -65.60 18.82
CA ASN F 130 -1.15 -66.51 19.65
C ASN F 130 -2.61 -66.55 19.21
N ALA F 131 -3.24 -67.71 19.37
CA ALA F 131 -4.62 -67.89 19.02
C ALA F 131 -5.23 -68.93 19.96
N ALA F 132 -6.51 -68.79 20.24
CA ALA F 132 -7.19 -69.70 21.14
C ALA F 132 -8.57 -70.04 20.60
N PHE F 133 -9.22 -71.00 21.24
CA PHE F 133 -10.65 -71.19 21.13
C PHE F 133 -11.13 -71.90 22.39
N SER F 134 -12.28 -71.47 22.88
CA SER F 134 -12.90 -72.03 24.07
C SER F 134 -13.51 -73.38 23.71
N LEU F 135 -13.86 -74.15 24.74
CA LEU F 135 -14.61 -75.38 24.57
C LEU F 135 -15.34 -75.64 25.89
N ALA F 136 -16.67 -75.78 25.82
CA ALA F 136 -17.50 -75.56 27.00
C ALA F 136 -17.49 -76.76 27.94
N THR F 137 -18.42 -76.75 28.90
CA THR F 137 -18.57 -77.88 29.81
C THR F 137 -19.38 -78.99 29.16
N GLU F 138 -20.16 -78.66 28.14
CA GLU F 138 -20.58 -79.67 27.18
C GLU F 138 -19.45 -79.86 26.18
N ALA F 139 -19.60 -80.85 25.31
CA ALA F 139 -18.59 -81.31 24.34
C ALA F 139 -17.31 -81.82 24.98
N ILE F 140 -17.32 -82.04 26.29
CA ILE F 140 -16.27 -82.82 26.92
C ILE F 140 -16.87 -84.08 27.51
N ALA F 141 -18.01 -83.94 28.20
CA ALA F 141 -18.83 -85.12 28.49
C ALA F 141 -19.40 -85.70 27.21
N LEU F 142 -19.68 -84.85 26.24
CA LEU F 142 -19.96 -85.33 24.90
C LEU F 142 -18.64 -85.46 24.15
N LEU F 143 -18.72 -85.99 22.92
CA LEU F 143 -17.62 -86.29 22.00
C LEU F 143 -16.69 -87.40 22.48
N THR F 144 -16.90 -87.88 23.70
CA THR F 144 -15.94 -88.79 24.32
C THR F 144 -16.62 -90.10 24.70
N GLY F 145 -17.92 -90.19 24.48
CA GLY F 145 -18.69 -91.30 24.99
C GLY F 145 -19.08 -91.17 26.44
N GLU F 146 -18.68 -90.08 27.11
CA GLU F 146 -18.86 -90.00 28.54
C GLU F 146 -20.31 -89.73 28.91
N ALA F 147 -21.03 -88.97 28.09
CA ALA F 147 -22.45 -88.72 28.33
C ALA F 147 -23.21 -88.93 27.04
N LEU F 148 -23.59 -90.18 26.76
CA LEU F 148 -24.44 -90.47 25.62
C LEU F 148 -25.48 -91.50 26.03
N ASP F 149 -26.31 -91.87 25.05
CA ASP F 149 -27.27 -92.95 25.20
C ASP F 149 -27.62 -93.48 23.82
N GLY F 150 -28.57 -94.41 23.79
CA GLY F 150 -29.02 -94.93 22.51
C GLY F 150 -30.08 -94.07 21.85
N THR F 151 -30.45 -92.97 22.49
CA THR F 151 -31.46 -92.09 21.92
C THR F 151 -30.88 -91.27 20.78
N GLY F 152 -31.73 -90.98 19.79
CA GLY F 152 -31.28 -90.25 18.62
C GLY F 152 -30.89 -88.81 18.93
N ILE F 153 -31.50 -88.24 19.96
CA ILE F 153 -31.21 -86.86 20.32
C ILE F 153 -29.86 -86.75 21.01
N SER F 154 -29.51 -87.74 21.83
CA SER F 154 -28.19 -87.73 22.46
C SER F 154 -27.11 -87.98 21.43
N LEU F 155 -27.46 -88.65 20.34
CA LEU F 155 -26.56 -88.73 19.20
C LEU F 155 -26.55 -87.40 18.44
N HIS F 156 -27.63 -86.63 18.55
CA HIS F 156 -27.71 -85.39 17.81
C HIS F 156 -27.29 -84.18 18.66
N ARG F 157 -27.28 -84.34 19.98
CA ARG F 157 -26.64 -83.33 20.82
C ARG F 157 -25.15 -83.29 20.54
N GLN F 158 -24.59 -84.42 20.14
CA GLN F 158 -23.17 -84.49 19.81
C GLN F 158 -22.86 -83.70 18.57
N LEU F 159 -23.76 -83.71 17.59
CA LEU F 159 -23.42 -83.26 16.24
C LEU F 159 -23.28 -81.74 16.18
N ARG F 160 -24.06 -81.02 17.00
CA ARG F 160 -23.82 -79.58 17.15
C ARG F 160 -22.44 -79.33 17.71
N ALA F 161 -22.06 -80.12 18.71
CA ALA F 161 -20.74 -79.97 19.30
C ALA F 161 -19.67 -80.65 18.44
N ILE F 162 -20.07 -81.52 17.52
CA ILE F 162 -19.15 -81.93 16.48
C ILE F 162 -18.91 -80.79 15.51
N GLN F 163 -19.99 -80.15 15.04
CA GLN F 163 -19.87 -79.10 14.03
C GLN F 163 -19.22 -77.85 14.61
N GLN F 164 -19.30 -77.67 15.92
CA GLN F 164 -18.70 -76.48 16.50
C GLN F 164 -17.18 -76.57 16.45
N LEU F 165 -16.63 -77.79 16.56
CA LEU F 165 -15.20 -77.95 16.33
C LEU F 165 -14.88 -77.91 14.85
N ALA F 166 -15.87 -78.17 13.98
CA ALA F 166 -15.64 -77.93 12.56
C ALA F 166 -15.59 -76.46 12.26
N ARG F 167 -16.12 -75.64 13.16
CA ARG F 167 -16.27 -74.22 12.89
C ARG F 167 -15.23 -73.41 13.66
N ASN F 168 -14.73 -73.95 14.78
CA ASN F 168 -13.67 -73.25 15.49
C ASN F 168 -12.32 -73.56 14.88
N VAL F 169 -12.05 -74.83 14.56
CA VAL F 169 -10.73 -75.24 14.08
C VAL F 169 -10.48 -74.70 12.67
N GLN F 170 -11.52 -74.65 11.84
CA GLN F 170 -11.36 -74.03 10.53
C GLN F 170 -11.18 -72.52 10.65
N ALA F 171 -11.62 -71.93 11.76
CA ALA F 171 -11.43 -70.50 11.95
C ALA F 171 -10.02 -70.19 12.43
N VAL F 172 -9.55 -70.91 13.45
CA VAL F 172 -8.27 -70.54 14.07
C VAL F 172 -7.11 -71.03 13.24
N LEU F 173 -7.32 -72.08 12.44
CA LEU F 173 -6.30 -72.45 11.46
C LEU F 173 -6.41 -71.57 10.22
N GLY F 174 -7.59 -71.02 9.98
CA GLY F 174 -7.70 -69.94 9.03
C GLY F 174 -7.10 -68.65 9.57
N ALA F 175 -7.03 -68.52 10.90
CA ALA F 175 -6.63 -67.26 11.51
C ALA F 175 -5.15 -66.98 11.34
N PHE F 176 -4.34 -68.01 11.11
CA PHE F 176 -2.92 -67.78 10.87
C PHE F 176 -2.70 -67.24 9.46
N GLU F 177 -3.51 -67.71 8.49
CA GLU F 177 -3.49 -67.10 7.18
C GLU F 177 -4.07 -65.70 7.21
N ARG F 178 -5.03 -65.46 8.09
CA ARG F 178 -5.53 -64.10 8.29
C ARG F 178 -4.55 -63.28 9.12
N GLY F 179 -3.56 -63.94 9.72
CA GLY F 179 -2.66 -63.25 10.62
C GLY F 179 -1.31 -62.94 9.99
N THR F 180 -0.93 -63.71 8.98
CA THR F 180 0.33 -63.46 8.29
C THR F 180 0.27 -62.15 7.52
N ALA F 181 -0.87 -61.89 6.86
CA ALA F 181 -1.06 -60.63 6.17
C ALA F 181 -1.19 -59.47 7.14
N ASP F 182 -1.62 -59.75 8.37
CA ASP F 182 -1.57 -58.71 9.39
C ASP F 182 -0.14 -58.46 9.82
N GLN F 183 0.68 -59.51 9.88
CA GLN F 183 2.05 -59.33 10.33
C GLN F 183 2.91 -58.67 9.27
N MET F 184 2.65 -58.99 8.01
CA MET F 184 3.50 -58.45 6.95
C MET F 184 3.32 -56.95 6.79
N LEU F 185 2.10 -56.45 6.98
CA LEU F 185 1.88 -55.02 6.87
C LEU F 185 2.53 -54.25 8.02
N HIS F 186 2.70 -54.91 9.16
CA HIS F 186 3.46 -54.26 10.22
C HIS F 186 4.95 -54.28 9.91
N VAL F 187 5.47 -55.44 9.50
CA VAL F 187 6.91 -55.55 9.31
C VAL F 187 7.32 -55.02 7.94
N LEU F 188 6.36 -54.56 7.15
CA LEU F 188 6.72 -53.60 6.12
C LEU F 188 6.74 -52.20 6.70
N LEU F 189 5.73 -51.84 7.50
CA LEU F 189 5.68 -50.50 8.08
C LEU F 189 6.70 -50.31 9.19
N GLU F 190 7.26 -51.41 9.70
CA GLU F 190 8.36 -51.27 10.66
C GLU F 190 9.61 -50.76 9.97
N LYS F 191 9.83 -51.14 8.72
CA LYS F 191 10.96 -50.66 7.94
C LYS F 191 10.54 -49.76 6.79
N ALA F 192 9.49 -48.97 6.95
CA ALA F 192 9.02 -48.10 5.90
C ALA F 192 9.32 -46.66 6.23
N PRO F 193 10.40 -46.07 5.71
CA PRO F 193 10.66 -44.67 5.97
C PRO F 193 9.73 -43.82 5.12
N PRO F 194 9.07 -42.85 5.72
CA PRO F 194 8.03 -42.11 5.00
C PRO F 194 8.61 -41.26 3.90
N LEU F 195 7.86 -41.20 2.80
CA LEU F 195 8.32 -40.48 1.62
C LEU F 195 8.31 -38.99 1.92
N ALA F 196 9.13 -38.25 1.17
CA ALA F 196 9.66 -36.91 1.44
C ALA F 196 10.50 -36.90 2.70
N LEU F 197 10.96 -38.08 3.11
CA LEU F 197 12.19 -38.28 3.86
C LEU F 197 13.05 -39.32 3.18
N LEU F 198 12.68 -39.73 1.97
CA LEU F 198 13.53 -40.63 1.21
C LEU F 198 13.85 -40.06 -0.17
N LEU F 199 12.94 -39.25 -0.73
CA LEU F 199 13.30 -38.54 -1.97
C LEU F 199 14.48 -37.60 -1.82
N PRO F 200 14.63 -36.78 -0.76
CA PRO F 200 15.93 -36.15 -0.59
C PRO F 200 17.01 -37.11 -0.11
N MET F 201 16.62 -38.22 0.51
CA MET F 201 17.62 -39.12 1.06
C MET F 201 18.30 -39.94 -0.02
N GLN F 202 17.55 -40.39 -1.03
CA GLN F 202 18.18 -41.21 -2.06
C GLN F 202 18.92 -40.36 -3.07
N ARG F 203 18.48 -39.12 -3.28
CA ARG F 203 19.23 -38.27 -4.19
C ARG F 203 20.54 -37.82 -3.57
N TYR F 204 20.60 -37.78 -2.24
CA TYR F 204 21.88 -37.67 -1.54
C TYR F 204 22.69 -38.94 -1.70
N LEU F 205 22.02 -40.09 -1.76
CA LEU F 205 22.76 -41.34 -1.92
C LEU F 205 22.76 -41.79 -3.38
N ASP F 206 22.27 -40.94 -4.29
CA ASP F 206 22.58 -41.07 -5.72
C ASP F 206 23.68 -40.08 -6.07
N ASN F 207 24.20 -39.45 -5.02
CA ASN F 207 25.61 -39.08 -4.98
C ASN F 207 26.30 -40.29 -4.39
N GLY F 208 27.59 -40.18 -4.12
CA GLY F 208 28.25 -41.31 -3.49
C GLY F 208 27.81 -41.49 -2.05
N ARG F 209 28.26 -40.60 -1.19
CA ARG F 209 27.68 -40.12 0.06
C ARG F 209 28.74 -39.12 0.47
N LEU F 210 28.38 -38.09 1.20
CA LEU F 210 29.33 -37.02 1.43
C LEU F 210 29.52 -36.83 2.92
N ALA F 211 30.68 -37.25 3.42
CA ALA F 211 31.00 -37.13 4.83
C ALA F 211 31.64 -35.80 5.15
N THR F 212 31.34 -34.77 4.36
CA THR F 212 31.94 -33.46 4.59
C THR F 212 31.20 -32.68 5.65
N ARG F 213 30.05 -33.19 6.11
CA ARG F 213 29.20 -32.66 7.18
C ARG F 213 28.49 -31.36 6.76
N VAL F 214 28.90 -30.75 5.65
CA VAL F 214 28.07 -29.71 5.05
C VAL F 214 26.96 -30.36 4.26
N ALA F 215 27.29 -31.37 3.46
CA ALA F 215 26.24 -32.06 2.72
C ALA F 215 25.41 -32.96 3.62
N ARG F 216 25.89 -33.23 4.83
CA ARG F 216 24.98 -33.69 5.87
C ARG F 216 23.98 -32.60 6.22
N ALA F 217 24.46 -31.36 6.36
CA ALA F 217 23.57 -30.29 6.78
C ALA F 217 22.69 -29.81 5.64
N THR F 218 23.20 -29.82 4.40
CA THR F 218 22.34 -29.45 3.27
C THR F 218 21.35 -30.56 2.97
N LEU F 219 21.65 -31.77 3.42
CA LEU F 219 20.62 -32.81 3.40
C LEU F 219 19.47 -32.41 4.32
N VAL F 220 19.79 -32.13 5.58
CA VAL F 220 18.77 -32.03 6.63
C VAL F 220 17.89 -30.81 6.43
N ALA F 221 18.49 -29.66 6.13
CA ALA F 221 17.70 -28.44 5.96
C ALA F 221 16.93 -28.46 4.66
N GLU F 222 17.20 -29.45 3.81
CA GLU F 222 16.33 -29.73 2.67
C GLU F 222 15.51 -30.98 2.91
N LEU F 223 15.95 -31.83 3.85
CA LEU F 223 15.11 -32.96 4.27
C LEU F 223 13.88 -32.46 5.01
N LYS F 224 14.04 -31.40 5.79
CA LYS F 224 12.90 -30.83 6.49
C LYS F 224 12.02 -30.02 5.55
N ARG F 225 12.56 -29.64 4.39
CA ARG F 225 11.79 -28.79 3.49
C ARG F 225 10.89 -29.62 2.61
N SER F 226 11.39 -30.75 2.11
CA SER F 226 10.57 -31.60 1.25
C SER F 226 9.44 -32.23 2.02
N PHE F 227 9.63 -32.45 3.33
CA PHE F 227 8.56 -33.01 4.15
C PHE F 227 7.45 -31.99 4.34
N CYS F 228 7.83 -30.75 4.68
CA CYS F 228 6.85 -29.70 4.92
C CYS F 228 6.08 -29.35 3.65
N ASP F 229 6.67 -29.62 2.50
CA ASP F 229 5.99 -29.34 1.25
C ASP F 229 5.04 -30.47 0.88
N THR F 230 5.57 -31.68 0.63
CA THR F 230 4.75 -32.78 0.16
C THR F 230 4.84 -33.92 1.14
N SER F 231 4.11 -33.83 2.24
CA SER F 231 3.90 -35.01 3.07
C SER F 231 2.58 -35.63 2.65
N PHE F 232 1.53 -34.82 2.64
CA PHE F 232 0.15 -35.20 2.44
C PHE F 232 -0.31 -35.01 1.00
N PHE F 233 0.52 -35.37 0.03
CA PHE F 233 0.51 -34.84 -1.33
C PHE F 233 -0.80 -35.05 -2.06
N LEU F 234 -1.39 -36.23 -1.97
CA LEU F 234 -2.72 -36.46 -2.51
C LEU F 234 -3.73 -35.85 -1.55
N GLY F 235 -4.72 -35.16 -2.10
CA GLY F 235 -5.58 -34.32 -1.32
C GLY F 235 -5.08 -32.90 -1.20
N LYS F 236 -3.78 -32.73 -1.01
CA LYS F 236 -3.17 -31.40 -1.13
C LYS F 236 -2.97 -31.04 -2.58
N ALA F 237 -2.57 -32.01 -3.39
CA ALA F 237 -2.42 -31.88 -4.84
C ALA F 237 -3.23 -32.95 -5.54
N GLY F 238 -4.43 -33.22 -5.02
CA GLY F 238 -5.21 -34.32 -5.57
C GLY F 238 -5.84 -33.99 -6.89
N HIS F 239 -6.28 -32.73 -7.07
CA HIS F 239 -6.93 -32.37 -8.32
C HIS F 239 -5.91 -32.14 -9.42
N ARG F 240 -4.67 -31.84 -9.05
CA ARG F 240 -3.63 -31.65 -10.06
C ARG F 240 -3.23 -32.99 -10.64
N ARG F 241 -3.78 -33.30 -11.81
CA ARG F 241 -3.32 -34.42 -12.61
C ARG F 241 -1.92 -34.07 -13.12
N GLU F 242 -1.12 -35.10 -13.40
CA GLU F 242 0.27 -35.08 -13.88
C GLU F 242 1.26 -34.67 -12.80
N ALA F 243 0.77 -34.25 -11.64
CA ALA F 243 1.63 -34.19 -10.46
C ALA F 243 1.46 -35.45 -9.64
N ILE F 244 0.26 -36.02 -9.66
CA ILE F 244 0.03 -37.34 -9.08
C ILE F 244 0.59 -38.41 -9.98
N GLU F 245 0.58 -38.19 -11.30
CA GLU F 245 1.32 -39.06 -12.21
C GLU F 245 2.81 -39.01 -11.92
N ALA F 246 3.32 -37.85 -11.54
CA ALA F 246 4.73 -37.75 -11.17
C ALA F 246 4.95 -38.27 -9.76
N TRP F 247 3.87 -38.45 -9.00
CA TRP F 247 4.02 -38.86 -7.61
C TRP F 247 4.14 -40.36 -7.49
N LEU F 248 3.39 -41.11 -8.30
CA LEU F 248 3.47 -42.56 -8.24
C LEU F 248 4.79 -43.06 -8.80
N VAL F 249 5.34 -42.34 -9.77
CA VAL F 249 6.61 -42.79 -10.36
C VAL F 249 7.75 -42.49 -9.40
N ASP F 250 7.55 -41.56 -8.46
CA ASP F 250 8.53 -41.36 -7.41
C ASP F 250 8.26 -42.30 -6.25
N LEU F 251 7.00 -42.68 -6.07
CA LEU F 251 6.66 -43.67 -5.05
C LEU F 251 7.20 -45.04 -5.40
N THR F 252 7.31 -45.33 -6.69
CA THR F 252 7.65 -46.68 -7.10
C THR F 252 9.16 -46.87 -7.23
N THR F 253 9.82 -46.04 -8.02
CA THR F 253 11.18 -46.33 -8.44
C THR F 253 12.22 -46.02 -7.37
N ALA F 254 11.84 -45.34 -6.28
CA ALA F 254 12.84 -44.84 -5.34
C ALA F 254 13.44 -45.97 -4.51
N THR F 255 12.70 -47.06 -4.34
CA THR F 255 13.21 -48.17 -3.56
C THR F 255 14.11 -49.06 -4.41
N GLN F 256 15.19 -49.54 -3.80
CA GLN F 256 16.05 -50.51 -4.49
C GLN F 256 15.47 -51.91 -4.37
N PRO F 257 15.41 -52.65 -5.48
CA PRO F 257 15.05 -54.07 -5.41
C PRO F 257 16.09 -54.86 -4.64
N SER F 258 15.65 -55.42 -3.52
CA SER F 258 16.54 -56.12 -2.61
C SER F 258 17.05 -57.41 -3.22
N VAL F 259 18.31 -57.72 -2.92
CA VAL F 259 19.07 -58.69 -3.68
C VAL F 259 18.64 -60.09 -3.27
N ALA F 260 17.68 -60.64 -4.01
CA ALA F 260 17.26 -62.02 -3.86
C ALA F 260 16.53 -62.45 -5.12
N VAL F 261 16.56 -63.75 -5.41
CA VAL F 261 15.69 -64.36 -6.40
C VAL F 261 14.72 -65.26 -5.65
N PRO F 262 13.43 -64.94 -5.65
CA PRO F 262 12.48 -65.79 -4.89
C PRO F 262 12.17 -67.10 -5.58
N ARG F 263 12.72 -67.33 -6.79
CA ARG F 263 12.75 -68.58 -7.56
C ARG F 263 11.38 -68.93 -8.15
N LEU F 264 10.35 -68.18 -7.78
CA LEU F 264 8.99 -68.44 -8.20
C LEU F 264 8.37 -67.12 -8.62
N THR F 265 8.36 -66.87 -9.92
CA THR F 265 8.05 -65.56 -10.48
C THR F 265 6.55 -65.40 -10.67
N HIS F 266 6.01 -64.33 -10.10
CA HIS F 266 4.62 -63.97 -10.35
C HIS F 266 4.45 -63.45 -11.77
N ALA F 267 3.62 -64.14 -12.54
CA ALA F 267 3.58 -63.91 -13.98
C ALA F 267 2.58 -62.82 -14.34
N ASP F 268 2.24 -62.77 -15.62
CA ASP F 268 1.82 -61.54 -16.28
C ASP F 268 0.41 -61.58 -16.85
N THR F 269 0.10 -62.63 -17.62
CA THR F 269 -0.90 -62.80 -18.69
C THR F 269 -0.49 -62.11 -19.98
N ARG F 270 0.56 -61.27 -19.99
CA ARG F 270 1.16 -60.91 -21.27
C ARG F 270 2.66 -61.19 -21.31
N GLY F 271 3.47 -60.38 -20.62
CA GLY F 271 4.90 -60.63 -20.61
C GLY F 271 5.73 -60.30 -19.39
N ARG F 272 5.22 -59.45 -18.51
CA ARG F 272 6.10 -58.79 -17.56
C ARG F 272 6.08 -59.49 -16.20
N PRO F 273 7.26 -59.80 -15.64
CA PRO F 273 7.30 -60.28 -14.26
C PRO F 273 6.87 -59.18 -13.29
N VAL F 274 6.30 -59.57 -12.16
CA VAL F 274 5.68 -58.65 -11.22
C VAL F 274 6.61 -58.46 -10.04
N ASP F 275 6.90 -57.21 -9.71
CA ASP F 275 7.84 -56.93 -8.63
C ASP F 275 7.28 -56.04 -7.52
N GLY F 276 6.48 -55.02 -7.86
CA GLY F 276 6.01 -54.10 -6.85
C GLY F 276 4.78 -54.65 -6.14
N VAL F 277 4.50 -54.09 -4.97
CA VAL F 277 3.35 -54.56 -4.21
C VAL F 277 2.26 -53.50 -4.15
N LEU F 278 2.59 -52.32 -3.61
CA LEU F 278 1.73 -51.14 -3.58
C LEU F 278 0.41 -51.39 -2.83
N VAL F 279 0.53 -51.63 -1.53
CA VAL F 279 -0.61 -51.78 -0.63
C VAL F 279 -1.20 -50.39 -0.37
N THR F 280 -2.50 -50.26 -0.53
CA THR F 280 -3.19 -48.98 -0.40
C THR F 280 -4.47 -49.24 0.40
N THR F 281 -5.03 -48.20 1.00
CA THR F 281 -6.32 -48.38 1.63
C THR F 281 -7.43 -48.45 0.58
N ALA F 282 -8.65 -48.68 1.05
CA ALA F 282 -9.74 -48.91 0.12
C ALA F 282 -10.31 -47.60 -0.41
N ALA F 283 -10.20 -46.53 0.37
CA ALA F 283 -10.78 -45.25 -0.04
C ALA F 283 -9.89 -44.55 -1.06
N ILE F 284 -8.61 -44.92 -1.12
CA ILE F 284 -7.72 -44.29 -2.08
C ILE F 284 -7.78 -45.04 -3.41
N LYS F 285 -7.81 -46.37 -3.33
CA LYS F 285 -7.81 -47.24 -4.50
C LYS F 285 -9.05 -46.99 -5.37
N GLN F 286 -10.17 -46.66 -4.74
CA GLN F 286 -11.35 -46.20 -5.49
C GLN F 286 -11.04 -44.93 -6.26
N ARG F 287 -10.30 -44.02 -5.64
CA ARG F 287 -9.97 -42.77 -6.32
C ARG F 287 -8.81 -42.98 -7.30
N LEU F 288 -8.06 -44.06 -7.12
CA LEU F 288 -6.81 -44.18 -7.86
C LEU F 288 -6.99 -45.09 -9.08
N LEU F 289 -7.84 -46.11 -8.96
CA LEU F 289 -8.12 -46.96 -10.11
C LEU F 289 -8.97 -46.27 -11.16
N GLN F 290 -9.75 -45.26 -10.74
CA GLN F 290 -10.69 -44.66 -11.66
C GLN F 290 -9.99 -43.77 -12.67
N SER F 291 -8.74 -43.37 -12.38
CA SER F 291 -8.04 -42.46 -13.28
C SER F 291 -6.92 -43.18 -14.02
N PHE F 292 -6.26 -44.14 -13.38
CA PHE F 292 -4.97 -44.64 -13.83
C PHE F 292 -5.11 -46.11 -14.22
N LEU F 293 -4.87 -46.39 -15.50
CA LEU F 293 -5.08 -47.71 -16.10
C LEU F 293 -3.99 -48.66 -15.58
N LYS F 294 -4.33 -49.77 -14.87
CA LYS F 294 -5.45 -50.80 -14.78
C LYS F 294 -5.51 -51.80 -15.95
N VAL F 295 -4.35 -52.31 -16.36
CA VAL F 295 -4.27 -53.33 -17.40
C VAL F 295 -4.27 -54.73 -16.79
N GLU F 296 -4.82 -55.70 -17.55
CA GLU F 296 -4.60 -57.14 -17.38
C GLU F 296 -5.02 -57.70 -16.03
N ASP F 297 -6.32 -57.61 -15.71
CA ASP F 297 -6.75 -57.88 -14.34
C ASP F 297 -6.85 -59.36 -14.04
N THR F 298 -5.71 -60.05 -14.04
CA THR F 298 -5.56 -61.40 -13.53
C THR F 298 -4.09 -61.68 -13.26
N GLU F 299 -3.75 -62.07 -12.04
CA GLU F 299 -2.41 -62.58 -11.72
C GLU F 299 -2.27 -63.94 -12.38
N ALA F 300 -1.26 -64.09 -13.25
CA ALA F 300 -1.15 -65.32 -14.03
C ALA F 300 -0.47 -66.41 -13.25
N ASP F 301 0.20 -66.07 -12.16
CA ASP F 301 0.87 -67.06 -11.35
C ASP F 301 0.90 -66.61 -9.91
N VAL F 302 0.72 -67.57 -9.02
CA VAL F 302 0.99 -67.48 -7.58
C VAL F 302 1.13 -68.95 -7.15
N PRO F 303 2.35 -69.49 -7.23
CA PRO F 303 2.49 -70.95 -7.23
C PRO F 303 2.25 -71.57 -5.87
N VAL F 304 1.88 -72.85 -5.88
CA VAL F 304 1.66 -73.61 -4.66
C VAL F 304 2.97 -74.27 -4.23
N THR F 305 3.84 -73.45 -3.63
CA THR F 305 4.95 -73.94 -2.84
C THR F 305 4.44 -74.16 -1.43
N TYR F 306 5.32 -74.67 -0.56
CA TYR F 306 4.97 -74.76 0.84
C TYR F 306 4.93 -73.37 1.44
N GLY F 307 3.72 -72.83 1.58
CA GLY F 307 3.58 -71.42 1.91
C GLY F 307 2.68 -71.16 3.11
N GLU F 308 1.59 -71.92 3.25
CA GLU F 308 0.79 -71.73 4.45
C GLU F 308 0.91 -72.95 5.33
N MET F 309 0.40 -74.09 4.84
CA MET F 309 0.81 -75.47 5.11
C MET F 309 -0.08 -76.44 4.35
N VAL F 310 0.28 -77.71 4.39
CA VAL F 310 -0.62 -78.81 4.10
C VAL F 310 -0.91 -79.65 5.33
N LEU F 311 -0.06 -79.58 6.36
CA LEU F 311 -0.20 -80.46 7.50
C LEU F 311 -0.76 -79.75 8.72
N ASN F 312 -0.86 -78.41 8.68
CA ASN F 312 -1.39 -77.67 9.82
C ASN F 312 -2.88 -77.94 10.02
N GLY F 313 -3.59 -78.25 8.94
CA GLY F 313 -4.98 -78.70 9.08
C GLY F 313 -5.03 -80.09 9.68
N ALA F 314 -3.95 -80.87 9.55
CA ALA F 314 -3.93 -82.22 10.09
C ALA F 314 -3.23 -82.26 11.44
N ASN F 315 -2.28 -81.37 11.69
CA ASN F 315 -1.52 -81.44 12.94
C ASN F 315 -2.33 -80.89 14.10
N LEU F 316 -3.13 -79.86 13.86
CA LEU F 316 -3.82 -79.18 14.96
C LEU F 316 -5.00 -80.01 15.47
N VAL F 317 -5.64 -80.75 14.57
CA VAL F 317 -6.72 -81.65 15.00
C VAL F 317 -6.17 -82.90 15.65
N THR F 318 -4.90 -83.22 15.39
CA THR F 318 -4.33 -84.47 15.91
C THR F 318 -3.58 -84.24 17.22
N ALA F 319 -3.02 -83.04 17.40
CA ALA F 319 -2.23 -82.77 18.60
C ALA F 319 -3.13 -82.63 19.82
N LEU F 320 -4.38 -82.22 19.61
CA LEU F 320 -5.32 -82.12 20.72
C LEU F 320 -6.15 -83.38 20.85
N VAL F 321 -6.03 -84.29 19.88
CA VAL F 321 -6.82 -85.51 19.88
C VAL F 321 -6.42 -86.45 21.01
N MET F 322 -5.12 -86.73 21.12
CA MET F 322 -4.63 -87.53 22.24
C MET F 322 -4.62 -86.70 23.52
N GLY F 323 -4.69 -85.37 23.40
CA GLY F 323 -4.90 -84.54 24.58
C GLY F 323 -6.31 -84.72 25.13
N LYS F 324 -7.30 -84.79 24.23
CA LYS F 324 -8.66 -85.10 24.66
C LYS F 324 -8.80 -86.58 24.99
N ALA F 325 -8.17 -87.44 24.19
CA ALA F 325 -7.93 -88.87 24.42
C ALA F 325 -9.18 -89.74 24.37
N VAL F 326 -10.36 -89.13 24.29
CA VAL F 326 -11.55 -89.89 23.96
C VAL F 326 -12.41 -89.13 22.96
N ARG F 327 -12.13 -87.84 22.79
CA ARG F 327 -12.62 -87.11 21.62
C ARG F 327 -11.62 -87.17 20.48
N SER F 328 -10.70 -88.13 20.54
CA SER F 328 -9.74 -88.33 19.45
C SER F 328 -10.43 -88.85 18.20
N LEU F 329 -11.18 -89.95 18.34
CA LEU F 329 -11.84 -90.56 17.19
C LEU F 329 -13.15 -89.84 16.85
N ASP F 330 -13.53 -88.85 17.67
CA ASP F 330 -14.60 -87.95 17.28
C ASP F 330 -14.17 -87.08 16.10
N ASP F 331 -13.04 -86.38 16.24
CA ASP F 331 -12.57 -85.51 15.18
C ASP F 331 -11.83 -86.29 14.10
N VAL F 332 -11.38 -87.51 14.41
CA VAL F 332 -10.72 -88.34 13.42
C VAL F 332 -11.71 -88.86 12.39
N GLY F 333 -12.92 -89.22 12.83
CA GLY F 333 -13.96 -89.64 11.90
C GLY F 333 -14.73 -88.45 11.35
N ARG F 334 -14.50 -87.27 11.93
CA ARG F 334 -15.24 -86.08 11.50
C ARG F 334 -14.76 -85.57 10.15
N HIS F 335 -13.44 -85.59 9.92
CA HIS F 335 -12.82 -84.74 8.90
C HIS F 335 -13.20 -85.18 7.49
N LEU F 336 -13.67 -86.41 7.33
CA LEU F 336 -14.27 -86.80 6.06
C LEU F 336 -15.61 -86.11 5.86
N LEU F 337 -16.43 -86.04 6.90
CA LEU F 337 -17.75 -85.41 6.78
C LEU F 337 -17.75 -83.99 7.32
N ASP F 338 -16.58 -83.47 7.71
CA ASP F 338 -16.54 -82.12 8.27
C ASP F 338 -16.69 -81.06 7.19
N MET F 339 -15.99 -81.24 6.06
CA MET F 339 -15.93 -80.19 5.04
C MET F 339 -17.25 -80.06 4.30
N GLN F 340 -18.05 -81.11 4.28
CA GLN F 340 -19.31 -81.07 3.54
C GLN F 340 -20.39 -80.32 4.32
N GLU F 341 -20.57 -80.67 5.59
CA GLU F 341 -21.67 -80.12 6.37
C GLU F 341 -21.37 -78.71 6.85
N GLU F 342 -20.08 -78.36 6.96
CA GLU F 342 -19.73 -77.01 7.41
C GLU F 342 -19.70 -76.03 6.25
N GLN F 343 -20.13 -76.47 5.06
CA GLN F 343 -20.12 -75.59 3.90
C GLN F 343 -21.33 -74.66 3.90
N LEU F 344 -22.31 -74.94 4.76
CA LEU F 344 -23.56 -74.20 4.93
C LEU F 344 -24.35 -74.09 3.64
N GLU F 345 -24.96 -75.19 3.21
CA GLU F 345 -25.79 -75.22 2.01
C GLU F 345 -27.08 -74.42 2.17
N THR F 360 2.28 -71.64 -10.59
CA THR F 360 1.49 -72.79 -11.01
C THR F 360 0.05 -72.40 -11.29
N THR F 361 -0.70 -72.05 -10.23
CA THR F 361 -2.10 -71.72 -10.38
C THR F 361 -2.30 -70.22 -10.64
N ARG F 362 -3.55 -69.79 -10.62
CA ARG F 362 -3.94 -68.43 -10.93
C ARG F 362 -4.94 -67.91 -9.90
N VAL F 363 -4.81 -66.64 -9.54
CA VAL F 363 -5.75 -65.97 -8.65
C VAL F 363 -6.09 -64.62 -9.26
N ARG F 364 -7.39 -64.31 -9.29
CA ARG F 364 -7.84 -62.99 -9.73
C ARG F 364 -7.34 -61.91 -8.80
N ALA F 365 -6.35 -61.15 -9.26
CA ALA F 365 -5.86 -60.00 -8.53
C ALA F 365 -5.75 -58.83 -9.49
N ASP F 366 -5.61 -57.64 -8.94
CA ASP F 366 -5.65 -56.40 -9.72
C ASP F 366 -4.23 -56.01 -10.12
N LEU F 367 -4.07 -55.54 -11.34
CA LEU F 367 -2.77 -55.18 -11.91
C LEU F 367 -2.84 -53.78 -12.50
N VAL F 368 -1.83 -52.97 -12.21
CA VAL F 368 -1.64 -51.70 -12.90
C VAL F 368 -0.17 -51.62 -13.29
N ALA F 369 0.13 -50.69 -14.20
CA ALA F 369 1.49 -50.45 -14.65
C ALA F 369 1.80 -48.97 -14.50
N ILE F 370 2.89 -48.67 -13.81
CA ILE F 370 3.31 -47.29 -13.53
C ILE F 370 4.68 -47.09 -14.14
N GLY F 371 4.77 -46.21 -15.13
CA GLY F 371 5.99 -46.09 -15.90
C GLY F 371 6.23 -47.39 -16.62
N ASP F 372 7.26 -48.11 -16.21
CA ASP F 372 7.43 -49.50 -16.58
C ASP F 372 7.73 -50.32 -15.33
N ARG F 373 6.68 -50.58 -14.56
CA ARG F 373 6.74 -51.43 -13.37
C ARG F 373 5.35 -52.00 -13.19
N LEU F 374 5.24 -53.31 -13.11
CA LEU F 374 3.95 -53.97 -13.04
C LEU F 374 3.72 -54.39 -11.61
N VAL F 375 2.77 -53.75 -10.94
CA VAL F 375 2.62 -53.92 -9.50
C VAL F 375 1.24 -54.48 -9.20
N PHE F 376 1.10 -55.02 -8.00
CA PHE F 376 -0.13 -55.68 -7.55
C PHE F 376 -0.97 -54.73 -6.73
N LEU F 377 -1.50 -53.67 -7.35
CA LEU F 377 -2.25 -52.66 -6.62
C LEU F 377 -3.56 -53.26 -6.13
N GLU F 378 -3.59 -53.59 -4.84
CA GLU F 378 -4.75 -54.19 -4.22
C GLU F 378 -4.88 -53.67 -2.81
N ALA F 379 -6.10 -53.26 -2.46
CA ALA F 379 -6.41 -52.83 -1.11
C ALA F 379 -6.85 -54.03 -0.30
N LEU F 380 -6.41 -54.06 0.94
CA LEU F 380 -6.97 -54.99 1.89
C LEU F 380 -8.17 -54.38 2.58
N GLU F 381 -8.47 -54.95 3.75
CA GLU F 381 -9.38 -54.55 4.82
C GLU F 381 -10.81 -54.92 4.52
N ARG F 382 -11.10 -55.33 3.29
CA ARG F 382 -12.41 -55.86 2.99
C ARG F 382 -12.37 -57.36 2.88
N ARG F 383 -11.17 -57.92 2.77
CA ARG F 383 -10.98 -59.35 2.64
C ARG F 383 -10.52 -60.00 3.93
N ILE F 384 -9.49 -59.44 4.56
CA ILE F 384 -8.92 -60.08 5.73
C ILE F 384 -9.32 -59.35 7.01
N TYR F 385 -9.79 -58.11 6.88
CA TYR F 385 -10.20 -57.35 8.07
C TYR F 385 -11.68 -57.06 8.12
N ALA F 386 -12.52 -57.86 7.50
CA ALA F 386 -13.95 -57.64 7.61
C ALA F 386 -14.45 -58.19 8.94
N ALA F 387 -14.87 -57.30 9.82
CA ALA F 387 -15.43 -57.53 11.15
C ALA F 387 -14.45 -58.26 12.07
N THR F 388 -13.14 -58.07 11.92
CA THR F 388 -12.23 -58.69 12.86
C THR F 388 -11.87 -57.76 13.99
N ASN F 389 -12.30 -56.50 13.89
CA ASN F 389 -12.07 -55.40 14.84
C ASN F 389 -10.60 -55.09 15.08
N VAL F 390 -9.72 -55.54 14.20
CA VAL F 390 -8.32 -55.11 14.18
C VAL F 390 -8.24 -53.88 13.29
N PRO F 391 -7.57 -52.82 13.69
CA PRO F 391 -7.46 -51.65 12.81
C PRO F 391 -6.64 -51.98 11.57
N TYR F 392 -6.95 -51.31 10.48
CA TYR F 392 -6.13 -51.44 9.30
C TYR F 392 -4.79 -50.78 9.57
N PRO F 393 -3.66 -51.48 9.38
CA PRO F 393 -2.38 -50.94 9.86
C PRO F 393 -1.91 -49.76 9.04
N LEU F 394 -2.38 -49.64 7.80
CA LEU F 394 -2.10 -48.45 7.02
C LEU F 394 -3.17 -47.40 7.23
N VAL F 395 -3.48 -47.15 8.48
CA VAL F 395 -4.05 -45.87 8.86
C VAL F 395 -3.22 -45.49 10.08
N GLY F 396 -2.60 -44.32 10.02
CA GLY F 396 -1.49 -44.11 10.94
C GLY F 396 -1.50 -42.68 11.43
N ALA F 397 -1.57 -42.58 12.76
CA ALA F 397 -1.72 -41.31 13.43
C ALA F 397 -0.45 -40.50 13.27
N MET F 398 -0.60 -39.19 13.10
CA MET F 398 0.53 -38.27 13.02
C MET F 398 0.42 -37.27 14.14
N ASP F 399 1.50 -37.09 14.89
CA ASP F 399 1.57 -36.14 15.99
C ASP F 399 2.42 -34.95 15.62
N LEU F 400 1.79 -33.81 15.39
CA LEU F 400 2.50 -32.58 15.19
C LEU F 400 2.44 -31.77 16.48
N THR F 401 3.25 -30.73 16.55
CA THR F 401 3.17 -29.75 17.62
C THR F 401 3.07 -28.36 17.00
N PHE F 402 2.33 -27.47 17.64
CA PHE F 402 2.04 -26.19 17.01
C PHE F 402 2.38 -25.00 17.89
N VAL F 403 3.25 -24.14 17.36
CA VAL F 403 3.69 -22.93 18.04
C VAL F 403 2.76 -21.80 17.68
N LEU F 404 2.16 -21.18 18.70
CA LEU F 404 1.22 -20.12 18.49
C LEU F 404 1.62 -18.97 19.40
N PRO F 405 2.58 -18.14 19.02
CA PRO F 405 3.18 -17.20 19.98
C PRO F 405 2.23 -16.09 20.39
N LEU F 406 1.95 -16.06 21.69
CA LEU F 406 0.90 -15.25 22.29
C LEU F 406 1.50 -13.99 22.88
N GLY F 407 0.91 -12.85 22.57
CA GLY F 407 1.23 -11.65 23.31
C GLY F 407 2.52 -10.97 22.94
N LEU F 408 3.19 -11.39 21.87
CA LEU F 408 4.48 -10.80 21.52
C LEU F 408 4.32 -9.41 20.94
N PHE F 409 5.42 -8.84 20.50
CA PHE F 409 5.42 -7.46 20.06
C PHE F 409 6.11 -7.33 18.70
N ASN F 410 5.66 -6.38 17.92
CA ASN F 410 6.03 -6.27 16.52
C ASN F 410 7.40 -5.58 16.41
N PRO F 411 8.28 -6.05 15.53
CA PRO F 411 9.58 -5.40 15.34
C PRO F 411 9.48 -3.99 14.78
N ALA F 412 10.64 -3.33 14.66
CA ALA F 412 10.69 -1.87 14.63
C ALA F 412 10.21 -1.31 13.31
N MET F 413 10.61 -1.91 12.19
CA MET F 413 10.23 -1.36 10.90
C MET F 413 8.90 -1.93 10.45
N GLU F 414 8.33 -2.85 11.23
CA GLU F 414 7.17 -3.59 10.78
C GLU F 414 5.89 -3.10 11.43
N ARG F 415 5.80 -1.81 11.74
CA ARG F 415 4.58 -1.30 12.36
C ARG F 415 3.81 -0.42 11.40
N PHE F 416 3.77 -0.82 10.14
CA PHE F 416 3.08 -0.01 9.14
C PHE F 416 1.59 -0.35 9.12
N ALA F 417 0.87 0.31 8.20
CA ALA F 417 -0.58 0.17 8.15
C ALA F 417 -1.02 -0.67 6.96
N ALA F 418 -0.19 -0.71 5.92
CA ALA F 418 -0.37 -1.25 4.57
C ALA F 418 -1.35 -0.44 3.71
N HIS F 419 -2.06 0.52 4.31
CA HIS F 419 -2.71 1.63 3.63
C HIS F 419 -3.15 2.61 4.71
N ALA F 420 -3.22 3.90 4.34
CA ALA F 420 -3.33 4.97 5.32
C ALA F 420 -4.63 4.91 6.11
N GLY F 421 -5.75 4.70 5.44
CA GLY F 421 -6.94 4.53 6.22
C GLY F 421 -7.68 3.23 5.96
N ASP F 422 -7.57 2.31 6.92
CA ASP F 422 -8.37 1.10 7.00
C ASP F 422 -8.23 0.58 8.41
N LEU F 423 -9.13 -0.32 8.80
CA LEU F 423 -9.30 -0.75 10.20
C LEU F 423 -9.46 0.46 11.11
N VAL F 424 -10.30 1.38 10.67
CA VAL F 424 -10.51 2.66 11.34
C VAL F 424 -11.73 2.55 12.23
N PRO F 425 -11.67 3.00 13.50
CA PRO F 425 -12.86 2.97 14.36
C PRO F 425 -13.81 4.08 13.99
N ALA F 426 -14.98 4.12 14.62
CA ALA F 426 -15.82 5.31 14.54
C ALA F 426 -15.09 6.46 15.24
N PRO F 427 -15.29 7.70 14.77
CA PRO F 427 -14.43 8.81 15.24
C PRO F 427 -14.52 9.14 16.72
N GLY F 428 -15.59 8.74 17.39
CA GLY F 428 -15.61 8.88 18.83
C GLY F 428 -14.83 7.82 19.60
N HIS F 429 -14.16 6.91 18.92
CA HIS F 429 -13.54 5.78 19.57
C HIS F 429 -12.02 5.85 19.43
N PRO F 430 -11.25 5.28 20.38
CA PRO F 430 -9.84 5.68 20.50
C PRO F 430 -8.85 4.94 19.62
N GLU F 431 -9.30 4.13 18.65
CA GLU F 431 -8.43 3.25 17.86
C GLU F 431 -7.58 2.33 18.73
N PRO F 432 -8.14 1.19 19.16
CA PRO F 432 -7.44 0.29 20.09
C PRO F 432 -6.12 -0.26 19.58
N ARG F 433 -6.02 -0.58 18.28
CA ARG F 433 -5.09 -1.59 17.75
C ARG F 433 -3.63 -1.34 18.12
N ALA F 434 -3.28 -0.10 18.47
CA ALA F 434 -1.93 0.20 18.89
C ALA F 434 -1.63 -0.28 20.31
N PHE F 435 -2.62 -0.79 21.04
CA PHE F 435 -2.30 -1.39 22.33
C PHE F 435 -1.64 -2.73 22.06
N PRO F 436 -0.73 -3.19 22.92
CA PRO F 436 -0.02 -4.45 22.67
C PRO F 436 -0.96 -5.64 22.75
N PRO F 437 -0.88 -6.54 21.78
CA PRO F 437 -1.98 -7.49 21.58
C PRO F 437 -1.95 -8.64 22.58
N ARG F 438 -2.97 -8.71 23.43
CA ARG F 438 -3.03 -9.69 24.50
C ARG F 438 -3.74 -10.97 24.08
N GLN F 439 -4.07 -11.12 22.80
CA GLN F 439 -5.05 -12.09 22.36
C GLN F 439 -4.48 -12.91 21.22
N LEU F 440 -5.08 -14.06 20.95
CA LEU F 440 -4.67 -14.88 19.83
C LEU F 440 -5.87 -15.66 19.31
N PHE F 441 -6.15 -15.48 18.01
CA PHE F 441 -7.36 -16.00 17.38
C PHE F 441 -6.97 -16.93 16.24
N PHE F 442 -7.65 -18.07 16.13
CA PHE F 442 -7.34 -19.06 15.12
C PHE F 442 -8.50 -20.02 14.91
N TRP F 443 -8.49 -20.72 13.78
CA TRP F 443 -9.57 -21.65 13.51
C TRP F 443 -9.32 -22.98 14.22
N GLY F 444 -10.41 -23.70 14.50
CA GLY F 444 -10.33 -24.94 15.23
C GLY F 444 -10.68 -26.16 14.41
N LYS F 445 -11.39 -27.12 15.00
CA LYS F 445 -11.72 -28.36 14.28
C LYS F 445 -13.07 -28.21 13.58
N ASP F 446 -13.24 -27.07 12.93
CA ASP F 446 -14.48 -26.61 12.30
C ASP F 446 -14.11 -25.34 11.55
N HIS F 447 -15.09 -24.51 11.22
CA HIS F 447 -14.76 -23.10 11.09
C HIS F 447 -14.20 -22.58 12.40
N GLN F 448 -15.06 -22.39 13.41
CA GLN F 448 -14.73 -22.27 14.85
C GLN F 448 -13.56 -21.35 15.19
N VAL F 449 -13.73 -20.03 15.10
CA VAL F 449 -12.68 -19.17 15.62
C VAL F 449 -12.57 -19.33 17.14
N LEU F 450 -11.35 -19.41 17.63
CA LEU F 450 -11.10 -19.60 19.05
C LEU F 450 -10.39 -18.39 19.62
N ARG F 451 -9.91 -18.52 20.84
CA ARG F 451 -9.33 -17.37 21.54
C ARG F 451 -8.36 -17.89 22.59
N LEU F 452 -7.11 -17.40 22.55
CA LEU F 452 -6.16 -17.81 23.58
C LEU F 452 -6.11 -16.80 24.72
N SER F 453 -5.73 -15.54 24.46
CA SER F 453 -6.06 -14.39 25.31
C SER F 453 -5.57 -14.45 26.75
N MET F 454 -4.33 -13.98 27.02
CA MET F 454 -3.45 -14.31 28.15
C MET F 454 -4.12 -14.50 29.51
N GLU F 455 -5.34 -13.98 29.72
CA GLU F 455 -6.12 -14.33 30.90
C GLU F 455 -6.31 -15.84 31.07
N ASN F 456 -6.22 -16.60 29.98
CA ASN F 456 -6.26 -18.04 30.05
C ASN F 456 -4.94 -18.63 30.49
N ALA F 457 -3.88 -17.82 30.58
CA ALA F 457 -2.57 -18.31 30.99
C ALA F 457 -2.33 -18.17 32.47
N VAL F 458 -3.40 -18.06 33.25
CA VAL F 458 -3.25 -17.89 34.70
C VAL F 458 -2.98 -19.24 35.35
N GLY F 459 -3.19 -20.33 34.62
CA GLY F 459 -2.93 -21.64 35.17
C GLY F 459 -1.50 -22.09 34.98
N THR F 460 -0.67 -21.25 34.37
CA THR F 460 0.72 -21.62 34.14
C THR F 460 1.66 -20.82 35.03
N VAL F 461 1.57 -19.49 34.98
CA VAL F 461 2.61 -18.67 35.60
C VAL F 461 2.22 -18.27 37.02
N CYS F 462 0.92 -18.21 37.33
CA CYS F 462 0.52 -17.83 38.68
C CYS F 462 0.65 -18.99 39.65
N HIS F 463 0.93 -20.17 39.15
CA HIS F 463 1.25 -21.28 40.01
C HIS F 463 2.59 -21.02 40.70
N PRO F 464 2.70 -21.27 41.99
CA PRO F 464 3.92 -20.94 42.73
C PRO F 464 5.06 -21.94 42.56
N SER F 465 5.31 -22.33 41.32
CA SER F 465 6.61 -22.86 40.90
C SER F 465 7.41 -21.85 40.12
N LEU F 466 6.89 -20.63 39.96
CA LEU F 466 7.65 -19.55 39.35
C LEU F 466 8.85 -19.17 40.20
N MET F 467 8.74 -19.34 41.51
CA MET F 467 9.71 -18.75 42.41
C MET F 467 10.77 -19.75 42.85
N ASN F 468 10.83 -20.90 42.20
CA ASN F 468 11.86 -21.86 42.55
C ASN F 468 13.09 -21.68 41.67
N ILE F 469 14.17 -21.21 42.27
CA ILE F 469 15.48 -21.24 41.64
C ILE F 469 16.52 -21.89 42.53
N ASP F 470 16.08 -22.64 43.54
CA ASP F 470 17.02 -23.35 44.40
C ASP F 470 17.69 -24.49 43.65
N ALA F 471 17.07 -24.94 42.56
CA ALA F 471 17.73 -25.88 41.66
C ALA F 471 18.66 -25.15 40.70
N ALA F 472 18.51 -23.83 40.60
CA ALA F 472 19.24 -23.10 39.58
C ALA F 472 20.50 -22.46 40.15
N VAL F 473 20.36 -21.64 41.20
CA VAL F 473 21.47 -20.79 41.62
C VAL F 473 22.55 -21.61 42.32
N GLY F 474 22.16 -22.71 42.97
CA GLY F 474 23.16 -23.63 43.44
C GLY F 474 23.72 -24.46 42.30
N GLY F 475 22.89 -24.69 41.28
CA GLY F 475 23.35 -25.47 40.15
C GLY F 475 24.26 -24.68 39.23
N VAL F 476 23.91 -23.42 38.96
CA VAL F 476 24.69 -22.59 38.04
C VAL F 476 26.01 -22.16 38.66
N ASN F 477 26.19 -22.39 39.96
CA ASN F 477 27.33 -21.81 40.63
C ASN F 477 28.58 -22.65 40.48
N HIS F 478 28.51 -23.78 39.76
CA HIS F 478 29.72 -24.49 39.41
C HIS F 478 30.51 -23.68 38.40
N ASP F 479 31.84 -23.83 38.47
CA ASP F 479 32.80 -22.97 37.79
C ASP F 479 32.51 -21.47 38.01
N PRO F 480 32.80 -20.95 39.20
CA PRO F 480 32.43 -19.56 39.47
C PRO F 480 33.40 -18.59 38.83
N VAL F 481 32.87 -17.45 38.38
CA VAL F 481 33.68 -16.35 37.90
C VAL F 481 34.20 -15.63 39.13
N GLU F 482 35.35 -14.94 38.99
CA GLU F 482 35.81 -14.07 40.05
C GLU F 482 34.87 -12.87 40.18
N ALA F 483 34.88 -12.25 41.36
CA ALA F 483 34.03 -11.10 41.59
C ALA F 483 34.53 -9.92 40.80
N ALA F 484 33.94 -9.71 39.63
CA ALA F 484 34.36 -8.66 38.71
C ALA F 484 33.52 -7.43 38.97
N ASN F 485 34.22 -6.29 39.17
CA ASN F 485 33.82 -4.90 39.45
C ASN F 485 32.47 -4.76 40.17
N PRO F 486 32.30 -5.37 41.38
CA PRO F 486 30.96 -5.41 41.99
C PRO F 486 30.52 -4.04 42.49
N TYR F 487 30.06 -3.22 41.55
CA TYR F 487 29.56 -1.90 41.91
C TYR F 487 28.12 -1.98 42.37
N GLY F 488 27.23 -2.43 41.49
CA GLY F 488 25.83 -2.48 41.87
C GLY F 488 25.41 -3.69 42.64
N ALA F 489 26.34 -4.57 42.97
CA ALA F 489 26.00 -5.85 43.57
C ALA F 489 26.18 -5.86 45.08
N TYR F 490 27.00 -4.99 45.63
CA TYR F 490 27.35 -5.00 47.04
C TYR F 490 26.60 -3.88 47.74
N VAL F 491 26.18 -4.15 48.97
CA VAL F 491 25.60 -3.14 49.83
C VAL F 491 26.51 -2.96 51.04
N ALA F 492 26.93 -1.73 51.29
CA ALA F 492 27.71 -1.40 52.46
C ALA F 492 26.76 -1.00 53.57
N ALA F 493 27.24 -1.07 54.80
CA ALA F 493 26.49 -0.49 55.89
C ALA F 493 26.75 1.01 55.95
N PRO F 494 25.80 1.81 56.40
CA PRO F 494 26.07 3.23 56.57
C PRO F 494 26.95 3.48 57.78
N ALA F 495 27.97 4.31 57.60
CA ALA F 495 28.92 4.61 58.65
C ALA F 495 29.42 6.04 58.46
N GLY F 496 29.99 6.61 59.52
CA GLY F 496 30.47 7.97 59.48
C GLY F 496 29.32 8.96 59.56
N PRO F 497 29.61 10.25 59.45
CA PRO F 497 28.53 11.22 59.35
C PRO F 497 27.85 11.12 57.99
N GLY F 498 26.63 11.62 57.92
CA GLY F 498 25.89 11.58 56.66
C GLY F 498 26.43 12.57 55.65
N ALA F 499 27.20 13.55 56.12
CA ALA F 499 27.58 14.70 55.30
C ALA F 499 28.54 14.32 54.19
N ASP F 500 29.39 13.33 54.41
CA ASP F 500 30.42 12.98 53.45
C ASP F 500 30.42 11.51 53.07
N MET F 501 29.26 10.85 53.12
CA MET F 501 29.23 9.42 52.86
C MET F 501 29.42 9.13 51.38
N GLN F 502 28.99 10.07 50.54
CA GLN F 502 29.32 9.98 49.12
C GLN F 502 30.80 10.26 48.90
N GLN F 503 31.40 11.08 49.76
CA GLN F 503 32.70 11.64 49.46
C GLN F 503 33.80 10.59 49.54
N ARG F 504 33.87 9.85 50.64
CA ARG F 504 34.93 8.84 50.75
C ARG F 504 34.60 7.63 49.90
N PHE F 505 33.34 7.46 49.50
CA PHE F 505 32.98 6.49 48.47
C PHE F 505 33.61 6.85 47.13
N LEU F 506 33.84 8.14 46.88
CA LEU F 506 34.60 8.52 45.70
C LEU F 506 36.09 8.61 46.00
N ASN F 507 36.45 8.52 47.27
CA ASN F 507 37.87 8.46 47.61
C ASN F 507 38.36 7.01 47.64
N ALA F 508 37.53 6.09 48.15
CA ALA F 508 38.00 4.74 48.37
C ALA F 508 37.79 3.86 47.14
N TRP F 509 36.59 3.86 46.57
CA TRP F 509 36.19 2.95 45.51
C TRP F 509 36.77 3.30 44.15
N ARG F 510 37.65 4.30 44.07
CA ARG F 510 37.97 4.96 42.81
C ARG F 510 38.70 4.02 41.84
N GLN F 511 39.34 2.98 42.36
CA GLN F 511 40.02 2.03 41.50
C GLN F 511 39.04 1.11 40.78
N ARG F 512 38.32 0.28 41.55
CA ARG F 512 37.54 -0.80 40.96
C ARG F 512 36.26 -0.29 40.32
N LEU F 513 35.88 0.95 40.62
CA LEU F 513 34.73 1.55 39.97
C LEU F 513 35.04 1.88 38.51
N ALA F 514 36.32 2.08 38.20
CA ALA F 514 36.74 2.32 36.83
C ALA F 514 37.57 1.19 36.27
N HIS F 515 37.62 0.04 36.94
CA HIS F 515 38.45 -1.07 36.49
C HIS F 515 37.85 -1.77 35.28
N GLY F 516 36.54 -1.74 35.17
CA GLY F 516 35.86 -2.38 34.05
C GLY F 516 34.49 -1.78 33.82
N ARG F 517 33.89 -2.16 32.71
CA ARG F 517 32.52 -1.76 32.41
C ARG F 517 31.56 -2.49 33.35
N VAL F 518 30.71 -1.73 34.03
CA VAL F 518 29.76 -2.33 34.95
C VAL F 518 28.63 -2.98 34.16
N ARG F 519 28.11 -4.09 34.68
CA ARG F 519 27.25 -4.96 33.89
C ARG F 519 25.91 -4.32 33.60
N TRP F 520 25.35 -3.60 34.57
CA TRP F 520 23.95 -3.21 34.43
C TRP F 520 23.77 -1.98 33.56
N VAL F 521 24.85 -1.44 33.00
CA VAL F 521 24.68 -0.83 31.69
C VAL F 521 25.08 -1.83 30.60
N ALA F 522 24.19 -2.78 30.33
CA ALA F 522 24.17 -3.45 29.04
C ALA F 522 23.11 -2.81 28.16
N GLU F 523 22.79 -1.56 28.46
CA GLU F 523 21.69 -0.79 27.91
C GLU F 523 21.81 -0.56 26.41
N CYS F 524 23.04 -0.36 25.95
CA CYS F 524 23.26 -0.03 24.54
C CYS F 524 23.06 -1.24 23.63
N GLN F 525 22.91 -2.42 24.21
CA GLN F 525 22.42 -3.56 23.45
C GLN F 525 20.97 -3.32 23.06
N MET F 526 20.66 -3.57 21.80
CA MET F 526 19.29 -3.40 21.34
C MET F 526 18.60 -4.75 21.21
N THR F 527 17.40 -4.71 20.64
CA THR F 527 16.72 -5.92 20.19
C THR F 527 17.59 -6.63 19.17
N ALA F 528 17.69 -7.95 19.32
CA ALA F 528 18.52 -8.86 18.50
C ALA F 528 20.00 -8.56 18.60
N GLU F 529 20.42 -7.74 19.57
CA GLU F 529 21.83 -7.66 19.91
C GLU F 529 22.12 -8.46 21.16
N GLN F 530 21.16 -8.53 22.07
CA GLN F 530 21.37 -9.33 23.27
C GLN F 530 21.17 -10.80 22.97
N PHE F 531 20.46 -11.12 21.89
CA PHE F 531 20.19 -12.51 21.62
C PHE F 531 21.37 -13.21 20.97
N MET F 532 22.45 -12.49 20.69
CA MET F 532 23.55 -13.09 19.94
C MET F 532 24.80 -13.18 20.79
N GLN F 533 25.77 -13.94 20.28
CA GLN F 533 26.99 -14.20 21.03
C GLN F 533 27.87 -12.97 21.33
N PRO F 534 28.21 -12.03 20.37
CA PRO F 534 29.20 -11.02 20.70
C PRO F 534 28.71 -9.95 21.65
N ASP F 535 29.63 -9.41 22.45
CA ASP F 535 29.47 -8.42 23.51
C ASP F 535 28.46 -8.84 24.56
N ASN F 536 28.10 -10.13 24.64
CA ASN F 536 27.02 -10.59 25.49
C ASN F 536 27.45 -11.87 26.19
N ALA F 537 28.58 -11.79 26.90
CA ALA F 537 28.87 -12.80 27.91
C ALA F 537 27.78 -12.85 28.98
N ASN F 538 27.07 -11.76 29.20
CA ASN F 538 25.94 -11.69 30.13
C ASN F 538 24.66 -12.27 29.55
N LEU F 539 24.71 -12.95 28.40
CA LEU F 539 23.55 -13.71 27.95
C LEU F 539 23.28 -14.87 28.88
N ALA F 540 24.34 -15.57 29.30
CA ALA F 540 24.16 -16.74 30.16
C ALA F 540 24.07 -16.34 31.63
N LEU F 541 23.72 -15.08 31.92
CA LEU F 541 23.40 -14.71 33.28
C LEU F 541 21.96 -14.22 33.38
N GLU F 542 21.21 -14.33 32.29
CA GLU F 542 19.81 -13.96 32.23
C GLU F 542 18.95 -15.23 32.17
N LEU F 543 18.41 -15.64 33.31
CA LEU F 543 17.79 -16.95 33.36
C LEU F 543 16.33 -16.97 33.78
N HIS F 544 15.85 -16.01 34.57
CA HIS F 544 14.51 -16.18 35.07
C HIS F 544 13.74 -14.87 34.92
N PRO F 545 12.44 -14.90 34.64
CA PRO F 545 11.71 -13.64 34.46
C PRO F 545 11.44 -12.91 35.75
N ALA F 546 11.60 -13.55 36.90
CA ALA F 546 11.33 -12.89 38.16
C ALA F 546 12.60 -12.63 38.94
N PHE F 547 13.76 -12.84 38.32
CA PHE F 547 15.04 -12.91 38.99
C PHE F 547 16.14 -12.37 38.10
N ASP F 548 16.94 -11.45 38.63
CA ASP F 548 18.16 -11.03 37.97
C ASP F 548 19.32 -11.78 38.60
N PHE F 549 19.87 -12.76 37.89
CA PHE F 549 21.05 -13.47 38.36
C PHE F 549 22.24 -12.58 38.06
N PHE F 550 23.24 -12.59 38.94
CA PHE F 550 24.44 -11.80 38.77
C PHE F 550 25.55 -12.36 39.65
N ALA F 551 26.79 -11.97 39.33
CA ALA F 551 27.92 -12.38 40.15
C ALA F 551 28.01 -11.53 41.40
N GLY F 552 28.34 -12.18 42.51
CA GLY F 552 28.54 -11.48 43.77
C GLY F 552 29.56 -12.21 44.61
N VAL F 553 29.81 -11.68 45.80
CA VAL F 553 30.77 -12.29 46.71
C VAL F 553 30.19 -13.59 47.27
N ALA F 554 31.07 -14.45 47.81
CA ALA F 554 30.64 -15.78 48.21
C ALA F 554 30.10 -15.80 49.64
N ASP F 555 30.92 -15.42 50.61
CA ASP F 555 30.60 -15.60 52.02
C ASP F 555 30.29 -14.31 52.75
N VAL F 556 30.30 -13.18 52.06
CA VAL F 556 30.02 -11.89 52.66
C VAL F 556 28.51 -11.69 52.64
N GLU F 557 27.96 -11.24 53.76
CA GLU F 557 26.53 -10.95 53.82
C GLU F 557 26.18 -9.76 52.94
N LEU F 558 24.90 -9.63 52.64
CA LEU F 558 24.41 -8.48 51.91
C LEU F 558 24.70 -7.14 52.60
N PRO F 559 24.45 -6.93 53.91
CA PRO F 559 24.85 -5.64 54.48
C PRO F 559 26.27 -5.71 55.01
N GLY F 560 26.76 -4.56 55.46
CA GLY F 560 28.00 -4.50 56.19
C GLY F 560 29.14 -3.89 55.41
N GLY F 561 30.10 -3.36 56.14
CA GLY F 561 31.35 -2.97 55.51
C GLY F 561 31.29 -1.61 54.86
N GLU F 562 32.41 -1.25 54.21
CA GLU F 562 32.54 -0.03 53.44
C GLU F 562 33.11 -0.26 52.05
N VAL F 563 33.96 -1.25 51.89
CA VAL F 563 34.57 -1.66 50.62
C VAL F 563 34.58 -3.18 50.64
N PRO F 564 34.08 -3.86 49.60
CA PRO F 564 33.89 -5.31 49.69
C PRO F 564 35.24 -6.01 49.63
N PRO F 565 35.43 -7.01 50.48
CA PRO F 565 36.70 -7.75 50.44
C PRO F 565 36.77 -8.57 49.17
N ALA F 566 37.92 -8.47 48.50
CA ALA F 566 38.13 -9.17 47.25
C ALA F 566 38.16 -10.67 47.52
N GLY F 567 37.10 -11.35 47.10
CA GLY F 567 36.99 -12.76 47.31
C GLY F 567 36.61 -13.45 46.02
N PRO F 568 36.45 -14.76 46.08
CA PRO F 568 35.98 -15.48 44.89
C PRO F 568 34.52 -15.18 44.64
N GLY F 569 34.22 -14.82 43.39
CA GLY F 569 32.88 -14.40 43.05
C GLY F 569 31.94 -15.58 42.94
N ALA F 570 30.67 -15.33 43.23
CA ALA F 570 29.65 -16.37 43.18
C ALA F 570 28.42 -15.79 42.49
N ILE F 571 27.87 -16.56 41.55
CA ILE F 571 26.67 -16.11 40.87
C ILE F 571 25.46 -16.29 41.80
N GLN F 572 24.77 -15.19 42.05
CA GLN F 572 23.68 -15.18 43.01
C GLN F 572 22.46 -14.52 42.40
N ALA F 573 21.37 -14.55 43.16
CA ALA F 573 20.06 -14.14 42.68
C ALA F 573 19.58 -12.92 43.44
N THR F 574 18.70 -12.15 42.83
CA THR F 574 17.87 -11.19 43.55
C THR F 574 16.46 -11.28 42.98
N TRP F 575 15.47 -10.96 43.79
CA TRP F 575 14.11 -10.97 43.30
C TRP F 575 13.83 -9.69 42.53
N ARG F 576 13.28 -9.85 41.35
CA ARG F 576 12.78 -8.72 40.58
C ARG F 576 11.56 -8.18 41.29
N VAL F 577 11.59 -6.91 41.65
CA VAL F 577 10.47 -6.35 42.40
C VAL F 577 9.34 -6.03 41.45
N VAL F 578 9.64 -5.41 40.31
CA VAL F 578 8.60 -4.98 39.38
C VAL F 578 8.80 -5.69 38.06
N ASN F 579 7.90 -5.41 37.12
CA ASN F 579 8.05 -5.92 35.76
C ASN F 579 8.80 -4.93 34.88
N GLY F 580 8.76 -3.64 35.25
CA GLY F 580 9.43 -2.63 34.48
C GLY F 580 10.93 -2.74 34.47
N ASN F 581 11.52 -3.39 35.47
CA ASN F 581 12.97 -3.48 35.54
C ASN F 581 13.50 -4.80 35.03
N LEU F 582 12.88 -5.37 34.02
CA LEU F 582 13.57 -6.34 33.19
C LEU F 582 14.05 -5.59 31.94
N PRO F 583 15.17 -5.99 31.33
CA PRO F 583 15.99 -5.03 30.58
C PRO F 583 15.34 -4.55 29.29
N LEU F 584 15.89 -3.48 28.73
CA LEU F 584 15.17 -2.79 27.66
C LEU F 584 15.40 -3.47 26.32
N ALA F 585 16.41 -4.32 26.19
CA ALA F 585 16.53 -5.08 24.97
C ALA F 585 15.58 -6.27 24.97
N LEU F 586 15.01 -6.58 26.13
CA LEU F 586 14.02 -7.64 26.21
C LEU F 586 12.65 -7.07 26.56
N CYS F 587 12.54 -5.75 26.54
CA CYS F 587 11.28 -5.05 26.77
C CYS F 587 11.48 -3.63 26.29
N PRO F 588 11.25 -3.36 25.01
CA PRO F 588 11.72 -2.10 24.41
C PRO F 588 10.98 -0.88 24.91
N VAL F 589 11.58 0.28 24.65
CA VAL F 589 10.95 1.55 25.01
C VAL F 589 9.66 1.74 24.22
N ALA F 590 9.67 1.35 22.94
CA ALA F 590 8.47 1.48 22.12
C ALA F 590 7.39 0.50 22.55
N PHE F 591 7.78 -0.60 23.18
CA PHE F 591 6.78 -1.43 23.84
C PHE F 591 6.30 -0.81 25.14
N ARG F 592 7.21 -0.17 25.87
CA ARG F 592 6.86 0.31 27.20
C ARG F 592 5.94 1.51 27.12
N ASP F 593 6.03 2.28 26.04
CA ASP F 593 5.07 3.34 25.82
C ASP F 593 3.82 2.82 25.15
N ALA F 594 3.86 1.60 24.63
CA ALA F 594 2.70 1.06 23.93
C ALA F 594 1.61 0.69 24.92
N ARG F 595 1.97 0.27 26.13
CA ARG F 595 0.95 0.10 27.15
C ARG F 595 0.66 1.40 27.86
N GLY F 596 1.48 2.42 27.63
CA GLY F 596 1.16 3.73 28.14
C GLY F 596 -0.01 4.35 27.40
N LEU F 597 -0.02 4.22 26.08
CA LEU F 597 -1.16 4.70 25.31
C LEU F 597 -2.34 3.74 25.44
N GLU F 598 -2.10 2.53 25.96
CA GLU F 598 -3.20 1.68 26.35
C GLU F 598 -3.95 2.27 27.54
N LEU F 599 -3.22 2.68 28.58
CA LEU F 599 -3.89 3.20 29.76
C LEU F 599 -4.25 4.66 29.59
N GLY F 600 -3.70 5.30 28.57
CA GLY F 600 -3.80 6.76 28.48
C GLY F 600 -5.18 7.25 28.10
N VAL F 601 -6.03 6.35 27.58
CA VAL F 601 -7.36 6.78 27.20
C VAL F 601 -8.27 6.81 28.41
N GLY F 602 -9.35 7.58 28.31
CA GLY F 602 -10.43 7.52 29.28
C GLY F 602 -10.17 8.16 30.62
N ARG F 603 -8.93 8.52 30.94
CA ARG F 603 -8.58 9.01 32.27
C ARG F 603 -7.65 10.20 32.16
N HIS F 604 -7.33 10.77 33.32
CA HIS F 604 -6.92 12.17 33.39
C HIS F 604 -5.54 12.42 32.78
N ALA F 605 -5.52 13.16 31.67
CA ALA F 605 -4.29 13.67 31.12
C ALA F 605 -4.15 15.11 31.58
N MET F 606 -2.94 15.49 31.98
CA MET F 606 -2.68 16.86 32.40
C MET F 606 -2.75 17.80 31.21
N ALA F 607 -2.93 19.09 31.51
CA ALA F 607 -3.06 20.11 30.48
C ALA F 607 -1.73 20.27 29.74
N PRO F 608 -1.76 20.68 28.47
CA PRO F 608 -0.49 20.97 27.79
C PRO F 608 0.16 22.24 28.31
N ALA F 609 -0.62 23.14 28.90
CA ALA F 609 -0.05 24.34 29.48
C ALA F 609 0.64 24.06 30.81
N THR F 610 0.17 23.05 31.54
CA THR F 610 0.79 22.75 32.83
C THR F 610 1.98 21.80 32.66
N ILE F 611 2.19 21.30 31.45
CA ILE F 611 3.35 20.44 31.23
C ILE F 611 4.62 21.26 31.13
N ALA F 612 4.67 22.23 30.20
CA ALA F 612 5.92 22.96 29.99
C ALA F 612 6.17 23.94 31.12
N ALA F 613 5.13 24.29 31.87
CA ALA F 613 5.32 25.13 33.05
C ALA F 613 6.06 24.36 34.14
N VAL F 614 5.64 23.13 34.38
CA VAL F 614 6.29 22.32 35.41
C VAL F 614 7.64 21.82 34.91
N ARG F 615 7.69 21.32 33.68
CA ARG F 615 8.93 20.77 33.14
C ARG F 615 9.99 21.86 32.95
N GLY F 616 9.56 23.08 32.63
CA GLY F 616 10.51 24.17 32.46
C GLY F 616 11.17 24.57 33.76
N ALA F 617 10.43 24.50 34.86
CA ALA F 617 11.01 24.84 36.16
C ALA F 617 11.99 23.76 36.62
N PHE F 618 11.77 22.52 36.19
CA PHE F 618 12.80 21.49 36.39
C PHE F 618 14.02 21.74 35.53
N GLU F 619 13.86 22.45 34.41
CA GLU F 619 15.01 22.78 33.58
C GLU F 619 15.42 24.23 33.79
N ASP F 620 14.78 24.93 34.73
CA ASP F 620 15.16 26.31 35.00
C ASP F 620 16.48 26.35 35.76
N ARG F 621 17.56 26.59 35.02
CA ARG F 621 18.87 26.82 35.59
C ARG F 621 18.94 28.11 36.39
N SER F 622 18.03 29.04 36.13
CA SER F 622 17.94 30.29 36.87
C SER F 622 16.99 30.20 38.05
N TYR F 623 16.85 29.03 38.66
CA TYR F 623 15.88 28.87 39.73
C TYR F 623 16.42 29.49 41.02
N PRO F 624 15.66 30.36 41.67
CA PRO F 624 16.20 31.10 42.82
C PRO F 624 16.40 30.20 44.02
N ALA F 625 17.33 30.60 44.89
CA ALA F 625 17.74 29.74 45.99
C ALA F 625 16.81 29.87 47.18
N VAL F 626 16.07 30.97 47.27
CA VAL F 626 15.14 31.21 48.39
C VAL F 626 14.04 30.17 48.42
N PHE F 627 13.75 29.54 47.29
CA PHE F 627 12.72 28.51 47.28
C PHE F 627 13.26 27.23 47.87
N TYR F 628 14.57 27.02 47.77
CA TYR F 628 15.19 25.91 48.47
C TYR F 628 15.35 26.22 49.95
N LEU F 629 15.50 27.51 50.28
CA LEU F 629 15.52 27.91 51.67
C LEU F 629 14.15 27.73 52.32
N LEU F 630 13.08 28.05 51.61
CA LEU F 630 11.76 27.95 52.20
C LEU F 630 11.29 26.51 52.31
N GLN F 631 11.83 25.63 51.47
CA GLN F 631 11.50 24.21 51.61
C GLN F 631 12.17 23.61 52.83
N ALA F 632 13.41 24.00 53.08
CA ALA F 632 14.07 23.54 54.30
C ALA F 632 13.50 24.23 55.52
N ALA F 633 12.90 25.41 55.34
CA ALA F 633 12.24 26.09 56.44
C ALA F 633 10.98 25.38 56.87
N ILE F 634 10.08 25.13 55.91
CA ILE F 634 8.78 24.56 56.25
C ILE F 634 8.94 23.08 56.59
N HIS F 635 9.91 22.42 55.97
CA HIS F 635 10.35 21.03 56.22
C HIS F 635 9.19 20.04 56.31
N GLY F 636 8.17 20.23 55.48
CA GLY F 636 7.04 19.31 55.48
C GLY F 636 6.16 19.39 56.71
N ASN F 637 6.20 20.52 57.42
CA ASN F 637 5.38 20.71 58.60
C ASN F 637 4.18 21.58 58.25
N GLU F 638 2.99 21.13 58.64
CA GLU F 638 1.76 21.80 58.26
C GLU F 638 1.58 23.10 59.03
N HIS F 639 2.11 23.17 60.25
CA HIS F 639 2.00 24.38 61.06
C HIS F 639 2.84 25.51 60.49
N VAL F 640 3.99 25.18 59.91
CA VAL F 640 4.90 26.23 59.46
C VAL F 640 4.38 26.87 58.18
N PHE F 641 3.63 26.09 57.39
CA PHE F 641 3.10 26.60 56.13
C PHE F 641 2.04 27.67 56.37
N CYS F 642 1.18 27.47 57.37
CA CYS F 642 0.21 28.50 57.72
C CYS F 642 0.87 29.62 58.52
N ALA F 643 2.06 29.37 59.07
CA ALA F 643 2.79 30.44 59.71
C ALA F 643 3.43 31.36 58.68
N LEU F 644 4.07 30.79 57.66
CA LEU F 644 4.77 31.54 56.62
C LEU F 644 3.93 31.70 55.36
N ALA F 645 2.61 31.83 55.51
CA ALA F 645 1.73 31.74 54.36
C ALA F 645 1.80 32.98 53.48
N ARG F 646 1.89 34.16 54.09
CA ARG F 646 1.90 35.40 53.31
C ARG F 646 3.20 35.53 52.51
N LEU F 647 4.29 35.00 53.06
CA LEU F 647 5.57 35.03 52.37
C LEU F 647 5.57 34.18 51.11
N VAL F 648 5.12 32.92 51.23
CA VAL F 648 5.18 31.97 50.13
C VAL F 648 4.22 32.37 49.02
N THR F 649 3.06 32.92 49.38
CA THR F 649 2.07 33.28 48.36
C THR F 649 2.49 34.55 47.63
N GLN F 650 3.46 35.30 48.17
CA GLN F 650 4.07 36.37 47.39
C GLN F 650 5.35 35.90 46.74
N CYS F 651 5.88 34.77 47.18
CA CYS F 651 6.97 34.16 46.43
C CYS F 651 6.47 33.54 45.13
N ILE F 652 5.35 32.82 45.20
CA ILE F 652 4.82 32.15 44.01
C ILE F 652 4.26 33.17 43.04
N THR F 653 3.70 34.26 43.57
CA THR F 653 3.21 35.34 42.72
C THR F 653 4.35 36.01 41.97
N SER F 654 5.42 36.35 42.69
CA SER F 654 6.51 37.09 42.09
C SER F 654 7.33 36.21 41.15
N TYR F 655 7.42 34.91 41.46
CA TYR F 655 8.13 34.02 40.55
C TYR F 655 7.35 33.79 39.27
N TRP F 656 6.02 33.88 39.34
CA TRP F 656 5.20 33.72 38.15
C TRP F 656 5.34 34.90 37.22
N ASN F 657 5.47 36.10 37.77
CA ASN F 657 5.55 37.29 36.91
C ASN F 657 6.87 37.35 36.16
N ASN F 658 7.92 36.74 36.72
CA ASN F 658 9.17 36.63 35.97
C ASN F 658 9.09 35.53 34.94
N THR F 659 8.99 34.28 35.38
CA THR F 659 8.95 33.14 34.49
C THR F 659 7.62 32.44 34.66
N ARG F 660 7.10 31.91 33.57
CA ARG F 660 5.76 31.33 33.59
C ARG F 660 5.88 29.87 34.02
N CYS F 661 6.32 29.66 35.26
CA CYS F 661 6.58 28.33 35.77
C CYS F 661 6.04 28.23 37.19
N ALA F 662 5.88 27.00 37.64
CA ALA F 662 5.45 26.70 39.00
C ALA F 662 6.69 26.51 39.86
N ALA F 663 6.66 27.03 41.08
CA ALA F 663 7.89 27.15 41.85
C ALA F 663 8.24 25.85 42.59
N PHE F 664 7.40 25.43 43.53
CA PHE F 664 7.82 24.49 44.55
C PHE F 664 7.54 23.04 44.18
N VAL F 665 7.61 22.69 42.89
CA VAL F 665 7.23 21.36 42.45
C VAL F 665 8.26 20.30 42.79
N ASN F 666 9.35 20.67 43.46
CA ASN F 666 10.31 19.67 43.94
C ASN F 666 9.75 18.88 45.11
N ASP F 667 9.00 19.53 46.01
CA ASP F 667 8.42 18.81 47.13
C ASP F 667 6.91 18.70 46.94
N TYR F 668 6.43 17.46 46.97
CA TYR F 668 5.01 17.19 46.77
C TYR F 668 4.17 17.71 47.91
N SER F 669 4.67 17.58 49.13
CA SER F 669 3.92 17.96 50.31
C SER F 669 3.62 19.45 50.32
N LEU F 670 4.61 20.25 49.91
CA LEU F 670 4.43 21.70 49.88
C LEU F 670 3.47 22.11 48.78
N VAL F 671 3.47 21.38 47.65
CA VAL F 671 2.53 21.65 46.57
C VAL F 671 1.11 21.37 47.01
N SER F 672 0.92 20.27 47.76
CA SER F 672 -0.41 19.91 48.22
C SER F 672 -0.92 20.89 49.27
N TYR F 673 -0.01 21.56 49.98
CA TYR F 673 -0.46 22.63 50.86
C TYR F 673 -0.83 23.88 50.07
N ILE F 674 -0.18 24.08 48.92
CA ILE F 674 -0.52 25.24 48.08
C ILE F 674 -1.90 25.06 47.48
N VAL F 675 -2.22 23.83 47.07
CA VAL F 675 -3.53 23.52 46.52
C VAL F 675 -4.60 23.67 47.59
N THR F 676 -4.29 23.23 48.81
CA THR F 676 -5.33 23.16 49.84
C THR F 676 -5.51 24.50 50.54
N TYR F 677 -4.42 25.18 50.86
CA TYR F 677 -4.50 26.41 51.64
C TYR F 677 -4.44 27.68 50.81
N LEU F 678 -3.66 27.71 49.75
CA LEU F 678 -3.44 28.93 48.99
C LEU F 678 -4.34 29.03 47.77
N GLY F 679 -5.61 28.66 47.90
CA GLY F 679 -6.48 28.61 46.73
C GLY F 679 -6.79 29.97 46.13
N GLY F 680 -7.02 30.96 46.98
CA GLY F 680 -7.58 32.22 46.48
C GLY F 680 -6.53 33.23 46.06
N ASP F 681 -5.44 33.32 46.82
CA ASP F 681 -4.49 34.43 46.71
C ASP F 681 -3.40 34.16 45.68
N LEU F 682 -3.79 33.67 44.50
CA LEU F 682 -2.91 33.47 43.36
C LEU F 682 -3.70 33.76 42.09
N PRO F 683 -3.07 34.18 41.01
CA PRO F 683 -3.77 34.19 39.72
C PRO F 683 -4.05 32.78 39.27
N GLU F 684 -5.11 32.63 38.48
CA GLU F 684 -5.61 31.29 38.18
C GLU F 684 -4.75 30.61 37.13
N GLU F 685 -3.95 31.38 36.39
CA GLU F 685 -3.08 30.78 35.38
C GLU F 685 -1.94 29.99 36.04
N CYS F 686 -1.59 30.33 37.28
CA CYS F 686 -0.65 29.48 38.01
C CYS F 686 -1.36 28.62 39.04
N MET F 687 -2.58 29.00 39.42
CA MET F 687 -3.34 28.15 40.33
C MET F 687 -3.78 26.88 39.63
N ALA F 688 -4.06 26.96 38.33
CA ALA F 688 -4.49 25.77 37.60
C ALA F 688 -3.32 24.84 37.32
N VAL F 689 -2.09 25.32 37.48
CA VAL F 689 -0.92 24.46 37.30
C VAL F 689 -0.83 23.46 38.44
N TYR F 690 -0.94 23.94 39.68
CA TYR F 690 -0.79 23.05 40.83
C TYR F 690 -2.01 22.17 40.99
N ARG F 691 -3.18 22.68 40.64
CA ARG F 691 -4.41 21.91 40.82
C ARG F 691 -4.47 20.75 39.86
N ASP F 692 -3.93 20.93 38.65
CA ASP F 692 -3.86 19.82 37.71
C ASP F 692 -2.78 18.84 38.14
N LEU F 693 -1.77 19.30 38.87
CA LEU F 693 -0.65 18.43 39.19
C LEU F 693 -1.01 17.47 40.32
N VAL F 694 -1.71 17.95 41.35
CA VAL F 694 -2.03 17.08 42.49
C VAL F 694 -3.17 16.13 42.13
N ALA F 695 -4.17 16.62 41.39
CA ALA F 695 -5.31 15.79 41.02
C ALA F 695 -4.91 14.69 40.06
N HIS F 696 -3.83 14.90 39.32
CA HIS F 696 -3.36 13.87 38.40
C HIS F 696 -2.77 12.69 39.15
N VAL F 697 -2.27 12.91 40.37
CA VAL F 697 -1.63 11.83 41.11
C VAL F 697 -2.66 10.80 41.53
N GLU F 698 -3.88 11.25 41.83
CA GLU F 698 -4.92 10.30 42.20
C GLU F 698 -5.40 9.51 41.01
N ALA F 699 -5.33 10.10 39.82
CA ALA F 699 -5.70 9.36 38.62
C ALA F 699 -4.67 8.30 38.31
N LEU F 700 -3.44 8.47 38.80
CA LEU F 700 -2.50 7.37 38.80
C LEU F 700 -2.80 6.41 39.94
N ALA F 701 -3.34 6.92 41.04
CA ALA F 701 -3.55 6.09 42.21
C ALA F 701 -4.66 5.07 42.00
N GLN F 702 -5.77 5.51 41.42
CA GLN F 702 -6.91 4.61 41.23
C GLN F 702 -6.69 3.67 40.06
N LEU F 703 -5.60 3.81 39.32
CA LEU F 703 -5.26 2.84 38.30
C LEU F 703 -4.79 1.53 38.92
N VAL F 704 -4.33 1.58 40.17
CA VAL F 704 -4.07 0.35 40.93
C VAL F 704 -5.38 -0.37 41.21
N ASP F 705 -6.42 0.40 41.55
CA ASP F 705 -7.70 -0.17 41.97
C ASP F 705 -8.39 -0.86 40.81
N ASP F 706 -8.13 -0.39 39.58
CA ASP F 706 -8.85 -0.92 38.43
C ASP F 706 -8.36 -2.30 38.06
N PHE F 707 -7.15 -2.66 38.49
CA PHE F 707 -6.51 -3.86 37.96
C PHE F 707 -6.31 -4.89 39.04
N THR F 708 -7.05 -4.79 40.14
CA THR F 708 -6.94 -5.79 41.19
C THR F 708 -8.32 -6.33 41.57
N LEU F 709 -8.43 -7.63 41.48
CA LEU F 709 -9.60 -8.37 41.91
C LEU F 709 -9.66 -8.39 43.42
N PRO F 710 -10.82 -8.48 44.04
CA PRO F 710 -10.87 -8.48 45.50
C PRO F 710 -10.36 -9.80 46.07
N GLY F 711 -9.83 -9.72 47.29
CA GLY F 711 -9.35 -10.87 48.00
C GLY F 711 -9.02 -10.52 49.43
N PRO F 712 -8.69 -11.53 50.23
CA PRO F 712 -8.33 -11.29 51.63
C PRO F 712 -6.99 -10.57 51.74
N GLU F 713 -6.70 -10.07 52.93
CA GLU F 713 -5.37 -9.54 53.17
C GLU F 713 -4.45 -10.66 53.62
N LEU F 714 -3.43 -10.91 52.82
CA LEU F 714 -2.57 -12.08 52.94
C LEU F 714 -1.24 -11.64 53.53
N GLY F 715 -0.84 -12.28 54.62
CA GLY F 715 0.31 -11.81 55.36
C GLY F 715 0.12 -10.44 55.97
N GLY F 716 -1.11 -10.07 56.30
CA GLY F 716 -1.38 -8.77 56.84
C GLY F 716 -1.22 -7.63 55.86
N GLN F 717 -1.25 -7.90 54.56
CA GLN F 717 -1.09 -6.89 53.53
C GLN F 717 -2.20 -7.02 52.51
N ALA F 718 -2.73 -5.88 52.09
CA ALA F 718 -3.90 -5.86 51.22
C ALA F 718 -3.53 -6.26 49.80
N GLN F 719 -4.56 -6.59 49.01
CA GLN F 719 -4.35 -7.07 47.65
C GLN F 719 -3.72 -6.01 46.78
N ALA F 720 -4.08 -4.75 47.00
CA ALA F 720 -3.48 -3.66 46.24
C ALA F 720 -2.01 -3.48 46.63
N GLU F 721 -1.68 -3.74 47.89
CA GLU F 721 -0.28 -3.77 48.29
C GLU F 721 0.43 -4.97 47.69
N LEU F 722 -0.29 -6.08 47.52
CA LEU F 722 0.34 -7.25 46.93
C LEU F 722 0.46 -7.11 45.43
N ASN F 723 -0.34 -6.20 44.84
CA ASN F 723 -0.31 -6.07 43.39
C ASN F 723 0.70 -5.03 42.95
N HIS F 724 0.48 -3.78 43.33
CA HIS F 724 1.29 -2.67 42.84
C HIS F 724 2.25 -2.27 43.94
N LEU F 725 3.34 -1.63 43.54
CA LEU F 725 4.41 -1.36 44.49
C LEU F 725 4.17 -0.06 45.25
N MET F 726 3.52 0.90 44.60
CA MET F 726 3.32 2.20 45.24
C MET F 726 2.31 2.10 46.37
N ARG F 727 1.38 1.16 46.28
CA ARG F 727 0.48 0.91 47.39
C ARG F 727 1.19 0.14 48.49
N ASP F 728 2.19 -0.65 48.12
CA ASP F 728 2.89 -1.48 49.09
C ASP F 728 3.85 -0.65 49.94
N PRO F 729 3.78 -0.76 51.28
CA PRO F 729 4.52 0.17 52.14
C PRO F 729 5.98 -0.17 52.37
N ALA F 730 6.47 -1.33 51.90
CA ALA F 730 7.87 -1.68 52.09
C ALA F 730 8.78 -0.73 51.33
N LEU F 731 8.43 -0.43 50.09
CA LEU F 731 9.02 0.72 49.45
C LEU F 731 8.57 1.98 50.16
N LEU F 732 9.52 2.87 50.39
CA LEU F 732 9.35 4.11 51.12
C LEU F 732 9.63 5.30 50.21
N PRO F 733 8.97 6.44 50.45
CA PRO F 733 9.20 7.61 49.60
C PRO F 733 10.60 8.14 49.75
N PRO F 734 11.15 8.80 48.73
CA PRO F 734 12.56 9.20 48.78
C PRO F 734 12.83 10.33 49.76
N LEU F 735 12.10 11.43 49.66
CA LEU F 735 12.37 12.61 50.45
C LEU F 735 11.26 12.81 51.47
N VAL F 736 11.54 12.44 52.71
CA VAL F 736 10.53 12.25 53.74
C VAL F 736 10.61 13.44 54.68
N TRP F 737 9.51 13.75 55.37
CA TRP F 737 9.57 14.65 56.49
C TRP F 737 8.96 14.07 57.77
N ASP F 738 8.04 13.12 57.66
CA ASP F 738 7.39 12.50 58.81
C ASP F 738 7.57 10.99 58.80
N CYS F 739 7.72 10.42 59.98
CA CYS F 739 8.02 8.99 60.08
C CYS F 739 6.79 8.11 59.93
N ASP F 740 5.67 8.64 59.43
CA ASP F 740 4.45 7.85 59.25
C ASP F 740 4.64 6.77 58.21
N GLY F 741 5.58 6.98 57.29
CA GLY F 741 5.94 5.90 56.39
C GLY F 741 6.64 4.77 57.12
N LEU F 742 7.59 5.11 57.99
CA LEU F 742 8.42 4.07 58.58
C LEU F 742 7.66 3.34 59.69
N MET F 743 6.70 4.03 60.34
CA MET F 743 5.88 3.41 61.37
C MET F 743 5.09 2.23 60.82
N ARG F 744 4.47 2.42 59.65
CA ARG F 744 3.84 1.31 58.97
C ARG F 744 4.89 0.36 58.43
N HIS F 745 6.06 0.88 58.09
CA HIS F 745 7.09 0.04 57.48
C HIS F 745 7.80 -0.82 58.51
N ALA F 746 8.02 -0.30 59.71
CA ALA F 746 8.68 -1.10 60.74
C ALA F 746 7.74 -2.19 61.27
N ALA F 747 6.45 -1.87 61.36
CA ALA F 747 5.47 -2.82 61.90
C ALA F 747 4.94 -3.71 60.78
N LEU F 748 5.81 -4.60 60.31
CA LEU F 748 5.45 -5.58 59.28
C LEU F 748 6.14 -6.90 59.56
N ASP F 749 5.62 -7.97 58.96
CA ASP F 749 6.29 -9.26 59.06
C ASP F 749 7.38 -9.40 58.00
N ARG F 750 7.42 -8.47 57.04
CA ARG F 750 8.44 -8.51 56.02
C ARG F 750 9.65 -7.67 56.39
N HIS F 751 9.43 -6.64 57.21
CA HIS F 751 10.51 -5.76 57.64
C HIS F 751 11.54 -6.52 58.46
N ARG F 752 12.72 -6.71 57.87
CA ARG F 752 13.81 -7.40 58.53
C ARG F 752 14.50 -6.40 59.46
N ASP F 753 14.89 -5.25 58.89
CA ASP F 753 15.61 -4.21 59.63
C ASP F 753 15.60 -2.86 58.93
N CYS F 754 15.51 -1.81 59.72
CA CYS F 754 15.77 -0.44 59.32
C CYS F 754 17.11 -0.06 59.91
N ARG F 755 17.88 0.76 59.22
CA ARG F 755 19.24 1.06 59.63
C ARG F 755 19.54 2.54 59.44
N ILE F 756 20.22 3.12 60.42
CA ILE F 756 20.52 4.55 60.43
C ILE F 756 21.84 4.79 59.73
N ASP F 757 22.16 6.06 59.45
CA ASP F 757 23.51 6.41 59.05
C ASP F 757 24.52 6.16 60.16
N ALA F 758 24.31 6.76 61.33
CA ALA F 758 25.28 6.67 62.41
C ALA F 758 24.58 6.66 63.77
N GLY F 759 25.19 5.96 64.71
CA GLY F 759 24.73 5.92 66.09
C GLY F 759 23.83 4.78 66.51
N GLY F 760 22.55 4.80 66.15
CA GLY F 760 21.62 3.80 66.63
C GLY F 760 20.76 3.27 65.51
N HIS F 761 20.94 1.97 65.23
CA HIS F 761 20.46 1.36 63.99
C HIS F 761 18.94 1.33 63.92
N GLU F 762 18.28 1.08 65.05
CA GLU F 762 16.83 1.19 65.04
C GLU F 762 16.45 2.66 65.14
N PRO F 763 15.34 3.07 64.55
CA PRO F 763 14.89 4.45 64.69
C PRO F 763 14.21 4.67 66.03
N VAL F 764 14.42 5.85 66.59
CA VAL F 764 13.72 6.27 67.79
C VAL F 764 13.19 7.67 67.54
N TYR F 765 12.00 7.95 68.08
CA TYR F 765 11.17 9.04 67.61
C TYR F 765 11.02 10.11 68.67
N ALA F 766 10.78 11.34 68.22
CA ALA F 766 10.45 12.48 69.09
C ALA F 766 9.33 13.27 68.45
N ALA F 767 8.37 13.71 69.26
CA ALA F 767 7.15 14.29 68.69
C ALA F 767 7.34 15.76 68.33
N ALA F 768 8.08 16.51 69.14
CA ALA F 768 8.22 17.94 68.91
C ALA F 768 9.62 18.39 69.34
N CYS F 769 10.07 19.48 68.76
CA CYS F 769 11.39 20.04 69.01
C CYS F 769 11.28 21.46 69.51
N ASN F 770 12.37 21.98 70.08
CA ASN F 770 12.43 23.31 70.64
C ASN F 770 13.77 23.95 70.28
N VAL F 771 14.07 25.08 70.93
CA VAL F 771 15.39 25.69 70.76
C VAL F 771 16.43 24.98 71.61
N ALA F 772 16.03 24.52 72.80
CA ALA F 772 16.98 23.86 73.69
C ALA F 772 17.00 22.36 73.44
N THR F 773 15.92 21.82 72.88
CA THR F 773 15.90 20.40 72.52
C THR F 773 16.74 20.15 71.28
N ALA F 774 16.90 21.16 70.44
CA ALA F 774 17.55 20.98 69.15
C ALA F 774 19.06 20.80 69.29
N ASP F 775 19.55 19.73 68.69
CA ASP F 775 20.92 19.64 68.21
C ASP F 775 20.86 19.76 66.70
N PHE F 776 21.87 20.41 66.11
CA PHE F 776 21.89 20.52 64.66
C PHE F 776 22.74 19.42 64.05
N ASN F 777 23.66 18.85 64.83
CA ASN F 777 24.56 17.80 64.35
C ASN F 777 24.62 16.70 65.40
N ARG F 778 23.66 15.78 65.38
CA ARG F 778 23.58 14.72 66.38
C ARG F 778 23.70 13.38 65.67
N ASN F 779 24.11 12.35 66.42
CA ASN F 779 24.37 11.02 65.86
C ASN F 779 23.76 9.94 66.75
N ASP F 780 22.50 10.10 67.12
CA ASP F 780 21.83 9.16 68.00
C ASP F 780 20.63 8.46 67.38
N GLY F 781 20.36 8.68 66.10
CA GLY F 781 19.21 8.07 65.48
C GLY F 781 17.87 8.59 65.95
N ARG F 782 17.82 9.80 66.51
CA ARG F 782 16.55 10.38 66.90
C ARG F 782 15.93 11.11 65.72
N LEU F 783 14.68 10.77 65.41
CA LEU F 783 13.99 11.33 64.25
C LEU F 783 12.72 12.02 64.73
N LEU F 784 12.50 13.24 64.27
CA LEU F 784 11.37 14.04 64.72
C LEU F 784 10.07 13.53 64.10
N HIS F 785 8.94 14.01 64.63
CA HIS F 785 7.62 13.65 64.15
C HIS F 785 6.74 14.89 64.03
N ASN F 786 7.36 16.08 64.04
CA ASN F 786 6.67 17.36 64.14
C ASN F 786 6.30 17.88 62.76
N THR F 787 5.30 17.25 62.15
CA THR F 787 4.76 17.69 60.87
C THR F 787 3.28 18.01 60.94
N GLN F 788 2.68 17.85 62.12
CA GLN F 788 1.24 18.00 62.27
C GLN F 788 0.85 19.47 62.25
N ALA F 789 -0.46 19.71 62.13
CA ALA F 789 -0.97 21.07 62.08
C ALA F 789 -0.93 21.72 63.45
N ARG F 790 -1.49 21.05 64.45
CA ARG F 790 -1.61 21.59 65.80
C ARG F 790 -0.23 21.77 66.41
N ALA F 791 0.09 23.01 66.77
CA ALA F 791 1.33 23.26 67.51
C ALA F 791 1.22 22.73 68.93
N ALA F 792 0.00 22.63 69.46
CA ALA F 792 -0.17 22.07 70.80
C ALA F 792 -0.13 20.55 70.78
N ASP F 793 -0.93 19.92 69.92
CA ASP F 793 -1.09 18.47 69.90
C ASP F 793 0.05 17.83 69.13
N ALA F 794 0.67 16.82 69.74
CA ALA F 794 1.78 16.09 69.13
C ALA F 794 1.70 14.63 69.55
N ALA F 795 1.70 13.74 68.56
CA ALA F 795 1.59 12.30 68.79
C ALA F 795 2.97 11.67 68.61
N ASP F 796 3.34 10.80 69.55
CA ASP F 796 4.66 10.15 69.51
C ASP F 796 4.70 9.10 68.40
N ASP F 797 3.81 8.12 68.46
CA ASP F 797 3.81 7.02 67.52
C ASP F 797 2.45 6.82 66.86
N ARG F 798 1.54 7.81 66.97
CA ARG F 798 0.28 7.77 66.26
C ARG F 798 0.37 8.63 65.02
N PRO F 799 0.11 8.07 63.83
CA PRO F 799 0.32 8.84 62.60
C PRO F 799 -0.72 9.92 62.39
N HIS F 800 -0.28 11.07 61.88
CA HIS F 800 -1.17 12.21 61.72
C HIS F 800 -1.96 12.12 60.44
N ARG F 801 -1.28 11.96 59.32
CA ARG F 801 -1.85 12.02 57.98
C ARG F 801 -1.88 10.61 57.43
N PRO F 802 -2.86 10.29 56.56
CA PRO F 802 -3.21 8.88 56.32
C PRO F 802 -2.16 8.11 55.54
N ALA F 803 -2.47 6.83 55.30
CA ALA F 803 -1.56 5.95 54.57
C ALA F 803 -1.44 6.36 53.11
N ASP F 804 -2.54 6.85 52.53
CA ASP F 804 -2.53 7.24 51.13
C ASP F 804 -1.71 8.50 50.90
N TRP F 805 -1.54 9.31 51.95
CA TRP F 805 -0.64 10.45 51.89
C TRP F 805 0.79 10.03 51.58
N THR F 806 1.23 8.92 52.17
CA THR F 806 2.55 8.40 51.82
C THR F 806 2.54 7.78 50.43
N VAL F 807 1.40 7.24 50.02
CA VAL F 807 1.27 6.69 48.67
C VAL F 807 1.30 7.83 47.66
N HIS F 808 0.68 8.96 48.01
CA HIS F 808 0.67 10.11 47.13
C HIS F 808 2.07 10.73 46.97
N HIS F 809 3.01 10.38 47.85
CA HIS F 809 4.38 10.80 47.61
C HIS F 809 5.13 9.81 46.74
N LYS F 810 4.87 8.51 46.93
CA LYS F 810 5.57 7.50 46.15
C LYS F 810 5.14 7.54 44.69
N ILE F 811 3.88 7.91 44.45
CA ILE F 811 3.41 8.08 43.08
C ILE F 811 3.96 9.39 42.51
N TYR F 812 4.24 10.35 43.38
CA TYR F 812 4.80 11.60 42.89
C TYR F 812 6.25 11.44 42.48
N TYR F 813 7.09 10.98 43.40
CA TYR F 813 8.53 11.03 43.16
C TYR F 813 8.97 9.94 42.20
N TYR F 814 8.27 8.81 42.18
CA TYR F 814 8.73 7.72 41.34
C TYR F 814 8.12 7.77 39.95
N VAL F 815 6.92 8.34 39.82
CA VAL F 815 6.24 8.33 38.53
C VAL F 815 6.26 9.71 37.90
N LEU F 816 5.80 10.74 38.61
CA LEU F 816 5.77 12.07 38.01
C LEU F 816 7.12 12.72 37.91
N VAL F 817 8.02 12.51 38.86
CA VAL F 817 9.29 13.24 38.86
C VAL F 817 10.22 12.82 37.73
N PRO F 818 10.44 11.53 37.43
CA PRO F 818 11.25 11.24 36.24
C PRO F 818 10.53 11.52 34.93
N ALA F 819 9.22 11.76 34.97
CA ALA F 819 8.53 12.22 33.77
C ALA F 819 8.96 13.64 33.42
N PHE F 820 9.02 14.51 34.42
CA PHE F 820 9.40 15.89 34.16
C PHE F 820 10.91 16.08 34.14
N SER F 821 11.65 15.31 34.95
CA SER F 821 13.07 15.54 35.06
C SER F 821 13.83 14.96 33.88
N ARG F 822 13.39 13.79 33.40
CA ARG F 822 14.17 12.92 32.52
C ARG F 822 15.54 12.62 33.11
N GLY F 823 15.58 12.38 34.42
CA GLY F 823 16.77 11.89 35.07
C GLY F 823 17.81 12.91 35.47
N ARG F 824 17.64 14.19 35.13
CA ARG F 824 18.59 15.23 35.51
C ARG F 824 18.13 15.89 36.79
N CYS F 825 18.11 15.11 37.89
CA CYS F 825 17.74 15.65 39.19
C CYS F 825 18.34 14.80 40.29
N CYS F 826 18.59 15.41 41.44
CA CYS F 826 19.14 14.66 42.55
C CYS F 826 18.66 15.24 43.87
N THR F 827 18.85 14.47 44.93
CA THR F 827 18.40 14.83 46.26
C THR F 827 19.45 15.68 46.94
N ALA F 828 19.30 15.90 48.25
CA ALA F 828 20.20 16.74 49.03
C ALA F 828 20.02 16.52 50.52
N GLY F 829 21.15 16.48 51.22
CA GLY F 829 21.13 16.57 52.67
C GLY F 829 21.43 17.98 53.13
N VAL F 830 20.76 18.39 54.20
CA VAL F 830 20.64 19.80 54.58
C VAL F 830 21.54 20.07 55.77
N ARG F 831 22.21 21.23 55.75
CA ARG F 831 22.91 21.75 56.91
C ARG F 831 22.02 22.78 57.60
N PHE F 832 21.23 22.34 58.59
CA PHE F 832 20.24 23.23 59.21
C PHE F 832 20.89 24.24 60.13
N ASP F 833 22.15 24.03 60.49
CA ASP F 833 22.91 25.08 61.16
C ASP F 833 23.12 26.27 60.24
N ARG F 834 23.23 26.00 58.94
CA ARG F 834 23.58 27.06 58.00
C ARG F 834 22.34 27.59 57.29
N VAL F 835 21.35 26.73 57.07
CA VAL F 835 20.12 27.16 56.40
C VAL F 835 19.33 28.10 57.29
N TYR F 836 19.30 27.82 58.60
CA TYR F 836 18.69 28.76 59.53
C TYR F 836 19.52 30.04 59.64
N ALA F 837 20.83 29.93 59.41
CA ALA F 837 21.71 31.08 59.57
C ALA F 837 21.64 32.01 58.37
N THR F 838 20.85 31.66 57.35
CA THR F 838 20.61 32.61 56.27
C THR F 838 19.18 33.09 56.29
N LEU F 839 18.27 32.27 56.79
CA LEU F 839 16.87 32.65 56.86
C LEU F 839 16.64 33.70 57.94
N GLN F 840 16.88 33.34 59.19
CA GLN F 840 16.61 34.25 60.29
C GLN F 840 17.80 35.14 60.62
N ASN F 841 18.77 35.23 59.72
CA ASN F 841 19.72 36.32 59.67
C ASN F 841 19.05 37.42 58.86
N MET F 842 18.26 38.26 59.53
CA MET F 842 17.42 39.19 58.79
C MET F 842 17.65 40.63 59.24
N VAL F 843 17.87 41.48 58.24
CA VAL F 843 17.78 42.92 58.40
C VAL F 843 16.35 43.29 58.02
N VAL F 844 15.57 43.73 58.99
CA VAL F 844 14.17 44.10 58.79
C VAL F 844 14.02 45.56 59.19
N PRO F 845 13.52 46.42 58.30
CA PRO F 845 13.34 47.83 58.67
C PRO F 845 12.12 48.06 59.54
N GLU F 846 12.29 48.88 60.57
CA GLU F 846 11.17 49.20 61.44
C GLU F 846 10.25 50.21 60.76
N ILE F 847 8.94 50.03 60.91
CA ILE F 847 7.98 50.95 60.33
C ILE F 847 8.02 52.28 61.08
N ALA F 848 8.02 53.37 60.34
CA ALA F 848 7.93 54.67 60.95
C ALA F 848 6.46 55.01 61.22
N PRO F 849 6.17 55.74 62.30
CA PRO F 849 4.78 56.15 62.54
C PRO F 849 4.32 57.16 61.50
N GLY F 850 3.06 57.04 61.08
CA GLY F 850 2.50 57.95 60.11
C GLY F 850 2.90 57.69 58.68
N GLU F 851 3.62 56.61 58.40
CA GLU F 851 3.97 56.22 57.05
C GLU F 851 3.35 54.85 56.77
N GLU F 852 2.92 54.63 55.53
CA GLU F 852 2.27 53.38 55.18
C GLU F 852 3.28 52.27 54.93
N CYS F 853 2.78 51.16 54.40
CA CYS F 853 3.62 50.00 54.14
C CYS F 853 4.51 50.26 52.93
N PRO F 854 5.71 49.70 52.89
CA PRO F 854 6.49 49.68 51.65
C PRO F 854 5.80 48.83 50.59
N SER F 855 5.49 49.45 49.45
CA SER F 855 4.79 48.74 48.39
C SER F 855 5.76 48.22 47.32
N ASP F 856 6.59 49.11 46.77
CA ASP F 856 7.58 48.73 45.78
C ASP F 856 8.98 48.96 46.36
N PRO F 857 9.93 48.06 46.11
CA PRO F 857 11.26 48.21 46.74
C PRO F 857 12.08 49.38 46.23
N VAL F 858 11.80 49.82 45.00
CA VAL F 858 12.52 50.96 44.45
C VAL F 858 11.99 52.26 45.04
N THR F 859 10.67 52.36 45.19
CA THR F 859 10.05 53.64 45.54
C THR F 859 10.29 54.02 47.00
N ASP F 860 10.02 53.10 47.92
CA ASP F 860 10.22 53.39 49.34
C ASP F 860 11.68 53.21 49.68
N PRO F 861 12.32 54.17 50.33
CA PRO F 861 13.61 53.87 50.97
C PRO F 861 13.51 52.90 52.14
N ALA F 862 12.32 52.73 52.73
CA ALA F 862 12.21 51.91 53.93
C ALA F 862 11.78 50.48 53.62
N HIS F 863 11.95 50.03 52.38
CA HIS F 863 11.59 48.67 52.03
C HIS F 863 12.67 47.72 52.54
N PRO F 864 12.34 46.46 52.85
CA PRO F 864 13.40 45.52 53.26
C PRO F 864 14.39 45.18 52.15
N LEU F 865 13.94 44.95 50.92
CA LEU F 865 14.86 44.71 49.82
C LEU F 865 15.34 45.99 49.16
N HIS F 866 15.12 47.15 49.77
CA HIS F 866 15.57 48.41 49.21
C HIS F 866 17.10 48.46 49.22
N PRO F 867 17.71 49.13 48.22
CA PRO F 867 19.20 49.15 48.17
C PRO F 867 19.89 49.88 49.30
N ALA F 868 19.17 50.53 50.21
CA ALA F 868 19.77 50.90 51.49
C ALA F 868 19.88 49.69 52.40
N ASN F 869 18.83 48.88 52.46
CA ASN F 869 18.83 47.74 53.37
C ASN F 869 19.24 46.46 52.66
N LEU F 870 19.76 46.57 51.44
CA LEU F 870 20.44 45.42 50.85
C LEU F 870 21.84 45.31 51.44
N VAL F 871 21.91 44.73 52.64
CA VAL F 871 23.16 44.57 53.36
C VAL F 871 23.67 43.19 52.98
N ALA F 872 24.98 43.00 53.06
CA ALA F 872 25.57 41.71 52.72
C ALA F 872 25.15 40.64 53.72
N ASN F 873 24.95 39.42 53.20
CA ASN F 873 24.81 38.18 53.97
C ASN F 873 23.57 38.12 54.86
N THR F 874 22.58 38.96 54.61
CA THR F 874 21.30 38.83 55.30
C THR F 874 20.23 38.37 54.31
N VAL F 875 19.00 38.20 54.78
CA VAL F 875 18.06 37.38 54.03
C VAL F 875 17.51 38.13 52.83
N LYS F 876 17.44 39.46 52.89
CA LYS F 876 16.91 40.19 51.75
C LYS F 876 17.96 40.33 50.66
N ARG F 877 19.23 40.12 51.01
CA ARG F 877 20.25 39.92 49.99
C ARG F 877 20.02 38.61 49.25
N MET F 878 19.52 37.60 49.95
CA MET F 878 19.20 36.34 49.30
C MET F 878 17.92 36.45 48.49
N PHE F 879 16.98 37.30 48.93
CA PHE F 879 15.85 37.64 48.10
C PHE F 879 16.25 38.56 46.95
N HIS F 880 17.44 39.16 47.01
CA HIS F 880 17.89 39.98 45.90
C HIS F 880 18.60 39.13 44.85
N ASN F 881 19.06 37.94 45.23
CA ASN F 881 19.76 37.10 44.27
C ASN F 881 18.79 36.49 43.26
N GLY F 882 17.67 35.95 43.73
CA GLY F 882 16.56 35.57 42.89
C GLY F 882 15.41 36.53 43.14
N ARG F 883 15.16 37.40 42.16
CA ARG F 883 14.37 38.61 42.37
C ARG F 883 12.91 38.30 42.69
N VAL F 884 12.59 38.34 43.99
CA VAL F 884 11.24 38.14 44.49
C VAL F 884 10.86 39.35 45.33
N VAL F 885 9.76 40.01 44.95
CA VAL F 885 9.26 41.17 45.67
C VAL F 885 8.51 40.68 46.91
N VAL F 886 9.04 41.01 48.08
CA VAL F 886 8.44 40.66 49.36
C VAL F 886 8.44 41.90 50.25
N ASP F 887 7.26 42.28 50.74
CA ASP F 887 7.13 43.43 51.61
C ASP F 887 7.64 43.12 53.01
N GLY F 888 7.65 44.16 53.86
CA GLY F 888 8.23 44.13 55.18
C GLY F 888 7.79 43.04 56.13
N PRO F 889 6.52 43.02 56.56
CA PRO F 889 6.14 42.05 57.62
C PRO F 889 5.98 40.62 57.13
N ALA F 890 6.13 40.36 55.83
CA ALA F 890 6.02 38.99 55.36
C ALA F 890 7.25 38.16 55.76
N MET F 891 8.44 38.75 55.68
CA MET F 891 9.65 38.05 56.10
C MET F 891 9.79 38.08 57.61
N LEU F 892 9.00 38.92 58.28
CA LEU F 892 8.90 38.88 59.74
C LEU F 892 8.30 37.57 60.22
N THR F 893 7.50 36.91 59.38
CA THR F 893 6.82 35.69 59.74
C THR F 893 7.72 34.46 59.74
N LEU F 894 9.02 34.62 59.51
CA LEU F 894 9.97 33.52 59.53
C LEU F 894 10.44 33.19 60.94
N GLN F 895 9.97 33.94 61.94
CA GLN F 895 10.38 33.79 63.34
C GLN F 895 9.77 32.58 64.03
N VAL F 896 8.97 31.78 63.31
CA VAL F 896 8.34 30.60 63.89
C VAL F 896 9.30 29.41 63.90
N LEU F 897 10.49 29.58 63.32
CA LEU F 897 11.48 28.52 63.26
C LEU F 897 11.99 28.14 64.66
N ALA F 898 11.99 29.09 65.59
CA ALA F 898 12.42 28.78 66.94
C ALA F 898 11.45 27.85 67.65
N HIS F 899 10.17 27.93 67.28
CA HIS F 899 9.16 27.10 67.93
C HIS F 899 9.25 25.66 67.47
N ASN F 900 9.02 25.43 66.18
CA ASN F 900 9.20 24.13 65.54
C ASN F 900 10.35 24.25 64.55
N MET F 901 11.24 23.26 64.55
CA MET F 901 12.35 23.24 63.62
C MET F 901 12.74 21.81 63.30
N ALA F 902 13.69 21.66 62.38
CA ALA F 902 14.23 20.36 62.02
C ALA F 902 15.60 20.26 62.63
N GLU F 903 16.09 19.03 62.81
CA GLU F 903 17.34 18.87 63.52
C GLU F 903 18.52 18.63 62.56
N ARG F 904 18.31 17.78 61.55
CA ARG F 904 19.37 17.31 60.65
C ARG F 904 18.76 16.48 59.54
N THR F 905 19.59 15.96 58.65
CA THR F 905 19.17 14.99 57.66
C THR F 905 19.75 13.63 57.99
N THR F 906 19.29 12.59 57.28
CA THR F 906 19.58 11.21 57.65
C THR F 906 19.66 10.33 56.42
N ALA F 907 20.83 9.74 56.19
CA ALA F 907 20.95 8.72 55.18
C ALA F 907 20.35 7.41 55.71
N LEU F 908 19.20 7.04 55.18
CA LEU F 908 18.39 5.98 55.75
C LEU F 908 18.44 4.74 54.88
N LEU F 909 18.57 3.58 55.51
CA LEU F 909 18.54 2.30 54.82
C LEU F 909 17.47 1.42 55.45
N CYS F 910 16.64 0.81 54.61
CA CYS F 910 15.69 -0.19 55.05
C CYS F 910 15.74 -1.38 54.10
N SER F 911 15.46 -2.55 54.63
CA SER F 911 15.42 -3.76 53.84
C SER F 911 13.99 -4.26 53.76
N ALA F 912 13.77 -5.26 52.92
CA ALA F 912 12.43 -5.81 52.71
C ALA F 912 12.54 -7.22 52.16
N ALA F 913 11.76 -8.13 52.72
CA ALA F 913 11.66 -9.49 52.25
C ALA F 913 10.64 -9.58 51.12
N PRO F 914 10.71 -10.63 50.29
CA PRO F 914 9.65 -10.84 49.29
C PRO F 914 8.32 -11.15 49.96
N ASP F 915 7.25 -10.69 49.34
CA ASP F 915 5.96 -10.64 49.98
C ASP F 915 5.34 -12.03 50.10
N ALA F 916 4.29 -12.11 50.92
CA ALA F 916 3.34 -13.19 50.81
C ALA F 916 2.78 -13.21 49.40
N GLY F 917 3.01 -14.31 48.71
CA GLY F 917 2.83 -14.39 47.29
C GLY F 917 4.07 -14.72 46.52
N ALA F 918 5.21 -14.13 46.87
CA ALA F 918 6.49 -14.50 46.29
C ALA F 918 7.45 -15.09 47.31
N ASN F 919 6.95 -15.47 48.48
CA ASN F 919 7.79 -16.04 49.52
C ASN F 919 7.66 -17.55 49.46
N THR F 920 8.40 -18.18 48.56
CA THR F 920 8.59 -19.61 48.60
C THR F 920 9.84 -19.88 49.43
N ALA F 921 10.16 -21.16 49.59
CA ALA F 921 11.30 -21.54 50.41
C ALA F 921 12.62 -21.12 49.77
N SER F 922 12.62 -20.96 48.45
CA SER F 922 13.85 -20.57 47.77
C SER F 922 14.04 -19.06 47.81
N THR F 923 13.04 -18.32 48.26
CA THR F 923 13.15 -16.87 48.36
C THR F 923 12.94 -16.32 49.76
N ALA F 924 13.10 -17.13 50.79
CA ALA F 924 12.87 -16.64 52.14
C ALA F 924 14.04 -15.77 52.60
N ASN F 925 15.20 -15.94 51.99
CA ASN F 925 16.40 -15.31 52.49
C ASN F 925 16.66 -13.96 51.83
N MET F 926 16.03 -13.73 50.68
CA MET F 926 16.40 -12.60 49.85
C MET F 926 15.86 -11.30 50.46
N ARG F 927 16.56 -10.21 50.19
CA ARG F 927 16.25 -8.92 50.77
C ARG F 927 16.28 -7.86 49.68
N ILE F 928 15.60 -6.76 49.93
CA ILE F 928 15.51 -5.65 48.99
C ILE F 928 15.82 -4.36 49.75
N PHE F 929 17.00 -3.81 49.55
CA PHE F 929 17.42 -2.64 50.29
C PHE F 929 16.89 -1.38 49.62
N ASP F 930 16.53 -0.38 50.43
CA ASP F 930 15.80 0.79 49.98
C ASP F 930 16.44 2.03 50.59
N GLY F 931 16.42 3.13 49.86
CA GLY F 931 17.04 4.35 50.37
C GLY F 931 16.10 5.52 50.46
N ALA F 932 16.37 6.43 51.40
CA ALA F 932 15.60 7.65 51.57
C ALA F 932 16.43 8.67 52.36
N LEU F 933 15.93 9.89 52.40
CA LEU F 933 16.45 10.91 53.29
C LEU F 933 15.35 11.29 54.28
N HIS F 934 15.73 11.74 55.47
CA HIS F 934 14.72 12.20 56.40
C HIS F 934 14.59 13.71 56.37
N ALA F 935 15.58 14.39 55.82
CA ALA F 935 15.44 15.80 55.49
C ALA F 935 16.05 16.01 54.11
N GLY F 936 15.21 16.09 53.10
CA GLY F 936 15.70 16.10 51.73
C GLY F 936 14.98 17.13 50.90
N VAL F 937 15.75 17.76 50.02
CA VAL F 937 15.23 18.72 49.07
C VAL F 937 15.73 18.35 47.67
N LEU F 938 14.78 18.08 46.78
CA LEU F 938 15.09 17.59 45.45
C LEU F 938 15.65 18.73 44.61
N LEU F 939 16.94 18.65 44.32
CA LEU F 939 17.63 19.63 43.48
C LEU F 939 17.19 19.41 42.04
N MET F 940 16.37 20.35 41.53
CA MET F 940 15.79 20.18 40.20
C MET F 940 16.81 20.47 39.11
N ALA F 941 17.36 21.68 39.11
CA ALA F 941 18.39 22.03 38.14
C ALA F 941 19.71 22.26 38.85
N PRO F 942 20.72 21.44 38.59
CA PRO F 942 22.03 21.66 39.21
C PRO F 942 22.73 22.89 38.66
N GLN F 943 22.83 23.93 39.48
CA GLN F 943 23.47 25.17 39.07
C GLN F 943 24.87 25.25 39.69
N HIS F 944 25.87 25.05 38.85
CA HIS F 944 27.26 25.20 39.23
C HIS F 944 27.93 26.27 38.41
N LEU F 945 27.18 26.95 37.55
CA LEU F 945 27.70 27.99 36.67
C LEU F 945 27.53 29.35 37.34
N ASP F 946 27.92 29.42 38.61
CA ASP F 946 27.77 30.62 39.44
C ASP F 946 28.49 30.43 40.76
N HIS F 947 28.96 31.52 41.36
CA HIS F 947 29.45 31.46 42.73
C HIS F 947 28.87 32.64 43.49
N THR F 948 27.60 32.52 43.87
CA THR F 948 26.99 33.43 44.84
C THR F 948 26.68 32.69 46.12
N ILE F 949 26.48 31.38 46.01
CA ILE F 949 26.47 30.45 47.12
C ILE F 949 27.56 29.43 46.84
N GLN F 950 28.36 29.15 47.87
CA GLN F 950 29.48 28.24 47.74
C GLN F 950 28.99 26.84 47.41
N ASN F 951 29.71 26.17 46.50
CA ASN F 951 29.37 24.80 46.13
C ASN F 951 29.60 23.87 47.30
N GLY F 952 28.51 23.31 47.82
CA GLY F 952 28.56 22.52 49.02
C GLY F 952 28.37 23.30 50.30
N GLU F 953 27.88 24.53 50.23
CA GLU F 953 27.61 25.27 51.45
C GLU F 953 26.36 24.75 52.13
N TYR F 954 25.22 24.83 51.45
CA TYR F 954 23.96 24.53 52.13
C TYR F 954 23.65 23.05 52.05
N PHE F 955 23.58 22.52 50.84
CA PHE F 955 23.08 21.19 50.61
C PHE F 955 24.17 20.37 49.96
N TYR F 956 24.49 19.25 50.57
CA TYR F 956 25.39 18.28 49.97
C TYR F 956 24.55 17.25 49.24
N VAL F 957 25.12 16.67 48.20
CA VAL F 957 24.30 16.15 47.10
C VAL F 957 23.65 14.82 47.47
N LEU F 958 24.45 13.77 47.72
CA LEU F 958 23.97 12.47 48.20
C LEU F 958 22.84 11.83 47.40
N PRO F 959 23.13 11.22 46.26
CA PRO F 959 22.08 10.52 45.50
C PRO F 959 21.58 9.29 46.24
N VAL F 960 20.25 9.15 46.32
CA VAL F 960 19.68 8.05 47.10
C VAL F 960 19.36 6.86 46.21
N HIS F 961 19.07 7.12 44.95
CA HIS F 961 18.64 6.09 44.03
C HIS F 961 19.08 6.53 42.64
N ALA F 962 19.23 5.53 41.76
CA ALA F 962 19.76 5.80 40.43
C ALA F 962 18.85 6.72 39.63
N LEU F 963 17.55 6.72 39.95
CA LEU F 963 16.64 7.74 39.45
C LEU F 963 17.07 9.13 39.88
N PHE F 964 17.41 9.30 41.15
CA PHE F 964 17.67 10.62 41.71
C PHE F 964 19.17 10.83 41.81
N ALA F 965 19.81 10.92 40.65
CA ALA F 965 21.24 11.15 40.58
C ALA F 965 21.54 11.88 39.30
N GLY F 966 22.04 13.09 39.42
CA GLY F 966 22.30 13.86 38.24
C GLY F 966 23.67 13.53 37.70
N ALA F 967 23.87 13.70 36.39
CA ALA F 967 25.21 13.63 35.84
C ALA F 967 26.01 14.86 36.23
N ASP F 968 25.32 15.94 36.62
CA ASP F 968 26.00 17.16 36.98
C ASP F 968 26.13 17.31 38.49
N HIS F 969 25.20 16.73 39.25
CA HIS F 969 25.28 16.84 40.70
C HIS F 969 26.47 16.07 41.24
N VAL F 970 26.77 14.93 40.65
CA VAL F 970 27.85 14.11 41.15
C VAL F 970 29.19 14.73 40.79
N ALA F 971 29.34 15.17 39.54
CA ALA F 971 30.63 15.66 39.06
C ALA F 971 30.98 17.01 39.65
N ASN F 972 30.00 17.81 40.02
CA ASN F 972 30.27 19.13 40.57
C ASN F 972 30.26 19.14 42.09
N ALA F 973 30.71 18.04 42.70
CA ALA F 973 30.93 17.99 44.12
C ALA F 973 32.08 18.93 44.51
N PRO F 974 32.11 19.38 45.77
CA PRO F 974 33.27 20.18 46.22
C PRO F 974 34.58 19.41 46.14
N ASN F 975 34.55 18.12 46.35
CA ASN F 975 35.71 17.27 46.10
C ASN F 975 35.26 16.12 45.21
N PHE F 976 35.72 16.15 43.97
CA PHE F 976 35.41 15.10 43.02
C PHE F 976 36.67 14.76 42.25
N PRO F 977 37.06 13.49 42.21
CA PRO F 977 38.24 13.10 41.45
C PRO F 977 38.01 13.25 39.96
N PRO F 978 38.81 14.10 39.29
CA PRO F 978 38.51 14.43 37.90
C PRO F 978 38.85 13.33 36.92
N ALA F 979 39.43 12.23 37.38
CA ALA F 979 39.60 11.09 36.50
C ALA F 979 38.31 10.34 36.27
N LEU F 980 37.29 10.55 37.10
CA LEU F 980 36.00 9.92 36.92
C LEU F 980 34.95 10.86 36.39
N ARG F 981 35.34 11.85 35.58
CA ARG F 981 34.34 12.71 34.95
C ARG F 981 33.63 11.99 33.81
N ASP F 982 34.31 11.03 33.19
CA ASP F 982 33.72 10.27 32.09
C ASP F 982 32.66 9.31 32.60
N LEU F 983 32.98 8.58 33.67
CA LEU F 983 32.11 7.50 34.11
C LEU F 983 30.94 8.05 34.90
N ALA F 984 31.03 9.31 35.33
CA ALA F 984 29.95 9.91 36.09
C ALA F 984 28.93 10.58 35.18
N ARG F 985 29.03 10.35 33.87
CA ARG F 985 28.08 11.00 32.97
C ARG F 985 27.01 10.04 32.48
N ASP F 986 27.43 8.88 31.97
CA ASP F 986 26.45 7.91 31.39
C ASP F 986 26.01 6.87 32.44
N VAL F 987 26.72 6.80 33.58
CA VAL F 987 26.42 5.83 34.62
C VAL F 987 26.04 6.59 35.88
N PRO F 988 24.92 6.27 36.54
CA PRO F 988 24.59 6.97 37.78
C PRO F 988 25.45 6.47 38.92
N LEU F 989 25.63 7.32 39.93
CA LEU F 989 26.45 6.99 41.09
C LEU F 989 25.62 7.10 42.36
N VAL F 990 25.44 5.97 43.02
CA VAL F 990 24.79 5.92 44.33
C VAL F 990 25.71 5.14 45.26
N PRO F 991 26.05 5.69 46.43
CA PRO F 991 26.89 4.97 47.37
C PRO F 991 26.18 3.74 47.90
N PRO F 992 26.91 2.68 48.24
CA PRO F 992 26.25 1.39 48.54
C PRO F 992 25.57 1.34 49.89
N ALA F 993 25.68 2.39 50.69
CA ALA F 993 24.95 2.43 51.94
C ALA F 993 23.47 2.71 51.71
N LEU F 994 23.17 3.64 50.80
CA LEU F 994 21.78 3.99 50.55
C LEU F 994 21.08 2.89 49.77
N GLY F 995 21.74 2.37 48.75
CA GLY F 995 21.23 1.24 48.02
C GLY F 995 22.26 0.77 47.03
N ALA F 996 21.93 -0.30 46.34
CA ALA F 996 22.69 -0.76 45.19
C ALA F 996 21.67 -1.23 44.18
N ASN F 997 22.10 -1.45 42.92
CA ASN F 997 21.14 -1.63 41.84
C ASN F 997 20.34 -2.91 42.01
N TYR F 998 21.03 -4.03 42.22
CA TYR F 998 20.34 -5.31 42.18
C TYR F 998 19.52 -5.53 43.44
N PHE F 999 19.86 -4.82 44.50
CA PHE F 999 19.10 -4.96 45.74
C PHE F 999 18.08 -3.84 45.87
N SER F 1000 17.88 -3.05 44.83
CA SER F 1000 16.93 -1.95 44.89
C SER F 1000 15.52 -2.42 44.57
N SER F 1001 14.54 -1.62 45.02
CA SER F 1001 13.16 -1.87 44.66
C SER F 1001 12.90 -1.50 43.21
N ILE F 1002 13.64 -0.52 42.71
CA ILE F 1002 13.53 -0.07 41.33
C ILE F 1002 14.93 -0.10 40.73
N ARG F 1003 15.12 -0.95 39.74
CA ARG F 1003 16.44 -1.17 39.20
C ARG F 1003 16.78 -0.17 38.11
N GLN F 1004 17.81 -0.49 37.33
CA GLN F 1004 18.26 0.41 36.29
C GLN F 1004 17.30 0.63 35.10
N PRO F 1005 16.65 -0.39 34.47
CA PRO F 1005 15.97 -0.09 33.20
C PRO F 1005 14.76 0.82 33.29
N VAL F 1006 14.31 1.16 34.49
CA VAL F 1006 13.34 2.24 34.62
C VAL F 1006 14.04 3.60 34.57
N VAL F 1007 15.26 3.66 35.13
CA VAL F 1007 16.03 4.90 35.17
C VAL F 1007 16.40 5.34 33.76
N GLN F 1008 16.82 4.41 32.92
CA GLN F 1008 17.21 4.75 31.56
C GLN F 1008 15.99 5.11 30.72
N HIS F 1009 14.89 4.36 30.89
CA HIS F 1009 13.67 4.58 30.12
C HIS F 1009 13.05 5.95 30.41
N ALA F 1010 13.38 6.53 31.55
CA ALA F 1010 12.99 7.91 31.82
C ALA F 1010 13.57 8.87 30.80
N ARG F 1011 14.89 8.89 30.66
CA ARG F 1011 15.51 9.89 29.80
C ARG F 1011 15.47 9.48 28.33
N GLU F 1012 14.96 8.28 28.02
CA GLU F 1012 15.12 7.78 26.67
C GLU F 1012 13.78 7.78 25.92
N SER F 1013 12.67 7.74 26.63
CA SER F 1013 11.37 7.61 25.98
C SER F 1013 10.97 8.91 25.28
N ALA F 1014 10.60 8.78 24.02
CA ALA F 1014 10.22 9.92 23.21
C ALA F 1014 8.73 10.24 23.34
N ALA F 1015 8.03 9.58 24.25
CA ALA F 1015 6.59 9.77 24.35
C ALA F 1015 6.25 11.10 25.01
N GLY F 1016 4.96 11.39 25.06
CA GLY F 1016 4.51 12.56 25.77
C GLY F 1016 4.68 12.41 27.27
N GLU F 1017 4.61 13.55 27.96
CA GLU F 1017 4.73 13.54 29.41
C GLU F 1017 3.53 12.86 30.05
N ASN F 1018 2.36 12.98 29.42
CA ASN F 1018 1.22 12.21 29.88
C ASN F 1018 1.33 10.77 29.42
N ALA F 1019 1.96 10.55 28.26
CA ALA F 1019 2.10 9.19 27.77
C ALA F 1019 3.13 8.41 28.57
N LEU F 1020 4.23 9.08 28.94
CA LEU F 1020 5.28 8.42 29.73
C LEU F 1020 4.79 8.11 31.13
N THR F 1021 3.89 8.95 31.66
CA THR F 1021 3.51 8.87 33.06
C THR F 1021 2.75 7.59 33.36
N TYR F 1022 1.70 7.31 32.58
CA TYR F 1022 0.97 6.07 32.75
C TYR F 1022 1.81 4.87 32.36
N ALA F 1023 2.69 5.05 31.37
CA ALA F 1023 3.58 3.97 30.97
C ALA F 1023 4.51 3.59 32.10
N LEU F 1024 5.08 4.59 32.74
CA LEU F 1024 5.99 4.30 33.84
C LEU F 1024 5.20 3.90 35.07
N MET F 1025 3.94 4.31 35.14
CA MET F 1025 3.06 3.89 36.24
C MET F 1025 2.82 2.39 36.21
N ALA F 1026 2.56 1.83 35.02
CA ALA F 1026 2.28 0.40 34.94
C ALA F 1026 3.55 -0.43 35.00
N GLY F 1027 4.71 0.23 35.00
CA GLY F 1027 5.95 -0.50 35.15
C GLY F 1027 6.23 -0.96 36.57
N TYR F 1028 5.35 -0.64 37.52
CA TYR F 1028 5.60 -1.05 38.89
C TYR F 1028 4.65 -2.14 39.37
N PHE F 1029 3.81 -2.68 38.50
CA PHE F 1029 3.03 -3.85 38.90
C PHE F 1029 3.96 -5.03 39.11
N LYS F 1030 3.81 -5.69 40.26
CA LYS F 1030 4.84 -6.62 40.74
C LYS F 1030 4.92 -7.87 39.88
N MET F 1031 5.96 -8.65 40.12
CA MET F 1031 6.21 -9.91 39.41
C MET F 1031 5.83 -11.12 40.27
N SER F 1032 5.26 -10.91 41.44
CA SER F 1032 4.86 -12.02 42.30
C SER F 1032 3.65 -12.75 41.73
N PRO F 1033 3.58 -14.08 41.89
CA PRO F 1033 2.43 -14.81 41.34
C PRO F 1033 1.12 -14.63 42.08
N VAL F 1034 1.00 -13.65 42.99
CA VAL F 1034 -0.31 -13.14 43.35
C VAL F 1034 -0.61 -11.88 42.57
N ALA F 1035 0.41 -11.04 42.34
CA ALA F 1035 0.24 -9.85 41.53
C ALA F 1035 -0.02 -10.21 40.08
N LEU F 1036 0.58 -11.29 39.60
CA LEU F 1036 0.29 -11.74 38.25
C LEU F 1036 -1.12 -12.28 38.13
N TYR F 1037 -1.73 -12.71 39.23
CA TYR F 1037 -3.13 -13.13 39.15
C TYR F 1037 -4.04 -11.95 38.91
N HIS F 1038 -3.71 -10.79 39.47
CA HIS F 1038 -4.61 -9.65 39.33
C HIS F 1038 -4.43 -8.97 37.98
N GLN F 1039 -3.27 -9.12 37.36
CA GLN F 1039 -3.03 -8.48 36.07
C GLN F 1039 -3.72 -9.24 34.94
N LEU F 1040 -3.57 -10.57 34.94
CA LEU F 1040 -3.96 -11.34 33.77
C LEU F 1040 -5.47 -11.47 33.68
N LYS F 1041 -6.13 -11.75 34.80
CA LYS F 1041 -7.58 -11.86 34.80
C LYS F 1041 -8.26 -10.52 34.54
N THR F 1042 -7.61 -9.42 34.92
CA THR F 1042 -8.19 -8.12 34.63
C THR F 1042 -7.87 -7.67 33.21
N GLY F 1043 -6.63 -7.86 32.77
CA GLY F 1043 -6.27 -7.54 31.40
C GLY F 1043 -5.14 -6.55 31.22
N LEU F 1044 -4.18 -6.45 32.14
CA LEU F 1044 -2.97 -5.67 31.90
C LEU F 1044 -1.85 -6.60 31.49
N HIS F 1045 -1.16 -6.25 30.42
CA HIS F 1045 -0.09 -7.08 29.90
C HIS F 1045 1.12 -6.98 30.81
N PRO F 1046 1.67 -8.10 31.29
CA PRO F 1046 2.73 -8.06 32.30
C PRO F 1046 4.14 -7.82 31.78
N GLY F 1047 4.31 -7.24 30.61
CA GLY F 1047 5.64 -6.90 30.14
C GLY F 1047 6.43 -8.04 29.55
N PHE F 1048 5.84 -9.23 29.44
CA PHE F 1048 6.51 -10.34 28.78
C PHE F 1048 5.47 -11.19 28.08
N GLY F 1049 5.90 -11.88 27.03
CA GLY F 1049 5.00 -12.62 26.16
C GLY F 1049 5.16 -14.11 26.34
N PHE F 1050 4.42 -14.88 25.56
CA PHE F 1050 4.34 -16.32 25.70
C PHE F 1050 4.50 -16.99 24.35
N THR F 1051 5.22 -18.11 24.33
CA THR F 1051 5.05 -19.01 23.21
C THR F 1051 4.22 -20.21 23.68
N VAL F 1052 3.44 -20.78 22.78
CA VAL F 1052 2.37 -21.71 23.12
C VAL F 1052 2.56 -22.98 22.31
N VAL F 1053 2.83 -24.09 22.99
CA VAL F 1053 3.10 -25.34 22.30
C VAL F 1053 1.92 -26.26 22.54
N ARG F 1054 1.55 -27.03 21.53
CA ARG F 1054 0.31 -27.80 21.56
C ARG F 1054 0.42 -28.96 20.59
N GLN F 1055 0.22 -30.16 21.10
CA GLN F 1055 0.40 -31.36 20.31
C GLN F 1055 -0.94 -31.90 19.81
N ASP F 1056 -1.08 -31.97 18.50
CA ASP F 1056 -2.30 -32.45 17.87
C ASP F 1056 -2.05 -33.81 17.24
N ARG F 1057 -3.12 -34.56 17.00
CA ARG F 1057 -3.04 -35.94 16.55
C ARG F 1057 -3.97 -36.15 15.38
N PHE F 1058 -3.42 -36.30 14.18
CA PHE F 1058 -4.22 -36.45 12.97
C PHE F 1058 -4.17 -37.90 12.52
N VAL F 1059 -5.33 -38.50 12.32
CA VAL F 1059 -5.38 -39.83 11.75
C VAL F 1059 -5.26 -39.73 10.23
N THR F 1060 -4.23 -40.36 9.68
CA THR F 1060 -3.92 -40.23 8.27
C THR F 1060 -3.99 -41.58 7.57
N GLU F 1061 -4.34 -41.52 6.30
CA GLU F 1061 -4.22 -42.67 5.42
C GLU F 1061 -2.74 -42.99 5.18
N ASN F 1062 -2.50 -44.09 4.49
CA ASN F 1062 -1.17 -44.38 4.00
C ASN F 1062 -1.27 -45.04 2.64
N VAL F 1063 -0.21 -44.90 1.86
CA VAL F 1063 0.03 -45.74 0.70
C VAL F 1063 1.38 -46.37 0.93
N LEU F 1064 1.45 -47.69 0.81
CA LEU F 1064 2.70 -48.42 0.93
C LEU F 1064 3.14 -48.85 -0.46
N PHE F 1065 4.44 -49.04 -0.66
CA PHE F 1065 4.97 -49.75 -1.80
C PHE F 1065 5.87 -50.83 -1.23
N SER F 1066 6.30 -51.79 -2.04
CA SER F 1066 7.38 -52.71 -1.69
C SER F 1066 8.04 -53.22 -2.96
N GLU F 1067 9.26 -53.73 -2.81
CA GLU F 1067 9.92 -54.37 -3.93
C GLU F 1067 9.62 -55.86 -3.95
N ARG F 1068 10.39 -56.58 -4.76
CA ARG F 1068 10.08 -57.99 -5.01
C ARG F 1068 10.31 -58.85 -3.76
N ALA F 1069 11.53 -58.94 -3.29
CA ALA F 1069 11.81 -59.74 -2.09
C ALA F 1069 12.24 -58.79 -0.98
N SER F 1070 11.25 -58.20 -0.31
CA SER F 1070 11.54 -57.16 0.65
C SER F 1070 11.86 -57.74 2.01
N GLU F 1071 11.28 -58.88 2.34
CA GLU F 1071 11.46 -59.48 3.65
C GLU F 1071 11.23 -60.98 3.57
N ALA F 1072 12.23 -61.74 4.01
CA ALA F 1072 12.04 -63.17 4.17
C ALA F 1072 11.28 -63.44 5.46
N TYR F 1073 10.73 -64.64 5.56
CA TYR F 1073 9.70 -64.91 6.56
C TYR F 1073 9.83 -66.37 6.98
N PHE F 1074 9.79 -66.60 8.29
CA PHE F 1074 10.01 -67.92 8.85
C PHE F 1074 8.71 -68.44 9.43
N LEU F 1075 8.62 -69.75 9.68
CA LEU F 1075 7.33 -70.29 10.08
C LEU F 1075 7.34 -70.91 11.49
N GLY F 1076 8.13 -71.94 11.74
CA GLY F 1076 8.10 -72.59 13.05
C GLY F 1076 7.06 -73.68 13.18
N GLN F 1077 6.70 -74.00 14.44
CA GLN F 1077 5.67 -74.99 14.74
C GLN F 1077 4.62 -74.44 15.71
N LEU F 1078 3.63 -75.28 16.06
CA LEU F 1078 2.34 -74.73 16.45
C LEU F 1078 2.09 -74.80 17.95
N GLN F 1079 2.60 -75.84 18.62
CA GLN F 1079 2.60 -76.03 20.10
C GLN F 1079 1.24 -75.78 20.78
N VAL F 1080 0.30 -76.71 20.53
CA VAL F 1080 -1.02 -76.65 21.15
C VAL F 1080 -0.90 -76.71 22.66
N ALA F 1081 -1.17 -75.60 23.32
CA ALA F 1081 -1.02 -75.49 24.77
C ALA F 1081 -2.40 -75.28 25.39
N ARG F 1082 -2.74 -76.13 26.35
CA ARG F 1082 -4.07 -76.19 26.91
C ARG F 1082 -4.16 -75.36 28.18
N HIS F 1083 -5.38 -75.15 28.66
CA HIS F 1083 -5.64 -74.49 29.93
C HIS F 1083 -7.08 -74.76 30.34
N GLU F 1084 -7.32 -74.79 31.65
CA GLU F 1084 -8.63 -75.11 32.19
C GLU F 1084 -9.15 -73.94 33.02
N THR F 1085 -10.40 -73.58 32.76
CA THR F 1085 -11.01 -72.45 33.45
C THR F 1085 -12.36 -72.83 34.02
N GLY F 1086 -13.10 -71.83 34.49
CA GLY F 1086 -14.48 -72.07 34.89
C GLY F 1086 -15.32 -72.50 33.71
N GLY F 1087 -15.74 -73.75 33.72
CA GLY F 1087 -16.25 -74.40 32.54
C GLY F 1087 -15.28 -75.43 32.01
N GLY F 1088 -15.30 -75.60 30.70
CA GLY F 1088 -14.50 -76.65 30.08
C GLY F 1088 -13.07 -76.22 29.82
N VAL F 1089 -12.44 -76.91 28.87
CA VAL F 1089 -11.03 -76.66 28.62
C VAL F 1089 -10.89 -75.53 27.62
N ASN F 1090 -9.71 -74.91 27.60
CA ASN F 1090 -9.40 -73.83 26.69
C ASN F 1090 -8.04 -74.08 26.08
N PHE F 1091 -8.01 -74.23 24.76
CA PHE F 1091 -6.77 -74.53 24.04
C PHE F 1091 -6.19 -73.21 23.55
N THR F 1092 -4.87 -73.12 23.52
CA THR F 1092 -4.18 -71.96 22.97
C THR F 1092 -3.21 -72.43 21.89
N LEU F 1093 -3.12 -71.69 20.79
CA LEU F 1093 -2.23 -72.03 19.70
C LEU F 1093 -1.34 -70.82 19.45
N THR F 1094 -0.03 -71.05 19.34
CA THR F 1094 0.88 -69.95 19.02
C THR F 1094 2.08 -70.46 18.22
N GLN F 1095 2.44 -69.74 17.16
CA GLN F 1095 3.47 -70.20 16.27
C GLN F 1095 4.65 -69.25 16.27
N PRO F 1096 5.76 -69.58 16.93
CA PRO F 1096 6.93 -68.71 16.88
C PRO F 1096 7.55 -68.61 15.51
N ARG F 1097 7.74 -67.39 15.02
CA ARG F 1097 8.15 -67.20 13.63
C ARG F 1097 9.03 -65.97 13.49
N GLY F 1098 9.70 -65.89 12.34
CA GLY F 1098 10.76 -64.93 12.16
C GLY F 1098 10.67 -64.17 10.85
N ASN F 1099 11.11 -62.93 10.90
CA ASN F 1099 11.33 -62.11 9.72
C ASN F 1099 12.79 -61.75 9.66
N VAL F 1100 13.18 -61.09 8.58
CA VAL F 1100 14.53 -60.57 8.45
C VAL F 1100 14.47 -59.36 7.53
N ASP F 1101 15.53 -58.55 7.54
CA ASP F 1101 15.52 -57.35 6.73
C ASP F 1101 15.71 -57.67 5.25
N LEU F 1102 16.76 -58.44 4.93
CA LEU F 1102 17.07 -58.96 3.59
C LEU F 1102 17.36 -57.85 2.57
N GLY F 1103 17.48 -56.60 3.02
CA GLY F 1103 17.62 -55.49 2.11
C GLY F 1103 18.92 -54.74 2.25
N VAL F 1104 19.72 -54.70 1.17
CA VAL F 1104 20.97 -53.97 1.23
C VAL F 1104 20.69 -52.46 1.19
N GLY F 1105 19.64 -52.05 0.48
CA GLY F 1105 19.27 -50.66 0.40
C GLY F 1105 17.88 -50.44 0.95
N TYR F 1106 17.37 -49.23 0.77
CA TYR F 1106 16.03 -48.93 1.22
C TYR F 1106 14.99 -49.59 0.32
N THR F 1107 13.96 -50.13 0.95
CA THR F 1107 12.90 -50.85 0.29
C THR F 1107 11.61 -50.48 1.02
N ALA F 1108 10.51 -50.43 0.26
CA ALA F 1108 9.16 -50.27 0.81
C ALA F 1108 8.95 -48.93 1.53
N VAL F 1109 8.93 -47.84 0.76
CA VAL F 1109 8.53 -46.55 1.31
C VAL F 1109 7.07 -46.54 1.72
N ALA F 1110 6.68 -45.54 2.51
CA ALA F 1110 5.29 -45.37 2.94
C ALA F 1110 4.91 -43.90 2.78
N ALA F 1111 4.32 -43.56 1.65
CA ALA F 1111 3.90 -42.20 1.39
C ALA F 1111 2.58 -41.95 2.09
N THR F 1112 2.54 -40.90 2.92
CA THR F 1112 1.39 -40.67 3.77
C THR F 1112 0.53 -39.54 3.20
N GLY F 1113 -0.42 -39.86 2.34
CA GLY F 1113 -1.12 -38.78 1.64
C GLY F 1113 -2.63 -38.99 1.63
N THR F 1114 -3.30 -38.55 2.71
CA THR F 1114 -4.67 -38.02 2.81
C THR F 1114 -4.84 -37.76 4.31
N VAL F 1115 -5.75 -36.89 4.73
CA VAL F 1115 -6.10 -36.82 6.16
C VAL F 1115 -7.59 -37.02 6.30
N ARG F 1116 -7.98 -37.91 7.22
CA ARG F 1116 -9.39 -38.11 7.50
C ARG F 1116 -9.91 -37.07 8.47
N ASN F 1117 -9.36 -37.05 9.67
CA ASN F 1117 -9.86 -36.17 10.72
C ASN F 1117 -8.77 -35.80 11.72
N PRO F 1118 -8.74 -34.60 12.19
CA PRO F 1118 -8.00 -34.32 13.41
C PRO F 1118 -8.72 -34.91 14.59
N VAL F 1119 -8.03 -35.70 15.41
CA VAL F 1119 -8.67 -36.18 16.63
C VAL F 1119 -8.78 -35.06 17.63
N THR F 1120 -7.81 -34.16 17.65
CA THR F 1120 -7.84 -33.09 18.62
C THR F 1120 -8.80 -31.98 18.20
N ASP F 1121 -9.12 -31.12 19.15
CA ASP F 1121 -9.93 -29.95 18.85
C ASP F 1121 -9.06 -28.83 18.29
N MET F 1122 -7.75 -28.98 18.40
CA MET F 1122 -6.67 -28.08 18.02
C MET F 1122 -6.64 -26.84 18.88
N GLY F 1123 -6.99 -26.91 20.17
CA GLY F 1123 -6.61 -25.76 20.97
C GLY F 1123 -7.40 -25.49 22.23
N ASN F 1124 -6.86 -24.54 22.99
CA ASN F 1124 -7.50 -23.74 24.03
C ASN F 1124 -7.74 -24.51 25.32
N LEU F 1125 -6.91 -25.50 25.62
CA LEU F 1125 -6.97 -26.06 26.96
C LEU F 1125 -5.74 -25.66 27.73
N PRO F 1126 -5.85 -24.80 28.74
CA PRO F 1126 -4.66 -24.27 29.41
C PRO F 1126 -3.99 -25.27 30.34
N GLN F 1127 -2.67 -25.41 30.23
CA GLN F 1127 -1.95 -26.34 31.09
C GLN F 1127 -1.91 -25.84 32.52
N ASN F 1128 -2.23 -26.73 33.46
CA ASN F 1128 -2.38 -26.41 34.86
C ASN F 1128 -1.30 -27.11 35.66
N PHE F 1129 -0.58 -26.35 36.49
CA PHE F 1129 0.48 -26.96 37.27
C PHE F 1129 0.02 -27.37 38.66
N TYR F 1130 -1.26 -27.11 38.99
CA TYR F 1130 -1.77 -27.53 40.28
C TYR F 1130 -1.99 -29.03 40.34
N LEU F 1131 -2.01 -29.70 39.19
CA LEU F 1131 -2.05 -31.15 39.18
C LEU F 1131 -0.71 -31.75 39.57
N GLY F 1132 0.36 -30.98 39.46
CA GLY F 1132 1.68 -31.47 39.83
C GLY F 1132 2.02 -31.07 41.25
N ARG F 1133 2.53 -32.04 42.01
CA ARG F 1133 2.83 -31.83 43.43
C ARG F 1133 4.31 -31.70 43.70
N GLY F 1134 5.14 -31.62 42.66
CA GLY F 1134 6.57 -31.51 42.87
C GLY F 1134 7.02 -30.08 43.12
N ALA F 1135 6.08 -29.14 43.11
CA ALA F 1135 6.45 -27.76 43.29
C ALA F 1135 6.56 -27.42 44.77
N PRO F 1136 7.62 -26.75 45.18
CA PRO F 1136 7.69 -26.21 46.53
C PRO F 1136 6.76 -25.02 46.67
N PRO F 1137 5.78 -25.09 47.56
CA PRO F 1137 4.73 -24.07 47.58
C PRO F 1137 5.13 -22.86 48.39
N LEU F 1138 4.19 -21.93 48.50
CA LEU F 1138 4.40 -20.74 49.29
C LEU F 1138 4.41 -21.07 50.77
N LEU F 1139 5.03 -20.18 51.55
CA LEU F 1139 5.07 -20.37 53.00
C LEU F 1139 3.78 -19.90 53.66
N ASP F 1140 3.28 -18.74 53.25
CA ASP F 1140 2.10 -18.14 53.86
C ASP F 1140 0.89 -19.00 53.56
N ASN F 1141 0.37 -19.66 54.59
CA ASN F 1141 -0.64 -20.70 54.37
C ASN F 1141 -1.98 -20.09 54.00
N ALA F 1142 -2.19 -18.81 54.32
CA ALA F 1142 -3.32 -18.11 53.74
C ALA F 1142 -3.12 -17.94 52.25
N ALA F 1143 -1.90 -17.59 51.83
CA ALA F 1143 -1.63 -17.41 50.42
C ALA F 1143 -1.52 -18.73 49.69
N ALA F 1144 -1.29 -19.82 50.43
CA ALA F 1144 -1.17 -21.11 49.77
C ALA F 1144 -2.51 -21.59 49.25
N VAL F 1145 -3.58 -21.35 50.02
CA VAL F 1145 -4.87 -21.93 49.64
C VAL F 1145 -5.74 -20.89 48.96
N TYR F 1146 -5.40 -19.62 49.09
CA TYR F 1146 -6.15 -18.63 48.32
C TYR F 1146 -5.71 -18.65 46.86
N LEU F 1147 -4.42 -18.85 46.62
CA LEU F 1147 -3.94 -18.89 45.25
C LEU F 1147 -4.35 -20.19 44.58
N ARG F 1148 -4.60 -21.22 45.38
CA ARG F 1148 -4.89 -22.53 44.82
C ARG F 1148 -6.34 -22.63 44.39
N ASN F 1149 -7.27 -22.05 45.14
CA ASN F 1149 -8.67 -22.22 44.78
C ASN F 1149 -9.15 -21.12 43.84
N ALA F 1150 -8.49 -19.96 43.84
CA ALA F 1150 -8.91 -18.90 42.95
C ALA F 1150 -8.55 -19.22 41.50
N VAL F 1151 -7.55 -20.07 41.31
CA VAL F 1151 -7.30 -20.61 39.97
C VAL F 1151 -8.33 -21.66 39.62
N VAL F 1152 -8.61 -22.59 40.53
CA VAL F 1152 -9.34 -23.81 40.21
C VAL F 1152 -10.82 -23.68 40.58
N ALA F 1153 -11.38 -22.48 40.43
CA ALA F 1153 -12.82 -22.34 40.58
C ALA F 1153 -13.57 -23.17 39.55
N GLY F 1154 -13.07 -23.21 38.32
CA GLY F 1154 -13.76 -24.00 37.32
C GLY F 1154 -12.95 -24.63 36.20
N ASN F 1155 -11.64 -24.86 36.39
CA ASN F 1155 -10.81 -25.35 35.29
C ASN F 1155 -11.24 -26.72 34.80
N ARG F 1156 -11.22 -26.88 33.48
CA ARG F 1156 -11.31 -28.21 32.88
C ARG F 1156 -10.14 -29.06 33.33
N LEU F 1157 -8.94 -28.53 33.25
CA LEU F 1157 -7.78 -29.12 33.91
C LEU F 1157 -7.74 -28.54 35.32
N GLY F 1158 -8.67 -28.96 36.15
CA GLY F 1158 -8.57 -28.74 37.57
C GLY F 1158 -8.58 -30.11 38.20
N PRO F 1159 -7.91 -30.29 39.33
CA PRO F 1159 -7.90 -31.61 39.97
C PRO F 1159 -9.24 -31.92 40.63
N ALA F 1160 -9.31 -33.08 41.26
CA ALA F 1160 -10.37 -33.36 42.21
C ALA F 1160 -10.11 -32.62 43.53
N GLN F 1161 -10.84 -33.01 44.56
CA GLN F 1161 -10.97 -32.31 45.83
C GLN F 1161 -9.64 -31.94 46.53
N PRO F 1162 -8.79 -32.85 47.11
CA PRO F 1162 -7.34 -32.61 46.94
C PRO F 1162 -6.70 -33.53 45.92
N LEU F 1163 -5.41 -33.32 45.68
CA LEU F 1163 -4.58 -34.40 45.15
C LEU F 1163 -4.51 -35.55 46.16
N PRO F 1164 -4.83 -36.75 45.74
CA PRO F 1164 -4.52 -37.91 46.59
C PRO F 1164 -3.07 -38.31 46.40
N VAL F 1165 -2.43 -38.83 47.44
CA VAL F 1165 -1.03 -39.21 47.34
C VAL F 1165 -0.89 -40.48 46.51
N PHE F 1166 -1.76 -41.45 46.73
CA PHE F 1166 -1.84 -42.63 45.87
C PHE F 1166 -3.08 -42.49 44.98
N GLY F 1167 -2.95 -42.86 43.72
CA GLY F 1167 -3.98 -42.67 42.72
C GLY F 1167 -3.61 -41.49 41.84
N CYS F 1168 -4.64 -40.88 41.26
CA CYS F 1168 -4.44 -39.62 40.54
C CYS F 1168 -5.63 -38.72 40.81
N ALA F 1169 -5.50 -37.45 40.42
CA ALA F 1169 -6.57 -36.49 40.69
C ALA F 1169 -7.70 -36.62 39.68
N GLN F 1170 -7.50 -37.48 38.66
CA GLN F 1170 -8.47 -38.00 37.70
C GLN F 1170 -8.94 -37.01 36.65
N VAL F 1171 -8.73 -35.71 36.85
CA VAL F 1171 -9.14 -34.62 35.96
C VAL F 1171 -10.60 -34.77 35.56
N PRO F 1172 -11.55 -34.36 36.41
CA PRO F 1172 -12.94 -34.85 36.36
C PRO F 1172 -13.65 -34.66 35.03
N ARG F 1173 -14.21 -35.75 34.54
CA ARG F 1173 -14.80 -35.82 33.22
C ARG F 1173 -16.04 -34.94 33.10
N ARG F 1174 -16.10 -34.20 32.01
CA ARG F 1174 -17.36 -33.56 31.69
C ARG F 1174 -18.29 -34.60 31.07
N ALA F 1175 -19.58 -34.32 31.17
CA ALA F 1175 -20.59 -35.35 30.86
C ALA F 1175 -20.74 -35.51 29.36
N GLY F 1176 -20.49 -34.45 28.61
CA GLY F 1176 -20.69 -34.48 27.17
C GLY F 1176 -19.57 -33.75 26.48
N MET F 1177 -19.18 -34.26 25.33
CA MET F 1177 -18.06 -33.70 24.60
C MET F 1177 -18.38 -33.75 23.11
N ASP F 1178 -17.93 -32.72 22.39
CA ASP F 1178 -18.31 -32.61 20.98
C ASP F 1178 -17.14 -32.82 20.04
N HIS F 1179 -16.10 -32.02 20.14
CA HIS F 1179 -15.12 -31.99 19.07
C HIS F 1179 -14.18 -33.17 19.14
N GLY F 1180 -13.77 -33.52 20.33
CA GLY F 1180 -12.91 -34.67 20.48
C GLY F 1180 -11.97 -34.47 21.62
N GLN F 1181 -10.86 -35.17 21.53
CA GLN F 1181 -9.83 -35.17 22.56
C GLN F 1181 -9.22 -33.77 22.66
N ASP F 1182 -9.21 -33.22 23.86
CA ASP F 1182 -8.78 -31.84 24.05
C ASP F 1182 -7.27 -31.79 24.09
N ALA F 1183 -6.68 -31.14 23.09
CA ALA F 1183 -5.25 -30.92 23.11
C ALA F 1183 -4.92 -29.79 24.07
N VAL F 1184 -3.80 -29.93 24.76
CA VAL F 1184 -3.47 -29.11 25.91
C VAL F 1184 -2.37 -28.14 25.53
N CYS F 1185 -2.59 -26.86 25.83
CA CYS F 1185 -1.67 -25.79 25.47
C CYS F 1185 -0.69 -25.51 26.60
N GLU F 1186 0.60 -25.76 26.38
CA GLU F 1186 1.62 -25.42 27.35
C GLU F 1186 2.27 -24.09 27.03
N PHE F 1187 2.62 -23.33 28.07
CA PHE F 1187 3.01 -21.94 27.95
C PHE F 1187 4.45 -21.78 28.44
N ILE F 1188 5.28 -21.16 27.62
CA ILE F 1188 6.67 -20.84 27.95
C ILE F 1188 6.80 -19.33 27.92
N ALA F 1189 7.36 -18.76 28.97
CA ALA F 1189 7.58 -17.32 28.98
C ALA F 1189 8.66 -16.93 27.99
N THR F 1190 8.43 -15.84 27.26
CA THR F 1190 9.37 -15.30 26.31
C THR F 1190 9.46 -13.80 26.50
N PRO F 1191 10.53 -13.15 26.02
CA PRO F 1191 10.51 -11.69 25.94
C PRO F 1191 9.58 -11.25 24.83
N VAL F 1192 9.12 -10.01 24.91
CA VAL F 1192 8.25 -9.48 23.86
C VAL F 1192 9.07 -9.05 22.66
N ALA F 1193 10.36 -8.77 22.87
CA ALA F 1193 11.21 -8.33 21.78
C ALA F 1193 11.95 -9.50 21.13
N THR F 1194 11.21 -10.53 20.78
CA THR F 1194 11.68 -11.50 19.81
C THR F 1194 11.00 -11.19 18.49
N ASP F 1195 11.76 -11.36 17.41
CA ASP F 1195 11.24 -11.08 16.09
C ASP F 1195 10.14 -12.07 15.71
N ILE F 1196 9.05 -11.54 15.15
CA ILE F 1196 7.98 -12.38 14.66
C ILE F 1196 8.45 -13.20 13.47
N ASN F 1197 9.49 -12.72 12.77
CA ASN F 1197 10.11 -13.48 11.69
C ASN F 1197 10.76 -14.76 12.18
N TYR F 1198 11.02 -14.87 13.49
CA TYR F 1198 11.43 -16.15 14.04
C TYR F 1198 10.33 -17.19 13.87
N PHE F 1199 9.09 -16.77 14.04
CA PHE F 1199 7.97 -17.62 13.68
C PHE F 1199 7.59 -17.35 12.23
N ARG F 1200 6.40 -17.81 11.85
CA ARG F 1200 5.95 -18.04 10.47
C ARG F 1200 6.89 -19.05 9.79
N ARG F 1201 7.46 -19.98 10.54
CA ARG F 1201 8.57 -20.81 10.12
C ARG F 1201 8.67 -21.94 11.12
N PRO F 1202 9.02 -23.16 10.70
CA PRO F 1202 8.97 -24.34 11.59
C PRO F 1202 9.82 -24.39 12.85
N CYS F 1203 10.35 -23.25 13.30
CA CYS F 1203 11.33 -23.15 14.38
C CYS F 1203 10.95 -23.84 15.69
N ASN F 1204 11.96 -24.02 16.55
CA ASN F 1204 11.77 -24.56 17.90
C ASN F 1204 10.95 -23.62 18.77
N PRO F 1205 10.44 -24.10 19.90
CA PRO F 1205 9.96 -23.17 20.92
C PRO F 1205 11.07 -22.70 21.84
N ARG F 1206 12.18 -23.44 21.91
CA ARG F 1206 13.22 -23.08 22.86
C ARG F 1206 14.23 -22.10 22.27
N GLY F 1207 13.90 -21.44 21.16
CA GLY F 1207 14.73 -20.40 20.59
C GLY F 1207 16.04 -20.88 20.00
N ARG F 1208 16.23 -22.17 19.89
CA ARG F 1208 17.51 -22.75 19.50
C ARG F 1208 17.26 -24.14 18.93
N ALA F 1209 17.99 -24.49 17.88
CA ALA F 1209 17.98 -25.84 17.34
C ALA F 1209 18.61 -26.73 18.39
N ALA F 1210 18.17 -27.99 18.47
CA ALA F 1210 18.58 -28.80 19.60
C ALA F 1210 18.84 -30.26 19.25
N GLY F 1211 18.44 -30.71 18.07
CA GLY F 1211 18.36 -32.14 17.83
C GLY F 1211 19.73 -32.74 17.58
N GLY F 1212 19.80 -34.07 17.73
CA GLY F 1212 21.03 -34.79 17.42
C GLY F 1212 21.21 -35.04 15.93
N VAL F 1213 20.18 -34.74 15.14
CA VAL F 1213 20.34 -34.71 13.69
C VAL F 1213 21.27 -33.59 13.28
N TYR F 1214 21.27 -32.50 14.04
CA TYR F 1214 22.12 -31.36 13.73
C TYR F 1214 23.54 -31.57 14.21
N ALA F 1215 23.78 -32.63 14.99
CA ALA F 1215 25.05 -32.79 15.70
C ALA F 1215 26.22 -33.03 14.76
N GLY F 1216 27.44 -32.89 15.30
CA GLY F 1216 28.61 -32.89 14.44
C GLY F 1216 29.69 -33.87 14.86
N ASP F 1217 29.33 -34.92 15.59
CA ASP F 1217 30.17 -36.10 15.86
C ASP F 1217 31.48 -35.79 16.58
N LYS F 1218 31.51 -34.79 17.44
CA LYS F 1218 32.69 -34.58 18.26
C LYS F 1218 32.70 -35.55 19.44
N GLU F 1219 31.50 -36.03 19.82
CA GLU F 1219 31.07 -36.76 21.03
C GLU F 1219 30.93 -35.81 22.21
N GLY F 1220 31.27 -34.55 22.04
CA GLY F 1220 30.92 -33.51 22.97
C GLY F 1220 29.93 -32.52 22.42
N ASP F 1221 28.93 -32.99 21.68
CA ASP F 1221 28.19 -32.10 20.79
C ASP F 1221 26.85 -31.67 21.38
N VAL F 1222 25.92 -32.60 21.59
CA VAL F 1222 24.64 -32.22 22.15
C VAL F 1222 24.75 -32.30 23.67
N ILE F 1223 25.52 -31.39 24.24
CA ILE F 1223 25.44 -31.00 25.63
C ILE F 1223 25.54 -29.49 25.53
N ALA F 1224 26.24 -29.05 24.48
CA ALA F 1224 26.58 -27.66 24.22
C ALA F 1224 25.94 -27.15 22.94
N LEU F 1225 25.43 -28.06 22.12
CA LEU F 1225 24.48 -27.63 21.10
C LEU F 1225 23.21 -27.12 21.74
N MET F 1226 22.87 -27.69 22.89
CA MET F 1226 21.57 -27.49 23.48
C MET F 1226 21.65 -26.47 24.62
N TYR F 1227 22.83 -26.25 25.18
CA TYR F 1227 22.94 -25.46 26.40
C TYR F 1227 24.12 -24.50 26.45
N ASP F 1228 24.92 -24.37 25.39
CA ASP F 1228 25.99 -23.38 25.37
C ASP F 1228 25.52 -22.15 24.63
N HIS F 1229 26.05 -20.99 25.01
CA HIS F 1229 25.54 -19.73 24.48
C HIS F 1229 26.68 -18.80 24.12
N GLY F 1230 27.88 -19.36 23.95
CA GLY F 1230 28.88 -18.68 23.16
C GLY F 1230 28.77 -19.05 21.70
N GLN F 1231 28.29 -20.25 21.43
CA GLN F 1231 28.17 -20.68 20.05
C GLN F 1231 26.85 -20.19 19.45
N SER F 1232 26.70 -20.38 18.16
CA SER F 1232 25.52 -19.90 17.49
C SER F 1232 24.47 -21.00 17.38
N ASP F 1233 23.20 -20.57 17.36
CA ASP F 1233 22.09 -21.44 16.98
C ASP F 1233 22.34 -22.03 15.61
N PRO F 1234 22.10 -23.30 15.41
CA PRO F 1234 22.12 -23.83 14.04
C PRO F 1234 21.05 -23.23 13.14
N ALA F 1235 19.79 -23.27 13.59
CA ALA F 1235 18.67 -22.81 12.76
C ALA F 1235 18.75 -21.31 12.51
N ARG F 1236 19.22 -20.55 13.49
CA ARG F 1236 19.46 -19.13 13.33
C ARG F 1236 20.95 -18.88 13.48
N PRO F 1237 21.77 -19.08 12.45
CA PRO F 1237 23.22 -18.94 12.62
C PRO F 1237 23.70 -17.54 12.97
N PHE F 1238 22.87 -16.53 12.83
CA PHE F 1238 23.32 -15.17 13.10
C PHE F 1238 22.99 -14.70 14.51
N ALA F 1239 22.40 -15.56 15.34
CA ALA F 1239 22.15 -15.22 16.72
C ALA F 1239 22.48 -16.41 17.59
N ALA F 1240 22.75 -16.15 18.87
CA ALA F 1240 23.05 -17.25 19.78
C ALA F 1240 21.79 -18.06 20.06
N THR F 1241 20.77 -17.43 20.66
CA THR F 1241 19.44 -18.01 20.84
C THR F 1241 18.38 -16.94 20.71
N ALA F 1242 17.26 -17.29 20.10
CA ALA F 1242 16.18 -16.33 19.92
C ALA F 1242 15.39 -16.15 21.19
N ASN F 1243 15.53 -17.08 22.14
CA ASN F 1243 14.73 -17.07 23.35
C ASN F 1243 15.65 -17.31 24.55
N PRO F 1244 15.88 -16.31 25.37
CA PRO F 1244 16.91 -16.43 26.42
C PRO F 1244 16.43 -17.21 27.61
N TRP F 1245 15.13 -17.24 27.88
CA TRP F 1245 14.66 -17.97 29.04
C TRP F 1245 14.55 -19.46 28.76
N ALA F 1246 14.02 -19.85 27.61
CA ALA F 1246 13.75 -21.25 27.40
C ALA F 1246 15.03 -22.03 27.09
N SER F 1247 16.03 -21.36 26.52
CA SER F 1247 17.13 -22.11 25.91
C SER F 1247 18.20 -22.48 26.92
N GLN F 1248 18.44 -21.62 27.89
CA GLN F 1248 19.55 -21.85 28.82
C GLN F 1248 19.20 -22.94 29.81
N ARG F 1249 20.24 -23.60 30.31
CA ARG F 1249 20.08 -24.53 31.42
C ARG F 1249 19.59 -23.76 32.63
N PHE F 1250 18.73 -24.39 33.44
CA PHE F 1250 18.26 -23.91 34.74
C PHE F 1250 17.41 -22.65 34.65
N SER F 1251 16.54 -22.49 33.66
CA SER F 1251 16.12 -21.14 33.33
C SER F 1251 14.63 -20.97 33.05
N TYR F 1252 13.77 -21.78 33.68
CA TYR F 1252 12.30 -21.66 33.72
C TYR F 1252 11.61 -22.01 32.41
N GLY F 1253 12.35 -22.10 31.31
CA GLY F 1253 11.92 -22.94 30.22
C GLY F 1253 12.54 -24.30 30.38
N ASP F 1254 13.55 -24.36 31.24
CA ASP F 1254 14.16 -25.62 31.60
C ASP F 1254 13.52 -26.17 32.85
N LEU F 1255 13.31 -25.32 33.86
CA LEU F 1255 12.94 -25.79 35.20
C LEU F 1255 11.53 -26.37 35.24
N LEU F 1256 10.62 -25.80 34.47
CA LEU F 1256 9.26 -26.31 34.46
C LEU F 1256 9.19 -27.64 33.76
N TYR F 1257 9.96 -27.79 32.69
CA TYR F 1257 9.66 -28.77 31.66
C TYR F 1257 10.79 -29.73 31.37
N ASN F 1258 11.82 -29.79 32.20
CA ASN F 1258 12.85 -30.79 31.94
C ASN F 1258 12.44 -32.09 32.57
N GLY F 1259 12.93 -33.20 32.00
CA GLY F 1259 12.48 -34.51 32.45
C GLY F 1259 12.98 -34.86 33.83
N ALA F 1260 14.01 -34.16 34.30
CA ALA F 1260 14.60 -34.53 35.58
C ALA F 1260 13.91 -33.82 36.73
N TYR F 1261 13.34 -32.64 36.49
CA TYR F 1261 12.90 -31.82 37.61
C TYR F 1261 11.46 -32.13 37.97
N HIS F 1262 10.68 -32.53 36.98
CA HIS F 1262 9.33 -33.11 37.07
C HIS F 1262 8.39 -32.35 38.01
N LEU F 1263 8.09 -31.10 37.65
CA LEU F 1263 6.96 -30.44 38.29
C LEU F 1263 5.64 -30.99 37.76
N ASN F 1264 5.67 -31.52 36.55
CA ASN F 1264 4.68 -32.46 36.08
C ASN F 1264 5.37 -33.79 35.87
N GLY F 1265 4.63 -34.86 36.04
CA GLY F 1265 5.17 -36.19 36.12
C GLY F 1265 4.48 -37.03 37.16
N ALA F 1266 3.90 -36.38 38.17
CA ALA F 1266 2.84 -37.01 38.91
C ALA F 1266 1.49 -36.66 38.31
N SER F 1267 1.44 -35.62 37.49
CA SER F 1267 0.21 -35.18 36.89
C SER F 1267 -0.05 -35.93 35.59
N PRO F 1268 -1.29 -36.32 35.34
CA PRO F 1268 -1.53 -37.22 34.21
C PRO F 1268 -1.61 -36.51 32.88
N VAL F 1269 -1.69 -35.18 32.88
CA VAL F 1269 -1.95 -34.44 31.64
C VAL F 1269 -0.73 -34.45 30.77
N LEU F 1270 -0.94 -34.69 29.47
CA LEU F 1270 0.13 -34.66 28.48
C LEU F 1270 0.85 -33.32 28.46
N SER F 1271 2.16 -33.38 28.61
CA SER F 1271 3.01 -32.24 28.44
C SER F 1271 3.61 -32.29 27.05
N PRO F 1272 3.23 -31.41 26.12
CA PRO F 1272 3.85 -31.45 24.80
C PRO F 1272 5.29 -31.00 24.80
N CYS F 1273 5.69 -30.18 25.77
CA CYS F 1273 7.06 -29.70 25.80
C CYS F 1273 8.02 -30.70 26.40
N PHE F 1274 7.53 -31.85 26.83
CA PHE F 1274 8.43 -32.94 27.21
C PHE F 1274 9.10 -33.54 25.98
N LYS F 1275 8.50 -33.36 24.80
CA LYS F 1275 9.15 -33.74 23.56
C LYS F 1275 10.42 -32.93 23.34
N PHE F 1276 10.38 -31.62 23.60
CA PHE F 1276 11.56 -30.79 23.68
C PHE F 1276 12.08 -30.85 25.10
N PHE F 1277 12.97 -29.92 25.46
CA PHE F 1277 13.33 -29.60 26.84
C PHE F 1277 13.86 -30.74 27.70
N THR F 1278 14.11 -31.91 27.16
CA THR F 1278 14.38 -33.11 27.95
C THR F 1278 15.85 -33.44 27.74
N ALA F 1279 16.55 -33.74 28.84
CA ALA F 1279 17.97 -33.97 28.75
C ALA F 1279 18.29 -35.30 28.08
N ALA F 1280 17.78 -36.40 28.63
CA ALA F 1280 18.31 -37.72 28.29
C ALA F 1280 17.85 -38.18 26.91
N ASP F 1281 16.69 -37.72 26.45
CA ASP F 1281 16.15 -38.21 25.19
C ASP F 1281 16.91 -37.62 24.01
N ILE F 1282 17.25 -36.34 24.10
CA ILE F 1282 17.99 -35.66 23.03
C ILE F 1282 19.45 -36.11 23.08
N THR F 1283 19.88 -36.62 24.22
CA THR F 1283 21.18 -37.20 24.42
C THR F 1283 21.17 -38.64 23.87
N ALA F 1284 22.06 -39.49 24.40
CA ALA F 1284 22.75 -40.67 23.82
C ALA F 1284 21.91 -41.54 22.88
N LYS F 1285 20.58 -41.47 22.91
CA LYS F 1285 19.52 -42.32 22.31
C LYS F 1285 19.90 -42.82 20.92
N HIS F 1286 20.14 -41.94 19.93
CA HIS F 1286 20.42 -42.40 18.57
C HIS F 1286 21.10 -41.29 17.78
N ARG F 1287 21.93 -41.65 16.80
CA ARG F 1287 22.66 -40.66 16.03
C ARG F 1287 22.63 -40.88 14.53
N CYS F 1288 22.48 -42.12 14.07
CA CYS F 1288 22.69 -42.47 12.67
C CYS F 1288 21.48 -42.05 11.85
N LEU F 1289 21.67 -41.04 10.99
CA LEU F 1289 20.55 -40.47 10.24
C LEU F 1289 19.98 -41.46 9.24
N GLU F 1290 20.83 -42.31 8.68
CA GLU F 1290 20.38 -43.32 7.73
C GLU F 1290 19.54 -44.38 8.44
N ARG F 1291 19.73 -44.53 9.73
CA ARG F 1291 18.89 -45.44 10.50
C ARG F 1291 17.69 -44.72 11.07
N LEU F 1292 17.76 -43.39 11.16
CA LEU F 1292 16.80 -42.66 11.97
C LEU F 1292 15.45 -42.52 11.26
N ILE F 1293 15.43 -42.64 9.94
CA ILE F 1293 14.18 -42.36 9.22
C ILE F 1293 13.31 -43.61 9.12
N VAL F 1294 13.91 -44.80 9.26
CA VAL F 1294 13.04 -45.98 9.26
C VAL F 1294 12.40 -46.14 10.62
N GLU F 1295 12.98 -45.52 11.64
CA GLU F 1295 12.40 -45.50 12.97
C GLU F 1295 11.67 -44.21 13.25
N THR F 1296 11.20 -43.52 12.21
CA THR F 1296 10.35 -42.37 12.43
C THR F 1296 8.89 -42.75 12.29
N GLY F 1297 8.50 -43.26 11.11
CA GLY F 1297 7.10 -43.63 10.88
C GLY F 1297 6.61 -44.72 11.81
N SER F 1298 7.53 -45.54 12.32
CA SER F 1298 7.26 -46.33 13.49
C SER F 1298 7.86 -45.65 14.72
N ALA F 1299 7.04 -44.88 15.42
CA ALA F 1299 7.46 -44.29 16.69
C ALA F 1299 6.31 -44.34 17.68
N VAL F 1300 6.60 -44.02 18.95
CA VAL F 1300 5.64 -44.19 20.03
C VAL F 1300 5.17 -42.81 20.48
N SER F 1301 3.86 -42.62 20.53
CA SER F 1301 3.30 -41.34 20.93
C SER F 1301 3.41 -41.16 22.43
N THR F 1302 3.62 -39.92 22.85
CA THR F 1302 3.50 -39.62 24.27
C THR F 1302 2.05 -39.64 24.71
N ALA F 1303 1.14 -39.24 23.83
CA ALA F 1303 -0.28 -39.20 24.17
C ALA F 1303 -0.91 -40.56 24.00
N THR F 1304 -2.19 -40.65 24.37
CA THR F 1304 -3.06 -41.73 23.93
C THR F 1304 -4.37 -41.13 23.44
N ALA F 1305 -4.87 -41.64 22.32
CA ALA F 1305 -6.06 -41.04 21.71
C ALA F 1305 -7.35 -41.52 22.36
N ALA F 1306 -7.30 -42.61 23.11
CA ALA F 1306 -8.52 -43.15 23.69
C ALA F 1306 -8.95 -42.37 24.92
N SER F 1307 -8.02 -41.63 25.52
CA SER F 1307 -8.34 -40.85 26.70
C SER F 1307 -9.15 -39.63 26.33
N ASP F 1308 -10.00 -39.17 27.26
CA ASP F 1308 -10.90 -38.07 26.96
C ASP F 1308 -10.14 -36.76 26.79
N VAL F 1309 -9.56 -36.25 27.86
CA VAL F 1309 -8.48 -35.30 27.76
C VAL F 1309 -7.24 -36.13 27.52
N GLN F 1310 -6.33 -35.67 26.67
CA GLN F 1310 -5.16 -36.46 26.35
C GLN F 1310 -4.26 -36.58 27.57
N PHE F 1311 -3.93 -37.81 27.91
CA PHE F 1311 -3.04 -38.06 29.04
C PHE F 1311 -1.70 -38.53 28.52
N LYS F 1312 -0.68 -38.39 29.34
CA LYS F 1312 0.57 -39.05 29.04
C LYS F 1312 0.39 -40.55 29.15
N ARG F 1313 1.25 -41.28 28.46
CA ARG F 1313 0.94 -42.66 28.07
C ARG F 1313 0.98 -43.59 29.27
N PRO F 1314 -0.09 -44.31 29.55
CA PRO F 1314 -0.06 -45.37 30.56
C PRO F 1314 0.89 -46.46 30.12
N PRO F 1315 1.46 -47.23 31.06
CA PRO F 1315 2.57 -48.14 30.71
C PRO F 1315 2.20 -49.25 29.74
N GLY F 1316 0.99 -49.78 29.81
CA GLY F 1316 0.54 -50.66 28.75
C GLY F 1316 -0.25 -49.90 27.70
N CYS F 1317 0.46 -49.43 26.67
CA CYS F 1317 -0.06 -48.78 25.46
C CYS F 1317 1.04 -48.63 24.42
N ARG F 1318 0.68 -48.86 23.15
CA ARG F 1318 1.57 -48.58 22.03
C ARG F 1318 0.76 -47.97 20.90
N GLU F 1319 1.01 -46.70 20.64
CA GLU F 1319 0.42 -46.01 19.50
C GLU F 1319 1.52 -45.73 18.49
N LEU F 1320 1.41 -46.35 17.33
CA LEU F 1320 2.39 -46.18 16.27
C LEU F 1320 2.11 -44.86 15.56
N VAL F 1321 3.05 -43.92 15.67
CA VAL F 1321 2.83 -42.57 15.16
C VAL F 1321 4.04 -42.19 14.32
N GLU F 1322 3.79 -41.51 13.19
CA GLU F 1322 4.87 -41.00 12.36
C GLU F 1322 5.68 -39.94 13.10
N ASP F 1323 5.06 -38.86 13.54
CA ASP F 1323 5.67 -37.85 14.40
C ASP F 1323 6.98 -37.26 13.87
N PRO F 1324 6.92 -36.35 12.90
CA PRO F 1324 8.16 -35.79 12.37
C PRO F 1324 8.87 -34.86 13.32
N CYS F 1325 8.17 -34.28 14.28
CA CYS F 1325 8.77 -33.28 15.15
C CYS F 1325 9.74 -33.89 16.14
N GLY F 1326 9.64 -35.20 16.36
CA GLY F 1326 10.60 -35.86 17.22
C GLY F 1326 11.96 -35.99 16.58
N LEU F 1327 12.01 -35.99 15.24
CA LEU F 1327 13.30 -36.15 14.57
C LEU F 1327 14.01 -34.81 14.48
N PHE F 1328 13.44 -33.86 13.75
CA PHE F 1328 14.10 -32.59 13.47
C PHE F 1328 14.12 -31.66 14.67
N GLN F 1329 13.37 -32.00 15.72
CA GLN F 1329 13.30 -31.28 16.98
C GLN F 1329 12.78 -29.87 16.73
N GLU F 1330 11.59 -29.79 16.17
CA GLU F 1330 10.99 -28.55 15.70
C GLU F 1330 9.49 -28.57 15.98
N ALA F 1331 8.83 -27.47 15.65
CA ALA F 1331 7.40 -27.36 15.83
C ALA F 1331 6.83 -26.34 14.86
N TYR F 1332 5.74 -26.69 14.19
CA TYR F 1332 5.26 -25.94 13.04
C TYR F 1332 4.23 -24.92 13.48
N PRO F 1333 4.26 -23.68 13.00
CA PRO F 1333 3.23 -22.71 13.40
C PRO F 1333 2.01 -22.83 12.51
N ILE F 1334 0.83 -22.75 13.11
CA ILE F 1334 -0.40 -22.65 12.34
C ILE F 1334 -0.92 -21.23 12.39
N THR F 1335 -1.85 -20.93 11.49
CA THR F 1335 -2.33 -19.56 11.32
C THR F 1335 -3.05 -19.06 12.55
N CYS F 1336 -2.52 -18.01 13.14
CA CYS F 1336 -3.17 -17.30 14.23
C CYS F 1336 -2.71 -15.87 14.23
N ALA F 1337 -3.65 -14.96 14.28
CA ALA F 1337 -3.38 -13.53 14.23
C ALA F 1337 -4.10 -12.87 15.38
N SER F 1338 -3.50 -11.81 15.92
CA SER F 1338 -4.01 -11.25 17.15
C SER F 1338 -5.26 -10.42 16.91
N ASP F 1339 -5.53 -10.04 15.67
CA ASP F 1339 -6.90 -9.57 15.52
C ASP F 1339 -7.75 -10.63 14.86
N PRO F 1340 -9.06 -10.57 15.05
CA PRO F 1340 -9.95 -11.27 14.13
C PRO F 1340 -10.06 -10.53 12.81
N ALA F 1341 -9.76 -9.24 12.82
CA ALA F 1341 -9.83 -8.44 11.59
C ALA F 1341 -8.78 -8.88 10.59
N LEU F 1342 -7.60 -9.29 11.07
CA LEU F 1342 -6.61 -9.86 10.18
C LEU F 1342 -6.98 -11.28 9.81
N LEU F 1343 -7.70 -11.95 10.71
CA LEU F 1343 -7.92 -13.39 10.56
C LEU F 1343 -8.91 -13.68 9.45
N ARG F 1344 -9.84 -12.77 9.20
CA ARG F 1344 -10.71 -12.94 8.05
C ARG F 1344 -9.96 -12.74 6.75
N SER F 1345 -8.92 -11.91 6.78
CA SER F 1345 -8.23 -11.59 5.53
C SER F 1345 -7.35 -12.75 5.09
N ALA F 1346 -6.81 -13.52 6.04
CA ALA F 1346 -5.99 -14.66 5.69
C ALA F 1346 -6.82 -15.94 5.61
N ARG F 1347 -7.95 -15.82 4.94
CA ARG F 1347 -8.68 -16.95 4.38
C ARG F 1347 -8.14 -17.11 2.98
N ASP F 1348 -8.46 -18.24 2.34
CA ASP F 1348 -8.40 -18.60 0.91
C ASP F 1348 -7.16 -18.05 0.17
N GLY F 1349 -6.01 -17.96 0.82
CA GLY F 1349 -4.79 -17.52 0.17
C GLY F 1349 -4.08 -16.48 1.00
N GLU F 1350 -2.77 -16.45 0.86
CA GLU F 1350 -1.93 -15.43 1.47
C GLU F 1350 -1.59 -14.31 0.51
N ALA F 1351 -2.36 -14.15 -0.57
CA ALA F 1351 -2.08 -13.10 -1.54
C ALA F 1351 -2.35 -11.73 -0.95
N HIS F 1352 -3.52 -11.54 -0.37
CA HIS F 1352 -3.85 -10.30 0.29
C HIS F 1352 -3.92 -10.45 1.80
N ALA F 1353 -3.05 -11.27 2.40
CA ALA F 1353 -3.05 -11.45 3.84
C ALA F 1353 -2.48 -10.22 4.53
N ARG F 1354 -3.29 -9.63 5.41
CA ARG F 1354 -2.88 -8.45 6.17
C ARG F 1354 -1.86 -8.89 7.19
N GLU F 1355 -0.59 -8.92 6.79
CA GLU F 1355 0.41 -9.67 7.55
C GLU F 1355 0.80 -8.93 8.82
N THR F 1356 0.77 -7.61 8.79
CA THR F 1356 0.88 -6.84 10.02
C THR F 1356 0.19 -5.50 9.87
N HIS F 1357 -0.15 -4.93 11.03
CA HIS F 1357 -0.94 -3.72 11.18
C HIS F 1357 -0.70 -3.36 12.63
N PHE F 1358 -0.78 -2.06 12.98
CA PHE F 1358 0.17 -1.30 13.83
C PHE F 1358 0.88 -2.19 14.85
N THR F 1359 0.15 -2.89 15.71
CA THR F 1359 0.80 -3.82 16.64
C THR F 1359 0.28 -5.22 16.44
N GLN F 1360 -0.72 -5.37 15.59
CA GLN F 1360 -1.41 -6.65 15.47
C GLN F 1360 -0.76 -7.48 14.38
N TYR F 1361 -0.25 -8.64 14.75
CA TYR F 1361 0.62 -9.42 13.88
C TYR F 1361 -0.14 -10.62 13.36
N LEU F 1362 0.19 -11.05 12.14
CA LEU F 1362 -0.39 -12.25 11.58
C LEU F 1362 0.69 -13.26 11.27
N ILE F 1363 0.41 -14.52 11.54
CA ILE F 1363 1.25 -15.64 11.20
C ILE F 1363 0.46 -16.49 10.23
N TYR F 1364 1.05 -16.80 9.09
CA TYR F 1364 0.35 -17.69 8.18
C TYR F 1364 0.88 -19.10 8.36
N ASP F 1365 0.04 -20.08 8.07
CA ASP F 1365 0.29 -21.48 8.41
C ASP F 1365 1.50 -22.03 7.64
N ALA F 1366 2.46 -22.52 8.39
CA ALA F 1366 3.65 -23.17 7.85
C ALA F 1366 3.74 -24.53 8.50
N SER F 1367 3.35 -25.56 7.77
CA SER F 1367 3.06 -26.87 8.31
C SER F 1367 2.96 -27.81 7.14
N PRO F 1368 2.98 -29.12 7.37
CA PRO F 1368 2.54 -30.03 6.30
C PRO F 1368 1.07 -29.90 5.97
N LEU F 1369 0.26 -29.31 6.85
CA LEU F 1369 -1.16 -29.15 6.56
C LEU F 1369 -1.45 -27.90 5.75
N LYS F 1370 -0.44 -27.25 5.17
CA LYS F 1370 -0.69 -26.08 4.37
C LYS F 1370 -1.25 -26.50 3.03
N GLY F 1371 -2.16 -25.69 2.50
CA GLY F 1371 -2.88 -26.03 1.30
C GLY F 1371 -3.99 -27.05 1.47
N LEU F 1372 -4.32 -27.43 2.70
CA LEU F 1372 -5.43 -28.34 2.93
C LEU F 1372 -6.58 -27.63 3.62
N SER F 1373 -7.67 -28.38 3.76
CA SER F 1373 -8.93 -27.83 4.25
C SER F 1373 -8.85 -27.49 5.73
N LEU F 1374 -8.40 -28.44 6.54
CA LEU F 1374 -8.44 -28.31 7.98
C LEU F 1374 -7.41 -27.32 8.54
N UNK G 1 61.56 -68.79 47.85
CA UNK G 1 61.40 -69.64 49.01
C UNK G 1 62.35 -70.84 48.95
N UNK G 2 61.87 -71.93 48.36
CA UNK G 2 62.58 -73.19 48.17
C UNK G 2 63.10 -73.75 49.48
N UNK G 3 62.19 -74.16 50.36
CA UNK G 3 62.54 -74.52 51.73
C UNK G 3 63.29 -75.83 51.73
N UNK G 4 62.78 -76.89 51.09
CA UNK G 4 63.46 -78.18 51.12
C UNK G 4 64.72 -78.17 50.25
N UNK G 5 64.74 -77.29 49.24
CA UNK G 5 65.92 -77.18 48.38
C UNK G 5 67.05 -76.46 49.09
N UNK G 6 66.73 -75.48 49.94
CA UNK G 6 67.76 -74.81 50.72
C UNK G 6 68.32 -75.74 51.78
N UNK G 7 67.49 -76.66 52.29
CA UNK G 7 67.99 -77.69 53.19
C UNK G 7 68.89 -78.67 52.45
N UNK G 8 68.65 -78.85 51.14
CA UNK G 8 69.56 -79.66 50.34
C UNK G 8 70.87 -78.92 50.10
N UNK G 9 70.83 -77.58 50.10
CA UNK G 9 72.06 -76.81 49.96
C UNK G 9 72.82 -76.73 51.28
N UNK G 10 72.13 -76.97 52.39
CA UNK G 10 72.80 -77.00 53.68
C UNK G 10 73.26 -78.41 54.03
N UNK G 11 72.70 -79.42 53.35
CA UNK G 11 73.15 -80.79 53.57
C UNK G 11 74.40 -81.10 52.75
N UNK G 12 74.66 -80.30 51.73
CA UNK G 12 75.92 -80.41 51.00
C UNK G 12 77.00 -79.59 51.70
N UNK G 13 78.20 -80.17 51.83
CA UNK G 13 79.27 -79.45 52.57
C UNK G 13 80.67 -79.85 52.10
N UNK G 14 81.05 -79.45 50.89
CA UNK G 14 82.41 -79.74 50.37
C UNK G 14 83.44 -79.00 51.24
N UNK G 15 83.11 -77.77 51.62
CA UNK G 15 83.99 -76.89 52.44
C UNK G 15 83.13 -75.88 53.21
N UNK G 16 83.78 -74.92 53.90
CA UNK G 16 83.11 -73.86 54.69
C UNK G 16 82.43 -72.82 53.79
N UNK G 17 81.57 -71.97 54.37
CA UNK G 17 80.79 -71.00 53.60
C UNK G 17 80.08 -71.61 52.40
N UNK G 18 79.08 -72.46 52.65
CA UNK G 18 78.28 -73.07 51.60
C UNK G 18 77.29 -72.11 50.94
N UNK G 19 77.26 -70.85 51.36
CA UNK G 19 76.36 -69.85 50.81
C UNK G 19 76.76 -69.46 49.40
N UNK G 20 78.03 -69.65 49.06
CA UNK G 20 78.52 -69.42 47.70
C UNK G 20 77.88 -70.42 46.76
N UNK G 21 77.85 -71.70 47.17
CA UNK G 21 77.13 -72.69 46.40
C UNK G 21 75.63 -72.51 46.50
N UNK G 22 75.13 -72.08 47.67
CA UNK G 22 73.70 -71.94 47.87
C UNK G 22 73.15 -70.75 47.08
N UNK G 23 74.01 -69.78 46.76
CA UNK G 23 73.60 -68.69 45.88
C UNK G 23 73.51 -69.16 44.43
N UNK G 24 74.50 -69.93 43.98
CA UNK G 24 74.46 -70.46 42.63
C UNK G 24 73.42 -71.56 42.50
N UNK G 25 73.13 -72.27 43.59
CA UNK G 25 71.96 -73.14 43.61
C UNK G 25 70.68 -72.32 43.52
N UNK G 26 70.65 -71.17 44.23
CA UNK G 26 69.51 -70.27 44.11
C UNK G 26 69.48 -69.60 42.76
N UNK G 27 70.63 -69.48 42.10
CA UNK G 27 70.65 -69.06 40.70
C UNK G 27 70.05 -70.13 39.81
N UNK G 28 70.40 -71.40 40.04
CA UNK G 28 69.87 -72.48 39.23
C UNK G 28 68.41 -72.77 39.58
N UNK G 29 68.02 -72.59 40.85
CA UNK G 29 66.64 -72.81 41.24
C UNK G 29 65.73 -71.74 40.65
N UNK G 30 66.21 -70.49 40.60
CA UNK G 30 65.50 -69.47 39.85
C UNK G 30 65.54 -69.76 38.36
N UNK G 31 66.63 -70.36 37.89
CA UNK G 31 66.69 -70.82 36.50
C UNK G 31 65.82 -72.05 36.31
N UNK G 32 65.48 -72.76 37.40
CA UNK G 32 64.52 -73.85 37.29
C UNK G 32 63.09 -73.30 37.27
N UNK G 33 62.75 -72.43 38.22
CA UNK G 33 61.37 -71.99 38.36
C UNK G 33 60.93 -71.11 37.20
N UNK G 34 61.85 -70.30 36.67
CA UNK G 34 61.51 -69.46 35.52
C UNK G 34 61.45 -70.27 34.24
N UNK G 35 62.04 -71.47 34.25
CA UNK G 35 61.97 -72.36 33.09
C UNK G 35 60.63 -73.07 33.02
N UNK G 36 60.21 -73.66 34.15
CA UNK G 36 59.03 -74.51 34.20
C UNK G 36 57.75 -73.71 34.01
N UNK G 37 57.61 -72.64 34.79
CA UNK G 37 56.39 -71.83 34.79
C UNK G 37 56.17 -71.17 33.43
N UNK G 38 57.24 -70.71 32.81
CA UNK G 38 57.15 -70.08 31.50
C UNK G 38 56.80 -71.11 30.43
N UNK G 39 57.35 -72.32 30.54
CA UNK G 39 57.00 -73.40 29.62
C UNK G 39 55.67 -74.04 29.96
N UNK G 40 55.06 -73.68 31.08
CA UNK G 40 53.74 -74.19 31.43
C UNK G 40 52.64 -73.23 31.03
N UNK G 41 52.83 -71.92 31.25
CA UNK G 41 51.77 -70.96 30.99
C UNK G 41 51.56 -70.76 29.50
N UNK G 42 52.64 -70.73 28.72
CA UNK G 42 52.54 -70.59 27.27
C UNK G 42 51.92 -71.84 26.66
N UNK G 43 52.25 -72.99 27.22
CA UNK G 43 51.62 -74.25 26.83
C UNK G 43 50.14 -74.24 27.18
N UNK G 44 49.79 -73.58 28.29
CA UNK G 44 48.42 -73.55 28.78
C UNK G 44 47.50 -72.73 27.88
N UNK G 45 48.05 -71.70 27.23
CA UNK G 45 47.22 -70.86 26.37
C UNK G 45 46.93 -71.55 25.04
N UNK G 46 47.97 -72.11 24.42
CA UNK G 46 47.83 -72.76 23.11
C UNK G 46 47.05 -74.06 23.22
N UNK G 47 47.02 -74.66 24.41
CA UNK G 47 46.19 -75.84 24.62
C UNK G 47 44.71 -75.51 24.53
N UNK G 48 44.33 -74.30 24.97
CA UNK G 48 42.96 -73.85 24.78
C UNK G 48 42.73 -73.40 23.34
N UNK G 49 43.82 -73.06 22.62
CA UNK G 49 43.69 -72.52 21.28
C UNK G 49 43.28 -73.59 20.29
N UNK G 50 43.78 -74.82 20.47
CA UNK G 50 43.38 -75.91 19.60
C UNK G 50 42.04 -76.49 20.02
N UNK G 51 41.57 -76.14 21.22
CA UNK G 51 40.29 -76.66 21.71
C UNK G 51 39.12 -75.98 21.02
N UNK G 52 39.18 -74.65 20.88
CA UNK G 52 38.08 -73.91 20.25
C UNK G 52 38.05 -74.14 18.75
N UNK G 53 39.21 -74.35 18.14
CA UNK G 53 39.26 -74.67 16.72
C UNK G 53 38.68 -76.05 16.45
N UNK G 54 38.86 -76.98 17.39
CA UNK G 54 38.31 -78.32 17.22
C UNK G 54 36.80 -78.33 17.42
N UNK G 55 36.29 -77.48 18.32
CA UNK G 55 34.85 -77.46 18.58
C UNK G 55 34.09 -76.75 17.47
N UNK G 56 34.74 -75.79 16.81
CA UNK G 56 34.05 -75.03 15.77
C UNK G 56 34.12 -75.73 14.43
N UNK G 57 35.24 -76.40 14.14
CA UNK G 57 35.37 -77.10 12.87
C UNK G 57 34.54 -78.38 12.86
N UNK G 58 34.25 -78.93 14.03
CA UNK G 58 33.35 -80.08 14.10
C UNK G 58 31.92 -79.64 13.82
N UNK G 59 31.60 -78.37 14.09
CA UNK G 59 30.34 -77.82 13.62
C UNK G 59 30.40 -77.55 12.12
N UNK G 60 31.61 -77.33 11.58
CA UNK G 60 31.78 -77.30 10.14
C UNK G 60 31.85 -78.71 9.58
N UNK G 61 32.26 -79.67 10.40
CA UNK G 61 32.15 -81.09 10.04
C UNK G 61 30.87 -81.72 10.57
N UNK G 62 29.85 -80.91 10.85
CA UNK G 62 28.57 -81.38 11.36
C UNK G 62 27.56 -81.66 10.26
N UNK G 63 28.05 -82.12 9.09
CA UNK G 63 27.66 -81.78 7.70
C UNK G 63 26.19 -81.37 7.55
N UNK G 64 25.22 -82.05 8.18
CA UNK G 64 23.84 -81.60 8.10
C UNK G 64 23.64 -80.25 8.79
N UNK G 65 22.61 -79.52 8.42
CA UNK G 65 22.50 -78.16 8.95
C UNK G 65 21.08 -77.70 9.15
N UNK G 66 20.90 -76.71 10.02
CA UNK G 66 19.64 -76.01 10.20
C UNK G 66 19.74 -74.56 9.75
N UNK G 67 20.69 -73.80 10.29
CA UNK G 67 20.82 -72.38 9.97
C UNK G 67 21.70 -72.12 8.77
N UNK G 68 22.46 -73.12 8.32
CA UNK G 68 23.42 -72.89 7.24
C UNK G 68 22.83 -73.24 5.88
N UNK G 69 21.90 -74.21 5.82
CA UNK G 69 21.31 -74.59 4.54
C UNK G 69 20.31 -73.54 4.07
N UNK G 70 19.58 -72.93 4.99
CA UNK G 70 18.75 -71.79 4.62
C UNK G 70 19.60 -70.57 4.31
N UNK G 71 20.78 -70.48 4.94
CA UNK G 71 21.78 -69.51 4.50
C UNK G 71 22.32 -69.88 3.13
N UNK G 72 22.33 -71.18 2.80
CA UNK G 72 22.69 -71.62 1.46
C UNK G 72 21.50 -71.54 0.51
N UNK G 73 20.28 -71.41 1.06
CA UNK G 73 19.12 -71.23 0.20
C UNK G 73 19.13 -69.86 -0.43
N UNK G 74 19.39 -68.81 0.35
CA UNK G 74 19.48 -67.47 -0.20
C UNK G 74 20.78 -67.26 -0.97
N UNK G 75 21.81 -68.06 -0.67
CA UNK G 75 23.03 -68.00 -1.45
C UNK G 75 22.83 -68.63 -2.82
N UNK G 76 21.96 -69.66 -2.88
CA UNK G 76 21.61 -70.25 -4.17
C UNK G 76 20.54 -69.42 -4.88
N UNK G 77 19.90 -68.52 -4.14
CA UNK G 77 19.01 -67.55 -4.78
C UNK G 77 19.82 -66.53 -5.58
N UNK G 78 20.92 -66.04 -5.00
CA UNK G 78 21.75 -65.07 -5.69
C UNK G 78 22.58 -65.74 -6.79
N UNK G 79 22.78 -67.05 -6.68
CA UNK G 79 23.64 -67.75 -7.63
C UNK G 79 22.98 -67.89 -9.00
N UNK G 80 21.75 -68.41 -9.03
CA UNK G 80 21.08 -68.65 -10.30
C UNK G 80 20.65 -67.36 -10.97
N UNK G 81 20.38 -66.33 -10.16
CA UNK G 81 20.14 -64.95 -10.59
C UNK G 81 18.96 -64.78 -11.55
N UNK H 1 28.24 -95.11 3.80
CA UNK H 1 27.82 -94.48 5.05
C UNK H 1 29.04 -94.12 5.89
N UNK H 2 30.11 -93.69 5.22
CA UNK H 2 31.33 -93.34 5.93
C UNK H 2 31.27 -91.91 6.45
N UNK H 3 30.74 -90.99 5.64
CA UNK H 3 30.79 -89.56 5.95
C UNK H 3 29.87 -89.22 7.12
N UNK H 4 28.82 -90.00 7.33
CA UNK H 4 27.88 -89.72 8.42
C UNK H 4 28.49 -90.11 9.76
N UNK H 5 29.26 -91.19 9.79
CA UNK H 5 29.90 -91.61 11.03
C UNK H 5 31.16 -90.79 11.29
N UNK H 6 31.81 -90.30 10.22
CA UNK H 6 32.95 -89.42 10.38
C UNK H 6 32.51 -88.05 10.87
N UNK H 7 31.33 -87.61 10.45
CA UNK H 7 30.72 -86.41 11.02
C UNK H 7 30.22 -86.68 12.44
N UNK H 8 29.86 -87.94 12.71
CA UNK H 8 29.50 -88.32 14.07
C UNK H 8 30.72 -88.35 14.98
N UNK H 9 31.85 -88.83 14.46
CA UNK H 9 33.07 -88.94 15.25
C UNK H 9 33.84 -87.63 15.27
N UNK H 10 33.44 -86.67 14.43
CA UNK H 10 34.07 -85.35 14.46
C UNK H 10 33.64 -84.56 15.70
N UNK H 11 32.36 -84.67 16.08
CA UNK H 11 31.87 -83.94 17.24
C UNK H 11 32.37 -84.58 18.53
N UNK H 12 32.73 -85.88 18.48
CA UNK H 12 33.28 -86.57 19.65
C UNK H 12 34.67 -86.05 19.97
N UNK H 13 35.40 -85.61 18.96
CA UNK H 13 36.67 -84.93 19.20
C UNK H 13 36.44 -83.53 19.75
N UNK H 14 35.31 -82.93 19.40
CA UNK H 14 34.96 -81.62 19.94
C UNK H 14 34.59 -81.70 21.42
N UNK H 15 34.03 -82.83 21.84
CA UNK H 15 33.84 -83.07 23.26
C UNK H 15 35.14 -83.53 23.91
N UNK H 16 36.04 -84.11 23.12
CA UNK H 16 37.38 -84.46 23.59
C UNK H 16 38.23 -83.21 23.77
N UNK H 17 37.85 -82.14 23.09
CA UNK H 17 38.45 -80.82 23.34
C UNK H 17 38.01 -80.30 24.69
N UNK H 18 36.83 -80.73 25.15
CA UNK H 18 36.34 -80.28 26.46
C UNK H 18 37.03 -81.02 27.60
N UNK H 19 37.66 -82.16 27.31
CA UNK H 19 38.35 -82.89 28.35
C UNK H 19 39.77 -82.35 28.54
N UNK H 20 40.45 -82.03 27.45
CA UNK H 20 41.83 -81.57 27.56
C UNK H 20 41.91 -80.12 28.03
N UNK H 21 40.88 -79.33 27.74
CA UNK H 21 40.87 -77.93 28.17
C UNK H 21 40.64 -77.82 29.68
N UNK H 22 39.83 -78.70 30.23
CA UNK H 22 39.74 -78.80 31.69
C UNK H 22 41.03 -79.37 32.26
N UNK H 23 41.70 -80.24 31.49
CA UNK H 23 43.03 -80.69 31.87
C UNK H 23 44.08 -79.62 31.61
N UNK H 24 43.81 -78.71 30.67
CA UNK H 24 44.67 -77.56 30.50
C UNK H 24 44.50 -76.58 31.65
N UNK H 25 43.28 -76.47 32.19
CA UNK H 25 43.05 -75.61 33.35
C UNK H 25 43.32 -76.35 34.64
N UNK H 26 43.56 -77.67 34.57
CA UNK H 26 43.83 -78.45 35.78
C UNK H 26 45.19 -78.09 36.37
N UNK H 27 46.26 -78.28 35.60
CA UNK H 27 47.60 -77.97 36.11
C UNK H 27 47.84 -76.47 36.09
N UNK H 28 47.02 -75.72 35.36
CA UNK H 28 47.15 -74.26 35.35
C UNK H 28 46.76 -73.67 36.69
N UNK H 29 45.76 -74.26 37.35
CA UNK H 29 45.41 -73.80 38.68
C UNK H 29 46.51 -74.12 39.68
N UNK H 30 47.17 -75.27 39.49
CA UNK H 30 48.36 -75.55 40.28
C UNK H 30 49.51 -74.63 39.87
N UNK H 31 49.55 -74.24 38.59
CA UNK H 31 50.52 -73.24 38.15
C UNK H 31 50.20 -71.87 38.73
N UNK H 32 48.91 -71.59 38.93
CA UNK H 32 48.54 -70.41 39.71
C UNK H 32 48.79 -70.63 41.19
N UNK H 33 48.83 -71.89 41.62
CA UNK H 33 49.10 -72.17 43.03
C UNK H 33 50.59 -72.18 43.31
N UNK H 34 51.41 -72.63 42.36
CA UNK H 34 52.83 -72.83 42.66
C UNK H 34 53.64 -71.57 42.46
N UNK H 35 52.99 -70.40 42.37
CA UNK H 35 53.71 -69.14 42.30
C UNK H 35 54.39 -68.82 43.62
N UNK H 36 53.61 -68.89 44.71
CA UNK H 36 54.12 -68.57 46.06
C UNK H 36 53.28 -69.28 47.12
N UNK H 37 53.94 -69.72 48.20
CA UNK H 37 53.40 -70.47 49.38
C UNK H 37 53.09 -71.93 49.04
N UNK H 38 53.58 -72.40 47.88
CA UNK H 38 53.40 -73.78 47.39
C UNK H 38 54.76 -74.48 47.36
N UNK H 39 55.73 -73.91 48.11
CA UNK H 39 57.15 -74.31 48.30
C UNK H 39 57.48 -75.66 47.66
N UNK H 40 58.20 -75.61 46.51
CA UNK H 40 58.57 -76.80 45.71
C UNK H 40 57.30 -77.58 45.32
N UNK H 41 56.26 -76.87 44.88
CA UNK H 41 54.98 -77.49 44.48
C UNK H 41 55.21 -78.40 43.27
N UNK H 42 54.50 -79.54 43.24
CA UNK H 42 54.93 -80.71 42.43
C UNK H 42 54.37 -80.63 41.01
N UNK H 43 54.95 -79.73 40.19
CA UNK H 43 54.52 -79.59 38.80
C UNK H 43 55.20 -80.59 37.88
N UNK H 44 55.07 -80.33 36.59
CA UNK H 44 55.29 -81.30 35.53
C UNK H 44 56.79 -81.44 35.21
N UNK H 45 57.07 -82.02 34.04
CA UNK H 45 58.36 -82.55 33.63
C UNK H 45 59.52 -81.56 33.60
N UNK H 46 59.21 -80.28 33.40
CA UNK H 46 60.21 -79.26 33.07
C UNK H 46 61.27 -79.05 34.14
N UNK H 47 60.88 -78.57 35.32
CA UNK H 47 61.88 -78.38 36.37
C UNK H 47 61.48 -79.09 37.65
N UNK H 48 60.17 -79.12 37.95
CA UNK H 48 59.68 -79.69 39.19
C UNK H 48 59.84 -81.20 39.24
N UNK H 49 59.89 -81.87 38.08
CA UNK H 49 60.31 -83.25 38.06
C UNK H 49 61.79 -83.39 38.40
N UNK H 50 62.61 -82.46 37.90
CA UNK H 50 64.03 -82.44 38.21
C UNK H 50 64.27 -81.94 39.62
N UNK H 51 63.48 -80.94 40.06
CA UNK H 51 63.69 -80.35 41.38
C UNK H 51 63.21 -81.28 42.48
N UNK H 52 62.24 -82.15 42.19
CA UNK H 52 61.89 -83.19 43.15
C UNK H 52 62.96 -84.27 43.11
N UNK H 53 63.52 -84.52 41.93
CA UNK H 53 64.64 -85.44 41.79
C UNK H 53 65.90 -84.86 42.45
N UNK H 54 66.08 -83.54 42.36
CA UNK H 54 67.18 -82.88 43.06
C UNK H 54 66.95 -82.93 44.56
N UNK H 55 65.69 -82.83 44.98
CA UNK H 55 65.36 -83.02 46.39
C UNK H 55 65.50 -84.49 46.78
N UNK H 56 65.30 -85.38 45.81
CA UNK H 56 65.49 -86.81 46.03
C UNK H 56 66.96 -87.14 46.20
N UNK H 57 67.83 -86.31 45.60
CA UNK H 57 69.27 -86.47 45.76
C UNK H 57 69.68 -86.25 47.21
N UNK H 58 69.03 -85.27 47.85
CA UNK H 58 69.34 -84.89 49.26
C UNK H 58 68.84 -85.96 50.24
N UNK H 59 67.62 -85.73 50.75
CA UNK H 59 66.86 -86.56 51.72
C UNK H 59 67.77 -87.36 52.67
N UNK H 60 67.54 -88.67 52.69
CA UNK H 60 68.30 -89.67 53.48
C UNK H 60 68.42 -90.92 52.59
N UNK H 61 69.53 -91.67 52.71
CA UNK H 61 69.74 -92.87 51.86
C UNK H 61 69.54 -92.43 50.40
N UNK H 62 70.29 -91.39 49.98
CA UNK H 62 70.14 -90.74 48.66
C UNK H 62 70.28 -91.73 47.51
N UNK H 63 69.40 -91.51 46.50
CA UNK H 63 69.18 -92.22 45.21
C UNK H 63 68.16 -93.35 45.38
N UNK H 64 67.52 -93.73 44.28
CA UNK H 64 66.50 -94.81 44.25
C UNK H 64 66.48 -95.40 42.84
N UNK H 65 66.17 -94.56 41.84
CA UNK H 65 66.19 -95.01 40.43
C UNK H 65 67.64 -94.95 39.92
N UNK H 66 67.90 -95.61 38.78
CA UNK H 66 69.22 -95.61 38.12
C UNK H 66 69.02 -95.14 36.67
N UNK H 67 68.05 -95.75 35.98
CA UNK H 67 67.67 -95.40 34.58
C UNK H 67 68.87 -95.50 33.64
N UNK H 68 69.05 -94.46 32.81
CA UNK H 68 70.15 -94.40 31.81
C UNK H 68 70.82 -93.03 31.88
N UNK H 69 72.05 -92.92 31.33
CA UNK H 69 72.80 -91.64 31.33
C UNK H 69 72.00 -90.56 30.60
N UNK H 70 70.77 -90.88 30.22
CA UNK H 70 69.87 -89.94 29.50
C UNK H 70 69.56 -88.72 30.38
N UNK H 71 69.39 -88.95 31.69
CA UNK H 71 69.05 -87.85 32.64
C UNK H 71 70.16 -86.81 32.66
N UNK H 72 69.75 -85.53 32.76
CA UNK H 72 70.59 -84.30 32.77
C UNK H 72 71.34 -84.11 31.45
N UNK H 73 70.81 -83.25 30.58
CA UNK H 73 71.42 -82.96 29.26
C UNK H 73 72.79 -82.30 29.43
N UNK H 74 72.90 -81.34 30.36
CA UNK H 74 74.18 -80.63 30.57
C UNK H 74 74.22 -80.03 31.99
N UNK H 75 75.43 -79.68 32.45
CA UNK H 75 75.65 -78.58 33.42
C UNK H 75 74.88 -78.85 34.72
N UNK H 76 74.86 -80.11 35.17
CA UNK H 76 74.17 -80.48 36.43
C UNK H 76 75.20 -80.61 37.55
N UNK H 77 75.98 -79.56 37.81
CA UNK H 77 77.01 -79.57 38.84
C UNK H 77 76.44 -79.97 40.20
N UNK H 78 75.12 -79.89 40.36
CA UNK H 78 74.51 -80.18 41.65
C UNK H 78 74.56 -81.68 41.96
N UNK H 79 74.28 -82.51 40.96
CA UNK H 79 74.42 -83.95 41.16
C UNK H 79 75.88 -84.38 40.98
N UNK H 80 76.68 -83.55 40.30
CA UNK H 80 78.09 -83.88 40.11
C UNK H 80 78.90 -83.65 41.39
N UNK H 81 78.61 -82.55 42.09
CA UNK H 81 79.34 -82.27 43.33
C UNK H 81 78.78 -83.08 44.50
N UNK H 82 77.61 -83.70 44.31
CA UNK H 82 77.02 -84.51 45.36
C UNK H 82 77.56 -85.93 45.34
N UNK H 83 78.46 -86.25 44.41
CA UNK H 83 79.06 -87.57 44.36
C UNK H 83 80.25 -87.66 45.32
N CYS I 5 70.51 -65.27 5.42
CA CYS I 5 71.03 -64.27 6.33
C CYS I 5 72.21 -63.59 5.63
N PHE I 6 72.58 -64.14 4.47
CA PHE I 6 73.86 -63.97 3.82
C PHE I 6 74.97 -64.25 4.83
N GLU I 7 75.05 -65.50 5.26
CA GLU I 7 76.10 -65.89 6.18
C GLU I 7 77.39 -66.14 5.40
N ALA I 8 78.38 -65.29 5.65
CA ALA I 8 79.66 -65.36 4.96
C ALA I 8 80.50 -66.44 5.60
N ASP I 9 81.11 -67.28 4.77
CA ASP I 9 81.82 -68.47 5.22
C ASP I 9 83.29 -68.13 5.41
N ILE I 10 83.75 -68.19 6.65
CA ILE I 10 85.17 -68.01 6.94
C ILE I 10 85.88 -69.34 6.75
N ALA I 11 86.92 -69.35 5.93
CA ALA I 11 87.67 -70.56 5.62
C ALA I 11 88.71 -70.80 6.70
N ILE I 12 88.65 -71.98 7.33
CA ILE I 12 89.75 -72.45 8.17
C ILE I 12 90.98 -72.63 7.30
N PRO I 13 92.19 -72.31 7.77
CA PRO I 13 93.38 -72.70 7.01
C PRO I 13 93.62 -74.19 7.03
N SER I 14 94.63 -74.66 6.29
CA SER I 14 94.89 -76.08 6.16
C SER I 14 95.36 -76.65 7.49
N GLY I 15 95.33 -77.98 7.59
CA GLY I 15 95.23 -78.77 8.82
C GLY I 15 95.89 -78.31 10.09
N ILE I 16 95.12 -78.31 11.17
CA ILE I 16 95.57 -77.80 12.45
C ILE I 16 95.63 -78.97 13.42
N SER I 17 96.12 -78.69 14.64
CA SER I 17 96.18 -79.74 15.65
C SER I 17 94.78 -80.06 16.17
N ARG I 18 94.65 -81.27 16.71
CA ARG I 18 93.41 -81.68 17.36
C ARG I 18 92.97 -80.79 18.53
N PRO I 19 93.84 -80.25 19.40
CA PRO I 19 93.33 -79.24 20.34
C PRO I 19 92.96 -77.93 19.66
N ASP I 20 93.53 -77.62 18.51
CA ASP I 20 93.10 -76.43 17.78
C ASP I 20 91.77 -76.65 17.09
N ALA I 21 91.43 -77.91 16.80
CA ALA I 21 90.13 -78.20 16.23
C ALA I 21 89.03 -78.10 17.29
N ALA I 22 89.34 -78.47 18.52
CA ALA I 22 88.36 -78.37 19.60
C ALA I 22 88.24 -76.98 20.17
N ALA I 23 89.29 -76.17 20.07
CA ALA I 23 89.26 -74.82 20.65
C ALA I 23 88.33 -73.90 19.87
N LEU I 24 88.32 -74.04 18.54
CA LEU I 24 87.45 -73.19 17.73
C LEU I 24 86.00 -73.62 17.82
N GLN I 25 85.74 -74.83 18.35
CA GLN I 25 84.37 -75.26 18.57
C GLN I 25 83.70 -74.48 19.69
N ARG I 26 84.43 -74.19 20.77
CA ARG I 26 83.86 -73.45 21.88
C ARG I 26 83.77 -71.95 21.63
N CYS I 27 84.19 -71.49 20.47
CA CYS I 27 83.99 -70.10 20.08
C CYS I 27 82.66 -69.90 19.38
N GLU I 28 81.79 -70.91 19.39
CA GLU I 28 80.53 -70.84 18.68
C GLU I 28 79.57 -69.88 19.38
N GLY I 29 79.54 -68.64 18.91
CA GLY I 29 78.74 -67.60 19.53
C GLY I 29 79.51 -66.37 19.94
N ARG I 30 80.79 -66.29 19.64
CA ARG I 30 81.60 -65.12 19.93
C ARG I 30 81.36 -64.05 18.88
N VAL I 31 82.02 -62.92 19.04
CA VAL I 31 81.89 -61.80 18.13
C VAL I 31 83.14 -61.72 17.26
N VAL I 32 82.95 -61.60 15.95
CA VAL I 32 84.02 -61.61 14.97
C VAL I 32 83.85 -60.40 14.06
N PHE I 33 84.93 -59.66 13.86
CA PHE I 33 84.93 -58.43 13.06
C PHE I 33 85.56 -58.69 11.71
N LEU I 34 84.73 -58.84 10.70
CA LEU I 34 85.23 -59.10 9.36
C LEU I 34 85.43 -57.80 8.60
N PRO I 35 86.55 -57.64 7.89
CA PRO I 35 86.80 -56.37 7.21
C PRO I 35 85.95 -56.16 5.96
N THR I 36 85.80 -57.17 5.12
CA THR I 36 84.91 -57.09 3.97
C THR I 36 83.96 -58.28 4.02
N ILE I 37 82.98 -58.26 3.15
CA ILE I 37 81.79 -59.09 3.35
C ILE I 37 81.73 -60.08 2.18
N ARG I 38 82.90 -60.49 1.71
CA ARG I 38 83.00 -61.55 0.72
C ARG I 38 82.45 -62.84 1.32
N ARG I 39 81.76 -63.63 0.49
CA ARG I 39 81.21 -64.90 0.98
C ARG I 39 82.30 -65.92 1.25
N GLN I 40 83.50 -65.71 0.74
CA GLN I 40 84.67 -66.50 1.09
C GLN I 40 85.64 -65.61 1.86
N LEU I 41 86.00 -66.02 3.06
CA LEU I 41 86.92 -65.24 3.86
C LEU I 41 87.96 -66.17 4.49
N ALA I 42 89.19 -65.68 4.57
CA ALA I 42 90.23 -66.43 5.25
C ALA I 42 90.08 -66.24 6.76
N LEU I 43 90.89 -66.98 7.52
CA LEU I 43 90.83 -66.81 8.97
C LEU I 43 91.95 -65.90 9.46
N ALA I 44 93.01 -65.75 8.67
CA ALA I 44 94.05 -64.79 9.01
C ALA I 44 93.54 -63.36 8.90
N ASP I 45 92.59 -63.11 8.00
CA ASP I 45 91.96 -61.80 7.93
C ASP I 45 91.13 -61.50 9.16
N VAL I 46 90.56 -62.54 9.77
CA VAL I 46 89.78 -62.38 10.99
C VAL I 46 90.68 -62.10 12.19
N ALA I 47 91.85 -62.75 12.24
CA ALA I 47 92.69 -62.79 13.43
C ALA I 47 93.24 -61.41 13.79
N HIS I 48 93.71 -61.30 15.03
CA HIS I 48 94.17 -60.02 15.56
C HIS I 48 95.44 -59.53 14.89
N GLU I 49 96.19 -60.42 14.24
CA GLU I 49 97.34 -59.97 13.47
C GLU I 49 96.96 -59.17 12.24
N SER I 50 95.72 -59.29 11.76
CA SER I 50 95.22 -58.45 10.68
C SER I 50 94.84 -57.07 11.15
N PHE I 51 94.79 -56.84 12.46
CA PHE I 51 94.58 -55.51 13.00
C PHE I 51 95.87 -54.73 13.16
N VAL I 52 96.99 -55.31 12.75
CA VAL I 52 98.26 -54.60 12.84
C VAL I 52 98.35 -53.59 11.71
N SER I 53 98.39 -52.30 12.06
CA SER I 53 98.38 -51.26 11.05
C SER I 53 99.66 -50.44 11.08
N GLY I 54 100.03 -49.93 12.25
CA GLY I 54 101.21 -49.09 12.33
C GLY I 54 102.48 -49.83 12.69
N GLY I 55 102.60 -51.08 12.22
CA GLY I 55 103.74 -51.91 12.56
C GLY I 55 103.76 -52.39 14.00
N VAL I 56 102.70 -52.16 14.76
CA VAL I 56 102.60 -52.58 16.15
C VAL I 56 101.22 -53.18 16.38
N SER I 57 101.14 -54.08 17.33
CA SER I 57 99.85 -54.56 17.80
C SER I 57 99.13 -53.45 18.52
N PRO I 58 97.88 -53.15 18.17
CA PRO I 58 97.28 -51.88 18.61
C PRO I 58 96.85 -51.89 20.06
N ASP I 59 96.60 -50.69 20.58
CA ASP I 59 96.04 -50.53 21.91
C ASP I 59 94.53 -50.42 21.80
N THR I 60 93.86 -50.06 22.90
CA THR I 60 92.40 -49.97 22.86
C THR I 60 91.92 -48.77 22.07
N LEU I 61 92.79 -47.77 21.88
CA LEU I 61 92.48 -46.71 20.92
C LEU I 61 92.46 -47.27 19.51
N GLY I 62 93.52 -47.98 19.13
CA GLY I 62 93.58 -48.50 17.77
C GLY I 62 92.56 -49.60 17.51
N LEU I 63 92.11 -50.27 18.56
CA LEU I 63 91.05 -51.24 18.39
C LEU I 63 89.73 -50.54 18.16
N LEU I 64 89.45 -49.46 18.90
CA LEU I 64 88.17 -48.77 18.75
C LEU I 64 88.06 -48.04 17.43
N LEU I 65 89.18 -47.63 16.82
CA LEU I 65 89.12 -47.17 15.44
C LEU I 65 88.76 -48.32 14.52
N ALA I 66 89.41 -49.47 14.70
CA ALA I 66 89.16 -50.61 13.84
C ALA I 66 87.79 -51.21 14.11
N TYR I 67 87.29 -51.07 15.33
CA TYR I 67 85.99 -51.63 15.62
C TYR I 67 84.88 -50.72 15.12
N ARG I 68 85.16 -49.42 15.03
CA ARG I 68 84.25 -48.49 14.39
C ARG I 68 84.39 -48.49 12.88
N ARG I 69 85.21 -49.38 12.32
CA ARG I 69 85.44 -49.41 10.89
C ARG I 69 84.84 -50.63 10.20
N ARG I 70 85.27 -51.83 10.56
CA ARG I 70 84.84 -53.05 9.91
C ARG I 70 83.55 -53.54 10.55
N PHE I 71 83.06 -54.67 10.04
CA PHE I 71 81.65 -55.01 10.22
C PHE I 71 81.51 -56.20 11.15
N PRO I 72 80.59 -56.15 12.10
CA PRO I 72 80.50 -57.23 13.10
C PRO I 72 79.87 -58.48 12.53
N ALA I 73 80.16 -59.60 13.18
CA ALA I 73 79.65 -60.89 12.72
C ALA I 73 79.59 -61.87 13.87
N VAL I 74 78.44 -62.51 14.03
CA VAL I 74 78.25 -63.53 15.04
C VAL I 74 78.45 -64.90 14.40
N ILE I 75 79.28 -65.73 15.03
CA ILE I 75 79.51 -67.09 14.56
C ILE I 75 78.25 -67.91 14.77
N THR I 76 77.67 -68.40 13.68
CA THR I 76 76.44 -69.18 13.77
C THR I 76 76.73 -70.65 14.04
N ARG I 77 77.37 -71.33 13.09
CA ARG I 77 77.70 -72.73 13.21
C ARG I 77 79.15 -72.94 12.81
N VAL I 78 79.90 -73.66 13.63
CA VAL I 78 81.29 -73.98 13.35
C VAL I 78 81.36 -75.32 12.63
N LEU I 79 82.00 -75.34 11.47
CA LEU I 79 82.00 -76.51 10.63
C LEU I 79 83.41 -77.03 10.45
N PRO I 80 83.59 -78.26 9.99
CA PRO I 80 84.93 -78.67 9.51
C PRO I 80 85.31 -77.88 8.28
N THR I 81 86.50 -77.27 8.33
CA THR I 81 87.13 -76.41 7.31
C THR I 81 86.35 -75.14 6.99
N ARG I 82 85.28 -74.82 7.72
CA ARG I 82 84.48 -73.63 7.44
C ARG I 82 83.96 -73.06 8.74
N ILE I 83 83.85 -71.73 8.77
CA ILE I 83 83.10 -71.04 9.82
C ILE I 83 81.97 -70.28 9.16
N VAL I 84 80.74 -70.57 9.55
CA VAL I 84 79.56 -69.93 8.99
C VAL I 84 79.13 -68.85 9.97
N ALA I 85 79.35 -67.60 9.59
CA ALA I 85 79.03 -66.46 10.45
C ALA I 85 78.18 -65.45 9.70
N CYS I 86 76.98 -65.18 10.21
CA CYS I 86 76.12 -64.17 9.64
C CYS I 86 76.47 -62.82 10.26
N PRO I 87 76.74 -61.80 9.47
CA PRO I 87 77.09 -60.50 10.04
C PRO I 87 75.87 -59.82 10.63
N VAL I 88 76.12 -58.86 11.52
CA VAL I 88 75.02 -58.11 12.09
C VAL I 88 74.44 -57.12 11.11
N ASP I 89 75.26 -56.23 10.56
CA ASP I 89 74.77 -55.01 9.93
C ASP I 89 74.08 -55.22 8.59
N LEU I 90 74.07 -56.44 8.05
CA LEU I 90 73.25 -56.76 6.89
C LEU I 90 71.92 -57.31 7.35
N GLY I 91 70.89 -56.98 6.61
CA GLY I 91 69.52 -57.35 6.93
C GLY I 91 68.72 -56.14 7.36
N LEU I 92 67.40 -56.27 7.24
CA LEU I 92 66.53 -55.23 7.73
C LEU I 92 66.42 -55.34 9.25
N THR I 93 65.77 -54.34 9.85
CA THR I 93 65.70 -54.22 11.30
C THR I 93 64.91 -55.37 11.91
N HIS I 94 65.52 -55.98 12.93
CA HIS I 94 64.90 -57.01 13.77
C HIS I 94 64.54 -58.25 12.96
N ALA I 95 65.52 -58.77 12.21
CA ALA I 95 65.39 -60.03 11.50
C ALA I 95 66.61 -60.89 11.81
N GLY I 96 66.42 -62.21 11.73
CA GLY I 96 67.52 -63.12 11.97
C GLY I 96 68.00 -63.22 13.40
N THR I 97 67.19 -63.83 14.26
CA THR I 97 67.58 -64.09 15.64
C THR I 97 68.72 -65.10 15.69
N VAL I 98 69.73 -64.81 16.51
CA VAL I 98 70.89 -65.68 16.65
C VAL I 98 71.47 -65.48 18.04
N ASN I 99 72.46 -66.31 18.41
CA ASN I 99 72.92 -66.38 19.79
C ASN I 99 74.25 -65.67 20.00
N LEU I 100 74.32 -64.86 21.07
CA LEU I 100 75.59 -64.39 21.57
C LEU I 100 76.04 -65.26 22.74
N ARG I 101 77.32 -65.16 23.09
CA ARG I 101 77.85 -65.73 24.31
C ARG I 101 78.02 -64.62 25.34
N ASN I 102 77.46 -64.82 26.50
CA ASN I 102 77.45 -63.81 27.53
C ASN I 102 78.84 -63.67 28.16
N THR I 103 79.13 -62.48 28.66
CA THR I 103 80.30 -62.22 29.48
C THR I 103 79.79 -61.41 30.67
N SER I 104 80.51 -61.48 31.81
CA SER I 104 80.10 -61.44 33.22
C SER I 104 78.89 -60.60 33.63
N PRO I 105 78.63 -59.37 33.12
CA PRO I 105 77.33 -58.74 33.40
C PRO I 105 76.15 -59.49 32.78
N VAL I 106 74.95 -59.02 33.13
CA VAL I 106 73.77 -59.87 33.09
C VAL I 106 73.20 -60.01 31.67
N ASP I 107 73.14 -58.90 30.91
CA ASP I 107 72.51 -58.84 29.58
C ASP I 107 71.02 -59.24 29.65
N LEU I 108 70.24 -58.31 30.20
CA LEU I 108 68.82 -58.51 30.50
C LEU I 108 68.00 -58.60 29.21
N CYS I 109 66.66 -58.63 29.36
CA CYS I 109 65.70 -58.84 28.27
C CYS I 109 65.83 -57.83 27.13
N ASN I 110 66.30 -56.63 27.42
CA ASN I 110 66.74 -55.70 26.41
C ASN I 110 68.09 -55.16 26.87
N GLY I 111 68.55 -54.08 26.26
CA GLY I 111 69.72 -53.41 26.76
C GLY I 111 70.74 -53.02 25.73
N ASP I 112 70.59 -53.50 24.49
CA ASP I 112 71.36 -53.08 23.32
C ASP I 112 72.86 -53.28 23.50
N PRO I 113 73.37 -54.50 23.39
CA PRO I 113 74.79 -54.76 23.67
C PRO I 113 75.72 -54.07 22.70
N VAL I 114 76.94 -53.81 23.16
CA VAL I 114 78.01 -53.24 22.36
C VAL I 114 79.17 -54.21 22.33
N SER I 115 79.60 -54.57 21.14
CA SER I 115 80.80 -55.37 20.95
C SER I 115 81.99 -54.46 21.18
N LEU I 116 82.44 -54.37 22.43
CA LEU I 116 83.50 -53.47 22.83
C LEU I 116 84.76 -54.23 23.20
N VAL I 117 85.86 -53.49 23.32
CA VAL I 117 87.24 -53.98 23.29
C VAL I 117 87.57 -55.04 24.34
N PRO I 118 88.39 -56.03 24.00
CA PRO I 118 88.78 -57.06 24.98
C PRO I 118 89.63 -56.59 26.16
N PRO I 119 90.55 -55.61 26.06
CA PRO I 119 91.34 -55.30 27.27
C PRO I 119 90.61 -54.50 28.35
N VAL I 120 89.28 -54.44 28.35
CA VAL I 120 88.55 -53.77 29.42
C VAL I 120 88.52 -54.67 30.66
N PHE I 121 88.82 -55.95 30.46
CA PHE I 121 89.00 -56.92 31.52
C PHE I 121 90.43 -57.42 31.49
N GLU I 122 90.70 -58.53 32.18
CA GLU I 122 92.00 -59.20 32.23
C GLU I 122 92.63 -59.37 30.86
N GLY I 123 93.92 -59.07 30.77
CA GLY I 123 94.64 -58.87 29.53
C GLY I 123 94.65 -60.01 28.53
N GLN I 124 95.14 -61.18 28.94
CA GLN I 124 95.11 -62.32 28.02
C GLN I 124 93.95 -63.24 28.28
N ALA I 125 92.85 -62.74 28.84
CA ALA I 125 91.60 -63.49 28.81
C ALA I 125 91.10 -63.57 27.37
N THR I 126 90.40 -64.67 27.06
CA THR I 126 89.70 -65.02 25.81
C THR I 126 90.57 -64.96 24.55
N ASP I 127 91.88 -64.80 24.71
CA ASP I 127 92.75 -64.74 23.55
C ASP I 127 93.02 -66.13 22.99
N VAL I 128 92.09 -66.66 22.21
CA VAL I 128 92.21 -68.01 21.63
C VAL I 128 93.36 -68.02 20.63
N ARG I 129 94.42 -68.72 21.00
CA ARG I 129 95.62 -68.76 20.17
C ARG I 129 95.84 -70.15 19.63
N LEU I 130 95.79 -70.26 18.32
CA LEU I 130 95.99 -71.54 17.64
C LEU I 130 97.49 -71.76 17.57
N GLU I 131 97.94 -72.88 18.13
CA GLU I 131 99.36 -73.18 18.11
C GLU I 131 99.83 -73.66 16.74
N SER I 132 98.93 -74.21 15.94
CA SER I 132 99.32 -74.82 14.67
C SER I 132 99.70 -73.75 13.65
N LEU I 133 98.74 -72.93 13.26
CA LEU I 133 98.97 -71.86 12.29
C LEU I 133 99.51 -70.59 12.90
N ASP I 134 99.60 -70.52 14.24
CA ASP I 134 100.24 -69.45 15.01
C ASP I 134 99.59 -68.09 14.75
N LEU I 135 98.30 -67.98 15.08
CA LEU I 135 97.61 -66.69 15.05
C LEU I 135 96.86 -66.49 16.35
N THR I 136 96.13 -65.39 16.43
CA THR I 136 95.53 -64.96 17.69
C THR I 136 94.15 -64.39 17.40
N LEU I 137 93.17 -64.87 18.17
CA LEU I 137 91.82 -64.33 18.12
C LEU I 137 91.51 -63.70 19.46
N ARG I 138 91.31 -62.39 19.46
CA ARG I 138 90.95 -61.65 20.67
C ARG I 138 89.49 -61.24 20.53
N PHE I 139 88.62 -62.02 21.12
CA PHE I 139 87.21 -61.76 20.92
C PHE I 139 86.76 -60.62 21.81
N PRO I 140 85.88 -59.74 21.34
CA PRO I 140 85.50 -58.57 22.14
C PRO I 140 84.39 -58.92 23.12
N VAL I 141 84.04 -57.92 23.93
CA VAL I 141 83.21 -58.14 25.12
C VAL I 141 81.82 -57.53 24.92
N PRO I 142 80.76 -58.34 24.87
CA PRO I 142 79.41 -57.79 24.59
C PRO I 142 78.67 -57.21 25.79
N LEU I 143 78.83 -55.90 26.08
CA LEU I 143 78.21 -55.25 27.23
C LEU I 143 77.13 -54.24 26.81
N PRO I 144 76.11 -54.00 27.64
CA PRO I 144 75.04 -53.09 27.25
C PRO I 144 75.48 -51.64 27.33
N THR I 145 74.75 -50.76 26.62
CA THR I 145 75.17 -49.38 26.43
C THR I 145 75.34 -48.53 27.70
N PRO I 146 74.46 -48.57 28.72
CA PRO I 146 74.79 -47.76 29.91
C PRO I 146 75.90 -48.38 30.71
N LEU I 147 76.05 -49.70 30.65
CA LEU I 147 77.20 -50.33 31.24
C LEU I 147 78.42 -50.20 30.33
N ALA I 148 78.20 -49.95 29.04
CA ALA I 148 79.33 -49.68 28.16
C ALA I 148 79.89 -48.29 28.38
N ARG I 149 79.02 -47.28 28.35
CA ARG I 149 79.47 -45.90 28.37
C ARG I 149 79.99 -45.51 29.75
N GLU I 150 79.54 -46.21 30.78
CA GLU I 150 80.03 -45.96 32.14
C GLU I 150 81.47 -46.41 32.29
N ILE I 151 81.76 -47.64 31.87
CA ILE I 151 83.04 -48.28 32.17
C ILE I 151 84.15 -47.67 31.33
N VAL I 152 83.81 -47.30 30.10
CA VAL I 152 84.82 -46.73 29.20
C VAL I 152 85.17 -45.31 29.61
N ALA I 153 84.31 -44.66 30.40
CA ALA I 153 84.73 -43.43 31.04
C ALA I 153 85.36 -43.70 32.40
N ARG I 154 85.10 -44.88 32.96
CA ARG I 154 85.60 -45.20 34.29
C ARG I 154 87.09 -45.55 34.25
N LEU I 155 87.52 -46.23 33.19
CA LEU I 155 88.92 -46.61 33.10
C LEU I 155 89.81 -45.46 32.65
N VAL I 156 89.27 -44.54 31.86
CA VAL I 156 90.10 -43.41 31.43
C VAL I 156 90.28 -42.43 32.58
N ALA I 157 89.39 -42.46 33.57
CA ALA I 157 89.57 -41.62 34.74
C ALA I 157 90.70 -42.14 35.61
N ARG I 158 90.82 -43.46 35.70
CA ARG I 158 91.82 -44.09 36.56
C ARG I 158 93.24 -43.79 36.09
N GLY I 159 93.43 -43.67 34.78
CA GLY I 159 94.77 -43.41 34.26
C GLY I 159 95.28 -42.04 34.63
N ILE I 160 94.37 -41.10 34.93
CA ILE I 160 94.77 -39.75 35.30
C ILE I 160 95.42 -39.77 36.68
N ARG I 161 94.90 -40.59 37.58
CA ARG I 161 95.47 -40.73 38.90
C ARG I 161 96.81 -41.43 38.85
N ASP I 162 97.02 -42.25 37.82
CA ASP I 162 98.33 -42.88 37.64
C ASP I 162 99.25 -42.01 36.80
N LEU I 163 98.70 -41.06 36.03
CA LEU I 163 99.54 -40.23 35.18
C LEU I 163 100.33 -39.23 36.01
N ASN I 164 99.72 -38.74 37.10
CA ASN I 164 100.46 -37.97 38.10
C ASN I 164 99.82 -38.26 39.43
N PRO I 165 100.41 -39.13 40.27
CA PRO I 165 99.76 -39.51 41.52
C PRO I 165 99.97 -38.52 42.65
N ASP I 166 99.49 -38.88 43.84
CA ASP I 166 99.78 -38.09 45.03
C ASP I 166 101.19 -38.38 45.51
N PRO I 174 89.38 -41.87 46.38
CA PRO I 174 88.45 -43.00 46.47
C PRO I 174 88.68 -44.00 45.34
N ASP I 175 88.47 -45.29 45.61
CA ASP I 175 88.63 -46.31 44.58
C ASP I 175 87.45 -46.22 43.61
N LEU I 176 87.75 -45.88 42.36
CA LEU I 176 86.73 -45.64 41.34
C LEU I 176 86.05 -46.93 40.88
N ASN I 177 86.64 -48.08 41.13
CA ASN I 177 86.33 -49.28 40.37
C ASN I 177 85.26 -50.14 41.04
N VAL I 178 84.33 -49.55 41.76
CA VAL I 178 83.31 -50.33 42.45
C VAL I 178 82.21 -50.71 41.47
N LEU I 179 81.44 -49.70 41.04
CA LEU I 179 80.40 -49.78 40.01
C LEU I 179 79.40 -50.92 40.27
N TYR I 180 78.62 -50.76 41.33
CA TYR I 180 77.67 -51.81 41.69
C TYR I 180 76.49 -51.85 40.73
N TYR I 181 76.16 -53.05 40.26
CA TYR I 181 75.08 -53.30 39.31
C TYR I 181 73.94 -53.90 40.11
N ASN I 182 72.87 -54.35 39.44
CA ASN I 182 71.61 -54.75 40.08
C ASN I 182 71.89 -55.98 40.95
N GLY I 183 72.55 -57.01 40.43
CA GLY I 183 72.92 -58.13 41.26
C GLY I 183 74.42 -58.28 41.37
N ALA I 184 75.16 -57.42 40.68
CA ALA I 184 76.60 -57.64 40.54
C ALA I 184 77.41 -56.65 41.36
N ARG I 185 78.38 -57.19 42.09
CA ARG I 185 79.44 -56.40 42.71
C ARG I 185 80.67 -56.51 41.82
N LEU I 186 80.75 -55.60 40.84
CA LEU I 186 81.66 -55.74 39.71
C LEU I 186 83.10 -55.55 40.14
N SER I 187 83.81 -56.65 40.33
CA SER I 187 85.24 -56.59 40.58
C SER I 187 85.96 -56.19 39.30
N LEU I 188 86.26 -54.90 39.19
CA LEU I 188 87.00 -54.38 38.04
C LEU I 188 88.50 -54.53 38.25
N VAL I 189 88.94 -54.45 39.51
CA VAL I 189 90.37 -54.46 39.81
C VAL I 189 90.93 -55.87 39.70
N ALA I 190 91.73 -56.09 38.67
CA ALA I 190 92.66 -57.21 38.65
C ALA I 190 94.07 -56.77 39.03
N ASP I 191 94.27 -56.45 40.32
CA ASP I 191 95.41 -55.69 40.83
C ASP I 191 96.80 -56.29 40.59
N VAL I 192 96.89 -57.61 40.55
CA VAL I 192 98.18 -58.29 40.65
C VAL I 192 99.07 -58.04 39.43
N GLN I 193 98.57 -58.25 38.22
CA GLN I 193 99.39 -58.16 37.01
C GLN I 193 98.70 -57.43 35.88
N GLN I 194 97.39 -57.18 35.99
CA GLN I 194 96.67 -56.60 34.86
C GLN I 194 96.70 -55.08 34.91
N LEU I 195 96.64 -54.49 36.11
CA LEU I 195 96.63 -53.02 36.21
C LEU I 195 97.97 -52.42 35.82
N ALA I 196 99.04 -53.21 35.86
CA ALA I 196 100.28 -52.77 35.23
C ALA I 196 100.18 -52.88 33.71
N SER I 197 99.32 -53.76 33.20
CA SER I 197 99.24 -53.95 31.75
C SER I 197 98.00 -53.28 31.14
N VAL I 198 96.97 -52.99 31.93
CA VAL I 198 95.80 -52.30 31.38
C VAL I 198 96.05 -50.80 31.37
N ASN I 199 96.75 -50.28 32.38
CA ASN I 199 97.10 -48.87 32.39
C ASN I 199 98.08 -48.51 31.27
N THR I 200 98.96 -49.43 30.87
CA THR I 200 99.91 -49.09 29.82
C THR I 200 99.29 -49.17 28.43
N GLU I 201 98.06 -49.69 28.32
CA GLU I 201 97.40 -49.77 27.03
C GLU I 201 96.44 -48.62 26.81
N LEU I 202 95.95 -48.01 27.88
CA LEU I 202 95.19 -46.79 27.71
C LEU I 202 96.08 -45.55 27.66
N ARG I 203 97.41 -45.73 27.61
CA ARG I 203 98.35 -44.64 27.36
C ARG I 203 98.03 -43.94 26.04
N SER I 204 97.55 -44.69 25.05
CA SER I 204 97.05 -44.12 23.80
C SER I 204 95.74 -43.37 23.97
N LEU I 205 94.82 -43.88 24.77
CA LEU I 205 93.48 -43.27 24.81
C LEU I 205 93.39 -42.16 25.82
N VAL I 206 94.19 -42.22 26.90
CA VAL I 206 94.15 -41.20 27.93
C VAL I 206 94.64 -39.86 27.38
N LEU I 207 95.76 -39.88 26.67
CA LEU I 207 96.42 -38.63 26.27
C LEU I 207 95.59 -37.89 25.23
N ASN I 208 94.76 -38.59 24.48
CA ASN I 208 93.71 -37.92 23.72
C ASN I 208 92.70 -37.26 24.64
N MET I 209 92.25 -38.00 25.66
CA MET I 209 91.13 -37.55 26.49
C MET I 209 91.56 -36.39 27.37
N VAL I 210 92.85 -36.36 27.75
CA VAL I 210 93.36 -35.21 28.49
C VAL I 210 93.43 -34.01 27.57
N TYR I 211 93.99 -34.20 26.37
CA TYR I 211 94.27 -33.09 25.47
C TYR I 211 93.00 -32.40 25.01
N SER I 212 92.05 -33.18 24.48
CA SER I 212 90.87 -32.59 23.87
C SER I 212 89.95 -31.93 24.90
N ILE I 213 90.11 -32.27 26.18
CA ILE I 213 89.51 -31.47 27.25
C ILE I 213 90.31 -30.19 27.47
N THR I 214 91.63 -30.32 27.63
CA THR I 214 92.46 -29.15 27.89
C THR I 214 92.58 -28.26 26.66
N GLU I 215 92.40 -28.84 25.47
CA GLU I 215 92.29 -28.00 24.28
C GLU I 215 90.86 -27.48 24.12
N GLY I 216 89.89 -28.15 24.72
CA GLY I 216 88.52 -27.66 24.71
C GLY I 216 88.24 -26.56 25.70
N THR I 217 88.72 -26.71 26.95
CA THR I 217 88.47 -25.70 27.96
C THR I 217 89.28 -24.44 27.70
N THR I 218 90.57 -24.60 27.44
CA THR I 218 91.44 -23.43 27.29
C THR I 218 91.17 -22.66 26.02
N LEU I 219 90.49 -23.26 25.05
CA LEU I 219 90.04 -22.48 23.91
C LEU I 219 88.92 -21.54 24.29
N ILE I 220 87.91 -22.01 25.02
CA ILE I 220 86.80 -21.13 25.36
C ILE I 220 87.19 -20.19 26.50
N LEU I 221 88.23 -20.53 27.27
CA LEU I 221 88.70 -19.61 28.29
C LEU I 221 89.43 -18.42 27.69
N THR I 222 89.87 -18.54 26.44
CA THR I 222 90.38 -17.37 25.74
C THR I 222 89.50 -16.99 24.56
N LEU I 223 88.34 -17.60 24.43
CA LEU I 223 87.41 -17.18 23.41
C LEU I 223 86.44 -16.12 23.93
N ILE I 224 85.75 -16.41 25.03
CA ILE I 224 84.75 -15.54 25.64
C ILE I 224 85.31 -14.20 26.13
N PRO I 225 86.53 -14.10 26.69
CA PRO I 225 87.13 -12.75 26.83
C PRO I 225 87.38 -12.05 25.50
N ARG I 226 87.70 -12.76 24.42
CA ARG I 226 87.93 -12.15 23.12
C ARG I 226 86.66 -12.07 22.29
N LEU I 227 85.59 -12.68 22.77
CA LEU I 227 84.29 -12.55 22.12
C LEU I 227 83.45 -11.70 23.06
N LEU I 228 82.19 -11.49 22.71
CA LEU I 228 81.21 -10.65 23.39
C LEU I 228 81.72 -9.22 23.48
N ALA I 229 82.50 -8.76 22.51
CA ALA I 229 83.17 -7.47 22.59
C ALA I 229 83.26 -6.79 21.22
N LEU I 230 82.41 -7.17 20.29
CA LEU I 230 82.47 -6.61 18.94
C LEU I 230 81.10 -6.63 18.26
N GLY I 235 76.27 -9.89 19.91
CA GLY I 235 74.89 -9.46 19.82
C GLY I 235 73.95 -10.41 20.53
N TYR I 236 73.31 -11.29 19.75
CA TYR I 236 72.44 -12.31 20.34
C TYR I 236 73.25 -13.43 20.95
N VAL I 237 74.55 -13.52 20.64
CA VAL I 237 75.43 -14.48 21.29
C VAL I 237 75.67 -14.06 22.73
N ASN I 238 75.86 -12.75 22.95
CA ASN I 238 76.13 -12.24 24.29
C ASN I 238 74.91 -12.33 25.18
N ALA I 239 73.73 -12.16 24.59
CA ALA I 239 72.49 -12.14 25.37
C ALA I 239 72.13 -13.53 25.87
N LEU I 240 72.19 -14.53 24.97
CA LEU I 240 71.62 -15.84 25.29
C LEU I 240 72.60 -16.73 26.03
N LEU I 241 73.89 -16.64 25.71
CA LEU I 241 74.89 -17.51 26.34
C LEU I 241 75.11 -17.12 27.80
N GLN I 242 75.19 -15.81 28.07
CA GLN I 242 75.31 -15.36 29.45
C GLN I 242 74.00 -15.50 30.23
N MET I 243 72.87 -15.67 29.52
CA MET I 243 71.59 -15.90 30.16
C MET I 243 71.55 -17.28 30.79
N GLN I 244 72.28 -18.24 30.21
CA GLN I 244 72.36 -19.58 30.77
C GLN I 244 73.50 -19.74 31.77
N SER I 245 74.60 -18.99 31.61
CA SER I 245 75.75 -19.11 32.48
C SER I 245 75.79 -18.05 33.57
N VAL I 246 74.63 -17.66 34.10
CA VAL I 246 74.59 -16.68 35.19
C VAL I 246 75.10 -17.32 36.46
N THR I 247 76.35 -17.00 36.82
CA THR I 247 77.06 -17.45 38.02
C THR I 247 77.18 -18.97 38.11
N ARG I 248 77.27 -19.67 36.98
CA ARG I 248 77.60 -21.09 37.00
C ARG I 248 78.94 -21.30 36.32
N GLU I 249 79.07 -20.80 35.09
CA GLU I 249 80.35 -20.85 34.40
C GLU I 249 81.16 -19.60 34.68
N ALA I 250 80.48 -18.50 34.99
CA ALA I 250 81.18 -17.27 35.36
C ALA I 250 81.86 -17.42 36.72
N ALA I 251 81.37 -18.33 37.56
CA ALA I 251 82.01 -18.59 38.84
C ALA I 251 83.33 -19.33 38.64
N GLN I 252 83.39 -20.21 37.63
CA GLN I 252 84.63 -20.91 37.33
C GLN I 252 85.44 -20.17 36.27
N LEU I 253 84.88 -19.11 35.68
CA LEU I 253 85.66 -18.26 34.78
C LEU I 253 86.68 -17.46 35.57
N ILE I 254 86.25 -16.87 36.69
CA ILE I 254 87.18 -16.14 37.55
C ILE I 254 88.08 -17.11 38.30
N HIS I 255 87.61 -18.36 38.48
CA HIS I 255 88.45 -19.35 39.16
C HIS I 255 89.55 -19.87 38.26
N PRO I 256 89.31 -20.16 36.98
CA PRO I 256 90.41 -20.66 36.13
C PRO I 256 91.37 -19.57 35.71
N GLU I 257 90.87 -18.37 35.41
CA GLU I 257 91.72 -17.29 34.92
C GLU I 257 92.68 -16.79 35.99
N ALA I 258 92.24 -16.81 37.25
CA ALA I 258 93.14 -16.48 38.36
C ALA I 258 94.04 -17.66 38.71
N PRO I 259 93.52 -18.87 38.97
CA PRO I 259 94.40 -19.98 39.34
C PRO I 259 94.97 -20.75 38.15
N MET I 260 95.43 -20.02 37.14
CA MET I 260 96.17 -20.54 35.98
C MET I 260 96.73 -19.33 35.24
N LEU I 261 97.20 -19.57 34.02
CA LEU I 261 97.63 -18.48 33.14
C LEU I 261 96.41 -17.87 32.45
N MET I 262 96.65 -17.04 31.45
CA MET I 262 95.57 -16.37 30.75
C MET I 262 94.86 -17.31 29.79
N ARG I 267 95.59 -13.05 20.59
CA ARG I 267 96.07 -13.74 19.40
C ARG I 267 94.95 -14.52 18.72
N ARG I 268 94.20 -13.83 17.86
CA ARG I 268 93.05 -14.46 17.19
C ARG I 268 93.50 -15.51 16.17
N LEU I 269 94.58 -15.22 15.44
CA LEU I 269 94.99 -16.10 14.35
C LEU I 269 95.57 -17.44 14.82
N PRO I 270 96.36 -17.54 15.92
CA PRO I 270 96.60 -18.88 16.47
C PRO I 270 95.34 -19.53 17.01
N LEU I 271 94.41 -18.74 17.52
CA LEU I 271 93.20 -19.29 18.14
C LEU I 271 92.26 -19.86 17.09
N TYR I 272 92.07 -19.12 15.99
CA TYR I 272 91.14 -19.56 14.96
C TYR I 272 91.69 -20.77 14.20
N GLU I 273 93.01 -20.85 14.07
CA GLU I 273 93.62 -22.05 13.52
C GLU I 273 93.59 -23.20 14.52
N ALA I 274 93.41 -22.91 15.81
CA ALA I 274 93.23 -23.97 16.79
C ALA I 274 91.76 -24.29 17.01
N LEU I 275 90.86 -23.46 16.47
CA LEU I 275 89.44 -23.77 16.56
C LEU I 275 89.09 -24.98 15.72
N VAL I 276 89.69 -25.09 14.53
CA VAL I 276 89.38 -26.20 13.66
C VAL I 276 90.01 -27.48 14.17
N ALA I 277 91.23 -27.36 14.71
CA ALA I 277 92.03 -28.53 15.05
C ALA I 277 91.46 -29.30 16.23
N TRP I 278 90.90 -28.60 17.20
CA TRP I 278 90.29 -29.29 18.33
C TRP I 278 88.98 -29.97 17.94
N LEU I 279 88.18 -29.29 17.11
CA LEU I 279 86.81 -29.71 16.87
C LEU I 279 86.74 -31.02 16.08
N ALA I 280 87.70 -31.24 15.19
CA ALA I 280 87.77 -32.52 14.49
C ALA I 280 88.25 -33.62 15.43
N HIS I 281 89.26 -33.31 16.24
CA HIS I 281 89.80 -34.27 17.19
C HIS I 281 88.81 -34.59 18.29
N ALA I 282 88.07 -33.57 18.76
CA ALA I 282 86.98 -33.82 19.69
C ALA I 282 85.83 -34.55 19.01
N GLY I 283 85.68 -34.34 17.71
CA GLY I 283 84.66 -35.06 16.96
C GLY I 283 84.97 -36.52 16.76
N GLN I 284 86.26 -36.88 16.67
CA GLN I 284 86.63 -38.27 16.51
C GLN I 284 86.35 -39.09 17.76
N LEU I 285 86.52 -38.50 18.94
CA LEU I 285 86.28 -39.22 20.18
C LEU I 285 84.81 -39.54 20.37
N GLY I 286 83.92 -38.78 19.73
CA GLY I 286 82.52 -39.13 19.74
C GLY I 286 82.23 -40.39 18.95
N ASP I 287 83.04 -40.67 17.92
CA ASP I 287 82.89 -41.91 17.17
C ASP I 287 83.77 -43.01 17.75
N ILE I 288 84.95 -42.65 18.27
CA ILE I 288 85.83 -43.64 18.88
C ILE I 288 85.23 -44.13 20.20
N LEU I 289 84.98 -43.20 21.12
CA LEU I 289 84.30 -43.60 22.34
C LEU I 289 82.80 -43.62 22.12
N ALA I 290 82.08 -43.71 23.24
CA ALA I 290 80.65 -43.61 23.45
C ALA I 290 79.89 -44.83 22.97
N LEU I 291 80.53 -45.77 22.26
CA LEU I 291 80.12 -47.17 22.12
C LEU I 291 78.70 -47.36 21.63
N ALA I 292 78.47 -47.06 20.36
CA ALA I 292 77.14 -47.14 19.76
C ALA I 292 76.59 -48.56 19.89
N PRO I 293 75.29 -48.71 20.15
CA PRO I 293 74.71 -50.06 20.24
C PRO I 293 74.77 -50.74 18.88
N ALA I 294 75.49 -51.85 18.84
CA ALA I 294 75.50 -52.60 17.61
C ALA I 294 74.19 -53.35 17.42
N VAL I 295 73.85 -54.24 18.36
CA VAL I 295 72.75 -55.16 18.20
C VAL I 295 71.83 -54.97 19.41
N ARG I 296 70.69 -55.65 19.42
CA ARG I 296 69.81 -55.66 20.58
C ARG I 296 69.53 -57.09 21.04
N VAL I 297 69.28 -57.24 22.33
CA VAL I 297 68.69 -58.45 22.89
C VAL I 297 67.18 -58.23 22.93
N CYS I 298 66.42 -59.17 22.39
CA CYS I 298 64.98 -59.16 22.61
C CYS I 298 64.50 -60.60 22.58
N THR I 299 64.16 -61.14 23.75
CA THR I 299 64.02 -62.57 23.95
C THR I 299 62.58 -63.02 23.74
N PHE I 300 62.42 -64.32 23.45
CA PHE I 300 61.11 -64.94 23.42
C PHE I 300 61.22 -66.40 23.84
N ASP I 301 60.24 -66.84 24.64
CA ASP I 301 60.23 -68.14 25.33
C ASP I 301 61.51 -68.34 26.16
N GLY I 302 62.00 -67.24 26.73
CA GLY I 302 63.24 -67.27 27.46
C GLY I 302 63.07 -66.69 28.84
N ALA I 303 64.04 -67.01 29.71
CA ALA I 303 63.98 -66.57 31.09
C ALA I 303 64.31 -65.08 31.22
N ALA I 304 64.90 -64.48 30.18
CA ALA I 304 65.14 -63.05 29.94
C ALA I 304 66.22 -62.46 30.83
N VAL I 305 66.76 -63.21 31.79
CA VAL I 305 67.88 -62.77 32.60
C VAL I 305 69.01 -63.77 32.39
N VAL I 306 70.03 -63.37 31.65
CA VAL I 306 70.96 -64.30 31.03
C VAL I 306 72.13 -64.54 31.98
N GLN I 307 72.44 -65.81 32.21
CA GLN I 307 73.61 -66.14 33.03
C GLN I 307 74.88 -65.86 32.25
N SER I 308 75.98 -65.64 32.98
CA SER I 308 77.27 -65.43 32.33
C SER I 308 77.76 -66.72 31.69
N GLY I 309 77.95 -66.67 30.38
CA GLY I 309 78.26 -67.89 29.65
C GLY I 309 77.05 -68.61 29.13
N ASP I 310 75.92 -67.93 28.99
CA ASP I 310 74.70 -68.53 28.47
C ASP I 310 74.33 -67.85 27.15
N MET I 311 73.68 -68.60 26.27
CA MET I 311 73.33 -68.05 24.96
C MET I 311 72.09 -67.17 25.08
N ALA I 312 72.14 -66.03 24.38
CA ALA I 312 71.03 -65.09 24.40
C ALA I 312 70.55 -64.80 22.98
N PRO I 313 69.25 -64.87 22.73
CA PRO I 313 68.72 -64.44 21.42
C PRO I 313 68.90 -62.95 21.21
N VAL I 314 69.51 -62.60 20.09
CA VAL I 314 70.03 -61.25 19.86
C VAL I 314 69.68 -60.85 18.43
N ILE I 315 69.00 -59.69 18.28
CA ILE I 315 68.47 -59.25 17.00
C ILE I 315 68.90 -57.83 16.66
N ARG I 316 68.75 -57.50 15.38
CA ARG I 316 69.76 -56.73 14.64
C ARG I 316 69.86 -55.28 15.06
N TYR I 317 68.82 -54.49 14.88
CA TYR I 317 68.97 -53.05 14.92
C TYR I 317 68.52 -52.48 16.26
N PRO I 318 69.18 -51.43 16.77
CA PRO I 318 68.69 -50.65 17.90
C PRO I 318 67.33 -50.01 17.63
N CYS J 5 61.29 -49.67 2.35
CA CYS J 5 61.84 -48.47 1.71
C CYS J 5 60.94 -47.26 1.91
N PHE J 6 59.62 -47.51 1.90
CA PHE J 6 58.58 -46.49 1.82
C PHE J 6 58.84 -45.60 0.60
N GLU J 7 58.70 -46.20 -0.59
CA GLU J 7 59.06 -45.55 -1.84
C GLU J 7 58.26 -44.29 -2.10
N ALA J 8 58.97 -43.17 -2.24
CA ALA J 8 58.37 -41.85 -2.36
C ALA J 8 58.45 -41.37 -3.80
N ASP J 9 57.29 -41.16 -4.41
CA ASP J 9 57.21 -40.75 -5.80
C ASP J 9 57.18 -39.24 -5.94
N ILE J 10 58.05 -38.72 -6.80
CA ILE J 10 58.17 -37.29 -7.03
C ILE J 10 57.68 -37.00 -8.44
N ALA J 11 56.53 -36.34 -8.53
CA ALA J 11 55.83 -36.15 -9.80
C ALA J 11 56.61 -35.19 -10.69
N ILE J 12 56.84 -35.60 -11.94
CA ILE J 12 57.52 -34.69 -12.86
C ILE J 12 56.48 -33.90 -13.63
N PRO J 13 56.31 -32.60 -13.34
CA PRO J 13 55.01 -31.94 -13.59
C PRO J 13 54.62 -31.75 -15.05
N SER J 14 55.38 -31.01 -15.84
CA SER J 14 54.78 -30.41 -17.03
C SER J 14 55.68 -30.45 -18.26
N GLY J 15 55.12 -30.90 -19.38
CA GLY J 15 55.87 -31.19 -20.58
C GLY J 15 56.94 -32.22 -20.24
N ILE J 16 58.09 -32.13 -20.92
CA ILE J 16 59.46 -32.08 -20.36
C ILE J 16 60.37 -31.84 -21.57
N SER J 17 61.40 -30.99 -21.42
CA SER J 17 62.38 -30.79 -22.48
C SER J 17 63.17 -32.08 -22.66
N ARG J 18 63.54 -32.35 -23.91
CA ARG J 18 64.24 -33.60 -24.22
C ARG J 18 65.61 -33.74 -23.56
N PRO J 19 66.40 -32.67 -23.29
CA PRO J 19 67.52 -32.85 -22.35
C PRO J 19 67.10 -32.85 -20.89
N ASP J 20 65.95 -32.27 -20.57
CA ASP J 20 65.50 -32.22 -19.17
C ASP J 20 65.04 -33.58 -18.68
N ALA J 21 64.61 -34.46 -19.60
CA ALA J 21 64.32 -35.83 -19.21
C ALA J 21 65.61 -36.61 -19.00
N ALA J 22 66.65 -36.28 -19.75
CA ALA J 22 67.96 -36.90 -19.56
C ALA J 22 68.68 -36.34 -18.35
N ALA J 23 68.24 -35.18 -17.84
CA ALA J 23 68.81 -34.65 -16.61
C ALA J 23 68.54 -35.57 -15.43
N LEU J 24 67.36 -36.18 -15.40
CA LEU J 24 67.02 -37.11 -14.34
C LEU J 24 67.66 -38.47 -14.56
N GLN J 25 68.09 -38.77 -15.79
CA GLN J 25 68.64 -40.09 -16.09
C GLN J 25 70.02 -40.27 -15.48
N ARG J 26 70.75 -39.19 -15.27
CA ARG J 26 72.08 -39.27 -14.68
C ARG J 26 72.09 -39.03 -13.18
N CYS J 27 70.92 -38.92 -12.54
CA CYS J 27 70.83 -38.66 -11.12
C CYS J 27 70.38 -39.88 -10.32
N GLU J 28 70.38 -41.07 -10.91
CA GLU J 28 70.05 -42.27 -10.17
C GLU J 28 71.16 -42.62 -9.19
N GLY J 29 70.91 -42.37 -7.92
CA GLY J 29 71.92 -42.54 -6.91
C GLY J 29 72.38 -41.26 -6.24
N ARG J 30 71.78 -40.12 -6.57
CA ARG J 30 72.01 -38.90 -5.83
C ARG J 30 71.06 -38.82 -4.63
N VAL J 31 71.09 -37.70 -3.92
CA VAL J 31 70.35 -37.58 -2.68
C VAL J 31 69.35 -36.43 -2.77
N VAL J 32 68.09 -36.76 -2.53
CA VAL J 32 66.99 -35.80 -2.49
C VAL J 32 66.71 -35.42 -1.05
N PHE J 33 66.74 -34.12 -0.77
CA PHE J 33 66.26 -33.56 0.48
C PHE J 33 64.77 -33.27 0.34
N LEU J 34 63.95 -34.09 0.98
CA LEU J 34 62.53 -33.81 0.89
C LEU J 34 61.96 -33.47 2.27
N PRO J 35 61.21 -32.34 2.40
CA PRO J 35 60.89 -31.77 3.72
C PRO J 35 59.65 -32.34 4.41
N THR J 36 59.48 -33.65 4.30
CA THR J 36 58.32 -34.37 4.79
C THR J 36 58.67 -35.85 4.86
N ILE J 37 57.67 -36.69 5.08
CA ILE J 37 57.73 -38.09 4.71
C ILE J 37 56.47 -38.34 3.88
N ARG J 38 56.64 -38.38 2.57
CA ARG J 38 55.50 -38.51 1.67
C ARG J 38 55.53 -39.84 0.96
N ARG J 39 54.36 -40.26 0.51
CA ARG J 39 54.22 -41.26 -0.54
C ARG J 39 53.94 -40.62 -1.89
N GLN J 40 53.69 -39.31 -1.94
CA GLN J 40 53.49 -38.56 -3.17
C GLN J 40 53.94 -37.14 -2.95
N LEU J 41 54.70 -36.60 -3.90
CA LEU J 41 55.29 -35.27 -3.75
C LEU J 41 55.48 -34.67 -5.14
N ALA J 42 55.39 -33.35 -5.20
CA ALA J 42 55.72 -32.59 -6.40
C ALA J 42 57.15 -32.11 -6.32
N LEU J 43 57.72 -31.76 -7.48
CA LEU J 43 59.17 -31.62 -7.57
C LEU J 43 59.65 -30.27 -7.03
N ALA J 44 58.80 -29.25 -7.06
CA ALA J 44 59.22 -27.92 -6.64
C ALA J 44 59.46 -27.81 -5.15
N ASP J 45 58.88 -28.71 -4.34
CA ASP J 45 59.16 -28.70 -2.91
C ASP J 45 60.53 -29.28 -2.61
N VAL J 46 61.13 -29.99 -3.57
CA VAL J 46 62.47 -30.52 -3.41
C VAL J 46 63.52 -29.48 -3.79
N ALA J 47 63.23 -28.67 -4.81
CA ALA J 47 64.25 -27.88 -5.50
C ALA J 47 64.78 -26.74 -4.65
N HIS J 48 65.83 -26.11 -5.18
CA HIS J 48 66.53 -25.05 -4.45
C HIS J 48 65.69 -23.79 -4.31
N GLU J 49 64.64 -23.63 -5.11
CA GLU J 49 63.65 -22.60 -4.81
C GLU J 49 62.91 -22.88 -3.50
N SER J 50 62.74 -24.15 -3.12
CA SER J 50 62.12 -24.46 -1.85
C SER J 50 63.09 -24.32 -0.69
N PHE J 51 64.39 -24.36 -0.97
CA PHE J 51 65.37 -24.02 0.05
C PHE J 51 65.28 -22.56 0.42
N VAL J 52 64.83 -21.72 -0.51
CA VAL J 52 64.80 -20.28 -0.31
C VAL J 52 63.78 -19.94 0.75
N SER J 53 64.24 -19.35 1.85
CA SER J 53 63.38 -18.90 2.93
C SER J 53 62.77 -17.54 2.56
N GLY J 54 62.25 -16.84 3.55
CA GLY J 54 61.67 -15.53 3.33
C GLY J 54 62.68 -14.50 2.86
N GLY J 55 62.57 -14.12 1.58
CA GLY J 55 63.39 -13.07 1.01
C GLY J 55 64.68 -13.51 0.38
N VAL J 56 65.50 -14.30 1.07
CA VAL J 56 66.84 -14.63 0.58
C VAL J 56 66.97 -16.14 0.51
N SER J 57 67.92 -16.59 -0.29
CA SER J 57 68.36 -17.98 -0.25
C SER J 57 69.40 -18.13 0.84
N PRO J 58 69.49 -19.30 1.49
CA PRO J 58 70.47 -19.46 2.56
C PRO J 58 71.89 -19.57 2.03
N ASP J 59 72.84 -19.13 2.86
CA ASP J 59 74.25 -19.30 2.55
C ASP J 59 74.69 -20.70 2.97
N THR J 60 75.98 -20.99 2.82
CA THR J 60 76.51 -22.34 2.98
C THR J 60 76.42 -22.85 4.41
N LEU J 61 76.21 -21.97 5.39
CA LEU J 61 75.78 -22.41 6.71
C LEU J 61 74.29 -22.62 6.80
N GLY J 62 73.49 -21.76 6.17
CA GLY J 62 72.05 -21.89 6.27
C GLY J 62 71.51 -23.05 5.46
N LEU J 63 72.27 -23.50 4.47
CA LEU J 63 71.88 -24.68 3.70
C LEU J 63 71.88 -25.91 4.58
N LEU J 64 72.90 -26.05 5.43
CA LEU J 64 72.91 -27.09 6.45
C LEU J 64 71.76 -26.91 7.42
N LEU J 65 71.43 -25.66 7.74
CA LEU J 65 70.29 -25.37 8.58
C LEU J 65 68.98 -25.72 7.88
N ALA J 66 68.93 -25.54 6.56
CA ALA J 66 67.81 -26.05 5.79
C ALA J 66 67.85 -27.57 5.72
N TYR J 67 69.04 -28.14 5.55
CA TYR J 67 69.18 -29.59 5.44
C TYR J 67 68.92 -30.30 6.76
N ARG J 68 69.02 -29.58 7.89
CA ARG J 68 68.85 -30.22 9.19
C ARG J 68 67.43 -30.70 9.40
N ARG J 69 66.46 -29.82 9.25
CA ARG J 69 65.08 -30.24 9.31
C ARG J 69 64.52 -30.50 7.91
N ARG J 70 65.28 -31.25 7.13
CA ARG J 70 64.77 -31.73 5.85
C ARG J 70 65.36 -33.10 5.56
N PHE J 71 64.51 -34.06 5.25
CA PHE J 71 64.84 -35.47 5.35
C PHE J 71 65.52 -35.98 4.08
N PRO J 72 66.69 -36.59 4.19
CA PRO J 72 67.38 -37.06 2.99
C PRO J 72 66.73 -38.33 2.44
N ALA J 73 66.77 -38.45 1.11
CA ALA J 73 66.31 -39.63 0.40
C ALA J 73 67.17 -39.81 -0.83
N VAL J 74 67.30 -41.05 -1.29
CA VAL J 74 68.17 -41.38 -2.41
C VAL J 74 67.32 -41.84 -3.59
N ILE J 75 67.61 -41.29 -4.78
CA ILE J 75 66.97 -41.76 -6.00
C ILE J 75 67.33 -43.22 -6.24
N THR J 76 66.31 -44.07 -6.37
CA THR J 76 66.54 -45.48 -6.61
C THR J 76 66.26 -45.87 -8.05
N ARG J 77 65.13 -45.41 -8.60
CA ARG J 77 64.80 -45.66 -9.99
C ARG J 77 64.43 -44.35 -10.64
N VAL J 78 64.59 -44.28 -11.96
CA VAL J 78 64.31 -43.06 -12.71
C VAL J 78 63.24 -43.36 -13.74
N LEU J 79 62.10 -42.72 -13.61
CA LEU J 79 61.01 -42.75 -14.57
C LEU J 79 60.74 -41.34 -15.06
N PRO J 80 60.16 -41.18 -16.26
CA PRO J 80 59.96 -39.81 -16.78
C PRO J 80 58.90 -39.00 -16.04
N THR J 81 57.98 -39.66 -15.33
CA THR J 81 56.92 -38.97 -14.60
C THR J 81 57.13 -39.03 -13.09
N ARG J 82 57.90 -39.98 -12.59
CA ARG J 82 58.14 -40.10 -11.16
C ARG J 82 59.60 -40.38 -10.92
N ILE J 83 60.09 -39.94 -9.77
CA ILE J 83 61.43 -40.31 -9.30
C ILE J 83 61.26 -41.03 -7.97
N VAL J 84 61.36 -42.36 -8.02
CA VAL J 84 61.15 -43.22 -6.86
C VAL J 84 62.36 -43.08 -5.94
N ALA J 85 62.14 -42.52 -4.76
CA ALA J 85 63.22 -42.22 -3.83
C ALA J 85 63.06 -43.09 -2.60
N CYS J 86 64.14 -43.21 -1.81
CA CYS J 86 64.08 -44.02 -0.60
C CYS J 86 64.60 -43.21 0.57
N PRO J 87 63.75 -42.87 1.55
CA PRO J 87 64.16 -41.99 2.66
C PRO J 87 65.07 -42.64 3.69
N VAL J 88 66.38 -42.48 3.51
CA VAL J 88 67.48 -42.95 4.37
C VAL J 88 67.21 -42.84 5.86
N ASP J 89 66.65 -41.72 6.31
CA ASP J 89 66.32 -41.54 7.71
C ASP J 89 65.24 -42.50 8.20
N LEU J 90 64.35 -42.92 7.31
CA LEU J 90 63.36 -43.93 7.68
C LEU J 90 63.56 -45.23 6.91
N GLY J 91 63.48 -45.17 5.58
CA GLY J 91 63.32 -46.37 4.78
C GLY J 91 64.60 -47.06 4.39
N LEU J 92 65.61 -47.01 5.24
CA LEU J 92 66.87 -47.70 4.99
C LEU J 92 66.82 -49.15 5.47
N THR J 93 65.66 -49.61 5.92
CA THR J 93 65.47 -50.98 6.38
C THR J 93 65.47 -51.88 5.15
N HIS J 94 66.67 -52.21 4.68
CA HIS J 94 66.85 -52.92 3.43
C HIS J 94 67.67 -54.19 3.62
N ALA J 95 67.19 -55.27 3.02
CA ALA J 95 68.08 -56.32 2.54
C ALA J 95 68.42 -56.07 1.07
N GLY J 96 67.99 -54.93 0.54
CA GLY J 96 68.23 -54.54 -0.84
C GLY J 96 69.43 -53.64 -1.05
N THR J 97 69.88 -52.96 0.02
CA THR J 97 71.12 -52.18 0.08
C THR J 97 71.19 -51.10 -0.99
N VAL J 98 70.35 -50.06 -0.86
CA VAL J 98 70.23 -48.97 -1.82
C VAL J 98 71.59 -48.30 -2.07
N ASN J 99 71.88 -48.04 -3.35
CA ASN J 99 73.19 -47.55 -3.76
C ASN J 99 73.28 -46.04 -3.64
N LEU J 100 74.50 -45.52 -3.63
CA LEU J 100 74.78 -44.09 -3.56
C LEU J 100 75.81 -43.72 -4.62
N ARG J 101 75.65 -42.56 -5.25
CA ARG J 101 76.60 -42.09 -6.24
C ARG J 101 77.54 -41.07 -5.63
N ASN J 102 78.83 -41.37 -5.63
CA ASN J 102 79.83 -40.42 -5.16
C ASN J 102 79.90 -39.23 -6.12
N THR J 103 79.70 -38.04 -5.59
CA THR J 103 79.75 -36.81 -6.37
C THR J 103 80.66 -35.84 -5.62
N SER J 104 81.96 -36.01 -5.80
CA SER J 104 82.96 -35.37 -4.96
C SER J 104 84.33 -35.62 -5.59
N PRO J 105 85.38 -34.91 -5.17
CA PRO J 105 86.73 -35.31 -5.59
C PRO J 105 87.35 -36.41 -4.73
N VAL J 106 86.56 -37.17 -3.98
CA VAL J 106 87.09 -37.99 -2.90
C VAL J 106 86.70 -39.47 -3.00
N ASP J 107 87.72 -40.33 -3.00
CA ASP J 107 87.60 -41.76 -2.74
C ASP J 107 87.35 -41.93 -1.25
N LEU J 108 86.31 -42.70 -0.88
CA LEU J 108 85.91 -42.67 0.52
C LEU J 108 86.76 -43.63 1.35
N CYS J 109 86.36 -44.92 1.38
CA CYS J 109 86.99 -46.13 1.90
C CYS J 109 85.93 -47.22 1.75
N ASN J 110 86.21 -48.44 2.20
CA ASN J 110 85.16 -49.41 2.43
C ASN J 110 84.90 -49.47 3.93
N GLY J 111 83.82 -48.83 4.36
CA GLY J 111 83.43 -48.87 5.75
C GLY J 111 83.35 -47.51 6.44
N ASP J 112 83.71 -46.42 5.76
CA ASP J 112 83.68 -45.12 6.42
C ASP J 112 82.25 -44.61 6.53
N PRO J 113 81.90 -43.94 7.62
CA PRO J 113 80.58 -43.30 7.71
C PRO J 113 80.55 -42.08 6.81
N VAL J 114 79.40 -41.87 6.17
CA VAL J 114 79.25 -40.85 5.13
C VAL J 114 78.13 -39.91 5.51
N SER J 115 78.40 -38.61 5.52
CA SER J 115 77.38 -37.59 5.71
C SER J 115 77.37 -36.65 4.51
N LEU J 116 76.38 -35.75 4.49
CA LEU J 116 76.13 -34.89 3.33
C LEU J 116 76.56 -33.47 3.61
N VAL J 117 77.11 -32.83 2.58
CA VAL J 117 77.63 -31.46 2.63
C VAL J 117 77.10 -30.74 1.40
N PRO J 118 76.74 -29.46 1.49
CA PRO J 118 76.37 -28.68 0.29
C PRO J 118 77.55 -28.52 -0.65
N PRO J 119 77.30 -28.15 -1.92
CA PRO J 119 78.43 -27.88 -2.83
C PRO J 119 79.20 -26.66 -2.40
N VAL J 120 80.47 -26.88 -2.01
CA VAL J 120 81.25 -25.84 -1.34
C VAL J 120 82.65 -25.78 -1.95
N PHE J 121 82.91 -26.60 -2.96
CA PHE J 121 84.17 -26.55 -3.67
C PHE J 121 84.03 -25.77 -4.97
N GLU J 122 85.16 -25.45 -5.60
CA GLU J 122 85.17 -24.50 -6.71
C GLU J 122 84.68 -25.14 -8.00
N GLY J 123 84.96 -26.42 -8.20
CA GLY J 123 84.53 -27.07 -9.42
C GLY J 123 83.38 -28.03 -9.27
N GLN J 124 82.95 -28.32 -8.04
CA GLN J 124 81.85 -29.25 -7.82
C GLN J 124 80.52 -28.53 -7.67
N ALA J 125 80.09 -27.81 -8.72
CA ALA J 125 78.90 -26.95 -8.71
C ALA J 125 77.65 -27.81 -8.54
N THR J 126 77.40 -28.80 -9.41
CA THR J 126 76.33 -29.80 -9.36
C THR J 126 74.91 -29.25 -9.43
N ASP J 127 74.74 -27.96 -9.69
CA ASP J 127 73.40 -27.37 -9.80
C ASP J 127 72.87 -27.58 -11.21
N VAL J 128 71.90 -28.48 -11.34
CA VAL J 128 71.35 -28.82 -12.65
C VAL J 128 70.28 -27.78 -12.97
N ARG J 129 69.99 -27.60 -14.25
CA ARG J 129 69.02 -26.63 -14.73
C ARG J 129 67.92 -27.33 -15.52
N LEU J 130 66.69 -26.88 -15.34
CA LEU J 130 65.53 -27.44 -16.03
C LEU J 130 64.81 -26.33 -16.77
N GLU J 131 64.88 -26.36 -18.10
CA GLU J 131 64.37 -25.25 -18.88
C GLU J 131 62.87 -25.30 -19.04
N SER J 132 62.27 -26.48 -18.86
CA SER J 132 60.81 -26.59 -18.93
C SER J 132 60.17 -25.88 -17.75
N LEU J 133 60.53 -26.27 -16.54
CA LEU J 133 60.11 -25.58 -15.33
C LEU J 133 61.35 -25.15 -14.58
N ASP J 134 61.49 -23.84 -14.38
CA ASP J 134 62.76 -23.26 -13.93
C ASP J 134 63.05 -23.61 -12.48
N LEU J 135 63.81 -24.68 -12.31
CA LEU J 135 64.17 -25.19 -11.00
C LEU J 135 65.67 -25.44 -11.02
N THR J 136 66.31 -25.20 -9.89
CA THR J 136 67.70 -25.60 -9.71
C THR J 136 67.75 -26.66 -8.62
N LEU J 137 68.63 -27.63 -8.83
CA LEU J 137 68.74 -28.77 -7.93
C LEU J 137 70.20 -28.90 -7.55
N ARG J 138 70.63 -28.17 -6.52
CA ARG J 138 71.96 -28.33 -5.96
C ARG J 138 72.02 -29.68 -5.28
N PHE J 139 72.73 -30.61 -5.86
CA PHE J 139 72.78 -31.89 -5.19
C PHE J 139 73.84 -31.86 -4.11
N PRO J 140 73.60 -32.48 -2.95
CA PRO J 140 74.59 -32.44 -1.87
C PRO J 140 75.76 -33.35 -2.20
N VAL J 141 76.82 -33.21 -1.40
CA VAL J 141 78.09 -33.86 -1.67
C VAL J 141 78.29 -34.94 -0.60
N PRO J 142 78.10 -36.22 -0.91
CA PRO J 142 78.37 -37.26 0.07
C PRO J 142 79.86 -37.42 0.32
N LEU J 143 80.25 -37.25 1.58
CA LEU J 143 81.65 -37.19 2.00
C LEU J 143 81.87 -38.01 3.26
N PRO J 144 83.09 -38.51 3.51
CA PRO J 144 83.34 -39.24 4.75
C PRO J 144 83.26 -38.34 5.96
N THR J 145 82.76 -38.90 7.06
CA THR J 145 82.54 -38.12 8.26
C THR J 145 83.78 -37.51 8.92
N PRO J 146 85.01 -38.05 8.79
CA PRO J 146 86.15 -37.21 9.19
C PRO J 146 86.38 -36.05 8.25
N LEU J 147 86.00 -36.17 6.99
CA LEU J 147 86.21 -35.07 6.06
C LEU J 147 85.15 -34.00 6.26
N ALA J 148 83.91 -34.39 6.53
CA ALA J 148 82.84 -33.41 6.67
C ALA J 148 83.00 -32.56 7.90
N ARG J 149 83.38 -33.18 9.02
CA ARG J 149 83.67 -32.43 10.24
C ARG J 149 84.92 -31.58 10.10
N GLU J 150 85.79 -31.91 9.15
CA GLU J 150 86.92 -31.05 8.84
C GLU J 150 86.52 -29.92 7.89
N ILE J 151 85.35 -30.03 7.25
CA ILE J 151 84.85 -28.92 6.44
C ILE J 151 84.16 -27.90 7.32
N VAL J 152 83.21 -28.35 8.14
CA VAL J 152 82.25 -27.46 8.78
C VAL J 152 82.95 -26.57 9.80
N ALA J 153 84.05 -27.06 10.38
CA ALA J 153 84.82 -26.25 11.32
C ALA J 153 85.55 -25.11 10.62
N ARG J 154 85.75 -25.22 9.30
CA ARG J 154 86.38 -24.12 8.58
C ARG J 154 85.39 -22.98 8.35
N LEU J 155 84.15 -23.30 8.01
CA LEU J 155 83.19 -22.25 7.66
C LEU J 155 82.73 -21.48 8.89
N VAL J 156 82.71 -22.14 10.05
CA VAL J 156 82.23 -21.49 11.27
C VAL J 156 83.22 -20.42 11.73
N ALA J 157 84.51 -20.78 11.76
CA ALA J 157 85.51 -19.82 12.21
C ALA J 157 85.73 -18.72 11.18
N ARG J 158 85.46 -19.00 9.90
CA ARG J 158 85.50 -17.93 8.90
C ARG J 158 84.31 -17.01 9.06
N GLY J 159 83.17 -17.55 9.49
CA GLY J 159 82.03 -16.71 9.80
C GLY J 159 82.24 -15.88 11.05
N ILE J 160 83.07 -16.36 11.98
CA ILE J 160 83.42 -15.57 13.14
C ILE J 160 84.43 -14.49 12.76
N ARG J 161 85.26 -14.74 11.73
CA ARG J 161 86.06 -13.68 11.15
C ARG J 161 85.18 -12.62 10.49
N ASP J 162 83.99 -13.01 10.03
CA ASP J 162 83.03 -12.07 9.48
C ASP J 162 82.29 -11.29 10.56
N LEU J 163 82.42 -11.69 11.82
CA LEU J 163 81.88 -10.88 12.92
C LEU J 163 82.77 -9.69 13.21
N ASN J 164 83.99 -9.95 13.67
CA ASN J 164 84.99 -8.92 13.95
C ASN J 164 86.14 -9.04 12.97
N PRO J 165 86.31 -8.08 12.06
CA PRO J 165 87.36 -8.13 11.02
C PRO J 165 88.77 -7.97 11.59
N ARG J 168 91.23 -5.89 14.65
CA ARG J 168 92.37 -5.61 15.52
C ARG J 168 93.68 -5.70 14.75
N THR J 169 93.98 -6.90 14.25
CA THR J 169 95.15 -7.11 13.42
C THR J 169 94.96 -6.47 12.06
N PRO J 170 96.05 -6.15 11.34
CA PRO J 170 95.91 -5.70 9.95
C PRO J 170 95.37 -6.76 9.00
N GLY J 171 95.12 -6.38 7.75
CA GLY J 171 94.40 -7.20 6.80
C GLY J 171 95.11 -8.38 6.18
N GLU J 172 96.09 -8.98 6.86
CA GLU J 172 96.74 -10.19 6.37
C GLU J 172 96.38 -11.34 7.31
N LEU J 173 95.30 -12.05 7.01
CA LEU J 173 94.82 -13.15 7.83
C LEU J 173 95.25 -14.46 7.19
N PRO J 174 95.34 -15.55 7.96
CA PRO J 174 95.46 -16.87 7.34
C PRO J 174 94.17 -17.27 6.66
N ASP J 175 94.28 -18.26 5.77
CA ASP J 175 93.22 -18.59 4.82
C ASP J 175 91.92 -19.09 5.44
N LEU J 176 91.97 -20.26 6.10
CA LEU J 176 90.82 -21.13 6.35
C LEU J 176 90.03 -21.36 5.07
N ASN J 177 90.77 -21.57 3.97
CA ASN J 177 90.23 -21.85 2.66
C ASN J 177 90.96 -23.04 2.03
N VAL J 178 91.79 -23.72 2.80
CA VAL J 178 92.69 -24.76 2.33
C VAL J 178 92.40 -26.04 3.09
N LEU J 179 91.95 -27.07 2.39
CA LEU J 179 91.79 -28.38 3.00
C LEU J 179 92.74 -29.38 2.36
N TYR J 180 93.25 -30.26 3.22
CA TYR J 180 94.12 -31.34 2.80
C TYR J 180 93.46 -32.65 3.17
N TYR J 181 93.37 -33.55 2.21
CA TYR J 181 92.87 -34.90 2.42
C TYR J 181 93.69 -35.82 1.56
N ASN J 182 94.70 -36.44 2.18
CA ASN J 182 95.67 -37.35 1.56
C ASN J 182 96.46 -36.55 0.53
N GLY J 183 96.78 -35.29 0.79
CA GLY J 183 97.42 -34.45 -0.20
C GLY J 183 96.40 -33.41 -0.61
N ALA J 184 96.29 -33.16 -1.92
CA ALA J 184 95.07 -32.65 -2.55
C ALA J 184 94.59 -31.32 -2.00
N ARG J 185 95.33 -30.24 -2.25
CA ARG J 185 94.95 -28.92 -1.75
C ARG J 185 93.60 -28.49 -2.32
N LEU J 186 92.57 -28.58 -1.50
CA LEU J 186 91.20 -28.36 -1.92
C LEU J 186 90.82 -26.91 -1.60
N SER J 187 90.12 -26.28 -2.52
CA SER J 187 89.72 -24.89 -2.38
C SER J 187 88.24 -24.84 -2.04
N LEU J 188 87.88 -24.07 -1.02
CA LEU J 188 86.49 -23.86 -0.67
C LEU J 188 85.95 -22.62 -1.40
N VAL J 189 84.64 -22.41 -1.29
CA VAL J 189 83.99 -21.23 -1.84
C VAL J 189 83.71 -20.27 -0.69
N ALA J 190 84.46 -19.17 -0.64
CA ALA J 190 84.31 -18.17 0.41
C ALA J 190 83.69 -16.92 -0.21
N ASP J 191 82.36 -16.82 -0.14
CA ASP J 191 81.67 -15.74 -0.83
C ASP J 191 80.98 -14.78 0.14
N VAL J 192 80.01 -15.30 0.90
CA VAL J 192 79.15 -14.45 1.71
C VAL J 192 78.80 -15.21 2.98
N GLN J 193 78.70 -14.48 4.08
CA GLN J 193 78.37 -15.05 5.37
C GLN J 193 77.15 -14.34 5.94
N GLN J 194 76.02 -15.03 5.95
CA GLN J 194 74.77 -14.50 6.48
C GLN J 194 74.81 -14.51 7.99
N LEU J 195 74.30 -13.44 8.61
CA LEU J 195 74.41 -13.22 10.05
C LEU J 195 73.69 -14.27 10.89
N ALA J 196 72.43 -14.54 10.55
CA ALA J 196 71.64 -15.48 11.35
C ALA J 196 72.15 -16.90 11.18
N SER J 197 72.62 -17.25 9.98
CA SER J 197 73.19 -18.58 9.75
C SER J 197 74.51 -18.73 10.50
N VAL J 198 75.24 -17.62 10.68
CA VAL J 198 76.36 -17.65 11.61
C VAL J 198 75.88 -17.75 13.05
N ASN J 199 74.94 -16.87 13.44
CA ASN J 199 74.55 -16.72 14.85
C ASN J 199 73.90 -17.98 15.40
N THR J 200 73.11 -18.66 14.57
CA THR J 200 72.53 -19.92 15.01
C THR J 200 73.57 -21.02 15.11
N GLU J 201 74.60 -20.96 14.26
CA GLU J 201 75.69 -21.91 14.38
C GLU J 201 76.69 -21.47 15.44
N LEU J 202 76.82 -20.16 15.65
CA LEU J 202 77.74 -19.66 16.66
C LEU J 202 77.23 -19.94 18.06
N ARG J 203 75.91 -19.88 18.26
CA ARG J 203 75.35 -20.01 19.60
C ARG J 203 75.51 -21.42 20.14
N SER J 204 75.22 -22.43 19.31
CA SER J 204 75.30 -23.82 19.73
C SER J 204 76.72 -24.25 20.07
N LEU J 205 77.71 -23.69 19.40
CA LEU J 205 79.10 -24.04 19.69
C LEU J 205 79.54 -23.44 21.02
N VAL J 206 79.14 -22.20 21.29
CA VAL J 206 79.48 -21.59 22.56
C VAL J 206 78.69 -22.25 23.69
N LEU J 207 77.46 -22.66 23.39
CA LEU J 207 76.62 -23.30 24.40
C LEU J 207 77.17 -24.67 24.78
N ASN J 208 77.53 -25.48 23.78
CA ASN J 208 77.94 -26.86 24.03
C ASN J 208 79.27 -26.94 24.77
N MET J 209 80.14 -25.94 24.61
CA MET J 209 81.44 -26.00 25.27
C MET J 209 81.37 -25.53 26.72
N VAL J 210 80.35 -24.76 27.08
CA VAL J 210 80.18 -24.36 28.47
C VAL J 210 79.72 -25.55 29.32
N TYR J 211 78.78 -26.34 28.78
CA TYR J 211 78.33 -27.55 29.48
C TYR J 211 79.40 -28.63 29.55
N SER J 212 80.48 -28.49 28.79
CA SER J 212 81.61 -29.41 28.87
C SER J 212 82.54 -29.13 30.04
N ILE J 213 82.32 -28.06 30.80
CA ILE J 213 83.09 -27.77 32.00
C ILE J 213 82.19 -27.96 33.20
N THR J 214 82.52 -28.92 34.05
CA THR J 214 81.79 -29.20 35.28
C THR J 214 82.70 -28.92 36.46
N GLU J 215 82.24 -29.32 37.65
CA GLU J 215 82.99 -29.03 38.87
C GLU J 215 84.30 -29.81 38.91
N GLY J 216 84.33 -31.00 38.31
CA GLY J 216 85.55 -31.79 38.28
C GLY J 216 86.38 -31.57 37.03
N THR J 217 86.09 -30.53 36.26
CA THR J 217 86.80 -30.31 35.00
C THR J 217 88.18 -29.70 35.24
N THR J 218 88.30 -28.85 36.25
CA THR J 218 89.54 -28.08 36.46
C THR J 218 90.63 -28.98 37.05
N LEU J 219 90.29 -30.19 37.49
CA LEU J 219 91.29 -31.17 37.86
C LEU J 219 92.12 -31.60 36.66
N ILE J 220 91.51 -31.63 35.47
CA ILE J 220 92.24 -31.98 34.26
C ILE J 220 93.16 -30.83 33.85
N LEU J 221 92.79 -29.60 34.21
CA LEU J 221 93.62 -28.44 33.91
C LEU J 221 94.90 -28.41 34.73
N THR J 222 95.00 -29.24 35.77
CA THR J 222 96.22 -29.34 36.55
C THR J 222 97.34 -29.98 35.74
N LEU J 223 97.00 -30.88 34.84
CA LEU J 223 97.97 -31.69 34.12
C LEU J 223 98.57 -31.03 32.90
N ILE J 224 98.48 -29.70 32.79
CA ILE J 224 99.05 -29.03 31.63
C ILE J 224 100.57 -29.08 31.59
N PRO J 225 101.31 -28.87 32.70
CA PRO J 225 102.76 -29.12 32.61
C PRO J 225 103.12 -30.59 32.58
N ARG J 226 102.17 -31.49 32.85
CA ARG J 226 102.44 -32.91 32.70
C ARG J 226 102.52 -33.31 31.24
N LEU J 227 101.76 -32.64 30.38
CA LEU J 227 101.81 -32.95 28.96
C LEU J 227 103.08 -32.41 28.32
N LEU J 228 103.51 -31.22 28.73
CA LEU J 228 104.68 -30.60 28.10
C LEU J 228 105.97 -31.28 28.51
N ALA J 229 105.99 -32.02 29.61
CA ALA J 229 107.12 -32.88 29.88
C ALA J 229 107.10 -34.10 28.97
N LEU J 230 105.93 -34.58 28.61
CA LEU J 230 105.83 -35.77 27.78
C LEU J 230 106.11 -35.51 26.32
N SER J 231 105.81 -34.31 25.82
CA SER J 231 106.13 -34.00 24.42
C SER J 231 107.61 -33.74 24.25
N ALA J 232 108.33 -33.58 25.35
CA ALA J 232 109.77 -33.48 25.34
C ALA J 232 110.46 -34.84 25.37
N GLN J 233 109.73 -35.91 25.65
CA GLN J 233 110.36 -37.23 25.72
C GLN J 233 109.49 -38.36 25.20
N ASP J 234 108.47 -38.08 24.40
CA ASP J 234 107.70 -39.14 23.79
C ASP J 234 107.28 -38.71 22.39
N GLY J 235 107.21 -39.68 21.49
CA GLY J 235 106.95 -39.37 20.10
C GLY J 235 105.47 -39.29 19.78
N TYR J 236 104.65 -39.96 20.59
CA TYR J 236 103.21 -39.95 20.35
C TYR J 236 102.62 -38.63 20.83
N VAL J 237 103.16 -38.13 21.93
CA VAL J 237 102.69 -36.89 22.54
C VAL J 237 103.07 -35.70 21.67
N ASN J 238 104.29 -35.73 21.13
CA ASN J 238 104.82 -34.69 20.26
C ASN J 238 103.98 -34.46 19.02
N ALA J 239 103.43 -35.52 18.44
CA ALA J 239 102.52 -35.34 17.32
C ALA J 239 101.12 -34.98 17.81
N LEU J 240 100.84 -35.24 19.08
CA LEU J 240 99.49 -35.00 19.60
C LEU J 240 99.31 -33.53 19.96
N LEU J 241 100.25 -32.97 20.71
CA LEU J 241 100.34 -31.53 20.85
C LEU J 241 100.92 -30.95 19.58
N GLN J 242 100.06 -30.46 18.69
CA GLN J 242 100.51 -29.97 17.40
C GLN J 242 101.25 -28.64 17.56
N MET J 243 101.86 -28.19 16.46
CA MET J 243 102.67 -26.97 16.51
C MET J 243 101.81 -25.73 16.70
N GLN J 244 100.70 -25.63 15.96
CA GLN J 244 99.80 -24.47 16.08
C GLN J 244 98.69 -24.83 17.06
N SER J 245 99.08 -25.02 18.32
CA SER J 245 98.15 -25.37 19.39
C SER J 245 98.15 -24.26 20.42
N VAL J 246 96.99 -24.00 21.01
CA VAL J 246 96.90 -22.93 22.00
C VAL J 246 97.37 -23.43 23.36
N THR J 247 97.39 -24.76 23.53
CA THR J 247 97.83 -25.40 24.76
C THR J 247 99.31 -25.18 25.00
N ARG J 248 100.10 -25.25 23.92
CA ARG J 248 101.51 -24.90 24.00
C ARG J 248 101.71 -23.43 24.33
N GLU J 249 100.76 -22.58 23.92
CA GLU J 249 100.79 -21.19 24.34
C GLU J 249 100.16 -21.00 25.71
N ALA J 250 99.39 -21.99 26.20
CA ALA J 250 98.62 -21.79 27.42
C ALA J 250 99.46 -21.80 28.68
N ALA J 251 100.57 -22.52 28.70
CA ALA J 251 101.41 -22.60 29.89
C ALA J 251 102.30 -21.37 30.08
N GLN J 252 102.20 -20.38 29.20
CA GLN J 252 102.95 -19.14 29.32
C GLN J 252 102.25 -18.16 30.25
N ALA J 258 95.80 -24.32 41.45
CA ALA J 258 95.19 -25.04 40.33
C ALA J 258 94.51 -26.39 40.69
N PRO J 259 95.03 -27.20 41.63
CA PRO J 259 94.17 -28.29 42.14
C PRO J 259 92.95 -27.80 42.90
N MET J 260 93.13 -27.05 44.00
CA MET J 260 92.07 -26.42 44.78
C MET J 260 91.02 -27.41 45.28
N LEU J 261 91.35 -28.20 46.32
CA LEU J 261 90.66 -29.44 46.78
C LEU J 261 89.15 -29.20 46.94
N MET J 262 88.70 -28.42 47.93
CA MET J 262 87.34 -27.87 48.05
C MET J 262 86.23 -28.94 47.99
N GLN J 263 86.56 -30.14 48.44
CA GLN J 263 85.83 -31.36 48.08
C GLN J 263 84.48 -31.42 48.77
N ASP J 264 83.41 -31.31 47.99
CA ASP J 264 82.05 -31.53 48.48
C ASP J 264 81.89 -33.03 48.70
N GLY J 265 81.87 -33.42 49.99
CA GLY J 265 81.68 -34.80 50.39
C GLY J 265 82.89 -35.70 50.29
N GLU J 266 83.91 -35.31 49.52
CA GLU J 266 85.19 -35.99 49.31
C GLU J 266 85.07 -37.35 48.61
N ARG J 267 83.86 -37.77 48.24
CA ARG J 267 83.63 -38.97 47.44
C ARG J 267 82.43 -38.60 46.57
N ARG J 268 82.70 -38.10 45.37
CA ARG J 268 81.63 -37.74 44.47
C ARG J 268 81.98 -38.10 43.03
N LEU J 269 83.13 -38.79 42.87
CA LEU J 269 83.74 -39.16 41.60
C LEU J 269 83.97 -37.93 40.74
N PRO J 270 84.99 -37.11 41.05
CA PRO J 270 85.11 -35.81 40.39
C PRO J 270 85.56 -35.91 38.94
N LEU J 271 86.37 -36.90 38.58
CA LEU J 271 86.76 -37.05 37.18
C LEU J 271 85.63 -37.62 36.35
N TYR J 272 84.88 -38.56 36.93
CA TYR J 272 83.98 -39.41 36.17
C TYR J 272 82.77 -38.65 35.65
N GLU J 273 82.38 -37.58 36.35
CA GLU J 273 81.33 -36.72 35.82
C GLU J 273 81.88 -35.76 34.77
N ALA J 274 83.15 -35.35 34.91
CA ALA J 274 83.74 -34.39 33.99
C ALA J 274 84.05 -35.02 32.64
N LEU J 275 84.13 -36.35 32.59
CA LEU J 275 84.40 -37.02 31.32
C LEU J 275 83.12 -37.22 30.52
N VAL J 276 82.08 -37.72 31.18
CA VAL J 276 80.84 -38.06 30.50
C VAL J 276 80.16 -36.79 30.01
N ALA J 277 80.20 -35.74 30.82
CA ALA J 277 79.60 -34.47 30.44
C ALA J 277 80.38 -33.82 29.30
N TRP J 278 81.70 -33.99 29.29
CA TRP J 278 82.46 -33.52 28.14
C TRP J 278 82.18 -34.39 26.92
N LEU J 279 81.92 -35.67 27.15
CA LEU J 279 81.61 -36.57 26.05
C LEU J 279 80.22 -36.29 25.49
N ALA J 280 79.30 -35.89 26.37
CA ALA J 280 77.93 -35.66 25.94
C ALA J 280 77.76 -34.30 25.27
N HIS J 281 78.56 -33.32 25.68
CA HIS J 281 78.29 -31.95 25.24
C HIS J 281 79.25 -31.48 24.16
N ALA J 282 80.55 -31.45 24.43
CA ALA J 282 81.46 -30.96 23.40
C ALA J 282 82.02 -32.10 22.57
N GLY J 283 81.75 -33.34 22.95
CA GLY J 283 82.18 -34.45 22.13
C GLY J 283 81.40 -34.54 20.84
N GLN J 284 80.08 -34.40 20.93
CA GLN J 284 79.19 -34.57 19.79
C GLN J 284 78.89 -33.23 19.12
N LEU J 285 79.96 -32.51 18.80
CA LEU J 285 79.83 -31.30 18.00
C LEU J 285 79.56 -31.56 16.54
N GLY J 286 79.82 -32.79 16.06
CA GLY J 286 79.56 -33.10 14.67
C GLY J 286 78.10 -33.35 14.39
N ASP J 287 77.30 -33.55 15.45
CA ASP J 287 75.88 -33.77 15.26
C ASP J 287 75.10 -32.46 15.31
N ILE J 288 75.69 -31.42 15.88
CA ILE J 288 74.95 -30.17 16.03
C ILE J 288 75.35 -29.16 14.96
N LEU J 289 76.58 -29.24 14.44
CA LEU J 289 76.96 -28.33 13.37
C LEU J 289 76.50 -28.86 12.02
N ALA J 290 76.75 -30.14 11.76
CA ALA J 290 76.45 -30.77 10.48
C ALA J 290 75.31 -31.75 10.68
N LEU J 291 74.99 -32.49 9.62
CA LEU J 291 73.95 -33.49 9.68
C LEU J 291 74.47 -34.72 10.42
N ALA J 292 73.55 -35.58 10.83
CA ALA J 292 73.94 -36.81 11.49
C ALA J 292 74.39 -37.84 10.46
N PRO J 293 75.38 -38.67 10.80
CA PRO J 293 75.79 -39.76 9.90
C PRO J 293 74.76 -40.87 9.88
N ALA J 294 74.45 -41.36 8.67
CA ALA J 294 73.56 -42.50 8.53
C ALA J 294 73.97 -43.44 7.41
N VAL J 295 75.09 -43.19 6.74
CA VAL J 295 75.45 -43.87 5.51
C VAL J 295 76.80 -44.54 5.68
N ARG J 296 76.81 -45.86 5.47
CA ARG J 296 77.96 -46.70 5.75
C ARG J 296 78.22 -47.58 4.54
N VAL J 297 79.46 -47.56 4.06
CA VAL J 297 79.77 -48.14 2.76
C VAL J 297 80.05 -49.64 2.91
N CYS J 298 79.27 -50.45 2.20
CA CYS J 298 79.24 -51.90 2.38
C CYS J 298 79.34 -52.58 1.03
N THR J 299 80.56 -52.97 0.63
CA THR J 299 80.81 -53.50 -0.71
C THR J 299 80.91 -55.01 -0.63
N PHE J 300 80.01 -55.70 -1.32
CA PHE J 300 79.91 -57.16 -1.21
C PHE J 300 81.04 -57.85 -1.97
N ASP J 301 81.39 -57.35 -3.16
CA ASP J 301 82.30 -58.08 -4.02
C ASP J 301 83.77 -57.94 -3.62
N GLY J 302 84.05 -57.22 -2.53
CA GLY J 302 85.42 -57.09 -2.10
C GLY J 302 86.13 -55.85 -2.59
N ALA J 303 85.40 -54.83 -3.02
CA ALA J 303 86.02 -53.55 -3.34
C ALA J 303 86.36 -52.83 -2.05
N ALA J 304 87.64 -52.52 -1.86
CA ALA J 304 88.11 -51.85 -0.65
C ALA J 304 88.00 -50.34 -0.72
N VAL J 305 87.75 -49.77 -1.89
CA VAL J 305 87.61 -48.33 -2.08
C VAL J 305 86.42 -48.07 -2.99
N VAL J 306 85.93 -46.83 -2.96
CA VAL J 306 84.83 -46.37 -3.80
C VAL J 306 85.29 -45.09 -4.48
N GLN J 307 85.55 -45.17 -5.78
CA GLN J 307 86.20 -44.09 -6.50
C GLN J 307 85.27 -42.88 -6.65
N SER J 308 85.88 -41.72 -6.91
CA SER J 308 85.12 -40.50 -7.10
C SER J 308 84.35 -40.57 -8.41
N GLY J 309 83.03 -40.72 -8.30
CA GLY J 309 82.19 -40.96 -9.45
C GLY J 309 81.65 -42.37 -9.53
N ASP J 310 81.90 -43.20 -8.52
CA ASP J 310 81.47 -44.59 -8.55
C ASP J 310 80.27 -44.80 -7.62
N MET J 311 79.73 -46.01 -7.64
CA MET J 311 78.57 -46.37 -6.85
C MET J 311 79.03 -47.16 -5.63
N ALA J 312 78.33 -46.97 -4.50
CA ALA J 312 78.63 -47.71 -3.28
C ALA J 312 77.34 -48.24 -2.68
N PRO J 313 77.22 -49.55 -2.45
CA PRO J 313 76.07 -50.07 -1.72
C PRO J 313 76.14 -49.64 -0.26
N VAL J 314 74.99 -49.28 0.29
CA VAL J 314 74.90 -48.53 1.54
C VAL J 314 74.03 -49.29 2.52
N ILE J 315 74.53 -49.45 3.74
CA ILE J 315 73.76 -49.94 4.87
C ILE J 315 73.71 -48.85 5.93
N ARG J 316 73.18 -49.23 7.09
CA ARG J 316 72.59 -48.29 8.02
C ARG J 316 73.65 -47.61 8.90
N TYR J 317 73.22 -47.03 10.02
CA TYR J 317 73.93 -46.14 10.95
C TYR J 317 75.32 -46.65 11.37
N PRO J 318 76.31 -45.76 11.52
CA PRO J 318 77.60 -46.15 12.10
C PRO J 318 77.50 -46.52 13.57
N PRO K 106 61.90 -60.10 10.11
CA PRO K 106 61.24 -60.24 8.81
C PRO K 106 59.78 -59.84 8.93
N ARG K 107 59.54 -58.60 9.38
CA ARG K 107 58.28 -58.01 9.83
C ARG K 107 57.46 -58.93 10.72
N TYR K 108 58.12 -59.76 11.54
CA TYR K 108 57.43 -60.51 12.58
C TYR K 108 58.42 -60.79 13.70
N HIS K 109 57.98 -60.51 14.93
CA HIS K 109 58.79 -60.80 16.11
C HIS K 109 57.82 -60.99 17.26
N LEU K 110 58.32 -61.51 18.39
CA LEU K 110 57.54 -61.77 19.59
C LEU K 110 58.43 -61.61 20.81
N THR K 111 57.86 -61.15 21.93
CA THR K 111 58.53 -61.18 23.22
C THR K 111 57.63 -61.90 24.21
N ARG K 112 58.20 -62.25 25.35
CA ARG K 112 57.46 -62.91 26.42
C ARG K 112 58.25 -62.82 27.71
N GLN K 113 57.62 -62.27 28.75
CA GLN K 113 58.31 -62.09 30.01
C GLN K 113 57.36 -62.31 31.16
N VAL K 114 57.83 -63.09 32.13
CA VAL K 114 57.04 -63.44 33.31
C VAL K 114 57.35 -62.44 34.41
N THR K 115 56.37 -61.59 34.73
CA THR K 115 56.52 -60.61 35.80
C THR K 115 55.32 -60.72 36.75
N LEU K 116 55.27 -59.77 37.68
CA LEU K 116 54.27 -59.78 38.74
C LEU K 116 53.13 -58.82 38.43
N THR K 117 52.06 -58.92 39.22
CA THR K 117 50.85 -58.15 39.02
C THR K 117 50.72 -56.99 40.02
N ASP K 118 51.78 -56.67 40.75
CA ASP K 118 51.77 -55.54 41.68
C ASP K 118 51.69 -54.24 40.89
N LEU K 119 52.52 -54.16 39.86
CA LEU K 119 52.44 -53.16 38.80
C LEU K 119 51.43 -53.64 37.76
N CYS K 120 51.57 -53.19 36.51
CA CYS K 120 50.55 -52.92 35.46
C CYS K 120 49.24 -53.69 35.60
N GLN K 121 49.26 -54.99 35.93
CA GLN K 121 48.10 -55.87 36.03
C GLN K 121 47.33 -55.86 34.72
N PRO K 122 47.79 -56.65 33.73
CA PRO K 122 47.26 -56.52 32.36
C PRO K 122 45.84 -57.03 32.18
N ASN K 123 45.23 -57.60 33.23
CA ASN K 123 43.82 -57.91 33.17
C ASN K 123 42.97 -56.66 33.10
N ALA K 124 43.18 -55.73 34.04
CA ALA K 124 42.39 -54.50 34.05
C ALA K 124 42.85 -53.54 32.97
N GLU K 125 44.06 -53.75 32.44
CA GLU K 125 44.52 -52.96 31.32
C GLU K 125 43.86 -53.46 30.03
N ARG K 126 44.23 -52.84 28.92
CA ARG K 126 43.58 -53.12 27.65
C ARG K 126 44.49 -54.05 26.85
N ALA K 127 44.06 -54.39 25.63
CA ALA K 127 44.95 -55.09 24.71
C ALA K 127 46.00 -54.14 24.15
N GLY K 128 45.69 -52.85 24.08
CA GLY K 128 46.68 -51.87 23.70
C GLY K 128 47.31 -51.20 24.91
N ALA K 129 48.59 -51.47 25.16
CA ALA K 129 49.24 -50.91 26.32
C ALA K 129 50.72 -50.75 26.04
N LEU K 130 51.18 -49.51 26.16
CA LEU K 130 52.60 -49.18 26.03
C LEU K 130 53.28 -49.65 27.30
N LEU K 131 53.63 -50.93 27.35
CA LEU K 131 54.34 -51.49 28.49
C LEU K 131 55.76 -50.96 28.50
N LEU K 132 56.09 -50.17 29.51
CA LEU K 132 57.47 -49.82 29.78
C LEU K 132 58.03 -50.86 30.73
N ALA K 133 59.34 -50.88 30.87
CA ALA K 133 59.94 -51.84 31.77
C ALA K 133 59.93 -51.32 33.20
N LEU K 134 60.65 -52.03 34.05
CA LEU K 134 61.15 -51.48 35.30
C LEU K 134 62.60 -51.92 35.36
N ARG K 135 63.47 -51.13 34.74
CA ARG K 135 64.87 -51.51 34.64
C ARG K 135 65.56 -51.29 35.98
N HIS K 136 66.12 -52.39 36.50
CA HIS K 136 66.98 -52.46 37.67
C HIS K 136 66.31 -51.95 38.95
N PRO K 137 65.35 -52.68 39.53
CA PRO K 137 64.83 -52.27 40.83
C PRO K 137 65.82 -52.50 41.97
N THR K 138 66.58 -53.59 41.92
CA THR K 138 67.51 -53.93 43.00
C THR K 138 68.74 -53.04 42.97
N ASP K 139 68.91 -52.27 41.90
CA ASP K 139 69.93 -51.23 41.85
C ASP K 139 69.44 -50.00 42.63
N LEU K 140 70.29 -48.97 42.64
CA LEU K 140 70.18 -47.65 43.24
C LEU K 140 70.05 -47.57 44.76
N PRO K 141 70.86 -48.28 45.54
CA PRO K 141 71.48 -47.60 46.69
C PRO K 141 72.83 -47.01 46.31
N HIS K 142 73.45 -47.54 45.25
CA HIS K 142 74.85 -47.23 44.97
C HIS K 142 74.99 -46.09 43.96
N LEU K 143 74.27 -46.16 42.84
CA LEU K 143 74.39 -45.09 41.85
C LEU K 143 73.50 -43.91 42.25
N ALA K 144 72.55 -44.13 43.15
CA ALA K 144 71.84 -43.01 43.76
C ALA K 144 72.78 -42.21 44.65
N ARG K 145 73.82 -42.85 45.19
CA ARG K 145 74.80 -42.14 45.98
C ARG K 145 75.66 -41.23 45.12
N HIS K 146 76.18 -41.76 44.02
CA HIS K 146 76.93 -40.98 43.06
C HIS K 146 75.98 -40.28 42.10
N ARG K 147 76.54 -39.74 41.02
CA ARG K 147 75.88 -38.97 39.97
C ARG K 147 75.15 -37.75 40.50
N ALA K 148 75.49 -37.26 41.69
CA ALA K 148 74.83 -36.17 42.37
C ALA K 148 75.79 -35.53 43.35
N PRO K 149 75.59 -34.27 43.74
CA PRO K 149 76.35 -33.75 44.88
C PRO K 149 75.95 -34.45 46.15
N PRO K 150 76.82 -34.48 47.15
CA PRO K 150 76.45 -35.13 48.43
C PRO K 150 75.40 -34.37 49.21
N GLY K 151 75.13 -33.12 48.87
CA GLY K 151 73.99 -32.39 49.40
C GLY K 151 72.71 -32.69 48.65
N ARG K 152 72.42 -33.97 48.44
CA ARG K 152 71.21 -34.43 47.79
C ARG K 152 70.52 -35.54 48.57
N GLN K 153 71.07 -35.91 49.73
CA GLN K 153 70.50 -36.88 50.67
C GLN K 153 70.29 -38.25 50.00
N THR K 154 71.42 -38.89 49.72
CA THR K 154 71.55 -40.05 48.84
C THR K 154 70.81 -41.29 49.33
N GLU K 155 70.33 -41.32 50.57
CA GLU K 155 69.58 -42.49 51.04
C GLU K 155 68.10 -42.42 50.70
N ARG K 156 67.70 -41.54 49.78
CA ARG K 156 66.28 -41.25 49.59
C ARG K 156 65.62 -42.27 48.66
N LEU K 157 66.33 -42.68 47.60
CA LEU K 157 65.80 -43.72 46.72
C LEU K 157 65.85 -45.09 47.37
N ALA K 158 66.71 -45.26 48.37
CA ALA K 158 66.76 -46.50 49.12
C ALA K 158 65.51 -46.61 49.98
N GLU K 159 65.05 -45.48 50.52
CA GLU K 159 63.92 -45.51 51.45
C GLU K 159 62.59 -45.45 50.71
N ALA K 160 62.47 -44.55 49.72
CA ALA K 160 61.18 -44.32 49.07
C ALA K 160 60.78 -45.48 48.18
N TRP K 161 61.75 -46.06 47.46
CA TRP K 161 61.49 -47.33 46.77
C TRP K 161 61.38 -48.47 47.78
N GLY K 162 62.06 -48.36 48.91
CA GLY K 162 61.87 -49.34 49.98
C GLY K 162 60.48 -49.28 50.57
N GLN K 163 59.88 -48.09 50.59
CA GLN K 163 58.46 -47.97 50.90
C GLN K 163 57.61 -48.50 49.75
N LEU K 164 58.08 -48.31 48.51
CA LEU K 164 57.31 -48.76 47.36
C LEU K 164 57.32 -50.29 47.25
N LEU K 165 58.43 -50.93 47.62
CA LEU K 165 58.45 -52.38 47.72
C LEU K 165 57.68 -52.85 48.94
N GLU K 166 57.57 -51.99 49.96
CA GLU K 166 56.69 -52.29 51.09
C GLU K 166 55.23 -52.12 50.68
N ALA K 167 54.97 -51.28 49.69
CA ALA K 167 53.61 -51.09 49.20
C ALA K 167 53.18 -52.21 48.26
N SER K 168 54.15 -53.03 47.84
CA SER K 168 53.96 -54.18 46.94
C SER K 168 53.28 -53.82 45.62
N GLU K 176 63.82 -59.42 49.44
CA GLU K 176 63.61 -60.62 48.63
C GLU K 176 63.62 -60.25 47.15
N SER K 177 64.00 -61.22 46.31
CA SER K 177 64.04 -61.04 44.87
C SER K 177 62.92 -61.78 44.14
N GLY K 178 62.54 -62.95 44.61
CA GLY K 178 61.47 -63.73 44.01
C GLY K 178 61.88 -64.41 42.72
N CYS K 179 60.96 -65.17 42.14
CA CYS K 179 61.20 -65.86 40.87
C CYS K 179 60.82 -64.99 39.67
N ALA K 180 60.49 -63.73 39.91
CA ALA K 180 60.23 -62.77 38.84
C ALA K 180 60.71 -61.41 39.33
N ARG K 181 61.72 -60.86 38.67
CA ARG K 181 62.17 -59.51 38.96
C ARG K 181 61.08 -58.51 38.56
N ALA K 182 60.99 -57.43 39.33
CA ALA K 182 59.90 -56.46 39.24
C ALA K 182 60.00 -55.71 37.92
N GLY K 183 59.02 -55.92 37.05
CA GLY K 183 58.96 -55.23 35.78
C GLY K 183 57.57 -54.74 35.40
N LEU K 184 57.46 -54.19 34.18
CA LEU K 184 56.20 -53.78 33.55
C LEU K 184 55.44 -52.72 34.34
N VAL K 185 55.99 -51.51 34.35
CA VAL K 185 55.18 -50.34 34.58
C VAL K 185 54.44 -49.99 33.29
N SER K 186 53.11 -49.95 33.37
CA SER K 186 52.32 -49.60 32.20
C SER K 186 52.45 -48.11 31.89
N PHE K 187 51.88 -47.72 30.75
CA PHE K 187 51.73 -46.30 30.50
C PHE K 187 50.52 -45.76 31.23
N ASN K 188 49.58 -46.64 31.59
CA ASN K 188 48.48 -46.29 32.47
C ASN K 188 48.97 -45.85 33.84
N PHE K 189 49.95 -46.59 34.37
CA PHE K 189 50.41 -46.37 35.73
C PHE K 189 51.12 -45.03 35.92
N LEU K 190 51.65 -44.45 34.83
CA LEU K 190 52.44 -43.23 34.96
C LEU K 190 51.58 -41.99 34.91
N VAL K 191 50.40 -42.07 34.33
CA VAL K 191 49.54 -40.91 34.16
C VAL K 191 49.04 -40.42 35.51
N ALA K 192 48.60 -41.35 36.36
CA ALA K 192 48.26 -40.99 37.73
C ALA K 192 49.49 -40.64 38.54
N ALA K 193 50.64 -41.19 38.15
CA ALA K 193 51.86 -41.03 38.93
C ALA K 193 52.38 -39.60 38.87
N CYS K 194 52.11 -38.91 37.77
CA CYS K 194 52.38 -37.49 37.68
C CYS K 194 51.11 -36.67 37.55
N ALA K 195 49.96 -37.21 37.98
CA ALA K 195 48.68 -36.54 37.82
C ALA K 195 48.62 -35.25 38.63
N ALA K 196 49.17 -35.27 39.83
CA ALA K 196 49.30 -34.06 40.62
C ALA K 196 50.47 -33.21 40.16
N ALA K 197 51.29 -33.71 39.23
CA ALA K 197 52.53 -33.03 38.87
C ALA K 197 52.32 -32.09 37.68
N TYR K 198 51.80 -32.59 36.56
CA TYR K 198 51.51 -31.68 35.46
C TYR K 198 50.29 -30.82 35.79
N ASP K 199 50.25 -29.62 35.18
CA ASP K 199 49.25 -28.61 35.50
C ASP K 199 47.96 -28.90 34.74
N ALA K 200 47.31 -29.98 35.14
CA ALA K 200 46.06 -30.40 34.52
C ALA K 200 45.24 -31.19 35.52
N ARG K 201 44.08 -30.67 35.86
CA ARG K 201 43.18 -31.31 36.81
C ARG K 201 41.86 -31.60 36.12
N ASP K 202 41.14 -32.59 36.64
CA ASP K 202 39.88 -33.18 36.18
C ASP K 202 40.02 -33.99 34.90
N ALA K 203 41.18 -33.95 34.23
CA ALA K 203 41.53 -34.89 33.18
C ALA K 203 42.58 -35.88 33.65
N ALA K 204 43.15 -35.64 34.83
CA ALA K 204 44.13 -36.53 35.42
C ALA K 204 43.53 -37.39 36.52
N GLU K 205 42.44 -36.94 37.13
CA GLU K 205 41.77 -37.70 38.16
C GLU K 205 41.00 -38.88 37.59
N ALA K 206 40.69 -38.87 36.29
CA ALA K 206 39.95 -39.97 35.69
C ALA K 206 40.82 -41.20 35.53
N VAL K 207 42.09 -41.02 35.16
CA VAL K 207 42.99 -42.16 35.00
C VAL K 207 43.39 -42.70 36.37
N ARG K 208 43.50 -41.82 37.36
CA ARG K 208 43.72 -42.27 38.72
C ARG K 208 42.49 -42.99 39.26
N ALA K 209 41.31 -42.61 38.78
CA ALA K 209 40.11 -43.40 39.09
C ALA K 209 40.11 -44.73 38.35
N HIS K 210 40.84 -44.82 37.24
CA HIS K 210 40.94 -46.10 36.55
C HIS K 210 41.88 -47.04 37.29
N ILE K 211 42.81 -46.50 38.07
CA ILE K 211 43.82 -47.32 38.72
C ILE K 211 43.38 -47.72 40.13
N THR K 212 42.80 -46.79 40.90
CA THR K 212 42.45 -47.10 42.28
C THR K 212 41.20 -47.96 42.36
N THR K 213 40.51 -48.19 41.24
CA THR K 213 39.38 -49.08 41.19
C THR K 213 39.70 -50.41 40.53
N ASN K 214 40.69 -50.46 39.66
CA ASN K 214 40.86 -51.63 38.82
C ASN K 214 42.27 -52.22 38.91
N TYR K 215 43.26 -51.39 39.23
CA TYR K 215 44.59 -51.93 39.46
C TYR K 215 44.79 -52.27 40.93
N ALA K 220 45.01 -50.54 44.02
CA ALA K 220 45.53 -49.90 45.23
C ALA K 220 46.31 -48.63 44.90
N GLY K 221 45.81 -47.50 45.42
CA GLY K 221 46.46 -46.23 45.16
C GLY K 221 47.65 -45.96 46.05
N ALA K 222 47.88 -46.83 47.02
CA ALA K 222 49.09 -46.73 47.84
C ALA K 222 50.33 -47.01 47.00
N ARG K 223 50.18 -47.83 45.96
CA ARG K 223 51.28 -48.08 45.04
C ARG K 223 51.51 -46.89 44.12
N LEU K 224 50.54 -45.97 44.06
CA LEU K 224 50.74 -44.73 43.32
C LEU K 224 51.46 -43.68 44.17
N ASP K 225 51.04 -43.55 45.44
CA ASP K 225 51.58 -42.52 46.31
C ASP K 225 53.03 -42.80 46.69
N ARG K 226 53.37 -44.08 46.84
CA ARG K 226 54.77 -44.44 47.08
C ARG K 226 55.59 -44.24 45.83
N PHE K 227 54.95 -44.36 44.66
CA PHE K 227 55.68 -44.22 43.41
C PHE K 227 55.90 -42.76 43.04
N SER K 228 54.92 -41.89 43.32
CA SER K 228 55.09 -40.47 43.00
C SER K 228 56.11 -39.83 43.93
N GLU K 229 56.24 -40.35 45.15
CA GLU K 229 57.31 -39.92 46.03
C GLU K 229 58.67 -40.37 45.50
N CYS K 230 58.71 -41.50 44.79
CA CYS K 230 59.95 -41.93 44.14
C CYS K 230 60.27 -41.03 42.95
N LEU K 231 59.23 -40.57 42.24
CA LEU K 231 59.43 -39.75 41.05
C LEU K 231 60.01 -38.40 41.40
N ARG K 232 59.62 -37.84 42.54
CA ARG K 232 60.28 -36.65 43.04
C ARG K 232 61.69 -36.98 43.52
N ALA K 233 61.86 -38.18 44.09
CA ALA K 233 63.13 -38.54 44.70
C ALA K 233 64.15 -38.97 43.67
N MET K 234 63.70 -39.56 42.55
CA MET K 234 64.62 -39.91 41.46
C MET K 234 65.27 -38.68 40.87
N VAL K 235 64.49 -37.62 40.65
CA VAL K 235 65.05 -36.38 40.11
C VAL K 235 65.74 -35.58 41.22
N HIS K 236 65.47 -35.92 42.48
CA HIS K 236 66.13 -35.26 43.61
C HIS K 236 67.58 -35.65 43.69
N THR K 237 67.86 -36.96 43.77
CA THR K 237 69.21 -37.47 43.81
C THR K 237 69.81 -37.67 42.42
N HIS K 238 69.26 -36.97 41.41
CA HIS K 238 69.78 -36.85 40.05
C HIS K 238 69.88 -38.17 39.30
N VAL K 239 69.18 -39.21 39.75
CA VAL K 239 69.13 -40.47 39.02
C VAL K 239 67.73 -40.58 38.42
N PHE K 240 67.61 -40.18 37.18
CA PHE K 240 66.35 -39.90 36.52
C PHE K 240 65.61 -41.18 36.20
N PRO K 241 64.28 -41.11 36.06
CA PRO K 241 63.54 -42.31 35.63
C PRO K 241 63.72 -42.64 34.16
N HIS K 242 64.35 -41.77 33.37
CA HIS K 242 64.87 -42.23 32.09
C HIS K 242 66.30 -42.68 32.32
N GLU K 243 66.81 -43.54 31.42
CA GLU K 243 67.86 -44.54 31.59
C GLU K 243 67.43 -45.59 32.62
N VAL K 244 66.11 -45.64 32.86
CA VAL K 244 65.40 -46.62 33.67
C VAL K 244 64.16 -46.87 32.84
N MET K 245 63.63 -48.10 32.85
CA MET K 245 62.34 -48.46 32.26
C MET K 245 62.30 -48.22 30.76
N ARG K 246 63.15 -48.93 30.02
CA ARG K 246 63.16 -48.84 28.58
C ARG K 246 61.87 -49.47 28.02
N PHE K 247 61.48 -49.02 26.81
CA PHE K 247 60.26 -49.47 26.16
C PHE K 247 60.31 -50.98 25.91
N PHE K 248 59.15 -51.63 26.05
CA PHE K 248 59.06 -53.08 25.98
C PHE K 248 58.14 -53.58 24.87
N GLY K 249 56.97 -52.98 24.67
CA GLY K 249 56.18 -53.36 23.50
C GLY K 249 54.70 -53.06 23.62
N GLY K 250 53.89 -53.95 23.05
CA GLY K 250 52.48 -53.66 22.83
C GLY K 250 51.41 -54.60 23.37
N LEU K 251 51.79 -55.61 24.18
CA LEU K 251 50.88 -56.47 24.94
C LEU K 251 49.89 -57.23 24.05
N VAL K 252 50.35 -58.23 23.31
CA VAL K 252 49.42 -59.04 22.52
C VAL K 252 48.50 -59.84 23.43
N SER K 253 49.06 -60.58 24.38
CA SER K 253 48.26 -61.47 25.21
C SER K 253 48.66 -61.34 26.66
N TRP K 254 47.72 -61.62 27.55
CA TRP K 254 48.04 -61.66 28.97
C TRP K 254 47.49 -62.95 29.61
N VAL K 255 48.36 -63.93 29.81
CA VAL K 255 47.95 -65.29 30.16
C VAL K 255 48.00 -65.40 31.69
N THR K 256 47.89 -64.26 32.36
CA THR K 256 48.29 -64.04 33.74
C THR K 256 47.58 -64.96 34.74
N GLN K 257 48.36 -65.47 35.68
CA GLN K 257 47.85 -66.24 36.80
C GLN K 257 47.42 -65.28 37.89
N ASP K 258 47.27 -65.79 39.11
CA ASP K 258 46.93 -64.99 40.29
C ASP K 258 48.11 -64.08 40.59
N GLU K 259 49.33 -64.58 40.66
CA GLU K 259 50.47 -63.76 41.06
C GLU K 259 51.34 -63.34 39.89
N LEU K 260 51.33 -64.07 38.78
CA LEU K 260 52.27 -63.81 37.70
C LEU K 260 51.59 -63.13 36.51
N ALA K 261 52.41 -62.74 35.55
CA ALA K 261 51.97 -62.11 34.31
C ALA K 261 52.99 -62.41 33.22
N SER K 262 52.63 -63.34 32.34
CA SER K 262 53.52 -63.81 31.28
C SER K 262 53.04 -63.21 29.96
N VAL K 263 53.40 -61.97 29.71
CA VAL K 263 52.77 -61.14 28.69
C VAL K 263 53.57 -61.27 27.41
N THR K 264 52.88 -61.56 26.31
CA THR K 264 53.48 -61.44 25.00
C THR K 264 53.31 -60.02 24.48
N ALA K 265 54.43 -59.30 24.44
CA ALA K 265 54.39 -57.85 24.35
C ALA K 265 55.39 -57.31 23.33
N VAL K 266 55.29 -57.79 22.08
CA VAL K 266 56.26 -57.67 21.00
C VAL K 266 56.96 -56.31 20.83
N CYS K 267 58.30 -56.35 20.89
CA CYS K 267 59.23 -55.26 20.66
C CYS K 267 59.41 -55.07 19.16
N SER K 268 60.57 -54.56 18.76
CA SER K 268 61.13 -54.81 17.44
C SER K 268 60.41 -54.10 16.31
N GLY K 269 59.98 -52.87 16.56
CA GLY K 269 59.73 -51.95 15.47
C GLY K 269 58.36 -52.02 14.85
N PRO K 270 58.34 -51.84 13.51
CA PRO K 270 57.10 -51.44 12.82
C PRO K 270 55.97 -52.44 12.86
N GLN K 271 56.34 -53.71 12.90
CA GLN K 271 55.36 -54.76 12.67
C GLN K 271 54.52 -55.02 13.91
N GLU K 272 54.96 -54.55 15.07
CA GLU K 272 54.34 -54.89 16.35
C GLU K 272 52.95 -54.27 16.49
N ALA K 273 52.72 -53.13 15.84
CA ALA K 273 51.38 -52.56 15.83
C ALA K 273 50.62 -52.90 14.55
N THR K 274 51.33 -53.36 13.52
CA THR K 274 50.63 -53.75 12.30
C THR K 274 50.12 -55.17 12.45
N HIS K 275 50.84 -56.00 13.21
CA HIS K 275 50.37 -57.35 13.52
C HIS K 275 49.28 -57.30 14.57
N THR K 276 49.11 -56.15 15.22
CA THR K 276 47.98 -55.89 16.09
C THR K 276 47.16 -54.72 15.54
N GLY K 277 47.17 -54.54 14.21
CA GLY K 277 46.42 -53.49 13.57
C GLY K 277 45.82 -53.92 12.25
N HIS K 278 46.32 -55.04 11.72
CA HIS K 278 45.79 -55.61 10.44
C HIS K 278 44.50 -56.37 10.78
N PRO K 279 44.49 -57.17 11.87
CA PRO K 279 43.30 -57.90 12.32
C PRO K 279 42.56 -57.08 13.39
N GLY K 280 43.01 -55.84 13.61
CA GLY K 280 42.42 -54.93 14.62
C GLY K 280 40.97 -54.57 14.33
N ARG K 281 40.62 -54.34 13.06
CA ARG K 281 39.31 -53.70 12.75
C ARG K 281 38.19 -54.60 13.26
N PRO K 282 38.23 -55.93 13.03
CA PRO K 282 37.22 -56.85 13.54
C PRO K 282 37.35 -56.94 15.07
N ARG K 283 36.22 -56.93 15.77
CA ARG K 283 36.19 -57.01 17.27
C ARG K 283 37.07 -55.90 17.86
N SER K 284 37.85 -56.21 18.89
CA SER K 284 38.70 -55.19 19.56
C SER K 284 40.17 -55.62 19.51
N ALA K 285 40.96 -54.95 18.67
CA ALA K 285 42.41 -55.26 18.54
C ALA K 285 43.23 -54.01 18.89
N VAL K 286 44.26 -54.21 19.74
CA VAL K 286 45.25 -53.20 20.25
C VAL K 286 44.74 -51.74 20.23
N THR K 287 44.60 -51.16 19.04
CA THR K 287 44.22 -49.77 18.78
C THR K 287 45.19 -48.76 19.40
N ILE K 288 46.05 -49.21 20.30
CA ILE K 288 47.10 -48.45 20.99
C ILE K 288 46.54 -47.16 21.61
N PRO K 289 45.83 -47.23 22.74
CA PRO K 289 45.28 -46.02 23.36
C PRO K 289 46.38 -45.17 23.99
N ALA K 290 46.34 -43.86 23.69
CA ALA K 290 47.27 -42.93 24.34
C ALA K 290 46.90 -42.68 25.78
N CYS K 291 45.63 -42.93 26.13
CA CYS K 291 45.04 -43.05 27.46
C CYS K 291 44.87 -41.72 28.18
N ALA K 292 45.17 -40.58 27.57
CA ALA K 292 44.93 -39.28 28.17
C ALA K 292 44.90 -38.22 27.09
N PHE K 293 44.01 -37.25 27.25
CA PHE K 293 43.97 -36.07 26.40
C PHE K 293 45.08 -35.09 26.75
N VAL K 294 45.45 -35.01 28.03
CA VAL K 294 46.58 -34.21 28.47
C VAL K 294 47.90 -34.81 27.99
N ASP K 295 48.01 -36.13 28.03
CA ASP K 295 49.12 -36.79 27.38
C ASP K 295 48.82 -36.88 25.88
N LEU K 296 49.76 -37.44 25.13
CA LEU K 296 49.82 -37.32 23.67
C LEU K 296 49.73 -35.85 23.26
N ASP K 297 50.79 -35.11 23.58
CA ASP K 297 50.90 -33.74 23.12
C ASP K 297 51.12 -33.77 21.61
N ALA K 298 50.02 -33.78 20.86
CA ALA K 298 50.08 -33.90 19.41
C ALA K 298 50.58 -32.58 18.84
N GLU K 299 51.82 -32.59 18.36
CA GLU K 299 52.49 -31.38 17.93
C GLU K 299 52.10 -31.14 16.47
N LEU K 300 52.82 -30.25 15.79
CA LEU K 300 52.47 -29.72 14.47
C LEU K 300 51.06 -29.13 14.46
N CYS K 301 50.83 -28.23 15.42
CA CYS K 301 49.72 -27.29 15.29
C CYS K 301 49.88 -26.47 14.03
N LEU K 302 51.11 -26.07 13.73
CA LEU K 302 51.50 -25.47 12.45
C LEU K 302 51.87 -26.60 11.51
N GLY K 303 50.91 -27.48 11.20
CA GLY K 303 51.23 -28.74 10.57
C GLY K 303 50.39 -29.10 9.36
N GLY K 304 51.00 -29.91 8.49
CA GLY K 304 50.37 -30.38 7.28
C GLY K 304 50.50 -31.89 7.10
N PRO K 305 50.15 -32.39 5.91
CA PRO K 305 50.09 -33.84 5.71
C PRO K 305 51.48 -34.48 5.59
N GLY K 306 51.75 -35.43 6.48
CA GLY K 306 52.98 -36.19 6.43
C GLY K 306 52.98 -37.26 7.49
N ALA K 307 53.90 -38.20 7.33
CA ALA K 307 54.05 -39.26 8.33
C ALA K 307 54.86 -38.76 9.51
N ALA K 308 54.28 -38.90 10.70
CA ALA K 308 54.86 -38.32 11.90
C ALA K 308 55.68 -39.34 12.70
N PHE K 309 56.56 -38.82 13.54
CA PHE K 309 57.35 -39.62 14.46
C PHE K 309 56.74 -39.51 15.85
N LEU K 310 56.71 -40.63 16.56
CA LEU K 310 56.27 -40.68 17.94
C LEU K 310 57.50 -40.70 18.82
N TYR K 311 57.44 -40.00 19.95
CA TYR K 311 58.53 -39.97 20.90
C TYR K 311 57.99 -40.24 22.29
N LEU K 312 58.89 -40.51 23.23
CA LEU K 312 58.52 -40.70 24.62
C LEU K 312 59.29 -39.70 25.46
N VAL K 313 58.64 -38.64 25.92
CA VAL K 313 59.30 -37.46 26.46
C VAL K 313 59.04 -37.36 27.96
N PHE K 314 60.14 -37.17 28.70
CA PHE K 314 60.11 -36.86 30.14
C PHE K 314 60.75 -35.49 30.35
N THR K 315 59.98 -34.54 30.83
CA THR K 315 60.49 -33.20 31.09
C THR K 315 60.84 -33.08 32.56
N TYR K 316 61.77 -32.18 32.88
CA TYR K 316 62.27 -32.05 34.23
C TYR K 316 62.50 -30.57 34.55
N ARG K 317 62.56 -30.29 35.85
CA ARG K 317 62.85 -28.97 36.39
C ARG K 317 63.25 -29.15 37.85
N GLN K 318 64.45 -28.70 38.20
CA GLN K 318 65.01 -28.94 39.53
C GLN K 318 64.63 -27.80 40.46
N CYS K 319 63.94 -28.14 41.54
CA CYS K 319 63.51 -27.30 42.66
C CYS K 319 62.53 -26.20 42.24
N ARG K 320 61.93 -26.26 41.05
CA ARG K 320 60.87 -25.32 40.71
C ARG K 320 59.56 -25.76 41.35
N ASP K 321 59.00 -26.87 40.86
CA ASP K 321 57.96 -27.60 41.59
C ASP K 321 58.57 -28.81 42.29
N GLN K 322 59.78 -28.63 42.84
CA GLN K 322 60.51 -29.62 43.63
C GLN K 322 60.78 -30.91 42.84
N GLU K 323 61.63 -30.81 41.81
CA GLU K 323 62.04 -31.93 40.96
C GLU K 323 60.84 -32.59 40.26
N LEU K 324 60.22 -31.79 39.40
CA LEU K 324 58.93 -32.14 38.83
C LEU K 324 59.04 -33.25 37.78
N CYS K 325 57.95 -33.99 37.59
CA CYS K 325 57.85 -35.00 36.54
C CYS K 325 56.68 -34.66 35.62
N CYS K 326 56.83 -34.95 34.34
CA CYS K 326 55.72 -34.94 33.38
C CYS K 326 55.94 -36.07 32.38
N VAL K 327 54.97 -36.98 32.31
CA VAL K 327 55.07 -38.17 31.47
C VAL K 327 54.03 -38.07 30.38
N TYR K 328 54.48 -37.89 29.14
CA TYR K 328 53.56 -37.78 28.00
C TYR K 328 54.31 -38.09 26.71
N VAL K 329 53.56 -38.07 25.61
CA VAL K 329 54.01 -38.45 24.28
C VAL K 329 53.89 -37.23 23.37
N VAL K 330 54.81 -37.07 22.43
CA VAL K 330 54.67 -36.08 21.39
C VAL K 330 54.60 -36.78 20.03
N LYS K 331 53.98 -36.12 19.07
CA LYS K 331 53.80 -36.65 17.71
C LYS K 331 54.21 -35.54 16.76
N SER K 332 55.20 -35.80 15.92
CA SER K 332 55.69 -34.76 15.04
C SER K 332 56.31 -35.38 13.81
N GLN K 333 56.25 -34.67 12.70
CA GLN K 333 57.06 -35.04 11.53
C GLN K 333 58.34 -34.22 11.58
N LEU K 334 59.06 -34.36 12.70
CA LEU K 334 60.32 -33.70 13.00
C LEU K 334 61.34 -34.78 13.36
N PRO K 335 62.60 -34.62 12.99
CA PRO K 335 63.60 -35.64 13.31
C PRO K 335 63.95 -35.61 14.79
N PRO K 336 64.48 -36.71 15.33
CA PRO K 336 64.93 -36.68 16.73
C PRO K 336 66.12 -35.75 16.95
N ARG K 337 66.87 -35.46 15.89
CA ARG K 337 67.94 -34.48 15.93
C ARG K 337 67.45 -33.06 15.73
N GLY K 338 66.21 -32.87 15.30
CA GLY K 338 65.65 -31.54 15.14
C GLY K 338 64.57 -31.30 16.18
N LEU K 339 64.24 -32.35 16.93
CA LEU K 339 63.26 -32.24 18.00
C LEU K 339 63.77 -31.37 19.13
N GLU K 340 65.09 -31.37 19.35
CA GLU K 340 65.68 -30.57 20.43
C GLU K 340 65.57 -29.08 20.13
N ALA K 341 65.38 -28.71 18.86
CA ALA K 341 65.03 -27.34 18.54
C ALA K 341 63.63 -27.01 19.06
N ALA K 342 62.70 -27.95 18.93
CA ALA K 342 61.35 -27.73 19.44
C ALA K 342 61.24 -28.01 20.93
N LEU K 343 62.00 -28.96 21.44
CA LEU K 343 61.95 -29.26 22.87
C LEU K 343 62.61 -28.18 23.70
N GLU K 344 63.55 -27.43 23.13
CA GLU K 344 64.05 -26.24 23.81
C GLU K 344 63.01 -25.14 23.81
N ARG K 345 62.18 -25.11 22.77
CA ARG K 345 61.02 -24.22 22.77
C ARG K 345 59.88 -24.89 23.52
N LEU K 346 58.71 -24.24 23.48
CA LEU K 346 57.41 -24.77 23.90
C LEU K 346 57.31 -25.01 25.40
N PHE K 347 58.37 -24.70 26.15
CA PHE K 347 58.45 -24.90 27.59
C PHE K 347 58.73 -23.56 28.27
N GLY K 348 58.17 -23.36 29.45
CA GLY K 348 58.63 -22.34 30.35
C GLY K 348 59.63 -22.86 31.36
N ARG K 349 59.90 -24.16 31.36
CA ARG K 349 60.74 -24.80 32.36
C ARG K 349 62.22 -24.76 32.01
N LEU K 350 62.64 -23.76 31.24
CA LEU K 350 64.05 -23.57 30.92
C LEU K 350 64.83 -22.91 32.05
N ARG K 351 64.18 -22.60 33.17
CA ARG K 351 64.84 -21.93 34.27
C ARG K 351 65.14 -22.87 35.43
N ILE K 352 66.03 -23.83 35.20
CA ILE K 352 66.64 -24.53 36.33
C ILE K 352 67.56 -23.57 37.10
N THR K 353 68.40 -22.84 36.37
CA THR K 353 69.25 -21.83 36.97
C THR K 353 68.78 -20.46 36.55
N THR K 416 70.80 -28.41 37.93
CA THR K 416 71.72 -27.83 36.95
C THR K 416 71.16 -27.90 35.54
N CYS K 417 71.05 -29.12 35.02
CA CYS K 417 70.91 -29.36 33.60
C CYS K 417 70.07 -30.61 33.35
N THR K 418 70.25 -31.16 32.13
CA THR K 418 69.69 -32.39 31.57
C THR K 418 68.20 -32.62 31.86
N TYR K 419 67.38 -31.66 31.44
CA TYR K 419 65.93 -31.84 31.44
C TYR K 419 65.53 -32.23 30.02
N ALA K 420 64.25 -32.56 29.85
CA ALA K 420 63.60 -32.84 28.57
C ALA K 420 64.28 -34.00 27.83
N ALA K 421 64.26 -35.17 28.46
CA ALA K 421 64.74 -36.37 27.80
C ALA K 421 63.67 -36.89 26.85
N PHE K 422 64.11 -37.64 25.84
CA PHE K 422 63.18 -38.24 24.90
C PHE K 422 63.80 -39.48 24.27
N ALA K 423 62.96 -40.49 24.09
CA ALA K 423 63.30 -41.64 23.27
C ALA K 423 62.24 -41.78 22.19
N GLU K 424 62.66 -42.21 21.01
CA GLU K 424 61.77 -42.30 19.86
C GLU K 424 60.89 -43.52 20.02
N LEU K 425 59.58 -43.31 20.10
CA LEU K 425 58.66 -44.44 20.07
C LEU K 425 58.54 -45.02 18.66
N GLY K 426 58.76 -44.20 17.65
CA GLY K 426 58.71 -44.69 16.28
C GLY K 426 57.81 -43.81 15.43
N VAL K 427 57.22 -44.44 14.41
CA VAL K 427 56.57 -43.67 13.35
C VAL K 427 55.07 -43.94 13.33
N MET K 428 54.30 -42.87 13.12
CA MET K 428 52.88 -42.95 12.83
C MET K 428 52.69 -42.58 11.37
N PRO K 429 52.66 -43.57 10.46
CA PRO K 429 52.53 -43.24 9.04
C PRO K 429 51.11 -43.10 8.54
N ASP K 430 50.24 -42.51 9.36
CA ASP K 430 48.86 -42.17 9.02
C ASP K 430 48.43 -40.99 9.86
N ASP K 431 48.51 -39.80 9.27
CA ASP K 431 48.38 -38.55 10.01
C ASP K 431 46.93 -38.27 10.41
N SER K 432 45.97 -38.65 9.57
CA SER K 432 44.54 -38.49 9.83
C SER K 432 44.08 -39.37 11.00
N PRO K 433 44.81 -40.45 11.33
CA PRO K 433 44.27 -41.47 12.24
C PRO K 433 44.32 -41.12 13.73
N ARG K 434 44.79 -39.94 14.09
CA ARG K 434 44.73 -39.50 15.47
C ARG K 434 43.28 -39.16 15.81
N CYS K 435 42.87 -39.40 17.05
CA CYS K 435 41.48 -39.29 17.44
C CYS K 435 41.33 -38.59 18.79
N LEU K 436 40.08 -38.48 19.26
CA LEU K 436 39.74 -38.02 20.59
C LEU K 436 38.49 -38.76 21.05
N HIS K 437 38.63 -39.57 22.10
CA HIS K 437 37.51 -40.36 22.61
C HIS K 437 37.57 -40.39 24.13
N ARG K 438 36.59 -41.06 24.74
CA ARG K 438 36.51 -41.13 26.20
C ARG K 438 36.10 -42.52 26.69
N THR K 439 36.41 -43.58 25.95
CA THR K 439 35.93 -44.92 26.24
C THR K 439 37.05 -45.77 26.82
N GLU K 440 36.86 -46.21 28.06
CA GLU K 440 37.76 -47.16 28.72
C GLU K 440 37.03 -47.79 29.90
N ARG K 441 37.37 -49.05 30.17
CA ARG K 441 36.84 -49.86 31.28
C ARG K 441 35.32 -49.96 31.29
N VAL K 445 34.33 -46.45 34.46
CA VAL K 445 35.01 -45.17 34.69
C VAL K 445 35.32 -44.48 33.37
N GLY K 446 34.81 -43.26 33.22
CA GLY K 446 35.07 -42.49 32.02
C GLY K 446 36.50 -42.00 31.96
N VAL K 447 37.30 -42.59 31.07
CA VAL K 447 38.69 -42.21 30.92
C VAL K 447 38.86 -41.63 29.52
N PRO K 448 39.23 -40.35 29.41
CA PRO K 448 39.45 -39.76 28.08
C PRO K 448 40.70 -40.33 27.43
N VAL K 449 40.66 -40.56 26.12
CA VAL K 449 41.57 -41.49 25.46
C VAL K 449 41.77 -41.03 24.02
N VAL K 450 42.79 -41.58 23.34
CA VAL K 450 43.04 -41.32 21.93
C VAL K 450 43.29 -42.64 21.20
N ILE K 451 42.51 -42.89 20.16
CA ILE K 451 42.79 -43.98 19.21
C ILE K 451 43.97 -43.55 18.33
N LEU K 452 44.95 -44.44 18.17
CA LEU K 452 46.13 -44.20 17.34
C LEU K 452 46.29 -45.33 16.33
N GLU K 453 45.71 -45.14 15.14
CA GLU K 453 45.56 -46.21 14.16
C GLU K 453 46.77 -46.25 13.23
N GLY K 454 47.65 -47.23 13.42
CA GLY K 454 48.76 -47.48 12.53
C GLY K 454 50.08 -46.92 13.05
N VAL K 455 50.89 -47.77 13.67
CA VAL K 455 52.06 -47.32 14.42
C VAL K 455 53.26 -48.17 14.00
N VAL K 456 54.39 -47.51 13.79
CA VAL K 456 55.70 -48.15 13.71
C VAL K 456 56.34 -47.99 15.07
N TRP K 457 56.72 -49.10 15.71
CA TRP K 457 57.27 -49.00 17.06
C TRP K 457 58.79 -48.97 17.05
N ARG K 458 59.38 -48.08 16.24
CA ARG K 458 60.84 -48.01 16.10
C ARG K 458 61.44 -47.60 17.43
N PRO K 459 62.14 -48.52 18.11
CA PRO K 459 62.23 -48.42 19.58
C PRO K 459 63.15 -47.33 20.08
N GLY K 460 64.22 -47.03 19.34
CA GLY K 460 65.06 -45.87 19.63
C GLY K 460 65.81 -45.96 20.95
N GLY K 461 66.47 -44.85 21.28
CA GLY K 461 67.16 -44.69 22.53
C GLY K 461 66.94 -43.31 23.14
N TRP K 462 67.32 -43.20 24.41
CA TRP K 462 67.17 -41.95 25.15
C TRP K 462 68.22 -40.96 24.71
N ARG K 463 67.98 -39.68 24.98
CA ARG K 463 68.86 -38.61 24.53
C ARG K 463 68.74 -37.44 25.48
N ALA K 464 69.59 -37.39 26.51
CA ALA K 464 69.50 -36.36 27.53
C ALA K 464 70.89 -35.81 27.82
N CYS K 465 71.11 -34.55 27.45
CA CYS K 465 72.36 -33.87 27.73
C CYS K 465 72.18 -32.61 28.57
N ALA K 466 71.35 -31.67 28.12
CA ALA K 466 71.18 -30.38 28.78
C ALA K 466 69.71 -30.01 28.93
N ALA L 3 13.40 95.24 -3.73
CA ALA L 3 12.13 94.55 -3.89
C ALA L 3 11.96 94.03 -5.32
N PRO L 4 12.16 92.73 -5.51
CA PRO L 4 12.03 92.16 -6.86
C PRO L 4 10.58 92.00 -7.29
N GLN L 5 10.36 92.20 -8.58
CA GLN L 5 9.05 92.00 -9.21
C GLN L 5 9.15 90.75 -10.08
N PHE L 6 8.39 89.73 -9.72
CA PHE L 6 8.57 88.39 -10.29
C PHE L 6 7.89 88.23 -11.65
N HIS L 7 7.23 89.27 -12.17
CA HIS L 7 6.74 89.25 -13.54
C HIS L 7 7.75 89.83 -14.52
N ARG L 8 8.91 90.25 -14.04
CA ARG L 8 10.01 90.73 -14.88
C ARG L 8 11.23 89.87 -14.62
N PRO L 9 11.72 89.12 -15.61
CA PRO L 9 12.82 88.17 -15.33
C PRO L 9 14.16 88.83 -15.10
N SER L 10 14.35 90.08 -15.53
CA SER L 10 15.62 90.78 -15.41
C SER L 10 15.79 91.48 -14.07
N THR L 11 14.93 91.19 -13.09
CA THR L 11 14.95 91.84 -11.79
C THR L 11 15.52 90.97 -10.69
N ILE L 12 15.31 89.65 -10.78
CA ILE L 12 15.65 88.73 -9.70
C ILE L 12 17.16 88.57 -9.60
N THR L 13 17.73 88.99 -8.48
CA THR L 13 19.13 88.74 -8.16
C THR L 13 19.19 87.92 -6.87
N ALA L 14 20.41 87.56 -6.47
CA ALA L 14 20.58 86.81 -5.22
C ALA L 14 20.37 87.72 -4.01
N ASP L 15 20.75 88.99 -4.12
CA ASP L 15 20.61 89.92 -3.01
C ASP L 15 19.18 90.42 -2.84
N ASN L 16 18.35 90.34 -3.89
CA ASN L 16 16.96 90.72 -3.75
C ASN L 16 16.15 89.63 -3.04
N VAL L 17 16.62 88.39 -3.11
CA VAL L 17 15.91 87.28 -2.48
C VAL L 17 16.43 87.05 -1.05
N ARG L 18 17.74 87.19 -0.85
CA ARG L 18 18.33 86.93 0.46
C ARG L 18 17.96 88.01 1.47
N ALA L 19 17.88 89.27 1.03
CA ALA L 19 17.49 90.35 1.93
C ALA L 19 16.03 90.25 2.35
N LEU L 20 15.18 89.70 1.49
CA LEU L 20 13.80 89.41 1.86
C LEU L 20 13.77 88.18 2.76
N GLY L 21 12.93 88.25 3.81
CA GLY L 21 12.83 87.14 4.73
C GLY L 21 12.14 85.94 4.11
N MET L 22 12.36 84.77 4.74
CA MET L 22 11.77 83.53 4.24
C MET L 22 10.26 83.51 4.45
N ARG L 23 9.78 84.16 5.51
CA ARG L 23 8.34 84.30 5.70
C ARG L 23 7.73 85.26 4.69
N GLY L 24 8.41 86.36 4.38
CA GLY L 24 7.93 87.33 3.43
C GLY L 24 8.13 86.92 1.99
N LEU L 25 8.93 85.88 1.76
CA LEU L 25 9.16 85.38 0.41
C LEU L 25 7.95 84.60 -0.09
N VAL L 26 7.15 84.07 0.83
CA VAL L 26 5.94 83.34 0.46
C VAL L 26 4.88 84.30 -0.08
N LEU L 27 4.66 85.43 0.61
CA LEU L 27 3.62 86.36 0.20
C LEU L 27 4.04 87.25 -0.97
N ALA L 28 5.35 87.46 -1.16
CA ALA L 28 5.80 88.30 -2.26
C ALA L 28 5.60 87.61 -3.61
N THR L 29 5.84 86.31 -3.66
CA THR L 29 5.65 85.58 -4.91
C THR L 29 4.19 85.29 -5.19
N ASN L 30 3.39 85.08 -4.14
CA ASN L 30 1.98 84.75 -4.31
C ASN L 30 1.11 85.94 -4.68
N ASN L 31 1.61 87.17 -4.49
CA ASN L 31 0.88 88.37 -4.86
C ASN L 31 1.43 88.99 -6.14
N ALA L 32 1.98 88.18 -7.02
CA ALA L 32 2.56 88.66 -8.27
C ALA L 32 1.49 88.77 -9.35
N GLN L 33 1.91 88.97 -10.59
CA GLN L 33 1.02 89.17 -11.71
C GLN L 33 0.97 87.92 -12.57
N PHE L 34 -0.22 87.59 -13.09
CA PHE L 34 -0.38 86.45 -13.98
C PHE L 34 0.31 86.69 -15.31
N ILE L 35 0.24 87.92 -15.81
CA ILE L 35 0.78 88.26 -17.13
C ILE L 35 2.29 88.43 -17.02
N MET L 36 3.03 87.64 -17.81
CA MET L 36 4.48 87.72 -17.83
C MET L 36 4.93 88.71 -18.89
N ASP L 37 5.63 89.77 -18.47
CA ASP L 37 6.13 90.77 -19.39
C ASP L 37 7.38 90.25 -20.10
N ASN L 38 7.45 90.51 -21.41
CA ASN L 38 8.59 90.12 -22.22
C ASN L 38 9.40 91.33 -22.68
N SER L 39 9.31 92.45 -21.96
CA SER L 39 9.95 93.68 -22.41
C SER L 39 11.45 93.71 -22.11
N TYR L 40 11.87 93.20 -20.96
CA TYR L 40 13.29 93.20 -20.58
C TYR L 40 13.64 91.81 -20.06
N PRO L 41 14.18 90.95 -20.91
CA PRO L 41 14.55 89.60 -20.47
C PRO L 41 15.84 89.61 -19.65
N HIS L 42 16.10 88.47 -19.01
CA HIS L 42 17.32 88.32 -18.24
C HIS L 42 18.51 88.17 -19.19
N PRO L 43 19.67 88.74 -18.84
CA PRO L 43 20.83 88.69 -19.76
C PRO L 43 21.41 87.31 -19.99
N HIS L 44 21.13 86.34 -19.11
CA HIS L 44 21.56 84.96 -19.29
C HIS L 44 20.45 84.07 -19.81
N GLY L 45 19.45 84.63 -20.47
CA GLY L 45 18.31 83.87 -20.95
C GLY L 45 17.25 83.72 -19.88
N THR L 46 16.12 83.13 -20.29
CA THR L 46 15.04 82.85 -19.34
C THR L 46 15.43 81.75 -18.37
N GLN L 47 16.30 80.83 -18.78
CA GLN L 47 16.84 79.85 -17.85
C GLN L 47 17.90 80.47 -16.95
N GLY L 48 18.46 81.61 -17.34
CA GLY L 48 19.42 82.29 -16.48
C GLY L 48 18.80 82.92 -15.26
N ALA L 49 17.50 83.23 -15.33
CA ALA L 49 16.80 83.75 -14.14
C ALA L 49 16.39 82.61 -13.20
N VAL L 50 16.28 81.40 -13.73
CA VAL L 50 16.00 80.24 -12.88
C VAL L 50 17.26 79.83 -12.12
N ARG L 51 18.44 80.07 -12.72
CA ARG L 51 19.71 79.86 -12.03
C ARG L 51 19.88 80.80 -10.84
N GLU L 52 19.60 82.09 -11.05
CA GLU L 52 19.87 83.10 -10.04
C GLU L 52 18.85 83.06 -8.91
N PHE L 53 17.68 82.48 -9.16
CA PHE L 53 16.58 82.51 -8.20
C PHE L 53 16.86 81.64 -6.98
N LEU L 54 17.67 80.59 -7.13
CA LEU L 54 17.93 79.69 -6.02
C LEU L 54 19.21 79.98 -5.27
N ARG L 55 20.03 80.92 -5.74
CA ARG L 55 21.21 81.29 -4.96
C ARG L 55 20.86 82.20 -3.79
N GLY L 56 19.68 82.80 -3.80
CA GLY L 56 19.24 83.64 -2.70
C GLY L 56 18.45 82.91 -1.65
N GLN L 57 17.72 81.87 -2.05
CA GLN L 57 16.91 81.12 -1.09
C GLN L 57 17.76 80.23 -0.21
N ALA L 58 18.67 79.45 -0.82
CA ALA L 58 19.44 78.47 -0.07
C ALA L 58 20.51 79.12 0.80
N ALA L 59 20.88 80.37 0.48
CA ALA L 59 21.75 81.13 1.37
C ALA L 59 21.01 81.60 2.61
N ALA L 60 19.68 81.60 2.58
CA ALA L 60 18.87 81.91 3.76
C ALA L 60 18.56 80.68 4.60
N LEU L 61 18.99 79.49 4.16
CA LEU L 61 18.89 78.29 5.00
C LEU L 61 19.79 78.41 6.22
N THR L 62 21.04 78.85 6.02
CA THR L 62 21.91 79.10 7.16
C THR L 62 21.53 80.39 7.88
N ASP L 63 20.94 81.36 7.17
CA ASP L 63 20.49 82.59 7.82
C ASP L 63 19.29 82.34 8.72
N LEU L 64 18.47 81.35 8.38
CA LEU L 64 17.42 80.91 9.29
C LEU L 64 17.99 79.94 10.32
N GLY L 65 19.14 79.33 10.02
CA GLY L 65 19.83 78.51 11.00
C GLY L 65 20.45 79.32 12.11
N VAL L 66 20.85 80.56 11.83
CA VAL L 66 21.29 81.50 12.86
C VAL L 66 20.17 81.86 13.82
N THR L 67 18.97 82.12 13.31
CA THR L 67 17.80 82.34 14.15
C THR L 67 17.34 81.08 14.87
N HIS L 68 17.80 79.90 14.45
CA HIS L 68 17.51 78.63 15.14
C HIS L 68 18.75 78.03 15.79
N ALA L 69 19.86 78.76 15.82
CA ALA L 69 21.07 78.25 16.49
C ALA L 69 20.94 78.30 18.01
N ASN L 70 20.13 79.22 18.54
CA ASN L 70 19.81 79.24 19.96
C ASN L 70 18.75 78.22 20.33
N ASN L 71 18.29 77.43 19.36
CA ASN L 71 17.27 76.43 19.60
C ASN L 71 17.79 75.00 19.50
N THR L 72 18.89 74.75 18.79
CA THR L 72 19.55 73.44 18.72
C THR L 72 21.02 73.58 19.15
N PHE L 73 21.76 72.49 18.97
CA PHE L 73 23.14 72.39 19.40
C PHE L 73 24.11 72.53 18.23
N ALA L 74 25.39 72.38 18.53
CA ALA L 74 26.44 72.52 17.53
C ALA L 74 26.47 71.29 16.64
N PRO L 75 26.74 71.44 15.34
CA PRO L 75 26.76 70.27 14.45
C PRO L 75 28.00 69.40 14.67
N GLN L 76 27.78 68.24 15.25
CA GLN L 76 28.79 67.24 15.48
C GLN L 76 29.20 66.58 14.16
N PRO L 77 30.36 65.92 14.12
CA PRO L 77 30.65 65.06 12.96
C PRO L 77 29.67 63.90 12.87
N MET L 78 29.23 63.64 11.64
CA MET L 78 28.26 62.60 11.36
C MET L 78 28.87 61.39 10.68
N PHE L 79 30.16 61.46 10.33
CA PHE L 79 30.80 60.43 9.52
C PHE L 79 32.24 60.21 9.97
N ALA L 80 32.86 59.21 9.36
CA ALA L 80 34.14 58.68 9.83
C ALA L 80 35.29 59.59 9.41
N GLY L 81 36.48 59.23 9.90
CA GLY L 81 37.71 59.92 9.56
C GLY L 81 37.84 61.32 10.11
N ASP L 82 37.01 61.69 11.08
CA ASP L 82 36.99 63.05 11.63
C ASP L 82 37.21 62.95 13.14
N ALA L 83 38.48 62.98 13.56
CA ALA L 83 38.84 63.11 14.96
C ALA L 83 40.22 63.75 15.02
N ALA L 84 40.51 64.40 16.16
CA ALA L 84 41.79 65.09 16.29
C ALA L 84 42.91 64.10 16.60
N ALA L 85 42.83 63.44 17.74
CA ALA L 85 43.86 62.47 18.16
C ALA L 85 43.41 61.09 17.70
N GLU L 86 43.69 60.78 16.44
CA GLU L 86 43.27 59.51 15.85
C GLU L 86 44.25 58.38 16.09
N TRP L 87 45.41 58.64 16.65
CA TRP L 87 46.34 57.56 16.98
C TRP L 87 46.07 56.94 18.35
N LEU L 88 45.21 57.53 19.15
CA LEU L 88 44.90 56.95 20.46
C LEU L 88 43.45 56.53 20.60
N ARG L 89 42.52 57.20 19.92
CA ARG L 89 41.11 56.83 19.86
C ARG L 89 40.55 57.14 18.48
N PRO L 90 39.56 56.38 18.02
CA PRO L 90 39.05 56.61 16.66
C PRO L 90 38.02 57.72 16.55
N SER L 91 37.42 57.80 15.36
CA SER L 91 36.49 58.87 14.98
C SER L 91 35.09 58.30 14.90
N PHE L 92 34.13 58.98 15.53
CA PHE L 92 32.76 58.53 15.48
C PHE L 92 31.97 59.33 14.45
N GLY L 93 30.66 59.19 14.51
CA GLY L 93 29.76 60.02 13.75
C GLY L 93 28.36 59.87 14.28
N LEU L 94 27.66 60.98 14.53
CA LEU L 94 26.34 60.89 15.14
C LEU L 94 25.26 60.75 14.07
N LYS L 95 24.61 59.59 14.07
CA LYS L 95 23.29 59.49 13.48
C LYS L 95 22.37 60.42 14.24
N ARG L 96 21.95 61.52 13.61
CA ARG L 96 21.16 62.53 14.31
C ARG L 96 19.71 62.07 14.41
N THR L 97 19.50 61.01 15.19
CA THR L 97 18.19 60.45 15.44
C THR L 97 17.59 60.96 16.74
N TYR L 98 18.30 61.82 17.46
CA TYR L 98 17.85 62.38 18.73
C TYR L 98 16.88 63.54 18.47
N SER L 99 16.63 64.32 19.51
CA SER L 99 15.79 65.51 19.45
C SER L 99 16.70 66.72 19.66
N PRO L 100 17.24 67.31 18.59
CA PRO L 100 17.99 68.55 18.76
C PRO L 100 17.05 69.70 19.10
N PHE L 101 17.06 70.10 20.37
CA PHE L 101 16.18 71.14 20.88
C PHE L 101 16.76 71.66 22.18
N VAL L 102 16.97 72.97 22.26
CA VAL L 102 17.57 73.62 23.43
C VAL L 102 16.49 74.32 24.22
N VAL L 103 16.35 73.94 25.49
CA VAL L 103 15.40 74.58 26.38
C VAL L 103 16.11 75.64 27.22
N ALA M 3 50.27 71.72 31.10
CA ALA M 3 49.13 71.26 30.33
C ALA M 3 49.57 70.27 29.24
N PRO M 4 48.84 69.17 29.10
CA PRO M 4 49.18 68.20 28.04
C PRO M 4 48.64 68.63 26.67
N GLN M 5 49.43 68.31 25.65
CA GLN M 5 49.12 68.64 24.26
C GLN M 5 49.11 67.35 23.47
N PHE M 6 48.00 67.07 22.80
CA PHE M 6 47.79 65.77 22.18
C PHE M 6 48.42 65.65 20.81
N HIS M 7 48.96 66.72 20.25
CA HIS M 7 49.75 66.61 19.05
C HIS M 7 51.25 66.55 19.33
N ARG M 8 51.65 66.27 20.57
CA ARG M 8 53.05 66.03 20.92
C ARG M 8 53.15 64.76 21.77
N PRO M 9 53.94 63.78 21.37
CA PRO M 9 53.91 62.47 22.04
C PRO M 9 54.56 62.45 23.42
N SER M 10 55.72 63.09 23.59
CA SER M 10 56.50 63.00 24.83
C SER M 10 55.97 63.92 25.93
N THR M 11 54.80 64.52 25.74
CA THR M 11 54.16 65.37 26.73
C THR M 11 52.98 64.67 27.40
N ILE M 12 52.33 63.73 26.70
CA ILE M 12 51.16 63.04 27.24
C ILE M 12 51.61 62.06 28.32
N THR M 13 51.20 62.34 29.56
CA THR M 13 51.44 61.48 30.70
C THR M 13 50.08 61.13 31.33
N ALA M 14 50.12 60.38 32.43
CA ALA M 14 48.89 60.06 33.13
C ALA M 14 48.41 61.22 33.98
N ASP M 15 49.32 61.83 34.74
CA ASP M 15 48.96 62.84 35.72
C ASP M 15 48.53 64.15 35.09
N ASN M 16 49.00 64.43 33.88
CA ASN M 16 48.51 65.60 33.15
C ASN M 16 47.09 65.36 32.65
N VAL M 17 46.69 64.09 32.54
CA VAL M 17 45.34 63.74 32.16
C VAL M 17 44.46 63.57 33.40
N ARG M 18 45.01 62.96 34.46
CA ARG M 18 44.23 62.68 35.66
C ARG M 18 43.83 63.95 36.39
N ALA M 19 44.69 64.98 36.34
CA ALA M 19 44.37 66.24 37.00
C ALA M 19 43.24 66.99 36.30
N LEU M 20 42.99 66.70 35.03
CA LEU M 20 41.82 67.22 34.34
C LEU M 20 40.62 66.33 34.59
N GLY M 21 39.43 66.93 34.68
CA GLY M 21 38.22 66.17 34.85
C GLY M 21 37.84 65.40 33.60
N MET M 22 36.97 64.41 33.79
CA MET M 22 36.57 63.54 32.68
C MET M 22 35.62 64.24 31.72
N ARG M 23 34.93 65.29 32.17
CA ARG M 23 34.06 66.06 31.27
C ARG M 23 34.86 66.84 30.24
N GLY M 24 35.91 67.54 30.66
CA GLY M 24 36.74 68.31 29.75
C GLY M 24 37.80 67.49 29.05
N LEU M 25 38.05 66.29 29.55
CA LEU M 25 39.00 65.38 28.89
C LEU M 25 38.46 64.93 27.53
N VAL M 26 37.14 64.91 27.37
CA VAL M 26 36.55 64.59 26.07
C VAL M 26 36.84 65.71 25.09
N LEU M 27 36.72 66.96 25.54
CA LEU M 27 36.88 68.10 24.65
C LEU M 27 38.32 68.33 24.23
N ALA M 28 39.27 68.02 25.12
CA ALA M 28 40.67 68.34 24.83
C ALA M 28 41.25 67.40 23.79
N THR M 29 40.74 66.17 23.72
CA THR M 29 41.07 65.30 22.61
C THR M 29 40.23 65.63 21.38
N ASN M 30 39.15 66.40 21.55
CA ASN M 30 38.33 66.82 20.44
C ASN M 30 38.67 68.23 19.95
N ASN M 31 39.71 68.86 20.50
CA ASN M 31 40.13 70.18 20.06
C ASN M 31 41.64 70.24 19.81
N ALA M 32 42.28 69.10 19.51
CA ALA M 32 43.71 69.06 19.25
C ALA M 32 43.97 69.39 17.78
N GLN M 33 45.22 69.25 17.33
CA GLN M 33 45.60 69.60 15.98
C GLN M 33 45.62 68.36 15.11
N PHE M 34 45.06 68.48 13.90
CA PHE M 34 44.97 67.34 13.00
C PHE M 34 46.32 67.00 12.38
N ILE M 35 47.24 67.96 12.33
CA ILE M 35 48.61 67.69 11.94
C ILE M 35 49.41 67.42 13.22
N MET M 36 50.08 66.28 13.27
CA MET M 36 50.78 65.86 14.48
C MET M 36 52.26 66.22 14.36
N ASP M 37 52.83 66.68 15.48
CA ASP M 37 54.27 66.89 15.57
C ASP M 37 54.95 65.61 15.98
N ASN M 38 55.89 65.14 15.15
CA ASN M 38 56.55 63.86 15.37
C ASN M 38 58.02 64.04 15.76
N SER M 39 58.51 65.29 15.79
CA SER M 39 59.90 65.56 16.09
C SER M 39 60.25 65.34 17.56
N TYR M 40 59.26 65.24 18.44
CA TYR M 40 59.51 64.99 19.86
C TYR M 40 58.76 63.74 20.28
N PRO M 41 59.22 62.55 19.90
CA PRO M 41 58.44 61.33 20.14
C PRO M 41 58.53 60.88 21.59
N HIS M 42 57.58 60.05 21.97
CA HIS M 42 57.59 59.44 23.28
C HIS M 42 58.74 58.43 23.35
N PRO M 43 59.45 58.35 24.48
CA PRO M 43 60.63 57.48 24.54
C PRO M 43 60.33 55.99 24.46
N HIS M 44 59.12 55.57 24.84
CA HIS M 44 58.75 54.17 24.87
C HIS M 44 58.03 53.73 23.60
N GLY M 45 58.33 54.36 22.47
CA GLY M 45 57.59 54.15 21.25
C GLY M 45 56.32 54.97 21.20
N THR M 46 55.80 55.13 19.99
CA THR M 46 54.52 55.82 19.82
C THR M 46 53.37 54.99 20.38
N GLN M 47 53.50 53.66 20.33
CA GLN M 47 52.53 52.79 20.97
C GLN M 47 52.67 52.81 22.48
N GLY M 48 53.84 53.21 22.99
CA GLY M 48 54.00 53.42 24.42
C GLY M 48 53.35 54.69 24.90
N ALA M 49 53.06 55.62 24.00
CA ALA M 49 52.24 56.77 24.35
C ALA M 49 50.78 56.37 24.53
N VAL M 50 50.38 55.25 23.93
CA VAL M 50 49.04 54.73 24.16
C VAL M 50 49.00 53.95 25.47
N ARG M 51 50.16 53.44 25.91
CA ARG M 51 50.25 52.76 27.21
C ARG M 51 49.93 53.69 28.36
N GLU M 52 50.42 54.92 28.30
CA GLU M 52 50.30 55.81 29.45
C GLU M 52 48.92 56.46 29.50
N PHE M 53 48.30 56.71 28.36
CA PHE M 53 47.03 57.43 28.37
C PHE M 53 45.88 56.56 28.86
N LEU M 54 45.91 55.26 28.59
CA LEU M 54 44.92 54.36 29.18
C LEU M 54 45.26 53.95 30.61
N ARG M 55 46.44 54.32 31.10
CA ARG M 55 46.61 54.42 32.53
C ARG M 55 45.98 55.71 33.06
N GLY M 56 45.77 56.69 32.19
CA GLY M 56 45.31 58.01 32.59
C GLY M 56 43.80 58.16 32.66
N GLN M 57 43.08 57.59 31.68
CA GLN M 57 41.62 57.64 31.75
C GLN M 57 41.07 56.74 32.85
N ALA M 58 41.75 55.62 33.09
CA ALA M 58 41.33 54.70 34.15
C ALA M 58 41.54 55.29 35.53
N ALA M 59 42.55 56.15 35.67
CA ALA M 59 42.74 56.85 36.94
C ALA M 59 41.71 57.94 37.16
N ALA M 60 41.29 58.63 36.10
CA ALA M 60 40.28 59.67 36.24
C ALA M 60 38.86 59.13 36.32
N LEU M 61 38.68 57.83 36.04
CA LEU M 61 37.41 57.18 36.38
C LEU M 61 37.17 57.19 37.88
N THR M 62 38.25 56.97 38.66
CA THR M 62 38.13 56.98 40.11
C THR M 62 37.82 58.37 40.63
N ASP M 63 38.36 59.41 40.01
CA ASP M 63 38.06 60.79 40.40
C ASP M 63 36.62 61.14 40.08
N LEU M 64 36.04 60.51 39.05
CA LEU M 64 34.61 60.57 38.85
C LEU M 64 33.87 59.67 39.85
N GLY M 65 34.53 58.61 40.30
CA GLY M 65 33.88 57.67 41.20
C GLY M 65 33.76 58.16 42.62
N VAL M 66 34.73 58.97 43.08
CA VAL M 66 34.63 59.62 44.38
C VAL M 66 33.50 60.64 44.43
N THR M 67 33.31 61.40 43.35
CA THR M 67 32.29 62.44 43.29
C THR M 67 30.87 61.91 43.26
N HIS M 68 30.66 60.63 42.95
CA HIS M 68 29.34 60.03 43.01
C HIS M 68 29.23 58.98 44.11
N ALA M 69 30.15 58.99 45.07
CA ALA M 69 30.02 58.12 46.23
C ALA M 69 28.90 58.55 47.16
N ASN M 70 28.53 59.84 47.12
CA ASN M 70 27.33 60.34 47.77
C ASN M 70 26.08 60.13 46.92
N ASN M 71 26.22 59.50 45.75
CA ASN M 71 25.10 59.26 44.86
C ASN M 71 24.68 57.79 44.82
N THR M 72 25.59 56.85 44.99
CA THR M 72 25.28 55.43 45.03
C THR M 72 25.51 54.91 46.45
N PHE M 73 25.19 53.63 46.65
CA PHE M 73 25.41 53.00 47.94
C PHE M 73 26.76 52.31 47.96
N ALA M 74 26.97 51.49 48.98
CA ALA M 74 28.22 50.75 49.11
C ALA M 74 28.18 49.52 48.21
N PRO M 75 29.11 49.36 47.28
CA PRO M 75 29.13 48.15 46.46
C PRO M 75 29.68 46.96 47.24
N GLN M 76 28.81 46.03 47.56
CA GLN M 76 29.05 44.77 48.25
C GLN M 76 29.88 43.83 47.38
N PRO M 77 30.51 42.81 47.95
CA PRO M 77 31.17 41.80 47.12
C PRO M 77 30.15 41.02 46.30
N MET M 78 30.55 40.68 45.08
CA MET M 78 29.65 40.10 44.11
C MET M 78 29.53 38.59 44.25
N PHE M 79 30.52 37.94 44.85
CA PHE M 79 30.65 36.49 44.77
C PHE M 79 30.89 35.90 46.15
N ALA M 80 30.59 34.61 46.25
CA ALA M 80 30.74 33.87 47.49
C ALA M 80 32.20 33.53 47.73
N GLY M 81 32.45 32.97 48.90
CA GLY M 81 33.81 32.70 49.34
C GLY M 81 34.53 33.88 49.93
N ASP M 82 33.91 35.06 49.97
CA ASP M 82 34.48 36.26 50.55
C ASP M 82 33.54 36.76 51.63
N ALA M 83 33.80 36.32 52.86
CA ALA M 83 33.09 36.85 54.02
C ALA M 83 34.03 36.77 55.22
N ALA M 84 33.71 37.56 56.25
CA ALA M 84 34.57 37.59 57.44
C ALA M 84 34.39 36.32 58.26
N ALA M 85 33.22 36.14 58.86
CA ALA M 85 32.93 34.95 59.66
C ALA M 85 32.17 34.00 58.75
N GLU M 86 32.92 33.13 58.06
CA GLU M 86 32.35 32.17 57.15
C GLU M 86 31.94 30.87 57.82
N TRP M 87 32.25 30.70 59.10
CA TRP M 87 32.09 29.42 59.78
C TRP M 87 30.81 29.31 60.58
N LEU M 88 30.21 30.42 60.98
CA LEU M 88 28.92 30.34 61.64
C LEU M 88 27.77 30.75 60.73
N ARG M 89 28.05 31.53 59.70
CA ARG M 89 27.12 31.86 58.65
C ARG M 89 27.89 32.00 57.33
N PRO M 90 27.28 31.70 56.19
CA PRO M 90 28.07 31.61 54.96
C PRO M 90 28.24 32.94 54.24
N SER M 91 28.87 32.88 53.06
CA SER M 91 29.15 34.05 52.23
C SER M 91 28.14 34.12 51.10
N PHE M 92 27.52 35.28 50.94
CA PHE M 92 26.66 35.51 49.80
C PHE M 92 27.45 36.27 48.76
N GLY M 93 26.76 36.79 47.76
CA GLY M 93 27.35 37.75 46.85
C GLY M 93 26.25 38.41 46.06
N LEU M 94 26.25 39.73 46.00
CA LEU M 94 25.12 40.42 45.38
C LEU M 94 25.34 40.57 43.88
N LYS M 95 24.41 40.02 43.11
CA LYS M 95 24.30 40.32 41.69
C LYS M 95 23.96 41.79 41.56
N ARG M 96 24.92 42.59 41.11
CA ARG M 96 24.77 44.05 41.17
C ARG M 96 23.79 44.50 40.09
N THR M 97 22.51 44.25 40.35
CA THR M 97 21.43 44.43 39.40
C THR M 97 20.43 45.48 39.81
N TYR M 98 20.48 45.95 41.07
CA TYR M 98 19.57 46.96 41.56
C TYR M 98 19.99 48.33 41.03
N SER M 99 19.34 49.38 41.52
CA SER M 99 19.67 50.77 41.17
C SER M 99 20.29 51.41 42.39
N PRO M 100 21.61 51.52 42.45
CA PRO M 100 22.24 52.23 43.57
C PRO M 100 22.02 53.72 43.46
N PHE M 101 21.13 54.25 44.30
CA PHE M 101 20.81 55.67 44.20
C PHE M 101 20.57 56.25 45.59
N VAL M 102 21.21 57.38 45.87
CA VAL M 102 21.01 58.11 47.11
C VAL M 102 20.01 59.22 46.84
N VAL M 103 18.92 59.22 47.59
CA VAL M 103 17.86 60.20 47.40
C VAL M 103 18.24 61.52 48.07
N ALA N 3 29.04 42.65 74.54
CA ALA N 3 29.55 42.65 73.19
C ALA N 3 30.62 41.56 73.00
N PRO N 4 30.29 40.54 72.21
CA PRO N 4 31.23 39.44 71.99
C PRO N 4 32.08 39.68 70.75
N GLN N 5 33.08 38.82 70.59
CA GLN N 5 33.93 38.82 69.40
C GLN N 5 33.72 37.51 68.67
N PHE N 6 33.43 37.60 67.37
CA PHE N 6 32.98 36.45 66.60
C PHE N 6 34.13 35.60 66.07
N HIS N 7 35.35 36.10 66.09
CA HIS N 7 36.52 35.31 65.74
C HIS N 7 37.05 34.51 66.92
N ARG N 8 36.38 34.55 68.06
CA ARG N 8 36.76 33.81 69.26
C ARG N 8 35.58 32.96 69.71
N PRO N 9 35.67 31.63 69.65
CA PRO N 9 34.50 30.80 69.94
C PRO N 9 34.13 30.76 71.42
N SER N 10 35.04 31.17 72.31
CA SER N 10 34.77 31.23 73.73
C SER N 10 34.16 32.56 74.16
N THR N 11 33.56 33.30 73.22
CA THR N 11 33.03 34.62 73.53
C THR N 11 31.57 34.78 73.16
N ILE N 12 31.09 34.07 72.15
CA ILE N 12 29.68 34.13 71.79
C ILE N 12 28.87 33.39 72.85
N THR N 13 28.12 34.16 73.65
CA THR N 13 27.37 33.65 74.79
C THR N 13 25.90 34.07 74.64
N ALA N 14 25.14 33.85 75.71
CA ALA N 14 23.68 33.96 75.62
C ALA N 14 23.21 35.40 75.66
N ASP N 15 23.59 36.14 76.69
CA ASP N 15 23.11 37.52 76.82
C ASP N 15 23.82 38.48 75.90
N ASN N 16 24.95 38.08 75.32
CA ASN N 16 25.69 38.99 74.44
C ASN N 16 24.98 39.20 73.11
N VAL N 17 24.47 38.12 72.51
CA VAL N 17 23.79 38.25 71.24
C VAL N 17 22.39 38.83 71.43
N ARG N 18 21.77 38.52 72.58
CA ARG N 18 20.38 38.91 72.81
C ARG N 18 20.25 40.39 73.16
N ALA N 19 21.17 40.92 73.96
CA ALA N 19 21.16 42.36 74.24
C ALA N 19 21.52 43.17 73.01
N LEU N 20 22.31 42.60 72.12
CA LEU N 20 22.57 43.24 70.83
C LEU N 20 21.34 43.13 69.94
N GLY N 21 21.08 44.16 69.15
CA GLY N 21 19.92 44.16 68.29
C GLY N 21 20.12 43.33 67.04
N MET N 22 18.99 42.93 66.44
CA MET N 22 19.04 42.14 65.22
C MET N 22 19.54 42.95 64.04
N ARG N 23 19.26 44.26 64.02
CA ARG N 23 19.88 45.13 63.03
C ARG N 23 21.38 45.26 63.28
N GLY N 24 21.78 45.31 64.54
CA GLY N 24 23.18 45.46 64.89
C GLY N 24 23.98 44.18 64.81
N LEU N 25 23.29 43.04 64.85
CA LEU N 25 23.97 41.75 64.82
C LEU N 25 24.55 41.48 63.44
N VAL N 26 23.90 41.98 62.39
CA VAL N 26 24.27 41.61 61.02
C VAL N 26 25.56 42.29 60.61
N LEU N 27 25.67 43.60 60.83
CA LEU N 27 26.91 44.32 60.53
C LEU N 27 28.03 43.99 61.51
N ALA N 28 27.71 43.36 62.63
CA ALA N 28 28.74 42.96 63.58
C ALA N 28 29.58 41.82 63.02
N THR N 29 28.92 40.75 62.57
CA THR N 29 29.67 39.65 61.96
C THR N 29 30.18 40.02 60.58
N ASN N 30 29.54 40.98 59.89
CA ASN N 30 30.09 41.50 58.65
C ASN N 30 31.34 42.35 58.87
N ASN N 31 31.59 42.78 60.11
CA ASN N 31 32.87 43.37 60.49
C ASN N 31 33.65 42.47 61.43
N ALA N 32 33.62 41.17 61.19
CA ALA N 32 34.49 40.22 61.88
C ALA N 32 35.83 40.17 61.16
N GLN N 33 36.64 39.18 61.50
CA GLN N 33 38.02 39.12 61.02
C GLN N 33 38.29 37.74 60.42
N PHE N 34 39.13 37.72 59.38
CA PHE N 34 39.40 36.49 58.65
C PHE N 34 40.13 35.47 59.51
N ILE N 35 41.04 35.94 60.36
CA ILE N 35 41.96 35.06 61.08
C ILE N 35 41.20 34.36 62.21
N MET N 36 41.28 33.03 62.22
CA MET N 36 40.73 32.24 63.31
C MET N 36 41.79 32.03 64.38
N ASP N 37 41.59 32.65 65.54
CA ASP N 37 42.53 32.54 66.63
C ASP N 37 42.20 31.32 67.48
N ASN N 38 43.15 30.37 67.52
CA ASN N 38 42.92 29.07 68.16
C ASN N 38 43.70 28.90 69.45
N SER N 39 43.81 29.95 70.26
CA SER N 39 44.42 29.82 71.58
C SER N 39 43.40 29.44 72.66
N TYR N 40 42.13 29.75 72.46
CA TYR N 40 41.10 29.47 73.45
C TYR N 40 39.84 29.02 72.72
N PRO N 41 39.45 27.75 72.86
CA PRO N 41 38.31 27.24 72.10
C PRO N 41 36.99 27.40 72.85
N HIS N 42 35.92 27.01 72.15
CA HIS N 42 34.60 26.94 72.73
C HIS N 42 34.55 25.79 73.75
N PRO N 43 33.81 25.96 74.86
CA PRO N 43 33.83 24.92 75.91
C PRO N 43 33.15 23.62 75.53
N HIS N 44 32.05 23.64 74.77
CA HIS N 44 31.39 22.42 74.32
C HIS N 44 31.94 21.90 73.00
N GLY N 45 33.06 22.44 72.53
CA GLY N 45 33.54 22.17 71.19
C GLY N 45 32.96 23.14 70.17
N THR N 46 33.41 22.97 68.93
CA THR N 46 33.05 23.90 67.88
C THR N 46 31.60 23.73 67.43
N GLN N 47 31.00 22.57 67.70
CA GLN N 47 29.62 22.37 67.29
C GLN N 47 28.63 23.07 68.22
N GLY N 48 29.04 23.34 69.47
CA GLY N 48 28.17 24.02 70.39
C GLY N 48 28.18 25.53 70.24
N ALA N 49 29.13 26.06 69.46
CA ALA N 49 29.21 27.51 69.28
C ALA N 49 28.06 28.03 68.45
N VAL N 50 27.73 27.36 67.34
CA VAL N 50 26.64 27.82 66.50
C VAL N 50 25.31 27.47 67.15
N ARG N 51 25.30 26.46 68.03
CA ARG N 51 24.17 26.25 68.93
C ARG N 51 23.94 27.46 69.81
N GLU N 52 25.02 28.03 70.37
CA GLU N 52 24.92 29.13 71.30
C GLU N 52 24.53 30.42 70.59
N PHE N 53 24.84 30.53 69.29
CA PHE N 53 24.52 31.73 68.54
C PHE N 53 23.13 31.70 67.94
N LEU N 54 22.68 30.55 67.45
CA LEU N 54 21.35 30.52 66.84
C LEU N 54 20.23 30.36 67.86
N ARG N 55 20.56 30.06 69.12
CA ARG N 55 19.61 30.36 70.17
C ARG N 55 19.61 31.84 70.51
N GLY N 56 20.70 32.53 70.23
CA GLY N 56 20.79 33.96 70.46
C GLY N 56 19.99 34.76 69.46
N GLN N 57 19.81 34.23 68.25
CA GLN N 57 18.93 34.89 67.29
C GLN N 57 17.47 34.63 67.61
N ALA N 58 17.20 33.64 68.46
CA ALA N 58 15.82 33.23 68.72
C ALA N 58 15.06 34.29 69.51
N ALA N 59 15.70 34.91 70.50
CA ALA N 59 15.01 35.94 71.25
C ALA N 59 15.10 37.31 70.60
N ALA N 60 16.07 37.51 69.71
CA ALA N 60 16.20 38.79 69.05
C ALA N 60 15.25 38.93 67.86
N LEU N 61 14.82 37.82 67.27
CA LEU N 61 13.65 37.86 66.39
C LEU N 61 12.41 38.28 67.15
N THR N 62 12.23 37.72 68.35
CA THR N 62 11.04 38.06 69.13
C THR N 62 11.16 39.45 69.73
N ASP N 63 12.39 39.92 69.98
CA ASP N 63 12.61 41.33 70.28
C ASP N 63 12.18 42.21 69.11
N LEU N 64 12.41 41.76 67.88
CA LEU N 64 11.95 42.50 66.73
C LEU N 64 10.42 42.48 66.64
N GLY N 65 9.81 41.40 67.12
CA GLY N 65 8.36 41.37 67.22
C GLY N 65 7.80 42.30 68.27
N VAL N 66 8.59 42.55 69.33
CA VAL N 66 8.24 43.58 70.31
C VAL N 66 8.31 44.98 69.69
N THR N 67 9.31 45.25 68.86
CA THR N 67 9.38 46.50 68.14
C THR N 67 8.26 46.65 67.12
N HIS N 68 7.91 45.58 66.40
CA HIS N 68 6.84 45.61 65.41
C HIS N 68 5.49 45.27 66.01
N ALA N 69 5.39 45.20 67.33
CA ALA N 69 4.10 44.96 67.98
C ALA N 69 3.13 46.11 67.78
N ASN N 70 3.64 47.32 67.57
CA ASN N 70 2.83 48.46 67.20
C ASN N 70 2.54 48.51 65.70
N ASN N 71 2.93 47.46 64.96
CA ASN N 71 2.55 47.31 63.57
C ASN N 71 1.63 46.12 63.33
N THR N 72 1.67 45.07 64.15
CA THR N 72 0.83 43.91 63.94
C THR N 72 -0.18 43.79 65.09
N PHE N 73 -1.07 42.82 64.94
CA PHE N 73 -2.21 42.61 65.82
C PHE N 73 -2.00 41.36 66.66
N ALA N 74 -3.06 40.93 67.32
CA ALA N 74 -3.01 39.69 68.10
C ALA N 74 -3.07 38.48 67.18
N PRO N 75 -2.09 37.59 67.20
CA PRO N 75 -2.12 36.43 66.29
C PRO N 75 -3.11 35.36 66.74
N GLN N 76 -4.21 35.23 66.00
CA GLN N 76 -5.31 34.29 66.20
C GLN N 76 -4.83 32.87 65.98
N PRO N 77 -5.50 31.87 66.56
CA PRO N 77 -5.06 30.48 66.37
C PRO N 77 -5.27 30.00 64.95
N MET N 78 -4.25 29.28 64.45
CA MET N 78 -4.16 28.94 63.04
C MET N 78 -4.99 27.72 62.67
N PHE N 79 -5.30 26.85 63.62
CA PHE N 79 -5.89 25.55 63.32
C PHE N 79 -7.04 25.28 64.26
N ALA N 80 -7.88 24.31 63.90
CA ALA N 80 -9.09 24.05 64.65
C ALA N 80 -8.79 23.18 65.87
N GLY N 81 -9.82 22.95 66.68
CA GLY N 81 -9.73 22.06 67.80
C GLY N 81 -9.48 22.71 69.16
N ASP N 82 -9.18 24.01 69.20
CA ASP N 82 -8.82 24.69 70.44
C ASP N 82 -9.58 26.01 70.55
N ALA N 83 -10.50 26.09 71.52
CA ALA N 83 -11.20 27.33 71.82
C ALA N 83 -11.72 27.31 73.25
N ALA N 84 -12.20 28.47 73.70
CA ALA N 84 -12.76 28.56 75.04
C ALA N 84 -14.14 27.94 75.12
N ALA N 85 -15.12 28.55 74.46
CA ALA N 85 -16.50 28.07 74.48
C ALA N 85 -16.70 27.17 73.26
N GLU N 86 -16.47 25.86 73.46
CA GLU N 86 -16.55 24.88 72.39
C GLU N 86 -17.83 24.05 72.41
N TRP N 87 -18.62 24.15 73.47
CA TRP N 87 -19.87 23.40 73.54
C TRP N 87 -21.00 24.09 72.81
N LEU N 88 -20.83 25.34 72.37
CA LEU N 88 -21.86 26.04 71.62
C LEU N 88 -21.45 26.41 70.21
N ARG N 89 -20.22 26.88 70.00
CA ARG N 89 -19.66 27.05 68.66
C ARG N 89 -18.25 26.45 68.62
N PRO N 90 -17.84 25.89 67.50
CA PRO N 90 -16.51 25.30 67.44
C PRO N 90 -15.44 26.33 67.14
N SER N 91 -14.20 25.88 67.00
CA SER N 91 -13.06 26.74 66.68
C SER N 91 -12.76 26.65 65.19
N PHE N 92 -12.40 27.77 64.60
CA PHE N 92 -11.89 27.77 63.24
C PHE N 92 -10.36 27.71 63.28
N GLY N 93 -9.75 28.01 62.16
CA GLY N 93 -8.38 28.42 62.17
C GLY N 93 -8.16 29.46 61.10
N LEU N 94 -7.66 30.63 61.46
CA LEU N 94 -7.33 31.63 60.45
C LEU N 94 -6.06 31.23 59.71
N LYS N 95 -6.20 30.91 58.44
CA LYS N 95 -5.08 30.97 57.51
C LYS N 95 -4.55 32.39 57.51
N ARG N 96 -3.33 32.59 57.98
CA ARG N 96 -2.82 33.95 58.18
C ARG N 96 -2.30 34.52 56.86
N THR N 97 -3.22 34.65 55.90
CA THR N 97 -2.96 35.26 54.62
C THR N 97 -3.32 36.74 54.61
N TYR N 98 -3.67 37.30 55.76
CA TYR N 98 -4.03 38.70 55.87
C TYR N 98 -2.76 39.54 55.91
N SER N 99 -2.92 40.85 55.88
CA SER N 99 -1.79 41.79 55.95
C SER N 99 -1.74 42.40 57.34
N PRO N 100 -0.85 41.94 58.21
CA PRO N 100 -0.80 42.50 59.56
C PRO N 100 -0.19 43.89 59.57
N PHE N 101 -1.03 44.91 59.67
CA PHE N 101 -0.54 46.28 59.49
C PHE N 101 -1.36 47.24 60.33
N VAL N 102 -0.66 47.99 61.18
CA VAL N 102 -1.22 49.14 61.89
C VAL N 102 -0.71 50.39 61.21
N VAL N 103 -1.62 51.29 60.86
CA VAL N 103 -1.27 52.51 60.13
C VAL N 103 -0.63 53.54 61.03
N ALA O 3 -24.52 39.68 82.78
CA ALA O 3 -23.28 39.17 82.20
C ALA O 3 -23.11 37.68 82.49
N PRO O 4 -22.82 36.88 81.47
CA PRO O 4 -22.74 35.44 81.65
C PRO O 4 -21.31 34.94 81.87
N GLN O 5 -21.23 33.74 82.45
CA GLN O 5 -20.02 32.93 82.47
C GLN O 5 -20.27 31.77 81.52
N PHE O 6 -19.62 31.79 80.36
CA PHE O 6 -19.99 30.87 79.29
C PHE O 6 -19.56 29.43 79.52
N HIS O 7 -18.69 29.16 80.49
CA HIS O 7 -18.30 27.78 80.80
C HIS O 7 -19.23 27.12 81.82
N ARG O 8 -20.32 27.78 82.20
CA ARG O 8 -21.33 27.18 83.07
C ARG O 8 -22.63 27.04 82.30
N PRO O 9 -23.15 25.81 82.14
CA PRO O 9 -24.36 25.63 81.32
C PRO O 9 -25.64 26.12 82.00
N SER O 10 -25.63 26.30 83.32
CA SER O 10 -26.81 26.77 84.03
C SER O 10 -26.97 28.28 83.97
N THR O 11 -26.07 28.98 83.29
CA THR O 11 -26.01 30.44 83.31
C THR O 11 -26.91 31.11 82.29
N ILE O 12 -26.79 30.74 81.01
CA ILE O 12 -27.27 31.56 79.92
C ILE O 12 -28.79 31.51 79.84
N THR O 13 -29.42 32.68 79.92
CA THR O 13 -30.79 32.90 79.47
C THR O 13 -30.72 33.66 78.15
N ALA O 14 -31.86 33.79 77.48
CA ALA O 14 -31.87 34.41 76.15
C ALA O 14 -31.61 35.91 76.23
N ASP O 15 -31.95 36.52 77.36
CA ASP O 15 -31.67 37.93 77.55
C ASP O 15 -30.26 38.18 78.06
N ASN O 16 -29.57 37.14 78.55
CA ASN O 16 -28.17 37.29 78.92
C ASN O 16 -27.29 37.50 77.70
N VAL O 17 -27.71 36.98 76.55
CA VAL O 17 -26.99 37.22 75.32
C VAL O 17 -27.42 38.56 74.72
N ARG O 18 -28.71 38.88 74.83
CA ARG O 18 -29.26 40.07 74.17
C ARG O 18 -28.82 41.35 74.88
N ALA O 19 -28.71 41.31 76.22
CA ALA O 19 -28.25 42.49 76.95
C ALA O 19 -26.78 42.78 76.67
N LEU O 20 -26.00 41.76 76.34
CA LEU O 20 -24.63 41.99 75.91
C LEU O 20 -24.61 42.42 74.45
N GLY O 21 -23.66 43.30 74.11
CA GLY O 21 -23.49 43.71 72.74
C GLY O 21 -22.89 42.62 71.88
N MET O 22 -23.05 42.81 70.56
CA MET O 22 -22.56 41.83 69.60
C MET O 22 -21.04 41.79 69.57
N ARG O 23 -20.39 42.92 69.83
CA ARG O 23 -18.93 42.97 69.85
C ARG O 23 -18.36 42.19 71.03
N GLY O 24 -18.99 42.28 72.20
CA GLY O 24 -18.55 41.53 73.35
C GLY O 24 -19.10 40.12 73.34
N LEU O 25 -20.12 39.87 72.51
CA LEU O 25 -20.64 38.52 72.36
C LEU O 25 -19.59 37.60 71.73
N VAL O 26 -18.77 38.14 70.84
CA VAL O 26 -17.68 37.33 70.32
C VAL O 26 -16.55 37.23 71.34
N LEU O 27 -16.24 38.34 72.02
CA LEU O 27 -15.07 38.37 72.88
C LEU O 27 -15.27 37.63 74.19
N ALA O 28 -16.44 37.71 74.82
CA ALA O 28 -16.68 36.96 76.05
C ALA O 28 -16.82 35.47 75.74
N THR O 29 -17.14 35.13 74.49
CA THR O 29 -17.05 33.75 74.07
C THR O 29 -15.65 33.41 73.59
N ASN O 30 -14.80 34.41 73.33
CA ASN O 30 -13.39 34.16 73.12
C ASN O 30 -12.59 34.14 74.42
N ASN O 31 -13.14 34.64 75.52
CA ASN O 31 -12.38 34.83 76.76
C ASN O 31 -13.01 34.10 77.95
N ALA O 32 -13.75 33.04 77.70
CA ALA O 32 -14.27 32.19 78.76
C ALA O 32 -13.19 31.18 79.16
N GLN O 33 -13.57 30.12 79.87
CA GLN O 33 -12.62 29.17 80.43
C GLN O 33 -12.75 27.82 79.72
N PHE O 34 -11.63 27.07 79.69
CA PHE O 34 -11.60 25.77 79.03
C PHE O 34 -12.46 24.74 79.74
N ILE O 35 -12.30 24.60 81.05
CA ILE O 35 -12.88 23.49 81.79
C ILE O 35 -14.39 23.68 81.94
N MET O 36 -15.15 22.72 81.44
CA MET O 36 -16.61 22.73 81.57
C MET O 36 -16.99 22.29 82.97
N ASP O 37 -17.69 23.18 83.68
CA ASP O 37 -18.06 22.91 85.06
C ASP O 37 -19.45 22.29 85.14
N ASN O 38 -19.54 21.15 85.82
CA ASN O 38 -20.79 20.44 85.99
C ASN O 38 -21.25 20.38 87.43
N SER O 39 -21.06 21.44 88.21
CA SER O 39 -21.56 21.46 89.58
C SER O 39 -23.07 21.67 89.64
N TYR O 40 -23.62 22.51 88.78
CA TYR O 40 -25.07 22.74 88.71
C TYR O 40 -25.46 22.67 87.23
N PRO O 41 -26.16 21.62 86.81
CA PRO O 41 -26.52 21.49 85.40
C PRO O 41 -27.76 22.28 85.03
N HIS O 42 -27.96 22.42 83.73
CA HIS O 42 -29.14 23.09 83.21
C HIS O 42 -30.38 22.23 83.44
N PRO O 43 -31.51 22.84 83.80
CA PRO O 43 -32.69 22.04 84.20
C PRO O 43 -33.37 21.30 83.05
N HIS O 44 -33.30 21.81 81.83
CA HIS O 44 -33.91 21.15 80.67
C HIS O 44 -33.00 20.09 80.07
N GLY O 45 -31.87 19.79 80.71
CA GLY O 45 -30.84 18.97 80.10
C GLY O 45 -29.79 19.80 79.40
N THR O 46 -28.69 19.14 79.04
CA THR O 46 -27.55 19.83 78.49
C THR O 46 -27.76 20.28 77.05
N GLN O 47 -28.77 19.74 76.38
CA GLN O 47 -29.12 20.27 75.06
C GLN O 47 -30.08 21.44 75.16
N GLY O 48 -30.63 21.70 76.35
CA GLY O 48 -31.49 22.86 76.52
C GLY O 48 -30.71 24.17 76.51
N ALA O 49 -29.41 24.11 76.77
CA ALA O 49 -28.61 25.33 76.79
C ALA O 49 -28.30 25.83 75.40
N VAL O 50 -28.09 24.92 74.44
CA VAL O 50 -27.85 25.33 73.06
C VAL O 50 -29.13 25.90 72.46
N ARG O 51 -30.29 25.38 72.90
CA ARG O 51 -31.57 25.98 72.57
C ARG O 51 -31.67 27.40 73.10
N GLU O 52 -31.33 27.59 74.38
CA GLU O 52 -31.47 28.88 75.02
C GLU O 52 -30.46 29.89 74.48
N PHE O 53 -29.34 29.41 73.96
CA PHE O 53 -28.28 30.31 73.51
C PHE O 53 -28.60 30.93 72.15
N LEU O 54 -29.08 30.13 71.20
CA LEU O 54 -29.31 30.64 69.87
C LEU O 54 -30.62 31.43 69.75
N ARG O 55 -31.50 31.35 70.74
CA ARG O 55 -32.67 32.21 70.75
C ARG O 55 -32.31 33.68 70.92
N GLY O 56 -31.16 33.97 71.54
CA GLY O 56 -30.79 35.33 71.86
C GLY O 56 -29.91 36.00 70.82
N GLN O 57 -29.13 35.22 70.06
CA GLN O 57 -28.31 35.81 69.01
C GLN O 57 -29.16 36.39 67.90
N ALA O 58 -30.29 35.75 67.60
CA ALA O 58 -31.20 36.29 66.60
C ALA O 58 -31.86 37.58 67.08
N ALA O 59 -32.18 37.66 68.37
CA ALA O 59 -32.64 38.91 68.94
C ALA O 59 -31.50 39.90 69.13
N ALA O 60 -30.26 39.43 69.14
CA ALA O 60 -29.11 40.32 69.12
C ALA O 60 -28.84 40.87 67.73
N LEU O 61 -29.32 40.19 66.69
CA LEU O 61 -29.18 40.73 65.35
C LEU O 61 -30.25 41.78 65.07
N THR O 62 -31.45 41.58 65.61
CA THR O 62 -32.52 42.56 65.43
C THR O 62 -32.25 43.84 66.21
N ASP O 63 -31.50 43.75 67.30
CA ASP O 63 -30.99 44.97 67.92
C ASP O 63 -29.89 45.59 67.09
N LEU O 64 -29.09 44.76 66.40
CA LEU O 64 -28.04 45.29 65.54
C LEU O 64 -28.62 45.92 64.28
N GLY O 65 -29.77 45.42 63.82
CA GLY O 65 -30.44 46.04 62.69
C GLY O 65 -30.99 47.40 63.00
N VAL O 66 -31.43 47.63 64.24
CA VAL O 66 -31.86 48.95 64.67
C VAL O 66 -30.71 49.94 64.71
N THR O 67 -29.49 49.48 65.00
CA THR O 67 -28.32 50.35 65.00
C THR O 67 -27.96 50.86 63.62
N HIS O 68 -28.45 50.23 62.55
CA HIS O 68 -28.22 50.69 61.18
C HIS O 68 -29.48 51.27 60.55
N ALA O 69 -30.43 51.76 61.37
CA ALA O 69 -31.66 52.32 60.85
C ALA O 69 -31.44 53.65 60.14
N ASN O 70 -30.36 54.36 60.46
CA ASN O 70 -29.93 55.51 59.70
C ASN O 70 -29.06 55.14 58.50
N ASN O 71 -28.94 53.85 58.19
CA ASN O 71 -28.25 53.39 57.00
C ASN O 71 -29.10 52.48 56.12
N THR O 72 -30.06 51.74 56.66
CA THR O 72 -30.89 50.82 55.91
C THR O 72 -32.27 51.44 55.66
N PHE O 73 -33.04 50.80 54.78
CA PHE O 73 -34.30 51.36 54.33
C PHE O 73 -35.49 50.49 54.74
N ALA O 74 -36.69 50.99 54.41
CA ALA O 74 -37.92 50.33 54.79
C ALA O 74 -38.11 49.06 53.98
N PRO O 75 -38.33 47.90 54.60
CA PRO O 75 -38.37 46.64 53.86
C PRO O 75 -39.64 46.49 53.03
N GLN O 76 -39.47 46.54 51.71
CA GLN O 76 -40.51 46.24 50.75
C GLN O 76 -40.75 44.74 50.71
N PRO O 77 -41.93 44.29 50.30
CA PRO O 77 -42.16 42.84 50.16
C PRO O 77 -41.32 42.26 49.04
N MET O 78 -40.74 41.10 49.32
CA MET O 78 -39.85 40.48 48.36
C MET O 78 -40.56 39.89 47.16
N PHE O 79 -41.82 39.51 47.31
CA PHE O 79 -42.54 38.87 46.22
C PHE O 79 -43.95 39.43 46.17
N ALA O 80 -44.71 39.01 45.17
CA ALA O 80 -46.02 39.57 44.96
C ALA O 80 -47.05 38.95 45.91
N GLY O 81 -48.31 39.29 45.69
CA GLY O 81 -49.39 38.81 46.50
C GLY O 81 -49.65 39.59 47.78
N ASP O 82 -48.75 40.51 48.15
CA ASP O 82 -48.90 41.30 49.37
C ASP O 82 -48.61 42.76 49.05
N ALA O 83 -49.67 43.50 48.77
CA ALA O 83 -49.65 44.96 48.71
C ALA O 83 -51.07 45.42 48.98
N ALA O 84 -51.24 46.69 49.33
CA ALA O 84 -52.51 47.15 49.87
C ALA O 84 -53.59 47.19 48.80
N ALA O 85 -53.41 48.01 47.77
CA ALA O 85 -54.39 48.12 46.69
C ALA O 85 -54.03 47.08 45.64
N GLU O 86 -54.88 46.06 45.53
CA GLU O 86 -54.64 44.96 44.61
C GLU O 86 -55.69 44.83 43.51
N TRP O 87 -56.94 45.19 43.78
CA TRP O 87 -58.01 45.00 42.81
C TRP O 87 -58.02 46.06 41.72
N LEU O 88 -57.24 47.12 41.86
CA LEU O 88 -57.18 48.20 40.89
C LEU O 88 -55.80 48.37 40.26
N ARG O 89 -54.76 47.91 40.95
CA ARG O 89 -53.38 47.97 40.51
C ARG O 89 -52.64 46.74 41.04
N PRO O 90 -51.59 46.27 40.37
CA PRO O 90 -50.98 45.02 40.82
C PRO O 90 -50.03 45.17 41.99
N SER O 91 -49.61 44.02 42.52
CA SER O 91 -48.68 43.93 43.63
C SER O 91 -47.35 43.43 43.09
N PHE O 92 -46.29 44.18 43.29
CA PHE O 92 -44.98 43.71 42.87
C PHE O 92 -44.29 42.99 44.01
N GLY O 93 -43.01 42.72 43.83
CA GLY O 93 -42.15 42.23 44.88
C GLY O 93 -40.72 42.52 44.47
N LEU O 94 -39.88 42.96 45.40
CA LEU O 94 -38.59 43.49 44.98
C LEU O 94 -37.47 42.52 45.31
N LYS O 95 -36.67 42.19 44.30
CA LYS O 95 -35.43 41.46 44.51
C LYS O 95 -34.47 42.34 45.29
N ARG O 96 -34.29 42.04 46.58
CA ARG O 96 -33.46 42.85 47.46
C ARG O 96 -31.99 42.56 47.15
N THR O 97 -31.53 43.13 46.03
CA THR O 97 -30.20 42.88 45.52
C THR O 97 -29.28 44.09 45.61
N TYR O 98 -29.83 45.26 45.88
CA TYR O 98 -29.05 46.49 45.91
C TYR O 98 -28.27 46.59 47.22
N SER O 99 -27.59 47.72 47.42
CA SER O 99 -26.88 48.04 48.64
C SER O 99 -27.76 48.98 49.45
N PRO O 100 -28.35 48.52 50.54
CA PRO O 100 -29.12 49.44 51.40
C PRO O 100 -28.18 50.38 52.14
N PHE O 101 -28.14 51.63 51.69
CA PHE O 101 -27.10 52.55 52.12
C PHE O 101 -27.62 53.98 52.12
N VAL O 102 -27.38 54.68 53.22
CA VAL O 102 -27.65 56.11 53.32
C VAL O 102 -26.31 56.81 53.45
N VAL O 103 -26.12 57.89 52.69
CA VAL O 103 -24.87 58.64 52.68
C VAL O 103 -24.59 59.31 54.02
N ALA P 3 -59.76 63.58 48.55
CA ALA P 3 -58.97 62.45 49.04
C ALA P 3 -59.72 61.13 48.84
N PRO P 4 -59.36 60.39 47.81
CA PRO P 4 -60.05 59.13 47.53
C PRO P 4 -59.61 58.02 48.48
N GLN P 5 -60.56 57.12 48.75
CA GLN P 5 -60.32 55.95 49.60
C GLN P 5 -60.35 54.72 48.71
N PHE P 6 -59.22 54.03 48.63
CA PHE P 6 -59.01 52.97 47.65
C PHE P 6 -59.55 51.61 48.11
N HIS P 7 -60.24 51.56 49.24
CA HIS P 7 -61.00 50.39 49.64
C HIS P 7 -62.49 50.53 49.33
N ARG P 8 -62.91 51.66 48.78
CA ARG P 8 -64.31 51.91 48.43
C ARG P 8 -64.43 52.16 46.93
N PRO P 9 -65.37 51.51 46.24
CA PRO P 9 -65.47 51.72 44.78
C PRO P 9 -66.09 53.05 44.39
N SER P 10 -67.03 53.56 45.18
CA SER P 10 -67.81 54.74 44.81
C SER P 10 -67.15 56.05 45.26
N THR P 11 -65.83 56.06 45.43
CA THR P 11 -65.11 57.25 45.85
C THR P 11 -64.18 57.80 44.78
N ILE P 12 -63.57 56.91 43.98
CA ILE P 12 -62.55 57.31 43.03
C ILE P 12 -63.20 58.03 41.85
N THR P 13 -62.84 59.30 41.66
CA THR P 13 -63.26 60.08 40.50
C THR P 13 -62.01 60.49 39.71
N ALA P 14 -62.23 61.30 38.68
CA ALA P 14 -61.10 61.80 37.89
C ALA P 14 -60.38 62.93 38.61
N ASP P 15 -61.15 63.80 39.28
CA ASP P 15 -60.56 64.94 39.96
C ASP P 15 -59.88 64.57 41.28
N ASN P 16 -60.29 63.46 41.90
CA ASN P 16 -59.68 63.05 43.16
C ASN P 16 -58.29 62.47 42.92
N VAL P 17 -58.05 61.90 41.73
CA VAL P 17 -56.74 61.34 41.42
C VAL P 17 -55.83 62.41 40.83
N ARG P 18 -56.39 63.32 40.02
CA ARG P 18 -55.58 64.34 39.36
C ARG P 18 -55.10 65.40 40.34
N ALA P 19 -55.93 65.76 41.32
CA ALA P 19 -55.51 66.75 42.31
C ALA P 19 -54.45 66.18 43.25
N LEU P 20 -54.45 64.86 43.46
CA LEU P 20 -53.36 64.23 44.19
C LEU P 20 -52.14 64.13 43.28
N GLY P 21 -50.96 64.36 43.86
CA GLY P 21 -49.75 64.36 43.07
C GLY P 21 -49.34 62.98 42.60
N MET P 22 -48.38 62.97 41.66
CA MET P 22 -47.87 61.71 41.14
C MET P 22 -47.05 60.97 42.18
N ARG P 23 -46.35 61.70 43.05
CA ARG P 23 -45.62 61.08 44.13
C ARG P 23 -46.55 60.70 45.29
N GLY P 24 -47.58 61.51 45.53
CA GLY P 24 -48.53 61.23 46.60
C GLY P 24 -49.52 60.13 46.30
N LEU P 25 -49.49 59.61 45.06
CA LEU P 25 -50.36 58.50 44.69
C LEU P 25 -49.64 57.16 44.84
N VAL P 26 -48.34 57.21 45.12
CA VAL P 26 -47.55 55.98 45.24
C VAL P 26 -47.84 55.29 46.56
N LEU P 27 -47.48 55.92 47.68
CA LEU P 27 -47.54 55.24 48.97
C LEU P 27 -48.93 55.22 49.57
N ALA P 28 -49.81 56.14 49.17
CA ALA P 28 -51.16 56.17 49.73
C ALA P 28 -51.94 54.96 49.28
N THR P 29 -51.76 54.56 48.01
CA THR P 29 -52.34 53.31 47.56
C THR P 29 -51.60 52.11 48.15
N ASN P 30 -50.35 52.31 48.58
CA ASN P 30 -49.59 51.25 49.22
C ASN P 30 -49.91 51.09 50.70
N ASN P 31 -50.73 51.98 51.28
CA ASN P 31 -51.12 51.87 52.68
C ASN P 31 -52.63 51.83 52.86
N ALA P 32 -53.37 51.44 51.83
CA ALA P 32 -54.83 51.39 51.90
C ALA P 32 -55.27 50.14 52.66
N GLN P 33 -56.57 49.91 52.71
CA GLN P 33 -57.15 48.79 53.45
C GLN P 33 -57.27 47.59 52.53
N PHE P 34 -56.88 46.43 53.05
CA PHE P 34 -57.03 45.19 52.29
C PHE P 34 -58.50 44.79 52.19
N ILE P 35 -59.29 45.18 53.19
CA ILE P 35 -60.72 44.90 53.20
C ILE P 35 -61.42 45.89 52.26
N MET P 36 -62.04 45.36 51.22
CA MET P 36 -62.81 46.15 50.27
C MET P 36 -64.27 46.19 50.69
N ASP P 37 -64.81 47.40 50.85
CA ASP P 37 -66.21 47.55 51.23
C ASP P 37 -67.11 47.20 50.05
N ASN P 38 -68.26 46.61 50.36
CA ASN P 38 -69.21 46.17 49.36
C ASN P 38 -70.61 46.75 49.58
N SER P 39 -70.75 47.72 50.48
CA SER P 39 -72.04 48.30 50.78
C SER P 39 -72.43 49.42 49.81
N TYR P 40 -71.45 50.09 49.20
CA TYR P 40 -71.73 51.16 48.24
C TYR P 40 -70.80 50.98 47.06
N PRO P 41 -71.22 50.24 46.04
CA PRO P 41 -70.37 50.03 44.86
C PRO P 41 -70.37 51.25 43.94
N HIS P 42 -69.51 51.17 42.94
CA HIS P 42 -69.45 52.22 41.92
C HIS P 42 -70.69 52.12 41.03
N PRO P 43 -71.28 53.27 40.66
CA PRO P 43 -72.56 53.24 39.90
C PRO P 43 -72.43 52.68 38.49
N HIS P 44 -71.22 52.62 37.92
CA HIS P 44 -70.99 51.99 36.63
C HIS P 44 -70.29 50.64 36.77
N GLY P 45 -70.39 50.00 37.93
CA GLY P 45 -69.70 48.75 38.19
C GLY P 45 -68.27 48.96 38.64
N THR P 46 -67.67 47.88 39.17
CA THR P 46 -66.29 47.94 39.60
C THR P 46 -65.34 48.04 38.42
N GLN P 47 -65.76 47.56 37.25
CA GLN P 47 -65.00 47.80 36.03
C GLN P 47 -65.13 49.25 35.57
N GLY P 48 -66.24 49.91 35.93
CA GLY P 48 -66.38 51.32 35.62
C GLY P 48 -65.54 52.22 36.49
N ALA P 49 -65.16 51.74 37.69
CA ALA P 49 -64.21 52.47 38.50
C ALA P 49 -62.81 52.38 37.93
N VAL P 50 -62.47 51.24 37.31
CA VAL P 50 -61.18 51.09 36.64
C VAL P 50 -61.14 51.95 35.38
N ARG P 51 -62.30 52.16 34.75
CA ARG P 51 -62.42 53.19 33.73
C ARG P 51 -62.10 54.57 34.30
N GLU P 52 -62.60 54.85 35.49
CA GLU P 52 -62.53 56.20 36.05
C GLU P 52 -61.18 56.47 36.70
N PHE P 53 -60.53 55.43 37.25
CA PHE P 53 -59.26 55.58 37.95
C PHE P 53 -58.12 55.96 36.99
N LEU P 54 -58.12 55.40 35.78
CA LEU P 54 -57.05 55.70 34.83
C LEU P 54 -57.30 56.96 34.03
N ARG P 55 -58.45 57.61 34.21
CA ARG P 55 -58.61 58.96 33.69
C ARG P 55 -57.93 60.00 34.58
N GLY P 56 -57.47 59.60 35.77
CA GLY P 56 -56.79 60.49 36.68
C GLY P 56 -55.29 60.38 36.69
N GLN P 57 -54.74 59.18 36.42
CA GLN P 57 -53.28 59.05 36.35
C GLN P 57 -52.74 59.67 35.07
N ALA P 58 -53.40 59.40 33.94
CA ALA P 58 -52.89 59.89 32.66
C ALA P 58 -53.10 61.38 32.49
N ALA P 59 -54.10 61.95 33.19
CA ALA P 59 -54.25 63.40 33.20
C ALA P 59 -53.17 64.07 34.04
N ALA P 60 -52.62 63.36 35.03
CA ALA P 60 -51.53 63.90 35.82
C ALA P 60 -50.18 63.71 35.13
N LEU P 61 -50.11 62.91 34.08
CA LEU P 61 -48.90 62.83 33.27
C LEU P 61 -48.67 64.14 32.53
N THR P 62 -49.74 64.78 32.05
CA THR P 62 -49.62 66.11 31.47
C THR P 62 -49.23 67.14 32.51
N ASP P 63 -49.67 66.96 33.76
CA ASP P 63 -49.24 67.82 34.85
C ASP P 63 -47.79 67.55 35.22
N LEU P 64 -47.31 66.32 35.00
CA LEU P 64 -45.90 66.03 35.19
C LEU P 64 -45.05 66.65 34.08
N GLY P 65 -45.63 66.82 32.89
CA GLY P 65 -44.93 67.47 31.81
C GLY P 65 -44.75 68.96 32.02
N VAL P 66 -45.67 69.58 32.77
CA VAL P 66 -45.51 70.98 33.17
C VAL P 66 -44.38 71.15 34.18
N THR P 67 -44.25 70.23 35.14
CA THR P 67 -43.17 70.27 36.12
C THR P 67 -41.80 69.99 35.51
N HIS P 68 -41.74 69.34 34.35
CA HIS P 68 -40.48 69.07 33.66
C HIS P 68 -40.43 69.75 32.29
N ALA P 69 -41.13 70.87 32.11
CA ALA P 69 -41.00 71.64 30.89
C ALA P 69 -39.64 72.32 30.80
N ASN P 70 -39.01 72.60 31.94
CA ASN P 70 -37.65 73.13 31.98
C ASN P 70 -36.59 72.03 31.94
N ASN P 71 -36.99 70.79 31.69
CA ASN P 71 -36.08 69.67 31.53
C ASN P 71 -36.08 69.10 30.11
N THR P 72 -37.21 69.10 29.42
CA THR P 72 -37.29 68.67 28.03
C THR P 72 -37.50 69.89 27.14
N PHE P 73 -37.70 69.62 25.85
CA PHE P 73 -37.83 70.68 24.86
C PHE P 73 -39.21 70.67 24.24
N ALA P 74 -39.38 71.52 23.23
CA ALA P 74 -40.64 71.60 22.50
C ALA P 74 -40.83 70.35 21.65
N PRO P 75 -42.03 69.78 21.59
CA PRO P 75 -42.21 68.56 20.80
C PRO P 75 -42.26 68.83 19.30
N GLN P 76 -41.19 68.41 18.61
CA GLN P 76 -41.17 68.43 17.15
C GLN P 76 -41.80 67.16 16.60
N PRO P 77 -42.42 67.22 15.42
CA PRO P 77 -43.02 66.01 14.85
C PRO P 77 -41.98 65.00 14.40
N MET P 78 -42.20 63.76 14.81
CA MET P 78 -41.29 62.65 14.54
C MET P 78 -41.43 62.11 13.13
N PHE P 79 -42.54 62.40 12.47
CA PHE P 79 -42.92 61.73 11.24
C PHE P 79 -43.39 62.74 10.21
N ALA P 80 -43.77 62.24 9.04
CA ALA P 80 -43.96 63.09 7.87
C ALA P 80 -45.44 63.37 7.62
N GLY P 81 -45.67 64.28 6.67
CA GLY P 81 -46.99 64.72 6.30
C GLY P 81 -47.46 65.99 7.01
N ASP P 82 -46.62 66.59 7.84
CA ASP P 82 -47.00 67.73 8.67
C ASP P 82 -45.96 68.84 8.53
N ALA P 83 -46.30 69.86 7.76
CA ALA P 83 -45.46 71.04 7.59
C ALA P 83 -46.34 72.21 7.16
N ALA P 84 -45.92 73.43 7.53
CA ALA P 84 -46.65 74.62 7.14
C ALA P 84 -46.42 74.95 5.67
N ALA P 85 -45.16 75.01 5.25
CA ALA P 85 -44.79 75.24 3.86
C ALA P 85 -44.44 73.87 3.26
N GLU P 86 -45.23 73.45 2.27
CA GLU P 86 -45.07 72.13 1.69
C GLU P 86 -44.74 72.13 0.20
N TRP P 87 -45.07 73.19 -0.53
CA TRP P 87 -44.84 73.22 -1.96
C TRP P 87 -43.41 73.57 -2.34
N LEU P 88 -42.59 74.00 -1.39
CA LEU P 88 -41.19 74.31 -1.67
C LEU P 88 -40.22 73.46 -0.88
N ARG P 89 -40.63 72.94 0.27
CA ARG P 89 -39.83 72.04 1.08
C ARG P 89 -40.73 70.99 1.73
N PRO P 90 -40.22 69.76 1.91
CA PRO P 90 -41.08 68.70 2.46
C PRO P 90 -41.22 68.78 3.98
N SER P 91 -41.90 67.78 4.55
CA SER P 91 -42.09 67.68 5.99
C SER P 91 -41.07 66.69 6.56
N PHE P 92 -40.14 67.19 7.36
CA PHE P 92 -39.15 66.34 8.00
C PHE P 92 -39.76 65.57 9.16
N GLY P 93 -38.95 64.77 9.82
CA GLY P 93 -39.37 64.04 11.00
C GLY P 93 -38.16 63.62 11.82
N LEU P 94 -38.18 63.93 13.11
CA LEU P 94 -36.99 63.79 13.92
C LEU P 94 -37.01 62.49 14.71
N LYS P 95 -35.85 61.85 14.78
CA LYS P 95 -35.63 60.84 15.78
C LYS P 95 -35.44 61.53 17.12
N ARG P 96 -36.16 61.08 18.15
CA ARG P 96 -36.05 61.64 19.49
C ARG P 96 -35.12 60.77 20.32
N THR P 97 -34.11 60.20 19.64
CA THR P 97 -33.16 59.30 20.24
C THR P 97 -32.05 59.99 21.00
N TYR P 98 -32.15 61.31 21.20
CA TYR P 98 -31.13 62.06 21.89
C TYR P 98 -31.33 61.98 23.40
N SER P 99 -30.61 62.82 24.12
CA SER P 99 -30.69 62.91 25.58
C SER P 99 -31.48 64.17 25.91
N PRO P 100 -32.75 64.05 26.26
CA PRO P 100 -33.50 65.26 26.64
C PRO P 100 -33.06 65.79 27.99
N PHE P 101 -32.26 66.84 28.00
CA PHE P 101 -31.76 67.38 29.25
C PHE P 101 -31.37 68.83 29.06
N VAL P 102 -31.93 69.70 29.90
CA VAL P 102 -31.64 71.13 29.89
C VAL P 102 -30.74 71.44 31.08
N VAL P 103 -29.55 71.97 30.80
CA VAL P 103 -28.59 72.30 31.85
C VAL P 103 -28.97 73.61 32.52
N ALA Q 3 -40.77 91.47 4.92
CA ALA Q 3 -41.52 90.47 5.66
C ALA Q 3 -42.36 89.62 4.72
N PRO Q 4 -41.81 88.52 4.21
CA PRO Q 4 -42.55 87.66 3.30
C PRO Q 4 -43.58 86.81 4.03
N GLN Q 5 -44.64 86.46 3.30
CA GLN Q 5 -45.69 85.57 3.79
C GLN Q 5 -45.66 84.31 2.95
N PHE Q 6 -45.41 83.17 3.60
CA PHE Q 6 -45.16 81.91 2.90
C PHE Q 6 -46.43 81.19 2.50
N HIS Q 7 -47.60 81.72 2.83
CA HIS Q 7 -48.87 81.21 2.32
C HIS Q 7 -49.34 81.97 1.08
N ARG Q 8 -48.53 82.92 0.58
CA ARG Q 8 -48.85 83.68 -0.63
C ARG Q 8 -47.66 83.60 -1.58
N PRO Q 9 -47.84 83.09 -2.80
CA PRO Q 9 -46.69 82.94 -3.70
C PRO Q 9 -46.17 84.26 -4.26
N SER Q 10 -47.03 85.28 -4.40
CA SER Q 10 -46.66 86.54 -5.03
C SER Q 10 -46.04 87.54 -4.05
N THR Q 11 -45.52 87.07 -2.92
CA THR Q 11 -44.89 87.92 -1.93
C THR Q 11 -43.39 87.71 -1.83
N ILE Q 12 -42.92 86.47 -2.02
CA ILE Q 12 -41.51 86.14 -1.82
C ILE Q 12 -40.68 86.70 -2.97
N THR Q 13 -39.74 87.58 -2.63
CA THR Q 13 -38.74 88.10 -3.56
C THR Q 13 -37.36 87.69 -3.07
N ALA Q 14 -36.33 88.13 -3.80
CA ALA Q 14 -34.96 87.84 -3.39
C ALA Q 14 -34.54 88.69 -2.20
N ASP Q 15 -35.01 89.94 -2.16
CA ASP Q 15 -34.64 90.83 -1.07
C ASP Q 15 -35.40 90.55 0.21
N ASN Q 16 -36.53 89.84 0.15
CA ASN Q 16 -37.26 89.50 1.36
C ASN Q 16 -36.60 88.35 2.09
N VAL Q 17 -35.88 87.49 1.37
CA VAL Q 17 -35.23 86.34 2.00
C VAL Q 17 -33.85 86.72 2.53
N ARG Q 18 -33.12 87.56 1.79
CA ARG Q 18 -31.75 87.91 2.19
C ARG Q 18 -31.75 88.86 3.39
N ALA Q 19 -32.74 89.76 3.46
CA ALA Q 19 -32.81 90.68 4.60
C ALA Q 19 -33.19 89.95 5.89
N LEU Q 20 -33.98 88.88 5.78
CA LEU Q 20 -34.23 88.03 6.93
C LEU Q 20 -33.00 87.18 7.22
N GLY Q 21 -32.66 87.04 8.51
CA GLY Q 21 -31.50 86.27 8.89
C GLY Q 21 -31.70 84.78 8.70
N MET Q 22 -30.58 84.06 8.74
CA MET Q 22 -30.64 82.61 8.59
C MET Q 22 -31.27 81.94 9.81
N ARG Q 23 -31.06 82.52 11.01
CA ARG Q 23 -31.77 82.05 12.19
C ARG Q 23 -33.25 82.40 12.11
N GLY Q 24 -33.59 83.57 11.57
CA GLY Q 24 -34.97 83.96 11.41
C GLY Q 24 -35.67 83.26 10.25
N LEU Q 25 -34.88 82.61 9.39
CA LEU Q 25 -35.46 81.86 8.27
C LEU Q 25 -36.06 80.54 8.75
N VAL Q 26 -35.59 80.05 9.92
CA VAL Q 26 -36.09 78.79 10.44
C VAL Q 26 -37.51 78.95 10.95
N LEU Q 27 -37.75 79.94 11.82
CA LEU Q 27 -39.04 80.08 12.47
C LEU Q 27 -40.08 80.76 11.58
N ALA Q 28 -39.66 81.45 10.52
CA ALA Q 28 -40.62 82.11 9.64
C ALA Q 28 -41.34 81.10 8.77
N THR Q 29 -40.62 80.10 8.25
CA THR Q 29 -41.25 79.11 7.40
C THR Q 29 -42.04 78.08 8.20
N ASN Q 30 -41.59 77.79 9.43
CA ASN Q 30 -42.24 76.78 10.25
C ASN Q 30 -43.49 77.28 10.97
N ASN Q 31 -43.69 78.60 11.05
CA ASN Q 31 -44.86 79.17 11.71
C ASN Q 31 -45.82 79.82 10.72
N ALA Q 32 -45.86 79.33 9.48
CA ALA Q 32 -46.75 79.86 8.47
C ALA Q 32 -48.12 79.18 8.58
N GLN Q 33 -48.97 79.39 7.58
CA GLN Q 33 -50.31 78.82 7.55
C GLN Q 33 -50.33 77.59 6.67
N PHE Q 34 -51.08 76.56 7.11
CA PHE Q 34 -51.23 75.34 6.33
C PHE Q 34 -52.04 75.58 5.07
N ILE Q 35 -52.99 76.51 5.14
CA ILE Q 35 -53.87 76.80 4.00
C ILE Q 35 -53.12 77.68 3.00
N MET Q 36 -52.97 77.19 1.77
CA MET Q 36 -52.32 77.95 0.72
C MET Q 36 -53.34 78.77 -0.05
N ASP Q 37 -53.07 80.06 -0.20
CA ASP Q 37 -53.96 80.95 -0.91
C ASP Q 37 -53.70 80.90 -2.41
N ASN Q 38 -54.76 81.07 -3.20
CA ASN Q 38 -54.67 81.06 -4.65
C ASN Q 38 -55.26 82.30 -5.29
N SER Q 39 -55.45 83.38 -4.53
CA SER Q 39 -56.05 84.59 -5.06
C SER Q 39 -55.08 85.42 -5.89
N TYR Q 40 -53.78 85.38 -5.56
CA TYR Q 40 -52.77 86.13 -6.30
C TYR Q 40 -51.56 85.24 -6.49
N PRO Q 41 -51.45 84.55 -7.63
CA PRO Q 41 -50.30 83.68 -7.87
C PRO Q 41 -49.07 84.50 -8.26
N HIS Q 42 -47.94 83.80 -8.30
CA HIS Q 42 -46.70 84.42 -8.74
C HIS Q 42 -46.75 84.65 -10.26
N PRO Q 43 -46.23 85.79 -10.75
CA PRO Q 43 -46.34 86.08 -12.20
C PRO Q 43 -45.55 85.14 -13.09
N HIS Q 44 -44.50 84.50 -12.58
CA HIS Q 44 -43.75 83.50 -13.34
C HIS Q 44 -44.23 82.09 -13.07
N GLY Q 45 -45.46 81.92 -12.60
CA GLY Q 45 -46.00 80.62 -12.28
C GLY Q 45 -45.67 80.18 -10.87
N THR Q 46 -46.28 79.05 -10.48
CA THR Q 46 -46.00 78.48 -9.16
C THR Q 46 -44.59 77.88 -9.10
N GLN Q 47 -44.06 77.48 -10.26
CA GLN Q 47 -42.67 77.04 -10.32
C GLN Q 47 -41.71 78.21 -10.36
N GLY Q 48 -42.20 79.40 -10.72
CA GLY Q 48 -41.35 80.58 -10.72
C GLY Q 48 -41.08 81.13 -9.33
N ALA Q 49 -42.01 80.89 -8.39
CA ALA Q 49 -41.75 81.27 -7.00
C ALA Q 49 -40.74 80.35 -6.35
N VAL Q 50 -40.60 79.12 -6.87
CA VAL Q 50 -39.54 78.23 -6.42
C VAL Q 50 -38.19 78.75 -6.88
N ARG Q 51 -38.15 79.39 -8.06
CA ARG Q 51 -36.92 79.97 -8.56
C ARG Q 51 -36.49 81.18 -7.73
N GLU Q 52 -37.45 82.00 -7.30
CA GLU Q 52 -37.14 83.27 -6.67
C GLU Q 52 -36.73 83.09 -5.20
N PHE Q 53 -37.32 82.11 -4.52
CA PHE Q 53 -37.08 81.90 -3.10
C PHE Q 53 -35.66 81.43 -2.81
N LEU Q 54 -35.06 80.68 -3.73
CA LEU Q 54 -33.74 80.10 -3.48
C LEU Q 54 -32.59 81.06 -3.78
N ARG Q 55 -32.84 82.17 -4.49
CA ARG Q 55 -31.77 83.11 -4.77
C ARG Q 55 -31.40 83.96 -3.55
N GLY Q 56 -32.29 84.04 -2.55
CA GLY Q 56 -31.99 84.78 -1.35
C GLY Q 56 -31.26 83.98 -0.31
N GLN Q 57 -31.43 82.65 -0.32
CA GLN Q 57 -30.75 81.80 0.64
C GLN Q 57 -29.28 81.63 0.29
N ALA Q 58 -28.96 81.50 -1.00
CA ALA Q 58 -27.58 81.32 -1.41
C ALA Q 58 -26.76 82.59 -1.23
N ALA Q 59 -27.42 83.75 -1.29
CA ALA Q 59 -26.74 85.01 -0.97
C ALA Q 59 -26.62 85.22 0.53
N ALA Q 60 -27.34 84.44 1.33
CA ALA Q 60 -27.30 84.58 2.78
C ALA Q 60 -26.18 83.76 3.42
N LEU Q 61 -25.63 82.76 2.72
CA LEU Q 61 -24.43 82.11 3.20
C LEU Q 61 -23.23 83.04 3.12
N THR Q 62 -23.22 83.93 2.12
CA THR Q 62 -22.18 84.95 2.03
C THR Q 62 -22.31 85.96 3.17
N ASP Q 63 -23.52 86.24 3.62
CA ASP Q 63 -23.70 87.05 4.80
C ASP Q 63 -23.37 86.28 6.07
N LEU Q 64 -23.55 84.95 6.04
CA LEU Q 64 -23.19 84.14 7.19
C LEU Q 64 -21.69 83.93 7.27
N GLY Q 65 -21.01 83.97 6.12
CA GLY Q 65 -19.56 83.79 6.12
C GLY Q 65 -18.80 84.99 6.63
N VAL Q 66 -19.34 86.21 6.40
CA VAL Q 66 -18.72 87.42 6.95
C VAL Q 66 -18.84 87.49 8.46
N THR Q 67 -19.97 87.06 9.03
CA THR Q 67 -20.14 87.00 10.47
C THR Q 67 -19.25 85.95 11.13
N HIS Q 68 -18.76 84.97 10.37
CA HIS Q 68 -17.80 84.00 10.86
C HIS Q 68 -16.45 84.11 10.14
N ALA Q 69 -16.15 85.28 9.57
CA ALA Q 69 -14.86 85.49 8.91
C ALA Q 69 -13.71 85.61 9.91
N ASN Q 70 -14.01 85.90 11.17
CA ASN Q 70 -13.01 85.89 12.24
C ASN Q 70 -12.83 84.50 12.84
N ASN Q 71 -13.45 83.48 12.26
CA ASN Q 71 -13.33 82.10 12.74
C ASN Q 71 -12.52 81.21 11.82
N THR Q 72 -12.60 81.37 10.51
CA THR Q 72 -11.85 80.56 9.56
C THR Q 72 -10.74 81.39 8.92
N PHE Q 73 -10.06 80.79 7.94
CA PHE Q 73 -8.90 81.40 7.32
C PHE Q 73 -9.22 81.83 5.89
N ALA Q 74 -8.20 82.36 5.22
CA ALA Q 74 -8.34 82.80 3.84
C ALA Q 74 -8.35 81.59 2.91
N PRO Q 75 -9.23 81.56 1.90
CA PRO Q 75 -9.29 80.37 1.04
C PRO Q 75 -8.12 80.29 0.05
N GLN Q 76 -7.31 79.26 0.21
CA GLN Q 76 -6.20 78.95 -0.68
C GLN Q 76 -6.71 78.22 -1.91
N PRO Q 77 -6.03 78.36 -3.05
CA PRO Q 77 -6.39 77.54 -4.22
C PRO Q 77 -6.09 76.07 -3.99
N MET Q 78 -7.11 75.24 -4.24
CA MET Q 78 -7.11 73.84 -3.82
C MET Q 78 -6.48 72.90 -4.84
N PHE Q 79 -6.28 73.36 -6.08
CA PHE Q 79 -5.95 72.48 -7.18
C PHE Q 79 -5.02 73.17 -8.17
N ALA Q 80 -4.86 72.55 -9.34
CA ALA Q 80 -3.81 72.90 -10.28
C ALA Q 80 -4.26 74.00 -11.26
N GLY Q 81 -3.28 74.74 -11.77
CA GLY Q 81 -3.49 75.57 -12.95
C GLY Q 81 -3.70 77.05 -12.72
N ASP Q 82 -3.65 77.54 -11.48
CA ASP Q 82 -3.90 78.96 -11.19
C ASP Q 82 -2.90 79.44 -10.14
N ALA Q 83 -1.91 80.21 -10.59
CA ALA Q 83 -0.95 80.83 -9.70
C ALA Q 83 -0.39 82.08 -10.37
N ALA Q 84 0.10 83.00 -9.54
CA ALA Q 84 0.66 84.26 -10.06
C ALA Q 84 1.97 84.01 -10.81
N ALA Q 85 2.92 83.36 -10.15
CA ALA Q 85 4.16 82.94 -10.79
C ALA Q 85 3.97 81.50 -11.23
N GLU Q 86 4.29 81.21 -12.49
CA GLU Q 86 4.08 79.88 -13.06
C GLU Q 86 5.29 79.30 -13.76
N TRP Q 87 6.25 80.13 -14.19
CA TRP Q 87 7.41 79.63 -14.90
C TRP Q 87 8.60 79.33 -13.99
N LEU Q 88 8.65 79.89 -12.79
CA LEU Q 88 9.72 79.59 -11.84
C LEU Q 88 9.28 78.69 -10.70
N ARG Q 89 8.01 78.77 -10.29
CA ARG Q 89 7.43 77.85 -9.34
C ARG Q 89 5.97 77.55 -9.72
N PRO Q 90 5.47 76.34 -9.44
CA PRO Q 90 4.13 75.98 -9.92
C PRO Q 90 3.01 76.28 -8.93
N SER Q 91 1.79 75.83 -9.27
CA SER Q 91 0.63 75.89 -8.38
C SER Q 91 0.45 74.53 -7.69
N PHE Q 92 0.30 74.56 -6.38
CA PHE Q 92 0.11 73.35 -5.58
C PHE Q 92 -1.37 73.06 -5.43
N GLY Q 93 -1.70 72.25 -4.43
CA GLY Q 93 -3.05 72.17 -3.93
C GLY Q 93 -3.07 71.84 -2.46
N LEU Q 94 -3.88 72.57 -1.70
CA LEU Q 94 -4.00 72.28 -0.27
C LEU Q 94 -5.27 71.50 0.00
N LYS Q 95 -5.10 70.29 0.54
CA LYS Q 95 -6.21 69.54 1.08
C LYS Q 95 -6.68 70.22 2.35
N ARG Q 96 -7.97 70.55 2.42
CA ARG Q 96 -8.50 71.25 3.58
C ARG Q 96 -9.12 70.24 4.53
N THR Q 97 -8.38 69.16 4.80
CA THR Q 97 -8.78 68.17 5.78
C THR Q 97 -8.41 68.56 7.20
N TYR Q 98 -7.84 69.75 7.41
CA TYR Q 98 -7.46 70.23 8.72
C TYR Q 98 -8.67 70.81 9.44
N SER Q 99 -8.41 71.54 10.52
CA SER Q 99 -9.41 72.25 11.31
C SER Q 99 -9.23 73.75 11.10
N PRO Q 100 -9.98 74.37 10.18
CA PRO Q 100 -9.93 75.83 10.08
C PRO Q 100 -10.65 76.48 11.26
N PHE Q 101 -9.86 77.01 12.19
CA PHE Q 101 -10.39 77.53 13.44
C PHE Q 101 -9.41 78.55 14.00
N VAL Q 102 -9.91 79.74 14.32
CA VAL Q 102 -9.12 80.81 14.88
C VAL Q 102 -9.53 81.00 16.34
N VAL Q 103 -8.57 80.85 17.24
CA VAL Q 103 -8.84 80.99 18.66
C VAL Q 103 -8.91 82.48 19.04
#